data_4UQ8
#
_entry.id   4UQ8
#
_cell.length_a   1.000
_cell.length_b   1.000
_cell.length_c   1.000
_cell.angle_alpha   90.00
_cell.angle_beta   90.00
_cell.angle_gamma   90.00
#
_symmetry.space_group_name_H-M   'P 1'
#
loop_
_entity.id
_entity.type
_entity.pdbx_description
1 polymer 'NADH UBIQUINONE OXIDOREDUCTASE CHAIN 3'
2 polymer 'NADH DEHYDROGENASE [UBIQUINONE] IRON-SULFUR PROTEIN 7, MITOCHONDRIAL'
3 polymer 'NADH DEHYDROGENASE [UBIQUINONE] IRON-SULFUR PROTEIN 3, MITOCHONDRIAL'
4 polymer 'NADH DEHYDROGENASE [UBIQUINONE] IRON-SULFUR PROTEIN 2, MITOCHONDRIAL'
5 polymer 'NADH DEHYDROGENASE [UBIQUINONE] FLAVOPROTEIN 2, MITOCHONDRIAL'
6 polymer 'NADH DEHYDROGENASE [UBIQUINONE] FLAVOPROTEIN 1, MITOCHONDRIAL'
7 polymer 'NADH-UBIQUINONE OXIDOREDUCTASE 75 KDA SUBUNIT, MITOCHONDRIAL'
8 polymer 'NADH UBIQUINONE OXIDOREDUCTASE CHAIN 1'
9 polymer 'NADH DEHYDROGENASE [UBIQUINONE] IRON-SULFUR PROTEIN 8, MITOCHONDRIAL'
10 polymer 'NADH UBIQUINONE OXIDOREDUCTASE CHAIN 6'
11 polymer 'NADH UBIQUINONE OXIDOREDUCTASE CHAIN 4L'
12 polymer 'NADH UBIQUINONE OXIDOREDUCTASE CHAIN 5'
13 polymer 'NADH UBIQUINONE OXIDOREDUCTASE CHAIN 4'
14 polymer 'NADH UBIQUINONE OXIDOREDUCTASE CHAIN 2'
15 polymer 'NADH DEHYDROGENASE [UBIQUINONE] 1 ALPHA SUBCOMPLEX SUBUNIT 10'
16 polymer 'NADH DEHYDROGENASE [UBIQUINONE] 1 ALPHA SUBCOMPLEX SUBUNIT 9, MITOCHONDRIAL'
17 polymer 'NADH DEHYDROGENASE [UBIQUINONE] SUBUNIT 4'
18 polymer 'NADH DEHYDROGENASE [UBIQUINONE] SUBUNIT 6'
19 polymer 'NADH DEHYDROGENASE [UBIQUINONE] 1 ALPHA SUBCOMPLEX SUBUNIT 2'
20 polymer 'ACYL CARRIER PROTEIN, MITOCHONDRIAL'
21 polymer 'NADH UBIQUINONE DEHYDROGENASE'
22 polymer 'NADH DEHYDROGENASE [UBIQUINONE] 1 ALPHA SUBCOMPLEX SUBUNIT; 5'
23 polymer 'NADH DEHYDROGENASE [UBIQUINONE] 1 ALPHA SUBCOMPLEX SUBUNIT; 6'
24 polymer 'NADH DEHYDROGENASE [UBIQUINONE] 1 ALPHA SUBCOMPLEX SUBUNIT 8'
25 polymer 'NADH DEHYDROGENASE [UBIQUINONE] 1 ALPHA SUBCOMPLEX SUBUNIT; 11'
26 polymer 'NADH DEHYDROGENASE [UBIQUINONE] 1 ALPHA SUBCOMPLEX SUBUNIT 13'
27 polymer 'NADH UBIQUINONE OXIDOREDUCTASE'
28 polymer 'NADH UBIQUINONE OXIDOREDUCTASE'
29 polymer 'NADH UBIQUINONE OXIDOREDUCTASE'
30 polymer 'NADH UBIQUINONE OXIDOREDUCTASE'
31 polymer 'NADH UBIQUINONE OXIDOREDUCTASE'
32 polymer 'NADH UBIQUINONE OXIDOREDUCTASE'
33 polymer 'NADH UBIQUINONE OXIDOREDUCTASE'
34 polymer 'NADH UBIQUINONE OXIDOREDUCTASE'
35 polymer 'NADH UBIQUINONE OXIDOREDUCTASE'
36 polymer 'NADH UBIQUINONE OXIDOREDUCTASE'
37 polymer 'NADH UBIQUINONE OXIDOREDUCTASE'
38 polymer 'NADH UBIQUINONE OXIDOREDUCTASE'
39 polymer 'NADH UBIQUINONE OXIDOREDUCTASE'
40 polymer 'NADH UBIQUINONE OXIDOREDUCTASE'
41 polymer 'NADH UBIQUINONE OXIDOREDUCTASE'
42 polymer 'NADH UBIQUINONE OXIDOREDUCTASE'
43 polymer 'NADH UBIQUINONE OXIDOREDUCTASE'
44 non-polymer 'IRON/SULFUR CLUSTER'
45 non-polymer 'FE2/S2 (INORGANIC) CLUSTER'
#
loop_
_entity_poly.entity_id
_entity_poly.type
_entity_poly.pdbx_seq_one_letter_code
_entity_poly.pdbx_strand_id
1 'polypeptide(L)'
;(UNK)(UNK)(UNK)(UNK)(UNK)(UNK)(UNK)(UNK)(UNK)(UNK)(UNK)(UNK)(UNK)(UNK)(UNK)(UNK)
(UNK)(UNK)(UNK)(UNK)(UNK)(UNK)(UNK)(UNK)(UNK)(UNK)(UNK)(UNK)(UNK)(UNK)(UNK)(UNK)
(UNK)(UNK)(UNK)(UNK)(UNK)(UNK)(UNK)(UNK)(UNK)(UNK)(UNK)(UNK)(UNK)(UNK)(UNK)(UNK)
(UNK)(UNK)(UNK)(UNK)(UNK)(UNK)(UNK)(UNK)(UNK)(UNK)(UNK)(UNK)(UNK)(UNK)(UNK)(UNK)
(UNK)(UNK)(UNK)(UNK)(UNK)(UNK)(UNK)(UNK)(UNK)(UNK)(UNK)(UNK)(UNK)(UNK)(UNK)(UNK)
(UNK)(UNK)(UNK)(UNK)(UNK)(UNK)(UNK)(UNK)(UNK)(UNK)(UNK)(UNK)(UNK)(UNK)(UNK)(UNK)
(UNK)(UNK)(UNK)(UNK)(UNK)(UNK)(UNK)(UNK)(UNK)(UNK)(UNK)(UNK)(UNK)(UNK)(UNK)
;
A
2 'polypeptide(L)'
;(UNK)(UNK)(UNK)(UNK)(UNK)(UNK)(UNK)(UNK)(UNK)(UNK)(UNK)(UNK)(UNK)(UNK)(UNK)(UNK)
(UNK)(UNK)(UNK)(UNK)(UNK)(UNK)(UNK)(UNK)(UNK)(UNK)(UNK)CC(UNK)(UNK)(UNK)(UNK)
(UNK)(UNK)(UNK)(UNK)(UNK)(UNK)(UNK)(UNK)(UNK)(UNK)(UNK)(UNK)(UNK)(UNK)(UNK)(UNK)
(UNK)(UNK)(UNK)(UNK)(UNK)(UNK)(UNK)(UNK)(UNK)(UNK)(UNK)(UNK)(UNK)(UNK)(UNK)(UNK)
(UNK)(UNK)(UNK)(UNK)(UNK)(UNK)(UNK)(UNK)(UNK)(UNK)(UNK)(UNK)(UNK)(UNK)(UNK)(UNK)
(UNK)(UNK)(UNK)(UNK)(UNK)(UNK)(UNK)(UNK)(UNK)(UNK)(UNK)C(UNK)(UNK)(UNK)(UNK)
(UNK)(UNK)(UNK)(UNK)(UNK)(UNK)(UNK)(UNK)(UNK)(UNK)(UNK)(UNK)(UNK)(UNK)(UNK)(UNK)
(UNK)(UNK)(UNK)(UNK)(UNK)(UNK)(UNK)(UNK)(UNK)C(UNK)(UNK)(UNK)(UNK)(UNK)(UNK)
(UNK)(UNK)(UNK)(UNK)(UNK)(UNK)(UNK)(UNK)(UNK)(UNK)(UNK)(UNK)(UNK)(UNK)
;
B
3 'polypeptide(L)'
;(UNK)(UNK)(UNK)(UNK)(UNK)(UNK)(UNK)(UNK)(UNK)(UNK)(UNK)(UNK)(UNK)(UNK)(UNK)(UNK)
(UNK)(UNK)(UNK)(UNK)(UNK)(UNK)(UNK)(UNK)(UNK)(UNK)(UNK)(UNK)(UNK)(UNK)(UNK)(UNK)
(UNK)(UNK)(UNK)(UNK)(UNK)(UNK)(UNK)(UNK)(UNK)(UNK)(UNK)(UNK)(UNK)(UNK)(UNK)(UNK)
(UNK)(UNK)(UNK)(UNK)(UNK)(UNK)(UNK)(UNK)(UNK)(UNK)(UNK)(UNK)(UNK)(UNK)(UNK)(UNK)
(UNK)(UNK)(UNK)(UNK)(UNK)(UNK)(UNK)(UNK)(UNK)(UNK)(UNK)(UNK)(UNK)(UNK)(UNK)(UNK)
(UNK)(UNK)(UNK)(UNK)(UNK)(UNK)(UNK)(UNK)(UNK)(UNK)(UNK)(UNK)(UNK)(UNK)(UNK)(UNK)
(UNK)(UNK)(UNK)(UNK)(UNK)(UNK)(UNK)(UNK)(UNK)(UNK)(UNK)(UNK)(UNK)(UNK)(UNK)(UNK)
(UNK)(UNK)(UNK)(UNK)(UNK)(UNK)(UNK)(UNK)(UNK)(UNK)(UNK)(UNK)(UNK)(UNK)(UNK)(UNK)
(UNK)(UNK)(UNK)(UNK)(UNK)(UNK)(UNK)(UNK)(UNK)(UNK)(UNK)(UNK)(UNK)(UNK)(UNK)(UNK)
(UNK)(UNK)(UNK)(UNK)(UNK)(UNK)(UNK)(UNK)(UNK)(UNK)
;
C
4 'polypeptide(L)'
;(UNK)(UNK)(UNK)(UNK)(UNK)(UNK)(UNK)(UNK)(UNK)(UNK)(UNK)(UNK)(UNK)(UNK)(UNK)(UNK)
(UNK)(UNK)(UNK)(UNK)(UNK)(UNK)(UNK)(UNK)(UNK)(UNK)(UNK)(UNK)(UNK)(UNK)(UNK)(UNK)
(UNK)(UNK)(UNK)(UNK)(UNK)(UNK)(UNK)(UNK)(UNK)(UNK)(UNK)(UNK)(UNK)(UNK)(UNK)(UNK)
(UNK)(UNK)(UNK)(UNK)(UNK)(UNK)(UNK)(UNK)(UNK)(UNK)(UNK)(UNK)(UNK)(UNK)(UNK)(UNK)
(UNK)(UNK)(UNK)(UNK)(UNK)(UNK)(UNK)(UNK)(UNK)(UNK)(UNK)(UNK)(UNK)(UNK)(UNK)(UNK)
(UNK)(UNK)(UNK)(UNK)(UNK)(UNK)(UNK)(UNK)(UNK)(UNK)(UNK)(UNK)(UNK)(UNK)(UNK)(UNK)
(UNK)(UNK)(UNK)(UNK)(UNK)(UNK)(UNK)(UNK)(UNK)(UNK)(UNK)(UNK)(UNK)(UNK)(UNK)(UNK)
(UNK)(UNK)(UNK)(UNK)(UNK)(UNK)(UNK)(UNK)(UNK)(UNK)(UNK)(UNK)(UNK)(UNK)(UNK)(UNK)
(UNK)(UNK)(UNK)(UNK)(UNK)(UNK)(UNK)(UNK)(UNK)(UNK)(UNK)(UNK)(UNK)(UNK)(UNK)(UNK)
(UNK)(UNK)(UNK)(UNK)(UNK)(UNK)(UNK)(UNK)(UNK)(UNK)(UNK)(UNK)(UNK)(UNK)(UNK)(UNK)
(UNK)(UNK)(UNK)(UNK)(UNK)(UNK)(UNK)(UNK)(UNK)(UNK)(UNK)(UNK)(UNK)(UNK)(UNK)(UNK)
(UNK)(UNK)(UNK)(UNK)(UNK)(UNK)(UNK)(UNK)(UNK)(UNK)(UNK)(UNK)(UNK)(UNK)(UNK)(UNK)
(UNK)(UNK)(UNK)(UNK)(UNK)(UNK)(UNK)(UNK)(UNK)(UNK)(UNK)(UNK)(UNK)(UNK)(UNK)(UNK)
(UNK)(UNK)(UNK)(UNK)(UNK)(UNK)(UNK)(UNK)(UNK)(UNK)(UNK)(UNK)(UNK)(UNK)(UNK)(UNK)
(UNK)(UNK)(UNK)(UNK)(UNK)(UNK)(UNK)(UNK)(UNK)(UNK)(UNK)(UNK)(UNK)(UNK)(UNK)(UNK)
(UNK)(UNK)(UNK)(UNK)(UNK)(UNK)(UNK)(UNK)(UNK)(UNK)(UNK)(UNK)(UNK)(UNK)(UNK)(UNK)
(UNK)(UNK)(UNK)(UNK)(UNK)(UNK)(UNK)(UNK)(UNK)(UNK)(UNK)(UNK)(UNK)(UNK)(UNK)(UNK)
(UNK)(UNK)(UNK)(UNK)(UNK)(UNK)(UNK)(UNK)(UNK)(UNK)(UNK)(UNK)(UNK)(UNK)(UNK)(UNK)
(UNK)(UNK)(UNK)(UNK)(UNK)(UNK)(UNK)(UNK)(UNK)(UNK)(UNK)(UNK)(UNK)(UNK)(UNK)(UNK)
(UNK)(UNK)(UNK)(UNK)(UNK)(UNK)(UNK)(UNK)(UNK)(UNK)(UNK)(UNK)(UNK)(UNK)(UNK)(UNK)
(UNK)(UNK)(UNK)(UNK)(UNK)(UNK)(UNK)(UNK)(UNK)(UNK)(UNK)(UNK)(UNK)(UNK)(UNK)(UNK)
(UNK)(UNK)(UNK)(UNK)(UNK)(UNK)(UNK)(UNK)(UNK)(UNK)(UNK)(UNK)(UNK)(UNK)(UNK)(UNK)
(UNK)(UNK)(UNK)(UNK)(UNK)(UNK)(UNK)(UNK)(UNK)(UNK)(UNK)(UNK)(UNK)(UNK)(UNK)(UNK)
(UNK)(UNK)(UNK)(UNK)(UNK)(UNK)(UNK)(UNK)(UNK)(UNK)(UNK)(UNK)(UNK)(UNK)(UNK)(UNK)
;
D
5 'polypeptide(L)'
;(UNK)(UNK)(UNK)(UNK)(UNK)(UNK)(UNK)(UNK)(UNK)(UNK)(UNK)(UNK)(UNK)(UNK)(UNK)(UNK)
(UNK)(UNK)(UNK)(UNK)(UNK)(UNK)(UNK)(UNK)(UNK)(UNK)(UNK)(UNK)(UNK)(UNK)(UNK)(UNK)
(UNK)(UNK)(UNK)(UNK)(UNK)(UNK)(UNK)(UNK)(UNK)(UNK)(UNK)(UNK)(UNK)(UNK)(UNK)(UNK)
(UNK)(UNK)(UNK)(UNK)(UNK)(UNK)(UNK)(UNK)(UNK)(UNK)(UNK)(UNK)(UNK)(UNK)(UNK)(UNK)
(UNK)(UNK)(UNK)(UNK)(UNK)(UNK)(UNK)(UNK)(UNK)(UNK)(UNK)(UNK)(UNK)(UNK)(UNK)(UNK)
(UNK)(UNK)(UNK)C(UNK)(UNK)(UNK)(UNK)C(UNK)(UNK)(UNK)(UNK)(UNK)(UNK)(UNK)(UNK)
(UNK)(UNK)(UNK)(UNK)(UNK)(UNK)(UNK)(UNK)(UNK)(UNK)(UNK)(UNK)(UNK)(UNK)(UNK)(UNK)
(UNK)(UNK)(UNK)(UNK)(UNK)(UNK)(UNK)(UNK)(UNK)(UNK)(UNK)C(UNK)(UNK)(UNK)C(UNK)
(UNK)(UNK)(UNK)(UNK)(UNK)(UNK)(UNK)(UNK)(UNK)(UNK)(UNK)(UNK)(UNK)(UNK)(UNK)(UNK)
(UNK)(UNK)(UNK)(UNK)(UNK)(UNK)(UNK)(UNK)(UNK)(UNK)(UNK)(UNK)(UNK)
;
E
6 'polypeptide(L)'
;(UNK)(UNK)(UNK)(UNK)(UNK)(UNK)(UNK)(UNK)(UNK)(UNK)(UNK)(UNK)(UNK)(UNK)(UNK)(UNK)
(UNK)(UNK)(UNK)(UNK)(UNK)(UNK)(UNK)(UNK)(UNK)(UNK)(UNK)(UNK)(UNK)(UNK)(UNK)(UNK)
(UNK)(UNK)(UNK)(UNK)(UNK)(UNK)(UNK)(UNK)(UNK)(UNK)(UNK)(UNK)(UNK)(UNK)(UNK)(UNK)
(UNK)(UNK)(UNK)(UNK)(UNK)(UNK)(UNK)(UNK)(UNK)(UNK)(UNK)(UNK)(UNK)(UNK)(UNK)(UNK)
(UNK)(UNK)(UNK)(UNK)(UNK)(UNK)(UNK)(UNK)(UNK)(UNK)(UNK)(UNK)(UNK)(UNK)(UNK)(UNK)
(UNK)(UNK)(UNK)(UNK)(UNK)(UNK)(UNK)(UNK)(UNK)(UNK)(UNK)(UNK)(UNK)(UNK)(UNK)(UNK)
(UNK)(UNK)(UNK)(UNK)(UNK)(UNK)(UNK)(UNK)(UNK)(UNK)(UNK)(UNK)(UNK)(UNK)(UNK)(UNK)
(UNK)(UNK)(UNK)(UNK)(UNK)(UNK)(UNK)(UNK)(UNK)(UNK)(UNK)(UNK)(UNK)(UNK)(UNK)(UNK)
(UNK)(UNK)(UNK)(UNK)(UNK)(UNK)(UNK)(UNK)(UNK)(UNK)(UNK)(UNK)(UNK)(UNK)(UNK)(UNK)
(UNK)(UNK)(UNK)(UNK)(UNK)(UNK)(UNK)(UNK)(UNK)(UNK)(UNK)(UNK)(UNK)(UNK)(UNK)(UNK)
(UNK)(UNK)(UNK)(UNK)(UNK)(UNK)(UNK)(UNK)(UNK)(UNK)(UNK)(UNK)(UNK)(UNK)(UNK)(UNK)
(UNK)(UNK)(UNK)(UNK)(UNK)(UNK)(UNK)(UNK)(UNK)(UNK)(UNK)(UNK)(UNK)(UNK)(UNK)(UNK)
(UNK)(UNK)(UNK)(UNK)(UNK)(UNK)(UNK)(UNK)(UNK)(UNK)(UNK)(UNK)(UNK)(UNK)(UNK)(UNK)
(UNK)(UNK)(UNK)(UNK)(UNK)(UNK)(UNK)(UNK)(UNK)(UNK)(UNK)(UNK)(UNK)(UNK)(UNK)(UNK)
(UNK)(UNK)(UNK)(UNK)(UNK)(UNK)(UNK)(UNK)(UNK)(UNK)(UNK)(UNK)(UNK)(UNK)(UNK)(UNK)
(UNK)(UNK)(UNK)(UNK)(UNK)(UNK)(UNK)(UNK)(UNK)(UNK)(UNK)(UNK)(UNK)(UNK)(UNK)(UNK)
(UNK)(UNK)(UNK)(UNK)(UNK)(UNK)(UNK)(UNK)(UNK)(UNK)(UNK)(UNK)(UNK)(UNK)(UNK)(UNK)
(UNK)(UNK)(UNK)(UNK)(UNK)(UNK)(UNK)(UNK)(UNK)(UNK)(UNK)(UNK)(UNK)(UNK)(UNK)(UNK)
(UNK)(UNK)(UNK)(UNK)(UNK)(UNK)(UNK)(UNK)(UNK)(UNK)(UNK)(UNK)(UNK)(UNK)(UNK)(UNK)
(UNK)(UNK)(UNK)(UNK)(UNK)(UNK)(UNK)(UNK)(UNK)(UNK)(UNK)(UNK)(UNK)(UNK)(UNK)(UNK)
(UNK)(UNK)(UNK)(UNK)(UNK)(UNK)(UNK)(UNK)C(UNK)(UNK)C(UNK)(UNK)C(UNK)(UNK)(UNK)
(UNK)(UNK)(UNK)(UNK)(UNK)(UNK)(UNK)(UNK)(UNK)(UNK)(UNK)(UNK)(UNK)(UNK)(UNK)(UNK)
(UNK)(UNK)(UNK)(UNK)(UNK)(UNK)(UNK)(UNK)(UNK)(UNK)(UNK)(UNK)(UNK)(UNK)(UNK)(UNK)
(UNK)(UNK)(UNK)(UNK)C(UNK)(UNK)(UNK)(UNK)(UNK)(UNK)(UNK)(UNK)(UNK)(UNK)(UNK)
(UNK)(UNK)(UNK)(UNK)(UNK)(UNK)(UNK)(UNK)(UNK)(UNK)(UNK)(UNK)(UNK)(UNK)(UNK)(UNK)
(UNK)(UNK)(UNK)(UNK)(UNK)(UNK)(UNK)(UNK)(UNK)
;
F
7 'polypeptide(L)'
;(UNK)(UNK)(UNK)(UNK)(UNK)(UNK)(UNK)(UNK)(UNK)(UNK)(UNK)(UNK)(UNK)(UNK)(UNK)(UNK)
(UNK)(UNK)(UNK)(UNK)(UNK)(UNK)(UNK)(UNK)(UNK)(UNK)(UNK)(UNK)(UNK)(UNK)(UNK)(UNK)
(UNK)C(UNK)(UNK)(UNK)(UNK)(UNK)(UNK)(UNK)(UNK)(UNK)(UNK)C(UNK)(UNK)C(UNK)(UNK)
(UNK)(UNK)(UNK)(UNK)(UNK)(UNK)(UNK)(UNK)(UNK)(UNK)(UNK)C(UNK)(UNK)(UNK)(UNK)
(UNK)(UNK)(UNK)(UNK)(UNK)(UNK)(UNK)(UNK)(UNK)(UNK)(UNK)(UNK)(UNK)(UNK)(UNK)(UNK)
(UNK)(UNK)(UNK)(UNK)(UNK)(UNK)(UNK)(UNK)(UNK)(UNK)(UNK)H(UNK)(UNK)(UNK)C(UNK)
(UNK)C(UNK)(UNK)(UNK)(UNK)(UNK)C(UNK)(UNK)(UNK)(UNK)(UNK)(UNK)(UNK)(UNK)(UNK)
(UNK)(UNK)(UNK)(UNK)(UNK)(UNK)(UNK)(UNK)(UNK)(UNK)(UNK)(UNK)(UNK)(UNK)(UNK)(UNK)
(UNK)(UNK)(UNK)(UNK)(UNK)(UNK)(UNK)(UNK)(UNK)(UNK)(UNK)(UNK)(UNK)(UNK)C(UNK)
(UNK)C(UNK)(UNK)C(UNK)(UNK)(UNK)(UNK)(UNK)(UNK)(UNK)(UNK)(UNK)(UNK)(UNK)(UNK)
(UNK)(UNK)(UNK)(UNK)(UNK)(UNK)(UNK)(UNK)(UNK)(UNK)(UNK)(UNK)(UNK)(UNK)(UNK)(UNK)
(UNK)(UNK)(UNK)(UNK)(UNK)(UNK)(UNK)(UNK)(UNK)(UNK)(UNK)(UNK)(UNK)(UNK)(UNK)C
(UNK)(UNK)(UNK)(UNK)(UNK)(UNK)(UNK)(UNK)(UNK)(UNK)(UNK)(UNK)(UNK)(UNK)(UNK)(UNK)
(UNK)(UNK)(UNK)(UNK)(UNK)(UNK)(UNK)(UNK)(UNK)(UNK)(UNK)(UNK)(UNK)(UNK)(UNK)(UNK)
(UNK)(UNK)(UNK)(UNK)(UNK)(UNK)(UNK)(UNK)(UNK)(UNK)(UNK)(UNK)(UNK)(UNK)(UNK)(UNK)
(UNK)(UNK)(UNK)(UNK)(UNK)(UNK)(UNK)(UNK)(UNK)(UNK)(UNK)(UNK)(UNK)(UNK)(UNK)(UNK)
(UNK)(UNK)(UNK)(UNK)(UNK)(UNK)(UNK)(UNK)(UNK)(UNK)(UNK)(UNK)(UNK)(UNK)(UNK)(UNK)
(UNK)(UNK)(UNK)(UNK)(UNK)(UNK)(UNK)(UNK)(UNK)(UNK)(UNK)(UNK)(UNK)(UNK)(UNK)(UNK)
(UNK)(UNK)(UNK)(UNK)(UNK)(UNK)(UNK)(UNK)(UNK)(UNK)(UNK)(UNK)(UNK)(UNK)(UNK)(UNK)
(UNK)(UNK)(UNK)(UNK)(UNK)(UNK)(UNK)(UNK)(UNK)(UNK)(UNK)(UNK)(UNK)(UNK)(UNK)(UNK)
(UNK)(UNK)(UNK)(UNK)(UNK)(UNK)(UNK)(UNK)(UNK)(UNK)(UNK)(UNK)(UNK)(UNK)(UNK)(UNK)
(UNK)(UNK)(UNK)(UNK)(UNK)(UNK)(UNK)(UNK)(UNK)(UNK)(UNK)(UNK)(UNK)(UNK)(UNK)(UNK)
(UNK)(UNK)(UNK)(UNK)(UNK)(UNK)(UNK)(UNK)(UNK)(UNK)(UNK)(UNK)(UNK)(UNK)(UNK)(UNK)
(UNK)(UNK)(UNK)(UNK)(UNK)(UNK)(UNK)(UNK)(UNK)(UNK)(UNK)(UNK)(UNK)(UNK)(UNK)(UNK)
(UNK)(UNK)(UNK)(UNK)(UNK)(UNK)(UNK)(UNK)(UNK)(UNK)(UNK)(UNK)(UNK)(UNK)(UNK)(UNK)
(UNK)(UNK)(UNK)(UNK)(UNK)(UNK)(UNK)(UNK)(UNK)(UNK)(UNK)(UNK)(UNK)(UNK)(UNK)(UNK)
(UNK)(UNK)(UNK)(UNK)(UNK)(UNK)(UNK)(UNK)(UNK)(UNK)(UNK)(UNK)(UNK)(UNK)(UNK)(UNK)
(UNK)(UNK)(UNK)(UNK)(UNK)(UNK)(UNK)(UNK)(UNK)(UNK)(UNK)(UNK)(UNK)(UNK)(UNK)(UNK)
(UNK)(UNK)(UNK)(UNK)(UNK)(UNK)(UNK)(UNK)(UNK)(UNK)(UNK)(UNK)(UNK)(UNK)(UNK)(UNK)
(UNK)(UNK)(UNK)(UNK)(UNK)(UNK)(UNK)(UNK)(UNK)(UNK)(UNK)(UNK)(UNK)(UNK)(UNK)(UNK)
(UNK)(UNK)(UNK)(UNK)(UNK)(UNK)(UNK)(UNK)(UNK)(UNK)(UNK)(UNK)(UNK)(UNK)(UNK)(UNK)
(UNK)(UNK)(UNK)(UNK)(UNK)(UNK)(UNK)(UNK)(UNK)(UNK)(UNK)(UNK)(UNK)(UNK)(UNK)(UNK)
(UNK)(UNK)(UNK)(UNK)(UNK)(UNK)(UNK)(UNK)(UNK)(UNK)(UNK)(UNK)(UNK)(UNK)(UNK)(UNK)
(UNK)(UNK)(UNK)(UNK)(UNK)
;
G
8 'polypeptide(L)'
;(UNK)(UNK)(UNK)(UNK)(UNK)(UNK)(UNK)(UNK)(UNK)(UNK)(UNK)(UNK)(UNK)(UNK)(UNK)(UNK)
(UNK)(UNK)(UNK)(UNK)(UNK)(UNK)(UNK)(UNK)(UNK)(UNK)(UNK)(UNK)(UNK)(UNK)(UNK)(UNK)
(UNK)(UNK)(UNK)(UNK)(UNK)(UNK)(UNK)(UNK)(UNK)(UNK)(UNK)(UNK)(UNK)(UNK)(UNK)(UNK)
(UNK)(UNK)(UNK)(UNK)(UNK)(UNK)(UNK)(UNK)(UNK)(UNK)(UNK)(UNK)(UNK)(UNK)(UNK)(UNK)
(UNK)(UNK)(UNK)(UNK)(UNK)(UNK)(UNK)(UNK)(UNK)(UNK)(UNK)(UNK)(UNK)(UNK)(UNK)(UNK)
(UNK)(UNK)(UNK)(UNK)(UNK)(UNK)(UNK)(UNK)(UNK)(UNK)(UNK)(UNK)(UNK)(UNK)(UNK)(UNK)
(UNK)(UNK)(UNK)(UNK)(UNK)(UNK)(UNK)(UNK)(UNK)(UNK)(UNK)(UNK)(UNK)(UNK)(UNK)(UNK)
(UNK)(UNK)(UNK)(UNK)(UNK)(UNK)(UNK)(UNK)(UNK)(UNK)(UNK)(UNK)(UNK)(UNK)(UNK)(UNK)
(UNK)(UNK)(UNK)(UNK)(UNK)(UNK)(UNK)(UNK)(UNK)(UNK)(UNK)(UNK)(UNK)(UNK)(UNK)(UNK)
(UNK)(UNK)(UNK)(UNK)(UNK)(UNK)(UNK)(UNK)(UNK)(UNK)(UNK)(UNK)(UNK)(UNK)(UNK)(UNK)
(UNK)(UNK)(UNK)(UNK)(UNK)(UNK)(UNK)(UNK)(UNK)(UNK)(UNK)(UNK)(UNK)(UNK)(UNK)(UNK)
(UNK)(UNK)(UNK)(UNK)(UNK)(UNK)(UNK)(UNK)(UNK)(UNK)(UNK)(UNK)(UNK)(UNK)(UNK)(UNK)
(UNK)(UNK)(UNK)(UNK)(UNK)(UNK)(UNK)(UNK)(UNK)(UNK)(UNK)(UNK)(UNK)(UNK)(UNK)(UNK)
(UNK)(UNK)(UNK)(UNK)(UNK)(UNK)(UNK)(UNK)(UNK)(UNK)(UNK)(UNK)(UNK)(UNK)(UNK)(UNK)
(UNK)(UNK)(UNK)(UNK)(UNK)(UNK)(UNK)(UNK)(UNK)(UNK)(UNK)(UNK)(UNK)(UNK)(UNK)(UNK)
(UNK)(UNK)(UNK)(UNK)(UNK)(UNK)(UNK)(UNK)(UNK)(UNK)(UNK)(UNK)(UNK)(UNK)(UNK)(UNK)
(UNK)(UNK)(UNK)(UNK)(UNK)(UNK)(UNK)(UNK)(UNK)(UNK)(UNK)(UNK)(UNK)(UNK)(UNK)(UNK)
(UNK)(UNK)(UNK)(UNK)(UNK)(UNK)(UNK)(UNK)(UNK)(UNK)(UNK)(UNK)(UNK)(UNK)(UNK)(UNK)
(UNK)(UNK)(UNK)(UNK)(UNK)(UNK)(UNK)(UNK)(UNK)(UNK)(UNK)(UNK)(UNK)(UNK)(UNK)(UNK)
(UNK)(UNK)(UNK)(UNK)(UNK)(UNK)(UNK)(UNK)(UNK)
;
H
9 'polypeptide(L)'
;(UNK)(UNK)(UNK)(UNK)(UNK)(UNK)(UNK)(UNK)(UNK)(UNK)(UNK)(UNK)(UNK)(UNK)(UNK)(UNK)
(UNK)(UNK)(UNK)(UNK)(UNK)(UNK)(UNK)(UNK)(UNK)(UNK)(UNK)(UNK)(UNK)(UNK)(UNK)(UNK)
(UNK)(UNK)(UNK)(UNK)(UNK)(UNK)(UNK)(UNK)(UNK)(UNK)(UNK)(UNK)(UNK)(UNK)(UNK)(UNK)
(UNK)(UNK)(UNK)(UNK)(UNK)(UNK)(UNK)(UNK)(UNK)(UNK)(UNK)(UNK)(UNK)(UNK)C(UNK)
(UNK)C(UNK)(UNK)C(UNK)(UNK)(UNK)C(UNK)(UNK)(UNK)(UNK)(UNK)(UNK)(UNK)(UNK)(UNK)
(UNK)(UNK)(UNK)(UNK)(UNK)(UNK)(UNK)(UNK)(UNK)(UNK)(UNK)(UNK)(UNK)(UNK)(UNK)(UNK)
(UNK)(UNK)(UNK)C(UNK)(UNK)C(UNK)(UNK)C(UNK)(UNK)(UNK)C(UNK)(UNK)(UNK)(UNK)(UNK)
(UNK)(UNK)(UNK)(UNK)(UNK)(UNK)(UNK)(UNK)(UNK)(UNK)(UNK)(UNK)(UNK)(UNK)(UNK)(UNK)
(UNK)(UNK)(UNK)(UNK)(UNK)(UNK)(UNK)(UNK)(UNK)(UNK)(UNK)(UNK)(UNK)(UNK)(UNK)(UNK)
(UNK)(UNK)(UNK)(UNK)(UNK)(UNK)(UNK)(UNK)(UNK)(UNK)(UNK)(UNK)(UNK)
;
I
10 'polypeptide(L)'
;(UNK)(UNK)(UNK)(UNK)(UNK)(UNK)(UNK)(UNK)(UNK)(UNK)(UNK)(UNK)(UNK)(UNK)(UNK)(UNK)
(UNK)(UNK)(UNK)(UNK)(UNK)(UNK)(UNK)(UNK)(UNK)(UNK)(UNK)(UNK)(UNK)(UNK)(UNK)(UNK)
(UNK)(UNK)(UNK)(UNK)(UNK)(UNK)(UNK)(UNK)(UNK)(UNK)(UNK)(UNK)(UNK)(UNK)(UNK)(UNK)
(UNK)(UNK)(UNK)(UNK)(UNK)(UNK)(UNK)(UNK)(UNK)(UNK)(UNK)(UNK)(UNK)(UNK)(UNK)(UNK)
(UNK)(UNK)(UNK)(UNK)(UNK)(UNK)(UNK)(UNK)(UNK)(UNK)(UNK)(UNK)(UNK)(UNK)(UNK)(UNK)
(UNK)(UNK)(UNK)(UNK)(UNK)(UNK)(UNK)(UNK)(UNK)(UNK)(UNK)(UNK)(UNK)(UNK)(UNK)(UNK)
(UNK)(UNK)(UNK)(UNK)(UNK)(UNK)(UNK)(UNK)(UNK)(UNK)(UNK)(UNK)(UNK)(UNK)(UNK)(UNK)
(UNK)(UNK)(UNK)(UNK)(UNK)(UNK)(UNK)(UNK)(UNK)(UNK)(UNK)(UNK)(UNK)(UNK)(UNK)(UNK)
(UNK)(UNK)(UNK)(UNK)(UNK)(UNK)(UNK)(UNK)(UNK)(UNK)(UNK)(UNK)(UNK)(UNK)(UNK)(UNK)
(UNK)(UNK)(UNK)(UNK)(UNK)(UNK)(UNK)(UNK)(UNK)(UNK)(UNK)(UNK)(UNK)(UNK)(UNK)(UNK)
(UNK)(UNK)(UNK)(UNK)(UNK)(UNK)(UNK)(UNK)(UNK)(UNK)(UNK)
;
J
11 'polypeptide(L)'
;(UNK)(UNK)(UNK)(UNK)(UNK)(UNK)(UNK)(UNK)(UNK)(UNK)(UNK)(UNK)(UNK)(UNK)(UNK)(UNK)
(UNK)(UNK)(UNK)(UNK)(UNK)(UNK)(UNK)(UNK)(UNK)(UNK)(UNK)(UNK)(UNK)(UNK)(UNK)(UNK)
(UNK)(UNK)(UNK)(UNK)(UNK)(UNK)(UNK)(UNK)(UNK)(UNK)(UNK)(UNK)(UNK)(UNK)(UNK)(UNK)
(UNK)(UNK)(UNK)(UNK)(UNK)(UNK)(UNK)(UNK)(UNK)(UNK)(UNK)(UNK)(UNK)(UNK)(UNK)(UNK)
(UNK)(UNK)(UNK)(UNK)(UNK)(UNK)(UNK)(UNK)(UNK)(UNK)(UNK)(UNK)(UNK)(UNK)(UNK)(UNK)
(UNK)(UNK)(UNK)(UNK)
;
K
12 'polypeptide(L)'
;(UNK)(UNK)(UNK)(UNK)(UNK)(UNK)(UNK)(UNK)(UNK)(UNK)(UNK)(UNK)(UNK)(UNK)(UNK)(UNK)
(UNK)(UNK)(UNK)(UNK)(UNK)(UNK)(UNK)(UNK)(UNK)(UNK)(UNK)(UNK)(UNK)(UNK)(UNK)(UNK)
(UNK)(UNK)(UNK)(UNK)(UNK)(UNK)(UNK)(UNK)(UNK)(UNK)(UNK)(UNK)(UNK)(UNK)(UNK)(UNK)
(UNK)(UNK)(UNK)(UNK)(UNK)(UNK)(UNK)(UNK)(UNK)(UNK)(UNK)(UNK)(UNK)(UNK)(UNK)(UNK)
(UNK)(UNK)(UNK)(UNK)(UNK)(UNK)(UNK)(UNK)(UNK)(UNK)(UNK)(UNK)(UNK)(UNK)(UNK)(UNK)
(UNK)(UNK)(UNK)(UNK)(UNK)(UNK)(UNK)(UNK)(UNK)(UNK)(UNK)(UNK)(UNK)(UNK)(UNK)(UNK)
(UNK)(UNK)(UNK)(UNK)(UNK)(UNK)(UNK)(UNK)(UNK)(UNK)(UNK)(UNK)(UNK)(UNK)(UNK)(UNK)
(UNK)(UNK)(UNK)(UNK)(UNK)(UNK)(UNK)(UNK)(UNK)(UNK)(UNK)(UNK)(UNK)(UNK)(UNK)(UNK)
(UNK)(UNK)(UNK)(UNK)(UNK)(UNK)(UNK)(UNK)(UNK)(UNK)(UNK)(UNK)(UNK)(UNK)(UNK)(UNK)
(UNK)(UNK)(UNK)(UNK)(UNK)(UNK)(UNK)(UNK)(UNK)(UNK)(UNK)(UNK)(UNK)(UNK)(UNK)(UNK)
(UNK)(UNK)(UNK)(UNK)(UNK)(UNK)(UNK)(UNK)(UNK)(UNK)(UNK)(UNK)(UNK)(UNK)(UNK)(UNK)
(UNK)(UNK)(UNK)(UNK)(UNK)(UNK)(UNK)(UNK)(UNK)(UNK)(UNK)(UNK)(UNK)(UNK)(UNK)(UNK)
(UNK)(UNK)(UNK)(UNK)(UNK)(UNK)(UNK)(UNK)(UNK)(UNK)(UNK)(UNK)(UNK)(UNK)(UNK)(UNK)
(UNK)(UNK)(UNK)(UNK)(UNK)(UNK)(UNK)(UNK)(UNK)(UNK)(UNK)(UNK)(UNK)(UNK)(UNK)(UNK)
(UNK)(UNK)(UNK)(UNK)(UNK)(UNK)(UNK)(UNK)(UNK)(UNK)(UNK)(UNK)(UNK)(UNK)(UNK)(UNK)
(UNK)(UNK)(UNK)(UNK)(UNK)(UNK)(UNK)(UNK)(UNK)(UNK)(UNK)(UNK)(UNK)(UNK)(UNK)(UNK)
(UNK)(UNK)(UNK)(UNK)(UNK)(UNK)(UNK)(UNK)(UNK)(UNK)(UNK)(UNK)(UNK)(UNK)(UNK)(UNK)
(UNK)(UNK)(UNK)(UNK)(UNK)(UNK)(UNK)(UNK)(UNK)(UNK)(UNK)(UNK)(UNK)(UNK)(UNK)(UNK)
(UNK)(UNK)(UNK)(UNK)(UNK)(UNK)(UNK)(UNK)(UNK)(UNK)(UNK)(UNK)(UNK)(UNK)(UNK)(UNK)
(UNK)(UNK)(UNK)(UNK)(UNK)(UNK)(UNK)(UNK)(UNK)(UNK)(UNK)(UNK)(UNK)(UNK)(UNK)(UNK)
(UNK)(UNK)(UNK)(UNK)(UNK)(UNK)(UNK)(UNK)(UNK)(UNK)(UNK)(UNK)(UNK)(UNK)(UNK)(UNK)
(UNK)(UNK)(UNK)(UNK)(UNK)(UNK)(UNK)(UNK)(UNK)(UNK)(UNK)(UNK)(UNK)(UNK)(UNK)(UNK)
(UNK)(UNK)(UNK)(UNK)(UNK)(UNK)(UNK)(UNK)(UNK)(UNK)(UNK)(UNK)(UNK)(UNK)(UNK)(UNK)
(UNK)(UNK)(UNK)(UNK)(UNK)(UNK)(UNK)(UNK)(UNK)(UNK)(UNK)(UNK)(UNK)(UNK)(UNK)(UNK)
(UNK)(UNK)(UNK)(UNK)(UNK)(UNK)(UNK)(UNK)(UNK)(UNK)(UNK)(UNK)(UNK)(UNK)(UNK)(UNK)
(UNK)(UNK)(UNK)(UNK)(UNK)(UNK)(UNK)(UNK)(UNK)(UNK)(UNK)(UNK)(UNK)(UNK)(UNK)(UNK)
(UNK)(UNK)(UNK)(UNK)(UNK)(UNK)(UNK)(UNK)(UNK)(UNK)(UNK)(UNK)(UNK)(UNK)(UNK)(UNK)
(UNK)(UNK)(UNK)(UNK)(UNK)(UNK)(UNK)(UNK)(UNK)(UNK)(UNK)(UNK)(UNK)(UNK)(UNK)(UNK)
(UNK)(UNK)(UNK)(UNK)(UNK)(UNK)(UNK)(UNK)(UNK)(UNK)(UNK)(UNK)(UNK)(UNK)(UNK)(UNK)
(UNK)(UNK)(UNK)(UNK)(UNK)(UNK)(UNK)(UNK)(UNK)(UNK)(UNK)(UNK)(UNK)(UNK)(UNK)(UNK)
(UNK)(UNK)(UNK)(UNK)(UNK)(UNK)(UNK)(UNK)(UNK)(UNK)(UNK)(UNK)(UNK)(UNK)(UNK)(UNK)
(UNK)(UNK)(UNK)(UNK)(UNK)(UNK)(UNK)(UNK)(UNK)(UNK)(UNK)(UNK)(UNK)(UNK)(UNK)(UNK)
(UNK)(UNK)(UNK)(UNK)(UNK)(UNK)(UNK)(UNK)(UNK)(UNK)(UNK)(UNK)(UNK)(UNK)(UNK)(UNK)
(UNK)(UNK)(UNK)(UNK)(UNK)(UNK)(UNK)(UNK)(UNK)(UNK)(UNK)(UNK)(UNK)(UNK)(UNK)(UNK)
(UNK)(UNK)(UNK)(UNK)(UNK)(UNK)(UNK)(UNK)(UNK)(UNK)(UNK)(UNK)(UNK)(UNK)(UNK)(UNK)
(UNK)(UNK)(UNK)(UNK)(UNK)(UNK)(UNK)(UNK)(UNK)(UNK)(UNK)(UNK)(UNK)(UNK)(UNK)(UNK)
(UNK)(UNK)(UNK)(UNK)(UNK)(UNK)(UNK)(UNK)(UNK)(UNK)(UNK)(UNK)(UNK)(UNK)(UNK)(UNK)
(UNK)(UNK)(UNK)(UNK)(UNK)(UNK)(UNK)(UNK)(UNK)
;
L
13 'polypeptide(L)'
;(UNK)(UNK)(UNK)(UNK)(UNK)(UNK)(UNK)(UNK)(UNK)(UNK)(UNK)(UNK)(UNK)(UNK)(UNK)(UNK)
(UNK)(UNK)(UNK)(UNK)(UNK)(UNK)(UNK)(UNK)(UNK)(UNK)(UNK)(UNK)(UNK)(UNK)(UNK)(UNK)
(UNK)(UNK)(UNK)(UNK)(UNK)(UNK)(UNK)(UNK)(UNK)(UNK)(UNK)(UNK)(UNK)(UNK)(UNK)(UNK)
(UNK)(UNK)(UNK)(UNK)(UNK)(UNK)(UNK)(UNK)(UNK)(UNK)(UNK)(UNK)(UNK)(UNK)(UNK)(UNK)
(UNK)(UNK)(UNK)(UNK)(UNK)(UNK)(UNK)(UNK)(UNK)(UNK)(UNK)(UNK)(UNK)(UNK)(UNK)(UNK)
(UNK)(UNK)(UNK)(UNK)(UNK)(UNK)(UNK)(UNK)(UNK)(UNK)(UNK)(UNK)(UNK)(UNK)(UNK)(UNK)
(UNK)(UNK)(UNK)(UNK)(UNK)(UNK)(UNK)(UNK)(UNK)(UNK)(UNK)(UNK)(UNK)(UNK)(UNK)(UNK)
(UNK)(UNK)(UNK)(UNK)(UNK)(UNK)(UNK)(UNK)(UNK)(UNK)(UNK)(UNK)(UNK)(UNK)(UNK)(UNK)
(UNK)(UNK)(UNK)(UNK)(UNK)(UNK)(UNK)(UNK)(UNK)(UNK)(UNK)(UNK)(UNK)(UNK)(UNK)(UNK)
(UNK)(UNK)(UNK)(UNK)(UNK)(UNK)(UNK)(UNK)(UNK)(UNK)(UNK)(UNK)(UNK)(UNK)(UNK)(UNK)
(UNK)(UNK)(UNK)(UNK)(UNK)(UNK)(UNK)(UNK)(UNK)(UNK)(UNK)(UNK)(UNK)(UNK)(UNK)(UNK)
(UNK)(UNK)(UNK)(UNK)(UNK)(UNK)(UNK)(UNK)(UNK)(UNK)(UNK)(UNK)(UNK)(UNK)(UNK)(UNK)
(UNK)(UNK)(UNK)(UNK)(UNK)(UNK)(UNK)(UNK)(UNK)(UNK)(UNK)(UNK)(UNK)(UNK)(UNK)(UNK)
(UNK)(UNK)(UNK)(UNK)(UNK)(UNK)(UNK)(UNK)(UNK)(UNK)(UNK)(UNK)(UNK)(UNK)(UNK)(UNK)
(UNK)(UNK)(UNK)(UNK)(UNK)(UNK)(UNK)(UNK)(UNK)(UNK)(UNK)(UNK)(UNK)(UNK)(UNK)(UNK)
(UNK)(UNK)(UNK)(UNK)(UNK)(UNK)(UNK)(UNK)(UNK)(UNK)(UNK)(UNK)(UNK)(UNK)(UNK)(UNK)
(UNK)(UNK)(UNK)(UNK)(UNK)(UNK)(UNK)(UNK)(UNK)(UNK)(UNK)(UNK)(UNK)(UNK)(UNK)(UNK)
(UNK)(UNK)(UNK)(UNK)(UNK)(UNK)(UNK)(UNK)(UNK)(UNK)(UNK)(UNK)(UNK)(UNK)(UNK)(UNK)
(UNK)(UNK)(UNK)(UNK)(UNK)(UNK)(UNK)(UNK)(UNK)(UNK)(UNK)(UNK)(UNK)(UNK)(UNK)(UNK)
(UNK)(UNK)(UNK)(UNK)(UNK)(UNK)(UNK)(UNK)(UNK)(UNK)(UNK)(UNK)(UNK)(UNK)(UNK)(UNK)
(UNK)(UNK)(UNK)(UNK)(UNK)(UNK)(UNK)(UNK)(UNK)(UNK)(UNK)(UNK)(UNK)(UNK)(UNK)(UNK)
(UNK)(UNK)(UNK)(UNK)(UNK)(UNK)(UNK)(UNK)(UNK)(UNK)(UNK)(UNK)(UNK)(UNK)(UNK)(UNK)
(UNK)(UNK)(UNK)(UNK)(UNK)(UNK)(UNK)(UNK)(UNK)(UNK)(UNK)(UNK)(UNK)(UNK)(UNK)(UNK)
(UNK)(UNK)(UNK)(UNK)(UNK)(UNK)(UNK)(UNK)(UNK)(UNK)(UNK)(UNK)(UNK)(UNK)(UNK)(UNK)
(UNK)(UNK)(UNK)(UNK)(UNK)(UNK)(UNK)(UNK)(UNK)(UNK)(UNK)(UNK)(UNK)(UNK)(UNK)(UNK)
(UNK)(UNK)(UNK)(UNK)(UNK)(UNK)(UNK)(UNK)(UNK)(UNK)(UNK)(UNK)(UNK)(UNK)(UNK)(UNK)
(UNK)(UNK)(UNK)(UNK)(UNK)(UNK)(UNK)(UNK)(UNK)(UNK)(UNK)(UNK)(UNK)(UNK)(UNK)(UNK)
(UNK)(UNK)(UNK)(UNK)(UNK)(UNK)(UNK)(UNK)(UNK)(UNK)(UNK)(UNK)(UNK)(UNK)(UNK)(UNK)
(UNK)(UNK)(UNK)(UNK)(UNK)
;
M
14 'polypeptide(L)'
;(UNK)(UNK)(UNK)(UNK)(UNK)(UNK)(UNK)(UNK)(UNK)(UNK)(UNK)(UNK)(UNK)(UNK)(UNK)(UNK)
(UNK)(UNK)(UNK)(UNK)(UNK)(UNK)(UNK)(UNK)(UNK)(UNK)(UNK)(UNK)(UNK)(UNK)(UNK)(UNK)
(UNK)(UNK)(UNK)(UNK)(UNK)(UNK)(UNK)(UNK)(UNK)(UNK)(UNK)(UNK)(UNK)(UNK)(UNK)(UNK)
(UNK)(UNK)(UNK)(UNK)(UNK)(UNK)(UNK)(UNK)(UNK)(UNK)(UNK)(UNK)(UNK)(UNK)(UNK)(UNK)
(UNK)(UNK)(UNK)(UNK)(UNK)(UNK)(UNK)(UNK)(UNK)(UNK)(UNK)(UNK)(UNK)(UNK)(UNK)(UNK)
(UNK)(UNK)(UNK)(UNK)(UNK)(UNK)(UNK)(UNK)(UNK)(UNK)(UNK)(UNK)(UNK)(UNK)(UNK)(UNK)
(UNK)(UNK)(UNK)(UNK)(UNK)(UNK)(UNK)(UNK)(UNK)(UNK)(UNK)(UNK)(UNK)(UNK)(UNK)(UNK)
(UNK)(UNK)(UNK)(UNK)(UNK)(UNK)(UNK)(UNK)(UNK)(UNK)(UNK)(UNK)(UNK)(UNK)(UNK)(UNK)
(UNK)(UNK)(UNK)(UNK)(UNK)(UNK)(UNK)(UNK)(UNK)(UNK)(UNK)(UNK)(UNK)(UNK)(UNK)(UNK)
(UNK)(UNK)(UNK)(UNK)(UNK)(UNK)(UNK)(UNK)(UNK)(UNK)(UNK)(UNK)(UNK)(UNK)(UNK)(UNK)
(UNK)(UNK)(UNK)(UNK)(UNK)(UNK)(UNK)(UNK)(UNK)(UNK)(UNK)(UNK)(UNK)(UNK)(UNK)(UNK)
(UNK)(UNK)(UNK)(UNK)(UNK)(UNK)(UNK)(UNK)(UNK)(UNK)(UNK)(UNK)(UNK)(UNK)(UNK)(UNK)
(UNK)(UNK)(UNK)(UNK)(UNK)(UNK)(UNK)(UNK)(UNK)(UNK)(UNK)(UNK)(UNK)(UNK)(UNK)(UNK)
(UNK)(UNK)(UNK)(UNK)(UNK)(UNK)(UNK)(UNK)(UNK)(UNK)(UNK)(UNK)(UNK)(UNK)(UNK)(UNK)
(UNK)(UNK)(UNK)(UNK)(UNK)(UNK)(UNK)(UNK)(UNK)(UNK)(UNK)(UNK)(UNK)(UNK)(UNK)(UNK)
(UNK)(UNK)(UNK)(UNK)(UNK)(UNK)(UNK)(UNK)(UNK)(UNK)(UNK)(UNK)(UNK)(UNK)(UNK)(UNK)
(UNK)(UNK)(UNK)(UNK)(UNK)(UNK)(UNK)(UNK)(UNK)(UNK)(UNK)(UNK)(UNK)(UNK)(UNK)(UNK)
(UNK)(UNK)(UNK)(UNK)(UNK)(UNK)(UNK)(UNK)(UNK)(UNK)(UNK)(UNK)(UNK)(UNK)(UNK)(UNK)
(UNK)(UNK)(UNK)(UNK)(UNK)(UNK)(UNK)(UNK)(UNK)(UNK)(UNK)(UNK)(UNK)(UNK)(UNK)(UNK)
(UNK)(UNK)(UNK)(UNK)(UNK)(UNK)(UNK)(UNK)(UNK)(UNK)(UNK)(UNK)(UNK)(UNK)(UNK)(UNK)
(UNK)(UNK)(UNK)(UNK)(UNK)(UNK)(UNK)(UNK)(UNK)(UNK)(UNK)(UNK)(UNK)(UNK)(UNK)(UNK)
(UNK)(UNK)(UNK)(UNK)(UNK)(UNK)(UNK)(UNK)(UNK)
;
N
15 'polypeptide(L)'
;(UNK)(UNK)(UNK)(UNK)(UNK)(UNK)(UNK)(UNK)(UNK)(UNK)(UNK)(UNK)(UNK)(UNK)(UNK)(UNK)
(UNK)(UNK)(UNK)(UNK)(UNK)(UNK)(UNK)(UNK)(UNK)(UNK)(UNK)(UNK)(UNK)(UNK)(UNK)(UNK)
(UNK)(UNK)(UNK)(UNK)(UNK)(UNK)(UNK)(UNK)(UNK)(UNK)(UNK)(UNK)(UNK)(UNK)(UNK)(UNK)
(UNK)(UNK)(UNK)(UNK)(UNK)(UNK)(UNK)(UNK)(UNK)(UNK)(UNK)(UNK)(UNK)(UNK)(UNK)(UNK)
(UNK)(UNK)(UNK)(UNK)(UNK)(UNK)(UNK)(UNK)(UNK)(UNK)(UNK)(UNK)(UNK)(UNK)(UNK)(UNK)
(UNK)(UNK)(UNK)(UNK)(UNK)(UNK)(UNK)(UNK)(UNK)(UNK)(UNK)(UNK)(UNK)(UNK)(UNK)(UNK)
(UNK)(UNK)(UNK)(UNK)(UNK)(UNK)(UNK)(UNK)(UNK)(UNK)(UNK)(UNK)(UNK)(UNK)(UNK)(UNK)
(UNK)(UNK)(UNK)(UNK)(UNK)(UNK)(UNK)(UNK)(UNK)(UNK)(UNK)(UNK)(UNK)(UNK)(UNK)(UNK)
(UNK)(UNK)(UNK)(UNK)(UNK)(UNK)(UNK)(UNK)(UNK)(UNK)(UNK)(UNK)(UNK)(UNK)(UNK)(UNK)
(UNK)(UNK)(UNK)(UNK)(UNK)(UNK)(UNK)(UNK)(UNK)(UNK)(UNK)(UNK)(UNK)(UNK)(UNK)(UNK)
(UNK)(UNK)(UNK)(UNK)(UNK)(UNK)(UNK)(UNK)(UNK)(UNK)(UNK)(UNK)(UNK)(UNK)(UNK)(UNK)
(UNK)(UNK)(UNK)(UNK)(UNK)(UNK)(UNK)(UNK)(UNK)(UNK)(UNK)(UNK)(UNK)(UNK)(UNK)(UNK)
(UNK)(UNK)(UNK)(UNK)(UNK)(UNK)(UNK)(UNK)(UNK)(UNK)(UNK)(UNK)(UNK)(UNK)(UNK)(UNK)
(UNK)(UNK)(UNK)(UNK)(UNK)(UNK)(UNK)(UNK)(UNK)(UNK)(UNK)(UNK)
;
O
16 'polypeptide(L)'
;(UNK)(UNK)(UNK)(UNK)(UNK)(UNK)(UNK)(UNK)(UNK)(UNK)(UNK)(UNK)(UNK)(UNK)(UNK)(UNK)
(UNK)(UNK)(UNK)(UNK)(UNK)(UNK)(UNK)(UNK)(UNK)(UNK)(UNK)(UNK)(UNK)(UNK)(UNK)(UNK)
(UNK)(UNK)(UNK)(UNK)(UNK)(UNK)(UNK)(UNK)(UNK)(UNK)(UNK)(UNK)(UNK)(UNK)(UNK)(UNK)
(UNK)(UNK)(UNK)(UNK)(UNK)(UNK)(UNK)(UNK)(UNK)(UNK)(UNK)(UNK)(UNK)(UNK)(UNK)(UNK)
(UNK)(UNK)(UNK)(UNK)(UNK)(UNK)(UNK)(UNK)(UNK)(UNK)(UNK)(UNK)(UNK)(UNK)(UNK)(UNK)
(UNK)(UNK)(UNK)(UNK)(UNK)(UNK)(UNK)(UNK)(UNK)(UNK)(UNK)(UNK)(UNK)(UNK)(UNK)(UNK)
(UNK)(UNK)(UNK)(UNK)(UNK)(UNK)(UNK)(UNK)(UNK)(UNK)(UNK)(UNK)(UNK)(UNK)(UNK)(UNK)
(UNK)(UNK)(UNK)(UNK)(UNK)(UNK)(UNK)(UNK)(UNK)(UNK)(UNK)(UNK)(UNK)(UNK)(UNK)(UNK)
(UNK)(UNK)(UNK)(UNK)(UNK)(UNK)(UNK)(UNK)(UNK)(UNK)(UNK)(UNK)(UNK)(UNK)(UNK)(UNK)
(UNK)(UNK)(UNK)(UNK)(UNK)(UNK)(UNK)(UNK)(UNK)(UNK)(UNK)(UNK)(UNK)(UNK)(UNK)(UNK)
(UNK)(UNK)(UNK)(UNK)(UNK)(UNK)(UNK)(UNK)(UNK)(UNK)(UNK)(UNK)(UNK)(UNK)(UNK)(UNK)
(UNK)(UNK)(UNK)(UNK)(UNK)(UNK)(UNK)(UNK)(UNK)(UNK)(UNK)(UNK)(UNK)(UNK)(UNK)(UNK)
(UNK)(UNK)(UNK)(UNK)(UNK)(UNK)(UNK)(UNK)(UNK)(UNK)(UNK)(UNK)(UNK)(UNK)(UNK)(UNK)
(UNK)(UNK)(UNK)(UNK)(UNK)(UNK)(UNK)(UNK)(UNK)(UNK)(UNK)(UNK)(UNK)(UNK)(UNK)(UNK)
(UNK)(UNK)(UNK)(UNK)(UNK)(UNK)(UNK)(UNK)(UNK)(UNK)(UNK)(UNK)(UNK)(UNK)(UNK)(UNK)
(UNK)(UNK)(UNK)(UNK)(UNK)(UNK)(UNK)(UNK)(UNK)(UNK)(UNK)(UNK)(UNK)(UNK)(UNK)(UNK)
(UNK)(UNK)(UNK)(UNK)(UNK)(UNK)(UNK)(UNK)(UNK)(UNK)(UNK)(UNK)(UNK)(UNK)(UNK)(UNK)
(UNK)(UNK)(UNK)(UNK)(UNK)(UNK)(UNK)(UNK)(UNK)(UNK)(UNK)(UNK)(UNK)(UNK)(UNK)(UNK)
(UNK)(UNK)(UNK)(UNK)(UNK)(UNK)(UNK)(UNK)(UNK)(UNK)(UNK)(UNK)(UNK)(UNK)(UNK)
;
P
17 'polypeptide(L)'
;(UNK)(UNK)(UNK)(UNK)(UNK)(UNK)(UNK)(UNK)(UNK)(UNK)(UNK)(UNK)(UNK)(UNK)(UNK)(UNK)
(UNK)(UNK)(UNK)(UNK)(UNK)(UNK)(UNK)(UNK)(UNK)(UNK)(UNK)(UNK)(UNK)(UNK)(UNK)(UNK)
(UNK)(UNK)(UNK)(UNK)(UNK)(UNK)(UNK)(UNK)(UNK)(UNK)(UNK)(UNK)(UNK)(UNK)(UNK)(UNK)
(UNK)(UNK)(UNK)(UNK)(UNK)(UNK)(UNK)(UNK)(UNK)(UNK)(UNK)(UNK)(UNK)(UNK)(UNK)(UNK)
(UNK)(UNK)(UNK)(UNK)(UNK)(UNK)(UNK)(UNK)(UNK)(UNK)(UNK)(UNK)(UNK)(UNK)(UNK)(UNK)
(UNK)(UNK)(UNK)(UNK)(UNK)
;
Q
18 'polypeptide(L)'
;(UNK)(UNK)(UNK)(UNK)(UNK)(UNK)(UNK)(UNK)(UNK)(UNK)(UNK)(UNK)(UNK)(UNK)(UNK)(UNK)
(UNK)(UNK)(UNK)(UNK)(UNK)(UNK)(UNK)(UNK)(UNK)(UNK)(UNK)(UNK)(UNK)(UNK)(UNK)(UNK)
(UNK)(UNK)(UNK)(UNK)(UNK)(UNK)(UNK)(UNK)(UNK)(UNK)(UNK)(UNK)(UNK)(UNK)(UNK)
;
R
19 'polypeptide(L)'
;(UNK)(UNK)(UNK)(UNK)(UNK)(UNK)(UNK)(UNK)(UNK)(UNK)(UNK)(UNK)(UNK)(UNK)(UNK)(UNK)
(UNK)(UNK)(UNK)(UNK)(UNK)(UNK)(UNK)(UNK)(UNK)(UNK)(UNK)(UNK)(UNK)(UNK)(UNK)(UNK)
(UNK)(UNK)(UNK)(UNK)(UNK)(UNK)(UNK)(UNK)(UNK)(UNK)(UNK)(UNK)(UNK)(UNK)(UNK)(UNK)
(UNK)(UNK)(UNK)(UNK)(UNK)(UNK)(UNK)(UNK)(UNK)(UNK)(UNK)(UNK)(UNK)(UNK)(UNK)(UNK)
(UNK)(UNK)(UNK)(UNK)(UNK)(UNK)(UNK)(UNK)(UNK)(UNK)(UNK)(UNK)(UNK)(UNK)(UNK)(UNK)
;
S
20 'polypeptide(L)'
;(UNK)(UNK)(UNK)(UNK)(UNK)(UNK)(UNK)(UNK)(UNK)(UNK)(UNK)(UNK)(UNK)(UNK)(UNK)(UNK)
(UNK)(UNK)(UNK)(UNK)(UNK)(UNK)(UNK)(UNK)(UNK)(UNK)(UNK)(UNK)(UNK)(UNK)(UNK)(UNK)
(UNK)(UNK)(UNK)(UNK)(UNK)(UNK)(UNK)(UNK)(UNK)(UNK)(UNK)(UNK)(UNK)(UNK)(UNK)(UNK)
(UNK)(UNK)(UNK)(UNK)(UNK)(UNK)(UNK)(UNK)(UNK)(UNK)(UNK)(UNK)(UNK)(UNK)(UNK)(UNK)
(UNK)(UNK)(UNK)(UNK)(UNK)(UNK)(UNK)(UNK)(UNK)(UNK)(UNK)
;
T
21 'polypeptide(L)'
;(UNK)(UNK)(UNK)(UNK)(UNK)(UNK)(UNK)(UNK)(UNK)(UNK)(UNK)(UNK)(UNK)(UNK)(UNK)(UNK)
(UNK)(UNK)(UNK)(UNK)(UNK)(UNK)(UNK)(UNK)(UNK)(UNK)(UNK)(UNK)(UNK)(UNK)(UNK)(UNK)
(UNK)(UNK)(UNK)(UNK)(UNK)(UNK)(UNK)(UNK)(UNK)(UNK)(UNK)(UNK)(UNK)(UNK)(UNK)(UNK)
(UNK)(UNK)(UNK)(UNK)(UNK)(UNK)(UNK)(UNK)(UNK)(UNK)(UNK)(UNK)(UNK)(UNK)(UNK)(UNK)
(UNK)(UNK)(UNK)(UNK)(UNK)(UNK)(UNK)(UNK)(UNK)(UNK)(UNK)(UNK)(UNK)(UNK)A
;
U
22 'polypeptide(L)'
;(UNK)(UNK)(UNK)(UNK)(UNK)(UNK)(UNK)(UNK)(UNK)(UNK)(UNK)(UNK)(UNK)(UNK)(UNK)(UNK)
(UNK)(UNK)(UNK)(UNK)(UNK)(UNK)(UNK)(UNK)(UNK)(UNK)(UNK)(UNK)(UNK)(UNK)(UNK)(UNK)
(UNK)(UNK)(UNK)(UNK)(UNK)(UNK)(UNK)(UNK)(UNK)(UNK)(UNK)(UNK)(UNK)(UNK)(UNK)(UNK)
(UNK)(UNK)(UNK)(UNK)(UNK)(UNK)(UNK)(UNK)(UNK)(UNK)(UNK)(UNK)(UNK)(UNK)(UNK)(UNK)
(UNK)(UNK)(UNK)(UNK)(UNK)(UNK)(UNK)
;
V
23 'polypeptide(L)'
;(UNK)(UNK)(UNK)(UNK)(UNK)(UNK)(UNK)(UNK)(UNK)(UNK)(UNK)(UNK)(UNK)(UNK)(UNK)(UNK)
(UNK)(UNK)(UNK)(UNK)(UNK)(UNK)(UNK)(UNK)(UNK)(UNK)(UNK)(UNK)(UNK)(UNK)(UNK)(UNK)
(UNK)(UNK)(UNK)(UNK)(UNK)(UNK)(UNK)(UNK)(UNK)(UNK)(UNK)(UNK)(UNK)(UNK)(UNK)(UNK)
(UNK)(UNK)(UNK)(UNK)(UNK)(UNK)(UNK)(UNK)(UNK)(UNK)(UNK)(UNK)(UNK)(UNK)(UNK)(UNK)
(UNK)(UNK)(UNK)(UNK)(UNK)(UNK)(UNK)(UNK)
;
W
24 'polypeptide(L)'
;(UNK)(UNK)(UNK)(UNK)(UNK)(UNK)(UNK)(UNK)(UNK)(UNK)(UNK)(UNK)(UNK)(UNK)(UNK)(UNK)
(UNK)(UNK)(UNK)(UNK)(UNK)(UNK)(UNK)(UNK)(UNK)(UNK)(UNK)(UNK)(UNK)(UNK)(UNK)(UNK)
(UNK)(UNK)(UNK)(UNK)(UNK)(UNK)(UNK)(UNK)(UNK)(UNK)(UNK)(UNK)(UNK)(UNK)(UNK)(UNK)
(UNK)(UNK)(UNK)(UNK)(UNK)(UNK)(UNK)(UNK)(UNK)(UNK)(UNK)(UNK)(UNK)(UNK)(UNK)(UNK)
(UNK)(UNK)(UNK)(UNK)(UNK)(UNK)(UNK)(UNK)(UNK)(UNK)(UNK)(UNK)(UNK)(UNK)(UNK)
;
X
25 'polypeptide(L)'
;(UNK)(UNK)(UNK)(UNK)(UNK)(UNK)(UNK)(UNK)(UNK)(UNK)(UNK)(UNK)(UNK)(UNK)(UNK)(UNK)
(UNK)(UNK)(UNK)(UNK)(UNK)(UNK)(UNK)(UNK)(UNK)(UNK)(UNK)(UNK)(UNK)(UNK)(UNK)(UNK)
(UNK)(UNK)(UNK)(UNK)(UNK)(UNK)(UNK)(UNK)(UNK)(UNK)(UNK)(UNK)(UNK)(UNK)(UNK)(UNK)
(UNK)(UNK)(UNK)(UNK)(UNK)(UNK)(UNK)(UNK)(UNK)(UNK)(UNK)(UNK)(UNK)(UNK)(UNK)(UNK)
(UNK)(UNK)(UNK)(UNK)(UNK)(UNK)(UNK)(UNK)(UNK)(UNK)(UNK)(UNK)(UNK)(UNK)(UNK)(UNK)
(UNK)(UNK)(UNK)(UNK)(UNK)(UNK)(UNK)(UNK)(UNK)(UNK)(UNK)(UNK)(UNK)(UNK)(UNK)(UNK)
(UNK)(UNK)(UNK)(UNK)(UNK)(UNK)(UNK)(UNK)(UNK)(UNK)
;
Y
26 'polypeptide(L)'
;(UNK)(UNK)(UNK)(UNK)(UNK)(UNK)(UNK)(UNK)(UNK)(UNK)(UNK)(UNK)(UNK)(UNK)(UNK)(UNK)
(UNK)(UNK)(UNK)(UNK)(UNK)(UNK)(UNK)(UNK)(UNK)(UNK)(UNK)(UNK)(UNK)(UNK)(UNK)(UNK)
(UNK)(UNK)(UNK)(UNK)(UNK)(UNK)(UNK)(UNK)(UNK)(UNK)(UNK)(UNK)(UNK)(UNK)(UNK)(UNK)
(UNK)(UNK)(UNK)(UNK)(UNK)(UNK)(UNK)(UNK)(UNK)(UNK)(UNK)(UNK)(UNK)(UNK)(UNK)(UNK)
(UNK)
;
Z
27 'polypeptide(L)'
;(UNK)(UNK)(UNK)(UNK)(UNK)(UNK)(UNK)(UNK)(UNK)(UNK)(UNK)(UNK)(UNK)(UNK)(UNK)(UNK)
(UNK)(UNK)(UNK)(UNK)(UNK)(UNK)(UNK)(UNK)(UNK)(UNK)(UNK)(UNK)(UNK)
;
a
28 'polypeptide(L)'
;(UNK)(UNK)(UNK)(UNK)(UNK)(UNK)(UNK)(UNK)(UNK)(UNK)(UNK)(UNK)(UNK)(UNK)(UNK)(UNK)
(UNK)(UNK)(UNK)(UNK)(UNK)(UNK)(UNK)(UNK)(UNK)(UNK)(UNK)(UNK)(UNK)(UNK)(UNK)(UNK)
(UNK)(UNK)(UNK)(UNK)(UNK)(UNK)(UNK)(UNK)(UNK)(UNK)
;
b
29 'polypeptide(L)'
;(UNK)(UNK)(UNK)(UNK)(UNK)(UNK)(UNK)(UNK)(UNK)(UNK)(UNK)(UNK)(UNK)(UNK)(UNK)(UNK)
(UNK)(UNK)(UNK)(UNK)(UNK)(UNK)(UNK)(UNK)(UNK)(UNK)(UNK)
;
c,w
30 'polypeptide(L)'
;(UNK)(UNK)(UNK)(UNK)(UNK)(UNK)(UNK)(UNK)(UNK)(UNK)(UNK)(UNK)(UNK)(UNK)(UNK)(UNK)
(UNK)(UNK)(UNK)(UNK)(UNK)(UNK)(UNK)(UNK)(UNK)(UNK)(UNK)(UNK)(UNK)(UNK)(UNK)(UNK)
(UNK)(UNK)(UNK)(UNK)(UNK)(UNK)(UNK)
;
d
31 'polypeptide(L)'
;(UNK)(UNK)(UNK)(UNK)(UNK)(UNK)(UNK)(UNK)(UNK)(UNK)(UNK)(UNK)(UNK)(UNK)(UNK)(UNK)
(UNK)(UNK)(UNK)(UNK)
;
e
32 'polypeptide(L)'
;(UNK)(UNK)(UNK)(UNK)(UNK)(UNK)(UNK)(UNK)(UNK)(UNK)(UNK)(UNK)(UNK)(UNK)(UNK)(UNK)
(UNK)(UNK)(UNK)(UNK)(UNK)(UNK)(UNK)(UNK)(UNK)(UNK)(UNK)(UNK)(UNK)(UNK)
;
f,h,i
33 'polypeptide(L)'
;(UNK)(UNK)(UNK)(UNK)(UNK)(UNK)(UNK)(UNK)(UNK)(UNK)(UNK)(UNK)(UNK)(UNK)(UNK)(UNK)
(UNK)(UNK)(UNK)(UNK)(UNK)(UNK)
;
g
34 'polypeptide(L)'
;(UNK)(UNK)(UNK)(UNK)(UNK)(UNK)(UNK)(UNK)(UNK)(UNK)(UNK)(UNK)(UNK)(UNK)(UNK)(UNK)
(UNK)(UNK)(UNK)(UNK)(UNK)(UNK)(UNK)(UNK)
;
j,l
35 'polypeptide(L)'
;(UNK)(UNK)(UNK)(UNK)(UNK)(UNK)(UNK)(UNK)(UNK)(UNK)(UNK)(UNK)(UNK)(UNK)(UNK)(UNK)
(UNK)(UNK)(UNK)(UNK)(UNK)(UNK)(UNK)(UNK)(UNK)(UNK)(UNK)(UNK)
;
k,p,s
36 'polypeptide(L)'
;(UNK)(UNK)(UNK)(UNK)(UNK)(UNK)(UNK)(UNK)(UNK)(UNK)(UNK)(UNK)(UNK)(UNK)(UNK)(UNK)
(UNK)(UNK)(UNK)(UNK)(UNK)(UNK)(UNK)(UNK)(UNK)(UNK)(UNK)(UNK)(UNK)(UNK)(UNK)(UNK)
(UNK)(UNK)
;
m
37 'polypeptide(L)'
;(UNK)(UNK)(UNK)(UNK)(UNK)(UNK)(UNK)(UNK)(UNK)(UNK)(UNK)(UNK)(UNK)(UNK)(UNK)(UNK)
(UNK)(UNK)(UNK)(UNK)(UNK)(UNK)(UNK)(UNK)(UNK)(UNK)(UNK)(UNK)(UNK)(UNK)(UNK)(UNK)
(UNK)(UNK)(UNK)(UNK)(UNK)(UNK)(UNK)(UNK)(UNK)(UNK)(UNK)(UNK)(UNK)(UNK)(UNK)(UNK)
(UNK)(UNK)(UNK)(UNK)(UNK)(UNK)(UNK)(UNK)(UNK)(UNK)(UNK)
;
n
38 'polypeptide(L)'
;(UNK)(UNK)(UNK)(UNK)(UNK)(UNK)(UNK)(UNK)(UNK)(UNK)(UNK)(UNK)(UNK)(UNK)(UNK)(UNK)
(UNK)(UNK)(UNK)(UNK)(UNK)
;
o
39 'polypeptide(L)'
;(UNK)(UNK)(UNK)(UNK)(UNK)(UNK)(UNK)(UNK)(UNK)(UNK)(UNK)(UNK)(UNK)(UNK)(UNK)(UNK)
(UNK)(UNK)(UNK)(UNK)(UNK)(UNK)(UNK)(UNK)(UNK)
;
q
40 'polypeptide(L)'
;(UNK)(UNK)(UNK)(UNK)(UNK)(UNK)(UNK)(UNK)(UNK)(UNK)(UNK)(UNK)(UNK)(UNK)(UNK)(UNK)
(UNK)(UNK)(UNK)(UNK)(UNK)(UNK)(UNK)(UNK)(UNK)(UNK)
;
r
41 'polypeptide(L)'
;(UNK)(UNK)(UNK)(UNK)(UNK)(UNK)(UNK)(UNK)(UNK)(UNK)(UNK)(UNK)(UNK)(UNK)(UNK)(UNK)
(UNK)(UNK)(UNK)(UNK)(UNK)(UNK)(UNK)(UNK)(UNK)(UNK)(UNK)(UNK)(UNK)(UNK)(UNK)(UNK)
(UNK)(UNK)(UNK)(UNK)(UNK)(UNK)(UNK)(UNK)(UNK)(UNK)(UNK)(UNK)(UNK)(UNK)(UNK)(UNK)
(UNK)(UNK)(UNK)(UNK)(UNK)(UNK)(UNK)(UNK)(UNK)
;
t
42 'polypeptide(L)'
;(UNK)(UNK)(UNK)(UNK)(UNK)(UNK)(UNK)(UNK)(UNK)(UNK)(UNK)(UNK)(UNK)(UNK)(UNK)(UNK)
(UNK)(UNK)(UNK)(UNK)(UNK)(UNK)(UNK)(UNK)(UNK)(UNK)(UNK)(UNK)(UNK)(UNK)(UNK)(UNK)
(UNK)(UNK)(UNK)(UNK)(UNK)(UNK)(UNK)(UNK)(UNK)(UNK)(UNK)
;
u
43 'polypeptide(L)'
;(UNK)(UNK)(UNK)(UNK)(UNK)(UNK)(UNK)(UNK)(UNK)(UNK)(UNK)(UNK)(UNK)(UNK)(UNK)(UNK)
(UNK)(UNK)(UNK)(UNK)(UNK)(UNK)(UNK)(UNK)(UNK)(UNK)(UNK)(UNK)(UNK)(UNK)(UNK)(UNK)
;
v
#
loop_
_chem_comp.id
_chem_comp.type
_chem_comp.name
_chem_comp.formula
FES non-polymer 'FE2/S2 (INORGANIC) CLUSTER' 'Fe2 S2'
SF4 non-polymer 'IRON/SULFUR CLUSTER' 'Fe4 S4'
#
# COMPACT_ATOMS: atom_id res chain seq x y z
N UNK A 1 -45.89 37.81 19.56
CA UNK A 1 -45.54 37.46 20.93
C UNK A 1 -44.72 36.19 20.94
N UNK A 2 -45.05 35.28 20.04
CA UNK A 2 -44.38 33.99 20.00
C UNK A 2 -42.91 34.22 19.74
N UNK A 3 -42.61 35.20 18.90
CA UNK A 3 -41.23 35.51 18.62
C UNK A 3 -40.56 35.94 19.90
N UNK A 4 -41.23 36.73 20.72
CA UNK A 4 -40.61 37.19 21.95
C UNK A 4 -40.29 36.02 22.84
N UNK A 5 -41.24 35.10 22.93
CA UNK A 5 -41.02 33.97 23.80
C UNK A 5 -39.84 33.16 23.30
N UNK A 6 -39.76 32.98 21.99
CA UNK A 6 -38.69 32.20 21.42
C UNK A 6 -37.37 32.86 21.70
N UNK A 7 -37.36 34.18 21.58
CA UNK A 7 -36.15 34.97 21.76
C UNK A 7 -35.65 34.78 23.17
N UNK A 8 -36.60 34.79 24.10
CA UNK A 8 -36.27 34.63 25.50
C UNK A 8 -35.71 33.29 25.94
N UNK A 9 -36.28 32.18 25.50
CA UNK A 9 -35.76 30.89 25.93
C UNK A 9 -34.30 30.69 25.54
N UNK A 10 -33.96 31.04 24.30
CA UNK A 10 -32.60 30.90 23.84
C UNK A 10 -31.67 31.81 24.64
N UNK A 11 -32.11 33.04 24.89
CA UNK A 11 -31.32 33.99 25.64
C UNK A 11 -31.08 33.50 27.05
N UNK A 12 -32.12 32.94 27.67
CA UNK A 12 -32.00 32.43 29.02
C UNK A 12 -31.01 31.27 29.05
N UNK A 13 -31.09 30.42 28.03
CA UNK A 13 -30.19 29.28 27.93
C UNK A 13 -28.73 29.69 27.74
N UNK A 14 -28.53 30.73 26.93
CA UNK A 14 -27.21 31.24 26.59
C UNK A 14 -26.71 31.99 27.82
N UNK A 15 -27.63 32.71 28.45
CA UNK A 15 -27.32 33.46 29.66
C UNK A 15 -26.91 32.45 30.72
N UNK A 16 -27.58 31.31 30.72
CA UNK A 16 -27.29 30.24 31.67
C UNK A 16 -25.86 29.76 31.47
N UNK A 17 -25.43 29.62 30.22
CA UNK A 17 -24.07 29.19 29.95
C UNK A 17 -22.99 30.19 30.36
N UNK A 18 -23.31 31.46 30.31
CA UNK A 18 -22.35 32.47 30.65
C UNK A 18 -21.78 32.17 32.01
N UNK A 19 -22.62 31.80 32.97
CA UNK A 19 -22.07 31.43 34.23
C UNK A 19 -21.07 30.31 34.11
N UNK A 20 -21.36 29.31 33.28
CA UNK A 20 -20.51 28.14 33.26
C UNK A 20 -19.12 28.56 32.84
N UNK A 21 -19.03 29.35 31.78
CA UNK A 21 -17.73 29.81 31.31
C UNK A 21 -17.04 30.72 32.33
N UNK A 22 -17.80 31.61 32.96
CA UNK A 22 -17.19 32.53 33.93
C UNK A 22 -16.31 31.79 34.92
N UNK A 23 -19.24 2.73 7.87
CA UNK A 23 -19.05 3.93 7.05
C UNK A 23 -19.99 3.91 5.85
N UNK A 24 -19.54 3.19 4.83
CA UNK A 24 -20.32 3.04 3.62
C UNK A 24 -21.58 2.32 4.04
N UNK A 25 -21.42 1.31 4.88
CA UNK A 25 -22.57 0.55 5.35
C UNK A 25 -23.40 1.56 6.08
N UNK A 26 -22.71 2.37 6.88
CA UNK A 26 -23.36 3.45 7.58
C UNK A 26 -23.96 4.32 6.49
N UNK A 27 -23.25 4.44 5.37
CA UNK A 27 -23.66 5.35 4.32
C UNK A 27 -25.01 5.08 3.73
N UNK A 28 -25.30 3.79 3.52
CA UNK A 28 -26.56 3.38 2.91
C UNK A 28 -27.70 3.81 3.81
N UNK A 29 -27.49 3.68 5.10
CA UNK A 29 -28.55 3.91 6.07
C UNK A 29 -29.01 5.32 5.88
N UNK A 30 -28.07 6.22 5.66
CA UNK A 30 -28.43 7.59 5.45
C UNK A 30 -29.31 7.63 4.23
N UNK A 31 -28.95 6.86 3.23
CA UNK A 31 -29.64 6.99 1.97
C UNK A 31 -31.08 6.68 2.20
N UNK A 32 -31.33 5.62 2.95
CA UNK A 32 -32.68 5.24 3.17
C UNK A 32 -33.44 6.33 3.89
N UNK A 33 -32.85 6.94 4.91
CA UNK A 33 -33.65 7.81 5.78
C UNK A 33 -34.20 9.00 5.04
N UNK A 34 -33.36 9.67 4.27
CA UNK A 34 -33.82 10.87 3.61
C UNK A 34 -34.92 10.54 2.65
N UNK A 35 -34.71 9.50 1.85
CA UNK A 35 -35.68 9.20 0.83
C UNK A 35 -36.96 8.87 1.53
N UNK A 36 -36.95 7.93 2.45
CA UNK A 36 -38.23 7.51 3.02
C UNK A 36 -38.82 8.72 3.73
N UNK A 37 -38.01 9.58 4.31
CA UNK A 37 -38.64 10.67 5.03
C UNK A 37 -39.53 11.47 4.08
N UNK A 38 -39.04 11.68 2.88
CA UNK A 38 -39.75 12.51 1.94
C UNK A 38 -41.10 11.87 1.73
N UNK A 39 -41.13 10.55 1.81
CA UNK A 39 -42.38 9.83 1.65
C UNK A 39 -43.34 10.24 2.75
N UNK A 40 -42.85 10.38 3.97
CA UNK A 40 -43.72 10.78 5.06
C UNK A 40 -44.29 12.17 4.80
N UNK A 41 -43.44 13.03 4.26
CA UNK A 41 -43.89 14.38 3.97
C UNK A 41 -45.01 14.32 2.96
N UNK A 42 -45.00 13.43 2.00
CA UNK A 42 -46.25 13.33 1.23
C UNK A 42 -47.50 12.88 2.06
N UNK A 43 -47.39 11.84 2.89
CA UNK A 43 -48.55 11.42 3.67
C UNK A 43 -49.05 12.51 4.65
N UNK A 44 -48.09 13.21 5.25
CA UNK A 44 -48.40 14.08 6.36
C UNK A 44 -49.39 15.12 5.88
N UNK A 45 -49.15 15.66 4.70
CA UNK A 45 -50.09 16.58 4.14
C UNK A 45 -51.38 15.80 3.96
N UNK A 46 -51.25 14.52 3.64
CA UNK A 46 -52.41 13.75 3.26
C UNK A 46 -53.45 13.74 4.35
N UNK A 47 -53.03 13.69 5.61
CA UNK A 47 -54.04 13.76 6.68
C UNK A 47 -54.81 15.10 6.68
N UNK A 48 -54.13 16.21 6.54
CA UNK A 48 -54.86 17.41 6.84
C UNK A 48 -56.06 17.35 5.94
N UNK A 49 -55.89 16.72 4.79
CA UNK A 49 -56.80 16.84 3.66
C UNK A 49 -57.86 15.75 3.51
N UNK A 50 -58.11 14.99 4.56
CA UNK A 50 -58.92 13.80 4.42
C UNK A 50 -60.28 14.17 3.86
N UNK A 51 -60.77 15.34 4.19
CA UNK A 51 -62.15 15.72 3.90
C UNK A 51 -62.62 15.76 2.43
N UNK A 52 -61.75 16.25 1.55
CA UNK A 52 -62.07 16.45 0.13
C UNK A 52 -62.18 15.27 -0.84
N UNK A 53 -63.12 15.40 -1.77
CA UNK A 53 -63.36 14.44 -2.85
C UNK A 53 -64.17 13.18 -2.52
N UNK A 54 -64.35 12.35 -3.55
CA UNK A 54 -65.04 11.09 -3.45
C UNK A 54 -64.06 10.02 -3.03
N UNK A 55 -64.51 9.07 -2.23
CA UNK A 55 -63.64 7.95 -1.95
C UNK A 55 -62.82 7.38 -3.09
N UNK A 56 -63.43 7.07 -4.24
CA UNK A 56 -62.57 6.42 -5.20
C UNK A 56 -61.26 7.21 -5.27
N UNK A 57 -61.32 8.53 -5.30
CA UNK A 57 -60.08 9.29 -5.34
C UNK A 57 -59.26 9.06 -4.08
N UNK A 58 -59.92 9.17 -2.93
CA UNK A 58 -59.21 9.10 -1.66
C UNK A 58 -58.59 7.75 -1.36
N UNK A 59 -59.29 6.67 -1.64
CA UNK A 59 -58.64 5.37 -1.47
C UNK A 59 -57.43 5.23 -2.39
N UNK A 60 -57.54 5.74 -3.61
CA UNK A 60 -56.50 5.54 -4.61
C UNK A 60 -55.19 6.10 -4.07
N UNK A 61 -55.30 7.22 -3.36
CA UNK A 61 -54.14 7.80 -2.73
C UNK A 61 -53.62 6.79 -1.74
N UNK A 62 -54.52 6.05 -1.12
CA UNK A 62 -54.12 5.10 -0.11
C UNK A 62 -53.24 4.05 -0.74
N UNK A 63 -53.56 3.74 -1.97
CA UNK A 63 -52.69 2.87 -2.70
C UNK A 63 -51.34 3.54 -2.68
N UNK A 64 -51.35 4.87 -2.75
CA UNK A 64 -50.11 5.57 -2.98
C UNK A 64 -49.08 5.25 -1.91
N UNK A 65 -49.37 5.59 -0.68
CA UNK A 65 -48.30 5.53 0.29
C UNK A 65 -47.92 4.11 0.47
N UNK A 66 -48.93 3.29 0.69
CA UNK A 66 -48.65 1.97 1.15
C UNK A 66 -47.94 1.21 0.09
N UNK A 67 -48.48 1.25 -1.12
CA UNK A 67 -47.95 0.39 -2.13
C UNK A 67 -46.53 0.81 -2.37
N UNK A 68 -46.34 2.12 -2.46
CA UNK A 68 -45.04 2.62 -2.82
C UNK A 68 -43.99 2.27 -1.78
N UNK A 69 -44.27 2.59 -0.52
CA UNK A 69 -43.25 2.40 0.50
C UNK A 69 -42.93 0.92 0.59
N UNK A 70 -43.96 0.10 0.52
CA UNK A 70 -43.79 -1.31 0.78
C UNK A 70 -42.81 -1.80 -0.25
N UNK A 71 -42.98 -1.29 -1.44
CA UNK A 71 -42.11 -1.71 -2.51
C UNK A 71 -40.73 -1.30 -2.08
N UNK A 72 -40.64 -0.12 -1.49
CA UNK A 72 -39.33 0.41 -1.22
C UNK A 72 -38.60 -0.52 -0.29
N UNK A 73 -39.24 -0.95 0.79
CA UNK A 73 -38.45 -1.71 1.73
C UNK A 73 -37.93 -2.98 1.06
N UNK A 74 -38.80 -3.67 0.34
CA UNK A 74 -38.43 -5.00 -0.13
C UNK A 74 -37.28 -5.06 -1.09
N UNK A 75 -37.32 -4.22 -2.11
CA UNK A 75 -36.26 -4.28 -3.10
C UNK A 75 -35.00 -3.90 -2.39
N UNK A 76 -35.13 -2.94 -1.49
CA UNK A 76 -34.10 -2.70 -0.50
C UNK A 76 -34.00 -3.97 0.33
N UNK A 77 -35.16 -4.56 0.65
CA UNK A 77 -35.14 -5.74 1.49
C UNK A 77 -34.43 -6.92 0.87
N UNK A 78 -34.60 -7.12 -0.43
CA UNK A 78 -34.09 -8.34 -1.03
C UNK A 78 -32.61 -8.38 -0.77
N UNK A 79 -31.95 -7.23 -0.83
CA UNK A 79 -30.53 -7.18 -0.48
C UNK A 79 -30.25 -6.09 0.55
N UNK A 80 -31.03 -6.08 1.63
CA UNK A 80 -31.04 -4.95 2.59
C UNK A 80 -29.71 -4.68 3.28
N UNK A 81 -28.98 -5.74 3.59
CA UNK A 81 -27.69 -5.53 4.22
C UNK A 81 -28.01 -5.41 5.67
N UNK A 82 -27.04 -5.69 6.52
CA UNK A 82 -27.22 -5.50 7.93
C UNK A 82 -26.11 -4.62 8.44
N UNK A 83 -26.46 -3.56 9.15
CA UNK A 83 -25.43 -2.75 9.81
C UNK A 83 -25.96 -1.34 9.93
N UNK B 1 -16.23 39.24 58.19
CA UNK B 1 -16.48 38.40 57.03
C UNK B 1 -17.31 37.21 57.44
N UNK B 2 -18.24 37.47 58.36
CA UNK B 2 -19.04 36.40 58.94
C UNK B 2 -19.81 35.78 57.80
N UNK B 3 -20.30 36.64 56.91
CA UNK B 3 -20.91 36.18 55.69
C UNK B 3 -19.87 35.46 54.87
N UNK B 4 -18.65 35.98 54.82
CA UNK B 4 -17.63 35.38 53.99
C UNK B 4 -17.34 33.98 54.49
N UNK B 5 -17.21 33.85 55.80
CA UNK B 5 -16.93 32.57 56.42
C UNK B 5 -18.08 31.59 56.19
N UNK B 6 -19.29 32.11 56.30
CA UNK B 6 -20.45 31.27 56.12
C UNK B 6 -20.47 30.74 54.70
N UNK B 7 -20.12 31.60 53.76
CA UNK B 7 -20.10 31.23 52.35
C UNK B 7 -19.08 30.15 52.14
N UNK B 8 -17.93 30.30 52.80
CA UNK B 8 -16.88 29.31 52.67
C UNK B 8 -17.38 27.97 53.19
N UNK B 9 -18.08 28.01 54.32
CA UNK B 9 -18.61 26.80 54.92
C UNK B 9 -19.60 26.13 53.97
N UNK B 10 -20.44 26.92 53.35
CA UNK B 10 -21.43 26.40 52.42
C UNK B 10 -20.74 25.75 51.24
N UNK B 11 -19.68 26.39 50.74
CA UNK B 11 -18.96 25.86 49.60
C UNK B 11 -18.38 24.52 50.00
N UNK B 12 -17.84 24.46 51.21
CA UNK B 12 -17.23 23.23 51.69
C UNK B 12 -18.36 22.22 51.82
N UNK B 13 -19.51 22.68 52.28
CA UNK B 13 -20.61 21.78 52.52
C UNK B 13 -20.87 21.00 51.25
N UNK B 14 -20.99 21.76 50.17
CA UNK B 14 -21.29 21.15 48.89
C UNK B 14 -20.21 20.25 48.33
N UNK B 15 -18.96 20.71 48.38
CA UNK B 15 -17.90 19.94 47.77
C UNK B 15 -17.74 18.59 48.46
N UNK B 16 -17.83 18.61 49.78
CA UNK B 16 -17.64 17.42 50.59
C UNK B 16 -18.72 16.40 50.30
N UNK B 17 -19.95 16.89 50.21
CA UNK B 17 -21.15 16.08 50.04
C UNK B 17 -21.24 15.18 48.81
N UNK B 18 -20.65 15.60 47.70
CA UNK B 18 -20.75 14.76 46.50
C UNK B 18 -19.52 14.27 45.75
N UNK B 19 -18.53 13.75 46.48
CA UNK B 19 -17.37 13.23 45.80
C UNK B 19 -17.87 12.08 44.95
N UNK B 20 -17.45 12.05 43.69
CA UNK B 20 -17.82 10.99 42.76
C UNK B 20 -16.50 10.38 42.31
N UNK B 21 -16.37 9.07 42.38
CA UNK B 21 -15.12 8.45 42.01
C UNK B 21 -15.14 7.46 40.87
N UNK B 22 -14.12 7.55 40.03
CA UNK B 22 -13.92 6.66 38.88
C UNK B 22 -13.14 5.53 39.46
N UNK B 23 -13.61 4.30 39.29
CA UNK B 23 -12.86 3.20 39.89
C UNK B 23 -11.81 2.65 38.94
N UNK B 24 -10.66 2.34 39.51
CA UNK B 24 -9.59 1.76 38.74
C UNK B 24 -9.29 0.45 39.47
N UNK B 25 -10.03 -0.61 39.16
CA UNK B 25 -9.84 -1.88 39.83
C UNK B 25 -8.53 -2.50 39.35
N UNK B 26 -7.87 -3.22 40.24
CA UNK B 26 -6.63 -3.87 39.87
C UNK B 26 -6.78 -5.35 40.17
N UNK B 27 -6.51 -5.69 41.42
CA UNK B 27 -6.58 -7.05 41.87
C UNK B 27 -7.84 -7.19 42.68
N CYS B 28 -7.67 -7.86 43.80
CA CYS B 28 -8.75 -8.25 44.68
C CYS B 28 -9.34 -7.17 45.50
N CYS B 29 -8.56 -6.15 45.91
CA CYS B 29 -9.08 -5.03 46.75
C CYS B 29 -10.34 -4.60 45.87
N UNK B 30 -10.30 -4.92 44.60
CA UNK B 30 -11.40 -4.56 43.73
C UNK B 30 -12.66 -5.20 44.26
N UNK B 31 -12.53 -6.43 44.76
CA UNK B 31 -13.68 -7.20 45.16
C UNK B 31 -14.40 -6.38 46.19
N UNK B 32 -13.64 -5.67 47.00
CA UNK B 32 -14.22 -4.75 47.96
C UNK B 32 -14.98 -3.68 47.20
N UNK B 33 -14.45 -3.31 46.04
CA UNK B 33 -15.09 -2.28 45.26
C UNK B 33 -16.47 -2.76 44.88
N UNK B 34 -16.58 -4.00 44.43
CA UNK B 34 -17.87 -4.58 44.08
C UNK B 34 -18.77 -4.67 45.30
N UNK B 35 -18.17 -5.01 46.43
CA UNK B 35 -18.90 -5.19 47.66
C UNK B 35 -19.58 -3.89 48.01
N UNK B 36 -18.93 -2.77 47.73
CA UNK B 36 -19.39 -1.50 48.24
C UNK B 36 -20.83 -1.17 47.82
N UNK B 37 -21.30 -1.77 46.74
CA UNK B 37 -22.66 -1.54 46.27
C UNK B 37 -23.61 -2.63 46.74
N UNK B 38 -23.08 -3.54 47.54
CA UNK B 38 -23.83 -4.72 47.94
C UNK B 38 -25.08 -4.34 48.70
N UNK B 39 -24.95 -3.29 49.50
CA UNK B 39 -26.01 -2.77 50.36
C UNK B 39 -25.95 -3.44 51.71
N UNK B 40 -25.14 -4.48 51.84
CA UNK B 40 -24.67 -4.91 53.14
C UNK B 40 -23.73 -3.87 53.72
N UNK B 41 -22.88 -3.33 52.86
CA UNK B 41 -21.73 -2.54 53.29
C UNK B 41 -22.07 -1.26 54.02
N UNK B 42 -23.01 -0.49 53.51
CA UNK B 42 -23.60 -0.68 52.20
C UNK B 42 -23.26 0.54 51.36
N UNK B 43 -22.96 0.35 50.08
CA UNK B 43 -22.50 1.46 49.27
C UNK B 43 -23.70 2.26 48.84
N UNK B 44 -24.33 2.82 49.87
CA UNK B 44 -25.50 3.60 49.67
C UNK B 44 -25.16 4.76 48.77
N UNK B 45 -26.13 5.65 48.65
CA UNK B 45 -26.03 6.87 47.85
C UNK B 45 -25.55 8.01 48.74
N UNK B 46 -25.12 7.66 49.96
CA UNK B 46 -24.66 8.66 50.90
C UNK B 46 -23.49 9.39 50.25
N UNK B 47 -22.61 8.64 49.58
CA UNK B 47 -21.52 9.29 48.88
C UNK B 47 -21.12 8.54 47.62
N UNK B 48 -20.85 9.27 46.55
CA UNK B 48 -20.37 8.66 45.32
C UNK B 48 -21.37 7.88 44.49
N UNK B 49 -21.45 8.23 43.21
CA UNK B 49 -22.31 7.51 42.31
C UNK B 49 -21.58 6.18 42.15
N UNK B 50 -20.87 6.03 41.02
CA UNK B 50 -20.10 4.84 40.64
C UNK B 50 -19.89 4.63 39.14
N UNK B 51 -20.31 5.58 38.31
CA UNK B 51 -20.32 5.32 36.87
C UNK B 51 -18.96 5.03 36.21
N UNK B 52 -17.92 5.77 36.53
CA UNK B 52 -17.98 6.94 37.37
C UNK B 52 -18.80 8.00 36.64
N UNK B 53 -18.55 8.25 35.35
CA UNK B 53 -17.44 7.64 34.63
C UNK B 53 -16.10 8.26 34.98
N UNK B 54 -15.03 7.54 34.69
CA UNK B 54 -13.67 7.88 35.11
C UNK B 54 -13.20 9.23 34.59
N UNK B 55 -13.59 9.58 33.38
CA UNK B 55 -13.07 10.78 32.76
C UNK B 55 -13.39 12.01 33.60
N UNK B 56 -14.61 12.11 34.12
CA UNK B 56 -14.98 13.32 34.86
C UNK B 56 -15.46 13.19 36.30
N UNK B 57 -14.60 12.74 37.20
CA UNK B 57 -14.97 12.62 38.61
C UNK B 57 -13.81 12.98 39.55
N UNK B 58 -14.15 13.57 40.68
CA UNK B 58 -13.16 13.97 41.68
C UNK B 58 -12.37 12.88 42.42
N UNK B 59 -13.04 11.80 42.79
CA UNK B 59 -12.39 10.73 43.56
C UNK B 59 -11.74 9.63 42.73
N UNK B 60 -10.44 9.44 42.93
CA UNK B 60 -9.72 8.41 42.21
C UNK B 60 -9.32 7.27 43.11
N UNK B 61 -9.80 6.07 42.81
CA UNK B 61 -9.45 4.95 43.68
C UNK B 61 -8.42 3.99 43.11
N UNK B 62 -7.23 4.00 43.69
CA UNK B 62 -6.18 3.13 43.21
C UNK B 62 -6.19 1.86 44.02
N UNK B 63 -6.38 0.74 43.34
CA UNK B 63 -6.32 -0.57 43.98
C UNK B 63 -5.58 -1.55 43.10
N UNK B 64 -4.87 -2.46 43.75
CA UNK B 64 -4.02 -3.41 43.06
C UNK B 64 -2.62 -2.84 43.03
N UNK B 65 -1.62 -3.70 42.88
CA UNK B 65 -0.27 -3.23 42.86
C UNK B 65 -0.18 -2.34 41.64
N UNK B 66 0.49 -1.21 41.78
CA UNK B 66 0.71 -0.35 40.64
C UNK B 66 1.40 -1.22 39.60
N UNK B 67 1.04 -1.03 38.34
CA UNK B 67 1.59 -1.81 37.24
C UNK B 67 3.06 -1.55 37.13
N UNK B 68 3.85 -2.57 36.82
CA UNK B 68 5.29 -2.38 36.72
C UNK B 68 5.48 -1.37 35.64
N UNK B 69 4.69 -1.51 34.58
CA UNK B 69 4.46 -0.44 33.66
C UNK B 69 3.13 0.20 33.99
N UNK B 70 2.13 -0.65 34.20
CA UNK B 70 0.77 -0.21 34.38
C UNK B 70 0.76 1.01 35.29
N UNK B 71 1.87 1.30 35.93
CA UNK B 71 1.99 2.58 36.63
C UNK B 71 1.59 3.77 35.75
N UNK B 72 2.31 3.93 34.64
CA UNK B 72 2.12 5.07 33.75
C UNK B 72 0.64 5.38 33.49
N UNK B 73 -0.16 4.33 33.36
CA UNK B 73 -1.57 4.51 33.09
C UNK B 73 -2.23 5.28 34.23
N UNK B 74 -2.03 4.80 35.45
CA UNK B 74 -2.54 5.48 36.62
C UNK B 74 -2.08 6.93 36.57
N UNK B 75 -0.78 7.10 36.33
CA UNK B 75 -0.21 8.44 36.22
C UNK B 75 -1.09 9.36 35.36
N UNK B 76 -1.23 8.99 34.09
CA UNK B 76 -2.04 9.76 33.16
C UNK B 76 -3.45 10.03 33.68
N UNK B 77 -4.16 8.96 34.03
CA UNK B 77 -5.54 9.11 34.50
C UNK B 77 -5.65 10.15 35.62
N UNK B 78 -4.66 10.18 36.50
CA UNK B 78 -4.67 11.17 37.57
C UNK B 78 -4.60 12.56 36.97
N UNK B 79 -3.77 12.70 35.96
CA UNK B 79 -3.58 13.99 35.31
C UNK B 79 -4.87 14.44 34.66
N UNK B 80 -5.58 13.50 34.07
CA UNK B 80 -6.76 13.81 33.30
C UNK B 80 -7.84 14.44 34.16
N UNK B 81 -7.94 13.98 35.40
CA UNK B 81 -9.08 14.31 36.25
C UNK B 81 -9.15 15.80 36.54
N UNK B 82 -10.35 16.29 36.78
CA UNK B 82 -10.56 17.69 37.04
C UNK B 82 -9.81 18.03 38.32
N UNK B 83 -9.41 19.28 38.43
CA UNK B 83 -8.45 19.69 39.45
C UNK B 83 -8.91 19.45 40.88
N UNK B 84 -10.18 19.70 41.16
CA UNK B 84 -10.62 19.63 42.55
C UNK B 84 -10.84 18.17 42.84
N UNK B 85 -9.72 17.45 42.91
CA UNK B 85 -9.70 16.04 43.09
C UNK B 85 -8.59 15.54 43.82
N UNK B 86 -8.98 14.52 44.53
CA UNK B 86 -8.07 13.95 45.50
C UNK B 86 -7.93 12.49 45.20
N UNK B 87 -6.81 11.89 45.57
CA UNK B 87 -6.62 10.46 45.36
C UNK B 87 -6.26 9.74 46.64
N UNK B 88 -7.11 8.80 47.03
CA UNK B 88 -6.79 7.90 48.12
C UNK B 88 -6.31 6.57 47.53
N UNK B 89 -5.31 5.99 48.15
CA UNK B 89 -4.85 4.66 47.77
C UNK B 89 -5.20 3.65 48.85
N UNK B 90 -6.44 3.17 48.85
CA UNK B 90 -6.92 2.24 49.85
C UNK B 90 -6.39 0.83 49.63
N UNK B 91 -5.34 0.48 50.37
CA UNK B 91 -4.78 -0.87 50.30
C UNK B 91 -3.26 -0.86 50.21
N UNK B 92 -3.12 -2.04 50.77
CA UNK B 92 -1.79 -2.58 50.85
C UNK B 92 -1.15 -2.11 49.54
N CYS B 93 -1.27 -2.80 48.45
CA CYS B 93 -1.11 -2.67 47.00
C CYS B 93 -1.29 -1.20 46.63
N UNK B 94 -1.72 -0.37 47.57
CA UNK B 94 -1.50 1.06 47.44
C UNK B 94 -0.67 1.57 48.61
N UNK B 95 0.01 0.65 49.27
CA UNK B 95 1.36 0.81 49.81
C UNK B 95 2.21 -0.43 49.49
N UNK B 96 1.44 -1.41 49.03
CA UNK B 96 1.67 -2.82 48.88
C UNK B 96 2.88 -3.39 48.17
N UNK B 97 3.41 -4.56 48.58
CA UNK B 97 3.00 -5.49 49.69
C UNK B 97 2.92 -6.92 49.18
N UNK B 98 2.06 -7.75 49.80
CA UNK B 98 2.05 -9.08 49.24
C UNK B 98 3.18 -9.98 49.74
N UNK B 99 3.95 -10.55 48.83
CA UNK B 99 3.62 -10.59 47.41
C UNK B 99 3.55 -9.20 46.80
N UNK B 100 4.03 -8.27 47.63
CA UNK B 100 3.98 -6.84 47.38
C UNK B 100 5.33 -6.12 47.46
N UNK B 101 6.41 -6.81 47.79
CA UNK B 101 7.72 -6.15 47.90
C UNK B 101 8.88 -6.90 47.28
N UNK B 102 8.92 -6.96 45.96
CA UNK B 102 9.90 -7.79 45.28
C UNK B 102 10.45 -7.19 44.00
N UNK B 103 11.53 -7.78 43.50
CA UNK B 103 12.19 -7.28 42.28
C UNK B 103 11.31 -7.54 41.05
N UNK B 104 11.64 -6.90 39.93
CA UNK B 104 10.81 -6.91 38.75
C UNK B 104 9.67 -6.02 39.14
N UNK B 105 8.98 -6.43 40.17
CA UNK B 105 8.41 -5.53 41.14
C UNK B 105 7.31 -4.66 40.58
N UNK B 106 6.81 -3.77 41.45
CA UNK B 106 5.76 -2.82 41.13
C UNK B 106 6.10 -1.53 41.82
N UNK B 107 5.53 -0.42 41.37
CA UNK B 107 5.86 0.86 41.94
C UNK B 107 5.52 0.77 43.40
N UNK B 108 6.33 1.35 44.27
CA UNK B 108 6.13 1.15 45.69
C UNK B 108 4.90 1.91 46.12
N UNK B 109 3.92 1.15 46.60
CA UNK B 109 2.92 1.62 47.54
C UNK B 109 2.00 2.62 46.88
N UNK B 110 2.13 2.82 45.58
CA UNK B 110 1.23 3.74 44.87
C UNK B 110 1.55 5.16 45.28
N UNK B 111 2.60 5.35 46.06
CA UNK B 111 2.93 6.66 46.58
C UNK B 111 3.63 7.37 45.46
N UNK B 112 4.45 6.61 44.76
CA UNK B 112 5.24 7.13 43.64
C UNK B 112 4.42 7.65 42.47
N UNK B 113 3.35 6.95 42.14
CA UNK B 113 2.58 7.30 40.97
C UNK B 113 1.92 8.66 41.08
N UNK B 114 1.37 8.97 42.25
CA UNK B 114 0.56 10.18 42.37
C UNK B 114 0.40 10.62 43.80
N UNK B 115 -0.09 11.82 44.01
CA UNK B 115 -0.27 12.34 45.36
C UNK B 115 -1.28 11.50 46.12
N UNK B 116 -1.04 11.31 47.41
CA UNK B 116 -1.94 10.58 48.28
C UNK B 116 -2.50 11.51 49.34
N UNK B 117 -3.82 11.54 49.48
CA UNK B 117 -4.47 12.43 50.37
C UNK B 117 -4.69 11.49 51.64
N UNK B 118 -5.41 10.35 51.47
CA UNK B 118 -5.77 9.45 52.57
C UNK B 118 -5.41 8.01 52.18
N UNK B 119 -5.00 7.24 53.19
CA UNK B 119 -4.60 5.83 53.08
C UNK B 119 -5.58 4.95 53.84
N UNK B 120 -5.89 3.78 53.31
CA UNK B 120 -6.68 2.80 54.05
C UNK B 120 -6.03 1.42 54.08
N UNK B 121 -5.97 0.81 55.26
CA UNK B 121 -5.50 -0.56 55.43
C UNK B 121 -6.57 -1.62 55.14
N UNK B 122 -6.16 -2.87 54.97
CA UNK B 122 -7.09 -4.01 54.89
C UNK B 122 -7.01 -4.89 53.65
N CYS B 123 -6.24 -5.97 53.76
CA CYS B 123 -5.93 -6.85 52.65
C CYS B 123 -6.80 -8.03 52.43
N UNK B 124 -7.84 -7.84 51.63
CA UNK B 124 -8.26 -6.55 51.14
C UNK B 124 -8.63 -5.75 52.37
N UNK B 125 -8.77 -4.44 52.23
CA UNK B 125 -9.15 -3.63 53.38
C UNK B 125 -10.51 -4.09 53.87
N UNK B 126 -10.92 -3.58 55.02
CA UNK B 126 -12.21 -3.96 55.59
C UNK B 126 -13.29 -3.33 54.75
N UNK B 127 -14.43 -4.00 54.60
CA UNK B 127 -15.51 -3.41 53.82
C UNK B 127 -15.89 -2.15 54.57
N UNK B 128 -15.95 -2.29 55.90
CA UNK B 128 -16.29 -1.18 56.79
C UNK B 128 -15.22 -0.10 56.67
N UNK B 129 -13.98 -0.52 56.54
CA UNK B 129 -12.87 0.43 56.40
C UNK B 129 -13.01 1.27 55.13
N UNK B 130 -13.37 0.63 54.02
CA UNK B 130 -13.52 1.37 52.77
C UNK B 130 -14.67 2.33 53.01
N UNK B 131 -15.70 1.77 53.63
CA UNK B 131 -16.88 2.54 54.01
C UNK B 131 -16.47 3.55 55.07
N UNK B 132 -15.60 3.11 55.97
CA UNK B 132 -15.14 3.97 57.05
C UNK B 132 -14.19 5.02 56.48
N UNK B 133 -13.33 4.55 55.59
CA UNK B 133 -12.32 5.42 55.04
C UNK B 133 -12.95 6.55 54.23
N UNK B 134 -13.96 6.20 53.46
CA UNK B 134 -14.62 7.16 52.62
C UNK B 134 -15.28 8.19 53.50
N UNK B 135 -15.89 7.72 54.59
CA UNK B 135 -16.60 8.64 55.44
C UNK B 135 -15.58 9.62 55.95
N UNK B 136 -14.42 9.08 56.32
CA UNK B 136 -13.35 9.90 56.85
C UNK B 136 -12.83 10.94 55.86
N UNK B 137 -12.63 10.55 54.60
CA UNK B 137 -12.02 11.47 53.66
C UNK B 137 -12.92 12.66 53.51
N UNK B 138 -14.21 12.39 53.37
CA UNK B 138 -15.16 13.48 53.33
C UNK B 138 -14.72 14.44 54.38
N UNK B 139 -14.40 13.90 55.51
CA UNK B 139 -14.19 14.69 56.67
C UNK B 139 -13.07 15.63 56.39
N UNK B 140 -12.01 15.17 55.74
CA UNK B 140 -10.85 16.03 55.62
C UNK B 140 -11.24 17.29 54.89
N UNK B 141 -11.99 17.13 53.82
CA UNK B 141 -12.41 18.29 53.06
C UNK B 141 -12.98 19.31 53.99
N UNK B 142 -13.81 18.87 54.94
CA UNK B 142 -14.42 19.84 55.84
C UNK B 142 -13.29 20.51 56.57
N UNK B 143 -12.34 19.70 56.97
CA UNK B 143 -11.14 20.22 57.59
C UNK B 143 -10.15 19.08 57.62
N UNK C 1 0.49 -47.07 47.69
CA UNK C 1 0.66 -46.89 46.25
C UNK C 1 -0.56 -47.39 45.50
N UNK C 2 -0.38 -48.26 44.52
CA UNK C 2 -1.51 -48.78 43.80
C UNK C 2 -1.06 -49.90 42.90
N UNK C 3 -1.98 -50.78 42.53
CA UNK C 3 -1.63 -51.83 41.60
C UNK C 3 -1.33 -51.07 40.32
N UNK C 4 -2.13 -50.02 40.12
CA UNK C 4 -2.09 -49.20 38.93
C UNK C 4 -0.68 -48.77 38.59
N UNK C 5 0.21 -48.79 39.59
CA UNK C 5 1.59 -48.38 39.38
C UNK C 5 2.28 -49.21 38.31
N UNK C 6 1.98 -50.51 38.28
CA UNK C 6 2.57 -51.41 37.31
C UNK C 6 2.24 -51.04 35.86
N UNK C 7 1.00 -50.61 35.62
CA UNK C 7 0.58 -50.26 34.26
C UNK C 7 1.36 -49.09 33.65
N UNK C 8 1.63 -48.07 34.44
CA UNK C 8 2.38 -46.92 33.97
C UNK C 8 3.59 -47.44 33.27
N UNK C 9 4.16 -48.50 33.80
CA UNK C 9 5.26 -49.16 33.10
C UNK C 9 4.68 -49.60 31.77
N UNK C 10 3.42 -49.99 31.81
CA UNK C 10 2.79 -50.63 30.68
C UNK C 10 2.82 -49.70 29.49
N UNK C 11 2.40 -48.45 29.65
CA UNK C 11 2.71 -47.47 28.63
C UNK C 11 4.22 -47.36 28.63
N UNK C 12 4.79 -47.46 29.82
CA UNK C 12 6.11 -46.95 30.04
C UNK C 12 7.05 -47.62 29.10
N UNK C 13 6.98 -48.93 29.02
CA UNK C 13 7.85 -49.62 28.10
C UNK C 13 7.51 -49.13 26.71
N UNK C 14 6.22 -48.98 26.45
CA UNK C 14 5.72 -48.86 25.10
C UNK C 14 6.34 -47.66 24.42
N UNK C 15 6.56 -46.62 25.20
CA UNK C 15 7.22 -45.46 24.67
C UNK C 15 8.55 -46.03 24.20
N UNK C 16 9.19 -46.84 25.03
CA UNK C 16 10.46 -47.45 24.63
C UNK C 16 10.20 -48.19 23.34
N UNK C 17 8.96 -48.63 23.13
CA UNK C 17 8.65 -49.26 21.86
C UNK C 17 8.73 -48.24 20.73
N UNK C 18 8.17 -47.06 20.99
CA UNK C 18 8.12 -46.01 19.98
C UNK C 18 9.47 -45.64 19.36
N UNK C 19 10.40 -46.58 19.32
CA UNK C 19 11.70 -46.28 18.74
C UNK C 19 12.25 -45.07 19.47
N UNK C 20 12.07 -45.07 20.77
CA UNK C 20 12.52 -43.97 21.61
C UNK C 20 14.01 -43.87 21.49
N UNK C 21 14.65 -44.97 21.12
CA UNK C 21 16.09 -44.99 21.02
C UNK C 21 16.46 -43.92 20.03
N UNK C 22 15.65 -43.82 18.99
CA UNK C 22 15.89 -42.80 17.99
C UNK C 22 15.73 -41.42 18.62
N UNK C 23 14.69 -41.26 19.44
CA UNK C 23 14.46 -39.97 20.05
C UNK C 23 14.34 -39.90 21.59
N UNK C 24 14.33 -41.03 22.28
CA UNK C 24 14.17 -40.99 23.74
C UNK C 24 15.36 -41.50 24.54
N UNK C 25 15.79 -40.70 25.51
CA UNK C 25 16.92 -41.09 26.35
C UNK C 25 16.53 -41.95 27.57
N UNK C 26 15.65 -41.45 28.42
CA UNK C 26 15.35 -42.13 29.69
C UNK C 26 13.87 -42.06 30.02
N UNK C 27 13.37 -43.07 30.74
CA UNK C 27 12.03 -43.05 31.32
C UNK C 27 12.19 -43.27 32.82
N UNK C 28 11.72 -42.31 33.59
CA UNK C 28 11.74 -42.46 35.03
C UNK C 28 10.28 -42.43 35.38
N UNK C 29 9.84 -43.35 36.23
CA UNK C 29 8.45 -43.45 36.64
C UNK C 29 8.40 -43.22 38.12
N UNK C 30 7.49 -42.39 38.61
CA UNK C 30 7.53 -42.14 40.05
C UNK C 30 6.19 -41.77 40.69
N UNK C 31 6.03 -42.10 41.98
CA UNK C 31 4.83 -41.69 42.71
C UNK C 31 3.66 -42.21 41.91
N UNK C 32 2.88 -41.30 41.37
CA UNK C 32 1.94 -41.70 40.34
C UNK C 32 2.31 -41.32 38.90
N UNK C 33 3.49 -40.75 38.67
CA UNK C 33 3.75 -40.25 37.32
C UNK C 33 4.89 -40.82 36.48
N UNK C 34 4.64 -40.84 35.18
CA UNK C 34 5.59 -41.29 34.20
C UNK C 34 6.07 -40.07 33.41
N UNK C 35 7.37 -39.86 33.43
CA UNK C 35 8.04 -38.81 32.77
C UNK C 35 8.93 -39.44 31.76
N UNK C 36 8.90 -38.90 30.56
CA UNK C 36 9.82 -39.33 29.55
C UNK C 36 10.72 -38.18 29.19
N UNK C 37 12.01 -38.38 29.10
CA UNK C 37 12.84 -37.25 28.74
C UNK C 37 13.22 -37.42 27.30
N UNK C 38 13.00 -36.42 26.45
CA UNK C 38 13.30 -36.62 25.03
C UNK C 38 14.49 -35.84 24.52
N UNK C 39 15.25 -36.48 23.65
CA UNK C 39 16.50 -35.94 23.20
C UNK C 39 16.16 -34.68 22.46
N UNK C 40 17.16 -33.84 22.27
CA UNK C 40 16.94 -32.46 21.97
C UNK C 40 16.18 -32.28 20.70
N UNK C 41 16.60 -33.03 19.68
CA UNK C 41 16.17 -32.88 18.28
C UNK C 41 14.75 -33.17 17.78
N UNK C 42 14.14 -34.26 18.23
CA UNK C 42 12.92 -34.79 17.58
C UNK C 42 11.61 -34.20 18.09
N UNK C 43 11.67 -33.28 19.03
CA UNK C 43 10.66 -33.23 20.04
C UNK C 43 9.33 -33.18 19.33
N UNK C 44 9.28 -32.48 18.22
CA UNK C 44 8.06 -32.40 17.46
C UNK C 44 7.55 -33.80 17.14
N UNK C 45 8.29 -34.51 16.30
CA UNK C 45 7.87 -35.82 15.88
C UNK C 45 7.75 -36.78 17.03
N UNK C 46 8.70 -36.75 17.94
CA UNK C 46 8.64 -37.66 19.07
C UNK C 46 7.39 -37.37 19.84
N UNK C 47 7.10 -36.08 19.97
CA UNK C 47 5.92 -35.64 20.69
C UNK C 47 4.67 -36.14 19.99
N UNK C 48 4.70 -36.11 18.67
CA UNK C 48 3.55 -36.50 17.89
C UNK C 48 3.10 -37.92 18.17
N UNK C 49 4.06 -38.82 18.34
CA UNK C 49 3.73 -40.22 18.58
C UNK C 49 2.89 -40.31 19.81
N UNK C 50 3.21 -39.51 20.80
CA UNK C 50 2.46 -39.51 22.03
C UNK C 50 1.06 -39.12 21.65
N UNK C 51 0.96 -38.18 20.71
CA UNK C 51 -0.33 -37.72 20.24
C UNK C 51 -0.69 -38.40 18.94
N UNK C 52 0.11 -39.38 18.53
CA UNK C 52 -0.16 -40.05 17.26
C UNK C 52 -0.37 -41.57 17.21
N UNK C 53 0.49 -42.34 17.87
CA UNK C 53 0.40 -43.76 17.83
C UNK C 53 -0.93 -43.84 18.48
N UNK C 54 -1.81 -44.64 17.92
CA UNK C 54 -3.16 -44.64 18.36
C UNK C 54 -3.02 -44.99 19.82
N UNK C 55 -4.02 -44.67 20.59
CA UNK C 55 -4.00 -45.10 21.97
C UNK C 55 -3.20 -44.10 22.79
N UNK C 56 -2.55 -43.17 22.09
CA UNK C 56 -2.05 -42.00 22.74
C UNK C 56 -3.08 -40.98 22.32
N UNK C 57 -3.93 -40.71 23.29
CA UNK C 57 -4.93 -39.71 23.18
C UNK C 57 -3.99 -38.68 23.72
N UNK C 58 -4.04 -37.49 23.15
CA UNK C 58 -3.14 -36.45 23.58
C UNK C 58 -3.66 -35.21 22.94
N UNK C 59 -4.86 -34.82 23.34
CA UNK C 59 -5.46 -33.64 22.76
C UNK C 59 -5.13 -32.29 23.41
N UNK C 60 -5.04 -32.24 24.75
CA UNK C 60 -4.87 -30.98 25.50
C UNK C 60 -3.41 -30.84 25.93
N UNK C 61 -2.79 -29.70 25.63
CA UNK C 61 -1.39 -29.41 25.97
C UNK C 61 -1.38 -28.45 27.18
N UNK C 62 -0.44 -28.69 28.09
CA UNK C 62 -0.26 -27.88 29.29
C UNK C 62 0.78 -26.78 29.03
N UNK C 63 0.78 -25.75 29.86
CA UNK C 63 1.72 -24.64 29.72
C UNK C 63 3.15 -25.14 29.91
N UNK C 64 4.09 -24.59 29.16
CA UNK C 64 5.46 -25.03 29.25
C UNK C 64 5.96 -24.60 30.61
N UNK C 65 6.87 -25.38 31.13
CA UNK C 65 7.54 -25.09 32.38
C UNK C 65 8.99 -25.17 31.99
N UNK C 66 9.80 -24.24 32.50
CA UNK C 66 11.24 -24.23 32.25
C UNK C 66 11.93 -24.41 33.60
N UNK C 67 12.89 -25.32 33.71
CA UNK C 67 13.60 -25.50 34.97
C UNK C 67 15.06 -25.12 34.78
N UNK C 68 15.58 -24.24 35.63
CA UNK C 68 16.97 -23.85 35.49
C UNK C 68 17.83 -24.58 36.53
N UNK C 69 18.70 -25.45 36.04
CA UNK C 69 19.67 -26.14 36.89
C UNK C 69 20.89 -25.29 37.07
N UNK C 70 20.86 -24.43 38.06
CA UNK C 70 21.90 -23.46 38.15
C UNK C 70 23.07 -23.89 37.30
N UNK C 71 23.49 -25.13 37.52
CA UNK C 71 24.81 -25.59 37.11
C UNK C 71 24.83 -26.91 36.38
N UNK C 72 24.47 -26.90 35.12
CA UNK C 72 24.66 -28.06 34.26
C UNK C 72 25.19 -27.53 32.96
N UNK C 73 25.84 -28.37 32.17
CA UNK C 73 26.36 -27.89 30.92
C UNK C 73 25.12 -27.46 30.18
N UNK C 74 24.08 -28.28 30.26
CA UNK C 74 22.80 -27.82 29.81
C UNK C 74 22.52 -26.68 30.78
N UNK C 75 22.02 -25.55 30.28
CA UNK C 75 21.69 -24.43 31.16
C UNK C 75 20.21 -24.21 31.49
N UNK C 76 19.32 -24.98 30.87
CA UNK C 76 17.88 -24.85 31.16
C UNK C 76 17.09 -26.10 30.76
N UNK C 77 15.90 -26.25 31.32
CA UNK C 77 15.06 -27.38 31.01
C UNK C 77 13.69 -26.90 30.55
N UNK C 78 13.17 -27.49 29.49
CA UNK C 78 11.85 -27.14 29.01
C UNK C 78 10.91 -28.28 29.34
N UNK C 79 9.78 -27.96 29.95
CA UNK C 79 8.85 -28.98 30.35
C UNK C 79 7.55 -28.79 29.63
N UNK C 80 7.10 -29.84 28.96
CA UNK C 80 5.83 -29.82 28.28
C UNK C 80 4.98 -30.87 28.98
N UNK C 81 3.77 -30.49 29.36
CA UNK C 81 2.90 -31.38 30.12
C UNK C 81 1.66 -31.69 29.30
N UNK C 82 1.27 -32.96 29.25
CA UNK C 82 0.14 -33.36 28.41
C UNK C 82 -0.85 -34.23 29.14
N UNK C 83 -2.09 -34.27 28.66
CA UNK C 83 -3.11 -35.11 29.28
C UNK C 83 -4.12 -35.60 28.26
N UNK C 84 -4.55 -36.85 28.38
CA UNK C 84 -5.51 -37.39 27.43
C UNK C 84 -6.83 -37.81 28.07
N UNK C 85 -7.92 -37.28 27.54
CA UNK C 85 -9.26 -37.55 28.03
C UNK C 85 -9.78 -38.97 27.90
N UNK C 86 -9.49 -39.62 26.78
CA UNK C 86 -9.98 -40.97 26.57
C UNK C 86 -9.48 -42.01 27.56
N UNK C 87 -8.21 -41.98 27.88
CA UNK C 87 -7.66 -42.97 28.80
C UNK C 87 -7.48 -42.45 30.22
N UNK C 88 -7.91 -41.22 30.48
CA UNK C 88 -7.73 -40.68 31.82
C UNK C 88 -6.25 -40.71 32.17
N UNK C 89 -5.40 -40.35 31.22
CA UNK C 89 -3.95 -40.34 31.43
C UNK C 89 -3.31 -38.95 31.53
N UNK C 90 -2.09 -38.91 32.03
CA UNK C 90 -1.33 -37.69 32.22
C UNK C 90 0.13 -38.01 31.97
N UNK C 91 0.79 -37.24 31.13
CA UNK C 91 2.18 -37.52 30.83
C UNK C 91 2.98 -36.25 30.66
N UNK C 92 4.28 -36.32 30.88
CA UNK C 92 5.13 -35.14 30.79
C UNK C 92 6.39 -35.28 29.94
N UNK C 93 6.74 -34.23 29.22
CA UNK C 93 7.93 -34.24 28.40
C UNK C 93 8.93 -33.21 28.90
N UNK C 94 10.15 -33.68 29.12
CA UNK C 94 11.23 -32.82 29.59
C UNK C 94 12.37 -32.80 28.58
N UNK C 95 12.83 -31.61 28.26
CA UNK C 95 13.80 -31.41 27.18
C UNK C 95 15.17 -30.95 27.66
N UNK C 96 16.21 -31.51 27.07
CA UNK C 96 17.58 -31.30 27.54
C UNK C 96 18.25 -30.09 26.94
N UNK C 97 17.52 -29.24 26.24
CA UNK C 97 18.17 -28.17 25.51
C UNK C 97 18.99 -27.36 26.47
N UNK C 98 20.23 -27.08 26.09
CA UNK C 98 21.20 -26.52 27.01
C UNK C 98 20.75 -25.17 27.53
N UNK C 99 20.12 -24.38 26.67
CA UNK C 99 20.14 -24.60 25.25
C UNK C 99 20.32 -23.25 24.58
N UNK C 100 21.13 -22.43 25.23
CA UNK C 100 21.13 -20.98 25.09
C UNK C 100 21.24 -20.69 23.62
N UNK C 101 21.69 -21.71 22.89
CA UNK C 101 21.38 -21.86 21.49
C UNK C 101 19.90 -22.20 21.38
N UNK C 102 19.26 -21.84 20.26
CA UNK C 102 17.81 -21.99 20.04
C UNK C 102 17.28 -23.40 19.73
N UNK C 103 15.99 -23.61 20.00
CA UNK C 103 15.31 -24.89 19.75
C UNK C 103 13.93 -24.71 19.10
N UNK C 104 13.48 -25.72 18.37
CA UNK C 104 12.26 -25.65 17.54
C UNK C 104 10.88 -25.57 18.23
N UNK C 105 10.04 -24.69 17.68
CA UNK C 105 8.71 -24.38 18.16
C UNK C 105 7.75 -25.52 17.92
N UNK C 106 6.66 -25.53 18.70
CA UNK C 106 5.66 -26.58 18.63
C UNK C 106 4.39 -26.07 18.00
N UNK C 107 4.49 -24.95 17.31
CA UNK C 107 3.27 -24.27 16.91
C UNK C 107 2.45 -25.23 16.08
N UNK C 108 3.09 -25.88 15.12
CA UNK C 108 2.35 -26.83 14.31
C UNK C 108 1.83 -27.98 15.14
N UNK C 109 2.69 -28.50 16.01
CA UNK C 109 2.42 -29.78 16.63
C UNK C 109 1.21 -29.80 17.52
N UNK C 110 1.08 -28.76 18.33
CA UNK C 110 -0.05 -28.56 19.22
C UNK C 110 -0.29 -27.05 19.25
N UNK C 111 -1.52 -26.64 18.96
CA UNK C 111 -1.86 -25.22 18.89
C UNK C 111 -1.73 -24.34 20.12
N UNK C 112 -2.12 -24.85 21.28
CA UNK C 112 -2.12 -24.07 22.51
C UNK C 112 -0.80 -23.51 23.04
N UNK C 113 0.22 -24.30 22.81
CA UNK C 113 1.55 -24.04 23.29
C UNK C 113 2.18 -22.76 22.82
N UNK C 114 1.93 -22.35 21.58
CA UNK C 114 2.60 -21.15 21.10
C UNK C 114 2.32 -19.89 21.90
N UNK C 115 1.05 -19.64 22.24
CA UNK C 115 0.76 -18.44 22.99
C UNK C 115 1.45 -18.51 24.34
N UNK C 116 1.40 -19.68 24.96
CA UNK C 116 2.00 -19.85 26.27
C UNK C 116 3.50 -19.64 26.21
N UNK C 117 4.09 -20.17 25.16
CA UNK C 117 5.51 -20.11 25.03
C UNK C 117 6.02 -18.70 24.98
N UNK C 118 5.37 -17.81 24.23
CA UNK C 118 6.00 -16.51 24.26
C UNK C 118 6.45 -16.27 25.69
N UNK C 119 5.70 -16.80 26.63
CA UNK C 119 6.14 -16.61 27.99
C UNK C 119 7.51 -17.23 28.18
N UNK C 120 7.73 -18.42 27.63
CA UNK C 120 8.97 -19.12 27.92
C UNK C 120 10.08 -18.25 27.40
N UNK C 121 9.87 -17.71 26.22
CA UNK C 121 10.76 -16.68 25.71
C UNK C 121 10.62 -15.52 26.65
N UNK C 122 9.40 -15.35 27.14
CA UNK C 122 9.02 -14.12 27.80
C UNK C 122 9.84 -13.81 29.04
N UNK C 123 10.05 -14.79 29.90
CA UNK C 123 10.86 -14.50 31.08
C UNK C 123 12.25 -15.16 31.07
N UNK C 124 12.30 -16.48 30.97
CA UNK C 124 13.56 -17.19 31.06
C UNK C 124 14.39 -16.65 29.91
N UNK C 125 13.70 -16.26 28.85
CA UNK C 125 14.30 -15.40 27.84
C UNK C 125 15.28 -16.25 27.03
N UNK C 126 14.85 -17.43 26.56
CA UNK C 126 15.52 -18.18 25.48
C UNK C 126 14.64 -18.63 24.30
N UNK C 127 15.15 -18.37 23.09
CA UNK C 127 14.41 -18.42 21.82
C UNK C 127 14.01 -19.77 21.23
N UNK C 128 12.96 -19.71 20.42
CA UNK C 128 12.41 -20.82 19.69
C UNK C 128 12.16 -20.26 18.29
N UNK C 129 11.85 -21.10 17.32
CA UNK C 129 11.78 -20.62 15.95
C UNK C 129 10.56 -21.07 15.19
N UNK C 130 10.19 -20.28 14.20
CA UNK C 130 9.11 -20.63 13.31
C UNK C 130 7.76 -20.46 13.99
N UNK C 131 7.80 -19.88 15.18
CA UNK C 131 6.64 -19.62 15.98
C UNK C 131 5.99 -18.37 15.48
N UNK C 132 4.81 -18.01 15.95
CA UNK C 132 4.24 -16.77 15.43
C UNK C 132 4.86 -15.54 16.12
N UNK C 133 6.16 -15.40 15.89
CA UNK C 133 6.91 -14.29 16.43
C UNK C 133 7.18 -14.57 17.89
N UNK C 134 7.88 -13.65 18.53
CA UNK C 134 8.16 -13.78 19.94
C UNK C 134 7.85 -12.42 20.55
N UNK C 135 6.59 -12.03 20.55
CA UNK C 135 6.29 -10.74 21.14
C UNK C 135 6.43 -10.84 22.66
N UNK C 136 7.03 -9.83 23.29
CA UNK C 136 7.28 -9.91 24.71
C UNK C 136 5.93 -10.04 25.36
N UNK C 137 5.77 -11.02 26.24
CA UNK C 137 4.45 -11.31 26.82
C UNK C 137 4.23 -10.99 28.30
N UNK C 138 5.22 -10.50 29.02
CA UNK C 138 4.99 -10.16 30.41
C UNK C 138 5.67 -8.87 30.81
N UNK C 139 6.98 -8.91 30.86
CA UNK C 139 7.71 -7.79 31.39
C UNK C 139 7.36 -6.65 30.51
N UNK C 140 7.36 -5.46 31.07
CA UNK C 140 7.08 -4.28 30.30
C UNK C 140 8.24 -4.24 29.33
N UNK C 141 8.12 -3.46 28.28
CA UNK C 141 9.07 -3.55 27.19
C UNK C 141 10.47 -3.21 27.65
N UNK C 142 10.61 -2.19 28.46
CA UNK C 142 11.91 -1.64 28.77
C UNK C 142 12.89 -2.58 29.45
N UNK C 143 12.38 -3.42 30.35
CA UNK C 143 13.21 -4.32 31.14
C UNK C 143 14.13 -5.12 30.25
N UNK C 144 15.37 -5.21 30.69
CA UNK C 144 16.40 -5.88 29.95
C UNK C 144 17.15 -6.87 30.81
N UNK C 145 17.81 -7.79 30.11
CA UNK C 145 18.58 -8.87 30.70
C UNK C 145 17.64 -10.01 31.05
N UNK C 146 18.18 -11.03 31.72
CA UNK C 146 17.38 -12.18 32.08
C UNK C 146 16.66 -11.87 33.38
N UNK C 147 15.42 -11.43 33.22
CA UNK C 147 14.55 -11.06 34.32
C UNK C 147 14.19 -12.20 35.25
N UNK C 148 13.96 -13.40 34.70
CA UNK C 148 13.54 -14.49 35.54
C UNK C 148 14.68 -15.43 35.84
N UNK C 149 15.73 -15.39 35.04
CA UNK C 149 16.75 -16.43 35.12
C UNK C 149 17.28 -16.36 36.53
N UNK C 150 17.96 -17.40 36.98
CA UNK C 150 18.34 -17.47 38.39
C UNK C 150 19.19 -16.26 38.75
N UNK C 151 19.85 -15.67 37.77
CA UNK C 151 20.68 -14.49 38.02
C UNK C 151 19.99 -13.20 38.49
N UNK C 152 18.98 -12.74 37.74
CA UNK C 152 18.40 -11.44 38.00
C UNK C 152 17.91 -11.37 39.43
N UNK C 153 17.74 -10.16 39.94
CA UNK C 153 17.62 -9.95 41.36
C UNK C 153 16.30 -9.33 41.70
N UNK C 154 15.78 -9.63 42.88
CA UNK C 154 14.49 -9.15 43.26
C UNK C 154 14.49 -7.63 43.37
N UNK D 1 -9.39 1.58 11.28
CA UNK D 1 -9.45 2.01 12.67
C UNK D 1 -8.83 0.98 13.60
N UNK D 2 -7.57 1.11 13.98
CA UNK D 2 -7.14 0.21 15.03
C UNK D 2 -7.44 0.99 16.29
N UNK D 3 -8.50 0.55 16.93
CA UNK D 3 -9.08 1.23 18.05
C UNK D 3 -8.35 0.72 19.26
N UNK D 4 -8.01 1.62 20.16
CA UNK D 4 -7.22 1.22 21.30
C UNK D 4 -8.06 1.25 22.57
N UNK D 5 -8.56 0.07 22.95
CA UNK D 5 -9.30 -0.04 24.19
C UNK D 5 -8.29 -0.15 25.33
N UNK D 6 -8.29 0.85 26.21
CA UNK D 6 -7.18 1.04 27.12
C UNK D 6 -7.06 0.06 28.26
N UNK D 7 -5.99 0.22 29.07
CA UNK D 7 -5.78 -0.47 30.34
C UNK D 7 -6.56 0.17 31.48
N UNK D 8 -7.75 -0.37 31.77
CA UNK D 8 -8.74 0.07 32.76
C UNK D 8 -9.89 0.89 32.19
N UNK D 9 -9.70 1.56 31.06
CA UNK D 9 -10.82 2.28 30.46
C UNK D 9 -10.95 1.98 28.96
N UNK D 10 -12.17 2.01 28.41
CA UNK D 10 -13.46 2.30 29.05
C UNK D 10 -14.24 1.02 29.35
N UNK D 11 -14.15 0.57 30.60
CA UNK D 11 -14.90 -0.59 31.07
C UNK D 11 -14.59 -1.84 30.25
N UNK D 12 -13.31 -1.98 29.92
CA UNK D 12 -12.81 -3.25 29.45
C UNK D 12 -12.30 -3.87 30.76
N UNK D 13 -13.02 -4.87 31.23
CA UNK D 13 -12.93 -5.20 32.65
C UNK D 13 -11.66 -5.90 33.12
N UNK D 14 -11.23 -5.57 34.32
CA UNK D 14 -9.98 -6.08 34.86
C UNK D 14 -8.68 -5.72 34.17
N UNK D 15 -8.46 -4.43 33.89
CA UNK D 15 -7.12 -3.95 33.52
C UNK D 15 -6.44 -4.79 32.41
N UNK D 16 -7.14 -4.93 31.30
CA UNK D 16 -6.57 -5.51 30.10
C UNK D 16 -6.37 -4.40 29.10
N UNK D 17 -5.50 -4.59 28.12
CA UNK D 17 -5.35 -3.59 27.06
C UNK D 17 -5.57 -4.29 25.74
N UNK D 18 -6.43 -3.73 24.89
CA UNK D 18 -6.86 -4.39 23.67
C UNK D 18 -6.64 -3.52 22.45
N UNK D 19 -5.96 -4.08 21.45
CA UNK D 19 -5.78 -3.35 20.23
C UNK D 19 -6.80 -3.95 19.30
N UNK D 20 -7.99 -3.38 19.28
CA UNK D 20 -9.01 -3.92 18.41
C UNK D 20 -8.65 -3.43 17.03
N UNK D 21 -8.19 -4.31 16.16
CA UNK D 21 -7.98 -3.90 14.79
C UNK D 21 -9.39 -3.99 14.24
N UNK D 22 -9.94 -2.83 13.92
CA UNK D 22 -11.36 -2.72 13.59
C UNK D 22 -11.75 -1.58 12.68
N UNK D 23 -12.05 -1.97 11.44
CA UNK D 23 -12.55 -1.10 10.41
C UNK D 23 -13.89 -1.77 10.12
N UNK D 24 -14.97 -1.01 10.29
CA UNK D 24 -16.35 -1.49 10.07
C UNK D 24 -16.86 -2.11 11.34
N UNK D 25 -18.18 -2.07 11.54
CA UNK D 25 -18.76 -2.65 12.73
C UNK D 25 -18.01 -3.91 13.08
N UNK D 26 -17.60 -4.66 12.07
CA UNK D 26 -16.95 -5.92 12.32
C UNK D 26 -15.63 -5.69 13.02
N UNK D 27 -15.42 -6.42 14.10
CA UNK D 27 -14.07 -6.54 14.69
C UNK D 27 -13.14 -7.35 13.78
N UNK D 28 -12.09 -6.75 13.23
CA UNK D 28 -11.12 -7.55 12.47
C UNK D 28 -10.41 -8.58 13.35
N UNK D 29 -9.47 -8.08 14.14
CA UNK D 29 -8.75 -8.90 15.09
C UNK D 29 -8.44 -8.04 16.29
N UNK D 30 -8.46 -8.68 17.45
CA UNK D 30 -8.09 -8.01 18.66
C UNK D 30 -6.72 -8.54 19.01
N UNK D 31 -5.76 -7.62 19.16
CA UNK D 31 -4.42 -8.00 19.52
C UNK D 31 -4.36 -7.69 20.98
N UNK D 32 -4.40 -8.75 21.80
CA UNK D 32 -4.49 -8.58 23.25
C UNK D 32 -3.14 -8.25 23.83
N UNK D 33 -3.15 -7.39 24.83
CA UNK D 33 -1.97 -7.01 25.58
C UNK D 33 -2.24 -7.05 27.08
N UNK D 34 -1.54 -7.99 27.72
CA UNK D 34 -1.56 -8.25 29.16
C UNK D 34 -0.29 -7.87 29.93
N UNK D 35 -0.22 -8.37 31.16
CA UNK D 35 0.94 -8.10 31.99
C UNK D 35 0.74 -6.79 32.70
N UNK D 36 -0.43 -6.21 32.59
CA UNK D 36 -0.75 -5.09 33.43
C UNK D 36 -0.71 -5.60 34.86
N UNK D 37 -1.25 -6.79 35.09
CA UNK D 37 -1.18 -7.39 36.41
C UNK D 37 0.25 -7.69 36.82
N UNK D 38 1.03 -8.27 35.93
CA UNK D 38 2.45 -8.48 36.21
C UNK D 38 2.61 -9.22 37.52
N UNK D 39 3.47 -8.66 38.36
CA UNK D 39 3.55 -9.00 39.76
C UNK D 39 4.49 -10.13 40.06
N UNK D 40 5.07 -10.72 39.04
CA UNK D 40 6.24 -11.57 39.21
C UNK D 40 6.07 -12.55 40.37
N UNK D 41 4.88 -13.11 40.51
CA UNK D 41 4.62 -13.89 41.70
C UNK D 41 5.70 -14.94 41.77
N UNK D 42 6.05 -15.50 40.63
CA UNK D 42 6.74 -16.75 40.66
C UNK D 42 8.05 -16.67 41.42
N UNK D 43 8.94 -15.78 41.03
CA UNK D 43 10.23 -15.77 41.68
C UNK D 43 9.94 -15.50 43.12
N UNK D 44 8.98 -14.63 43.36
CA UNK D 44 8.72 -14.15 44.69
C UNK D 44 8.43 -15.35 45.54
N UNK D 45 7.92 -16.41 44.93
CA UNK D 45 7.64 -17.63 45.66
C UNK D 45 8.92 -18.20 46.26
N UNK D 46 10.03 -17.96 45.61
CA UNK D 46 11.20 -18.78 45.84
C UNK D 46 11.59 -18.76 47.30
N UNK D 47 11.57 -17.61 47.94
CA UNK D 47 12.06 -17.53 49.32
C UNK D 47 11.22 -17.98 50.53
N UNK D 48 9.93 -17.68 50.53
CA UNK D 48 9.09 -18.02 51.68
C UNK D 48 9.19 -19.48 52.10
N UNK D 49 8.74 -19.76 53.32
CA UNK D 49 8.73 -21.12 53.84
C UNK D 49 7.63 -21.81 53.10
N UNK D 50 7.75 -23.11 52.87
CA UNK D 50 6.68 -23.81 52.16
C UNK D 50 5.44 -23.62 53.01
N UNK D 51 5.61 -23.71 54.32
CA UNK D 51 4.53 -23.47 55.26
C UNK D 51 4.15 -22.01 55.09
N UNK D 52 5.17 -21.21 54.81
CA UNK D 52 5.01 -19.79 54.60
C UNK D 52 4.14 -19.38 53.41
N UNK D 53 4.13 -20.35 52.51
CA UNK D 53 3.51 -20.41 51.21
C UNK D 53 2.04 -20.17 51.28
N UNK D 54 1.42 -20.49 52.40
CA UNK D 54 0.01 -20.29 52.39
C UNK D 54 -0.15 -18.87 51.99
N UNK D 55 -1.15 -18.65 51.15
CA UNK D 55 -1.48 -17.33 50.66
C UNK D 55 -0.72 -16.77 49.46
N UNK D 56 0.59 -16.49 49.50
CA UNK D 56 0.99 -15.94 48.23
C UNK D 56 0.26 -16.67 47.10
N UNK D 57 0.18 -17.98 47.17
CA UNK D 57 -0.46 -18.71 46.08
C UNK D 57 -1.93 -18.43 45.95
N UNK D 58 -2.60 -18.27 47.08
CA UNK D 58 -4.04 -18.07 47.09
C UNK D 58 -4.43 -16.81 46.36
N UNK D 59 -3.54 -15.84 46.28
CA UNK D 59 -3.89 -14.55 45.75
C UNK D 59 -4.35 -14.56 44.29
N UNK D 60 -3.85 -15.54 43.54
CA UNK D 60 -3.83 -15.50 42.09
C UNK D 60 -5.18 -15.43 41.43
N UNK D 61 -6.17 -16.16 41.94
CA UNK D 61 -7.51 -16.01 41.40
C UNK D 61 -8.39 -15.38 42.44
N UNK D 62 -8.81 -14.15 42.18
CA UNK D 62 -9.47 -13.40 43.19
C UNK D 62 -10.72 -14.15 43.58
N UNK D 63 -11.42 -14.70 42.61
CA UNK D 63 -12.65 -15.32 42.98
C UNK D 63 -12.25 -16.39 43.95
N UNK D 64 -11.20 -17.12 43.64
CA UNK D 64 -10.99 -18.37 44.32
C UNK D 64 -10.40 -18.12 45.67
N UNK D 65 -11.21 -17.57 46.54
CA UNK D 65 -10.65 -17.18 47.81
C UNK D 65 -10.10 -18.42 48.45
N UNK D 66 -10.87 -19.50 48.48
CA UNK D 66 -10.36 -20.72 49.08
C UNK D 66 -10.26 -21.85 48.10
N UNK D 67 -11.14 -21.85 47.11
CA UNK D 67 -11.18 -22.96 46.17
C UNK D 67 -9.81 -23.34 45.68
N UNK D 68 -9.11 -22.33 45.18
CA UNK D 68 -7.82 -22.52 44.56
C UNK D 68 -6.83 -23.05 45.55
N UNK D 69 -7.08 -22.82 46.81
CA UNK D 69 -6.05 -22.99 47.79
C UNK D 69 -5.56 -24.40 47.77
N UNK D 70 -6.57 -25.27 47.70
CA UNK D 70 -6.55 -26.64 48.13
C UNK D 70 -5.55 -27.41 47.34
N UNK D 71 -5.54 -27.15 46.05
CA UNK D 71 -4.71 -27.93 45.16
C UNK D 71 -3.31 -27.74 45.65
N UNK D 72 -3.03 -26.49 45.95
CA UNK D 72 -1.70 -26.13 46.29
C UNK D 72 -1.35 -26.92 47.50
N UNK D 73 -2.29 -27.00 48.42
CA UNK D 73 -2.04 -27.82 49.58
C UNK D 73 -1.92 -29.23 49.06
N UNK D 74 -2.75 -29.59 48.11
CA UNK D 74 -2.80 -30.98 47.71
C UNK D 74 -1.45 -31.42 47.17
N UNK D 75 -0.83 -30.60 46.36
CA UNK D 75 0.43 -31.01 45.75
C UNK D 75 1.41 -31.26 46.86
N UNK D 76 1.42 -30.39 47.85
CA UNK D 76 2.36 -30.55 48.93
C UNK D 76 2.04 -31.87 49.57
N UNK D 77 0.75 -32.17 49.67
CA UNK D 77 0.35 -33.40 50.30
C UNK D 77 0.91 -34.58 49.54
N UNK D 78 0.81 -34.55 48.22
CA UNK D 78 1.33 -35.67 47.44
C UNK D 78 2.82 -35.80 47.62
N UNK D 79 3.53 -34.68 47.59
CA UNK D 79 4.98 -34.74 47.66
C UNK D 79 5.29 -35.35 48.99
N UNK D 80 4.50 -34.98 50.00
CA UNK D 80 4.65 -35.48 51.35
C UNK D 80 4.40 -36.98 51.57
N UNK D 81 3.39 -37.53 50.93
CA UNK D 81 3.00 -38.90 51.23
C UNK D 81 2.04 -38.99 52.42
N UNK D 82 1.55 -37.86 52.89
CA UNK D 82 0.68 -37.85 54.05
C UNK D 82 -0.77 -37.61 53.67
N UNK D 83 -1.65 -38.50 54.14
CA UNK D 83 -3.08 -38.41 53.88
C UNK D 83 -3.77 -37.32 54.66
N UNK D 84 -4.91 -36.85 54.17
CA UNK D 84 -5.63 -35.82 54.88
C UNK D 84 -6.37 -36.47 56.02
N UNK D 85 -6.93 -35.66 56.90
CA UNK D 85 -7.68 -36.15 58.06
C UNK D 85 -9.12 -36.28 57.62
N UNK D 86 -9.84 -37.23 58.20
CA UNK D 86 -11.21 -37.43 57.75
C UNK D 86 -12.20 -36.28 57.96
N UNK D 87 -12.24 -35.69 59.15
CA UNK D 87 -13.19 -34.62 59.37
C UNK D 87 -12.85 -33.46 58.47
N UNK D 88 -11.57 -33.17 58.44
CA UNK D 88 -11.04 -32.11 57.62
C UNK D 88 -11.27 -32.46 56.17
N UNK D 89 -11.12 -33.74 55.87
CA UNK D 89 -11.28 -34.15 54.50
C UNK D 89 -12.68 -33.79 54.07
N UNK D 90 -13.66 -34.11 54.91
CA UNK D 90 -15.03 -33.79 54.55
C UNK D 90 -15.22 -32.29 54.44
N UNK D 91 -14.68 -31.54 55.38
CA UNK D 91 -14.84 -30.10 55.35
C UNK D 91 -14.26 -29.39 54.14
N UNK D 92 -13.03 -29.75 53.78
CA UNK D 92 -12.34 -29.10 52.68
C UNK D 92 -13.28 -29.00 51.51
N UNK D 93 -14.00 -30.07 51.22
CA UNK D 93 -14.96 -29.99 50.13
C UNK D 93 -16.01 -28.99 50.51
N UNK D 94 -16.44 -29.03 51.76
CA UNK D 94 -17.55 -28.18 52.16
C UNK D 94 -17.22 -26.71 52.00
N UNK D 95 -16.06 -26.29 52.51
CA UNK D 95 -15.65 -24.92 52.29
C UNK D 95 -15.49 -24.79 50.79
N UNK D 96 -14.96 -25.85 50.20
CA UNK D 96 -14.72 -25.89 48.78
C UNK D 96 -16.02 -25.74 48.03
N UNK D 97 -17.04 -26.42 48.50
CA UNK D 97 -18.30 -26.39 47.81
C UNK D 97 -18.77 -24.98 47.84
N UNK D 98 -18.60 -24.36 49.00
CA UNK D 98 -18.97 -22.99 49.17
C UNK D 98 -18.11 -22.23 48.19
N UNK D 99 -16.88 -22.68 48.02
CA UNK D 99 -15.97 -21.93 47.19
C UNK D 99 -16.54 -21.82 45.81
N UNK D 100 -17.03 -22.93 45.29
CA UNK D 100 -17.53 -22.94 43.93
C UNK D 100 -18.73 -22.01 43.78
N UNK D 101 -19.69 -22.06 44.67
CA UNK D 101 -20.86 -21.25 44.40
C UNK D 101 -20.46 -19.80 44.31
N UNK D 102 -19.64 -19.36 45.26
CA UNK D 102 -19.37 -17.95 45.33
C UNK D 102 -18.71 -17.54 44.06
N UNK D 103 -17.69 -18.24 43.57
CA UNK D 103 -17.05 -17.69 42.37
C UNK D 103 -17.98 -17.62 41.16
N UNK D 104 -18.71 -18.70 40.92
CA UNK D 104 -19.51 -18.76 39.73
C UNK D 104 -20.52 -17.66 39.80
N UNK D 105 -21.15 -17.50 40.95
CA UNK D 105 -22.22 -16.54 41.05
C UNK D 105 -21.67 -15.16 40.79
N UNK D 106 -20.56 -14.82 41.40
CA UNK D 106 -20.12 -13.45 41.27
C UNK D 106 -19.89 -13.19 39.80
N UNK D 107 -19.35 -14.20 39.14
CA UNK D 107 -18.93 -14.01 37.78
C UNK D 107 -20.11 -13.65 36.91
N UNK D 108 -21.21 -14.37 37.05
CA UNK D 108 -22.40 -14.11 36.25
C UNK D 108 -22.93 -12.70 36.52
N UNK D 109 -22.95 -12.29 37.78
CA UNK D 109 -23.41 -10.97 38.13
C UNK D 109 -22.47 -9.97 37.47
N UNK D 110 -21.18 -10.30 37.50
CA UNK D 110 -20.16 -9.46 36.91
C UNK D 110 -20.37 -9.37 35.41
N UNK D 111 -20.76 -10.49 34.80
CA UNK D 111 -21.01 -10.53 33.36
C UNK D 111 -22.18 -9.62 33.01
N UNK D 112 -23.22 -9.65 33.83
CA UNK D 112 -24.40 -8.82 33.61
C UNK D 112 -23.99 -7.36 33.72
N UNK D 113 -23.13 -7.08 34.69
CA UNK D 113 -22.62 -5.75 34.95
C UNK D 113 -21.80 -5.22 33.77
N UNK D 114 -21.06 -6.11 33.13
CA UNK D 114 -20.19 -5.74 32.02
C UNK D 114 -20.91 -5.11 30.82
N UNK D 115 -22.06 -5.64 30.44
CA UNK D 115 -22.76 -5.04 29.32
C UNK D 115 -24.27 -5.12 29.46
N UNK D 116 -24.97 -4.17 28.85
CA UNK D 116 -26.43 -4.15 28.91
C UNK D 116 -27.03 -4.00 30.33
N UNK D 117 -28.02 -4.83 30.65
CA UNK D 117 -28.68 -4.78 31.94
C UNK D 117 -27.67 -4.72 33.04
N UNK D 118 -27.67 -3.55 33.69
CA UNK D 118 -26.81 -3.25 34.83
C UNK D 118 -27.29 -3.96 36.06
N UNK D 119 -28.60 -3.91 36.27
CA UNK D 119 -29.20 -4.53 37.41
C UNK D 119 -29.26 -6.03 37.24
N UNK D 120 -29.36 -6.67 38.39
CA UNK D 120 -29.36 -8.09 38.56
C UNK D 120 -28.08 -8.44 39.31
N UNK D 121 -27.07 -7.58 39.23
CA UNK D 121 -25.84 -7.79 39.95
C UNK D 121 -26.03 -7.65 41.46
N UNK D 122 -26.84 -6.68 41.86
CA UNK D 122 -27.05 -6.40 43.29
C UNK D 122 -27.99 -7.38 44.00
N UNK D 123 -29.13 -7.69 43.39
CA UNK D 123 -30.09 -8.59 44.03
C UNK D 123 -29.53 -9.98 44.27
N UNK D 124 -28.87 -10.52 43.25
CA UNK D 124 -28.26 -11.84 43.38
C UNK D 124 -27.14 -11.80 44.40
N UNK D 125 -26.36 -10.73 44.35
CA UNK D 125 -25.22 -10.53 45.24
C UNK D 125 -25.49 -10.39 46.74
N UNK D 126 -26.55 -9.69 47.08
CA UNK D 126 -26.85 -9.40 48.48
C UNK D 126 -26.83 -10.67 49.29
N UNK D 127 -27.33 -11.76 48.72
CA UNK D 127 -27.32 -13.04 49.40
C UNK D 127 -25.86 -13.44 49.67
N UNK D 128 -25.00 -13.17 48.69
CA UNK D 128 -23.58 -13.51 48.79
C UNK D 128 -22.82 -12.82 49.92
N UNK D 129 -23.07 -11.54 50.15
CA UNK D 129 -22.40 -10.82 51.21
C UNK D 129 -22.52 -11.70 52.42
N UNK D 130 -23.70 -12.28 52.55
CA UNK D 130 -23.93 -13.21 53.63
C UNK D 130 -22.94 -14.34 53.42
N UNK D 131 -22.77 -14.74 52.17
CA UNK D 131 -22.00 -15.95 51.94
C UNK D 131 -20.60 -15.73 52.49
N UNK D 132 -20.00 -14.61 52.13
CA UNK D 132 -18.66 -14.33 52.59
C UNK D 132 -18.59 -14.34 54.11
N UNK D 133 -19.64 -13.83 54.75
CA UNK D 133 -19.63 -13.76 56.20
C UNK D 133 -19.50 -15.12 56.84
N UNK D 134 -20.23 -16.10 56.33
CA UNK D 134 -20.15 -17.42 56.91
C UNK D 134 -18.71 -17.86 56.74
N UNK D 135 -18.17 -17.64 55.56
CA UNK D 135 -16.79 -18.01 55.32
C UNK D 135 -15.98 -17.18 56.28
N UNK D 136 -16.39 -15.94 56.43
CA UNK D 136 -15.69 -15.04 57.30
C UNK D 136 -15.67 -15.55 58.72
N UNK D 137 -16.79 -16.06 59.17
CA UNK D 137 -16.85 -16.53 60.54
C UNK D 137 -15.84 -17.64 60.76
N UNK D 138 -15.74 -18.54 59.80
CA UNK D 138 -14.81 -19.64 59.97
C UNK D 138 -13.36 -19.22 60.05
N UNK D 139 -12.94 -18.35 59.16
CA UNK D 139 -11.56 -17.91 59.18
C UNK D 139 -11.35 -16.44 59.47
N UNK D 140 -12.43 -15.74 59.72
CA UNK D 140 -12.31 -14.32 60.02
C UNK D 140 -11.71 -13.45 58.93
N UNK D 141 -12.05 -13.70 57.68
CA UNK D 141 -11.53 -12.89 56.59
C UNK D 141 -12.60 -12.69 55.55
N UNK D 142 -12.48 -11.64 54.73
CA UNK D 142 -13.49 -11.42 53.70
C UNK D 142 -12.91 -11.73 52.33
N UNK D 143 -11.87 -12.57 52.30
CA UNK D 143 -11.19 -13.00 51.07
C UNK D 143 -9.69 -13.19 51.30
N UNK D 144 -9.02 -13.99 50.46
CA UNK D 144 -7.58 -14.22 50.62
C UNK D 144 -7.33 -14.61 52.06
N UNK D 145 -8.14 -15.53 52.53
CA UNK D 145 -8.16 -15.94 53.90
C UNK D 145 -7.47 -17.26 54.01
N UNK D 146 -6.65 -17.41 55.03
CA UNK D 146 -5.71 -18.51 55.13
C UNK D 146 -6.22 -19.95 55.15
N UNK D 147 -7.36 -20.24 55.76
CA UNK D 147 -7.63 -21.61 56.19
C UNK D 147 -7.52 -22.61 55.06
N UNK D 148 -7.01 -23.79 55.39
CA UNK D 148 -6.71 -24.77 54.40
C UNK D 148 -5.27 -24.52 54.15
N UNK D 149 -4.45 -25.04 55.05
CA UNK D 149 -3.03 -24.91 54.96
C UNK D 149 -2.54 -26.31 55.24
N UNK D 150 -1.39 -26.65 54.70
CA UNK D 150 -1.14 -27.57 53.64
C UNK D 150 -1.64 -28.88 54.13
N UNK D 151 -1.33 -29.23 55.35
CA UNK D 151 -1.86 -30.49 55.83
C UNK D 151 -3.38 -30.49 55.91
N UNK D 152 -3.97 -29.41 56.42
CA UNK D 152 -5.40 -29.35 56.72
C UNK D 152 -5.87 -27.97 57.22
N UNK D 153 -7.08 -27.92 57.75
CA UNK D 153 -7.67 -26.66 58.23
C UNK D 153 -7.03 -26.10 59.50
N UNK D 154 -6.98 -24.78 59.63
CA UNK D 154 -6.38 -24.16 60.81
C UNK D 154 -7.14 -24.47 62.09
N UNK D 155 -8.46 -24.40 62.04
CA UNK D 155 -9.31 -24.69 63.20
C UNK D 155 -10.64 -25.30 62.76
N UNK D 156 -11.26 -26.09 63.62
CA UNK D 156 -12.52 -26.73 63.30
C UNK D 156 -13.62 -25.70 63.29
N UNK D 157 -14.72 -25.98 62.61
CA UNK D 157 -15.74 -24.96 62.45
C UNK D 157 -16.17 -24.55 63.83
N UNK D 158 -16.33 -23.25 64.07
CA UNK D 158 -16.74 -22.78 65.38
C UNK D 158 -18.15 -23.31 65.55
N UNK D 159 -18.57 -23.54 66.78
CA UNK D 159 -19.56 -24.56 67.07
C UNK D 159 -20.88 -24.40 66.36
N UNK D 160 -21.37 -23.18 66.37
CA UNK D 160 -22.63 -22.81 65.74
C UNK D 160 -22.67 -22.94 64.21
N UNK D 161 -21.58 -22.61 63.54
CA UNK D 161 -21.63 -22.18 62.16
C UNK D 161 -22.27 -23.21 61.23
N UNK D 162 -21.98 -24.48 61.44
CA UNK D 162 -22.42 -25.47 60.50
C UNK D 162 -23.92 -25.39 60.45
N UNK D 163 -24.54 -25.18 61.60
CA UNK D 163 -25.98 -25.19 61.65
C UNK D 163 -26.55 -24.11 60.76
N UNK D 164 -25.92 -22.95 60.79
CA UNK D 164 -26.41 -21.77 60.12
C UNK D 164 -26.45 -22.01 58.63
N UNK D 165 -25.46 -22.73 58.13
CA UNK D 165 -25.36 -22.91 56.71
C UNK D 165 -26.64 -23.59 56.26
N UNK D 166 -27.30 -24.30 57.19
CA UNK D 166 -28.51 -25.06 56.89
C UNK D 166 -29.46 -24.04 56.33
N UNK D 167 -29.45 -22.87 56.99
CA UNK D 167 -30.16 -21.68 56.56
C UNK D 167 -29.60 -21.27 55.22
N UNK D 168 -28.29 -21.44 55.09
CA UNK D 168 -27.60 -20.98 53.91
C UNK D 168 -28.22 -21.70 52.76
N UNK D 169 -28.54 -22.96 53.00
CA UNK D 169 -29.09 -23.78 51.94
C UNK D 169 -30.41 -23.24 51.44
N UNK D 170 -31.28 -22.84 52.33
CA UNK D 170 -32.65 -22.64 51.91
C UNK D 170 -32.77 -21.56 50.86
N UNK D 171 -32.10 -20.45 51.09
CA UNK D 171 -32.35 -19.28 50.30
C UNK D 171 -32.01 -19.54 48.85
N UNK D 172 -30.95 -20.29 48.60
CA UNK D 172 -30.32 -20.23 47.30
C UNK D 172 -31.31 -20.60 46.23
N UNK D 173 -32.13 -21.60 46.51
CA UNK D 173 -33.01 -22.08 45.49
C UNK D 173 -33.90 -20.92 45.09
N UNK D 174 -34.46 -20.21 46.06
CA UNK D 174 -35.31 -19.09 45.71
C UNK D 174 -34.54 -17.96 45.05
N UNK D 175 -33.51 -17.47 45.73
CA UNK D 175 -32.78 -16.37 45.14
C UNK D 175 -32.11 -16.87 43.86
N UNK D 176 -31.52 -18.05 43.95
CA UNK D 176 -30.72 -18.54 42.85
C UNK D 176 -31.60 -18.68 41.67
N UNK D 177 -32.80 -19.18 41.91
CA UNK D 177 -33.71 -19.42 40.83
C UNK D 177 -34.07 -18.12 40.16
N UNK D 178 -34.19 -17.05 40.94
CA UNK D 178 -34.71 -15.79 40.40
C UNK D 178 -33.85 -15.18 39.28
N UNK D 179 -32.54 -15.22 39.46
CA UNK D 179 -31.67 -14.52 38.54
C UNK D 179 -31.93 -15.11 37.17
N UNK D 180 -32.20 -16.40 37.15
CA UNK D 180 -32.58 -17.05 35.91
C UNK D 180 -33.86 -16.43 35.43
N UNK D 181 -34.74 -16.12 36.36
CA UNK D 181 -36.07 -15.65 35.99
C UNK D 181 -35.87 -14.42 35.16
N UNK D 182 -34.81 -13.70 35.47
CA UNK D 182 -34.43 -12.53 34.70
C UNK D 182 -34.05 -12.88 33.27
N UNK D 183 -33.25 -13.92 33.11
CA UNK D 183 -32.57 -14.07 31.84
C UNK D 183 -32.96 -15.24 30.94
N UNK D 184 -33.01 -16.43 31.50
CA UNK D 184 -32.91 -17.63 30.71
C UNK D 184 -34.00 -17.64 29.68
N UNK D 185 -35.19 -17.24 30.09
CA UNK D 185 -36.26 -17.07 29.11
C UNK D 185 -36.29 -15.63 28.63
N UNK D 186 -35.46 -14.78 29.23
CA UNK D 186 -35.50 -13.37 28.89
C UNK D 186 -35.11 -13.22 27.44
N UNK D 187 -35.83 -12.40 26.69
CA UNK D 187 -35.51 -12.28 25.28
C UNK D 187 -34.17 -11.65 24.96
N UNK D 188 -33.87 -10.51 25.58
CA UNK D 188 -32.70 -9.76 25.16
C UNK D 188 -31.42 -10.56 25.42
N UNK D 189 -31.34 -11.22 26.57
CA UNK D 189 -30.08 -11.86 26.96
C UNK D 189 -29.75 -12.78 25.83
N UNK D 190 -30.75 -13.50 25.38
CA UNK D 190 -30.60 -14.29 24.18
C UNK D 190 -30.23 -13.38 23.03
N UNK D 191 -30.79 -12.19 23.10
CA UNK D 191 -30.58 -11.24 22.05
C UNK D 191 -29.11 -10.94 21.93
N UNK D 192 -28.43 -10.72 23.05
CA UNK D 192 -27.03 -10.35 22.97
C UNK D 192 -26.09 -11.40 22.46
N UNK D 193 -26.28 -12.64 22.87
CA UNK D 193 -25.31 -13.68 22.62
C UNK D 193 -25.89 -14.88 21.94
N UNK D 194 -26.91 -14.70 21.13
CA UNK D 194 -27.70 -15.85 20.74
C UNK D 194 -26.86 -16.89 20.03
N UNK D 195 -26.03 -16.48 19.07
CA UNK D 195 -25.13 -17.44 18.43
C UNK D 195 -23.65 -17.04 18.50
N UNK D 196 -23.35 -15.88 19.03
CA UNK D 196 -21.99 -15.40 18.97
C UNK D 196 -21.15 -16.25 19.89
N UNK D 197 -19.85 -16.03 19.92
CA UNK D 197 -19.02 -16.85 20.78
C UNK D 197 -19.12 -18.35 20.48
N UNK D 198 -18.83 -18.75 19.25
CA UNK D 198 -18.85 -20.18 18.92
C UNK D 198 -17.51 -20.79 18.54
N UNK D 199 -17.08 -21.74 19.36
CA UNK D 199 -15.85 -22.47 19.18
C UNK D 199 -16.05 -23.82 19.84
N UNK D 200 -16.76 -24.70 19.15
CA UNK D 200 -17.05 -26.03 19.67
C UNK D 200 -16.25 -27.15 19.04
N UNK D 201 -15.16 -26.81 18.35
CA UNK D 201 -14.37 -27.84 17.71
C UNK D 201 -13.92 -28.79 18.79
N UNK D 202 -14.06 -30.08 18.55
CA UNK D 202 -13.63 -31.07 19.51
C UNK D 202 -12.13 -30.88 19.64
N UNK D 203 -11.51 -30.61 18.50
CA UNK D 203 -10.09 -30.39 18.41
C UNK D 203 -9.72 -29.17 19.23
N UNK D 204 -10.71 -28.40 19.62
CA UNK D 204 -10.43 -27.19 20.37
C UNK D 204 -9.65 -27.59 21.61
N UNK D 205 -9.95 -28.77 22.17
CA UNK D 205 -9.22 -29.26 23.33
C UNK D 205 -7.72 -29.09 23.08
N UNK D 206 -7.39 -29.12 21.80
CA UNK D 206 -6.03 -28.95 21.29
C UNK D 206 -5.75 -27.48 21.44
N UNK D 207 -6.79 -26.67 21.30
CA UNK D 207 -6.62 -25.25 21.54
C UNK D 207 -6.32 -25.18 23.05
N UNK D 208 -6.98 -26.04 23.81
CA UNK D 208 -6.76 -26.20 25.25
C UNK D 208 -7.50 -25.47 26.37
N UNK D 209 -8.41 -24.55 26.06
CA UNK D 209 -9.13 -23.87 27.13
C UNK D 209 -10.15 -24.87 27.65
N UNK D 210 -9.63 -25.96 28.20
CA UNK D 210 -10.40 -27.11 28.71
C UNK D 210 -11.60 -27.00 29.68
N UNK D 211 -11.38 -26.47 30.88
CA UNK D 211 -12.42 -26.41 31.91
C UNK D 211 -13.74 -25.65 31.67
N UNK D 212 -14.83 -26.30 32.06
CA UNK D 212 -16.19 -25.79 31.97
C UNK D 212 -16.54 -25.47 30.53
N UNK D 213 -15.93 -24.41 30.03
CA UNK D 213 -16.10 -24.01 28.65
C UNK D 213 -15.21 -25.05 28.05
N UNK D 214 -15.48 -25.49 26.84
CA UNK D 214 -14.67 -26.55 26.25
C UNK D 214 -15.08 -27.81 26.99
N UNK D 215 -15.05 -27.75 28.32
CA UNK D 215 -15.48 -28.87 29.12
C UNK D 215 -16.95 -29.03 28.76
N UNK D 216 -17.64 -27.90 28.67
CA UNK D 216 -19.02 -27.90 28.28
C UNK D 216 -18.91 -27.89 26.78
N UNK D 217 -19.91 -27.38 26.10
CA UNK D 217 -19.86 -27.31 24.65
C UNK D 217 -19.44 -28.63 24.06
N UNK D 218 -19.91 -29.72 24.67
CA UNK D 218 -19.66 -31.08 24.19
C UNK D 218 -18.51 -31.94 24.70
N UNK D 219 -17.38 -31.37 25.15
CA UNK D 219 -16.30 -32.25 25.58
C UNK D 219 -16.89 -33.02 26.73
N UNK D 220 -16.38 -34.20 27.01
CA UNK D 220 -16.95 -34.96 28.11
C UNK D 220 -16.10 -35.04 29.38
N UNK D 221 -15.04 -34.23 29.52
CA UNK D 221 -14.26 -34.35 30.76
C UNK D 221 -14.45 -33.27 31.82
N UNK D 222 -14.85 -33.69 33.01
CA UNK D 222 -15.01 -32.81 34.16
C UNK D 222 -14.09 -33.27 35.29
N UNK D 223 -13.37 -32.34 35.89
CA UNK D 223 -12.20 -32.70 36.65
C UNK D 223 -12.52 -33.61 37.81
N UNK D 224 -13.59 -33.34 38.53
CA UNK D 224 -13.85 -34.16 39.68
C UNK D 224 -14.17 -35.59 39.27
N UNK D 225 -15.09 -35.75 38.33
CA UNK D 225 -15.45 -37.10 37.94
C UNK D 225 -14.32 -37.78 37.22
N UNK D 226 -13.70 -37.09 36.27
CA UNK D 226 -12.75 -37.82 35.43
C UNK D 226 -11.56 -38.36 36.21
N UNK D 227 -10.99 -37.56 37.10
CA UNK D 227 -9.86 -38.01 37.91
C UNK D 227 -10.16 -37.69 39.35
N UNK D 228 -10.90 -38.54 40.02
CA UNK D 228 -11.53 -38.14 41.27
C UNK D 228 -10.52 -37.59 42.27
N UNK D 229 -10.85 -36.46 42.87
CA UNK D 229 -9.99 -35.79 43.85
C UNK D 229 -10.26 -36.34 45.25
N UNK D 230 -9.95 -35.52 46.25
CA UNK D 230 -9.85 -35.98 47.64
C UNK D 230 -11.12 -36.57 48.26
N UNK D 231 -12.27 -35.97 48.02
CA UNK D 231 -13.49 -36.50 48.62
C UNK D 231 -14.52 -36.92 47.62
N UNK D 232 -14.77 -36.02 46.68
CA UNK D 232 -15.85 -36.19 45.75
C UNK D 232 -15.57 -37.47 45.03
N UNK D 233 -16.68 -38.14 44.77
CA UNK D 233 -16.85 -39.47 44.24
C UNK D 233 -17.72 -40.16 45.31
N UNK D 234 -17.60 -39.71 46.56
CA UNK D 234 -18.43 -40.13 47.63
C UNK D 234 -19.79 -39.53 47.32
N UNK D 235 -19.82 -38.36 46.66
CA UNK D 235 -21.13 -37.76 46.42
C UNK D 235 -21.50 -37.57 44.94
N UNK D 236 -22.78 -37.38 44.68
CA UNK D 236 -23.33 -37.20 43.34
C UNK D 236 -22.96 -35.85 42.74
N UNK D 237 -23.04 -35.76 41.43
CA UNK D 237 -22.79 -34.49 40.77
C UNK D 237 -23.60 -34.47 39.49
N UNK D 238 -23.76 -33.29 38.91
CA UNK D 238 -24.46 -33.18 37.63
C UNK D 238 -23.73 -32.28 36.62
N UNK D 239 -22.65 -32.74 36.02
CA UNK D 239 -21.86 -31.85 35.18
C UNK D 239 -22.75 -31.39 34.06
N UNK D 240 -22.52 -30.19 33.54
CA UNK D 240 -23.37 -29.68 32.46
C UNK D 240 -23.28 -30.39 31.09
N UNK D 241 -24.32 -30.25 30.28
CA UNK D 241 -24.38 -30.84 28.94
C UNK D 241 -24.63 -29.76 27.88
N UNK D 242 -23.84 -29.77 26.80
CA UNK D 242 -23.97 -28.76 25.73
C UNK D 242 -24.29 -29.29 24.33
N UNK D 243 -25.25 -28.66 23.65
CA UNK D 243 -25.62 -29.08 22.30
C UNK D 243 -25.32 -28.10 21.16
N UNK D 244 -24.63 -27.01 21.46
CA UNK D 244 -24.29 -26.01 20.45
C UNK D 244 -23.38 -25.07 21.19
N UNK D 245 -22.26 -24.65 20.59
CA UNK D 245 -21.36 -23.81 21.35
C UNK D 245 -21.86 -22.41 21.19
N UNK D 246 -21.97 -21.71 22.31
CA UNK D 246 -22.37 -20.33 22.30
C UNK D 246 -21.99 -19.73 23.63
N UNK D 247 -21.86 -18.42 23.71
CA UNK D 247 -21.70 -17.81 25.00
C UNK D 247 -22.97 -18.12 25.76
N UNK D 248 -24.10 -17.95 25.11
CA UNK D 248 -25.36 -18.14 25.75
C UNK D 248 -25.42 -19.53 26.29
N UNK D 249 -25.04 -20.50 25.48
CA UNK D 249 -25.18 -21.86 25.91
C UNK D 249 -24.35 -22.01 27.16
N UNK D 250 -23.18 -21.40 27.17
CA UNK D 250 -22.32 -21.59 28.29
C UNK D 250 -23.08 -21.09 29.49
N UNK D 251 -23.72 -19.94 29.37
CA UNK D 251 -24.29 -19.30 30.54
C UNK D 251 -25.26 -20.27 31.11
N UNK D 252 -26.02 -20.91 30.24
CA UNK D 252 -26.94 -21.86 30.77
C UNK D 252 -26.05 -22.84 31.47
N UNK D 253 -24.92 -23.14 30.87
CA UNK D 253 -24.15 -24.24 31.36
C UNK D 253 -23.78 -23.97 32.80
N UNK D 254 -23.27 -22.79 33.07
CA UNK D 254 -22.86 -22.50 34.42
C UNK D 254 -24.07 -22.50 35.31
N UNK D 255 -25.13 -21.90 34.84
CA UNK D 255 -26.19 -21.55 35.74
C UNK D 255 -26.66 -22.84 36.34
N UNK D 256 -26.79 -23.86 35.52
CA UNK D 256 -27.32 -25.11 36.01
C UNK D 256 -26.37 -25.59 37.07
N UNK D 257 -25.10 -25.29 36.81
CA UNK D 257 -23.97 -25.83 37.54
C UNK D 257 -24.05 -25.40 38.99
N UNK D 258 -24.39 -24.12 39.15
CA UNK D 258 -24.38 -23.51 40.46
C UNK D 258 -25.37 -24.30 41.24
N UNK D 259 -26.50 -24.54 40.61
CA UNK D 259 -27.57 -25.24 41.26
C UNK D 259 -26.96 -26.58 41.62
N UNK D 260 -26.16 -27.09 40.70
CA UNK D 260 -25.64 -28.43 40.81
C UNK D 260 -24.86 -28.42 42.08
N UNK D 261 -24.17 -27.32 42.32
CA UNK D 261 -23.35 -27.27 43.49
C UNK D 261 -24.23 -27.43 44.69
N UNK D 262 -25.37 -26.78 44.68
CA UNK D 262 -26.11 -26.70 45.89
C UNK D 262 -26.38 -28.12 46.27
N UNK D 263 -26.68 -28.94 45.27
CA UNK D 263 -27.07 -30.30 45.58
C UNK D 263 -25.92 -30.93 46.32
N UNK D 264 -24.70 -30.61 45.90
CA UNK D 264 -23.59 -31.24 46.56
C UNK D 264 -23.63 -30.83 48.00
N UNK D 265 -23.88 -29.56 48.28
CA UNK D 265 -23.73 -29.10 49.64
C UNK D 265 -24.68 -29.86 50.54
N UNK D 266 -25.93 -29.99 50.12
CA UNK D 266 -26.91 -30.55 51.00
C UNK D 266 -26.47 -31.95 51.31
N UNK D 267 -26.18 -32.72 50.28
CA UNK D 267 -25.79 -34.09 50.51
C UNK D 267 -24.51 -33.99 51.31
N UNK D 268 -23.68 -33.03 50.93
CA UNK D 268 -22.37 -32.95 51.53
C UNK D 268 -22.49 -32.70 53.01
N UNK D 269 -23.36 -31.81 53.42
CA UNK D 269 -23.36 -31.49 54.82
C UNK D 269 -23.70 -32.71 55.66
N UNK D 270 -24.70 -33.48 55.26
CA UNK D 270 -25.24 -34.51 56.14
C UNK D 270 -24.21 -35.58 56.51
N UNK D 271 -23.37 -35.94 55.56
CA UNK D 271 -22.42 -37.03 55.77
C UNK D 271 -21.24 -36.69 56.66
N UNK D 272 -21.09 -35.43 57.07
CA UNK D 272 -19.82 -35.02 57.67
C UNK D 272 -19.53 -35.90 58.86
N UNK D 273 -18.34 -36.47 58.91
CA UNK D 273 -18.01 -37.41 59.96
C UNK D 273 -17.37 -36.78 61.17
N UNK D 274 -17.56 -37.42 62.32
CA UNK D 274 -16.94 -36.90 63.53
C UNK D 274 -15.45 -37.09 63.35
N UNK D 275 -14.66 -36.08 63.69
CA UNK D 275 -13.22 -36.23 63.47
C UNK D 275 -12.27 -35.26 64.15
N UNK D 276 -10.98 -35.60 64.04
CA UNK D 276 -9.86 -34.81 64.53
C UNK D 276 -9.74 -33.70 63.49
N UNK D 277 -8.91 -32.70 63.76
CA UNK D 277 -8.79 -31.56 62.87
C UNK D 277 -7.64 -31.55 61.88
N UNK D 278 -6.45 -31.87 62.34
CA UNK D 278 -5.25 -31.61 61.56
C UNK D 278 -4.61 -32.92 61.23
N UNK D 279 -3.73 -32.91 60.24
CA UNK D 279 -3.08 -34.14 59.87
C UNK D 279 -2.36 -34.48 61.14
N UNK D 280 -2.31 -35.76 61.47
CA UNK D 280 -1.79 -36.18 62.77
C UNK D 280 -0.30 -35.98 63.09
N UNK D 281 0.58 -36.27 62.15
CA UNK D 281 2.00 -36.30 62.47
C UNK D 281 2.51 -34.95 62.91
N UNK D 282 3.32 -34.96 63.95
CA UNK D 282 3.78 -33.71 64.50
C UNK D 282 4.57 -33.02 63.43
N UNK D 283 5.48 -33.74 62.81
CA UNK D 283 6.40 -33.06 61.94
C UNK D 283 5.55 -32.38 60.92
N UNK D 284 4.44 -32.99 60.57
CA UNK D 284 3.62 -32.44 59.52
C UNK D 284 3.02 -31.08 59.80
N UNK D 285 2.46 -30.88 60.98
CA UNK D 285 1.63 -29.70 61.23
C UNK D 285 1.89 -29.06 62.57
N UNK D 286 1.47 -27.82 62.72
CA UNK D 286 1.65 -27.11 63.96
C UNK D 286 1.10 -28.00 65.05
N UNK D 287 1.82 -28.13 66.15
CA UNK D 287 1.33 -28.95 67.25
C UNK D 287 0.10 -28.24 67.75
N UNK D 288 -0.72 -28.93 68.53
CA UNK D 288 -1.93 -28.29 69.05
C UNK D 288 -1.53 -27.16 69.98
N UNK D 289 -2.22 -26.03 69.87
CA UNK D 289 -1.89 -24.88 70.68
C UNK D 289 -2.06 -25.18 72.15
N UNK D 290 -3.12 -25.90 72.49
CA UNK D 290 -3.35 -26.22 73.87
C UNK D 290 -2.18 -27.03 74.34
N UNK D 291 -1.72 -27.94 73.49
CA UNK D 291 -0.60 -28.80 73.81
C UNK D 291 0.70 -28.00 73.78
N UNK D 292 0.62 -26.77 73.30
CA UNK D 292 1.79 -25.94 73.18
C UNK D 292 2.47 -25.78 74.52
N UNK D 293 1.69 -25.63 75.57
CA UNK D 293 2.29 -25.48 76.89
C UNK D 293 2.41 -26.80 77.62
N UNK D 294 2.41 -27.91 76.89
CA UNK D 294 2.55 -29.21 77.52
C UNK D 294 3.94 -29.72 77.84
N UNK D 295 4.89 -29.61 76.92
CA UNK D 295 6.21 -30.17 77.17
C UNK D 295 7.14 -30.13 75.96
N UNK D 296 8.34 -30.63 76.16
CA UNK D 296 9.41 -30.36 75.23
C UNK D 296 9.02 -30.88 73.89
N UNK D 297 8.50 -32.10 73.88
CA UNK D 297 8.33 -32.74 72.61
C UNK D 297 7.39 -31.85 71.84
N UNK D 298 6.31 -31.44 72.46
CA UNK D 298 5.42 -30.61 71.72
C UNK D 298 6.15 -29.35 71.37
N UNK D 299 6.72 -28.70 72.37
CA UNK D 299 7.21 -27.36 72.14
C UNK D 299 8.29 -27.33 71.10
N UNK D 300 9.24 -28.24 71.29
CA UNK D 300 10.37 -28.34 70.41
C UNK D 300 9.88 -28.30 68.99
N UNK D 301 8.89 -29.12 68.71
CA UNK D 301 8.37 -29.17 67.37
C UNK D 301 7.82 -27.80 67.02
N UNK D 302 7.13 -27.17 67.95
CA UNK D 302 6.53 -25.89 67.64
C UNK D 302 7.52 -24.83 67.25
N UNK D 303 8.56 -24.60 68.04
CA UNK D 303 9.51 -23.57 67.69
C UNK D 303 10.06 -23.97 66.37
N UNK D 304 10.46 -25.22 66.29
CA UNK D 304 11.03 -25.73 65.07
C UNK D 304 10.11 -25.77 63.88
N UNK D 305 8.87 -26.18 64.07
CA UNK D 305 8.00 -26.34 62.92
C UNK D 305 7.71 -25.11 62.10
N UNK D 306 7.31 -24.02 62.72
CA UNK D 306 7.05 -22.81 61.94
C UNK D 306 8.36 -22.21 61.45
N UNK D 307 9.34 -22.12 62.33
CA UNK D 307 10.62 -21.53 61.97
C UNK D 307 11.46 -22.31 61.00
N UNK D 308 11.63 -23.59 61.26
CA UNK D 308 12.51 -24.44 60.46
C UNK D 308 12.15 -24.65 58.99
N UNK D 309 10.85 -24.83 58.74
CA UNK D 309 10.24 -25.13 57.45
C UNK D 309 10.04 -26.64 57.46
N UNK D 310 9.07 -27.11 56.71
CA UNK D 310 8.76 -28.53 56.71
C UNK D 310 9.66 -29.48 55.92
N UNK D 311 10.51 -29.00 55.02
CA UNK D 311 11.35 -29.92 54.27
C UNK D 311 10.43 -30.68 53.34
N UNK D 312 10.98 -31.42 52.40
CA UNK D 312 10.20 -32.22 51.49
C UNK D 312 11.19 -33.22 50.94
N UNK D 313 10.73 -34.34 50.46
CA UNK D 313 11.70 -35.25 49.90
C UNK D 313 11.87 -34.58 48.58
N UNK D 314 13.08 -34.27 48.20
CA UNK D 314 13.25 -33.51 47.00
C UNK D 314 12.67 -34.40 45.92
N UNK D 315 11.91 -33.77 45.03
CA UNK D 315 11.00 -34.48 44.13
C UNK D 315 10.47 -33.61 42.98
N UNK D 316 9.66 -34.20 42.12
CA UNK D 316 8.84 -33.45 41.17
C UNK D 316 7.45 -34.04 41.09
N UNK D 317 6.45 -33.16 40.97
CA UNK D 317 5.06 -33.51 40.63
C UNK D 317 4.22 -32.32 40.14
N UNK D 318 3.08 -32.62 39.52
CA UNK D 318 2.10 -31.63 39.12
C UNK D 318 0.76 -32.26 39.40
N UNK D 319 -0.22 -31.46 39.71
CA UNK D 319 -1.51 -32.00 40.08
C UNK D 319 -2.47 -30.95 39.71
N UNK D 320 -3.74 -31.33 39.59
CA UNK D 320 -4.77 -30.41 39.16
C UNK D 320 -6.00 -30.32 40.06
N UNK D 321 -6.36 -29.10 40.43
CA UNK D 321 -7.52 -28.92 41.27
C UNK D 321 -8.65 -28.50 40.38
N UNK D 322 -9.80 -29.13 40.54
CA UNK D 322 -10.93 -28.80 39.70
C UNK D 322 -11.69 -27.59 40.26
N UNK D 323 -11.09 -26.43 40.15
CA UNK D 323 -11.73 -25.22 40.65
C UNK D 323 -12.92 -24.95 39.78
N UNK D 324 -13.91 -24.31 40.35
CA UNK D 324 -15.10 -23.99 39.59
C UNK D 324 -14.66 -23.13 38.43
N UNK D 325 -13.71 -22.25 38.69
CA UNK D 325 -13.22 -21.41 37.62
C UNK D 325 -12.68 -22.36 36.58
N UNK D 326 -11.98 -23.40 37.04
CA UNK D 326 -11.39 -24.39 36.13
C UNK D 326 -10.38 -25.29 36.85
N UNK D 327 -9.47 -25.87 36.07
CA UNK D 327 -8.45 -26.77 36.61
C UNK D 327 -7.09 -26.10 36.78
N UNK D 328 -6.97 -25.23 37.78
CA UNK D 328 -5.73 -24.52 38.03
C UNK D 328 -4.81 -25.66 38.25
N UNK D 329 -3.61 -25.54 37.69
CA UNK D 329 -2.55 -26.51 37.85
C UNK D 329 -1.39 -25.76 38.46
N UNK D 330 -0.87 -26.28 39.55
CA UNK D 330 0.30 -25.73 40.18
C UNK D 330 1.27 -26.85 40.07
N UNK D 331 2.47 -26.53 39.62
CA UNK D 331 3.53 -27.48 39.55
C UNK D 331 4.55 -26.82 40.39
N UNK D 332 5.03 -27.51 41.41
CA UNK D 332 6.14 -27.08 42.21
C UNK D 332 7.00 -28.29 42.00
N UNK D 333 8.32 -28.08 41.91
CA UNK D 333 9.27 -29.16 41.92
C UNK D 333 10.42 -28.71 42.76
N UNK D 334 10.83 -29.49 43.73
CA UNK D 334 12.01 -29.14 44.50
C UNK D 334 12.49 -30.27 45.38
N UNK D 335 13.56 -29.81 46.04
CA UNK D 335 14.48 -30.47 46.93
C UNK D 335 14.81 -30.06 48.37
N UNK D 336 13.95 -30.40 49.33
CA UNK D 336 14.28 -30.13 50.73
C UNK D 336 14.77 -28.70 50.96
N UNK D 337 13.99 -27.73 50.53
CA UNK D 337 14.42 -26.35 50.61
C UNK D 337 14.82 -25.79 51.96
N UNK D 338 14.17 -26.19 53.04
CA UNK D 338 13.11 -27.16 53.04
C UNK D 338 11.95 -26.64 52.25
N UNK D 339 11.69 -25.33 52.30
CA UNK D 339 10.54 -24.79 51.58
C UNK D 339 10.78 -24.46 50.10
N UNK D 340 9.95 -25.05 49.24
CA UNK D 340 9.89 -24.91 47.76
C UNK D 340 11.08 -24.33 46.97
N UNK D 341 11.48 -24.98 45.88
CA UNK D 341 12.60 -24.41 45.16
C UNK D 341 12.06 -23.56 44.03
N UNK D 342 11.54 -24.21 42.98
CA UNK D 342 10.91 -23.48 41.83
C UNK D 342 9.55 -24.10 41.39
N UNK D 343 8.52 -23.25 41.37
CA UNK D 343 7.19 -23.59 40.85
C UNK D 343 6.67 -22.64 39.77
N UNK D 344 5.85 -23.15 38.88
CA UNK D 344 5.16 -22.29 37.93
C UNK D 344 3.68 -22.48 38.22
N UNK D 345 2.89 -21.44 37.96
CA UNK D 345 1.43 -21.50 38.06
C UNK D 345 0.77 -21.18 36.73
N UNK D 346 -0.16 -22.05 36.31
CA UNK D 346 -0.79 -21.97 35.01
C UNK D 346 -2.29 -21.86 35.16
N UNK D 347 -2.97 -20.97 34.47
CA UNK D 347 -4.40 -20.84 34.71
C UNK D 347 -5.19 -21.03 33.46
N UNK D 348 -6.48 -20.80 33.55
CA UNK D 348 -7.34 -21.04 32.41
C UNK D 348 -7.25 -19.89 31.46
N UNK D 349 -7.08 -18.71 32.04
CA UNK D 349 -7.03 -17.52 31.25
C UNK D 349 -5.92 -17.46 30.22
N UNK D 350 -4.70 -17.85 30.60
CA UNK D 350 -3.62 -17.76 29.64
C UNK D 350 -4.01 -18.62 28.46
N UNK D 351 -4.43 -19.84 28.75
CA UNK D 351 -4.87 -20.68 27.67
C UNK D 351 -6.02 -19.91 27.09
N UNK D 352 -7.04 -19.73 27.91
CA UNK D 352 -8.22 -19.03 27.49
C UNK D 352 -7.95 -17.76 26.70
N UNK D 353 -7.14 -16.87 27.25
CA UNK D 353 -6.91 -15.61 26.56
C UNK D 353 -6.39 -15.92 25.17
N UNK D 354 -5.50 -16.89 25.07
CA UNK D 354 -4.94 -17.24 23.78
C UNK D 354 -6.05 -17.71 22.88
N UNK D 355 -7.11 -18.21 23.51
CA UNK D 355 -8.25 -18.73 22.77
C UNK D 355 -8.93 -17.70 21.88
N UNK D 356 -8.96 -16.45 22.34
CA UNK D 356 -9.58 -15.37 21.58
C UNK D 356 -9.41 -15.45 20.07
N UNK D 357 -8.18 -15.60 19.61
CA UNK D 357 -7.94 -15.66 18.17
C UNK D 357 -8.86 -16.63 17.46
N UNK D 358 -8.97 -17.86 17.97
CA UNK D 358 -9.85 -18.81 17.34
C UNK D 358 -11.28 -18.41 17.57
N UNK D 359 -11.56 -18.06 18.80
CA UNK D 359 -12.90 -17.69 19.22
C UNK D 359 -13.47 -16.40 18.65
N UNK D 360 -12.62 -15.38 18.50
CA UNK D 360 -13.09 -14.06 18.09
C UNK D 360 -13.79 -13.87 16.75
N UNK D 361 -13.30 -14.51 15.70
CA UNK D 361 -13.87 -14.35 14.36
C UNK D 361 -15.38 -14.12 14.25
N UNK D 362 -15.75 -13.09 13.49
CA UNK D 362 -17.15 -12.76 13.22
C UNK D 362 -18.01 -12.08 14.29
N UNK D 363 -17.59 -10.93 14.77
CA UNK D 363 -18.48 -10.18 15.60
C UNK D 363 -18.30 -8.71 15.40
N UNK D 364 -19.36 -7.95 15.61
CA UNK D 364 -19.26 -6.51 15.75
C UNK D 364 -18.64 -6.35 17.12
N UNK D 365 -18.04 -5.20 17.38
CA UNK D 365 -17.29 -5.02 18.62
C UNK D 365 -18.03 -5.30 19.90
N UNK D 366 -19.30 -4.95 19.96
CA UNK D 366 -20.05 -5.20 21.18
C UNK D 366 -20.00 -6.68 21.47
N UNK D 367 -20.07 -7.48 20.43
CA UNK D 367 -20.04 -8.90 20.61
C UNK D 367 -18.76 -9.26 21.33
N UNK D 368 -17.69 -8.55 21.00
CA UNK D 368 -16.40 -8.87 21.59
C UNK D 368 -16.27 -8.79 23.11
N UNK D 369 -16.79 -7.74 23.74
CA UNK D 369 -16.66 -7.65 25.18
C UNK D 369 -17.44 -8.78 25.77
N UNK D 370 -18.60 -9.09 25.20
CA UNK D 370 -19.40 -10.16 25.74
C UNK D 370 -18.56 -11.40 25.64
N UNK D 371 -17.89 -11.55 24.50
CA UNK D 371 -17.02 -12.67 24.33
C UNK D 371 -15.97 -12.55 25.40
N UNK D 372 -15.59 -11.31 25.68
CA UNK D 372 -14.48 -11.03 26.60
C UNK D 372 -14.79 -11.56 27.97
N UNK D 373 -16.02 -11.38 28.41
CA UNK D 373 -16.42 -11.97 29.68
C UNK D 373 -16.91 -13.38 29.48
N UNK D 374 -17.15 -13.77 28.24
CA UNK D 374 -17.69 -15.10 28.03
C UNK D 374 -16.69 -16.05 28.60
N UNK D 375 -15.41 -15.80 28.31
CA UNK D 375 -14.32 -16.65 28.75
C UNK D 375 -14.17 -16.76 30.28
N UNK D 376 -14.74 -15.82 31.01
CA UNK D 376 -14.73 -15.88 32.46
C UNK D 376 -13.33 -15.77 33.03
N UNK D 377 -12.34 -15.84 32.17
CA UNK D 377 -10.98 -15.72 32.64
C UNK D 377 -10.87 -14.33 33.21
N UNK D 378 -10.22 -14.19 34.35
CA UNK D 378 -10.04 -12.89 34.96
C UNK D 378 -8.64 -12.49 34.59
N UNK D 379 -8.49 -11.31 34.03
CA UNK D 379 -7.17 -10.88 33.59
C UNK D 379 -6.27 -10.90 34.79
N UNK D 380 -6.79 -10.46 35.91
CA UNK D 380 -6.00 -10.47 37.12
C UNK D 380 -5.64 -11.91 37.38
N UNK D 381 -6.57 -12.80 37.09
CA UNK D 381 -6.35 -14.20 37.36
C UNK D 381 -5.18 -14.89 36.65
N UNK D 382 -4.95 -14.59 35.38
CA UNK D 382 -3.87 -15.29 34.67
C UNK D 382 -2.56 -14.59 34.40
N UNK D 383 -2.35 -13.37 34.92
CA UNK D 383 -1.09 -12.72 34.64
C UNK D 383 0.11 -13.37 35.30
N UNK D 384 -0.06 -13.85 36.52
CA UNK D 384 1.07 -14.46 37.22
C UNK D 384 1.75 -15.50 36.35
N UNK E 1 38.17 -25.26 111.20
CA UNK E 1 38.26 -25.34 109.75
C UNK E 1 39.70 -25.45 109.31
N UNK E 2 40.50 -26.08 110.17
CA UNK E 2 41.92 -26.29 109.93
C UNK E 2 42.34 -27.73 110.25
N UNK E 3 41.99 -28.68 109.39
CA UNK E 3 42.30 -30.07 109.68
C UNK E 3 43.76 -30.44 109.42
N UNK E 4 44.34 -31.22 110.33
CA UNK E 4 45.72 -31.67 110.21
C UNK E 4 45.78 -33.20 110.23
N UNK E 5 46.41 -33.78 109.22
CA UNK E 5 46.55 -35.23 109.10
C UNK E 5 47.96 -35.71 109.42
N UNK E 6 48.74 -34.82 110.02
CA UNK E 6 50.16 -35.09 110.35
C UNK E 6 50.58 -36.22 111.33
N UNK E 7 50.15 -36.14 112.59
CA UNK E 7 50.58 -37.14 113.58
C UNK E 7 50.19 -38.58 113.24
N UNK E 8 48.99 -38.77 112.74
CA UNK E 8 48.53 -40.09 112.36
C UNK E 8 48.94 -40.37 110.91
N UNK E 9 49.60 -39.40 110.30
CA UNK E 9 50.03 -39.45 108.91
C UNK E 9 50.98 -40.60 108.61
N UNK E 10 51.84 -40.93 109.56
CA UNK E 10 52.78 -42.01 109.32
C UNK E 10 51.95 -43.24 109.05
N UNK E 11 50.89 -43.42 109.82
CA UNK E 11 49.99 -44.54 109.59
C UNK E 11 49.44 -44.31 108.19
N UNK E 12 49.15 -43.05 107.92
CA UNK E 12 48.63 -42.60 106.64
C UNK E 12 49.66 -42.86 105.55
N UNK E 13 50.92 -42.69 105.91
CA UNK E 13 51.98 -42.84 104.94
C UNK E 13 51.94 -44.22 104.33
N UNK E 14 51.67 -45.25 105.13
CA UNK E 14 51.61 -46.59 104.58
C UNK E 14 50.60 -46.69 103.43
N UNK E 15 49.49 -46.00 103.61
CA UNK E 15 48.39 -46.00 102.68
C UNK E 15 48.98 -45.72 101.32
N UNK E 16 50.07 -44.98 101.35
CA UNK E 16 50.78 -44.57 100.16
C UNK E 16 51.27 -45.78 99.39
N UNK E 17 51.55 -46.85 100.11
CA UNK E 17 52.11 -48.07 99.53
C UNK E 17 51.24 -48.79 98.49
N UNK E 18 49.93 -48.79 98.66
CA UNK E 18 49.09 -49.85 98.11
C UNK E 18 49.09 -50.07 96.61
N UNK E 19 49.14 -48.99 95.85
CA UNK E 19 49.40 -49.00 94.41
C UNK E 19 50.88 -49.19 94.06
N UNK E 20 51.16 -49.38 92.77
CA UNK E 20 52.54 -49.56 92.31
C UNK E 20 52.96 -48.43 91.38
N UNK E 21 54.14 -47.88 91.62
CA UNK E 21 54.68 -46.82 90.78
C UNK E 21 53.74 -45.60 90.79
N UNK E 22 53.48 -45.08 89.60
CA UNK E 22 52.72 -43.87 89.41
C UNK E 22 51.28 -43.90 89.88
N UNK E 23 50.87 -42.74 90.34
CA UNK E 23 49.53 -42.45 90.83
C UNK E 23 49.42 -42.62 92.32
N UNK E 24 48.47 -41.88 92.86
CA UNK E 24 48.13 -41.92 94.27
C UNK E 24 46.61 -42.00 94.41
N UNK E 25 45.96 -42.27 93.29
CA UNK E 25 44.52 -42.39 93.31
C UNK E 25 44.14 -43.44 94.33
N UNK E 26 44.84 -44.57 94.30
CA UNK E 26 44.53 -45.67 95.22
C UNK E 26 44.50 -45.07 96.61
N UNK E 27 45.41 -44.14 96.88
CA UNK E 27 45.48 -43.48 98.17
C UNK E 27 44.18 -42.74 98.43
N UNK E 28 43.65 -42.08 97.40
CA UNK E 28 42.40 -41.35 97.52
C UNK E 28 41.43 -42.01 98.50
N UNK E 29 40.90 -43.17 98.12
CA UNK E 29 39.99 -43.92 98.96
C UNK E 29 40.54 -44.00 100.36
N UNK E 30 41.80 -44.37 100.44
CA UNK E 30 42.37 -44.59 101.75
C UNK E 30 42.34 -43.26 102.44
N UNK E 31 42.71 -42.23 101.71
CA UNK E 31 42.93 -40.96 102.36
C UNK E 31 41.64 -40.50 103.00
N UNK E 32 40.56 -40.48 102.26
CA UNK E 32 39.36 -39.90 102.82
C UNK E 32 39.07 -40.71 104.06
N UNK E 33 39.30 -42.01 103.95
CA UNK E 33 38.94 -42.90 105.01
C UNK E 33 39.70 -42.45 106.23
N UNK E 34 40.96 -42.12 106.06
CA UNK E 34 41.76 -41.74 107.20
C UNK E 34 41.10 -40.52 107.79
N UNK E 35 40.66 -39.62 106.93
CA UNK E 35 40.15 -38.36 107.39
C UNK E 35 38.90 -38.50 108.24
N UNK E 36 37.98 -39.36 107.87
CA UNK E 36 36.70 -39.36 108.55
C UNK E 36 37.00 -39.64 110.00
N UNK E 37 37.99 -40.50 110.21
CA UNK E 37 38.43 -40.77 111.56
C UNK E 37 38.96 -39.49 112.20
N UNK E 38 39.70 -38.70 111.44
CA UNK E 38 40.35 -37.52 112.02
C UNK E 38 39.37 -36.50 112.55
N UNK E 39 38.42 -36.10 111.73
CA UNK E 39 37.25 -35.45 112.19
C UNK E 39 36.22 -36.09 111.30
N UNK E 40 35.07 -36.36 111.89
CA UNK E 40 33.82 -36.55 111.19
C UNK E 40 33.22 -35.18 110.83
N UNK E 41 32.24 -35.14 109.95
CA UNK E 41 31.85 -33.84 109.39
C UNK E 41 33.07 -33.13 108.82
N UNK E 42 33.87 -33.84 108.04
CA UNK E 42 35.13 -33.33 107.51
C UNK E 42 34.87 -32.17 106.56
N UNK E 43 35.83 -31.24 106.43
CA UNK E 43 35.56 -29.99 105.73
C UNK E 43 36.51 -29.63 104.58
N UNK E 44 36.08 -28.76 103.71
CA UNK E 44 36.69 -28.64 102.41
C UNK E 44 38.16 -28.40 102.64
N UNK E 45 38.46 -27.63 103.66
CA UNK E 45 39.84 -27.23 103.89
C UNK E 45 40.61 -28.50 104.06
N UNK E 46 40.03 -29.44 104.78
CA UNK E 46 40.70 -30.69 105.01
C UNK E 46 40.92 -31.31 103.65
N UNK E 47 39.98 -31.20 102.75
CA UNK E 47 40.20 -31.92 101.51
C UNK E 47 41.45 -31.43 100.80
N UNK E 48 41.60 -30.11 100.73
CA UNK E 48 42.51 -29.55 99.77
C UNK E 48 43.94 -30.01 100.01
N UNK E 49 44.32 -29.94 101.29
CA UNK E 49 45.62 -30.36 101.79
C UNK E 49 45.74 -31.85 101.55
N UNK E 50 44.62 -32.55 101.72
CA UNK E 50 44.58 -33.99 101.51
C UNK E 50 44.96 -34.19 100.06
N UNK E 51 44.52 -33.27 99.22
CA UNK E 51 44.84 -33.31 97.80
C UNK E 51 46.36 -33.17 97.63
N UNK E 52 46.96 -32.29 98.44
CA UNK E 52 48.40 -32.08 98.38
C UNK E 52 49.10 -33.39 98.72
N UNK E 53 48.61 -34.07 99.75
CA UNK E 53 49.14 -35.37 100.14
C UNK E 53 48.79 -36.22 98.93
N UNK E 54 47.62 -35.95 98.39
CA UNK E 54 47.13 -36.66 97.21
C UNK E 54 47.87 -36.21 95.95
N UNK E 55 48.19 -34.92 95.86
CA UNK E 55 48.88 -34.42 94.69
C UNK E 55 47.96 -34.29 93.46
N UNK E 56 46.66 -34.16 93.70
CA UNK E 56 45.69 -34.01 92.61
C UNK E 56 44.82 -32.77 92.82
N UNK E 57 44.30 -32.21 91.73
CA UNK E 57 43.49 -30.99 91.81
C UNK E 57 42.23 -31.20 92.62
N UNK E 58 41.78 -30.15 93.31
CA UNK E 58 40.60 -30.33 94.17
C UNK E 58 39.35 -31.00 93.57
N UNK E 59 38.96 -30.52 92.40
CA UNK E 59 37.77 -31.06 91.79
C UNK E 59 37.97 -32.53 91.58
N UNK E 60 39.21 -32.94 91.32
CA UNK E 60 39.45 -34.34 91.06
C UNK E 60 39.08 -35.11 92.32
N UNK E 61 39.54 -34.62 93.46
CA UNK E 61 39.19 -35.20 94.76
C UNK E 61 37.69 -34.98 94.99
N UNK E 62 37.24 -33.80 94.57
CA UNK E 62 35.85 -33.37 94.71
C UNK E 62 34.90 -34.30 93.99
N UNK E 63 35.32 -34.78 92.82
CA UNK E 63 34.49 -35.71 92.06
C UNK E 63 34.35 -36.95 92.93
N UNK E 64 35.44 -37.30 93.60
CA UNK E 64 35.48 -38.45 94.50
C UNK E 64 34.53 -38.32 95.68
N UNK E 65 34.42 -37.11 96.23
CA UNK E 65 33.54 -36.89 97.39
C UNK E 65 32.07 -37.19 97.05
N UNK E 66 31.62 -36.76 95.88
CA UNK E 66 30.27 -37.02 95.42
C UNK E 66 29.86 -38.47 95.51
N UNK E 67 30.72 -39.27 94.89
CA UNK E 67 30.43 -40.64 94.53
C UNK E 67 30.30 -41.63 95.65
N UNK E 68 31.21 -41.57 96.62
CA UNK E 68 31.21 -42.56 97.67
C UNK E 68 30.21 -42.15 98.72
N UNK E 69 29.32 -43.05 99.03
CA UNK E 69 28.27 -42.73 99.97
C UNK E 69 28.92 -42.41 101.30
N UNK E 70 30.01 -43.10 101.59
CA UNK E 70 30.55 -43.16 102.92
C UNK E 70 30.98 -41.84 103.55
N UNK E 71 31.72 -41.01 102.83
CA UNK E 71 32.27 -39.80 103.44
C UNK E 71 31.12 -38.92 103.87
N UNK E 72 31.27 -38.23 105.00
CA UNK E 72 30.16 -37.41 105.51
C UNK E 72 30.47 -35.93 105.43
N UNK E 73 29.58 -35.16 104.81
CA UNK E 73 29.83 -33.75 104.60
C UNK E 73 29.94 -32.81 105.83
N UNK E 74 29.07 -32.95 106.82
CA UNK E 74 29.05 -31.96 107.91
C UNK E 74 29.39 -32.49 109.29
N UNK E 75 28.36 -32.94 110.00
CA UNK E 75 28.51 -33.60 111.31
C UNK E 75 27.37 -34.58 111.55
N UNK E 76 27.64 -35.61 112.34
CA UNK E 76 26.63 -36.61 112.61
C UNK E 76 26.64 -36.87 114.10
N UNK E 77 25.54 -37.39 114.63
CA UNK E 77 25.52 -37.76 116.04
C UNK E 77 26.60 -38.83 116.15
N UNK E 78 27.39 -38.80 117.22
CA UNK E 78 28.60 -39.61 117.28
C UNK E 78 28.10 -41.02 117.17
N UNK E 79 26.97 -41.22 117.81
CA UNK E 79 25.99 -42.20 117.44
C UNK E 79 25.47 -41.80 116.07
N UNK E 80 25.59 -42.70 115.09
CA UNK E 80 25.00 -42.44 113.79
C UNK E 80 24.21 -43.68 113.44
N UNK E 81 22.92 -43.62 113.72
CA UNK E 81 22.08 -44.79 113.58
C UNK E 81 21.73 -44.89 112.13
N UNK E 82 22.33 -45.88 111.47
CA UNK E 82 21.99 -46.12 110.08
C UNK E 82 20.81 -47.07 110.10
N UNK E 83 19.64 -46.60 109.68
CA UNK E 83 18.44 -47.44 109.71
C UNK E 83 17.99 -47.82 108.33
N CYS E 84 18.13 -49.10 108.02
CA CYS E 84 17.86 -49.56 106.67
C CYS E 84 16.41 -49.59 106.31
N UNK E 85 16.06 -48.92 105.22
CA UNK E 85 14.65 -48.81 104.84
C UNK E 85 14.28 -49.65 103.62
N UNK E 86 15.26 -50.36 103.08
CA UNK E 86 15.08 -51.12 101.86
C UNK E 86 14.15 -52.33 102.01
N UNK E 87 13.51 -52.72 100.91
CA UNK E 87 12.48 -53.75 100.85
C UNK E 87 12.60 -54.88 101.86
N UNK E 88 13.66 -55.66 101.72
CA UNK E 88 13.94 -56.81 102.56
C UNK E 88 13.68 -56.44 103.99
N CYS E 89 14.54 -55.57 104.50
CA CYS E 89 14.35 -55.02 105.83
C CYS E 89 12.87 -54.55 105.97
N UNK E 90 12.30 -53.97 104.92
CA UNK E 90 10.90 -53.56 104.97
C UNK E 90 10.14 -54.82 105.17
N UNK E 91 10.45 -55.80 104.34
CA UNK E 91 9.83 -57.10 104.50
C UNK E 91 9.90 -57.56 105.94
N UNK E 92 10.83 -56.98 106.70
CA UNK E 92 10.99 -57.29 108.11
C UNK E 92 9.99 -56.56 108.97
N UNK E 93 9.21 -55.69 108.36
CA UNK E 93 8.28 -54.88 109.13
C UNK E 93 9.08 -53.88 109.95
N UNK E 94 10.39 -53.98 109.77
CA UNK E 94 11.32 -53.14 110.43
C UNK E 94 10.72 -51.77 110.48
N UNK E 95 10.00 -51.37 109.44
CA UNK E 95 9.80 -49.96 109.26
C UNK E 95 9.17 -49.39 110.51
N UNK E 96 8.27 -50.17 111.09
CA UNK E 96 7.59 -49.80 112.31
C UNK E 96 8.58 -49.48 113.43
N UNK E 97 9.68 -50.23 113.50
CA UNK E 97 10.65 -49.99 114.56
C UNK E 97 11.23 -48.61 114.45
N UNK E 98 11.54 -48.20 113.22
CA UNK E 98 12.09 -46.87 113.01
C UNK E 98 11.07 -45.81 113.40
N UNK E 99 9.82 -46.01 113.00
CA UNK E 99 8.79 -45.04 113.32
C UNK E 99 8.60 -44.96 114.82
N UNK E 100 8.55 -46.12 115.46
CA UNK E 100 8.39 -46.14 116.90
C UNK E 100 9.64 -45.50 117.45
N UNK E 101 10.78 -45.87 116.87
CA UNK E 101 12.07 -45.37 117.31
C UNK E 101 12.20 -43.86 117.20
N UNK E 102 11.71 -43.31 116.10
CA UNK E 102 11.79 -41.89 115.87
C UNK E 102 11.06 -41.16 116.98
N UNK E 103 9.92 -41.70 117.36
CA UNK E 103 9.17 -41.06 118.41
C UNK E 103 10.04 -41.08 119.65
N UNK E 104 10.66 -42.22 119.91
CA UNK E 104 11.52 -42.35 121.07
C UNK E 104 12.75 -41.45 121.00
N UNK E 105 13.38 -41.43 119.84
CA UNK E 105 14.58 -40.63 119.63
C UNK E 105 14.38 -39.12 119.70
N UNK E 106 13.24 -38.63 119.18
CA UNK E 106 12.93 -37.19 119.26
C UNK E 106 13.11 -36.17 118.11
N UNK E 107 13.49 -36.56 116.90
CA UNK E 107 13.63 -35.58 115.80
C UNK E 107 13.03 -36.12 114.52
N UNK E 108 12.59 -35.27 113.56
CA UNK E 108 12.05 -35.96 112.40
C UNK E 108 13.11 -36.90 111.86
N UNK E 109 12.69 -37.98 111.20
CA UNK E 109 13.62 -38.96 110.65
C UNK E 109 14.84 -38.30 109.99
N UNK E 110 14.65 -37.09 109.49
CA UNK E 110 15.71 -36.34 108.84
C UNK E 110 16.76 -35.70 109.73
N UNK E 111 16.41 -35.39 110.97
CA UNK E 111 17.31 -34.63 111.84
C UNK E 111 18.09 -35.45 112.84
N UNK E 112 18.82 -34.75 113.71
CA UNK E 112 19.64 -35.37 114.76
C UNK E 112 19.41 -34.64 116.08
N UNK E 113 19.69 -35.32 117.17
CA UNK E 113 19.35 -34.75 118.46
C UNK E 113 20.12 -33.48 118.60
N UNK E 114 19.49 -32.50 119.21
CA UNK E 114 20.20 -31.29 119.56
C UNK E 114 21.33 -31.71 120.49
N UNK E 115 21.12 -32.81 121.20
CA UNK E 115 22.18 -33.43 121.98
C UNK E 115 23.35 -33.93 121.13
N UNK E 116 23.04 -34.42 119.94
CA UNK E 116 24.05 -34.57 118.90
C UNK E 116 24.94 -35.77 119.15
N UNK E 117 24.47 -36.68 119.98
CA UNK E 117 25.15 -37.95 120.12
C UNK E 117 24.80 -38.79 118.93
N UNK E 118 23.61 -38.56 118.40
CA UNK E 118 23.12 -39.34 117.30
C UNK E 118 22.89 -38.54 116.01
N UNK E 119 22.82 -39.25 114.90
CA UNK E 119 22.37 -38.67 113.64
C UNK E 119 21.76 -39.76 112.74
N UNK E 120 20.43 -39.81 112.74
CA UNK E 120 19.77 -40.83 111.97
C UNK E 120 20.06 -40.75 110.51
N UNK E 121 20.03 -41.91 109.90
CA UNK E 121 20.02 -41.95 108.47
C UNK E 121 18.91 -42.89 108.09
N UNK E 122 18.12 -42.47 107.10
CA UNK E 122 17.42 -43.39 106.24
C UNK E 122 18.58 -43.99 105.49
N UNK E 123 18.67 -45.30 105.42
CA UNK E 123 19.76 -45.91 104.71
C UNK E 123 19.09 -46.86 103.81
N UNK E 124 19.76 -47.15 102.71
CA UNK E 124 19.31 -48.17 101.82
C UNK E 124 20.04 -49.42 102.25
N CYS E 125 19.97 -50.45 101.42
CA CYS E 125 20.48 -51.76 101.78
C CYS E 125 21.78 -51.89 102.55
N UNK E 126 21.71 -52.45 103.75
CA UNK E 126 22.93 -52.55 104.54
C UNK E 126 23.70 -53.81 104.20
N UNK E 127 23.19 -54.57 103.24
CA UNK E 127 23.84 -55.80 102.84
C UNK E 127 23.85 -56.82 103.96
N UNK E 128 22.85 -56.74 104.83
CA UNK E 128 22.51 -57.86 105.70
C UNK E 128 20.99 -58.04 105.72
N CYS E 129 20.48 -58.77 104.73
CA CYS E 129 19.04 -58.98 104.62
C CYS E 129 18.52 -60.16 105.39
N UNK E 130 19.33 -61.18 105.50
CA UNK E 130 18.93 -62.35 106.25
C UNK E 130 18.81 -61.98 107.72
N UNK E 131 19.50 -60.91 108.10
CA UNK E 131 19.60 -60.52 109.49
C UNK E 131 18.62 -59.42 109.89
N UNK E 132 17.77 -59.04 108.95
CA UNK E 132 16.88 -57.90 109.17
C UNK E 132 15.91 -58.13 110.33
N UNK E 133 15.63 -57.09 111.11
CA UNK E 133 16.22 -55.76 110.93
C UNK E 133 17.72 -55.81 111.24
N UNK E 134 18.50 -55.02 110.50
CA UNK E 134 19.93 -54.85 110.85
C UNK E 134 20.18 -53.38 111.18
N UNK E 135 20.79 -53.05 112.31
CA UNK E 135 21.10 -51.64 112.60
C UNK E 135 22.62 -51.47 112.69
N UNK E 136 23.20 -50.53 111.93
CA UNK E 136 24.64 -50.30 112.03
C UNK E 136 24.85 -49.09 112.93
N UNK E 137 25.39 -49.31 114.12
CA UNK E 137 25.55 -48.21 115.03
C UNK E 137 27.00 -47.81 115.01
N UNK E 138 27.26 -46.58 114.59
CA UNK E 138 28.63 -46.12 114.50
C UNK E 138 29.40 -47.12 113.63
N UNK E 139 30.62 -47.46 114.04
CA UNK E 139 31.37 -48.47 113.32
C UNK E 139 30.65 -49.81 113.41
N UNK E 140 30.06 -50.07 114.58
CA UNK E 140 29.55 -51.38 114.99
C UNK E 140 28.24 -51.87 114.34
N UNK E 141 27.77 -53.09 114.72
CA UNK E 141 26.47 -53.72 114.24
C UNK E 141 25.33 -54.20 115.25
N UNK E 142 24.06 -53.89 114.98
CA UNK E 142 22.97 -54.46 115.77
C UNK E 142 21.97 -55.21 114.89
N UNK E 143 21.60 -56.42 115.30
CA UNK E 143 20.82 -57.31 114.45
C UNK E 143 19.42 -57.70 114.94
N UNK E 144 18.41 -57.47 114.10
CA UNK E 144 17.01 -57.75 114.43
C UNK E 144 16.68 -57.36 115.88
N UNK E 145 16.24 -56.12 116.06
CA UNK E 145 15.92 -55.60 117.39
C UNK E 145 14.45 -55.26 117.62
N UNK E 146 13.93 -55.74 118.75
CA UNK E 146 12.54 -55.51 119.14
C UNK E 146 12.31 -54.04 119.40
N UNK E 147 11.08 -53.55 119.22
CA UNK E 147 10.90 -52.13 119.45
C UNK E 147 11.34 -51.79 120.87
N UNK E 148 10.92 -52.60 121.83
CA UNK E 148 11.33 -52.37 123.21
C UNK E 148 12.84 -52.61 123.24
N UNK E 149 13.25 -53.66 122.54
CA UNK E 149 14.65 -54.05 122.45
C UNK E 149 15.47 -52.96 121.76
N UNK E 150 14.91 -52.38 120.72
CA UNK E 150 15.60 -51.32 119.99
C UNK E 150 15.80 -50.13 120.91
N UNK E 151 14.77 -49.83 121.70
CA UNK E 151 14.86 -48.72 122.62
C UNK E 151 15.96 -48.99 123.65
N UNK E 152 16.02 -50.23 124.12
CA UNK E 152 17.03 -50.61 125.10
C UNK E 152 18.42 -50.46 124.51
N UNK E 153 18.57 -50.85 123.25
CA UNK E 153 19.85 -50.76 122.56
C UNK E 153 20.28 -49.30 122.44
N UNK E 154 19.33 -48.43 122.13
CA UNK E 154 19.64 -47.00 122.01
C UNK E 154 20.09 -46.49 123.38
N UNK E 155 19.41 -46.98 124.40
CA UNK E 155 19.64 -46.64 125.79
C UNK E 155 21.11 -46.70 126.17
N UNK E 156 21.74 -47.84 125.97
CA UNK E 156 23.05 -48.08 126.56
C UNK E 156 24.09 -47.07 126.09
N UNK E 157 24.12 -46.79 124.80
CA UNK E 157 25.01 -45.78 124.27
C UNK E 157 24.55 -44.48 124.91
N UNK E 158 23.24 -44.36 125.07
CA UNK E 158 22.65 -43.11 125.50
C UNK E 158 23.26 -42.75 126.84
N UNK E 159 23.46 -43.74 127.68
CA UNK E 159 24.10 -43.52 128.96
C UNK E 159 25.43 -42.82 128.71
N UNK F 1 38.21 -69.76 114.34
CA UNK F 1 38.15 -68.60 113.46
C UNK F 1 39.52 -68.21 112.90
N UNK F 2 40.41 -67.80 113.77
CA UNK F 2 41.65 -67.18 113.35
C UNK F 2 42.54 -68.38 113.19
N UNK F 3 43.84 -68.19 113.12
CA UNK F 3 44.75 -69.11 112.43
C UNK F 3 44.54 -70.59 112.75
N UNK F 4 44.29 -70.92 114.02
CA UNK F 4 44.15 -72.32 114.40
C UNK F 4 42.95 -72.97 113.71
N UNK F 5 41.82 -72.28 113.73
CA UNK F 5 40.67 -72.75 112.98
C UNK F 5 41.16 -72.74 111.55
N UNK F 6 41.94 -71.72 111.21
CA UNK F 6 42.55 -71.64 109.89
C UNK F 6 43.51 -72.80 109.66
N UNK F 7 44.39 -73.04 110.62
CA UNK F 7 45.22 -74.23 110.56
C UNK F 7 44.28 -75.40 110.66
N UNK F 8 43.31 -75.28 111.56
CA UNK F 8 42.43 -76.37 111.97
C UNK F 8 41.58 -76.94 110.85
N UNK F 9 41.04 -76.07 110.01
CA UNK F 9 40.24 -76.51 108.90
C UNK F 9 41.15 -77.37 108.04
N UNK F 10 42.44 -77.06 108.08
CA UNK F 10 43.38 -77.77 107.23
C UNK F 10 43.16 -77.19 105.85
N UNK F 11 43.05 -75.87 105.79
CA UNK F 11 43.17 -75.15 104.55
C UNK F 11 44.65 -75.08 104.23
N UNK F 12 44.94 -75.07 102.94
CA UNK F 12 46.28 -74.83 102.43
C UNK F 12 47.08 -76.11 102.48
N UNK F 13 46.48 -77.16 103.03
CA UNK F 13 47.15 -78.47 103.05
C UNK F 13 47.31 -78.88 101.60
N UNK F 14 46.27 -78.55 100.83
CA UNK F 14 46.27 -78.69 99.40
C UNK F 14 47.34 -77.77 98.83
N UNK F 15 47.48 -76.61 99.46
CA UNK F 15 48.23 -75.50 98.92
C UNK F 15 49.61 -76.04 98.65
N UNK F 16 50.05 -76.90 99.55
CA UNK F 16 51.31 -77.58 99.41
C UNK F 16 51.16 -78.39 98.16
N UNK F 17 49.99 -79.00 98.03
CA UNK F 17 49.70 -79.75 96.84
C UNK F 17 49.76 -78.76 95.71
N UNK F 18 49.34 -77.54 96.01
CA UNK F 18 49.23 -76.49 95.02
C UNK F 18 50.59 -76.17 94.43
N UNK F 19 51.60 -76.15 95.28
CA UNK F 19 52.92 -75.73 94.84
C UNK F 19 53.35 -76.66 93.73
N UNK F 20 53.09 -77.94 93.93
CA UNK F 20 53.48 -78.94 92.95
C UNK F 20 52.76 -78.76 91.61
N UNK F 21 51.52 -78.28 91.67
CA UNK F 21 50.64 -78.23 90.52
C UNK F 21 51.33 -77.37 89.47
N UNK F 22 51.01 -77.44 88.19
CA UNK F 22 49.91 -78.18 87.63
C UNK F 22 48.85 -77.11 87.26
N UNK F 23 49.25 -75.82 87.23
CA UNK F 23 48.32 -74.72 86.96
C UNK F 23 47.65 -74.88 85.62
N UNK F 24 48.39 -75.14 84.53
CA UNK F 24 47.62 -75.42 83.34
C UNK F 24 46.73 -76.58 83.72
N UNK F 25 47.31 -77.51 84.48
CA UNK F 25 46.62 -78.71 84.95
C UNK F 25 45.47 -78.34 85.85
N UNK F 26 45.67 -77.33 86.67
CA UNK F 26 44.60 -76.84 87.52
C UNK F 26 43.47 -76.30 86.67
N UNK F 27 43.85 -75.46 85.69
CA UNK F 27 42.92 -74.62 84.92
C UNK F 27 41.94 -75.41 84.10
N UNK F 28 42.45 -76.42 83.42
CA UNK F 28 41.58 -77.39 82.80
C UNK F 28 40.84 -78.04 83.95
N UNK F 29 41.51 -78.10 85.10
CA UNK F 29 41.00 -78.85 86.23
C UNK F 29 39.64 -78.28 86.60
N UNK F 30 39.52 -76.97 86.55
CA UNK F 30 38.22 -76.32 86.74
C UNK F 30 37.24 -76.70 85.63
N UNK F 31 37.74 -76.77 84.41
CA UNK F 31 36.89 -76.96 83.25
C UNK F 31 36.15 -78.26 83.42
N UNK F 32 36.85 -79.26 83.94
CA UNK F 32 36.21 -80.53 84.29
C UNK F 32 35.18 -80.14 85.34
N UNK F 33 35.62 -79.26 86.22
CA UNK F 33 34.69 -78.62 87.09
C UNK F 33 33.76 -77.95 86.09
N UNK F 34 34.34 -77.51 84.99
CA UNK F 34 33.54 -76.78 84.05
C UNK F 34 32.96 -75.71 84.95
N UNK F 35 33.82 -75.01 85.67
CA UNK F 35 33.34 -73.99 86.60
C UNK F 35 32.80 -72.81 85.81
N UNK F 36 31.49 -72.59 85.96
CA UNK F 36 30.82 -71.41 85.46
C UNK F 36 30.92 -70.36 86.55
N UNK F 37 30.66 -69.11 86.21
CA UNK F 37 30.73 -68.04 87.21
C UNK F 37 29.67 -68.22 88.29
N UNK F 38 30.09 -68.07 89.55
CA UNK F 38 29.18 -68.22 90.69
C UNK F 38 28.34 -66.97 90.95
N UNK F 39 28.83 -65.81 90.52
CA UNK F 39 28.10 -64.57 90.71
C UNK F 39 26.77 -64.60 89.97
N UNK F 40 26.82 -65.13 88.75
CA UNK F 40 25.68 -65.23 87.85
C UNK F 40 26.04 -65.04 86.38
N UNK F 41 27.26 -64.59 86.09
CA UNK F 41 27.68 -64.40 84.70
C UNK F 41 27.66 -65.74 83.97
N UNK F 42 28.21 -66.74 84.63
CA UNK F 42 28.20 -68.12 84.12
C UNK F 42 29.32 -68.46 83.14
N UNK F 43 30.07 -67.46 82.69
CA UNK F 43 31.03 -67.75 81.65
C UNK F 43 31.95 -68.77 82.26
N UNK F 44 32.63 -69.56 81.45
CA UNK F 44 33.45 -70.61 82.02
C UNK F 44 34.44 -69.96 82.95
N UNK F 45 34.49 -70.47 84.17
CA UNK F 45 35.41 -69.91 85.15
C UNK F 45 36.78 -70.14 84.57
N UNK F 46 36.92 -71.34 84.04
CA UNK F 46 38.09 -71.71 83.29
C UNK F 46 38.11 -70.79 82.12
N UNK F 47 36.94 -70.56 81.55
CA UNK F 47 36.89 -69.72 80.40
C UNK F 47 37.40 -68.35 80.81
N UNK F 48 36.92 -67.82 81.93
CA UNK F 48 37.32 -66.47 82.25
C UNK F 48 38.83 -66.36 82.50
N UNK F 49 39.35 -67.24 83.34
CA UNK F 49 40.75 -67.16 83.68
C UNK F 49 41.55 -67.41 82.43
N UNK F 50 41.06 -68.36 81.66
CA UNK F 50 41.77 -68.87 80.51
C UNK F 50 41.99 -67.69 79.60
N UNK F 51 41.04 -66.77 79.68
CA UNK F 51 41.02 -65.63 78.81
C UNK F 51 42.32 -64.90 79.02
N UNK F 52 42.88 -65.00 80.22
CA UNK F 52 44.11 -64.28 80.45
C UNK F 52 45.20 -64.77 79.50
N UNK F 53 45.55 -66.04 79.56
CA UNK F 53 46.36 -66.62 78.51
C UNK F 53 47.44 -65.57 78.29
N UNK F 54 48.06 -65.12 79.35
CA UNK F 54 48.74 -63.84 79.32
C UNK F 54 49.90 -63.66 78.32
N UNK F 55 50.74 -64.68 78.15
CA UNK F 55 51.98 -64.50 77.41
C UNK F 55 52.76 -63.42 78.17
N UNK F 56 53.41 -62.52 77.46
CA UNK F 56 54.18 -61.48 78.14
C UNK F 56 53.72 -60.10 77.75
N UNK F 57 53.35 -59.30 78.76
CA UNK F 57 53.15 -57.85 78.59
C UNK F 57 54.00 -57.11 79.62
N UNK F 58 54.35 -55.86 79.39
CA UNK F 58 55.26 -55.23 80.32
C UNK F 58 54.65 -55.22 81.72
N UNK F 59 53.39 -54.83 81.83
CA UNK F 59 52.77 -54.65 83.13
C UNK F 59 52.46 -55.95 83.85
N UNK F 60 52.32 -55.85 85.16
CA UNK F 60 51.81 -56.97 85.94
C UNK F 60 50.32 -57.11 85.71
N UNK F 61 49.87 -58.35 85.75
CA UNK F 61 48.47 -58.66 85.75
C UNK F 61 48.04 -58.51 87.20
N UNK F 62 46.74 -58.47 87.44
CA UNK F 62 46.24 -58.59 88.79
C UNK F 62 44.91 -59.32 88.80
N UNK F 63 44.64 -60.02 89.89
CA UNK F 63 43.37 -60.68 90.07
C UNK F 63 42.77 -60.09 91.32
N UNK F 64 41.46 -59.92 91.33
CA UNK F 64 40.80 -59.52 92.54
C UNK F 64 39.49 -60.27 92.62
N UNK F 65 39.09 -60.62 93.82
CA UNK F 65 37.81 -61.26 93.98
C UNK F 65 36.94 -60.22 94.61
N UNK F 66 35.73 -60.06 94.13
CA UNK F 66 34.82 -59.24 94.90
C UNK F 66 34.81 -60.00 96.22
N UNK F 67 34.81 -59.25 97.30
CA UNK F 67 34.18 -59.60 98.53
C UNK F 67 32.90 -58.78 98.67
N UNK F 68 32.63 -57.88 97.73
CA UNK F 68 31.46 -57.04 97.93
C UNK F 68 30.27 -57.28 97.04
N UNK F 69 29.17 -57.67 97.67
CA UNK F 69 27.92 -57.88 96.99
C UNK F 69 26.86 -57.18 97.82
N UNK F 70 26.13 -56.26 97.21
CA UNK F 70 25.08 -55.55 97.93
C UNK F 70 23.71 -56.03 97.48
N UNK F 71 23.63 -56.85 96.46
CA UNK F 71 22.34 -57.40 96.01
C UNK F 71 21.12 -57.22 96.93
N UNK F 72 21.29 -56.64 98.11
CA UNK F 72 20.14 -56.51 98.98
C UNK F 72 19.90 -57.82 99.72
N UNK F 73 20.89 -58.69 99.73
CA UNK F 73 20.80 -59.91 100.51
C UNK F 73 20.03 -61.04 99.83
N UNK F 74 19.94 -62.20 100.47
CA UNK F 74 20.51 -62.44 101.80
C UNK F 74 22.01 -62.24 101.72
N UNK F 75 22.60 -61.69 102.78
CA UNK F 75 24.02 -61.46 102.75
C UNK F 75 24.82 -62.77 102.80
N UNK F 76 24.77 -63.57 101.74
CA UNK F 76 25.52 -64.80 101.75
C UNK F 76 26.99 -64.46 101.59
N UNK F 77 27.29 -63.51 100.72
CA UNK F 77 28.68 -63.23 100.44
C UNK F 77 29.34 -62.81 101.73
N UNK F 78 28.65 -61.98 102.51
CA UNK F 78 29.25 -61.50 103.74
C UNK F 78 29.51 -62.65 104.70
N UNK F 79 28.56 -63.56 104.82
CA UNK F 79 28.71 -64.62 105.80
C UNK F 79 29.94 -65.42 105.46
N UNK F 80 30.13 -65.67 104.17
CA UNK F 80 31.27 -66.45 103.73
C UNK F 80 32.52 -65.72 104.12
N UNK F 81 32.49 -64.40 103.99
CA UNK F 81 33.66 -63.62 104.31
C UNK F 81 33.93 -63.87 105.77
N UNK F 82 32.92 -63.83 106.64
CA UNK F 82 33.25 -64.01 108.06
C UNK F 82 33.79 -65.37 108.58
N UNK F 83 33.06 -66.46 108.36
CA UNK F 83 33.33 -67.66 109.15
C UNK F 83 34.72 -68.26 108.97
N UNK F 84 35.14 -68.45 107.73
CA UNK F 84 36.41 -69.08 107.49
C UNK F 84 37.19 -68.25 106.51
N UNK F 85 37.68 -67.12 106.98
CA UNK F 85 38.26 -66.15 106.07
C UNK F 85 39.44 -66.78 105.37
N UNK F 86 40.26 -67.49 106.11
CA UNK F 86 41.54 -67.88 105.59
C UNK F 86 41.26 -68.71 104.37
N UNK F 87 40.20 -69.49 104.45
CA UNK F 87 39.94 -70.46 103.42
C UNK F 87 39.78 -69.68 102.14
N UNK F 88 39.16 -68.53 102.27
CA UNK F 88 39.10 -67.63 101.14
C UNK F 88 40.51 -67.25 100.78
N UNK F 89 41.32 -66.98 101.80
CA UNK F 89 42.65 -66.46 101.54
C UNK F 89 43.44 -67.46 100.75
N UNK F 90 43.38 -68.71 101.15
CA UNK F 90 44.16 -69.74 100.51
C UNK F 90 43.71 -69.83 99.07
N UNK F 91 42.40 -69.76 98.89
CA UNK F 91 41.84 -69.90 97.55
C UNK F 91 42.41 -68.76 96.74
N UNK F 92 42.50 -67.59 97.35
CA UNK F 92 42.98 -66.43 96.67
C UNK F 92 44.41 -66.67 96.24
N UNK F 93 45.20 -67.19 97.17
CA UNK F 93 46.59 -67.42 96.85
C UNK F 93 46.67 -68.47 95.77
N UNK F 94 45.92 -69.54 95.95
CA UNK F 94 46.06 -70.67 95.05
C UNK F 94 45.65 -70.37 93.64
N UNK F 95 44.49 -69.76 93.47
CA UNK F 95 43.98 -69.55 92.14
C UNK F 95 44.88 -68.60 91.36
N UNK F 96 45.30 -67.56 92.07
CA UNK F 96 45.97 -66.42 91.48
C UNK F 96 47.25 -66.90 90.83
N UNK F 97 47.89 -67.85 91.48
CA UNK F 97 49.09 -68.43 90.93
C UNK F 97 48.69 -69.01 89.60
N UNK F 98 47.46 -69.49 89.50
CA UNK F 98 47.06 -70.11 88.27
C UNK F 98 47.09 -69.18 87.06
N UNK F 99 46.51 -68.01 87.26
CA UNK F 99 46.56 -66.93 86.29
C UNK F 99 48.00 -66.55 86.15
N UNK F 100 48.75 -66.67 87.24
CA UNK F 100 50.12 -66.20 87.28
C UNK F 100 50.15 -64.67 87.42
N UNK F 101 49.31 -64.11 88.29
CA UNK F 101 49.45 -62.73 88.74
C UNK F 101 50.35 -62.57 89.95
N UNK F 102 51.15 -61.51 89.97
CA UNK F 102 52.11 -61.28 91.05
C UNK F 102 51.43 -61.09 92.40
N UNK F 103 50.30 -60.40 92.43
CA UNK F 103 49.52 -60.24 93.66
C UNK F 103 48.07 -59.84 93.41
N UNK F 104 47.26 -59.87 94.46
CA UNK F 104 45.84 -59.62 94.32
C UNK F 104 45.33 -58.60 95.32
N UNK F 105 44.26 -57.94 94.94
CA UNK F 105 43.63 -56.98 95.79
C UNK F 105 42.18 -57.42 95.91
N UNK F 106 41.66 -57.43 97.12
CA UNK F 106 40.26 -57.72 97.32
C UNK F 106 39.58 -56.48 97.84
N UNK F 107 38.53 -56.02 97.18
CA UNK F 107 37.83 -54.81 97.60
C UNK F 107 36.54 -55.13 98.33
N UNK F 108 36.42 -54.72 99.59
CA UNK F 108 35.26 -55.13 100.40
C UNK F 108 33.99 -54.27 100.41
N UNK F 109 32.94 -54.82 101.00
CA UNK F 109 31.66 -54.13 101.11
C UNK F 109 31.81 -52.90 102.00
N UNK F 110 31.22 -51.80 101.59
CA UNK F 110 31.31 -50.55 102.34
C UNK F 110 30.71 -50.56 103.73
N UNK F 111 29.54 -51.17 103.88
CA UNK F 111 28.88 -51.19 105.18
C UNK F 111 29.73 -51.90 106.23
N UNK F 112 30.34 -53.01 105.84
CA UNK F 112 31.15 -53.76 106.77
C UNK F 112 32.36 -52.95 107.22
N UNK F 113 32.75 -53.15 108.48
CA UNK F 113 33.91 -52.48 109.06
C UNK F 113 34.57 -53.47 109.99
N UNK F 114 33.99 -53.62 111.16
CA UNK F 114 34.48 -54.57 112.13
C UNK F 114 34.53 -55.88 111.39
N UNK F 115 33.51 -56.11 110.57
CA UNK F 115 33.45 -57.33 109.81
C UNK F 115 34.65 -57.39 108.89
N UNK F 116 34.97 -56.26 108.28
CA UNK F 116 36.08 -56.26 107.33
C UNK F 116 37.38 -56.60 108.03
N UNK F 117 37.55 -56.13 109.25
CA UNK F 117 38.86 -56.19 109.90
C UNK F 117 39.38 -57.61 110.04
N UNK F 118 38.50 -58.52 110.39
CA UNK F 118 38.93 -59.87 110.67
C UNK F 118 39.59 -60.43 109.43
N UNK F 119 39.06 -60.07 108.27
CA UNK F 119 39.57 -60.62 107.02
C UNK F 119 41.02 -60.25 106.80
N UNK F 120 41.35 -58.99 107.02
CA UNK F 120 42.74 -58.59 106.89
C UNK F 120 43.56 -59.32 107.95
N UNK F 121 43.03 -59.34 109.17
CA UNK F 121 43.79 -59.89 110.29
C UNK F 121 44.11 -61.35 110.02
N UNK F 122 43.13 -62.08 109.49
CA UNK F 122 43.37 -63.44 109.04
C UNK F 122 44.38 -63.31 107.93
N UNK F 123 44.21 -62.25 107.14
CA UNK F 123 45.12 -61.94 106.06
C UNK F 123 46.50 -61.70 106.65
N UNK F 124 46.54 -61.02 107.80
CA UNK F 124 47.83 -60.73 108.44
C UNK F 124 48.54 -62.02 108.84
N UNK F 125 47.79 -62.95 109.42
CA UNK F 125 48.38 -64.21 109.84
C UNK F 125 49.03 -64.89 108.65
N UNK F 126 48.59 -64.56 107.44
CA UNK F 126 49.12 -65.19 106.24
C UNK F 126 50.62 -64.94 106.06
N UNK F 127 51.05 -63.70 106.22
CA UNK F 127 52.47 -63.42 106.12
C UNK F 127 53.06 -64.16 107.30
N UNK F 128 52.35 -64.05 108.43
CA UNK F 128 52.73 -64.69 109.67
C UNK F 128 52.69 -66.19 109.48
N UNK F 129 51.70 -66.65 108.73
CA UNK F 129 51.53 -68.07 108.46
C UNK F 129 52.76 -68.57 107.71
N UNK F 130 53.28 -67.74 106.80
CA UNK F 130 54.47 -68.10 106.03
C UNK F 130 54.19 -69.12 104.93
N UNK F 131 52.93 -69.28 104.55
CA UNK F 131 52.58 -70.25 103.51
C UNK F 131 53.21 -69.88 102.16
N UNK F 132 53.20 -68.60 101.84
CA UNK F 132 53.77 -68.14 100.58
C UNK F 132 53.97 -66.64 100.64
N UNK F 133 54.96 -66.16 99.88
CA UNK F 133 55.35 -64.76 99.82
C UNK F 133 56.79 -64.78 99.36
N UNK F 134 57.27 -63.70 98.76
CA UNK F 134 58.67 -63.67 98.30
C UNK F 134 58.86 -64.88 97.40
N UNK F 135 59.90 -65.65 97.67
CA UNK F 135 59.91 -67.00 97.17
C UNK F 135 58.81 -67.64 97.99
N UNK F 136 57.94 -68.42 97.37
CA UNK F 136 56.77 -68.85 98.11
C UNK F 136 56.37 -70.29 97.87
N UNK F 137 56.00 -70.97 98.94
CA UNK F 137 55.37 -72.25 98.81
C UNK F 137 56.15 -73.08 97.79
N UNK F 138 57.47 -72.91 97.78
CA UNK F 138 58.32 -73.63 96.86
C UNK F 138 57.83 -73.28 95.48
N UNK F 139 57.34 -72.03 95.35
CA UNK F 139 56.88 -71.48 94.08
C UNK F 139 57.32 -70.03 93.85
N UNK F 140 57.95 -69.87 92.70
CA UNK F 140 58.64 -68.67 92.32
C UNK F 140 57.63 -67.58 92.18
N UNK F 141 56.45 -67.89 91.67
CA UNK F 141 55.49 -66.80 91.47
C UNK F 141 55.18 -66.16 92.81
N UNK F 142 55.20 -64.83 92.81
CA UNK F 142 55.08 -64.01 94.01
C UNK F 142 53.68 -63.97 94.58
N UNK F 143 53.55 -63.58 95.84
CA UNK F 143 52.23 -63.45 96.41
C UNK F 143 52.10 -62.15 97.19
N UNK F 144 51.01 -61.45 96.95
CA UNK F 144 50.78 -60.20 97.65
C UNK F 144 49.29 -60.02 97.76
N UNK F 145 48.89 -59.40 98.86
CA UNK F 145 47.50 -59.15 99.15
C UNK F 145 47.34 -57.72 99.61
N UNK F 146 46.27 -57.11 99.15
CA UNK F 146 45.89 -55.80 99.59
C UNK F 146 44.39 -55.86 99.66
N UNK F 147 43.82 -55.27 100.71
CA UNK F 147 42.38 -55.16 100.81
C UNK F 147 42.03 -53.69 101.02
N UNK F 148 41.07 -53.17 100.27
CA UNK F 148 40.70 -51.76 100.38
C UNK F 148 39.28 -51.57 100.88
N UNK F 149 39.10 -50.77 101.91
CA UNK F 149 37.75 -50.50 102.40
C UNK F 149 37.02 -49.87 101.24
N UNK F 150 35.75 -49.51 101.41
CA UNK F 150 35.01 -48.95 100.28
C UNK F 150 34.10 -47.75 100.53
N UNK F 151 33.85 -47.00 99.46
CA UNK F 151 33.02 -45.79 99.47
C UNK F 151 31.57 -46.06 99.82
N UNK F 152 31.06 -47.19 99.30
CA UNK F 152 29.68 -47.71 99.47
C UNK F 152 28.80 -47.69 98.23
N UNK F 153 29.31 -48.22 97.12
CA UNK F 153 28.49 -48.26 95.89
C UNK F 153 27.87 -49.59 95.42
N UNK F 154 26.55 -49.62 95.49
CA UNK F 154 25.80 -50.70 94.88
C UNK F 154 26.14 -50.64 93.41
N UNK F 155 26.33 -49.42 92.93
CA UNK F 155 26.90 -49.16 91.63
C UNK F 155 28.30 -49.69 91.61
N UNK F 156 28.98 -49.60 92.74
CA UNK F 156 30.37 -50.05 92.77
C UNK F 156 30.41 -51.52 92.41
N UNK F 157 29.26 -52.17 92.54
CA UNK F 157 29.12 -53.58 92.20
C UNK F 157 29.43 -53.99 90.74
N UNK F 158 29.15 -53.12 89.78
CA UNK F 158 29.43 -53.46 88.39
C UNK F 158 30.91 -53.79 88.26
N UNK F 159 31.22 -54.79 87.44
CA UNK F 159 32.60 -55.22 87.27
C UNK F 159 33.46 -54.08 86.75
N UNK F 160 32.95 -53.32 85.79
CA UNK F 160 33.72 -52.20 85.28
C UNK F 160 33.89 -51.27 86.47
N UNK F 161 32.80 -51.10 87.21
CA UNK F 161 32.78 -50.25 88.40
C UNK F 161 33.68 -50.79 89.51
N UNK F 162 33.65 -52.11 89.70
CA UNK F 162 34.45 -52.73 90.74
C UNK F 162 35.94 -52.53 90.46
N UNK F 163 36.31 -52.72 89.21
CA UNK F 163 37.69 -52.52 88.79
C UNK F 163 37.97 -51.05 88.99
N UNK F 164 36.96 -50.25 88.65
CA UNK F 164 37.01 -48.80 88.77
C UNK F 164 37.09 -48.33 90.22
N UNK F 165 36.40 -49.02 91.13
CA UNK F 165 36.44 -48.60 92.54
C UNK F 165 37.89 -48.64 93.00
N UNK F 166 38.61 -49.69 92.62
CA UNK F 166 40.03 -49.80 92.89
C UNK F 166 40.60 -48.53 92.32
N UNK F 167 40.08 -48.14 91.15
CA UNK F 167 40.49 -46.92 90.49
C UNK F 167 40.16 -45.82 91.46
N UNK F 168 39.03 -46.00 92.13
CA UNK F 168 38.57 -45.03 93.11
C UNK F 168 38.39 -43.68 92.47
N UNK F 169 37.79 -43.65 91.28
CA UNK F 169 37.59 -42.38 90.62
C UNK F 169 36.31 -42.22 89.82
N UNK F 170 35.17 -42.13 90.51
CA UNK F 170 33.92 -41.89 89.81
C UNK F 170 33.50 -43.12 89.02
N UNK F 171 33.29 -44.20 89.76
CA UNK F 171 33.16 -45.50 89.18
C UNK F 171 32.04 -45.46 88.18
N UNK F 172 32.29 -46.11 87.06
CA UNK F 172 31.31 -46.32 86.01
C UNK F 172 31.87 -47.51 85.30
N UNK F 173 31.10 -48.08 84.38
CA UNK F 173 31.62 -49.12 83.49
C UNK F 173 32.67 -48.56 82.51
N UNK F 174 33.76 -49.28 82.31
CA UNK F 174 34.94 -48.66 81.68
C UNK F 174 34.75 -48.21 80.23
N UNK F 175 34.26 -49.16 79.45
CA UNK F 175 33.63 -49.01 78.16
C UNK F 175 33.49 -50.48 77.82
N UNK F 176 32.31 -50.99 77.51
CA UNK F 176 32.22 -52.42 77.31
C UNK F 176 33.08 -53.00 76.17
N UNK F 177 33.11 -52.34 75.03
CA UNK F 177 33.83 -52.90 73.91
C UNK F 177 35.27 -53.11 74.28
N UNK F 178 35.84 -52.17 75.02
CA UNK F 178 37.27 -52.06 75.12
C UNK F 178 37.92 -53.27 75.74
N UNK F 179 37.32 -53.82 76.78
CA UNK F 179 37.87 -55.04 77.36
C UNK F 179 37.62 -56.22 76.44
N UNK F 180 38.55 -57.18 76.38
CA UNK F 180 39.84 -57.18 77.12
C UNK F 180 39.70 -56.80 78.59
N UNK F 181 38.85 -57.52 79.31
CA UNK F 181 38.55 -57.19 80.68
C UNK F 181 39.80 -57.20 81.52
N UNK F 182 40.70 -58.12 81.24
CA UNK F 182 41.93 -58.17 82.01
C UNK F 182 42.74 -56.89 81.89
N UNK F 183 42.84 -56.34 80.69
CA UNK F 183 43.64 -55.13 80.49
C UNK F 183 42.82 -53.87 80.33
N UNK F 184 43.19 -52.80 81.03
CA UNK F 184 44.34 -52.78 81.94
C UNK F 184 44.04 -51.89 83.14
N UNK F 185 43.16 -52.39 83.98
CA UNK F 185 42.66 -51.75 85.19
C UNK F 185 43.77 -51.70 86.23
N UNK F 186 43.81 -50.61 86.96
CA UNK F 186 44.94 -50.40 87.82
C UNK F 186 46.13 -50.52 86.90
N UNK F 187 45.85 -50.23 85.63
CA UNK F 187 46.84 -50.08 84.58
C UNK F 187 47.34 -51.37 83.95
N UNK F 188 46.68 -52.48 84.20
CA UNK F 188 47.10 -53.71 83.53
C UNK F 188 46.14 -54.87 83.49
N UNK F 189 46.66 -56.03 83.09
CA UNK F 189 45.84 -57.21 82.97
C UNK F 189 45.25 -57.53 84.32
N UNK F 190 43.96 -57.85 84.31
CA UNK F 190 43.25 -58.18 85.53
C UNK F 190 41.87 -58.75 85.22
N UNK F 191 41.66 -59.96 85.70
CA UNK F 191 40.42 -60.69 85.53
C UNK F 191 39.74 -60.63 86.87
N UNK F 192 38.42 -60.76 86.90
CA UNK F 192 37.70 -60.67 88.16
C UNK F 192 36.63 -61.73 88.31
N UNK F 193 36.28 -62.06 89.55
CA UNK F 193 35.17 -62.96 89.80
C UNK F 193 34.58 -62.87 91.20
N UNK F 194 33.35 -63.36 91.36
CA UNK F 194 32.69 -63.37 92.64
C UNK F 194 33.43 -64.26 93.63
N UNK F 195 33.38 -63.88 94.90
CA UNK F 195 34.27 -64.40 95.92
C UNK F 195 34.09 -65.89 96.08
N UNK F 196 32.86 -66.35 96.02
CA UNK F 196 32.58 -67.76 96.26
C UNK F 196 33.37 -68.51 95.23
N UNK F 197 33.42 -67.94 94.03
CA UNK F 197 34.22 -68.53 92.97
C UNK F 197 35.68 -68.56 93.37
N UNK F 198 36.09 -67.48 94.01
CA UNK F 198 37.47 -67.31 94.39
C UNK F 198 37.89 -68.39 95.36
N UNK F 199 37.05 -68.66 96.34
CA UNK F 199 37.39 -69.65 97.35
C UNK F 199 36.97 -71.07 97.00
N UNK F 200 35.73 -71.23 96.59
CA UNK F 200 35.21 -72.57 96.40
C UNK F 200 36.13 -73.21 95.38
N UNK F 201 36.56 -72.43 94.40
CA UNK F 201 37.36 -72.97 93.34
C UNK F 201 38.61 -73.54 93.98
N UNK F 202 39.08 -72.93 95.04
CA UNK F 202 40.26 -73.48 95.71
C UNK F 202 40.04 -74.89 96.28
N UNK F 203 38.92 -75.11 96.94
CA UNK F 203 38.64 -76.42 97.53
C UNK F 203 38.45 -77.52 96.50
N UNK F 204 37.74 -77.19 95.42
CA UNK F 204 37.40 -78.18 94.42
C UNK F 204 38.69 -78.68 93.83
N UNK F 205 39.63 -77.78 93.61
CA UNK F 205 40.85 -78.21 92.98
C UNK F 205 41.52 -79.26 93.86
N UNK F 206 41.54 -79.01 95.16
CA UNK F 206 42.16 -79.95 96.09
C UNK F 206 41.40 -81.26 96.05
N UNK F 207 40.08 -81.16 96.05
CA UNK F 207 39.23 -82.33 95.94
C UNK F 207 39.29 -82.80 94.50
N UNK F 208 38.92 -84.04 94.25
CA UNK F 208 38.89 -84.51 92.87
C UNK F 208 37.78 -83.65 92.26
N UNK F 209 37.92 -83.29 90.99
CA UNK F 209 36.94 -82.43 90.33
C UNK F 209 35.54 -83.03 90.28
N UNK F 210 35.48 -84.34 90.10
CA UNK F 210 34.20 -85.03 89.99
C UNK F 210 33.28 -84.94 91.19
N UNK F 211 33.81 -85.00 92.41
CA UNK F 211 32.93 -84.99 93.56
C UNK F 211 32.07 -83.73 93.64
N UNK F 212 32.69 -82.57 93.48
CA UNK F 212 31.91 -81.34 93.49
C UNK F 212 31.06 -81.22 92.23
N UNK F 213 31.70 -81.49 91.10
CA UNK F 213 31.10 -81.39 89.78
C UNK F 213 29.94 -82.35 89.52
N UNK F 214 30.06 -83.58 90.01
CA UNK F 214 29.03 -84.58 89.78
C UNK F 214 27.71 -84.11 90.38
N UNK F 215 27.79 -83.47 91.53
CA UNK F 215 26.60 -82.98 92.20
C UNK F 215 25.67 -82.01 91.43
N UNK F 216 24.46 -82.50 91.16
CA UNK F 216 23.35 -81.80 90.53
C UNK F 216 23.17 -82.02 89.03
N UNK F 217 22.09 -81.44 88.50
CA UNK F 217 21.80 -81.48 87.08
C UNK F 217 22.80 -80.63 86.33
N UNK F 218 23.16 -81.17 85.14
CA UNK F 218 24.28 -80.76 84.29
C UNK F 218 24.02 -79.40 83.69
N UNK F 219 22.84 -78.86 83.97
CA UNK F 219 22.57 -77.45 83.81
C UNK F 219 23.44 -76.64 84.78
N UNK F 220 23.53 -77.14 86.01
CA UNK F 220 24.30 -76.49 87.06
C UNK F 220 25.34 -77.46 87.61
N UNK F 221 26.57 -76.97 87.80
CA UNK F 221 27.68 -77.80 88.28
C UNK F 221 27.93 -77.62 89.77
N UNK F 222 28.00 -78.73 90.50
CA UNK F 222 28.32 -78.73 91.93
C UNK F 222 27.34 -78.01 92.88
N UNK F 223 27.84 -77.15 93.76
CA UNK F 223 27.11 -76.68 94.94
C UNK F 223 27.05 -75.16 95.10
N UNK F 224 26.08 -74.70 95.89
CA UNK F 224 25.74 -73.29 95.98
C UNK F 224 25.32 -72.90 97.40
N UNK F 225 25.56 -71.65 97.77
CA UNK F 225 25.09 -71.15 99.05
C UNK F 225 23.75 -70.50 98.82
N UNK F 226 22.67 -71.15 99.24
CA UNK F 226 21.37 -70.53 99.07
C UNK F 226 21.03 -69.79 100.34
N UNK F 227 20.39 -68.65 100.21
CA UNK F 227 19.92 -67.94 101.37
C UNK F 227 18.53 -67.38 101.13
N UNK F 228 17.74 -67.32 102.19
CA UNK F 228 16.34 -66.97 102.02
C UNK F 228 15.94 -65.95 103.06
N UNK F 229 15.08 -65.03 102.62
CA UNK F 229 14.38 -64.11 103.50
C UNK F 229 12.94 -64.01 103.00
N UNK F 230 12.02 -64.03 103.95
CA UNK F 230 10.63 -64.28 103.67
C UNK F 230 9.79 -64.00 104.90
N UNK F 231 8.48 -63.95 104.70
CA UNK F 231 7.56 -63.91 105.82
C UNK F 231 7.34 -65.35 106.25
N UNK F 232 8.39 -65.95 106.78
CA UNK F 232 8.35 -67.33 107.27
C UNK F 232 9.31 -67.47 108.45
N UNK F 233 9.12 -68.51 109.25
CA UNK F 233 9.77 -68.57 110.54
C UNK F 233 11.27 -68.60 110.37
N UNK F 234 11.76 -69.35 109.40
CA UNK F 234 13.20 -69.50 109.24
C UNK F 234 13.72 -68.77 108.02
N UNK F 235 14.72 -67.91 108.24
CA UNK F 235 15.41 -67.24 107.16
C UNK F 235 16.91 -67.39 107.39
N UNK F 236 17.71 -67.47 106.33
CA UNK F 236 19.13 -67.61 106.60
C UNK F 236 19.89 -68.30 105.49
N UNK F 237 21.11 -68.73 105.80
CA UNK F 237 21.96 -69.40 104.81
C UNK F 237 21.98 -70.91 104.99
N UNK F 238 21.76 -71.60 103.88
CA UNK F 238 21.76 -73.03 103.83
C UNK F 238 22.61 -73.42 102.63
N UNK F 239 23.74 -74.07 102.91
CA UNK F 239 24.64 -74.50 101.86
C UNK F 239 24.09 -75.77 101.24
N UNK F 240 23.65 -75.66 99.99
CA UNK F 240 22.92 -76.74 99.33
C UNK F 240 23.37 -76.93 97.89
N UNK F 241 23.15 -78.16 97.41
CA UNK F 241 23.43 -78.61 96.05
C UNK F 241 22.52 -77.88 95.05
N UNK F 242 23.06 -77.57 93.87
CA UNK F 242 22.28 -76.96 92.80
C UNK F 242 21.22 -77.95 92.31
N UNK F 243 20.06 -77.44 91.92
CA UNK F 243 19.00 -78.27 91.35
C UNK F 243 17.94 -78.92 92.25
N UNK F 244 17.91 -78.56 93.52
CA UNK F 244 16.90 -79.05 94.47
C UNK F 244 15.52 -78.36 94.43
N UNK F 245 14.52 -78.99 95.07
CA UNK F 245 13.15 -78.49 95.16
C UNK F 245 13.04 -77.16 95.89
N UNK F 246 12.37 -76.20 95.27
CA UNK F 246 12.14 -74.91 95.92
C UNK F 246 11.26 -75.07 97.16
N UNK F 247 10.18 -75.80 96.94
CA UNK F 247 9.22 -76.15 97.97
C UNK F 247 9.95 -76.99 99.00
N UNK F 248 10.84 -77.85 98.53
CA UNK F 248 11.72 -78.61 99.41
C UNK F 248 12.62 -77.63 100.15
N UNK F 249 13.07 -76.61 99.42
CA UNK F 249 13.84 -75.53 99.99
C UNK F 249 12.95 -74.81 100.98
N UNK F 250 11.68 -74.68 100.62
CA UNK F 250 10.73 -73.99 101.48
C UNK F 250 10.64 -74.74 102.79
N UNK F 251 10.66 -76.06 102.71
CA UNK F 251 10.65 -76.98 103.85
C UNK F 251 11.88 -76.88 104.72
N UNK F 252 13.05 -76.74 104.10
CA UNK F 252 14.26 -76.52 104.85
C UNK F 252 14.12 -75.22 105.62
N UNK F 253 13.53 -74.23 104.96
CA UNK F 253 13.27 -72.92 105.55
C UNK F 253 12.30 -73.03 106.71
N UNK F 254 11.38 -73.98 106.57
CA UNK F 254 10.21 -74.06 107.43
C UNK F 254 9.46 -72.75 107.24
N UNK F 255 9.39 -72.30 105.99
CA UNK F 255 8.85 -70.99 105.66
C UNK F 255 7.39 -70.85 106.08
N UNK F 256 7.04 -69.67 106.60
CA UNK F 256 5.74 -69.44 107.17
C UNK F 256 4.89 -68.48 106.33
N UNK F 257 3.65 -68.87 106.02
CA UNK F 257 3.10 -70.18 106.41
C UNK F 257 2.66 -71.00 105.20
N UNK F 258 3.23 -72.20 105.08
CA UNK F 258 2.83 -73.12 104.03
C UNK F 258 3.44 -72.65 102.73
N UNK F 259 3.15 -73.37 101.65
CA UNK F 259 3.41 -72.86 100.32
C UNK F 259 3.53 -73.95 99.26
N UNK F 260 2.69 -73.80 98.26
CA UNK F 260 1.79 -72.67 98.29
C UNK F 260 0.89 -72.88 99.48
N UNK F 261 0.59 -71.81 100.22
CA UNK F 261 -0.39 -71.88 101.28
C UNK F 261 -0.40 -70.71 102.26
N UNK F 262 -1.41 -69.86 102.21
CA UNK F 262 -1.69 -69.05 103.38
C UNK F 262 -0.39 -68.48 103.97
N UNK F 263 0.35 -67.71 103.18
CA UNK F 263 -0.20 -66.96 102.07
C UNK F 263 0.76 -66.73 100.91
N UNK F 264 0.18 -66.18 99.84
CA UNK F 264 0.86 -65.92 98.58
C UNK F 264 1.71 -64.65 98.69
N UNK F 265 2.35 -64.22 97.60
CA UNK F 265 2.25 -64.91 96.31
C UNK F 265 3.52 -65.26 95.55
N UNK F 266 4.58 -64.47 95.68
CA UNK F 266 5.65 -64.64 94.68
C UNK F 266 6.97 -64.64 95.30
N UNK F 267 7.96 -65.12 94.60
CA UNK F 267 9.29 -65.14 95.15
C UNK F 267 10.21 -64.62 94.08
N UNK F 268 11.20 -63.84 94.46
CA UNK F 268 12.16 -63.35 93.49
C UNK F 268 13.36 -64.23 93.80
N UNK F 269 13.62 -65.13 92.87
CA UNK F 269 14.46 -66.26 93.10
C UNK F 269 15.96 -66.06 93.35
N UNK F 270 16.60 -65.31 92.46
CA UNK F 270 18.04 -64.99 92.53
C UNK F 270 18.33 -64.11 93.73
N UNK F 271 17.84 -62.89 93.63
CA UNK F 271 17.98 -61.87 94.65
C UNK F 271 16.74 -61.01 94.50
N UNK F 272 16.82 -59.99 93.64
CA UNK F 272 15.64 -59.17 93.45
C UNK F 272 15.42 -59.05 91.95
N UNK F 273 16.51 -58.93 91.21
CA UNK F 273 16.45 -58.62 89.79
C UNK F 273 15.74 -59.61 88.86
N UNK F 274 15.96 -60.92 89.01
CA UNK F 274 15.41 -61.82 88.03
C UNK F 274 13.91 -61.76 88.11
N UNK F 275 13.20 -62.30 87.12
CA UNK F 275 11.76 -62.20 87.11
C UNK F 275 11.17 -62.84 88.35
N UNK F 276 10.18 -62.18 88.94
CA UNK F 276 9.43 -62.75 90.07
C UNK F 276 8.61 -63.94 89.59
N UNK F 277 8.09 -64.70 90.55
CA UNK F 277 7.25 -65.86 90.26
C UNK F 277 5.81 -65.65 90.73
N UNK F 278 5.06 -66.75 90.71
CA UNK F 278 3.66 -66.77 91.11
C UNK F 278 3.46 -68.04 91.91
N UNK F 279 2.34 -68.15 92.61
CA UNK F 279 2.10 -69.33 93.43
C UNK F 279 2.13 -70.58 92.57
N UNK F 280 1.52 -70.52 91.40
CA UNK F 280 1.50 -71.67 90.51
C UNK F 280 2.92 -72.01 90.06
N UNK F 281 3.69 -70.97 89.80
CA UNK F 281 5.05 -71.10 89.33
C UNK F 281 6.01 -71.79 90.31
N UNK F 282 5.78 -71.57 91.59
CA UNK F 282 6.65 -72.07 92.64
C UNK F 282 6.86 -73.59 92.62
N UNK F 283 5.85 -74.34 92.20
CA UNK F 283 5.98 -75.79 92.17
C UNK F 283 7.12 -76.17 91.24
N UNK F 284 7.45 -75.30 90.29
CA UNK F 284 8.49 -75.56 89.29
C UNK F 284 9.94 -75.79 89.74
N UNK F 285 10.44 -75.06 90.73
CA UNK F 285 11.82 -75.24 91.17
C UNK F 285 12.09 -76.46 92.05
N UNK F 286 13.15 -77.22 91.77
CA UNK F 286 14.07 -76.99 90.66
C UNK F 286 14.72 -75.61 90.66
N UNK F 287 15.84 -75.46 91.35
CA UNK F 287 16.45 -74.14 91.39
C UNK F 287 17.77 -74.08 90.65
N UNK F 288 18.00 -75.04 89.76
CA UNK F 288 19.20 -75.03 88.95
C UNK F 288 19.14 -73.77 88.10
N UNK F 289 20.28 -73.11 87.92
CA UNK F 289 20.31 -71.79 87.30
C UNK F 289 19.75 -71.85 85.89
N UNK F 290 20.13 -72.89 85.16
CA UNK F 290 19.67 -73.09 83.81
C UNK F 290 18.16 -73.24 83.88
N UNK F 291 17.68 -73.86 84.94
CA UNK F 291 16.25 -74.11 85.10
C UNK F 291 15.46 -72.81 85.15
N UNK F 292 15.99 -71.82 85.85
CA UNK F 292 15.29 -70.56 85.99
C UNK F 292 14.99 -69.87 84.66
N UNK F 293 15.99 -69.81 83.78
CA UNK F 293 15.88 -68.93 82.62
C UNK F 293 14.68 -69.31 81.82
N UNK F 294 14.51 -70.61 81.59
CA UNK F 294 13.45 -71.08 80.71
C UNK F 294 12.17 -70.57 81.31
N UNK F 295 12.13 -70.58 82.63
CA UNK F 295 11.02 -69.98 83.32
C UNK F 295 10.96 -68.54 82.92
N UNK F 296 12.09 -67.99 82.50
CA UNK F 296 12.29 -66.60 82.68
C UNK F 296 12.74 -66.39 84.13
N UNK F 297 12.94 -67.48 84.88
CA UNK F 297 13.55 -67.36 86.17
C UNK F 297 14.97 -67.09 85.77
N UNK F 298 15.76 -66.80 86.81
CA UNK F 298 17.16 -66.50 86.75
C UNK F 298 17.62 -66.18 88.16
N UNK F 299 17.70 -67.18 89.02
CA UNK F 299 18.10 -66.95 90.39
C UNK F 299 19.61 -66.88 90.49
N UNK F 300 20.18 -65.85 89.86
CA UNK F 300 21.62 -65.66 89.87
C UNK F 300 22.19 -65.37 91.25
N UNK F 301 21.50 -64.54 92.01
CA UNK F 301 21.96 -64.21 93.36
C UNK F 301 21.96 -65.41 94.29
N UNK F 302 20.93 -66.25 94.17
CA UNK F 302 20.83 -67.43 95.01
C UNK F 302 20.41 -67.02 96.42
N UNK F 303 19.60 -65.97 96.48
CA UNK F 303 19.11 -65.43 97.75
C UNK F 303 17.68 -65.12 97.38
N UNK F 304 16.81 -65.91 97.94
CA UNK F 304 15.40 -65.83 97.64
C UNK F 304 14.77 -64.71 98.45
N UNK F 305 13.78 -64.04 97.87
CA UNK F 305 12.91 -63.22 98.70
C UNK F 305 11.50 -63.72 98.51
N UNK F 306 10.90 -64.09 99.63
CA UNK F 306 9.52 -64.49 99.60
C UNK F 306 8.73 -63.22 99.81
N UNK F 307 7.85 -62.94 98.87
CA UNK F 307 6.96 -61.80 98.99
C UNK F 307 5.55 -62.31 99.17
N UNK F 308 5.03 -62.07 100.37
CA UNK F 308 3.82 -62.68 100.91
C UNK F 308 2.56 -62.24 100.22
N UNK F 309 1.56 -63.12 100.23
CA UNK F 309 0.29 -62.86 99.56
C UNK F 309 -0.46 -61.66 100.15
N UNK F 310 -0.43 -61.51 101.48
CA UNK F 310 -1.21 -60.44 102.09
C UNK F 310 -0.43 -59.14 102.07
N UNK F 311 -0.25 -58.60 100.86
CA UNK F 311 0.43 -57.32 100.67
C UNK F 311 0.10 -56.67 99.32
N UNK F 312 0.37 -55.38 99.17
CA UNK F 312 0.10 -54.74 97.90
C UNK F 312 1.23 -55.12 96.96
N UNK F 313 0.90 -55.63 95.77
CA UNK F 313 1.93 -56.03 94.81
C UNK F 313 2.73 -54.80 94.39
N UNK F 314 2.03 -53.71 94.14
CA UNK F 314 2.64 -52.45 93.75
C UNK F 314 3.49 -51.92 94.89
N UNK F 315 2.99 -52.12 96.11
CA UNK F 315 3.65 -51.65 97.32
C UNK F 315 5.05 -52.21 97.61
N UNK F 316 5.27 -53.50 97.39
CA UNK F 316 6.60 -54.03 97.68
C UNK F 316 7.58 -53.79 96.54
N UNK F 317 7.12 -54.03 95.32
CA UNK F 317 7.98 -53.89 94.16
C UNK F 317 8.42 -52.44 94.02
N UNK F 318 7.48 -51.54 94.29
CA UNK F 318 7.73 -50.11 94.20
C UNK F 318 8.79 -49.69 95.20
N UNK F 319 8.68 -50.20 96.42
CA UNK F 319 9.65 -49.85 97.44
C UNK F 319 11.00 -50.35 96.96
N UNK F 320 10.97 -51.51 96.33
CA UNK F 320 12.16 -52.15 95.78
C UNK F 320 12.88 -51.32 94.71
N UNK F 321 12.14 -50.69 93.82
CA UNK F 321 12.80 -49.95 92.74
C UNK F 321 13.68 -48.81 93.27
N UNK F 322 13.14 -48.09 94.24
CA UNK F 322 13.80 -46.97 94.89
C UNK F 322 15.26 -47.30 94.98
N UNK F 323 15.54 -48.53 95.41
CA UNK F 323 16.92 -48.89 95.67
C UNK F 323 17.60 -48.73 94.35
N UNK F 324 16.92 -49.17 93.31
CA UNK F 324 17.37 -48.92 91.97
C UNK F 324 17.39 -47.40 91.84
N UNK F 325 16.47 -46.74 92.53
CA UNK F 325 16.41 -45.31 92.48
C UNK F 325 17.70 -44.71 93.04
N UNK F 326 18.17 -45.24 94.15
CA UNK F 326 19.39 -44.75 94.75
C UNK F 326 20.56 -45.01 93.85
N UNK F 327 20.41 -46.08 93.10
CA UNK F 327 21.46 -46.80 92.41
C UNK F 327 22.24 -46.08 91.33
N UNK F 328 21.57 -45.27 90.53
CA UNK F 328 22.14 -44.84 89.26
C UNK F 328 23.49 -44.22 89.48
N CYS F 329 24.44 -44.58 88.64
CA CYS F 329 25.79 -44.16 88.87
C CYS F 329 26.01 -42.91 88.23
N UNK F 330 25.26 -42.80 87.18
CA UNK F 330 25.31 -41.58 86.41
C UNK F 330 25.95 -41.64 85.04
N UNK F 331 26.71 -42.70 84.76
CA UNK F 331 27.45 -42.78 83.50
C UNK F 331 26.57 -42.71 82.24
N CYS F 332 25.39 -43.33 82.25
CA CYS F 332 24.48 -43.23 81.11
C CYS F 332 23.55 -42.05 81.25
N UNK F 333 23.42 -41.27 80.18
CA UNK F 333 22.51 -40.12 80.23
C UNK F 333 21.07 -40.60 80.41
N UNK F 334 20.73 -41.67 79.70
CA UNK F 334 19.38 -42.25 79.74
C UNK F 334 18.89 -42.84 81.06
N CYS F 335 19.75 -43.57 81.78
CA CYS F 335 19.35 -44.20 83.04
C CYS F 335 18.88 -43.20 84.13
N UNK F 336 19.27 -41.92 84.02
CA UNK F 336 18.82 -40.91 84.98
C UNK F 336 17.31 -40.93 84.81
N UNK F 337 16.91 -40.99 83.54
CA UNK F 337 15.56 -41.22 83.10
C UNK F 337 15.17 -42.54 83.69
N UNK F 338 16.13 -43.47 83.67
CA UNK F 338 15.79 -44.84 83.94
C UNK F 338 15.20 -44.89 85.31
N UNK F 339 15.94 -44.42 86.29
CA UNK F 339 15.35 -44.44 87.60
C UNK F 339 14.18 -43.51 87.56
N UNK F 340 14.42 -42.33 87.04
CA UNK F 340 13.39 -41.40 87.18
C UNK F 340 12.26 -42.24 86.73
N UNK F 341 12.10 -42.13 85.45
CA UNK F 341 10.82 -42.29 84.80
C UNK F 341 10.07 -43.30 85.60
N UNK F 342 10.74 -44.39 85.95
CA UNK F 342 10.06 -45.46 86.63
C UNK F 342 9.53 -45.05 88.00
N UNK F 343 10.46 -44.50 88.79
CA UNK F 343 10.23 -44.29 90.19
C UNK F 343 9.11 -43.33 90.40
N UNK F 344 9.16 -42.20 89.69
CA UNK F 344 8.08 -41.25 89.80
C UNK F 344 6.89 -41.98 89.23
N UNK F 345 7.13 -42.67 88.13
CA UNK F 345 6.07 -43.38 87.48
C UNK F 345 5.60 -44.40 88.47
N UNK F 346 6.54 -45.02 89.15
CA UNK F 346 6.18 -46.14 89.98
C UNK F 346 5.22 -45.70 91.07
N UNK F 347 5.49 -44.53 91.62
CA UNK F 347 4.76 -44.05 92.78
C UNK F 347 3.30 -43.88 92.47
N UNK F 348 3.00 -43.41 91.28
CA UNK F 348 1.63 -43.07 90.97
C UNK F 348 0.81 -44.34 91.12
N UNK F 349 1.34 -45.45 90.64
CA UNK F 349 0.59 -46.68 90.71
C UNK F 349 0.35 -47.04 92.17
N UNK F 350 1.37 -46.86 92.99
CA UNK F 350 1.31 -47.22 94.39
C UNK F 350 0.26 -46.43 95.15
N UNK F 351 0.20 -45.13 94.85
CA UNK F 351 -0.82 -44.25 95.38
C UNK F 351 -2.15 -44.71 94.83
N UNK F 352 -2.12 -45.14 93.57
CA UNK F 352 -3.30 -45.61 92.86
C UNK F 352 -4.09 -44.49 92.16
N UNK F 353 -3.60 -43.27 92.23
CA UNK F 353 -4.10 -42.17 91.39
C UNK F 353 -4.20 -42.40 89.86
N UNK F 354 -3.22 -43.07 89.26
CA UNK F 354 -3.07 -43.15 87.79
C UNK F 354 -4.05 -44.06 86.99
N UNK F 355 -4.22 -43.67 85.74
CA UNK F 355 -5.22 -44.21 84.81
C UNK F 355 -4.76 -45.49 84.18
N UNK F 356 -5.67 -46.15 83.47
CA UNK F 356 -5.47 -47.54 83.09
C UNK F 356 -4.24 -47.74 82.25
N UNK F 357 -4.08 -46.87 81.27
CA UNK F 357 -3.14 -47.08 80.19
C UNK F 357 -1.73 -47.14 80.73
N UNK F 358 -1.50 -46.33 81.74
CA UNK F 358 -0.16 -46.02 82.18
C UNK F 358 0.52 -47.33 82.50
N UNK F 359 -0.26 -48.32 82.88
CA UNK F 359 0.32 -49.61 83.14
C UNK F 359 0.96 -50.07 81.86
N UNK F 360 0.23 -49.94 80.77
CA UNK F 360 0.74 -50.43 79.51
C UNK F 360 1.99 -49.65 79.21
N UNK F 361 1.89 -48.36 79.48
CA UNK F 361 2.87 -47.41 79.05
C UNK F 361 4.19 -47.79 79.66
N UNK F 362 4.12 -48.17 80.92
CA UNK F 362 5.32 -48.42 81.66
C UNK F 362 6.02 -49.49 80.88
N UNK F 363 5.25 -50.42 80.35
CA UNK F 363 5.82 -51.56 79.70
C UNK F 363 6.70 -51.03 78.58
N UNK F 364 6.18 -50.03 77.89
CA UNK F 364 6.92 -49.51 76.77
C UNK F 364 8.25 -48.98 77.27
N UNK F 365 8.16 -48.28 78.38
CA UNK F 365 9.33 -47.63 78.90
C UNK F 365 10.31 -48.76 79.12
N UNK F 366 9.82 -49.90 79.57
CA UNK F 366 10.72 -50.92 80.01
C UNK F 366 11.62 -51.34 78.86
N UNK F 367 11.05 -51.68 77.73
CA UNK F 367 11.90 -52.21 76.69
C UNK F 367 12.89 -51.14 76.26
N UNK F 368 12.41 -49.93 76.06
CA UNK F 368 13.27 -48.88 75.57
C UNK F 368 14.34 -48.70 76.63
N UNK F 369 13.89 -48.70 77.88
CA UNK F 369 14.78 -48.48 79.00
C UNK F 369 15.79 -49.59 78.91
N UNK F 370 15.27 -50.75 78.55
CA UNK F 370 16.06 -51.94 78.37
C UNK F 370 16.71 -51.92 77.00
N UNK F 371 16.44 -50.86 76.26
CA UNK F 371 16.80 -50.83 74.87
C UNK F 371 18.30 -50.96 74.74
N UNK F 372 19.03 -50.18 75.52
CA UNK F 372 20.46 -50.30 75.57
C UNK F 372 20.88 -49.66 76.86
N UNK F 373 22.06 -50.01 77.36
CA UNK F 373 22.57 -49.34 78.54
C UNK F 373 24.06 -49.52 78.73
N UNK F 374 24.70 -48.64 79.50
CA UNK F 374 26.08 -48.86 79.91
C UNK F 374 26.11 -50.09 80.78
N CYS F 375 25.11 -50.20 81.64
CA CYS F 375 24.93 -51.40 82.47
C CYS F 375 23.49 -51.86 82.48
N UNK F 376 23.29 -53.15 82.69
CA UNK F 376 24.32 -53.93 83.30
C UNK F 376 23.64 -54.05 84.63
N UNK F 377 24.12 -53.36 85.65
CA UNK F 377 23.37 -53.31 86.90
C UNK F 377 22.04 -52.64 86.57
N UNK F 378 22.12 -51.55 85.82
CA UNK F 378 20.92 -50.82 85.52
C UNK F 378 19.97 -51.70 84.71
N UNK F 379 20.53 -52.41 83.74
CA UNK F 379 19.70 -53.20 82.85
C UNK F 379 19.00 -54.26 83.67
N UNK F 380 19.76 -54.86 84.57
CA UNK F 380 19.23 -55.95 85.36
C UNK F 380 18.10 -55.44 86.22
N UNK F 381 18.29 -54.27 86.80
CA UNK F 381 17.29 -53.72 87.69
C UNK F 381 16.02 -53.46 86.90
N UNK F 382 16.17 -52.93 85.70
CA UNK F 382 15.00 -52.67 84.88
C UNK F 382 14.27 -53.97 84.55
N UNK F 383 15.03 -55.00 84.21
CA UNK F 383 14.43 -56.23 83.74
C UNK F 383 13.55 -56.83 84.83
N UNK F 384 14.06 -56.83 86.06
CA UNK F 384 13.26 -57.33 87.17
C UNK F 384 11.99 -56.52 87.20
N UNK F 385 12.11 -55.26 86.80
CA UNK F 385 10.96 -54.38 86.81
C UNK F 385 9.90 -54.93 85.88
N UNK F 386 10.36 -55.42 84.73
CA UNK F 386 9.51 -55.93 83.67
C UNK F 386 8.56 -57.07 84.04
N UNK F 387 9.11 -58.10 84.65
CA UNK F 387 8.31 -59.26 85.03
C UNK F 387 7.24 -58.83 85.99
N UNK F 388 7.47 -57.68 86.63
CA UNK F 388 6.53 -57.19 87.59
C UNK F 388 5.21 -57.05 86.89
N UNK F 389 5.23 -56.54 85.65
CA UNK F 389 3.99 -56.34 84.89
C UNK F 389 3.25 -57.64 84.63
N UNK F 390 3.99 -58.70 84.30
CA UNK F 390 3.37 -59.99 84.06
C UNK F 390 3.15 -60.62 85.43
N UNK F 391 2.28 -61.61 85.51
CA UNK F 391 2.08 -62.26 86.80
C UNK F 391 1.53 -61.30 87.86
N UNK F 392 2.39 -60.87 88.77
CA UNK F 392 1.92 -60.02 89.85
C UNK F 392 1.26 -58.77 89.29
N UNK F 393 1.85 -58.08 88.33
CA UNK F 393 1.14 -56.93 87.76
C UNK F 393 -0.02 -57.58 87.02
N UNK F 394 0.23 -58.74 86.40
CA UNK F 394 -0.83 -59.49 85.70
C UNK F 394 -1.93 -59.64 86.74
N UNK F 395 -1.44 -59.70 87.97
CA UNK F 395 -2.26 -59.73 89.17
C UNK F 395 -2.50 -58.29 89.56
N UNK F 396 -1.45 -57.50 89.44
CA UNK F 396 -1.50 -56.07 89.73
C UNK F 396 -2.42 -55.36 88.76
N UNK F 397 -2.44 -55.83 87.51
CA UNK F 397 -3.34 -55.31 86.48
C UNK F 397 -4.71 -55.22 87.11
N UNK F 398 -4.91 -56.14 88.05
CA UNK F 398 -6.08 -56.22 88.87
C UNK F 398 -5.80 -55.29 90.02
N UNK F 399 -4.55 -55.30 90.46
CA UNK F 399 -4.19 -54.56 91.63
C UNK F 399 -4.54 -53.13 91.31
N UNK F 400 -4.25 -52.79 90.06
CA UNK F 400 -4.51 -51.51 89.43
C UNK F 400 -6.02 -51.36 89.44
N UNK F 401 -6.72 -52.48 89.32
CA UNK F 401 -8.17 -52.49 89.36
C UNK F 401 -8.50 -51.91 90.74
N UNK F 402 -7.67 -52.26 91.71
CA UNK F 402 -7.78 -51.74 93.06
C UNK F 402 -7.57 -50.23 92.92
N UNK F 403 -6.67 -49.82 92.03
CA UNK F 403 -6.44 -48.41 91.80
C UNK F 403 -7.79 -47.87 91.34
N UNK F 404 -8.45 -48.60 90.45
CA UNK F 404 -9.79 -48.19 90.07
C UNK F 404 -10.55 -47.78 91.30
N UNK F 405 -10.39 -48.55 92.37
CA UNK F 405 -11.13 -48.32 93.60
C UNK F 405 -10.73 -46.94 94.02
N UNK F 406 -9.45 -46.64 93.87
CA UNK F 406 -8.96 -45.31 94.07
C UNK F 406 -9.72 -44.45 93.09
N UNK F 407 -9.89 -44.94 91.87
CA UNK F 407 -10.68 -44.14 90.95
C UNK F 407 -12.12 -43.99 91.40
N UNK F 408 -12.70 -45.06 91.91
CA UNK F 408 -14.06 -44.99 92.42
C UNK F 408 -14.02 -44.04 93.60
N UNK F 409 -12.95 -44.21 94.37
CA UNK F 409 -12.71 -43.51 95.61
C UNK F 409 -12.51 -42.04 95.34
N UNK F 410 -12.35 -41.72 94.07
CA UNK F 410 -12.02 -40.38 93.64
C UNK F 410 -13.06 -39.37 94.11
N UNK F 411 -14.35 -39.67 94.09
CA UNK F 411 -15.23 -38.62 94.61
C UNK F 411 -16.19 -39.18 95.64
N UNK G 1 44.93 -53.74 55.31
CA UNK G 1 43.75 -53.09 55.87
C UNK G 1 42.86 -54.08 56.60
N UNK G 2 41.60 -53.70 56.70
CA UNK G 2 40.55 -54.52 57.24
C UNK G 2 39.38 -54.42 56.28
N UNK G 3 38.52 -55.43 56.25
CA UNK G 3 37.34 -55.36 55.41
C UNK G 3 36.02 -55.73 56.12
N UNK G 4 34.97 -54.94 55.90
CA UNK G 4 33.65 -55.29 56.41
C UNK G 4 32.54 -54.60 55.62
N UNK G 5 31.32 -55.10 55.75
CA UNK G 5 30.22 -54.55 54.96
C UNK G 5 29.33 -53.64 55.78
N UNK G 6 29.22 -52.39 55.38
CA UNK G 6 28.31 -51.49 56.08
C UNK G 6 27.17 -51.15 55.15
N UNK G 7 25.95 -51.38 55.60
CA UNK G 7 24.80 -51.08 54.75
C UNK G 7 24.91 -51.91 53.45
N UNK G 8 24.83 -51.26 52.31
CA UNK G 8 24.91 -51.98 51.04
C UNK G 8 26.30 -52.04 50.39
N UNK G 9 27.33 -51.54 51.07
CA UNK G 9 28.70 -51.65 50.58
C UNK G 9 29.68 -51.93 51.73
N UNK G 10 30.83 -52.49 51.40
CA UNK G 10 31.79 -52.85 52.41
C UNK G 10 32.99 -51.95 52.25
N UNK G 11 33.40 -51.32 53.32
CA UNK G 11 34.48 -50.35 53.21
C UNK G 11 35.74 -50.87 53.84
N UNK G 12 36.82 -50.92 53.06
CA UNK G 12 38.10 -51.35 53.58
C UNK G 12 38.59 -50.32 54.58
N UNK G 13 39.37 -50.75 55.57
CA UNK G 13 39.84 -49.80 56.56
C UNK G 13 41.14 -50.20 57.26
N UNK G 14 41.76 -49.21 57.90
CA UNK G 14 42.85 -49.43 58.83
C UNK G 14 42.21 -50.06 60.03
N UNK G 15 43.06 -50.57 60.92
CA UNK G 15 42.69 -51.51 61.96
C UNK G 15 41.66 -51.00 62.94
N UNK G 16 41.71 -49.71 63.28
CA UNK G 16 40.77 -49.20 64.27
C UNK G 16 40.04 -47.98 63.78
N UNK G 17 39.34 -48.14 62.68
CA UNK G 17 38.53 -47.07 62.20
C UNK G 17 37.50 -47.01 63.28
N UNK G 18 37.11 -45.80 63.66
CA UNK G 18 36.01 -45.62 64.57
C UNK G 18 34.79 -46.08 63.82
N UNK G 19 33.92 -46.85 64.46
CA UNK G 19 32.76 -47.34 63.74
C UNK G 19 31.97 -46.14 63.32
N UNK G 20 31.84 -45.20 64.25
CA UNK G 20 31.07 -44.00 63.99
C UNK G 20 31.75 -43.34 62.83
N UNK G 21 33.07 -43.39 62.84
CA UNK G 21 33.82 -42.88 61.73
C UNK G 21 33.40 -43.70 60.53
N UNK G 22 33.08 -44.95 60.80
CA UNK G 22 33.03 -45.91 59.74
C UNK G 22 32.05 -45.40 58.74
N UNK G 23 30.87 -45.02 59.18
CA UNK G 23 29.88 -44.59 58.22
C UNK G 23 30.35 -43.37 57.47
N UNK G 24 31.03 -42.47 58.16
CA UNK G 24 31.28 -41.15 57.62
C UNK G 24 32.03 -41.22 56.31
N UNK G 25 33.07 -42.03 56.28
CA UNK G 25 33.83 -42.16 55.04
C UNK G 25 32.87 -42.70 54.02
N UNK G 26 32.02 -43.61 54.50
CA UNK G 26 30.95 -44.15 53.69
C UNK G 26 30.08 -42.98 53.28
N UNK G 27 30.09 -41.94 54.11
CA UNK G 27 29.30 -40.74 53.86
C UNK G 27 27.95 -40.56 54.58
N UNK G 28 27.60 -41.44 55.52
CA UNK G 28 26.33 -41.24 56.23
C UNK G 28 26.57 -40.94 57.71
N UNK G 29 26.11 -39.80 58.20
CA UNK G 29 26.29 -39.45 59.59
C UNK G 29 25.52 -40.41 60.45
N UNK G 30 25.88 -40.46 61.73
CA UNK G 30 25.09 -41.16 62.72
C UNK G 30 24.87 -40.11 63.76
N UNK G 31 23.82 -40.25 64.55
CA UNK G 31 23.51 -39.20 65.51
C UNK G 31 24.71 -39.07 66.40
N UNK G 32 25.10 -37.84 66.70
CA UNK G 32 26.36 -37.64 67.39
C UNK G 32 26.20 -36.74 68.61
N UNK G 33 25.55 -37.27 69.63
CA UNK G 33 25.43 -36.57 70.90
C UNK G 33 26.79 -36.36 71.55
N CYS G 34 27.67 -37.35 71.46
CA CYS G 34 28.97 -37.27 72.16
C CYS G 34 29.93 -36.16 71.68
N UNK G 35 29.97 -35.84 70.38
CA UNK G 35 30.92 -34.83 69.87
C UNK G 35 32.35 -35.32 69.76
N UNK G 36 32.50 -36.52 69.24
CA UNK G 36 33.68 -37.34 69.37
C UNK G 36 34.98 -36.65 68.96
N UNK G 37 34.98 -35.90 67.86
CA UNK G 37 36.22 -35.28 67.40
C UNK G 37 36.94 -34.52 68.51
N UNK G 38 38.25 -34.69 68.58
CA UNK G 38 39.07 -33.89 69.45
C UNK G 38 38.64 -34.07 70.90
N UNK G 39 38.17 -35.27 71.21
CA UNK G 39 37.83 -35.61 72.57
C UNK G 39 37.88 -37.11 72.70
N UNK G 40 37.98 -37.61 73.92
CA UNK G 40 37.95 -39.04 74.11
C UNK G 40 36.54 -39.55 73.80
N UNK G 41 36.46 -40.63 73.06
CA UNK G 41 35.15 -41.17 72.83
C UNK G 41 34.67 -41.60 74.18
N UNK G 42 33.45 -41.21 74.53
CA UNK G 42 32.89 -41.58 75.82
C UNK G 42 31.53 -42.23 75.64
N UNK G 43 31.28 -43.30 76.40
CA UNK G 43 29.99 -43.95 76.31
C UNK G 43 29.18 -43.05 77.22
N UNK G 44 29.03 -41.81 76.75
CA UNK G 44 28.34 -40.76 77.49
C UNK G 44 26.81 -40.80 77.43
N CYS G 45 26.26 -41.09 76.25
CA CYS G 45 24.82 -41.09 76.11
C CYS G 45 24.26 -42.27 75.39
N UNK G 46 25.07 -43.26 75.06
CA UNK G 46 24.40 -44.34 74.37
C UNK G 46 23.32 -43.70 73.52
N UNK G 47 23.59 -42.47 73.08
CA UNK G 47 22.65 -41.71 72.28
C UNK G 47 22.43 -42.41 70.96
N CYS G 48 23.51 -43.00 70.48
CA CYS G 48 23.66 -43.44 69.11
C CYS G 48 23.52 -44.92 68.80
N UNK G 49 23.26 -45.76 69.80
CA UNK G 49 23.45 -47.18 69.61
C UNK G 49 22.92 -47.58 68.24
N UNK G 50 23.68 -48.41 67.53
CA UNK G 50 23.41 -48.71 66.13
C UNK G 50 23.35 -50.22 65.89
N UNK G 51 22.76 -50.62 64.78
CA UNK G 51 22.41 -52.02 64.57
C UNK G 51 23.38 -52.89 63.78
N UNK G 52 23.81 -53.97 64.43
CA UNK G 52 24.68 -54.96 63.84
C UNK G 52 23.90 -55.76 62.82
N UNK G 53 24.60 -56.35 61.86
CA UNK G 53 23.95 -57.13 60.80
C UNK G 53 23.19 -58.35 61.30
N UNK G 54 23.77 -59.07 62.26
CA UNK G 54 23.06 -60.16 62.91
C UNK G 54 23.43 -60.19 64.38
N UNK G 55 22.97 -59.22 65.17
CA UNK G 55 23.52 -59.09 66.51
C UNK G 55 22.48 -59.09 67.61
N UNK G 56 22.83 -59.61 68.77
CA UNK G 56 21.95 -59.54 69.94
C UNK G 56 21.69 -58.13 70.49
N UNK G 57 22.71 -57.31 70.65
CA UNK G 57 22.47 -56.00 71.22
C UNK G 57 22.95 -54.99 70.23
N UNK G 58 22.37 -53.80 70.28
CA UNK G 58 22.78 -52.77 69.38
C UNK G 58 24.17 -52.42 69.87
N UNK G 59 25.12 -52.41 68.96
CA UNK G 59 26.48 -52.08 69.34
C UNK G 59 26.47 -50.61 69.63
N UNK G 60 27.38 -50.18 70.48
CA UNK G 60 27.45 -48.76 70.81
C UNK G 60 27.84 -47.89 69.62
N UNK G 61 27.26 -46.70 69.55
CA UNK G 61 27.48 -45.79 68.42
C UNK G 61 28.91 -45.28 68.26
N CYS G 62 29.53 -44.83 69.35
CA CYS G 62 30.88 -44.29 69.22
C CYS G 62 31.94 -45.13 69.93
N UNK G 63 31.53 -46.26 70.47
CA UNK G 63 32.42 -47.08 71.27
C UNK G 63 32.96 -48.37 70.63
N UNK G 64 32.63 -48.66 69.39
CA UNK G 64 32.96 -49.98 68.85
C UNK G 64 33.95 -49.98 67.70
N UNK G 65 34.96 -50.83 67.82
CA UNK G 65 35.84 -51.08 66.71
C UNK G 65 35.00 -51.86 65.72
N UNK G 66 35.35 -51.79 64.45
CA UNK G 66 34.56 -52.41 63.39
C UNK G 66 34.47 -53.94 63.52
N UNK G 67 35.55 -54.57 63.94
CA UNK G 67 35.59 -56.02 64.01
C UNK G 67 36.19 -56.36 62.65
N UNK G 68 36.18 -57.63 62.24
CA UNK G 68 36.77 -57.97 60.94
C UNK G 68 35.75 -58.37 59.89
N UNK G 69 35.77 -57.69 58.73
CA UNK G 69 34.82 -58.10 57.72
C UNK G 69 33.43 -57.90 58.27
N UNK G 70 33.36 -57.18 59.38
CA UNK G 70 32.08 -56.98 60.08
C UNK G 70 31.02 -56.35 59.16
N UNK G 71 29.73 -56.57 59.44
CA UNK G 71 28.67 -55.98 58.61
C UNK G 71 27.88 -54.88 59.33
N UNK G 72 27.60 -53.75 58.67
CA UNK G 72 26.89 -52.65 59.35
C UNK G 72 25.61 -52.15 58.69
N UNK G 73 24.50 -52.10 59.44
CA UNK G 73 23.22 -51.64 58.87
C UNK G 73 22.71 -50.31 59.42
N UNK G 74 22.68 -49.28 58.58
CA UNK G 74 22.28 -47.92 59.00
C UNK G 74 20.86 -47.71 59.46
N UNK G 75 19.91 -48.20 58.68
CA UNK G 75 18.50 -47.87 58.88
C UNK G 75 17.66 -49.01 59.41
N UNK G 76 18.30 -50.06 59.90
CA UNK G 76 17.54 -51.24 60.27
C UNK G 76 16.51 -50.86 61.32
N UNK G 77 15.31 -51.36 61.12
CA UNK G 77 14.14 -50.80 61.74
C UNK G 77 14.31 -50.86 63.22
N UNK G 78 14.89 -51.95 63.70
CA UNK G 78 15.06 -52.11 65.13
C UNK G 78 15.90 -50.94 65.57
N UNK G 79 16.85 -50.58 64.73
CA UNK G 79 17.77 -49.55 65.12
C UNK G 79 16.98 -48.28 65.38
N UNK G 80 16.07 -47.96 64.49
CA UNK G 80 15.48 -46.65 64.56
C UNK G 80 14.82 -46.57 65.91
N UNK G 81 14.16 -47.66 66.30
CA UNK G 81 13.31 -47.64 67.47
C UNK G 81 14.19 -47.24 68.61
N UNK G 82 15.40 -47.74 68.59
CA UNK G 82 16.32 -47.43 69.65
C UNK G 82 16.48 -45.93 69.66
N UNK G 83 16.63 -45.38 68.48
CA UNK G 83 16.99 -44.00 68.40
C UNK G 83 15.87 -43.30 69.10
N UNK G 84 14.65 -43.72 68.83
CA UNK G 84 13.52 -42.97 69.33
C UNK G 84 13.52 -42.95 70.83
N UNK G 85 13.72 -44.10 71.45
CA UNK G 85 13.66 -44.14 72.89
C UNK G 85 14.75 -43.24 73.44
N UNK G 86 15.93 -43.33 72.84
CA UNK G 86 17.06 -42.71 73.47
C UNK G 86 16.79 -41.23 73.58
N UNK G 87 16.40 -40.60 72.49
CA UNK G 87 16.25 -39.16 72.56
C UNK G 87 15.20 -38.86 73.60
N UNK G 88 14.17 -39.71 73.65
CA UNK G 88 13.01 -39.37 74.43
C UNK G 88 13.34 -39.20 75.91
N UNK G 89 14.18 -40.09 76.43
CA UNK G 89 14.63 -39.89 77.77
C UNK G 89 15.43 -38.58 77.83
N UNK G 90 16.33 -38.41 76.88
CA UNK G 90 17.16 -37.23 76.90
C UNK G 90 16.19 -36.10 76.77
N UNK G 91 15.21 -36.27 75.91
CA UNK G 91 14.24 -35.21 75.70
C UNK G 91 13.43 -34.90 76.94
N UNK G 92 13.04 -35.92 77.68
CA UNK G 92 12.00 -35.76 78.70
C UNK G 92 12.19 -34.85 79.93
N UNK G 93 13.41 -34.79 80.48
CA UNK G 93 13.69 -34.07 81.72
C UNK G 93 13.94 -32.56 81.56
N HIS G 94 13.78 -32.06 80.34
CA HIS G 94 14.18 -30.70 79.96
C HIS G 94 13.42 -29.53 80.52
N UNK G 95 14.07 -28.38 80.39
CA UNK G 95 13.47 -27.08 80.63
C UNK G 95 12.32 -26.71 79.69
N UNK G 96 12.37 -26.98 78.38
CA UNK G 96 11.33 -26.35 77.58
C UNK G 96 11.43 -24.85 77.26
N UNK G 97 12.64 -24.28 77.22
CA UNK G 97 12.81 -22.84 76.93
C UNK G 97 12.96 -22.32 75.45
N CYS G 98 13.08 -23.22 74.49
CA CYS G 98 13.34 -22.83 73.08
C CYS G 98 13.12 -21.35 72.71
N UNK G 99 12.00 -20.79 73.07
CA UNK G 99 11.92 -19.39 72.77
C UNK G 99 12.99 -18.71 73.57
N UNK G 100 13.06 -19.02 74.85
CA UNK G 100 13.88 -18.22 75.74
C UNK G 100 15.30 -18.33 75.33
N CYS G 101 15.60 -19.51 74.82
CA CYS G 101 16.92 -20.13 74.83
C CYS G 101 17.89 -19.48 73.81
N UNK G 102 19.11 -19.25 74.26
CA UNK G 102 20.14 -18.75 73.38
C UNK G 102 20.52 -19.85 72.41
N UNK G 103 20.11 -21.07 72.71
CA UNK G 103 20.49 -22.23 71.91
C UNK G 103 19.97 -21.92 70.53
N UNK G 104 18.80 -21.34 70.51
CA UNK G 104 18.30 -20.78 69.28
C UNK G 104 18.09 -21.82 68.19
N UNK G 105 18.15 -21.37 66.95
CA UNK G 105 17.78 -22.18 65.83
C UNK G 105 18.70 -23.35 65.81
N UNK G 106 19.95 -23.12 66.14
CA UNK G 106 20.88 -24.21 66.19
C UNK G 106 20.79 -24.86 67.54
N CYS G 107 20.42 -26.14 67.56
CA CYS G 107 20.58 -26.96 68.74
C CYS G 107 20.53 -28.41 68.27
N UNK G 108 21.65 -29.08 68.56
CA UNK G 108 21.89 -30.44 68.16
C UNK G 108 20.88 -31.38 68.77
N UNK G 109 20.58 -31.25 70.07
CA UNK G 109 19.56 -32.13 70.63
C UNK G 109 18.20 -31.75 70.06
N UNK G 110 17.90 -30.45 70.13
CA UNK G 110 16.62 -29.94 69.65
C UNK G 110 16.44 -30.10 68.15
N UNK G 111 17.49 -29.77 67.41
CA UNK G 111 17.43 -29.90 65.97
C UNK G 111 17.30 -31.38 65.64
N UNK G 112 18.07 -32.18 66.36
CA UNK G 112 18.05 -33.62 66.14
C UNK G 112 16.76 -34.30 66.50
N UNK G 113 16.10 -33.90 67.58
CA UNK G 113 14.91 -34.66 67.85
C UNK G 113 14.04 -34.75 66.60
N UNK G 114 13.92 -33.65 65.88
CA UNK G 114 13.08 -33.62 64.70
C UNK G 114 13.58 -34.58 63.63
N UNK G 115 14.90 -34.62 63.45
CA UNK G 115 15.50 -35.41 62.38
C UNK G 115 15.30 -36.91 62.51
N UNK G 116 15.39 -37.43 63.72
CA UNK G 116 15.48 -38.87 63.92
C UNK G 116 14.34 -39.49 64.70
N UNK G 117 13.63 -38.71 65.50
CA UNK G 117 12.48 -39.26 66.21
C UNK G 117 11.55 -38.16 66.69
N UNK G 118 10.35 -38.52 67.10
CA UNK G 118 9.41 -37.56 67.65
C UNK G 118 8.79 -38.14 68.88
N UNK G 130 16.05 -28.84 88.10
CA UNK G 130 17.27 -28.54 88.85
C UNK G 130 17.40 -27.06 89.12
N UNK G 131 17.16 -26.65 90.36
CA UNK G 131 17.14 -25.24 90.72
C UNK G 131 18.53 -24.63 90.59
N UNK G 132 19.50 -25.48 90.33
CA UNK G 132 20.88 -25.08 90.45
C UNK G 132 21.23 -23.94 89.51
N UNK G 133 22.21 -23.15 89.92
CA UNK G 133 22.84 -22.17 89.06
C UNK G 133 24.35 -22.23 89.26
N UNK G 134 25.10 -21.78 88.27
CA UNK G 134 26.55 -21.75 88.36
C UNK G 134 27.03 -20.39 87.89
N UNK G 135 28.17 -19.93 88.40
CA UNK G 135 28.74 -18.62 88.00
C UNK G 135 30.24 -18.59 87.69
N UNK G 136 30.67 -19.12 86.56
CA UNK G 136 32.10 -19.16 86.27
C UNK G 136 32.88 -17.84 86.15
N UNK G 137 32.32 -16.82 85.49
CA UNK G 137 33.02 -15.55 85.31
C UNK G 137 32.35 -14.62 84.31
N UNK G 138 33.13 -13.73 83.71
CA UNK G 138 32.60 -12.78 82.75
C UNK G 138 32.17 -13.43 81.46
N UNK G 139 33.04 -14.26 80.92
CA UNK G 139 32.82 -14.88 79.62
C UNK G 139 31.66 -15.88 79.48
N UNK G 140 31.55 -16.84 80.38
CA UNK G 140 30.55 -17.87 80.17
C UNK G 140 29.46 -17.95 81.23
N UNK G 141 28.20 -17.80 80.83
CA UNK G 141 27.09 -17.96 81.76
C UNK G 141 26.11 -18.97 81.20
N UNK G 142 25.58 -19.82 82.06
CA UNK G 142 24.58 -20.79 81.63
C UNK G 142 23.68 -21.23 82.78
N UNK G 143 22.61 -21.90 82.44
CA UNK G 143 21.67 -22.45 83.39
C UNK G 143 21.77 -23.97 83.43
N UNK G 144 21.64 -24.51 84.62
CA UNK G 144 21.87 -25.91 84.85
C UNK G 144 20.88 -26.67 84.02
N UNK G 145 19.68 -26.13 83.91
CA UNK G 145 18.57 -26.87 83.37
C UNK G 145 18.96 -27.33 81.99
N UNK G 146 19.84 -26.58 81.36
CA UNK G 146 20.30 -26.98 80.05
C UNK G 146 21.06 -28.31 80.01
N CYS G 147 21.95 -28.55 80.95
CA CYS G 147 23.06 -29.48 80.71
C CYS G 147 22.55 -30.87 80.55
N UNK G 148 22.96 -31.49 79.44
CA UNK G 148 22.52 -32.82 79.05
C UNK G 148 23.43 -33.91 79.59
N UNK G 149 24.52 -33.53 80.23
CA UNK G 149 25.42 -34.49 80.84
C UNK G 149 26.43 -35.13 79.88
N CYS G 150 26.47 -34.68 78.63
CA CYS G 150 27.50 -35.16 77.74
C CYS G 150 28.76 -34.84 78.51
N UNK G 151 29.91 -35.17 77.94
CA UNK G 151 31.18 -34.95 78.62
C UNK G 151 31.93 -33.76 78.06
N UNK G 152 31.26 -32.99 77.22
CA UNK G 152 32.00 -32.06 76.39
C UNK G 152 32.80 -31.02 77.17
N CYS G 153 32.24 -30.38 78.17
CA CYS G 153 33.05 -29.48 78.91
C CYS G 153 34.10 -29.89 79.85
N UNK G 154 33.72 -30.81 80.72
CA UNK G 154 34.62 -31.31 81.72
C UNK G 154 35.72 -31.99 80.98
N UNK G 155 35.34 -32.77 79.99
CA UNK G 155 36.33 -33.46 79.22
C UNK G 155 37.24 -32.46 78.55
N UNK G 156 36.65 -31.39 78.02
CA UNK G 156 37.45 -30.41 77.33
C UNK G 156 38.48 -29.79 78.22
N UNK G 157 38.07 -29.41 79.42
CA UNK G 157 39.00 -28.81 80.34
C UNK G 157 40.09 -29.80 80.72
N UNK G 158 39.67 -31.02 81.00
CA UNK G 158 40.59 -32.06 81.40
C UNK G 158 41.54 -32.41 80.28
N UNK G 159 40.99 -32.47 79.07
CA UNK G 159 41.79 -32.82 77.91
C UNK G 159 42.53 -31.67 77.27
N UNK G 160 41.86 -30.53 77.14
CA UNK G 160 42.49 -29.39 76.49
C UNK G 160 42.97 -28.25 77.37
N UNK G 161 42.13 -27.76 78.27
CA UNK G 161 42.53 -26.63 79.11
C UNK G 161 43.70 -26.91 80.01
N UNK G 162 43.68 -28.06 80.65
CA UNK G 162 44.75 -28.46 81.55
C UNK G 162 44.61 -27.71 82.87
N UNK G 163 43.57 -26.88 82.93
CA UNK G 163 43.27 -26.10 84.12
C UNK G 163 42.94 -27.09 85.21
N UNK G 164 42.21 -28.12 84.83
CA UNK G 164 41.80 -29.21 85.72
C UNK G 164 40.50 -28.96 86.46
N UNK G 165 39.92 -27.77 86.37
CA UNK G 165 38.65 -27.60 87.06
C UNK G 165 37.38 -27.29 86.24
N UNK G 166 36.48 -28.26 86.35
CA UNK G 166 35.15 -28.31 85.78
C UNK G 166 34.72 -29.78 85.82
N UNK G 167 34.44 -30.29 87.02
CA UNK G 167 34.08 -31.71 87.19
C UNK G 167 32.66 -32.00 87.69
N UNK G 168 32.01 -33.00 87.09
CA UNK G 168 30.63 -33.34 87.44
C UNK G 168 30.39 -33.72 88.89
N UNK G 169 29.25 -33.26 89.39
CA UNK G 169 28.78 -33.45 90.76
C UNK G 169 28.79 -34.88 91.24
N UNK G 170 28.21 -35.12 92.40
CA UNK G 170 28.21 -36.45 92.98
C UNK G 170 26.90 -37.20 92.79
N UNK G 171 27.06 -38.48 92.49
CA UNK G 171 25.97 -39.46 92.46
C UNK G 171 24.78 -39.21 91.51
N UNK G 172 23.59 -39.41 92.06
CA UNK G 172 22.48 -40.15 91.48
C UNK G 172 21.66 -39.80 90.23
N UNK G 173 21.08 -38.61 90.25
CA UNK G 173 20.29 -38.10 89.13
C UNK G 173 20.62 -36.64 88.96
N UNK G 174 21.10 -36.04 90.05
CA UNK G 174 21.49 -34.64 90.06
C UNK G 174 22.95 -34.45 89.65
N UNK G 175 23.66 -35.51 89.28
CA UNK G 175 25.08 -35.33 89.10
C UNK G 175 25.22 -34.19 88.11
N UNK G 176 26.10 -33.23 88.44
CA UNK G 176 26.35 -32.01 87.66
C UNK G 176 27.79 -31.45 87.76
N UNK G 177 28.23 -30.78 86.70
CA UNK G 177 29.60 -30.28 86.56
C UNK G 177 30.15 -29.27 87.57
N UNK G 178 29.30 -28.37 88.05
CA UNK G 178 29.75 -27.33 88.98
C UNK G 178 30.38 -27.84 90.27
N UNK G 179 31.45 -27.15 90.67
CA UNK G 179 32.23 -27.46 91.88
C UNK G 179 32.34 -26.19 92.71
N UNK G 180 32.56 -26.33 94.01
CA UNK G 180 32.64 -25.17 94.89
C UNK G 180 34.10 -24.91 95.09
N UNK G 181 34.51 -23.65 95.19
CA UNK G 181 33.63 -22.48 95.24
C UNK G 181 32.72 -22.21 94.04
N UNK G 182 33.19 -22.46 92.82
CA UNK G 182 34.50 -23.02 92.54
C UNK G 182 35.45 -22.03 91.86
N UNK G 183 35.07 -20.76 91.84
CA UNK G 183 35.90 -19.73 91.22
C UNK G 183 35.77 -19.74 89.70
N UNK G 184 35.95 -18.58 89.08
CA UNK G 184 35.81 -18.46 87.63
C UNK G 184 36.82 -19.30 86.87
N UNK G 185 38.06 -19.30 87.32
CA UNK G 185 39.10 -20.10 86.68
C UNK G 185 39.31 -19.79 85.21
N UNK G 186 40.40 -19.10 84.89
CA UNK G 186 40.70 -18.79 83.50
C UNK G 186 41.16 -20.13 82.96
N UNK G 187 40.70 -20.60 81.80
CA UNK G 187 39.79 -19.95 80.85
C UNK G 187 40.61 -19.23 79.80
N UNK G 188 41.93 -19.32 79.91
CA UNK G 188 42.79 -18.71 78.92
C UNK G 188 42.82 -19.77 77.85
N UNK G 189 42.26 -19.45 76.70
CA UNK G 189 42.17 -20.40 75.59
C UNK G 189 41.03 -21.36 75.94
N UNK G 190 40.30 -21.03 77.01
CA UNK G 190 39.19 -21.83 77.46
C UNK G 190 37.84 -21.23 77.09
N UNK G 191 37.85 -20.02 76.57
CA UNK G 191 36.61 -19.36 76.22
C UNK G 191 35.90 -20.20 75.18
N UNK G 192 36.69 -20.76 74.28
CA UNK G 192 36.14 -21.58 73.23
C UNK G 192 35.42 -22.75 73.86
N UNK G 193 35.80 -23.09 75.08
CA UNK G 193 35.23 -24.23 75.75
C UNK G 193 33.72 -24.15 75.89
N UNK G 194 33.21 -22.97 76.16
CA UNK G 194 31.77 -22.84 76.31
C UNK G 194 31.04 -23.23 75.04
N UNK G 195 31.54 -22.82 73.89
CA UNK G 195 30.89 -23.11 72.62
C UNK G 195 30.49 -24.56 72.39
N UNK G 196 31.38 -25.48 72.72
CA UNK G 196 31.08 -26.89 72.52
C UNK G 196 29.72 -27.27 73.07
N CYS G 197 29.35 -26.77 74.23
CA CYS G 197 28.07 -27.13 74.80
C CYS G 197 27.03 -27.28 73.70
N UNK G 198 26.54 -28.50 73.58
CA UNK G 198 25.52 -28.81 72.59
C UNK G 198 24.31 -28.00 72.92
N UNK G 199 24.03 -27.89 74.20
CA UNK G 199 22.84 -27.18 74.64
C UNK G 199 23.10 -25.77 75.18
N UNK G 200 22.57 -25.50 76.37
CA UNK G 200 22.58 -24.19 77.01
C UNK G 200 23.90 -23.69 77.54
N UNK G 201 24.88 -24.56 77.58
CA UNK G 201 25.92 -24.53 78.58
C UNK G 201 26.62 -23.21 78.51
N UNK G 202 26.70 -22.66 77.32
CA UNK G 202 27.42 -21.41 77.13
C UNK G 202 26.56 -20.30 76.56
N UNK G 203 26.83 -19.09 76.98
CA UNK G 203 26.19 -17.96 76.36
C UNK G 203 27.29 -16.95 76.25
N UNK G 204 27.26 -16.15 75.19
CA UNK G 204 28.27 -15.12 75.08
C UNK G 204 27.72 -14.03 75.93
N UNK G 205 28.38 -13.78 77.05
CA UNK G 205 27.83 -12.80 77.94
C UNK G 205 27.70 -11.60 77.05
N UNK G 206 28.70 -11.41 76.20
CA UNK G 206 28.66 -10.38 75.23
C UNK G 206 27.51 -10.67 74.30
N UNK G 207 27.22 -11.94 74.03
CA UNK G 207 26.11 -12.25 73.12
C UNK G 207 24.83 -12.80 73.77
N UNK G 208 24.24 -12.07 74.72
CA UNK G 208 23.04 -12.59 75.38
C UNK G 208 21.76 -12.24 74.66
N UNK G 209 21.13 -13.25 74.08
CA UNK G 209 19.89 -13.02 73.36
C UNK G 209 20.17 -11.97 72.30
N UNK G 210 21.39 -11.92 71.80
CA UNK G 210 21.67 -10.88 70.83
C UNK G 210 20.77 -11.06 69.63
N UNK G 211 20.72 -12.28 69.12
CA UNK G 211 19.85 -12.59 68.01
C UNK G 211 19.78 -14.08 67.79
N UNK G 212 18.68 -14.59 67.26
CA UNK G 212 18.60 -15.99 66.95
C UNK G 212 19.43 -16.23 65.70
N UNK G 213 19.94 -17.44 65.55
CA UNK G 213 20.85 -17.77 64.47
C UNK G 213 20.17 -17.51 63.13
N UNK G 214 18.88 -17.75 63.09
CA UNK G 214 18.14 -17.68 61.83
C UNK G 214 18.28 -16.28 61.22
N UNK G 215 18.23 -15.26 62.06
CA UNK G 215 18.36 -13.89 61.60
C UNK G 215 19.71 -13.57 60.96
N UNK G 216 20.78 -14.11 61.54
CA UNK G 216 22.14 -13.70 61.20
C UNK G 216 22.55 -13.98 59.75
N UNK G 217 23.29 -13.03 59.18
CA UNK G 217 23.87 -13.19 57.85
C UNK G 217 25.36 -13.42 58.02
N UNK G 218 25.87 -14.51 57.47
CA UNK G 218 27.24 -14.94 57.75
C UNK G 218 28.20 -14.79 56.58
N UNK G 219 29.29 -14.08 56.81
CA UNK G 219 30.33 -13.95 55.81
C UNK G 219 31.67 -14.44 56.35
N UNK G 220 32.31 -15.31 55.57
CA UNK G 220 33.45 -16.08 56.03
C UNK G 220 34.74 -15.33 55.98
N UNK G 221 35.44 -15.28 57.11
CA UNK G 221 36.76 -14.69 57.13
C UNK G 221 37.63 -15.30 58.22
N UNK G 222 38.92 -15.10 58.09
CA UNK G 222 39.84 -15.61 59.08
C UNK G 222 40.25 -14.48 60.00
N UNK G 223 40.17 -14.74 61.30
CA UNK G 223 40.54 -13.75 62.30
C UNK G 223 42.03 -13.39 62.28
N UNK G 224 42.33 -12.11 62.46
CA UNK G 224 43.71 -11.66 62.50
C UNK G 224 44.18 -10.95 63.77
N UNK G 225 43.29 -10.71 64.72
CA UNK G 225 43.63 -9.75 65.76
C UNK G 225 44.85 -10.18 66.53
N UNK G 226 44.89 -11.44 66.96
CA UNK G 226 46.13 -12.03 67.44
C UNK G 226 46.92 -12.47 66.22
N UNK G 227 48.21 -12.76 66.42
CA UNK G 227 49.05 -13.16 65.30
C UNK G 227 48.72 -14.48 64.61
N UNK G 228 48.33 -15.50 65.36
CA UNK G 228 48.07 -16.83 64.79
C UNK G 228 46.94 -16.91 63.75
N UNK G 229 45.82 -16.22 63.99
CA UNK G 229 44.74 -16.14 63.02
C UNK G 229 43.88 -17.39 62.85
N UNK G 230 43.17 -17.52 61.73
CA UNK G 230 42.43 -18.75 61.40
C UNK G 230 40.95 -18.98 61.68
N UNK G 231 40.24 -19.43 60.64
CA UNK G 231 38.83 -19.84 60.69
C UNK G 231 37.83 -18.89 61.34
N UNK G 232 37.95 -17.61 61.06
CA UNK G 232 37.05 -16.65 61.65
C UNK G 232 35.73 -16.62 60.90
N UNK G 233 34.64 -16.50 61.63
CA UNK G 233 33.34 -16.27 61.02
C UNK G 233 32.86 -14.95 61.54
N UNK G 234 32.42 -14.07 60.67
CA UNK G 234 31.99 -12.76 61.12
C UNK G 234 30.48 -12.74 61.20
N UNK G 235 29.95 -12.40 62.36
CA UNK G 235 28.51 -12.39 62.51
C UNK G 235 28.01 -11.03 62.08
N UNK G 236 27.46 -11.00 60.87
CA UNK G 236 26.98 -9.75 60.33
C UNK G 236 25.47 -9.78 60.30
N UNK G 237 24.84 -8.98 61.14
CA UNK G 237 23.39 -8.87 61.09
C UNK G 237 23.07 -7.41 61.07
N UNK G 238 22.57 -6.93 59.94
CA UNK G 238 22.19 -5.54 59.91
C UNK G 238 23.38 -4.69 60.31
N UNK G 239 24.56 -5.08 59.87
CA UNK G 239 25.62 -4.10 59.78
C UNK G 239 26.29 -3.80 61.09
N UNK G 240 25.87 -4.45 62.14
CA UNK G 240 26.55 -4.31 63.40
C UNK G 240 27.09 -5.69 63.62
N UNK G 241 28.35 -5.83 64.00
CA UNK G 241 28.92 -7.16 64.05
C UNK G 241 28.14 -8.08 65.00
N UNK G 242 27.90 -9.28 64.52
CA UNK G 242 27.25 -10.29 65.31
C UNK G 242 28.05 -10.72 66.52
N UNK G 243 29.30 -11.09 66.27
CA UNK G 243 30.20 -11.62 67.29
C UNK G 243 31.19 -12.46 66.49
N UNK G 244 31.85 -13.43 67.10
CA UNK G 244 32.81 -14.24 66.34
C UNK G 244 32.60 -15.74 66.40
N UNK G 245 33.03 -16.44 65.34
CA UNK G 245 32.90 -17.88 65.30
C UNK G 245 34.14 -18.50 64.68
N UNK G 246 34.44 -19.73 65.06
CA UNK G 246 35.64 -20.36 64.56
C UNK G 246 35.31 -21.28 63.41
N UNK G 247 35.92 -21.05 62.25
CA UNK G 247 35.73 -21.92 61.08
C UNK G 247 37.00 -22.71 60.78
N UNK G 248 36.90 -24.04 60.79
CA UNK G 248 38.09 -24.89 60.76
C UNK G 248 38.87 -24.86 59.47
N UNK G 249 40.15 -24.53 59.59
CA UNK G 249 41.12 -24.92 58.61
C UNK G 249 41.88 -25.86 59.47
N UNK G 250 41.94 -27.13 59.08
CA UNK G 250 42.72 -28.08 59.84
C UNK G 250 44.15 -27.58 59.82
N UNK G 251 44.44 -26.78 58.81
CA UNK G 251 45.79 -26.31 58.57
C UNK G 251 46.34 -25.49 59.72
N UNK G 252 45.55 -24.57 60.24
CA UNK G 252 46.10 -23.68 61.26
C UNK G 252 45.37 -23.79 62.57
N UNK G 253 44.32 -23.00 62.74
CA UNK G 253 43.53 -23.04 63.96
C UNK G 253 42.81 -24.36 64.09
N UNK G 254 42.86 -24.93 65.28
CA UNK G 254 41.98 -26.03 65.59
C UNK G 254 40.70 -25.27 65.73
N UNK G 255 39.67 -26.02 66.08
CA UNK G 255 38.42 -25.47 66.52
C UNK G 255 38.77 -25.16 67.94
N UNK G 256 39.66 -24.19 68.06
CA UNK G 256 39.76 -23.34 69.22
C UNK G 256 39.87 -21.90 68.69
N UNK G 257 38.96 -21.04 69.11
CA UNK G 257 39.02 -19.64 68.71
C UNK G 257 40.00 -18.94 69.62
N UNK G 258 40.04 -17.62 69.43
CA UNK G 258 40.79 -16.70 70.25
C UNK G 258 39.85 -15.94 71.21
N UNK G 259 40.13 -16.11 72.50
CA UNK G 259 39.35 -15.48 73.55
C UNK G 259 39.46 -14.00 73.31
N UNK G 260 40.62 -13.60 72.85
CA UNK G 260 40.84 -12.20 72.57
C UNK G 260 39.85 -11.84 71.48
N UNK G 261 39.64 -12.76 70.55
CA UNK G 261 38.74 -12.50 69.44
C UNK G 261 37.34 -12.20 69.94
N UNK G 262 36.88 -13.01 70.87
CA UNK G 262 35.54 -12.82 71.42
C UNK G 262 35.45 -11.48 72.11
N UNK G 263 36.45 -11.16 72.92
CA UNK G 263 36.43 -9.89 73.65
C UNK G 263 36.44 -8.71 72.69
N UNK G 264 37.19 -8.92 71.64
CA UNK G 264 37.44 -7.99 70.57
C UNK G 264 36.20 -7.54 69.86
N UNK G 265 35.20 -8.41 69.73
CA UNK G 265 34.02 -7.96 68.99
C UNK G 265 33.47 -6.63 69.57
N UNK G 266 33.35 -6.55 70.89
CA UNK G 266 32.87 -5.43 71.65
C UNK G 266 33.73 -4.23 71.36
N UNK G 267 35.04 -4.45 71.34
CA UNK G 267 35.94 -3.34 71.17
C UNK G 267 35.73 -2.68 69.82
N UNK G 268 35.64 -3.46 68.76
CA UNK G 268 35.66 -2.87 67.44
C UNK G 268 34.51 -1.92 67.35
N UNK G 269 33.38 -2.32 67.90
CA UNK G 269 32.22 -1.47 67.92
C UNK G 269 32.62 -0.25 68.71
N UNK G 270 33.45 -0.47 69.72
CA UNK G 270 33.78 0.57 70.67
C UNK G 270 34.53 1.70 69.99
N UNK G 271 34.62 2.83 70.68
CA UNK G 271 34.75 4.14 70.06
C UNK G 271 35.90 4.32 69.07
N UNK G 272 35.56 4.92 67.94
CA UNK G 272 36.41 5.05 66.77
C UNK G 272 36.23 6.46 66.20
N UNK G 273 37.07 6.75 65.21
CA UNK G 273 37.45 8.07 64.71
C UNK G 273 36.44 8.99 64.03
N UNK G 274 35.61 8.48 63.14
CA UNK G 274 34.63 9.30 62.42
C UNK G 274 35.10 9.94 61.09
N UNK G 275 35.14 11.28 60.96
CA UNK G 275 35.57 11.86 59.67
C UNK G 275 36.99 12.39 59.40
N UNK G 276 37.48 13.29 60.23
CA UNK G 276 38.79 13.84 59.93
C UNK G 276 39.52 14.37 61.15
N UNK G 277 40.85 14.42 61.06
CA UNK G 277 41.64 15.04 62.09
C UNK G 277 42.06 16.39 61.54
N UNK G 278 41.59 17.45 62.17
CA UNK G 278 41.83 18.79 61.67
C UNK G 278 42.25 19.72 62.79
N UNK G 279 43.08 20.70 62.47
CA UNK G 279 43.59 21.60 63.49
C UNK G 279 43.26 23.08 63.28
N UNK G 280 42.69 23.70 64.30
CA UNK G 280 42.50 25.15 64.37
C UNK G 280 43.39 25.66 65.50
N UNK G 281 42.91 25.53 66.73
CA UNK G 281 43.79 25.67 67.86
C UNK G 281 44.76 24.52 67.72
N UNK G 282 44.21 23.36 67.39
CA UNK G 282 45.00 22.21 66.96
C UNK G 282 45.59 21.42 68.13
N UNK G 283 46.15 20.22 67.85
CA UNK G 283 46.00 19.59 66.54
C UNK G 283 44.50 19.42 66.42
N UNK G 284 43.90 18.96 67.51
CA UNK G 284 42.58 19.35 67.94
C UNK G 284 41.42 18.87 67.07
N UNK G 285 40.25 19.41 67.37
CA UNK G 285 39.07 19.23 66.56
C UNK G 285 39.28 20.08 65.31
N UNK G 286 38.51 19.84 64.27
CA UNK G 286 37.43 18.87 64.26
C UNK G 286 37.47 18.28 62.87
N UNK G 287 36.78 17.16 62.66
CA UNK G 287 36.86 16.52 61.36
C UNK G 287 36.43 17.55 60.33
N UNK G 288 37.13 17.63 59.22
CA UNK G 288 36.77 18.59 58.21
C UNK G 288 36.66 17.77 56.96
N UNK G 289 36.00 18.28 55.93
CA UNK G 289 35.72 17.45 54.76
C UNK G 289 37.05 16.94 54.28
N UNK G 290 37.09 15.64 54.02
CA UNK G 290 38.31 14.86 54.10
C UNK G 290 39.24 15.52 53.13
N UNK G 291 38.72 15.76 51.94
CA UNK G 291 39.56 16.28 50.88
C UNK G 291 40.02 17.67 51.26
N UNK G 292 39.10 18.45 51.82
CA UNK G 292 39.38 19.85 52.06
C UNK G 292 40.52 19.96 53.04
N UNK G 293 40.39 19.25 54.15
CA UNK G 293 41.42 19.18 55.16
C UNK G 293 42.64 18.49 54.56
N UNK G 294 42.34 17.54 53.68
CA UNK G 294 43.29 16.57 53.21
C UNK G 294 44.42 17.28 52.54
N UNK G 295 44.13 18.49 52.09
CA UNK G 295 45.05 19.27 51.32
C UNK G 295 46.30 19.51 52.15
N UNK G 296 46.11 19.77 53.43
CA UNK G 296 47.22 20.21 54.25
C UNK G 296 48.31 19.16 54.29
N UNK G 297 47.92 17.91 54.51
CA UNK G 297 48.88 16.84 54.59
C UNK G 297 49.59 16.79 53.28
N UNK G 298 48.92 17.29 52.25
CA UNK G 298 49.52 17.30 50.93
C UNK G 298 50.83 18.09 50.93
N UNK G 299 50.86 19.20 51.67
CA UNK G 299 52.03 20.06 51.62
C UNK G 299 53.33 19.41 52.09
N UNK G 300 53.27 18.73 53.23
CA UNK G 300 54.47 18.22 53.85
C UNK G 300 55.15 17.26 52.92
N UNK G 301 54.39 16.43 52.25
CA UNK G 301 54.99 15.56 51.28
C UNK G 301 55.65 16.48 50.27
N UNK G 302 54.98 17.59 49.99
CA UNK G 302 55.42 18.51 48.97
C UNK G 302 56.81 19.09 49.25
N UNK G 303 57.07 19.40 50.53
CA UNK G 303 58.30 20.08 50.96
C UNK G 303 59.31 19.22 51.73
N UNK G 304 59.12 17.91 51.63
CA UNK G 304 59.81 16.97 52.48
C UNK G 304 61.30 16.85 52.22
N UNK G 305 62.06 16.75 53.31
CA UNK G 305 63.41 16.25 53.22
C UNK G 305 63.19 14.81 52.85
N UNK G 306 63.90 14.29 51.86
CA UNK G 306 63.59 12.93 51.42
C UNK G 306 63.84 12.01 52.62
N UNK G 307 64.88 12.33 53.38
CA UNK G 307 65.20 11.61 54.60
C UNK G 307 64.40 12.20 55.76
N UNK G 308 63.58 13.19 55.41
CA UNK G 308 62.66 13.87 56.33
C UNK G 308 61.55 12.96 56.89
N UNK G 309 61.01 12.10 56.05
CA UNK G 309 59.88 11.29 56.50
C UNK G 309 60.05 9.78 56.55
N UNK G 310 59.57 9.22 57.64
CA UNK G 310 59.59 7.79 57.87
C UNK G 310 58.24 7.37 58.41
N UNK G 311 57.84 6.14 58.13
CA UNK G 311 56.56 5.62 58.60
C UNK G 311 56.70 4.26 59.26
N UNK G 312 55.90 4.02 60.29
CA UNK G 312 55.92 2.76 61.02
C UNK G 312 54.52 2.27 61.40
N UNK G 313 48.66 -4.84 52.82
CA UNK G 313 48.82 -4.14 51.55
C UNK G 313 49.21 -2.71 51.82
N UNK G 314 48.90 -2.28 53.02
CA UNK G 314 49.12 -0.90 53.38
C UNK G 314 50.58 -0.61 53.18
N UNK G 315 51.43 -1.57 53.51
CA UNK G 315 52.86 -1.29 53.45
C UNK G 315 53.25 -0.92 52.04
N UNK G 316 52.68 -1.59 51.05
CA UNK G 316 53.08 -1.31 49.68
C UNK G 316 52.76 0.13 49.32
N UNK G 317 51.54 0.55 49.64
CA UNK G 317 51.10 1.89 49.28
C UNK G 317 52.00 2.94 49.90
N UNK G 318 52.35 2.79 51.17
CA UNK G 318 53.24 3.77 51.77
C UNK G 318 54.62 3.63 51.12
N UNK G 319 55.08 2.38 50.99
CA UNK G 319 56.39 2.11 50.40
C UNK G 319 56.51 2.50 48.94
N UNK G 320 55.50 2.18 48.15
CA UNK G 320 55.54 2.54 46.74
C UNK G 320 55.50 4.05 46.71
N UNK G 321 54.63 4.61 47.55
CA UNK G 321 54.46 6.04 47.68
C UNK G 321 55.72 6.68 48.24
N UNK G 322 56.34 6.00 49.19
CA UNK G 322 57.53 6.54 49.82
C UNK G 322 58.68 6.23 48.88
N UNK G 323 58.66 5.01 48.35
CA UNK G 323 59.67 4.56 47.40
C UNK G 323 59.56 5.42 46.16
N UNK G 324 58.32 5.70 45.76
CA UNK G 324 58.07 6.53 44.60
C UNK G 324 58.63 7.90 44.89
N UNK G 325 58.41 8.36 46.12
CA UNK G 325 58.93 9.64 46.54
C UNK G 325 60.40 9.36 46.68
N UNK G 326 61.19 10.42 46.74
CA UNK G 326 62.64 10.32 46.88
C UNK G 326 62.98 9.81 48.27
N UNK G 327 61.96 9.71 49.12
CA UNK G 327 62.18 9.32 50.50
C UNK G 327 62.87 7.98 50.65
N UNK G 328 63.83 7.94 51.55
CA UNK G 328 64.58 6.74 51.83
C UNK G 328 64.14 5.99 53.08
N UNK G 329 63.75 6.73 54.13
CA UNK G 329 63.37 6.05 55.39
C UNK G 329 61.93 5.72 55.82
N UNK G 330 61.72 4.43 56.06
CA UNK G 330 60.46 3.88 56.57
C UNK G 330 60.80 2.63 57.40
N UNK G 331 60.07 2.40 58.49
CA UNK G 331 60.36 1.22 59.31
C UNK G 331 59.17 0.80 60.15
N UNK G 332 59.16 -0.45 60.57
CA UNK G 332 58.04 -0.97 61.37
C UNK G 332 58.16 -0.69 62.86
N UNK G 333 57.02 -0.28 63.45
CA UNK G 333 56.93 -0.03 64.88
C UNK G 333 57.75 -1.00 65.72
N UNK G 334 57.79 -2.26 65.32
CA UNK G 334 58.57 -3.24 66.05
C UNK G 334 60.02 -3.25 65.58
N UNK G 335 57.38 -25.35 60.59
CA UNK G 335 56.04 -24.85 60.35
C UNK G 335 55.04 -25.46 61.31
N UNK G 336 53.91 -24.78 61.50
CA UNK G 336 52.94 -25.11 62.53
C UNK G 336 52.41 -26.52 62.36
N UNK G 337 52.19 -26.95 61.12
CA UNK G 337 51.93 -28.36 60.87
C UNK G 337 53.19 -29.10 61.29
N UNK G 338 54.33 -28.49 60.96
CA UNK G 338 55.63 -29.00 61.34
C UNK G 338 55.77 -29.02 62.86
N UNK G 339 55.24 -27.98 63.51
CA UNK G 339 55.24 -27.90 64.96
C UNK G 339 54.41 -29.03 65.58
N UNK G 340 53.27 -29.32 64.95
CA UNK G 340 52.39 -30.39 65.39
C UNK G 340 53.17 -31.68 65.30
N UNK G 341 54.08 -31.76 64.33
CA UNK G 341 54.85 -32.97 64.10
C UNK G 341 55.51 -33.53 65.35
N UNK G 342 55.56 -34.85 65.39
CA UNK G 342 56.02 -35.67 66.52
C UNK G 342 57.41 -35.63 67.17
N UNK G 343 58.52 -35.59 66.45
CA UNK G 343 59.78 -35.58 67.24
C UNK G 343 61.14 -35.16 66.54
N UNK G 344 62.37 -34.98 67.27
CA UNK G 344 62.07 -35.23 68.78
C UNK G 344 61.93 -34.26 69.96
N UNK G 345 61.79 -32.96 69.76
CA UNK G 345 61.67 -32.10 70.93
C UNK G 345 61.48 -30.63 70.67
N UNK G 346 61.52 -29.86 71.75
CA UNK G 346 61.30 -28.43 71.65
C UNK G 346 62.06 -27.58 72.66
N UNK G 347 62.68 -26.52 72.15
CA UNK G 347 63.39 -25.57 72.98
C UNK G 347 62.60 -24.29 72.91
N UNK G 348 62.25 -23.74 74.07
CA UNK G 348 61.42 -22.54 74.06
C UNK G 348 62.00 -21.34 74.81
N UNK G 349 61.87 -20.24 74.06
CA UNK G 349 62.21 -18.87 74.36
C UNK G 349 60.88 -18.15 74.35
N UNK G 350 60.68 -17.18 75.22
CA UNK G 350 59.41 -16.45 75.26
C UNK G 350 58.33 -17.31 75.93
N UNK G 351 57.19 -16.73 76.26
CA UNK G 351 56.14 -17.49 76.92
C UNK G 351 55.01 -17.85 75.98
N UNK G 352 54.90 -19.13 75.65
CA UNK G 352 53.85 -19.57 74.75
C UNK G 352 52.45 -19.39 75.32
N UNK G 353 52.25 -19.75 76.58
CA UNK G 353 50.90 -19.73 77.09
C UNK G 353 50.37 -18.32 77.00
N UNK G 354 51.13 -17.34 77.45
CA UNK G 354 50.68 -15.98 77.26
C UNK G 354 50.65 -15.70 75.77
N UNK G 355 51.79 -15.97 75.15
CA UNK G 355 52.14 -15.36 73.88
C UNK G 355 51.26 -15.77 72.71
N UNK G 356 51.09 -17.06 72.52
CA UNK G 356 50.38 -17.55 71.35
C UNK G 356 49.13 -18.22 71.82
N UNK G 357 47.95 -17.86 71.35
CA UNK G 357 46.86 -18.76 71.73
C UNK G 357 47.03 -20.12 71.01
N UNK G 358 47.27 -20.01 69.71
CA UNK G 358 47.39 -21.16 68.84
C UNK G 358 48.62 -21.99 69.14
N UNK G 359 49.72 -21.31 69.40
CA UNK G 359 50.98 -22.01 69.65
C UNK G 359 50.83 -22.83 70.91
N UNK G 360 50.21 -22.24 71.92
CA UNK G 360 50.03 -22.94 73.18
C UNK G 360 49.17 -24.16 72.95
N UNK G 361 48.10 -23.99 72.17
CA UNK G 361 47.22 -25.13 71.94
C UNK G 361 47.98 -26.25 71.25
N UNK G 362 48.79 -25.88 70.27
CA UNK G 362 49.54 -26.86 69.50
C UNK G 362 50.54 -27.60 70.37
N UNK G 363 51.20 -26.86 71.25
CA UNK G 363 52.20 -27.46 72.13
C UNK G 363 51.50 -28.45 73.02
N UNK G 364 50.32 -28.05 73.48
CA UNK G 364 49.56 -28.89 74.39
C UNK G 364 49.20 -30.19 73.71
N UNK G 365 48.81 -30.12 72.44
CA UNK G 365 48.40 -31.34 71.76
C UNK G 365 49.56 -32.34 71.70
N UNK G 366 50.74 -31.84 71.40
CA UNK G 366 51.94 -32.61 71.33
C UNK G 366 52.08 -33.30 72.67
N UNK G 367 51.76 -32.58 73.73
CA UNK G 367 52.04 -33.10 75.06
C UNK G 367 51.32 -34.40 75.25
N UNK G 368 50.33 -34.58 74.40
CA UNK G 368 49.85 -35.90 74.04
C UNK G 368 50.96 -36.73 73.37
N UNK G 369 55.74 -35.87 77.30
CA UNK G 369 56.89 -36.10 76.44
C UNK G 369 57.20 -34.88 75.60
N UNK G 370 58.51 -34.63 75.47
CA UNK G 370 59.09 -33.69 74.55
C UNK G 370 58.53 -32.26 74.55
N UNK G 371 58.60 -31.54 75.66
CA UNK G 371 58.44 -30.07 75.68
C UNK G 371 59.63 -29.55 76.53
N UNK G 372 60.31 -28.50 76.09
CA UNK G 372 61.33 -27.87 76.91
C UNK G 372 61.43 -26.38 76.59
N UNK G 373 61.70 -25.54 77.58
CA UNK G 373 61.94 -24.14 77.22
C UNK G 373 62.69 -23.28 78.21
N UNK G 374 63.31 -22.23 77.69
CA UNK G 374 63.80 -21.14 78.48
C UNK G 374 63.24 -19.84 77.91
N UNK G 375 62.87 -18.95 78.81
CA UNK G 375 62.43 -17.60 78.45
C UNK G 375 62.99 -16.62 79.47
N UNK G 376 69.87 -14.63 81.51
CA UNK G 376 69.44 -15.58 80.50
C UNK G 376 70.60 -15.95 79.59
N UNK G 377 71.11 -14.91 78.96
CA UNK G 377 71.99 -15.00 77.85
C UNK G 377 73.17 -15.78 78.31
N UNK G 378 73.61 -15.54 79.54
CA UNK G 378 74.75 -16.29 80.05
C UNK G 378 74.33 -17.75 80.00
N UNK G 379 73.08 -17.97 80.39
CA UNK G 379 72.43 -19.26 80.27
C UNK G 379 72.33 -19.63 78.80
N UNK G 380 72.08 -18.64 77.96
CA UNK G 380 72.12 -18.83 76.50
C UNK G 380 73.55 -19.22 76.13
N UNK G 381 74.51 -18.57 76.77
CA UNK G 381 75.92 -18.91 76.66
C UNK G 381 76.09 -20.33 77.18
N UNK G 382 75.31 -20.68 78.19
CA UNK G 382 75.35 -22.00 78.77
C UNK G 382 74.53 -22.87 77.86
N UNK G 383 73.50 -22.26 77.27
CA UNK G 383 72.63 -22.99 76.38
C UNK G 383 73.56 -23.57 75.33
N UNK G 384 74.59 -22.83 74.96
CA UNK G 384 75.52 -23.34 73.96
C UNK G 384 76.14 -24.63 74.49
N UNK G 385 76.49 -24.63 75.78
CA UNK G 385 77.05 -25.81 76.43
C UNK G 385 75.93 -26.81 76.69
N UNK G 386 76.27 -28.09 76.84
CA UNK G 386 75.25 -29.10 77.10
C UNK G 386 74.57 -28.72 78.41
N UNK G 387 75.40 -28.32 79.38
CA UNK G 387 74.93 -27.85 80.67
C UNK G 387 74.61 -28.88 81.77
N UNK G 388 74.75 -30.17 81.51
CA UNK G 388 75.14 -30.77 80.25
C UNK G 388 74.19 -31.91 79.90
N UNK G 389 73.33 -32.26 80.87
CA UNK G 389 72.38 -33.36 80.70
C UNK G 389 71.35 -33.16 79.59
N UNK G 390 70.80 -31.96 79.50
CA UNK G 390 69.80 -31.73 78.46
C UNK G 390 70.48 -31.93 77.13
N UNK G 391 71.70 -31.42 77.02
CA UNK G 391 72.47 -31.51 75.80
C UNK G 391 72.61 -32.93 75.27
N UNK G 392 73.02 -33.85 76.13
CA UNK G 392 73.22 -35.22 75.68
C UNK G 392 71.89 -35.80 75.22
N UNK G 393 70.84 -35.63 76.02
CA UNK G 393 69.53 -36.13 75.63
C UNK G 393 68.99 -35.34 74.46
N UNK G 394 69.10 -34.02 74.57
CA UNK G 394 68.63 -33.12 73.52
C UNK G 394 69.40 -33.26 72.23
N UNK G 395 70.72 -33.33 72.34
CA UNK G 395 71.53 -33.47 71.14
C UNK G 395 71.14 -34.80 70.54
N UNK G 396 71.00 -35.79 71.42
CA UNK G 396 70.64 -37.11 71.00
C UNK G 396 69.17 -37.12 70.62
N UNK G 397 68.81 -36.38 69.59
CA UNK G 397 67.43 -36.34 69.17
C UNK G 397 67.26 -36.74 67.72
N UNK G 398 66.34 -37.67 67.48
CA UNK G 398 66.03 -38.11 66.13
C UNK G 398 65.37 -36.95 65.38
N UNK G 399 64.50 -36.23 66.09
CA UNK G 399 63.78 -35.09 65.53
C UNK G 399 63.98 -33.83 66.38
N UNK G 400 62.87 -33.27 66.87
CA UNK G 400 62.92 -32.05 67.70
C UNK G 400 62.86 -30.73 66.92
N UNK G 401 62.93 -29.64 67.67
CA UNK G 401 62.87 -28.26 67.13
C UNK G 401 63.24 -27.15 68.12
N UNK G 402 63.57 -25.94 67.64
CA UNK G 402 63.94 -24.87 68.56
C UNK G 402 62.89 -23.77 68.46
N UNK G 403 62.53 -23.15 69.57
CA UNK G 403 61.54 -22.07 69.54
C UNK G 403 62.14 -20.70 69.86
N UNK G 404 61.57 -19.64 69.30
CA UNK G 404 62.10 -18.29 69.53
C UNK G 404 61.17 -17.25 70.16
N UNK G 405 61.72 -16.53 71.15
CA UNK G 405 61.05 -15.47 71.92
C UNK G 405 60.82 -14.14 71.18
N UNK G 406 59.85 -13.37 71.67
CA UNK G 406 59.46 -12.09 71.08
C UNK G 406 60.44 -10.89 71.03
N UNK G 407 61.18 -10.61 72.11
CA UNK G 407 62.10 -9.45 72.07
C UNK G 407 61.29 -8.12 72.26
N UNK G 408 61.75 -6.93 71.85
CA UNK G 408 63.00 -6.70 71.19
C UNK G 408 64.02 -7.14 72.20
N UNK G 409 63.84 -6.67 73.44
CA UNK G 409 64.75 -7.00 74.53
C UNK G 409 65.99 -6.10 74.51
N UNK G 410 66.84 -6.25 75.53
CA UNK G 410 68.11 -5.55 75.57
C UNK G 410 69.17 -5.93 74.52
N UNK G 411 69.41 -7.22 74.30
CA UNK G 411 70.51 -7.63 73.40
C UNK G 411 70.15 -8.73 72.43
N UNK G 412 69.17 -8.48 71.57
CA UNK G 412 68.59 -9.58 70.80
C UNK G 412 69.54 -10.29 69.86
N UNK G 413 70.35 -9.51 69.16
CA UNK G 413 71.14 -10.07 68.08
C UNK G 413 72.02 -11.13 68.70
N UNK G 414 72.51 -10.83 69.89
CA UNK G 414 73.34 -11.76 70.63
C UNK G 414 72.49 -12.97 70.91
N UNK G 415 71.21 -12.87 71.19
CA UNK G 415 70.51 -14.17 71.26
C UNK G 415 70.51 -14.91 69.90
N UNK G 416 70.28 -14.10 68.88
CA UNK G 416 69.92 -14.62 67.58
C UNK G 416 71.08 -15.47 67.17
N UNK G 417 72.26 -14.93 67.42
CA UNK G 417 73.47 -15.64 67.09
C UNK G 417 73.42 -16.94 67.85
N UNK G 418 72.84 -16.87 69.04
CA UNK G 418 72.88 -17.98 69.96
C UNK G 418 72.19 -19.21 69.41
N UNK G 419 71.02 -19.03 68.83
CA UNK G 419 70.24 -20.15 68.32
C UNK G 419 70.95 -21.06 67.31
N UNK G 420 71.66 -20.46 66.38
CA UNK G 420 72.33 -21.21 65.32
C UNK G 420 73.36 -22.23 65.79
N UNK G 421 74.14 -21.88 66.80
CA UNK G 421 75.15 -22.80 67.27
C UNK G 421 74.45 -24.06 67.69
N UNK G 422 73.33 -23.92 68.38
CA UNK G 422 72.56 -25.08 68.77
C UNK G 422 72.13 -25.71 67.44
N UNK G 423 71.78 -24.84 66.51
CA UNK G 423 71.35 -25.23 65.19
C UNK G 423 72.49 -25.96 64.51
N UNK G 424 73.70 -25.46 64.71
CA UNK G 424 74.85 -26.09 64.10
C UNK G 424 75.02 -27.51 64.61
N UNK G 425 74.80 -27.72 65.89
CA UNK G 425 74.98 -29.03 66.48
C UNK G 425 74.07 -30.06 65.84
N UNK G 426 72.81 -29.70 65.60
CA UNK G 426 71.91 -30.65 64.98
C UNK G 426 71.44 -30.11 63.64
N UNK G 427 71.68 -30.89 62.58
CA UNK G 427 71.30 -30.47 61.25
C UNK G 427 69.80 -30.55 61.01
N UNK G 428 69.10 -29.42 61.24
CA UNK G 428 67.63 -29.35 61.04
C UNK G 428 66.81 -28.11 61.48
N UNK G 429 67.13 -27.55 62.64
CA UNK G 429 66.20 -26.69 63.37
C UNK G 429 65.78 -25.42 62.67
N UNK G 430 64.48 -25.14 62.76
CA UNK G 430 63.87 -23.96 62.19
C UNK G 430 62.92 -23.32 63.21
N UNK G 431 62.80 -22.00 63.13
CA UNK G 431 62.02 -21.26 64.11
C UNK G 431 60.86 -20.54 63.45
N UNK G 432 59.66 -20.71 63.98
CA UNK G 432 58.58 -19.85 63.57
C UNK G 432 58.34 -18.91 64.74
N UNK G 433 58.60 -17.63 64.56
CA UNK G 433 58.55 -16.71 65.67
C UNK G 433 57.27 -15.91 65.57
N UNK G 434 56.46 -15.96 66.61
CA UNK G 434 55.17 -15.29 66.56
C UNK G 434 55.31 -13.87 67.09
N UNK G 435 55.36 -12.92 66.18
CA UNK G 435 55.54 -11.54 66.57
C UNK G 435 54.30 -11.04 67.28
N UNK G 436 54.48 -10.23 68.31
CA UNK G 436 53.33 -9.74 69.03
C UNK G 436 52.53 -8.95 68.01
N UNK G 437 53.24 -8.19 67.19
CA UNK G 437 52.60 -7.45 66.12
C UNK G 437 52.00 -8.47 65.20
N UNK G 438 50.79 -8.21 64.75
CA UNK G 438 50.16 -9.13 63.83
C UNK G 438 50.87 -9.18 62.49
N UNK G 439 51.30 -8.00 62.06
CA UNK G 439 51.78 -7.78 60.70
C UNK G 439 53.27 -7.93 60.49
N UNK G 440 54.04 -8.13 61.54
CA UNK G 440 55.45 -7.84 61.41
C UNK G 440 56.01 -8.72 60.31
N UNK G 441 55.60 -9.98 60.30
CA UNK G 441 56.20 -10.89 59.36
C UNK G 441 55.92 -10.39 57.97
N UNK G 442 54.66 -10.03 57.79
CA UNK G 442 54.14 -9.49 56.55
C UNK G 442 54.93 -8.23 56.28
N UNK G 443 55.45 -7.64 57.36
CA UNK G 443 56.27 -6.45 57.18
C UNK G 443 57.65 -6.96 56.77
N UNK G 444 57.61 -7.80 55.75
CA UNK G 444 58.81 -8.38 55.18
C UNK G 444 59.69 -7.36 54.49
N UNK G 445 59.07 -6.36 53.86
CA UNK G 445 59.85 -5.41 53.06
C UNK G 445 60.70 -4.38 53.81
N UNK G 446 60.19 -3.84 54.91
CA UNK G 446 60.93 -2.82 55.64
C UNK G 446 61.74 -3.42 56.78
N UNK G 447 59.88 14.11 60.46
CA UNK G 447 58.46 14.03 60.09
C UNK G 447 58.16 12.56 60.04
N UNK G 448 57.02 12.12 60.55
CA UNK G 448 56.69 10.69 60.48
C UNK G 448 55.23 10.29 60.20
N UNK G 449 55.07 9.04 59.75
CA UNK G 449 53.80 8.39 59.51
C UNK G 449 53.84 7.20 60.47
N UNK G 450 52.76 6.95 61.23
CA UNK G 450 52.69 5.79 62.17
C UNK G 450 51.45 4.86 62.10
N UNK G 451 51.64 3.54 61.96
CA UNK G 451 50.54 2.56 61.87
C UNK G 451 49.65 2.30 63.13
N UNK G 452 50.27 2.06 64.28
CA UNK G 452 49.63 1.90 65.58
C UNK G 452 50.43 2.56 66.69
N UNK G 453 54.60 17.51 62.24
CA UNK G 453 53.71 17.01 61.21
C UNK G 453 53.78 15.49 61.13
N UNK G 454 52.99 14.84 61.97
CA UNK G 454 52.94 13.39 61.99
C UNK G 454 51.58 12.95 61.49
N UNK G 455 51.55 11.92 60.65
CA UNK G 455 50.30 11.46 60.12
C UNK G 455 50.22 10.03 60.63
N UNK G 456 49.14 9.70 61.31
CA UNK G 456 48.92 8.33 61.79
C UNK G 456 47.61 7.86 61.20
N UNK G 457 47.63 6.72 60.53
CA UNK G 457 46.39 6.21 59.99
C UNK G 457 45.99 5.04 60.89
N UNK G 458 44.91 5.26 61.63
CA UNK G 458 44.48 4.33 62.65
C UNK G 458 43.00 4.04 62.56
N UNK G 459 42.65 2.78 62.72
CA UNK G 459 41.35 2.40 63.22
C UNK G 459 41.42 2.51 64.73
N UNK G 460 40.26 2.59 65.36
CA UNK G 460 40.13 2.32 66.79
C UNK G 460 40.46 3.41 67.82
N UNK G 461 40.70 4.64 67.36
CA UNK G 461 41.02 5.72 68.28
C UNK G 461 42.23 5.51 69.20
N UNK G 462 43.42 5.34 68.62
CA UNK G 462 44.65 5.15 69.40
C UNK G 462 44.72 6.39 70.27
N UNK G 463 45.18 6.28 71.51
CA UNK G 463 45.08 7.44 72.36
C UNK G 463 46.28 8.32 72.15
N UNK G 464 47.39 7.68 71.83
CA UNK G 464 48.64 8.33 71.58
C UNK G 464 48.49 9.27 70.41
N UNK G 465 47.70 8.85 69.43
CA UNK G 465 47.63 9.58 68.19
C UNK G 465 47.18 10.98 68.53
N UNK G 466 46.29 11.09 69.50
CA UNK G 466 45.72 12.40 69.79
C UNK G 466 46.81 13.38 70.17
N UNK G 467 47.72 12.95 71.02
CA UNK G 467 48.76 13.85 71.48
C UNK G 467 49.55 14.24 70.27
N UNK G 468 49.70 13.29 69.36
CA UNK G 468 50.37 13.52 68.09
C UNK G 468 49.42 14.37 67.25
N UNK G 469 49.92 15.00 66.20
CA UNK G 469 49.10 15.86 65.34
C UNK G 469 48.60 15.20 64.04
N UNK G 470 47.28 15.19 63.85
CA UNK G 470 46.68 14.68 62.61
C UNK G 470 46.40 13.18 62.52
N UNK G 471 45.42 12.79 61.71
CA UNK G 471 45.11 11.38 61.53
C UNK G 471 44.19 11.10 60.34
N UNK G 472 44.14 9.85 59.91
CA UNK G 472 43.25 9.37 58.86
C UNK G 472 42.67 8.04 59.33
N UNK G 473 41.38 7.83 59.13
CA UNK G 473 40.69 6.68 59.73
C UNK G 473 40.26 5.65 58.70
N UNK G 474 40.62 4.40 58.98
CA UNK G 474 40.31 3.24 58.14
C UNK G 474 39.61 2.14 58.95
N UNK G 475 39.06 1.15 58.25
CA UNK G 475 38.29 0.11 58.91
C UNK G 475 39.10 -0.85 59.75
N UNK G 476 38.43 -1.39 60.76
CA UNK G 476 38.98 -2.45 61.59
C UNK G 476 39.23 -3.69 60.75
N UNK G 477 40.07 -4.55 61.30
CA UNK G 477 40.53 -5.70 60.59
C UNK G 477 39.27 -6.38 60.09
N UNK G 478 38.20 -6.27 60.84
CA UNK G 478 36.97 -6.91 60.43
C UNK G 478 36.53 -6.35 59.08
N UNK G 479 36.69 -5.06 58.90
CA UNK G 479 36.17 -4.39 57.72
C UNK G 479 37.12 -4.34 56.52
N UNK G 480 38.31 -4.90 56.64
CA UNK G 480 39.35 -4.63 55.64
C UNK G 480 39.40 -5.69 54.56
N UNK G 481 40.22 -5.47 53.54
CA UNK G 481 40.41 -6.49 52.52
C UNK G 481 41.85 -6.51 52.03
N UNK G 482 42.50 -7.65 52.21
CA UNK G 482 43.89 -7.78 51.83
C UNK G 482 44.50 -9.01 52.46
N UNK G 483 45.83 -9.00 52.57
CA UNK G 483 46.54 -10.13 53.13
C UNK G 483 47.52 -9.79 54.26
N UNK G 484 47.80 -10.82 55.05
CA UNK G 484 48.71 -10.80 56.19
C UNK G 484 49.69 -11.95 56.17
N UNK G 485 50.82 -11.79 56.82
CA UNK G 485 51.73 -12.91 56.94
C UNK G 485 51.91 -13.36 58.39
N UNK G 486 51.49 -14.60 58.60
CA UNK G 486 51.64 -15.37 59.81
C UNK G 486 53.06 -15.38 60.38
N UNK G 487 53.19 -15.54 61.69
CA UNK G 487 54.52 -15.81 62.25
C UNK G 487 55.11 -17.15 61.76
N UNK G 488 54.30 -17.93 61.05
CA UNK G 488 54.79 -19.14 60.41
C UNK G 488 55.08 -18.91 58.92
N UNK G 489 54.89 -17.71 58.44
CA UNK G 489 55.19 -17.65 57.03
C UNK G 489 54.02 -18.31 56.35
N UNK G 490 52.86 -17.73 56.58
CA UNK G 490 51.73 -17.96 55.67
C UNK G 490 50.92 -16.69 55.40
N UNK G 491 50.50 -16.50 54.16
CA UNK G 491 49.66 -15.35 53.76
C UNK G 491 48.15 -15.63 53.92
N UNK G 492 47.46 -14.74 54.62
CA UNK G 492 46.06 -14.90 54.98
C UNK G 492 45.17 -13.77 54.50
N UNK G 493 43.93 -14.04 54.06
CA UNK G 493 43.11 -13.00 53.36
C UNK G 493 41.85 -12.33 54.02
N UNK G 494 42.03 -11.13 54.59
CA UNK G 494 41.05 -10.36 55.31
C UNK G 494 40.01 -10.06 54.28
N UNK G 495 38.82 -10.58 54.48
CA UNK G 495 37.66 -10.10 53.75
C UNK G 495 37.05 -8.98 54.54
N UNK G 496 36.30 -8.16 53.80
CA UNK G 496 35.64 -7.00 54.35
C UNK G 496 34.45 -7.42 55.18
N UNK G 497 34.36 -6.82 56.35
CA UNK G 497 33.21 -7.00 57.20
C UNK G 497 32.17 -6.19 56.49
N UNK G 498 30.91 -6.39 56.84
CA UNK G 498 29.87 -5.61 56.22
C UNK G 498 29.95 -4.30 56.98
N UNK G 499 31.08 -3.63 56.81
CA UNK G 499 31.33 -2.39 57.51
C UNK G 499 31.84 -1.24 56.65
N UNK G 500 31.25 -0.08 56.89
CA UNK G 500 31.64 1.18 56.31
C UNK G 500 31.19 2.12 57.43
N UNK G 501 31.98 2.21 58.49
CA UNK G 501 31.62 2.98 59.68
C UNK G 501 31.39 4.49 59.50
N UNK G 502 32.26 5.12 58.73
CA UNK G 502 32.16 6.55 58.47
C UNK G 502 32.89 6.65 57.16
N UNK G 503 32.87 7.79 56.48
CA UNK G 503 33.62 7.88 55.22
C UNK G 503 35.05 7.57 55.60
N UNK G 504 35.66 6.63 54.90
CA UNK G 504 37.00 6.22 55.27
C UNK G 504 37.64 5.31 54.27
N UNK G 505 38.88 4.96 54.56
CA UNK G 505 39.63 4.11 53.65
C UNK G 505 38.98 2.72 53.63
N UNK G 506 38.98 2.06 52.48
CA UNK G 506 39.60 2.60 51.29
C UNK G 506 41.09 2.81 51.55
N UNK G 507 41.69 1.90 52.31
CA UNK G 507 43.10 1.98 52.65
C UNK G 507 43.98 1.89 51.40
N UNK G 508 43.66 0.97 50.50
CA UNK G 508 44.42 0.86 49.27
C UNK G 508 44.19 2.18 48.56
N UNK G 509 42.93 2.59 48.61
CA UNK G 509 42.47 3.86 48.05
C UNK G 509 43.13 4.99 48.83
N UNK G 510 43.30 4.78 50.13
CA UNK G 510 43.87 5.85 50.94
C UNK G 510 45.26 6.25 50.53
N UNK G 511 46.18 5.31 50.42
CA UNK G 511 47.51 5.70 50.03
C UNK G 511 47.59 6.19 48.59
N UNK G 512 46.99 5.45 47.66
CA UNK G 512 47.07 5.82 46.25
C UNK G 512 46.41 7.14 46.00
N UNK G 513 45.25 7.31 46.57
CA UNK G 513 44.55 8.55 46.42
C UNK G 513 45.53 9.63 46.83
N UNK G 514 46.33 9.33 47.85
CA UNK G 514 47.27 10.31 48.32
C UNK G 514 48.46 10.31 47.40
N UNK G 515 48.32 11.05 46.32
CA UNK G 515 49.36 11.17 45.33
C UNK G 515 49.03 12.33 44.41
N UNK G 516 47.74 12.47 44.12
CA UNK G 516 47.27 13.53 43.25
C UNK G 516 47.52 14.92 43.84
N UNK G 517 47.28 15.08 45.12
CA UNK G 517 47.48 16.37 45.77
C UNK G 517 48.94 16.78 45.63
N UNK G 518 49.77 15.75 45.83
CA UNK G 518 51.23 15.79 45.73
C UNK G 518 51.73 15.23 44.40
N UNK G 519 50.80 14.86 43.53
CA UNK G 519 51.10 14.35 42.19
C UNK G 519 51.93 13.08 41.90
N UNK G 520 51.82 12.04 42.72
CA UNK G 520 52.54 10.80 42.40
C UNK G 520 51.46 9.78 42.03
N UNK G 521 51.65 8.94 41.01
CA UNK G 521 50.53 8.04 40.68
C UNK G 521 50.60 6.87 41.61
N UNK G 522 49.47 6.17 41.67
CA UNK G 522 49.14 5.11 42.61
C UNK G 522 49.99 3.85 42.54
N UNK G 523 50.38 3.47 41.34
CA UNK G 523 51.13 2.25 41.11
C UNK G 523 50.19 1.05 41.15
N UNK G 524 48.92 1.32 41.48
CA UNK G 524 47.78 0.46 41.16
C UNK G 524 46.57 1.29 40.72
N UNK G 525 46.08 0.98 39.53
CA UNK G 525 44.83 1.50 39.05
C UNK G 525 43.68 0.99 39.90
N UNK G 526 43.74 -0.31 40.20
CA UNK G 526 42.68 -0.92 40.99
C UNK G 526 43.25 -1.93 41.96
N UNK G 527 42.42 -2.25 42.95
CA UNK G 527 42.85 -3.01 44.09
C UNK G 527 43.37 -4.31 43.55
N UNK G 528 42.70 -4.84 42.54
CA UNK G 528 43.19 -6.05 41.93
C UNK G 528 44.58 -5.74 41.39
N UNK G 529 44.73 -4.57 40.81
CA UNK G 529 46.00 -4.24 40.21
C UNK G 529 47.11 -4.22 41.24
N UNK G 530 46.81 -3.58 42.37
CA UNK G 530 47.82 -3.32 43.36
C UNK G 530 48.35 -4.66 43.77
N UNK G 531 47.47 -5.63 43.86
CA UNK G 531 47.89 -6.92 44.38
C UNK G 531 48.98 -7.44 43.48
N UNK G 532 48.83 -7.23 42.19
CA UNK G 532 49.80 -7.78 41.26
C UNK G 532 51.14 -7.18 41.62
N UNK G 533 51.15 -5.93 42.05
CA UNK G 533 52.43 -5.30 42.39
C UNK G 533 53.06 -6.16 43.45
N UNK G 534 52.21 -6.69 44.30
CA UNK G 534 52.65 -7.56 45.35
C UNK G 534 53.34 -8.80 44.77
N UNK G 535 52.85 -9.32 43.65
CA UNK G 535 53.41 -10.55 43.13
C UNK G 535 54.87 -10.30 42.81
N UNK G 536 55.13 -9.16 42.19
CA UNK G 536 56.50 -8.76 41.88
C UNK G 536 57.24 -8.63 43.20
N UNK G 537 56.53 -8.17 44.21
CA UNK G 537 57.06 -8.16 45.56
C UNK G 537 57.19 -9.61 46.02
N UNK G 538 56.69 -10.54 45.22
CA UNK G 538 56.85 -11.97 45.44
C UNK G 538 55.79 -12.40 46.39
N UNK H 1 -45.43 37.53 29.72
CA UNK H 1 -43.98 37.42 29.73
C UNK H 1 -43.52 36.73 31.00
N UNK H 2 -43.82 37.33 32.14
CA UNK H 2 -43.33 36.83 33.39
C UNK H 2 -43.84 35.42 33.53
N UNK H 3 -44.99 35.18 32.91
CA UNK H 3 -45.56 33.85 32.96
C UNK H 3 -44.57 32.89 32.35
N UNK H 4 -43.95 33.31 31.25
CA UNK H 4 -43.06 32.42 30.53
C UNK H 4 -41.93 32.06 31.45
N UNK H 5 -41.52 33.03 32.26
CA UNK H 5 -40.48 32.79 33.23
C UNK H 5 -40.95 31.74 34.19
N UNK H 6 -42.23 31.78 34.54
CA UNK H 6 -42.72 30.89 35.56
C UNK H 6 -42.45 29.48 35.10
N UNK H 7 -42.68 29.25 33.82
CA UNK H 7 -42.44 27.93 33.26
C UNK H 7 -40.95 27.61 33.42
N UNK H 8 -40.12 28.61 33.18
CA UNK H 8 -38.69 28.37 33.24
C UNK H 8 -38.28 27.92 34.62
N UNK H 9 -38.78 28.59 35.65
CA UNK H 9 -38.44 28.20 37.00
C UNK H 9 -38.97 26.83 37.32
N UNK H 10 -40.22 26.55 37.03
CA UNK H 10 -40.76 25.28 37.46
C UNK H 10 -40.05 24.12 36.79
N UNK H 11 -39.87 24.24 35.48
CA UNK H 11 -39.36 23.11 34.74
C UNK H 11 -37.97 22.73 35.20
N UNK H 12 -37.11 23.72 35.38
CA UNK H 12 -35.75 23.42 35.75
C UNK H 12 -35.75 22.73 37.09
N UNK H 13 -36.47 23.33 38.04
CA UNK H 13 -36.43 22.87 39.41
C UNK H 13 -36.94 21.46 39.41
N UNK H 14 -37.91 21.19 38.55
CA UNK H 14 -38.46 19.85 38.50
C UNK H 14 -37.40 18.84 38.09
N UNK H 15 -36.54 19.24 37.17
CA UNK H 15 -35.70 18.27 36.52
C UNK H 15 -34.81 17.56 37.51
N UNK H 16 -34.11 18.33 38.33
CA UNK H 16 -33.17 17.76 39.28
C UNK H 16 -33.90 16.86 40.24
N UNK H 17 -35.08 17.30 40.66
CA UNK H 17 -35.87 16.52 41.60
C UNK H 17 -36.10 15.19 40.91
N UNK H 18 -36.30 15.25 39.61
CA UNK H 18 -36.50 14.04 38.85
C UNK H 18 -35.23 13.22 39.03
N UNK H 19 -34.09 13.91 39.08
CA UNK H 19 -32.82 13.23 39.23
C UNK H 19 -32.76 12.42 40.52
N UNK H 20 -33.27 12.97 41.61
CA UNK H 20 -33.28 12.24 42.86
C UNK H 20 -34.23 11.08 42.77
N UNK H 21 -35.38 11.33 42.16
CA UNK H 21 -36.41 10.34 42.17
C UNK H 21 -35.86 9.12 41.51
N UNK H 22 -35.22 9.30 40.37
CA UNK H 22 -34.73 8.15 39.62
C UNK H 22 -33.69 7.40 40.42
N UNK H 23 -32.76 8.12 41.03
CA UNK H 23 -31.69 7.43 41.73
C UNK H 23 -32.35 6.63 42.82
N UNK H 24 -33.31 7.22 43.52
CA UNK H 24 -33.93 6.44 44.59
C UNK H 24 -34.63 5.21 44.04
N UNK H 25 -35.36 5.43 42.96
CA UNK H 25 -36.23 4.40 42.45
C UNK H 25 -35.35 3.24 42.10
N UNK H 26 -34.27 3.59 41.39
CA UNK H 26 -33.30 2.63 40.92
C UNK H 26 -32.65 1.98 42.12
N UNK H 27 -32.37 2.76 43.15
CA UNK H 27 -31.77 2.21 44.36
C UNK H 27 -32.77 1.21 44.93
N UNK H 28 -34.05 1.59 44.90
CA UNK H 28 -35.10 0.72 45.42
C UNK H 28 -35.22 -0.57 44.61
N UNK H 29 -35.12 -0.46 43.29
CA UNK H 29 -35.18 -1.62 42.42
C UNK H 29 -33.99 -2.51 42.75
N UNK H 30 -32.86 -1.85 42.96
CA UNK H 30 -31.61 -2.51 43.32
C UNK H 30 -31.80 -3.15 44.69
N UNK H 31 -32.67 -2.55 45.48
CA UNK H 31 -32.98 -2.97 46.84
C UNK H 31 -31.98 -2.31 47.79
N UNK H 32 -31.16 -1.43 47.22
CA UNK H 32 -30.17 -0.69 47.97
C UNK H 32 -30.80 0.64 48.36
N UNK H 33 -30.71 0.99 49.63
CA UNK H 33 -31.28 2.24 50.09
C UNK H 33 -30.74 3.42 49.32
N UNK H 34 -31.62 4.38 49.01
CA UNK H 34 -31.24 5.59 48.31
C UNK H 34 -30.46 6.38 49.33
N UNK H 35 -29.64 7.33 48.89
CA UNK H 35 -28.87 8.08 49.86
C UNK H 35 -29.84 8.73 50.84
N UNK H 36 -29.58 8.55 52.13
CA UNK H 36 -30.41 9.11 53.17
C UNK H 36 -29.69 10.18 53.96
N UNK H 37 -28.50 10.55 53.51
CA UNK H 37 -27.73 11.58 54.18
C UNK H 37 -27.55 12.72 53.20
N UNK H 38 -26.96 13.82 53.65
CA UNK H 38 -26.80 14.94 52.74
C UNK H 38 -28.14 15.46 52.28
N UNK H 39 -29.23 14.82 52.76
CA UNK H 39 -30.65 15.21 52.50
C UNK H 39 -31.57 14.94 53.72
N UNK H 40 -32.56 15.80 54.02
CA UNK H 40 -33.41 15.59 55.22
C UNK H 40 -34.34 14.37 55.35
N UNK H 41 -35.20 14.08 54.38
CA UNK H 41 -35.99 12.86 54.41
C UNK H 41 -35.63 11.66 53.50
N UNK H 42 -34.61 11.74 52.65
CA UNK H 42 -33.71 12.83 52.50
C UNK H 42 -34.00 13.59 51.21
N UNK H 43 -34.00 14.92 51.23
CA UNK H 43 -34.28 15.68 50.00
C UNK H 43 -33.29 16.77 49.62
N UNK H 44 -32.67 17.35 50.63
CA UNK H 44 -31.69 18.42 50.51
C UNK H 44 -30.39 18.03 49.80
N UNK H 45 -29.92 16.82 50.05
CA UNK H 45 -28.66 16.32 49.50
C UNK H 45 -28.59 16.29 47.97
N UNK H 46 -29.69 15.92 47.31
CA UNK H 46 -29.69 15.85 45.86
C UNK H 46 -29.42 17.22 45.25
N UNK H 47 -30.01 18.26 45.81
CA UNK H 47 -29.82 19.62 45.32
C UNK H 47 -28.37 20.10 45.46
N UNK H 48 -27.75 19.77 46.58
CA UNK H 48 -26.38 20.16 46.87
C UNK H 48 -25.44 19.58 45.84
N UNK H 49 -25.72 18.36 45.43
CA UNK H 49 -24.88 17.66 44.49
C UNK H 49 -24.88 18.42 43.19
N UNK H 50 -26.06 18.89 42.79
CA UNK H 50 -26.09 19.65 41.55
C UNK H 50 -25.22 20.90 41.66
N UNK H 51 -25.32 21.59 42.78
CA UNK H 51 -24.50 22.80 42.94
C UNK H 51 -23.00 22.50 42.87
N UNK H 52 -22.64 21.40 43.49
CA UNK H 52 -21.24 20.97 43.54
C UNK H 52 -20.73 20.64 42.15
N UNK H 53 -21.56 19.98 41.36
CA UNK H 53 -21.17 19.62 40.01
C UNK H 53 -20.92 20.91 39.25
N UNK H 54 -21.76 21.89 39.53
CA UNK H 54 -21.60 23.19 38.90
C UNK H 54 -20.28 23.90 39.22
N UNK H 55 -19.82 23.82 40.46
CA UNK H 55 -18.64 24.56 40.89
C UNK H 55 -17.35 23.86 40.51
N UNK H 56 -17.48 22.75 39.79
CA UNK H 56 -16.32 21.90 39.49
C UNK H 56 -15.24 22.58 38.65
N UNK H 57 -15.65 23.33 37.64
CA UNK H 57 -14.73 24.02 36.73
C UNK H 57 -14.23 23.05 35.67
N UNK H 58 -14.66 23.26 34.43
CA UNK H 58 -14.32 22.36 33.34
C UNK H 58 -12.97 22.68 32.73
N UNK H 59 -12.53 21.85 31.79
CA UNK H 59 -11.30 22.08 31.07
C UNK H 59 -11.59 22.05 29.59
N UNK H 60 -11.31 23.14 28.91
CA UNK H 60 -11.52 23.18 27.48
C UNK H 60 -10.58 22.15 26.93
N UNK H 61 -11.04 21.38 25.95
CA UNK H 61 -10.22 20.35 25.35
C UNK H 61 -9.14 20.98 24.47
N UNK H 62 -7.89 20.70 24.81
CA UNK H 62 -6.76 21.26 24.07
C UNK H 62 -6.78 20.75 22.64
N UNK H 63 -6.42 21.62 21.70
CA UNK H 63 -6.40 21.24 20.31
C UNK H 63 -7.77 20.74 19.91
N UNK H 64 -8.79 21.36 20.48
CA UNK H 64 -10.17 21.02 20.17
C UNK H 64 -10.84 22.25 19.57
N UNK H 65 -11.48 22.12 18.40
CA UNK H 65 -11.96 23.34 17.77
C UNK H 65 -13.16 23.89 18.48
N UNK H 66 -12.84 24.84 19.34
CA UNK H 66 -13.80 25.52 20.20
C UNK H 66 -14.86 26.39 19.55
N UNK H 67 -14.53 27.18 18.54
CA UNK H 67 -15.67 27.98 18.10
C UNK H 67 -16.92 27.13 18.09
N UNK H 68 -16.81 25.90 17.61
CA UNK H 68 -17.94 24.99 17.55
C UNK H 68 -18.50 24.60 18.92
N UNK H 69 -17.62 24.41 19.89
CA UNK H 69 -18.03 23.96 21.22
C UNK H 69 -19.02 24.89 21.88
N UNK H 70 -18.84 26.18 21.68
CA UNK H 70 -19.73 27.13 22.29
C UNK H 70 -21.14 26.85 21.82
N UNK H 71 -21.28 26.43 20.58
CA UNK H 71 -22.60 26.19 20.04
C UNK H 71 -23.43 25.15 20.79
N UNK H 72 -22.94 24.01 21.25
CA UNK H 72 -23.88 23.02 21.87
C UNK H 72 -24.78 23.31 23.13
N UNK H 73 -24.23 23.97 24.13
CA UNK H 73 -24.98 24.24 25.36
C UNK H 73 -26.24 25.06 25.08
N UNK H 74 -26.11 26.06 24.22
CA UNK H 74 -27.24 26.89 23.87
C UNK H 74 -28.28 25.98 23.25
N UNK H 75 -27.79 24.99 22.50
CA UNK H 75 -28.64 24.03 21.82
C UNK H 75 -29.53 23.18 22.72
N UNK H 76 -29.03 22.70 23.86
CA UNK H 76 -29.91 21.83 24.71
C UNK H 76 -31.24 22.43 25.34
N UNK H 77 -31.10 23.65 25.85
CA UNK H 77 -32.22 24.33 26.47
C UNK H 77 -33.26 24.70 25.42
N UNK H 78 -32.88 25.67 24.58
CA UNK H 78 -33.71 26.22 23.52
C UNK H 78 -34.71 25.21 22.95
N UNK H 79 -34.35 23.95 23.04
CA UNK H 79 -35.23 22.91 22.55
C UNK H 79 -36.25 22.51 23.61
N UNK H 80 -35.84 22.36 24.86
CA UNK H 80 -36.83 21.92 25.85
C UNK H 80 -38.00 22.89 26.03
N UNK H 81 -37.67 24.17 26.14
CA UNK H 81 -38.66 25.18 26.49
C UNK H 81 -39.71 25.23 25.42
N UNK H 82 -39.25 25.13 24.18
CA UNK H 82 -40.16 25.19 23.06
C UNK H 82 -41.10 24.02 23.22
N UNK H 83 -40.56 22.88 23.63
CA UNK H 83 -41.40 21.70 23.70
C UNK H 83 -42.52 21.90 24.71
N UNK H 84 -42.19 22.44 25.88
CA UNK H 84 -43.24 22.64 26.89
C UNK H 84 -44.31 23.63 26.40
N UNK H 85 -43.85 24.69 25.73
CA UNK H 85 -44.77 25.69 25.25
C UNK H 85 -45.73 25.06 24.26
N UNK H 86 -45.17 24.28 23.36
CA UNK H 86 -45.98 23.69 22.32
C UNK H 86 -46.99 22.80 23.00
N UNK H 87 -46.57 22.08 24.04
CA UNK H 87 -47.48 21.14 24.70
C UNK H 87 -48.73 21.71 25.37
N UNK H 88 -48.62 22.86 26.00
CA UNK H 88 -49.78 23.53 26.57
C UNK H 88 -50.64 22.69 27.50
N UNK H 89 -51.76 22.20 26.99
CA UNK H 89 -52.67 21.44 27.80
C UNK H 89 -53.21 22.51 28.73
N UNK H 90 -53.73 22.13 29.88
CA UNK H 90 -54.26 23.12 30.79
C UNK H 90 -55.48 23.76 30.14
N UNK H 91 -55.71 25.05 30.40
CA UNK H 91 -56.87 25.75 29.84
C UNK H 91 -56.62 27.10 29.16
N UNK H 92 -55.53 27.24 28.40
CA UNK H 92 -54.59 26.15 28.17
C UNK H 92 -53.40 26.53 27.29
N UNK H 93 -52.92 27.78 27.41
CA UNK H 93 -51.76 28.26 26.68
C UNK H 93 -50.73 27.19 26.35
N UNK H 94 -50.04 27.34 25.23
CA UNK H 94 -50.33 28.37 24.22
C UNK H 94 -51.06 27.67 23.09
N UNK H 95 -51.37 28.38 22.01
CA UNK H 95 -51.96 27.68 20.86
C UNK H 95 -51.13 27.82 19.59
N UNK H 96 -50.90 26.71 18.91
CA UNK H 96 -50.15 26.70 17.67
C UNK H 96 -50.99 26.03 16.59
N UNK H 97 -50.96 26.57 15.38
CA UNK H 97 -51.77 25.99 14.32
C UNK H 97 -51.35 24.55 14.05
N UNK H 98 -50.06 24.29 14.03
CA UNK H 98 -49.58 22.94 13.78
C UNK H 98 -48.53 22.52 14.80
N UNK H 99 -48.96 22.31 16.03
CA UNK H 99 -48.06 21.94 17.11
C UNK H 99 -47.34 20.62 16.93
N UNK H 100 -48.07 19.58 16.51
CA UNK H 100 -47.49 18.25 16.30
C UNK H 100 -46.27 18.46 15.44
N UNK H 101 -46.50 19.16 14.35
CA UNK H 101 -45.43 19.52 13.45
C UNK H 101 -44.35 20.15 14.30
N UNK H 102 -44.74 20.99 15.23
CA UNK H 102 -43.76 21.65 16.06
C UNK H 102 -42.93 20.69 16.89
N UNK H 103 -43.57 19.68 17.49
CA UNK H 103 -42.80 18.70 18.26
C UNK H 103 -41.83 17.93 17.37
N UNK H 104 -42.29 17.56 16.19
CA UNK H 104 -41.44 16.82 15.30
C UNK H 104 -40.23 17.68 14.96
N UNK H 105 -40.47 18.96 14.75
CA UNK H 105 -39.42 19.91 14.40
C UNK H 105 -38.41 20.04 15.53
N UNK H 106 -38.93 20.08 16.75
CA UNK H 106 -38.07 20.21 17.90
C UNK H 106 -37.14 19.04 17.95
N UNK H 107 -37.64 17.84 17.65
CA UNK H 107 -36.79 16.66 17.80
C UNK H 107 -35.52 16.68 16.92
N UNK H 108 -35.67 17.09 15.67
CA UNK H 108 -34.60 17.09 14.67
C UNK H 108 -33.48 18.06 15.06
N UNK H 109 -33.87 19.25 15.50
CA UNK H 109 -32.91 20.26 15.89
C UNK H 109 -31.93 19.61 16.83
N UNK H 110 -32.42 18.63 17.57
CA UNK H 110 -31.59 17.91 18.51
C UNK H 110 -30.50 17.21 17.74
N UNK H 111 -30.86 16.65 16.60
CA UNK H 111 -29.89 15.91 15.84
C UNK H 111 -28.72 16.79 15.49
N UNK H 112 -29.01 18.02 15.10
CA UNK H 112 -27.95 18.92 14.74
C UNK H 112 -27.08 19.12 15.96
N UNK H 113 -27.71 19.26 17.13
CA UNK H 113 -26.94 19.50 18.35
C UNK H 113 -25.98 18.39 18.71
N UNK H 114 -26.43 17.14 18.62
CA UNK H 114 -25.55 16.01 18.94
C UNK H 114 -24.42 15.95 17.92
N UNK H 115 -24.78 16.14 16.65
CA UNK H 115 -23.85 16.11 15.54
C UNK H 115 -22.82 17.24 15.53
N UNK H 116 -23.26 18.45 15.88
CA UNK H 116 -22.37 19.59 15.86
C UNK H 116 -21.32 19.45 16.93
N UNK H 117 -21.74 19.02 18.11
CA UNK H 117 -20.81 18.86 19.20
C UNK H 117 -19.74 17.87 18.79
N UNK H 118 -20.20 16.73 18.34
CA UNK H 118 -19.35 15.65 17.95
C UNK H 118 -18.14 16.09 17.15
N UNK H 119 -18.39 16.84 16.09
CA UNK H 119 -17.30 17.24 15.21
C UNK H 119 -16.31 17.97 16.09
N UNK H 120 -16.86 18.76 16.99
CA UNK H 120 -16.05 19.56 17.90
C UNK H 120 -14.92 18.85 18.65
N UNK H 121 -15.22 17.73 19.29
CA UNK H 121 -14.20 17.06 20.10
C UNK H 121 -12.85 16.94 19.45
N UNK H 122 -12.82 16.70 18.15
CA UNK H 122 -11.54 16.51 17.49
C UNK H 122 -10.83 15.34 18.12
N UNK H 123 -11.59 14.29 18.40
CA UNK H 123 -11.04 13.09 18.99
C UNK H 123 -11.52 11.86 18.22
N UNK H 124 -10.77 10.77 18.31
CA UNK H 124 -11.19 9.52 17.69
C UNK H 124 -12.48 8.92 18.28
N UNK H 125 -12.62 8.97 19.59
CA UNK H 125 -13.59 8.13 20.29
C UNK H 125 -14.99 8.73 20.35
N UNK H 126 -15.02 10.03 20.57
CA UNK H 126 -16.26 10.75 20.55
C UNK H 126 -16.62 11.00 19.07
N UNK H 127 -15.68 11.54 18.31
CA UNK H 127 -15.96 11.85 16.91
C UNK H 127 -16.35 10.63 16.12
N UNK H 128 -15.61 9.54 16.26
CA UNK H 128 -15.95 8.32 15.57
C UNK H 128 -17.29 7.87 16.13
N UNK H 129 -17.41 8.00 17.44
CA UNK H 129 -18.62 7.64 18.20
C UNK H 129 -19.85 8.49 17.86
N UNK H 130 -19.62 9.78 17.62
CA UNK H 130 -20.72 10.70 17.32
C UNK H 130 -21.47 10.31 16.06
N UNK H 131 -20.75 9.87 15.03
CA UNK H 131 -21.37 9.46 13.78
C UNK H 131 -22.30 8.28 14.07
N UNK H 132 -21.83 7.39 14.93
CA UNK H 132 -22.57 6.21 15.31
C UNK H 132 -23.85 6.68 15.95
N UNK H 133 -23.74 7.74 16.74
CA UNK H 133 -24.88 8.29 17.44
C UNK H 133 -25.98 8.79 16.53
N UNK H 134 -25.60 9.43 15.44
CA UNK H 134 -26.58 9.97 14.53
C UNK H 134 -27.45 8.84 14.04
N UNK H 135 -26.81 7.72 13.71
CA UNK H 135 -27.58 6.62 13.23
C UNK H 135 -28.77 6.47 14.11
N UNK H 136 -28.54 6.50 15.41
CA UNK H 136 -29.60 6.16 16.31
C UNK H 136 -30.69 7.17 16.10
N UNK H 137 -30.30 8.44 16.07
CA UNK H 137 -31.33 9.45 16.09
C UNK H 137 -32.15 9.28 14.86
N UNK H 138 -31.46 9.15 13.75
CA UNK H 138 -32.16 9.23 12.50
C UNK H 138 -33.09 8.09 12.45
N UNK H 139 -32.54 6.90 12.64
CA UNK H 139 -33.27 5.74 12.24
C UNK H 139 -34.55 5.60 13.01
N UNK H 140 -34.48 5.81 14.31
CA UNK H 140 -35.66 5.58 15.11
C UNK H 140 -36.73 6.55 14.67
N UNK H 141 -36.37 7.80 14.48
CA UNK H 141 -37.40 8.83 14.47
C UNK H 141 -38.43 8.64 13.37
N UNK H 142 -37.94 8.34 12.18
CA UNK H 142 -38.86 8.16 11.08
C UNK H 142 -40.04 7.40 11.59
N UNK H 143 -39.75 6.49 12.51
CA UNK H 143 -40.82 5.76 13.14
C UNK H 143 -41.68 6.78 13.84
N UNK H 144 -41.03 7.79 14.42
CA UNK H 144 -41.80 8.72 15.20
C UNK H 144 -42.80 9.36 14.29
N UNK H 145 -42.33 9.78 13.13
CA UNK H 145 -43.22 10.46 12.22
C UNK H 145 -44.37 9.57 11.78
N UNK H 146 -44.08 8.32 11.41
CA UNK H 146 -45.16 7.51 10.85
C UNK H 146 -46.21 7.37 11.91
N UNK H 147 -45.71 7.13 13.10
CA UNK H 147 -46.60 6.81 14.16
C UNK H 147 -47.51 7.97 14.44
N UNK H 148 -46.93 9.17 14.52
CA UNK H 148 -47.73 10.32 14.90
C UNK H 148 -48.75 10.47 13.84
N UNK H 149 -48.30 10.31 12.62
CA UNK H 149 -49.04 10.68 11.46
C UNK H 149 -50.31 9.94 11.52
N UNK H 150 -50.38 8.70 11.96
CA UNK H 150 -51.75 8.14 12.12
C UNK H 150 -52.70 8.72 13.25
N UNK H 151 -52.11 8.86 14.42
CA UNK H 151 -52.90 9.10 15.61
C UNK H 151 -53.59 10.40 15.36
N UNK H 152 -52.83 11.32 14.81
CA UNK H 152 -53.37 12.61 14.45
C UNK H 152 -54.47 12.33 13.47
N UNK H 153 -54.28 11.30 12.65
CA UNK H 153 -55.17 11.13 11.52
C UNK H 153 -56.59 11.01 12.00
N UNK H 154 -56.85 10.31 13.11
CA UNK H 154 -58.29 10.30 13.57
C UNK H 154 -58.92 11.68 14.01
N UNK H 155 -58.18 12.35 14.89
CA UNK H 155 -58.57 13.67 15.33
C UNK H 155 -58.13 14.62 14.25
N UNK H 156 -59.04 15.52 13.88
CA UNK H 156 -58.84 16.35 12.70
C UNK H 156 -57.68 17.33 12.73
N UNK H 157 -57.53 18.12 13.79
CA UNK H 157 -56.50 19.17 13.75
C UNK H 157 -55.10 18.86 14.16
N UNK H 158 -54.18 19.16 13.26
CA UNK H 158 -52.78 19.00 13.55
C UNK H 158 -52.59 20.11 14.56
N UNK H 159 -51.58 19.99 15.41
CA UNK H 159 -51.27 20.93 16.48
C UNK H 159 -51.93 20.43 17.75
N UNK H 160 -51.38 20.81 18.89
CA UNK H 160 -51.85 20.36 20.18
C UNK H 160 -53.27 20.75 20.61
N UNK H 161 -53.71 21.95 20.30
CA UNK H 161 -55.01 22.39 20.79
C UNK H 161 -56.22 21.54 20.39
N UNK H 162 -56.33 21.17 19.13
CA UNK H 162 -57.47 20.35 18.73
C UNK H 162 -57.38 19.02 19.42
N UNK H 163 -56.16 18.53 19.48
CA UNK H 163 -55.88 17.24 20.07
C UNK H 163 -56.68 16.85 21.30
N UNK H 164 -56.60 17.64 22.36
CA UNK H 164 -57.27 17.21 23.61
C UNK H 164 -58.80 16.95 23.52
N UNK H 165 -59.47 17.90 22.91
CA UNK H 165 -60.90 17.91 22.95
C UNK H 165 -61.40 16.66 22.30
N UNK H 166 -60.74 16.30 21.22
CA UNK H 166 -61.18 15.16 20.45
C UNK H 166 -61.10 13.94 21.31
N UNK H 167 -60.04 13.84 22.10
CA UNK H 167 -59.84 12.61 22.85
C UNK H 167 -61.03 12.48 23.75
N UNK H 168 -61.41 13.55 24.42
CA UNK H 168 -62.77 13.59 24.97
C UNK H 168 -63.19 12.36 25.80
N UNK H 169 -64.33 11.76 25.51
CA UNK H 169 -64.74 10.65 26.34
C UNK H 169 -63.70 9.53 26.33
N UNK H 170 -63.17 9.12 25.20
CA UNK H 170 -62.31 7.93 25.29
C UNK H 170 -60.82 8.20 25.38
N UNK H 171 -60.06 7.11 25.51
CA UNK H 171 -58.60 7.13 25.64
C UNK H 171 -57.97 6.60 24.36
N UNK H 172 -57.11 7.38 23.75
CA UNK H 172 -56.74 7.07 22.41
C UNK H 172 -56.18 5.67 22.47
N UNK H 173 -55.50 5.36 23.56
CA UNK H 173 -54.81 4.08 23.62
C UNK H 173 -55.80 2.94 23.48
N UNK H 174 -56.93 3.01 24.17
CA UNK H 174 -57.92 1.96 24.02
C UNK H 174 -58.46 1.92 22.61
N UNK H 175 -58.61 3.08 22.01
CA UNK H 175 -58.97 3.11 20.62
C UNK H 175 -57.90 2.41 19.82
N UNK H 176 -56.64 2.61 20.20
CA UNK H 176 -55.52 2.15 19.36
C UNK H 176 -54.48 1.33 20.10
N UNK H 177 -54.83 0.08 20.40
CA UNK H 177 -54.02 -0.74 21.26
C UNK H 177 -52.69 -0.87 20.61
N UNK H 178 -52.66 -0.92 19.30
CA UNK H 178 -51.45 -1.36 18.69
C UNK H 178 -50.58 -0.13 18.52
N UNK H 179 -51.24 0.94 18.10
CA UNK H 179 -50.49 2.10 17.72
C UNK H 179 -49.80 2.59 18.96
N UNK H 180 -50.54 2.59 20.04
CA UNK H 180 -49.98 3.12 21.26
C UNK H 180 -48.74 2.34 21.71
N UNK H 181 -48.81 1.01 21.61
CA UNK H 181 -47.66 0.22 22.04
C UNK H 181 -46.44 0.61 21.21
N UNK H 182 -46.60 0.79 19.93
CA UNK H 182 -45.41 1.07 19.19
C UNK H 182 -44.82 2.34 19.78
N UNK H 183 -45.68 3.31 20.07
CA UNK H 183 -45.20 4.63 20.43
C UNK H 183 -44.35 4.65 21.69
N UNK H 184 -44.76 3.89 22.70
CA UNK H 184 -44.00 3.90 23.94
C UNK H 184 -42.62 3.38 23.67
N UNK H 185 -42.54 2.30 22.92
CA UNK H 185 -41.25 1.68 22.70
C UNK H 185 -40.43 2.70 21.98
N UNK H 186 -41.05 3.35 21.02
CA UNK H 186 -40.31 4.24 20.17
C UNK H 186 -39.73 5.35 20.98
N UNK H 187 -40.57 5.93 21.84
CA UNK H 187 -40.17 7.03 22.72
C UNK H 187 -39.06 6.58 23.66
N UNK H 188 -39.16 5.35 24.13
CA UNK H 188 -38.16 4.79 25.02
C UNK H 188 -36.88 4.79 24.20
N UNK H 189 -37.03 4.50 22.92
CA UNK H 189 -35.94 4.48 21.96
C UNK H 189 -35.48 5.91 21.71
N UNK H 190 -36.26 6.88 22.18
CA UNK H 190 -35.95 8.28 22.00
C UNK H 190 -34.91 8.74 23.03
N UNK H 191 -33.69 8.30 22.76
CA UNK H 191 -32.47 8.66 23.46
C UNK H 191 -32.63 8.43 24.94
N UNK H 192 -33.59 7.59 25.28
CA UNK H 192 -33.87 7.29 26.67
C UNK H 192 -32.74 6.56 27.33
N UNK H 193 -32.10 5.69 26.55
CA UNK H 193 -31.03 4.87 27.06
C UNK H 193 -31.44 3.42 27.29
N UNK H 194 -32.72 3.08 27.08
CA UNK H 194 -33.17 1.69 27.24
C UNK H 194 -32.37 0.96 26.21
N UNK H 195 -32.25 1.60 25.06
CA UNK H 195 -31.42 1.15 23.96
C UNK H 195 -30.00 1.53 24.35
N UNK H 196 -29.89 2.74 24.86
CA UNK H 196 -28.65 3.33 25.38
C UNK H 196 -27.35 3.14 24.57
N UNK H 197 -27.37 3.41 23.28
CA UNK H 197 -26.20 3.21 22.43
C UNK H 197 -25.02 3.99 23.01
N UNK H 198 -23.83 3.40 22.95
CA UNK H 198 -22.65 4.01 23.52
C UNK H 198 -22.58 3.82 25.03
N UNK H 199 -19.55 23.10 31.48
CA UNK H 199 -20.56 22.96 30.45
C UNK H 199 -21.13 21.55 30.51
N UNK H 200 -20.35 20.63 31.03
CA UNK H 200 -20.72 19.23 31.02
C UNK H 200 -22.01 19.13 31.76
N UNK H 201 -22.23 20.01 32.71
CA UNK H 201 -23.46 19.91 33.46
C UNK H 201 -24.67 20.10 32.55
N UNK H 202 -24.60 21.09 31.68
CA UNK H 202 -25.80 21.50 31.01
C UNK H 202 -26.37 20.39 30.17
N UNK H 203 -25.50 19.65 29.49
CA UNK H 203 -25.99 18.59 28.62
C UNK H 203 -26.68 17.51 29.41
N UNK H 204 -26.12 17.18 30.56
CA UNK H 204 -26.70 16.13 31.36
C UNK H 204 -28.06 16.62 31.75
N UNK H 205 -28.13 17.89 32.11
CA UNK H 205 -29.37 18.42 32.59
C UNK H 205 -30.43 18.32 31.51
N UNK H 206 -30.06 18.70 30.29
CA UNK H 206 -31.06 18.81 29.25
C UNK H 206 -31.71 17.48 28.92
N UNK H 207 -30.90 16.44 28.84
CA UNK H 207 -31.40 15.20 28.29
C UNK H 207 -32.53 14.71 29.15
N UNK H 208 -32.37 14.80 30.46
CA UNK H 208 -33.40 14.30 31.34
C UNK H 208 -34.65 15.07 31.08
N UNK H 209 -34.50 16.35 30.84
CA UNK H 209 -35.68 17.16 30.64
C UNK H 209 -36.42 16.61 29.44
N UNK H 210 -35.67 16.25 28.42
CA UNK H 210 -36.28 15.78 27.19
C UNK H 210 -37.06 14.53 27.51
N UNK H 211 -36.50 13.68 28.36
CA UNK H 211 -37.20 12.46 28.71
C UNK H 211 -38.50 12.88 29.33
N UNK H 212 -38.44 13.90 30.16
CA UNK H 212 -39.65 14.31 30.85
C UNK H 212 -40.73 14.77 29.88
N UNK H 213 -40.43 15.75 29.04
CA UNK H 213 -41.50 16.33 28.23
C UNK H 213 -42.08 15.31 27.28
N UNK H 214 -41.17 14.60 26.63
CA UNK H 214 -41.57 13.58 25.69
C UNK H 214 -42.37 12.58 26.49
N UNK H 215 -42.17 12.42 27.79
CA UNK H 215 -43.08 11.53 28.51
C UNK H 215 -44.51 12.16 28.50
N UNK H 216 -44.50 13.48 28.74
CA UNK H 216 -45.70 14.29 28.80
C UNK H 216 -46.41 14.26 27.46
N UNK H 217 -45.62 14.27 26.40
CA UNK H 217 -46.17 14.21 25.05
C UNK H 217 -46.90 12.88 24.97
N UNK H 218 -46.33 11.86 25.60
CA UNK H 218 -46.92 10.54 25.60
C UNK H 218 -48.30 10.50 26.26
N UNK H 219 -48.44 11.16 27.40
CA UNK H 219 -49.70 11.18 28.12
C UNK H 219 -50.77 11.89 27.31
N UNK H 220 -50.39 12.95 26.64
CA UNK H 220 -51.35 13.72 25.90
C UNK H 220 -52.00 12.85 24.86
N UNK H 221 -51.25 12.00 24.19
CA UNK H 221 -51.88 11.18 23.18
C UNK H 221 -51.88 9.77 23.68
N UNK H 222 -52.64 9.57 24.75
CA UNK H 222 -52.87 8.25 25.30
C UNK H 222 -53.39 8.34 26.74
N UNK H 223 -58.91 23.09 37.26
CA UNK H 223 -57.85 22.26 37.83
C UNK H 223 -57.80 20.82 37.29
N UNK H 224 -58.77 20.48 36.46
CA UNK H 224 -58.89 19.12 35.93
C UNK H 224 -57.67 18.78 35.09
N UNK H 225 -57.21 19.75 34.30
CA UNK H 225 -56.04 19.49 33.48
C UNK H 225 -54.89 19.21 34.43
N UNK H 226 -54.78 20.01 35.49
CA UNK H 226 -53.68 19.81 36.43
C UNK H 226 -53.69 18.40 36.99
N UNK H 227 -54.88 17.90 37.33
CA UNK H 227 -55.00 16.54 37.84
C UNK H 227 -54.56 15.52 36.78
N UNK H 228 -54.96 15.75 35.55
CA UNK H 228 -54.60 14.82 34.49
C UNK H 228 -53.08 14.76 34.44
N UNK H 229 -52.47 15.94 34.31
CA UNK H 229 -51.02 16.03 34.24
C UNK H 229 -50.52 15.41 35.52
N UNK H 230 -51.25 15.65 36.59
CA UNK H 230 -50.86 15.08 37.87
C UNK H 230 -50.88 13.58 37.67
N UNK H 231 -51.89 13.10 36.97
CA UNK H 231 -52.02 11.68 36.70
C UNK H 231 -50.89 11.14 35.83
N UNK H 232 -50.53 11.91 34.82
CA UNK H 232 -49.50 11.51 33.86
C UNK H 232 -48.10 11.29 34.40
N UNK H 233 -47.66 12.13 35.34
CA UNK H 233 -46.30 11.99 35.83
C UNK H 233 -46.10 10.61 36.41
N UNK H 234 -47.09 10.10 37.14
CA UNK H 234 -46.99 8.77 37.74
C UNK H 234 -46.89 7.67 36.72
N UNK H 235 -47.71 7.75 35.68
CA UNK H 235 -47.70 6.75 34.64
C UNK H 235 -46.39 6.72 33.88
N UNK H 236 -45.86 7.91 33.61
CA UNK H 236 -44.63 8.02 32.84
C UNK H 236 -43.32 7.77 33.57
N UNK H 237 -42.99 8.61 34.55
CA UNK H 237 -41.73 8.49 35.25
C UNK H 237 -41.52 7.05 35.66
N UNK H 238 -42.58 6.42 36.17
CA UNK H 238 -42.46 5.06 36.65
C UNK H 238 -42.09 4.15 35.49
N UNK H 239 -42.75 4.35 34.36
CA UNK H 239 -42.51 3.49 33.22
C UNK H 239 -41.08 3.64 32.76
N UNK H 240 -40.62 4.88 32.73
CA UNK H 240 -39.26 5.14 32.25
C UNK H 240 -38.29 4.45 33.18
N UNK H 241 -38.51 4.57 34.47
CA UNK H 241 -37.57 4.00 35.44
C UNK H 241 -37.54 2.50 35.26
N UNK H 242 -38.72 1.89 35.09
CA UNK H 242 -38.79 0.45 34.97
C UNK H 242 -38.05 -0.01 33.73
N UNK H 243 -38.23 0.70 32.63
CA UNK H 243 -37.55 0.32 31.40
C UNK H 243 -36.05 0.44 31.55
N UNK H 244 -35.64 1.54 32.19
CA UNK H 244 -34.24 1.89 32.33
C UNK H 244 -33.44 0.92 33.17
N UNK H 245 -34.09 0.35 34.19
CA UNK H 245 -33.51 -0.77 34.91
C UNK H 245 -34.18 -2.06 34.45
N UNK H 246 -34.91 -2.11 33.32
CA UNK H 246 -35.48 -3.45 32.88
C UNK H 246 -35.03 -4.16 31.63
N UNK H 247 -34.48 -5.35 31.83
CA UNK H 247 -34.10 -6.23 30.74
C UNK H 247 -32.77 -6.03 30.01
N UNK H 248 -31.87 -5.12 30.40
CA UNK H 248 -30.56 -4.98 29.69
C UNK H 248 -30.46 -4.11 28.43
N UNK H 249 -29.21 -3.79 28.06
CA UNK H 249 -28.91 -2.97 26.87
C UNK H 249 -29.11 -3.68 25.53
N UNK H 250 -29.54 -2.91 24.54
CA UNK H 250 -29.85 -3.44 23.22
C UNK H 250 -28.74 -4.04 22.36
N UNK H 251 -27.56 -3.44 22.43
CA UNK H 251 -26.39 -3.83 21.62
C UNK H 251 -26.60 -2.98 20.37
N UNK H 252 -25.59 -2.78 19.53
CA UNK H 252 -25.84 -1.88 18.38
C UNK H 252 -26.52 -2.47 17.14
N UNK H 253 -25.99 -3.58 16.66
CA UNK H 253 -26.49 -4.17 15.42
C UNK H 253 -27.91 -4.65 15.61
N UNK H 254 -28.10 -5.34 16.71
CA UNK H 254 -29.40 -5.89 17.05
C UNK H 254 -30.44 -4.81 16.88
N UNK H 255 -30.28 -3.72 17.61
CA UNK H 255 -31.24 -2.64 17.55
C UNK H 255 -31.33 -2.03 16.16
N UNK H 256 -30.20 -1.81 15.52
CA UNK H 256 -30.24 -1.22 14.20
C UNK H 256 -31.00 -2.18 13.32
N UNK H 257 -30.66 -3.45 13.39
CA UNK H 257 -31.36 -4.41 12.57
C UNK H 257 -32.80 -4.48 13.00
N UNK H 258 -33.00 -4.55 14.31
CA UNK H 258 -34.34 -4.63 14.87
C UNK H 258 -35.14 -3.38 14.65
N UNK H 259 -34.48 -2.24 14.80
CA UNK H 259 -35.17 -0.98 14.66
C UNK H 259 -35.75 -0.85 13.28
N UNK H 260 -35.01 -1.27 12.28
CA UNK H 260 -35.52 -1.16 10.93
C UNK H 260 -36.78 -2.01 10.89
N UNK H 261 -36.74 -3.19 11.51
CA UNK H 261 -37.90 -4.06 11.53
C UNK H 261 -39.11 -3.46 12.26
N UNK H 262 -38.86 -2.83 13.41
CA UNK H 262 -39.95 -2.26 14.19
C UNK H 262 -40.62 -1.08 13.50
N UNK H 263 -40.34 -0.93 12.20
CA UNK H 263 -40.86 0.14 11.39
C UNK H 263 -41.56 -0.42 10.17
N UNK H 264 -40.94 -1.40 9.53
CA UNK H 264 -41.55 -1.96 8.34
C UNK H 264 -42.87 -2.61 8.67
N UNK H 265 -42.87 -3.38 9.75
CA UNK H 265 -44.03 -4.14 10.16
C UNK H 265 -45.21 -3.29 10.58
N UNK H 266 -44.90 -2.22 11.30
CA UNK H 266 -45.83 -1.60 12.19
C UNK H 266 -46.39 -0.32 11.60
N UNK H 267 -45.52 0.54 11.10
CA UNK H 267 -45.99 1.85 10.72
C UNK H 267 -46.98 1.70 9.59
N UNK H 268 -46.58 0.94 8.59
CA UNK H 268 -47.37 0.89 7.40
C UNK H 268 -48.69 0.31 7.80
N UNK H 269 -48.64 -0.77 8.56
CA UNK H 269 -49.83 -1.55 8.76
C UNK H 269 -50.79 -0.65 9.47
N UNK H 270 -50.33 -0.09 10.55
CA UNK H 270 -51.22 0.70 11.34
C UNK H 270 -51.65 1.81 10.42
N UNK H 271 -50.71 2.32 9.63
CA UNK H 271 -51.02 3.46 8.83
C UNK H 271 -52.13 3.10 7.88
N UNK H 272 -52.00 1.94 7.26
CA UNK H 272 -52.93 1.62 6.21
C UNK H 272 -54.32 1.52 6.80
N UNK H 273 -54.41 0.71 7.83
CA UNK H 273 -55.70 0.48 8.41
C UNK H 273 -56.15 1.80 8.92
N UNK H 274 -55.24 2.56 9.48
CA UNK H 274 -55.63 3.78 10.13
C UNK H 274 -56.27 4.68 9.09
N UNK H 275 -55.70 4.73 7.90
CA UNK H 275 -56.31 5.52 6.85
C UNK H 275 -57.68 4.91 6.62
N UNK H 276 -57.72 3.59 6.72
CA UNK H 276 -58.92 2.84 6.40
C UNK H 276 -60.09 3.23 7.28
N UNK H 277 -59.85 3.41 8.57
CA UNK H 277 -60.95 3.57 9.50
C UNK H 277 -61.73 4.79 9.12
N UNK H 278 -61.01 5.83 8.76
CA UNK H 278 -61.67 7.07 8.43
C UNK H 278 -62.56 6.80 7.24
N UNK H 279 -62.02 6.07 6.29
CA UNK H 279 -62.77 5.76 5.10
C UNK H 279 -63.99 5.00 5.56
N UNK H 280 -63.76 4.27 6.65
CA UNK H 280 -64.72 3.38 7.28
C UNK H 280 -65.92 4.14 7.82
N UNK H 281 -65.83 5.48 7.78
CA UNK H 281 -66.84 6.48 8.20
C UNK H 281 -66.42 7.51 9.23
N UNK H 282 -65.15 7.52 9.63
CA UNK H 282 -64.74 8.51 10.61
C UNK H 282 -64.56 9.84 9.89
N UNK H 283 -64.82 10.93 10.58
CA UNK H 283 -64.75 12.22 9.92
C UNK H 283 -63.81 13.17 10.62
N UNK H 284 -63.53 14.26 9.92
CA UNK H 284 -62.52 15.21 10.30
C UNK H 284 -62.75 15.97 11.56
N UNK H 285 -63.97 16.43 11.74
CA UNK H 285 -64.21 17.42 12.77
C UNK H 285 -63.38 18.65 12.40
N UNK I 1 -51.83 -25.90 18.57
CA UNK I 1 -51.80 -24.64 19.31
C UNK I 1 -50.37 -24.29 19.69
N UNK I 2 -49.45 -25.18 19.37
CA UNK I 2 -48.03 -24.93 19.61
C UNK I 2 -47.69 -23.69 18.81
N UNK I 3 -48.29 -23.61 17.63
CA UNK I 3 -48.14 -22.47 16.78
C UNK I 3 -48.68 -21.31 17.57
N UNK I 4 -49.76 -21.54 18.30
CA UNK I 4 -50.39 -20.46 19.04
C UNK I 4 -49.44 -19.87 20.08
N UNK I 5 -48.73 -20.75 20.78
CA UNK I 5 -47.75 -20.33 21.78
C UNK I 5 -46.59 -19.58 21.15
N UNK I 6 -46.15 -20.07 19.99
CA UNK I 6 -45.05 -19.42 19.32
C UNK I 6 -45.51 -18.02 18.96
N UNK I 7 -46.77 -17.93 18.57
CA UNK I 7 -47.42 -16.70 18.17
C UNK I 7 -47.52 -15.71 19.31
N UNK I 8 -47.79 -16.27 20.49
CA UNK I 8 -47.83 -15.45 21.71
C UNK I 8 -46.44 -14.92 21.94
N UNK I 9 -45.47 -15.81 21.70
CA UNK I 9 -44.08 -15.41 21.70
C UNK I 9 -43.98 -14.39 20.58
N UNK I 10 -44.71 -14.66 19.50
CA UNK I 10 -44.81 -13.70 18.42
C UNK I 10 -45.45 -12.42 18.96
N UNK I 11 -46.41 -12.57 19.86
CA UNK I 11 -47.12 -11.40 20.34
C UNK I 11 -46.06 -10.51 20.97
N UNK I 12 -45.16 -11.12 21.71
CA UNK I 12 -43.97 -10.44 22.13
C UNK I 12 -44.27 -9.42 23.21
N UNK I 13 -43.28 -8.59 23.54
CA UNK I 13 -43.50 -7.54 24.51
C UNK I 13 -43.67 -8.21 25.87
N UNK I 14 -44.69 -9.06 25.95
CA UNK I 14 -45.15 -9.56 27.22
C UNK I 14 -44.08 -10.32 27.98
N UNK I 15 -43.38 -11.20 27.30
CA UNK I 15 -42.50 -12.10 28.00
C UNK I 15 -41.50 -11.25 28.74
N UNK I 16 -40.99 -10.24 28.05
CA UNK I 16 -40.07 -9.32 28.69
C UNK I 16 -40.82 -8.59 29.78
N UNK I 17 -42.04 -8.18 29.48
CA UNK I 17 -42.85 -7.50 30.46
C UNK I 17 -42.89 -8.32 31.74
N UNK I 18 -42.81 -9.63 31.61
CA UNK I 18 -42.87 -10.50 32.77
C UNK I 18 -41.75 -10.11 33.68
N UNK I 19 -40.60 -9.87 33.08
CA UNK I 19 -39.43 -9.48 33.83
C UNK I 19 -39.80 -8.19 34.53
N UNK I 20 -40.56 -7.37 33.81
CA UNK I 20 -40.97 -6.11 34.35
C UNK I 20 -41.71 -6.43 35.60
N UNK I 21 -42.47 -7.51 35.57
CA UNK I 21 -43.22 -7.90 36.74
C UNK I 21 -42.33 -8.22 37.94
N UNK I 22 -41.29 -9.02 37.72
CA UNK I 22 -40.43 -9.40 38.83
C UNK I 22 -39.72 -8.23 39.48
N UNK I 23 -39.20 -7.32 38.68
CA UNK I 23 -38.48 -6.21 39.25
C UNK I 23 -39.38 -5.43 40.18
N UNK I 24 -40.61 -5.20 39.75
CA UNK I 24 -41.54 -4.47 40.59
C UNK I 24 -41.68 -5.22 41.88
N UNK I 25 -41.79 -6.55 41.79
CA UNK I 25 -42.03 -7.35 42.99
C UNK I 25 -40.99 -7.37 44.11
N UNK I 26 -39.73 -7.58 43.81
CA UNK I 26 -38.72 -7.57 44.84
C UNK I 26 -38.66 -6.15 45.31
N UNK I 27 -38.79 -5.28 44.33
CA UNK I 27 -38.68 -3.86 44.47
C UNK I 27 -39.50 -3.41 45.64
N UNK I 28 -40.55 -4.14 45.97
CA UNK I 28 -41.33 -3.74 47.12
C UNK I 28 -40.94 -4.34 48.49
N UNK I 29 -39.83 -5.05 48.62
CA UNK I 29 -39.55 -5.77 49.85
C UNK I 29 -38.75 -4.89 50.79
N UNK I 30 -38.20 -5.47 51.84
CA UNK I 30 -37.57 -4.68 52.88
C UNK I 30 -36.40 -3.86 52.38
N UNK I 31 -35.57 -4.46 51.52
CA UNK I 31 -34.43 -3.74 51.00
C UNK I 31 -33.55 -3.23 52.14
N UNK I 32 -33.32 -4.07 53.14
CA UNK I 32 -32.54 -3.63 54.28
C UNK I 32 -31.14 -3.23 53.86
N UNK I 33 -30.69 -2.09 54.38
CA UNK I 33 -29.36 -1.58 54.13
C UNK I 33 -28.89 -0.72 55.29
N UNK I 34 -28.26 -1.33 56.29
CA UNK I 34 -27.78 -0.57 57.45
C UNK I 34 -26.74 0.44 57.02
N UNK I 35 -26.78 1.65 57.58
CA UNK I 35 -25.80 2.68 57.21
C UNK I 35 -24.83 3.14 58.31
N UNK I 36 -23.55 3.02 58.01
CA UNK I 36 -22.49 3.44 58.92
C UNK I 36 -22.35 4.95 58.85
N UNK I 37 -21.79 5.57 59.88
CA UNK I 37 -21.35 4.89 61.08
C UNK I 37 -22.47 4.90 62.09
N UNK I 38 -23.57 5.55 61.77
CA UNK I 38 -24.67 5.61 62.69
C UNK I 38 -25.10 4.17 62.91
N UNK I 39 -25.15 3.43 61.82
CA UNK I 39 -25.52 2.03 61.92
C UNK I 39 -24.24 1.24 61.83
N UNK I 40 -24.01 0.37 62.80
CA UNK I 40 -22.77 -0.42 62.84
C UNK I 40 -22.86 -1.71 62.07
N UNK I 41 -21.73 -2.41 62.01
CA UNK I 41 -21.65 -3.69 61.32
C UNK I 41 -21.44 -4.85 62.28
N UNK I 42 -21.80 -6.03 61.78
CA UNK I 42 -21.63 -7.31 62.47
C UNK I 42 -20.57 -8.20 61.81
N UNK I 43 -19.67 -8.75 62.62
CA UNK I 43 -18.60 -9.61 62.12
C UNK I 43 -18.33 -10.81 63.02
N UNK I 44 -17.23 -11.53 62.77
CA UNK I 44 -16.99 -12.76 63.53
C UNK I 44 -16.16 -12.77 64.82
N UNK I 45 -15.79 -13.99 65.22
CA UNK I 45 -14.97 -14.25 66.39
C UNK I 45 -13.56 -13.71 66.25
N UNK I 46 -12.97 -13.90 65.07
CA UNK I 46 -11.55 -13.65 64.92
C UNK I 46 -11.08 -12.79 63.74
N UNK I 47 -11.85 -11.75 63.42
CA UNK I 47 -11.50 -10.83 62.35
C UNK I 47 -10.04 -10.46 62.43
N UNK I 48 -9.45 -10.18 61.29
CA UNK I 48 -8.05 -9.81 61.25
C UNK I 48 -8.05 -8.48 61.93
N UNK I 49 -6.91 -8.09 62.49
CA UNK I 49 -6.84 -6.82 63.23
C UNK I 49 -5.59 -6.00 63.11
N UNK I 50 -5.70 -4.75 63.53
CA UNK I 50 -4.55 -3.91 63.56
C UNK I 50 -3.90 -4.76 64.61
N UNK I 51 -2.63 -5.09 64.43
CA UNK I 51 -1.94 -5.93 65.40
C UNK I 51 -1.83 -5.23 66.74
N UNK I 52 -1.96 -5.98 67.82
CA UNK I 52 -1.86 -5.43 69.17
C UNK I 52 -0.87 -6.24 70.01
N UNK I 53 -0.34 -5.62 71.06
CA UNK I 53 0.68 -6.22 71.90
C UNK I 53 0.17 -6.47 73.32
N UNK I 54 0.00 -7.74 73.66
CA UNK I 54 -0.54 -8.16 74.98
C UNK I 54 0.52 -8.36 76.06
N UNK I 55 0.13 -8.17 77.32
CA UNK I 55 1.10 -8.34 78.41
C UNK I 55 0.68 -9.52 79.25
N UNK I 56 1.58 -10.48 79.41
CA UNK I 56 1.24 -11.66 80.18
C UNK I 56 0.99 -11.20 81.60
N UNK I 57 -0.09 -11.69 82.18
CA UNK I 57 -0.33 -11.52 83.60
C UNK I 57 -0.69 -10.10 84.00
N UNK I 58 -0.58 -9.84 85.29
CA UNK I 58 -0.90 -8.54 85.84
C UNK I 58 0.03 -7.44 85.33
N UNK I 59 1.31 -7.74 85.21
CA UNK I 59 2.22 -6.66 84.87
C UNK I 59 3.47 -6.95 84.03
N UNK I 60 3.77 -6.03 83.11
CA UNK I 60 4.90 -6.18 82.22
C UNK I 60 4.48 -6.49 80.78
N UNK I 61 5.46 -6.80 79.94
CA UNK I 61 5.23 -7.13 78.54
C UNK I 61 5.48 -8.62 78.39
N UNK I 62 4.51 -9.35 77.87
CA UNK I 62 4.67 -10.80 77.77
C UNK I 62 5.79 -11.13 76.80
N CYS I 63 5.82 -10.44 75.67
CA CYS I 63 6.85 -10.71 74.72
C CYS I 63 8.14 -10.91 75.34
N UNK I 64 8.74 -12.02 74.97
CA UNK I 64 10.03 -12.43 75.44
C UNK I 64 10.95 -12.27 74.29
N UNK I 65 10.48 -11.57 73.28
CA UNK I 65 11.33 -11.21 72.14
C UNK I 65 12.02 -12.34 71.43
N CYS I 66 11.22 -13.30 70.98
CA CYS I 66 11.78 -14.48 70.33
C CYS I 66 11.73 -14.45 68.81
N UNK I 67 11.13 -13.41 68.23
CA UNK I 67 11.14 -13.21 66.78
C UNK I 67 10.65 -14.42 66.02
N UNK I 68 9.71 -15.16 66.60
CA UNK I 68 9.09 -16.26 65.90
C UNK I 68 7.91 -15.69 65.15
N CYS I 69 7.41 -14.55 65.60
CA CYS I 69 6.45 -13.82 64.79
C CYS I 69 7.08 -13.46 63.46
N UNK I 70 8.34 -13.07 63.50
CA UNK I 70 9.03 -12.61 62.31
C UNK I 70 9.35 -13.75 61.33
N UNK I 71 9.71 -14.89 61.87
CA UNK I 71 10.00 -16.01 61.00
C UNK I 71 8.71 -16.38 60.28
N UNK I 72 7.66 -16.46 61.07
CA UNK I 72 6.35 -16.88 60.58
C UNK I 72 5.83 -15.99 59.45
N CYS I 73 6.57 -14.98 59.08
CA CYS I 73 6.00 -13.97 58.22
C CYS I 73 6.16 -13.97 56.81
N UNK I 74 5.06 -14.09 56.11
CA UNK I 74 5.14 -14.20 54.70
C UNK I 74 5.59 -12.94 54.08
N UNK I 75 5.34 -11.80 54.71
CA UNK I 75 5.71 -10.54 54.07
C UNK I 75 6.87 -9.88 54.69
N UNK I 76 7.41 -10.52 55.70
CA UNK I 76 8.62 -10.01 56.26
C UNK I 76 8.49 -8.54 56.65
N UNK I 77 7.50 -8.18 57.46
CA UNK I 77 7.34 -6.78 57.80
C UNK I 77 7.52 -6.49 59.29
N UNK I 78 8.11 -7.44 59.98
CA UNK I 78 8.35 -7.26 61.36
C UNK I 78 9.78 -6.91 61.53
N UNK I 79 10.06 -5.78 62.16
CA UNK I 79 11.44 -5.39 62.39
C UNK I 79 11.64 -5.27 63.89
N UNK I 80 12.39 -6.20 64.45
CA UNK I 80 12.67 -6.23 65.87
C UNK I 80 14.12 -5.98 66.21
N UNK I 81 14.35 -4.84 66.85
CA UNK I 81 15.65 -4.48 67.33
C UNK I 81 15.67 -5.11 68.71
N UNK I 82 15.98 -6.39 68.80
CA UNK I 82 16.00 -7.07 70.09
C UNK I 82 17.17 -6.63 70.96
N UNK I 83 16.87 -6.06 72.13
CA UNK I 83 17.87 -5.55 73.08
C UNK I 83 18.55 -6.56 74.01
N UNK I 84 19.28 -6.06 75.02
CA UNK I 84 19.99 -6.92 75.97
C UNK I 84 18.98 -7.80 76.66
N UNK I 85 19.32 -9.08 76.86
CA UNK I 85 18.38 -10.03 77.44
C UNK I 85 18.40 -10.03 78.96
N UNK I 86 19.13 -9.07 79.51
CA UNK I 86 19.26 -8.94 80.97
C UNK I 86 18.03 -9.25 81.82
N UNK I 87 18.24 -9.82 83.00
CA UNK I 87 17.14 -10.00 83.92
C UNK I 87 16.63 -8.61 84.22
N UNK I 88 17.56 -7.69 84.45
CA UNK I 88 17.23 -6.28 84.47
C UNK I 88 16.79 -5.81 83.09
N UNK I 89 17.49 -6.25 82.05
CA UNK I 89 17.13 -5.83 80.71
C UNK I 89 17.01 -6.94 79.68
N UNK I 90 15.85 -7.59 79.62
CA UNK I 90 15.57 -8.63 78.62
C UNK I 90 14.25 -8.26 77.97
N UNK I 91 14.27 -7.95 76.67
CA UNK I 91 13.06 -7.52 75.99
C UNK I 91 13.34 -6.99 74.59
N UNK I 92 12.47 -6.13 74.11
CA UNK I 92 12.65 -5.60 72.77
C UNK I 92 13.01 -4.14 72.74
N UNK I 93 13.95 -3.80 71.88
CA UNK I 93 14.33 -2.41 71.72
C UNK I 93 13.41 -1.75 70.69
N UNK I 94 12.91 -2.56 69.76
CA UNK I 94 12.04 -2.07 68.69
C UNK I 94 11.32 -3.22 67.98
N UNK I 95 9.99 -3.21 68.03
CA UNK I 95 9.19 -4.26 67.41
C UNK I 95 8.14 -3.75 66.43
N UNK I 96 8.48 -2.73 65.65
CA UNK I 96 7.54 -2.15 64.68
C UNK I 96 7.06 -3.13 63.61
N UNK I 97 5.78 -3.07 63.28
CA UNK I 97 5.19 -3.96 62.30
C UNK I 97 4.65 -3.20 61.09
N UNK I 98 5.58 -2.73 60.27
CA UNK I 98 5.42 -1.95 59.07
C UNK I 98 4.20 -2.47 58.41
N UNK I 99 3.12 -2.15 59.12
CA UNK I 99 1.76 -2.47 58.72
C UNK I 99 1.52 -1.84 57.37
N UNK I 100 1.93 -0.59 57.17
CA UNK I 100 1.80 -0.10 55.84
C UNK I 100 2.28 -1.19 54.93
N UNK I 101 3.27 -1.95 55.37
CA UNK I 101 3.76 -3.09 54.57
C UNK I 101 2.83 -4.16 55.06
N CYS I 102 3.28 -5.39 55.33
CA CYS I 102 2.48 -6.40 56.07
C CYS I 102 1.20 -6.73 55.29
N UNK I 103 0.92 -7.98 55.22
CA UNK I 103 -0.23 -8.52 54.54
C UNK I 103 -1.40 -8.83 55.44
N UNK I 104 -1.17 -8.78 56.74
CA UNK I 104 -2.22 -9.04 57.72
C UNK I 104 -2.73 -10.49 57.79
N CYS I 105 -1.82 -11.46 57.88
CA CYS I 105 -2.23 -12.83 58.11
C CYS I 105 -2.55 -13.02 59.56
N UNK I 106 -1.65 -12.55 60.41
CA UNK I 106 -1.60 -12.90 61.82
C UNK I 106 -0.86 -14.19 62.09
N UNK I 107 -0.04 -14.63 61.13
CA UNK I 107 0.86 -15.77 61.35
C UNK I 107 1.86 -15.46 62.44
N CYS I 108 2.15 -14.17 62.60
CA CYS I 108 2.94 -13.68 63.73
C CYS I 108 2.35 -13.98 65.10
N UNK I 109 1.10 -13.58 65.29
CA UNK I 109 0.32 -13.91 66.50
C UNK I 109 0.23 -15.40 66.75
N UNK I 110 0.05 -16.12 65.65
CA UNK I 110 -0.22 -17.55 65.66
C UNK I 110 1.06 -18.29 66.01
N UNK I 111 2.14 -17.72 65.56
CA UNK I 111 3.44 -18.18 65.96
C UNK I 111 3.83 -17.89 67.39
N CYS I 112 3.39 -16.72 67.86
CA CYS I 112 3.98 -16.15 69.04
C CYS I 112 3.81 -17.15 70.14
N UNK I 113 4.90 -17.38 70.85
CA UNK I 113 4.93 -18.45 71.82
C UNK I 113 3.90 -18.14 72.87
N UNK I 114 3.81 -16.87 73.25
CA UNK I 114 2.91 -16.53 74.34
C UNK I 114 1.98 -15.36 74.07
N UNK I 115 1.04 -15.64 73.22
CA UNK I 115 -0.14 -14.85 73.20
C UNK I 115 0.35 -13.48 73.43
N UNK I 116 1.10 -13.00 72.48
CA UNK I 116 1.42 -11.61 72.52
C UNK I 116 0.96 -10.87 71.26
N UNK I 117 1.28 -11.36 70.04
CA UNK I 117 0.74 -10.70 68.86
C UNK I 117 -0.68 -11.21 68.59
N UNK I 118 -1.62 -10.29 68.56
CA UNK I 118 -3.00 -10.66 68.34
C UNK I 118 -3.87 -9.53 67.85
N UNK I 119 -4.95 -9.93 67.20
CA UNK I 119 -5.95 -9.02 66.64
C UNK I 119 -6.92 -8.46 67.68
N UNK I 120 -7.59 -7.37 67.32
CA UNK I 120 -8.59 -6.69 68.12
C UNK I 120 -9.64 -6.33 67.11
N UNK I 121 -10.85 -6.06 67.54
CA UNK I 121 -11.90 -5.74 66.58
C UNK I 121 -11.69 -4.52 65.68
N UNK I 122 -11.16 -3.46 66.27
CA UNK I 122 -11.00 -2.18 65.59
C UNK I 122 -10.78 -2.37 64.11
N UNK I 123 -11.86 -2.11 63.39
CA UNK I 123 -11.89 -2.17 61.96
C UNK I 123 -11.12 -1.06 61.31
N UNK I 124 -11.19 0.14 61.89
CA UNK I 124 -10.60 1.29 61.24
C UNK I 124 -9.23 1.68 61.80
N UNK I 125 -8.26 1.75 60.90
CA UNK I 125 -6.91 2.21 61.22
C UNK I 125 -6.53 3.43 60.40
N UNK I 126 -7.49 4.15 59.85
CA UNK I 126 -7.24 5.09 58.77
C UNK I 126 -6.24 6.19 59.13
N UNK I 127 -5.37 6.54 58.18
CA UNK I 127 -4.30 7.49 58.48
C UNK I 127 -3.98 8.52 57.40
N UNK I 128 -3.53 9.68 57.86
CA UNK I 128 -3.20 10.84 57.03
C UNK I 128 -2.03 10.72 56.06
N UNK I 129 -0.94 10.12 56.50
CA UNK I 129 0.28 10.08 55.69
C UNK I 129 0.91 8.70 55.67
N UNK I 130 1.67 8.41 54.62
CA UNK I 130 2.28 7.11 54.49
C UNK I 130 3.19 6.90 55.68
N UNK I 131 3.88 7.95 56.08
CA UNK I 131 4.70 7.90 57.28
C UNK I 131 3.77 7.63 58.46
N UNK I 132 2.62 8.27 58.46
CA UNK I 132 1.65 8.12 59.52
C UNK I 132 1.17 6.67 59.59
N UNK I 133 0.92 6.10 58.43
CA UNK I 133 0.32 4.80 58.41
C UNK I 133 1.25 3.88 59.09
N UNK I 134 2.55 4.06 58.85
CA UNK I 134 3.47 3.02 59.23
C UNK I 134 3.36 2.85 60.71
N UNK I 135 2.92 1.67 61.12
CA UNK I 135 2.77 1.38 62.55
C UNK I 135 3.41 0.06 62.99
N UNK I 136 4.30 0.14 63.98
CA UNK I 136 4.67 1.39 64.64
C UNK I 136 5.73 1.14 65.71
N UNK I 137 5.94 2.11 66.58
CA UNK I 137 6.98 1.97 67.60
C UNK I 137 6.44 1.16 68.77
N UNK I 138 7.37 0.48 69.46
CA UNK I 138 7.09 -0.33 70.66
C UNK I 138 6.11 0.43 71.48
N UNK I 139 6.24 1.74 71.38
CA UNK I 139 5.32 2.66 71.99
C UNK I 139 4.00 2.47 71.25
N UNK I 140 4.06 2.05 70.00
CA UNK I 140 2.84 1.70 69.28
C UNK I 140 2.18 0.57 70.03
N UNK I 141 2.99 -0.33 70.54
CA UNK I 141 2.49 -1.48 71.26
C UNK I 141 1.69 -0.95 72.44
N UNK I 142 2.11 0.18 72.98
CA UNK I 142 1.35 0.80 74.04
C UNK I 142 -0.03 1.18 73.55
N UNK I 143 -0.11 1.62 72.31
CA UNK I 143 -1.40 1.96 71.71
C UNK I 143 -2.28 0.71 71.63
N UNK I 144 -1.65 -0.38 71.25
CA UNK I 144 -2.36 -1.65 71.15
C UNK I 144 -2.88 -1.98 72.54
N UNK I 145 -2.06 -1.72 73.55
CA UNK I 145 -2.41 -2.01 74.91
C UNK I 145 -3.63 -1.21 75.34
N UNK I 146 -3.67 0.05 74.96
CA UNK I 146 -4.83 0.89 75.29
C UNK I 146 -6.08 0.32 74.64
N UNK I 147 -5.96 -0.57 73.66
CA UNK I 147 -7.14 -1.45 73.27
C UNK I 147 -7.27 -2.86 73.95
N UNK I 148 -6.48 -3.00 75.01
CA UNK I 148 -6.15 -4.28 75.57
C UNK I 148 -7.29 -5.13 76.10
N UNK I 149 -8.25 -4.53 76.78
CA UNK I 149 -9.28 -5.32 77.43
C UNK I 149 -10.12 -6.10 76.43
N UNK I 150 -10.51 -5.41 75.36
CA UNK I 150 -11.32 -6.05 74.36
C UNK I 150 -10.49 -7.14 73.75
N UNK I 151 -9.21 -6.84 73.53
CA UNK I 151 -8.39 -7.87 72.91
C UNK I 151 -8.43 -9.15 73.76
N UNK I 152 -8.31 -8.96 75.06
CA UNK I 152 -8.26 -10.06 76.01
C UNK I 152 -9.53 -10.89 75.99
N UNK I 153 -10.66 -10.20 75.94
CA UNK I 153 -11.91 -10.92 75.96
C UNK I 153 -11.93 -11.82 74.75
N UNK I 154 -11.60 -11.23 73.60
CA UNK I 154 -11.57 -11.97 72.36
C UNK I 154 -10.72 -13.18 72.63
N UNK I 155 -9.69 -12.98 73.44
CA UNK I 155 -8.80 -14.05 73.79
C UNK I 155 -9.54 -15.15 74.54
N UNK I 156 -10.47 -14.77 75.40
CA UNK I 156 -11.18 -15.78 76.17
C UNK I 156 -11.89 -16.77 75.28
N UNK I 157 -12.50 -16.26 74.22
CA UNK I 157 -13.21 -17.11 73.28
C UNK I 157 -12.32 -18.11 72.56
N UNK I 158 -11.12 -17.68 72.23
CA UNK I 158 -10.19 -18.51 71.48
C UNK I 158 -9.72 -19.81 72.12
N UNK I 159 -9.44 -19.82 73.42
CA UNK I 159 -8.96 -21.03 74.07
C UNK I 159 -10.05 -21.75 74.84
N UNK I 160 -10.21 -23.05 74.64
CA UNK I 160 -9.39 -23.83 73.72
C UNK I 160 -9.60 -23.37 72.29
N UNK I 161 -8.53 -23.36 71.52
CA UNK I 161 -8.61 -22.94 70.14
C UNK I 161 -9.58 -23.85 69.44
N UNK I 162 -10.41 -23.28 68.57
CA UNK I 162 -11.41 -24.04 67.86
C UNK I 162 -12.23 -24.81 68.88
N UNK J 1 -42.45 48.64 11.97
CA UNK J 1 -43.00 47.29 11.90
C UNK J 1 -42.82 46.68 10.51
N UNK J 2 -43.07 47.49 9.48
CA UNK J 2 -42.94 47.03 8.10
C UNK J 2 -41.50 46.64 7.79
N UNK J 3 -40.55 47.43 8.29
CA UNK J 3 -39.14 47.16 8.07
C UNK J 3 -38.72 45.83 8.68
N UNK J 4 -39.28 45.49 9.83
CA UNK J 4 -38.85 44.26 10.49
C UNK J 4 -39.02 43.02 9.61
N UNK J 5 -40.14 42.90 8.90
CA UNK J 5 -40.30 41.76 8.03
C UNK J 5 -39.20 41.87 6.98
N UNK J 6 -39.02 43.09 6.49
CA UNK J 6 -38.00 43.40 5.49
C UNK J 6 -36.62 43.16 6.07
N UNK J 7 -36.45 43.51 7.34
CA UNK J 7 -35.18 43.35 8.03
C UNK J 7 -34.78 41.88 8.07
N UNK J 8 -35.76 41.00 8.28
CA UNK J 8 -35.47 39.57 8.34
C UNK J 8 -34.91 39.08 7.00
N UNK J 9 -35.47 39.61 5.92
CA UNK J 9 -35.09 39.27 4.56
C UNK J 9 -33.60 39.47 4.33
N UNK J 10 -33.06 40.55 4.83
CA UNK J 10 -31.66 40.85 4.58
C UNK J 10 -30.87 39.71 5.16
N UNK J 11 -31.32 39.21 6.29
CA UNK J 11 -30.52 38.27 7.04
C UNK J 11 -30.23 37.02 6.22
N UNK J 12 -31.23 36.53 5.50
CA UNK J 12 -31.10 35.34 4.69
C UNK J 12 -30.03 35.52 3.63
N UNK J 13 -29.99 36.74 3.08
CA UNK J 13 -29.01 37.11 2.06
C UNK J 13 -27.65 36.98 2.72
N UNK J 14 -27.57 37.40 3.98
CA UNK J 14 -26.34 37.30 4.76
C UNK J 14 -26.05 35.80 4.86
N UNK J 15 -27.13 35.04 5.03
CA UNK J 15 -27.05 33.59 5.12
C UNK J 15 -26.53 33.05 3.79
N UNK J 16 -26.98 33.66 2.69
CA UNK J 16 -26.55 33.27 1.37
C UNK J 16 -25.05 33.49 1.21
N UNK J 17 -24.57 34.61 1.74
CA UNK J 17 -23.16 34.97 1.70
C UNK J 17 -22.36 33.95 2.50
N UNK J 18 -22.91 33.53 3.64
CA UNK J 18 -22.26 32.54 4.49
C UNK J 18 -22.16 31.23 3.72
N UNK J 19 -23.23 30.92 2.99
CA UNK J 19 -23.32 29.71 2.18
C UNK J 19 -22.27 29.75 1.08
N UNK J 20 -22.12 31.01 0.69
CA UNK J 20 -21.39 31.65 -0.38
C UNK J 20 -19.89 31.61 -0.26
N UNK J 21 -19.39 31.18 0.88
CA UNK J 21 -17.96 31.22 0.99
C UNK J 21 -17.46 30.43 -0.19
N UNK J 22 -18.18 29.37 -0.54
CA UNK J 22 -17.82 28.49 -1.64
C UNK J 22 -16.76 27.54 -1.11
N UNK J 23 -16.28 27.93 0.07
CA UNK J 23 -15.28 27.27 0.89
C UNK J 23 -15.66 27.56 2.34
N UNK J 24 -15.22 26.70 3.23
CA UNK J 24 -15.55 26.84 4.64
C UNK J 24 -16.17 25.51 4.98
N UNK J 25 -15.55 24.44 4.47
CA UNK J 25 -16.08 23.12 4.69
C UNK J 25 -16.16 22.94 6.18
N UNK J 26 -17.28 22.40 6.58
CA UNK J 26 -17.63 22.16 7.97
C UNK J 26 -18.40 23.36 8.49
N UNK J 27 -18.36 24.46 7.73
CA UNK J 27 -19.06 25.69 8.10
C UNK J 27 -20.49 25.68 7.55
N UNK J 28 -20.76 24.56 6.88
CA UNK J 28 -22.01 24.24 6.21
C UNK J 28 -23.16 24.11 7.19
N UNK J 29 -22.89 23.55 8.35
CA UNK J 29 -23.93 23.39 9.35
C UNK J 29 -24.44 24.78 9.68
N UNK J 30 -23.52 25.72 9.80
CA UNK J 30 -23.88 27.10 10.11
C UNK J 30 -24.75 27.66 8.99
N UNK J 31 -24.38 27.34 7.76
CA UNK J 31 -25.07 27.81 6.58
C UNK J 31 -26.49 27.29 6.54
N UNK J 32 -26.68 26.03 6.91
CA UNK J 32 -28.01 25.44 6.91
C UNK J 32 -28.90 26.14 7.93
N UNK J 33 -28.36 26.40 9.12
CA UNK J 33 -29.13 27.06 10.17
C UNK J 33 -29.53 28.44 9.70
N UNK J 34 -28.59 29.15 9.07
CA UNK J 34 -28.88 30.48 8.58
C UNK J 34 -29.96 30.38 7.50
N UNK J 35 -29.81 29.39 6.62
CA UNK J 35 -30.77 29.15 5.56
C UNK J 35 -32.09 28.74 6.19
N UNK J 36 -32.03 27.89 7.22
CA UNK J 36 -33.24 27.41 7.88
C UNK J 36 -34.03 28.55 8.53
N UNK J 37 -33.32 29.48 9.15
CA UNK J 37 -33.98 30.61 9.80
C UNK J 37 -34.73 31.45 8.78
N UNK J 38 -34.04 31.71 7.67
CA UNK J 38 -34.55 32.47 6.54
C UNK J 38 -35.69 31.74 5.87
N UNK J 39 -35.56 30.43 5.74
CA UNK J 39 -36.60 29.62 5.12
C UNK J 39 -37.85 29.74 6.00
N UNK J 40 -37.62 29.68 7.30
CA UNK J 40 -38.72 29.81 8.22
C UNK J 40 -39.31 31.20 8.10
N UNK J 41 -38.43 32.19 7.99
CA UNK J 41 -38.84 33.60 7.92
C UNK J 41 -39.65 34.03 6.69
N UNK J 42 -39.25 33.59 5.51
CA UNK J 42 -39.98 33.96 4.33
C UNK J 42 -41.34 33.33 4.40
N UNK J 43 -41.36 32.07 4.82
CA UNK J 43 -42.60 31.33 4.90
C UNK J 43 -43.47 32.06 5.87
N UNK J 44 -42.79 32.60 6.89
CA UNK J 44 -43.44 33.37 7.91
C UNK J 44 -44.04 34.57 7.23
N UNK J 45 -45.20 34.99 7.70
CA UNK J 45 -45.88 36.17 7.20
C UNK J 45 -46.73 35.88 5.98
N UNK J 46 -46.66 34.65 5.51
CA UNK J 46 -47.43 34.26 4.34
C UNK J 46 -48.50 33.27 4.76
N UNK J 47 -48.62 33.05 6.06
CA UNK J 47 -49.62 32.11 6.57
C UNK J 47 -49.36 30.71 6.01
N UNK J 48 -48.12 30.31 5.88
CA UNK J 48 -47.91 28.99 5.36
C UNK J 48 -47.04 28.27 6.34
N UNK J 49 -47.62 27.90 7.48
CA UNK J 49 -46.89 27.18 8.51
C UNK J 49 -46.51 25.80 8.00
N UNK J 50 -47.56 25.12 7.53
CA UNK J 50 -47.56 23.75 7.05
C UNK J 50 -46.76 23.51 5.81
N UNK J 51 -46.89 24.39 4.82
CA UNK J 51 -46.10 24.19 3.61
C UNK J 51 -44.68 24.40 4.08
N UNK J 52 -44.50 25.49 4.83
CA UNK J 52 -43.20 25.86 5.38
C UNK J 52 -42.73 24.80 6.36
N UNK J 53 -43.66 24.29 7.17
CA UNK J 53 -43.35 23.32 8.22
C UNK J 53 -42.72 22.06 7.68
N UNK J 54 -43.25 21.57 6.57
CA UNK J 54 -42.67 20.39 5.96
C UNK J 54 -41.25 20.81 5.57
N UNK J 55 -41.15 22.07 5.13
CA UNK J 55 -39.91 22.68 4.70
C UNK J 55 -38.77 22.84 5.72
N UNK J 56 -39.14 23.26 6.93
CA UNK J 56 -38.20 23.51 8.01
C UNK J 56 -37.48 22.26 8.47
N UNK J 57 -38.19 21.15 8.64
CA UNK J 57 -37.51 19.94 9.07
C UNK J 57 -36.64 19.37 7.94
N UNK J 58 -37.23 19.22 6.77
CA UNK J 58 -36.52 18.66 5.62
C UNK J 58 -35.37 19.54 5.16
N UNK J 59 -35.63 20.83 5.05
CA UNK J 59 -34.60 21.77 4.64
C UNK J 59 -33.56 21.81 5.74
N UNK J 60 -34.00 21.86 6.99
CA UNK J 60 -33.01 21.91 8.03
C UNK J 60 -32.73 20.53 8.57
N UNK J 61 -33.78 19.83 8.98
CA UNK J 61 -33.59 18.50 9.52
C UNK J 61 -33.09 17.48 8.51
N UNK J 62 -33.70 17.47 7.34
CA UNK J 62 -33.28 16.51 6.34
C UNK J 62 -31.88 16.74 5.84
N UNK J 63 -31.66 17.96 5.33
CA UNK J 63 -30.39 18.33 4.73
C UNK J 63 -29.19 18.38 5.64
N UNK J 64 -29.37 18.98 6.81
CA UNK J 64 -28.26 19.09 7.74
C UNK J 64 -27.91 17.67 8.10
N UNK J 65 -28.94 16.87 8.26
CA UNK J 65 -28.74 15.49 8.61
C UNK J 65 -27.99 14.79 7.50
N UNK J 66 -28.35 15.10 6.26
CA UNK J 66 -27.69 14.44 5.16
C UNK J 66 -26.21 14.76 5.20
N UNK J 67 -25.96 16.06 5.33
CA UNK J 67 -24.63 16.65 5.28
C UNK J 67 -23.61 16.23 6.32
N UNK J 68 -23.93 16.42 7.59
CA UNK J 68 -22.98 16.09 8.62
C UNK J 68 -22.68 14.63 8.48
N UNK J 69 -23.72 13.82 8.26
CA UNK J 69 -23.50 12.40 8.06
C UNK J 69 -22.62 12.33 6.83
N UNK J 70 -22.96 13.16 5.86
CA UNK J 70 -22.18 13.28 4.64
C UNK J 70 -20.84 13.90 4.96
N UNK J 71 -20.88 14.89 5.85
CA UNK J 71 -19.71 15.66 6.23
C UNK J 71 -18.56 14.92 6.89
N UNK J 72 -18.85 13.98 7.78
CA UNK J 72 -17.79 13.28 8.47
C UNK J 72 -16.93 12.61 7.43
N UNK J 73 -17.59 12.00 6.47
CA UNK J 73 -16.85 11.37 5.40
C UNK J 73 -16.12 12.51 4.69
N UNK J 74 -16.80 13.64 4.62
CA UNK J 74 -16.27 14.83 3.94
C UNK J 74 -15.00 15.43 4.52
N UNK J 75 -14.91 15.52 5.84
CA UNK J 75 -13.72 16.11 6.46
C UNK J 75 -13.36 17.42 5.81
N UNK J 76 -8.80 35.77 0.38
CA UNK J 76 -9.16 34.36 0.29
C UNK J 76 -10.67 34.19 0.45
N UNK J 77 -11.06 33.14 1.14
CA UNK J 77 -12.47 32.95 1.41
C UNK J 77 -12.89 34.22 2.11
N UNK J 78 -12.00 34.78 2.93
CA UNK J 78 -12.24 36.03 3.62
C UNK J 78 -12.50 37.08 2.55
N UNK J 79 -11.83 36.90 1.43
CA UNK J 79 -12.10 37.74 0.30
C UNK J 79 -13.57 37.52 -0.05
N UNK J 80 -14.04 36.28 0.05
CA UNK J 80 -15.44 36.01 -0.29
C UNK J 80 -16.39 36.77 0.63
N UNK J 81 -16.08 36.83 1.91
CA UNK J 81 -16.95 37.58 2.81
C UNK J 81 -16.98 39.02 2.31
N UNK J 82 -15.89 39.44 1.67
CA UNK J 82 -15.74 40.80 1.19
C UNK J 82 -16.88 41.07 0.23
N UNK J 83 -17.26 40.04 -0.51
CA UNK J 83 -18.41 40.15 -1.36
C UNK J 83 -19.64 40.44 -0.49
N UNK J 84 -19.67 39.83 0.69
CA UNK J 84 -20.78 40.05 1.62
C UNK J 84 -20.86 41.49 2.08
N UNK J 85 -19.71 42.10 2.35
CA UNK J 85 -19.65 43.52 2.71
C UNK J 85 -20.14 44.36 1.56
N UNK J 86 -19.78 43.94 0.35
CA UNK J 86 -20.21 44.62 -0.85
C UNK J 86 -21.72 44.60 -0.93
N UNK J 87 -22.34 43.52 -0.49
CA UNK J 87 -23.78 43.42 -0.50
C UNK J 87 -24.42 44.46 0.43
N UNK J 88 -23.81 44.68 1.58
CA UNK J 88 -24.32 45.63 2.59
C UNK J 88 -24.38 47.09 2.14
N UNK J 89 -23.37 47.54 1.42
CA UNK J 89 -23.34 48.91 0.97
C UNK J 89 -24.53 49.10 0.07
N UNK J 90 -24.79 48.11 -0.77
CA UNK J 90 -25.93 48.22 -1.66
C UNK J 90 -27.19 48.26 -0.83
N UNK J 91 -27.22 47.42 0.20
CA UNK J 91 -28.39 47.35 1.05
C UNK J 91 -28.68 48.67 1.75
N UNK J 92 -27.69 49.33 2.31
CA UNK J 92 -28.11 50.59 2.89
C UNK J 92 -28.57 51.44 1.73
N UNK J 93 -27.64 51.64 0.80
CA UNK J 93 -27.87 52.69 -0.18
C UNK J 93 -29.28 52.55 -0.65
N UNK J 94 -29.71 51.31 -0.84
CA UNK J 94 -31.08 51.03 -1.20
C UNK J 94 -31.91 51.54 -0.05
N UNK J 95 -31.42 51.35 1.17
CA UNK J 95 -32.12 51.80 2.36
C UNK J 95 -32.46 53.28 2.28
N UNK J 96 -31.52 54.06 1.76
CA UNK J 96 -31.72 55.51 1.63
C UNK J 96 -32.87 55.82 0.68
N UNK J 97 -32.96 55.06 -0.41
CA UNK J 97 -34.02 55.26 -1.39
C UNK J 97 -35.39 55.00 -0.79
N UNK J 98 -35.48 53.97 0.04
CA UNK J 98 -36.73 53.61 0.69
C UNK J 98 -37.31 54.79 1.46
N UNK J 99 -56.31 30.59 4.38
CA UNK J 99 -55.89 29.27 4.77
C UNK J 99 -55.27 28.57 3.58
N UNK J 100 -54.04 28.90 3.24
CA UNK J 100 -53.42 28.27 2.10
C UNK J 100 -53.37 26.76 2.26
N UNK J 101 -53.28 26.32 3.51
CA UNK J 101 -53.13 24.91 3.78
C UNK J 101 -54.23 24.02 3.22
N UNK J 102 -55.49 24.45 3.28
CA UNK J 102 -56.55 23.59 2.77
C UNK J 102 -56.26 23.35 1.29
N UNK J 103 -55.90 24.44 0.62
CA UNK J 103 -55.63 24.34 -0.80
C UNK J 103 -54.47 23.41 -1.08
N UNK J 104 -53.39 23.51 -0.31
CA UNK J 104 -52.26 22.62 -0.56
C UNK J 104 -52.65 21.17 -0.33
N UNK J 105 -53.42 20.97 0.72
CA UNK J 105 -53.87 19.66 1.11
C UNK J 105 -54.80 19.00 0.11
N UNK J 106 -55.43 19.80 -0.71
CA UNK J 106 -56.40 19.26 -1.64
C UNK J 106 -55.90 18.16 -2.58
N UNK J 107 -54.65 18.27 -2.99
CA UNK J 107 -54.00 17.35 -3.94
C UNK J 107 -54.80 16.11 -4.32
N UNK J 108 -56.11 16.25 -4.50
CA UNK J 108 -56.94 15.13 -4.91
C UNK J 108 -56.50 14.70 -6.30
N UNK J 109 -56.28 15.69 -7.16
CA UNK J 109 -55.82 15.45 -8.52
C UNK J 109 -54.62 14.58 -8.29
N UNK J 110 -54.28 13.70 -9.21
CA UNK J 110 -53.19 12.75 -8.90
C UNK J 110 -52.03 12.31 -9.80
N UNK J 111 -51.96 12.73 -11.07
CA UNK J 111 -50.87 12.23 -11.92
C UNK J 111 -49.52 12.59 -11.35
N UNK J 112 -49.42 13.81 -10.89
CA UNK J 112 -48.23 14.38 -10.30
C UNK J 112 -47.96 13.73 -8.95
N UNK J 113 -49.00 13.45 -8.18
CA UNK J 113 -48.78 12.79 -6.91
C UNK J 113 -48.17 11.45 -7.26
N UNK J 114 -48.71 10.83 -8.30
CA UNK J 114 -48.23 9.55 -8.81
C UNK J 114 -46.80 9.70 -9.33
N UNK J 115 -46.53 10.83 -9.97
CA UNK J 115 -45.22 11.11 -10.53
C UNK J 115 -44.20 11.15 -9.40
N UNK J 116 -44.60 11.71 -8.27
CA UNK J 116 -43.73 11.80 -7.12
C UNK J 116 -43.41 10.36 -6.77
N UNK J 117 -44.42 9.51 -6.87
CA UNK J 117 -44.20 8.10 -6.60
C UNK J 117 -43.39 7.46 -7.72
N UNK J 118 -43.69 7.85 -8.95
CA UNK J 118 -42.99 7.30 -10.10
C UNK J 118 -41.50 7.66 -10.05
N UNK J 119 -41.18 8.90 -9.71
CA UNK J 119 -39.76 9.28 -9.64
C UNK J 119 -38.97 8.56 -8.54
N UNK J 120 -39.65 8.40 -7.43
CA UNK J 120 -39.21 7.84 -6.16
C UNK J 120 -38.68 6.42 -6.33
N UNK J 121 -39.37 5.62 -7.14
CA UNK J 121 -38.95 4.25 -7.38
C UNK J 121 -37.61 4.32 -8.08
N UNK J 122 -37.55 5.27 -9.02
CA UNK J 122 -36.35 5.52 -9.79
C UNK J 122 -35.22 6.01 -8.90
N UNK J 123 -35.54 6.85 -7.93
CA UNK J 123 -34.49 7.38 -7.07
C UNK J 123 -33.95 6.29 -6.15
N UNK J 124 -34.85 5.48 -5.60
CA UNK J 124 -34.44 4.40 -4.72
C UNK J 124 -33.58 3.41 -5.51
N UNK J 125 -34.00 3.13 -6.74
CA UNK J 125 -33.26 2.19 -7.58
C UNK J 125 -31.87 2.73 -7.86
N UNK J 126 -31.79 4.04 -8.13
CA UNK J 126 -30.53 4.68 -8.42
C UNK J 126 -29.61 4.61 -7.21
N UNK J 127 -30.19 4.81 -6.03
CA UNK J 127 -29.43 4.75 -4.79
C UNK J 127 -28.87 3.35 -4.60
N UNK J 128 -29.68 2.34 -4.90
CA UNK J 128 -29.19 0.96 -4.79
C UNK J 128 -28.05 0.74 -5.78
N UNK J 129 -28.22 1.24 -6.99
CA UNK J 129 -27.21 1.15 -8.02
C UNK J 129 -25.95 1.93 -7.66
N UNK J 130 -26.18 3.07 -7.05
CA UNK J 130 -25.11 3.92 -6.62
C UNK J 130 -24.07 3.02 -6.05
N UNK J 131 -24.48 2.37 -4.98
CA UNK J 131 -23.63 1.57 -4.11
C UNK J 131 -22.51 0.91 -4.91
N UNK K 1 -42.37 44.90 -4.89
CA UNK K 1 -42.18 44.51 -3.50
C UNK K 1 -40.70 44.42 -3.18
N UNK K 2 -40.19 45.30 -2.35
CA UNK K 2 -38.74 45.35 -2.18
C UNK K 2 -38.21 44.02 -1.68
N UNK K 3 -38.94 43.41 -0.77
CA UNK K 3 -38.44 42.24 -0.09
C UNK K 3 -38.14 41.19 -1.12
N UNK K 4 -39.00 41.09 -2.13
CA UNK K 4 -38.76 40.11 -3.16
C UNK K 4 -37.42 40.47 -3.78
N UNK K 5 -37.17 41.76 -3.96
CA UNK K 5 -35.98 42.20 -4.66
C UNK K 5 -34.73 41.74 -3.94
N UNK K 6 -34.70 41.86 -2.61
CA UNK K 6 -33.52 41.43 -1.87
C UNK K 6 -33.26 39.94 -2.00
N UNK K 7 -34.33 39.17 -1.91
CA UNK K 7 -34.20 37.72 -1.94
C UNK K 7 -33.58 37.31 -3.24
N UNK K 8 -33.97 38.03 -4.28
CA UNK K 8 -33.76 37.61 -5.65
C UNK K 8 -32.29 37.37 -5.83
N UNK K 9 -31.52 38.24 -5.19
CA UNK K 9 -30.08 38.28 -5.32
C UNK K 9 -29.53 36.96 -4.84
N UNK K 10 -30.24 36.37 -3.90
CA UNK K 10 -29.74 35.23 -3.18
C UNK K 10 -29.41 34.18 -4.21
N UNK K 11 -30.25 34.09 -5.23
CA UNK K 11 -30.04 33.09 -6.25
C UNK K 11 -28.67 33.38 -6.83
N UNK K 12 -28.30 34.65 -6.84
CA UNK K 12 -27.01 34.99 -7.40
C UNK K 12 -26.00 34.19 -6.62
N UNK K 13 -26.25 34.05 -5.33
CA UNK K 13 -25.25 33.48 -4.48
C UNK K 13 -24.92 32.10 -4.98
N UNK K 14 -26.00 31.41 -5.34
CA UNK K 14 -25.97 30.08 -5.90
C UNK K 14 -25.21 30.18 -7.19
N UNK K 15 -25.41 31.25 -7.93
CA UNK K 15 -24.67 31.41 -9.18
C UNK K 15 -23.20 31.45 -8.75
N UNK K 16 -22.99 32.12 -7.63
CA UNK K 16 -21.69 32.22 -7.05
C UNK K 16 -21.30 30.78 -6.73
N UNK K 17 -22.28 29.97 -6.33
CA UNK K 17 -22.02 28.57 -6.01
C UNK K 17 -21.54 27.73 -7.21
N UNK K 18 -22.18 27.90 -8.35
CA UNK K 18 -21.85 27.22 -9.59
C UNK K 18 -20.53 27.78 -10.12
N UNK K 19 -20.10 28.89 -9.52
CA UNK K 19 -18.89 29.53 -9.99
C UNK K 19 -17.70 28.60 -9.95
N UNK K 20 -17.48 27.90 -8.84
CA UNK K 20 -16.34 26.98 -8.79
C UNK K 20 -16.06 26.38 -7.44
N UNK K 21 -15.18 25.41 -7.45
CA UNK K 21 -14.77 24.79 -6.22
C UNK K 21 -13.66 25.71 -5.80
N UNK K 22 -14.00 26.91 -5.36
CA UNK K 22 -12.95 27.84 -4.98
C UNK K 22 -12.20 27.10 -3.92
N UNK K 23 -12.94 26.49 -3.01
CA UNK K 23 -12.32 25.72 -1.98
C UNK K 23 -11.81 24.54 -2.76
N UNK K 24 -10.62 24.07 -2.42
CA UNK K 24 -10.07 22.94 -3.13
C UNK K 24 -11.00 21.77 -2.89
N UNK K 25 -11.57 21.69 -1.69
CA UNK K 25 -12.45 20.57 -1.38
C UNK K 25 -13.66 20.54 -2.28
N UNK K 26 -13.77 19.43 -3.01
CA UNK K 26 -14.88 19.24 -3.94
C UNK K 26 -16.21 19.11 -3.25
N UNK K 27 -16.28 18.40 -2.15
CA UNK K 27 -17.58 18.25 -1.50
C UNK K 27 -18.18 19.59 -1.08
N UNK K 28 -17.34 20.58 -0.79
CA UNK K 28 -17.86 21.86 -0.34
C UNK K 28 -18.78 22.59 -1.32
N UNK K 29 -18.39 22.63 -2.59
CA UNK K 29 -19.22 23.31 -3.57
C UNK K 29 -20.58 22.67 -3.79
N UNK K 30 -20.57 21.35 -3.87
CA UNK K 30 -21.78 20.58 -4.14
C UNK K 30 -22.84 20.81 -3.11
N UNK K 31 -22.41 20.93 -1.86
CA UNK K 31 -23.33 21.21 -0.77
C UNK K 31 -23.92 22.57 -1.08
N UNK K 32 -23.09 23.43 -1.61
CA UNK K 32 -23.52 24.78 -1.94
C UNK K 32 -24.65 24.73 -2.95
N UNK K 33 -24.53 23.84 -3.93
CA UNK K 33 -25.53 23.76 -4.97
C UNK K 33 -26.91 23.43 -4.44
N UNK K 34 -26.97 22.50 -3.50
CA UNK K 34 -28.26 22.19 -2.92
C UNK K 34 -28.73 23.51 -2.33
N UNK K 35 -27.78 24.34 -1.89
CA UNK K 35 -28.09 25.62 -1.31
C UNK K 35 -28.86 26.46 -2.31
N UNK K 36 -28.50 26.42 -3.57
CA UNK K 36 -29.22 27.23 -4.55
C UNK K 36 -30.68 26.81 -4.60
N UNK K 37 -30.93 25.51 -4.58
CA UNK K 37 -32.31 25.01 -4.63
C UNK K 37 -33.14 25.41 -3.43
N UNK K 38 -32.58 25.31 -2.23
CA UNK K 38 -33.34 25.68 -1.05
C UNK K 38 -33.57 27.17 -1.05
N UNK K 39 -32.54 27.91 -1.41
CA UNK K 39 -32.64 29.34 -1.42
C UNK K 39 -33.70 29.72 -2.43
N UNK K 40 -33.67 29.05 -3.58
CA UNK K 40 -34.63 29.36 -4.61
C UNK K 40 -36.08 29.08 -4.20
N UNK K 41 -36.29 27.99 -3.47
CA UNK K 41 -37.63 27.61 -3.08
C UNK K 41 -38.33 28.68 -2.29
N UNK K 42 -37.64 29.26 -1.32
CA UNK K 42 -38.32 30.30 -0.58
C UNK K 42 -38.74 31.32 -1.61
N UNK K 43 -37.89 31.50 -2.61
CA UNK K 43 -38.16 32.48 -3.63
C UNK K 43 -39.48 32.14 -4.24
N UNK K 44 -39.73 30.86 -4.46
CA UNK K 44 -41.01 30.46 -5.04
C UNK K 44 -42.04 30.92 -4.04
N UNK K 45 -41.75 30.69 -2.77
CA UNK K 45 -42.67 31.13 -1.74
C UNK K 45 -43.21 32.52 -1.99
N UNK K 46 -42.39 33.38 -2.55
CA UNK K 46 -42.79 34.75 -2.80
C UNK K 46 -44.03 34.80 -3.68
N UNK K 47 -44.13 33.90 -4.65
CA UNK K 47 -45.29 33.90 -5.53
C UNK K 47 -46.60 33.43 -4.91
N UNK K 48 -46.55 32.36 -4.14
CA UNK K 48 -47.76 31.83 -3.53
C UNK K 48 -48.43 32.75 -2.53
N UNK K 49 -47.62 33.46 -1.76
CA UNK K 49 -48.14 34.33 -0.72
C UNK K 49 -49.18 35.27 -1.28
N UNK K 50 -49.01 35.80 -2.49
CA UNK K 50 -50.05 36.65 -3.05
C UNK K 50 -51.11 35.60 -3.33
N UNK K 51 -52.29 35.84 -2.74
CA UNK K 51 -53.35 34.89 -2.79
C UNK K 51 -53.36 34.57 -4.23
N UNK K 52 -53.23 33.30 -4.56
CA UNK K 52 -53.11 32.95 -5.97
C UNK K 52 -53.75 31.62 -6.26
N UNK K 53 -53.13 30.79 -7.09
CA UNK K 53 -53.73 29.49 -7.39
C UNK K 53 -53.67 28.55 -6.19
N UNK K 54 -54.79 27.93 -5.82
CA UNK K 54 -54.78 26.98 -4.72
C UNK K 54 -53.87 25.84 -5.16
N UNK K 55 -54.02 25.51 -6.43
CA UNK K 55 -53.24 24.49 -7.06
C UNK K 55 -51.81 24.98 -6.97
N UNK K 56 -51.53 26.27 -6.89
CA UNK K 56 -50.11 26.68 -6.74
C UNK K 56 -49.44 26.19 -5.41
N UNK K 57 -50.23 26.25 -4.33
CA UNK K 57 -49.77 25.86 -3.00
C UNK K 57 -49.35 24.40 -3.00
N UNK K 58 -50.06 23.53 -3.70
CA UNK K 58 -49.64 22.11 -3.75
C UNK K 58 -48.30 21.93 -4.49
N UNK K 59 -48.16 22.70 -5.57
CA UNK K 59 -47.00 22.66 -6.45
C UNK K 59 -45.66 22.97 -5.78
N UNK K 60 -45.63 23.94 -4.88
CA UNK K 60 -44.37 24.27 -4.25
C UNK K 60 -43.85 23.07 -3.46
N UNK K 61 -44.74 22.41 -2.72
CA UNK K 61 -44.36 21.25 -1.93
C UNK K 61 -43.90 20.13 -2.86
N UNK K 62 -44.62 19.96 -3.97
CA UNK K 62 -44.23 18.92 -4.90
C UNK K 62 -42.81 19.17 -5.42
N UNK K 63 -42.54 20.42 -5.76
CA UNK K 63 -41.23 20.82 -6.28
C UNK K 63 -40.14 20.56 -5.24
N UNK K 64 -40.48 20.86 -3.99
CA UNK K 64 -39.56 20.68 -2.88
C UNK K 64 -39.17 19.21 -2.71
N UNK K 65 -40.07 18.27 -2.91
CA UNK K 65 -39.64 16.86 -2.78
C UNK K 65 -38.60 16.47 -3.86
N UNK K 66 -38.85 16.94 -5.09
CA UNK K 66 -38.00 16.66 -6.23
C UNK K 66 -36.60 17.20 -6.05
N UNK K 67 -36.49 18.40 -5.48
CA UNK K 67 -35.20 19.01 -5.24
C UNK K 67 -34.45 18.11 -4.29
N UNK K 68 -35.16 17.56 -3.31
CA UNK K 68 -34.58 16.67 -2.33
C UNK K 68 -34.02 15.39 -2.94
N UNK K 69 -34.76 14.81 -3.89
CA UNK K 69 -34.31 13.59 -4.56
C UNK K 69 -33.05 13.82 -5.37
N UNK K 70 -32.99 14.96 -6.06
CA UNK K 70 -31.85 15.35 -6.90
C UNK K 70 -30.55 15.53 -6.11
N UNK K 71 -30.68 16.13 -4.93
CA UNK K 71 -29.53 16.40 -4.08
C UNK K 71 -28.79 15.15 -3.64
N UNK K 72 -29.53 14.05 -3.52
CA UNK K 72 -28.99 12.77 -3.08
C UNK K 72 -27.80 12.34 -3.91
N UNK K 73 -27.79 12.65 -5.19
CA UNK K 73 -26.65 12.27 -6.03
C UNK K 73 -25.39 12.95 -5.50
N UNK K 74 -25.53 14.21 -5.06
CA UNK K 74 -24.41 14.96 -4.52
C UNK K 74 -23.85 14.32 -3.25
N UNK K 75 -24.73 13.84 -2.38
CA UNK K 75 -24.34 13.16 -1.15
C UNK K 75 -23.64 11.86 -1.51
N UNK K 76 -24.18 11.23 -2.56
CA UNK K 76 -23.72 9.96 -3.13
C UNK K 76 -22.37 10.12 -3.81
N UNK K 77 -21.97 11.36 -3.98
CA UNK K 77 -20.71 11.73 -4.61
C UNK K 77 -19.58 11.16 -3.76
N UNK K 78 -19.88 10.91 -2.50
CA UNK K 78 -18.92 10.35 -1.58
C UNK K 78 -18.50 9.01 -2.14
N UNK K 79 -19.39 8.38 -2.90
CA UNK K 79 -19.09 7.08 -3.48
C UNK K 79 -17.90 7.14 -4.42
N UNK K 80 -17.83 8.18 -5.26
CA UNK K 80 -16.70 8.33 -6.19
C UNK K 80 -15.57 9.11 -5.52
N UNK K 81 -15.89 9.65 -4.36
CA UNK K 81 -14.95 10.39 -3.58
C UNK K 81 -13.79 9.54 -3.04
N UNK K 82 -14.07 8.33 -2.61
CA UNK K 82 -13.02 7.50 -2.04
C UNK K 82 -11.86 7.23 -2.97
N UNK K 83 -12.16 6.86 -4.20
CA UNK K 83 -11.10 6.50 -5.13
C UNK K 83 -10.02 7.53 -5.48
N UNK K 84 -10.39 8.77 -5.76
CA UNK K 84 -9.38 9.76 -6.11
C UNK K 84 -9.95 11.10 -6.55
N UNK L 1 -16.34 19.90 -120.68
CA UNK L 1 -16.29 18.78 -119.74
C UNK L 1 -14.85 18.26 -119.61
N UNK L 2 -13.95 18.78 -120.43
CA UNK L 2 -12.55 18.35 -120.41
C UNK L 2 -11.96 18.65 -119.04
N UNK L 3 -12.43 19.75 -118.46
CA UNK L 3 -11.94 20.15 -117.16
C UNK L 3 -12.27 19.01 -116.24
N UNK L 4 -13.42 18.38 -116.48
CA UNK L 4 -13.86 17.29 -115.64
C UNK L 4 -12.76 16.25 -115.69
N UNK L 5 -12.19 16.06 -116.87
CA UNK L 5 -11.17 15.05 -117.01
C UNK L 5 -10.00 15.40 -116.10
N UNK L 6 -9.61 16.67 -116.07
CA UNK L 6 -8.46 17.05 -115.27
C UNK L 6 -8.73 16.80 -113.81
N UNK L 7 -9.93 17.16 -113.37
CA UNK L 7 -10.23 17.01 -111.96
C UNK L 7 -10.17 15.55 -111.61
N UNK L 8 -10.64 14.71 -112.52
CA UNK L 8 -10.58 13.28 -112.32
C UNK L 8 -9.11 12.88 -112.25
N UNK L 9 -8.26 13.68 -112.87
CA UNK L 9 -6.84 13.38 -112.89
C UNK L 9 -6.19 13.37 -111.50
N UNK L 10 -6.52 14.35 -110.68
CA UNK L 10 -5.93 14.41 -109.36
C UNK L 10 -6.31 13.17 -108.59
N UNK L 11 -7.56 12.76 -108.76
CA UNK L 11 -8.08 11.60 -108.06
C UNK L 11 -7.34 10.32 -108.41
N UNK L 12 -6.91 10.19 -109.66
CA UNK L 12 -6.24 8.99 -110.07
C UNK L 12 -5.02 8.76 -109.21
N UNK L 13 -4.28 9.83 -108.93
CA UNK L 13 -3.09 9.70 -108.12
C UNK L 13 -3.44 9.18 -106.74
N UNK L 14 -4.56 9.67 -106.23
CA UNK L 14 -5.00 9.31 -104.89
C UNK L 14 -5.30 7.83 -104.68
N UNK L 15 -5.93 7.18 -105.65
CA UNK L 15 -6.27 5.79 -105.47
C UNK L 15 -5.00 5.01 -105.24
N UNK L 16 -3.98 5.36 -106.00
CA UNK L 16 -2.70 4.68 -105.90
C UNK L 16 -2.20 4.53 -104.48
N UNK L 17 -2.53 5.45 -103.59
CA UNK L 17 -2.00 5.34 -102.25
C UNK L 17 -2.88 4.57 -101.29
N UNK L 18 -4.18 4.85 -101.33
CA UNK L 18 -5.05 4.28 -100.32
C UNK L 18 -5.00 2.77 -100.45
N UNK L 19 -5.06 2.30 -101.68
CA UNK L 19 -5.19 0.87 -101.90
C UNK L 19 -4.20 0.15 -100.99
N UNK L 20 4.64 -6.06 -103.86
CA UNK L 20 5.55 -5.51 -104.86
C UNK L 20 5.54 -3.99 -104.88
N UNK L 21 5.76 -3.39 -103.71
CA UNK L 21 5.77 -1.94 -103.60
C UNK L 21 6.87 -1.43 -104.50
N UNK L 22 7.99 -2.14 -104.53
CA UNK L 22 9.08 -1.73 -105.39
C UNK L 22 8.50 -1.84 -106.78
N UNK L 23 7.82 -2.96 -107.01
CA UNK L 23 7.13 -3.17 -108.26
C UNK L 23 6.08 -2.07 -108.27
N UNK L 24 5.48 -1.86 -107.11
CA UNK L 24 4.48 -0.83 -106.91
C UNK L 24 5.12 0.53 -107.11
N UNK L 25 6.34 0.68 -106.64
CA UNK L 25 7.03 1.95 -106.78
C UNK L 25 7.12 2.21 -108.26
N UNK L 26 7.50 1.17 -108.99
CA UNK L 26 7.59 1.30 -110.43
C UNK L 26 6.15 1.51 -110.85
N UNK L 27 5.26 0.71 -110.27
CA UNK L 27 3.86 0.86 -110.58
C UNK L 27 3.56 2.28 -110.19
N UNK L 28 4.09 2.66 -109.03
CA UNK L 28 3.96 4.02 -108.56
C UNK L 28 4.70 4.82 -109.61
N UNK L 29 5.84 4.31 -110.01
CA UNK L 29 6.63 4.94 -111.04
C UNK L 29 5.72 5.07 -112.25
N UNK L 30 4.85 4.08 -112.44
CA UNK L 30 3.95 4.13 -113.53
C UNK L 30 3.03 5.23 -113.10
N UNK L 31 2.32 4.88 -112.07
CA UNK L 31 1.12 5.60 -111.69
C UNK L 31 1.39 7.07 -111.76
N UNK L 32 2.51 7.48 -111.19
CA UNK L 32 2.77 8.90 -111.11
C UNK L 32 2.86 9.39 -112.52
N UNK L 33 3.55 8.63 -113.34
CA UNK L 33 3.80 9.08 -114.68
C UNK L 33 2.56 9.35 -115.53
N UNK L 34 1.62 8.43 -115.55
CA UNK L 34 0.51 8.52 -116.48
C UNK L 34 -0.30 9.78 -116.19
N UNK L 35 -0.34 10.11 -114.90
CA UNK L 35 -1.08 11.26 -114.46
C UNK L 35 -0.45 12.47 -115.13
N UNK L 36 0.87 12.45 -115.28
CA UNK L 36 1.57 13.54 -115.93
C UNK L 36 1.13 13.70 -117.37
N UNK L 37 1.01 12.57 -118.06
CA UNK L 37 0.58 12.60 -119.43
C UNK L 37 -0.79 13.21 -119.44
N UNK L 38 -1.62 12.77 -118.50
CA UNK L 38 -3.01 13.24 -118.45
C UNK L 38 -3.15 14.74 -118.14
N UNK L 39 -2.39 15.20 -117.16
CA UNK L 39 -2.50 16.59 -116.74
C UNK L 39 -2.09 17.50 -117.88
N UNK L 40 -1.28 16.99 -118.77
CA UNK L 40 -1.05 17.82 -119.92
C UNK L 40 -2.43 18.02 -120.58
N UNK L 41 -3.38 17.14 -120.25
CA UNK L 41 -4.72 17.17 -120.83
C UNK L 41 -5.50 18.43 -120.60
N UNK L 42 -5.53 18.88 -119.36
CA UNK L 42 -6.22 20.11 -119.09
C UNK L 42 -5.44 21.19 -119.80
N UNK L 43 -4.14 21.03 -119.78
CA UNK L 43 -3.28 21.99 -120.41
C UNK L 43 -3.63 21.97 -121.86
N UNK L 44 -3.92 20.78 -122.34
CA UNK L 44 -4.26 20.64 -123.72
C UNK L 44 -5.52 21.40 -124.04
N UNK L 45 -6.55 21.14 -123.25
CA UNK L 45 -7.81 21.78 -123.45
C UNK L 45 -7.58 23.28 -123.49
N UNK L 46 -6.44 23.72 -122.95
CA UNK L 46 -6.14 25.15 -122.93
C UNK L 46 -5.54 25.60 -124.24
N UNK L 47 -6.35 25.62 -125.29
CA UNK L 47 -5.87 26.06 -126.59
C UNK L 47 -5.41 27.51 -126.68
N UNK L 48 -6.18 28.52 -126.25
CA UNK L 48 -7.57 28.49 -125.78
C UNK L 48 -7.94 27.68 -124.55
N UNK L 49 -8.15 28.36 -123.43
CA UNK L 49 -8.50 27.67 -122.20
C UNK L 49 -9.75 28.24 -121.55
N UNK L 50 -10.48 27.38 -120.84
CA UNK L 50 -11.70 27.75 -120.14
C UNK L 50 -11.49 27.35 -118.69
N UNK L 51 -10.62 28.10 -117.99
CA UNK L 51 -10.21 27.92 -116.56
C UNK L 51 -11.41 27.55 -115.70
N UNK L 52 -11.23 26.94 -114.49
CA UNK L 52 -12.49 26.52 -113.86
C UNK L 52 -12.49 25.99 -112.42
N UNK L 53 -13.67 26.04 -111.81
CA UNK L 53 -13.88 25.64 -110.44
C UNK L 53 -15.22 24.93 -110.29
N UNK L 54 -15.17 23.60 -110.20
CA UNK L 54 -16.38 22.83 -110.01
C UNK L 54 -16.26 22.31 -108.60
N UNK L 55 -17.24 22.63 -107.77
CA UNK L 55 -17.18 22.21 -106.38
C UNK L 55 -17.94 20.92 -106.09
N UNK L 56 -18.18 20.70 -104.82
CA UNK L 56 -18.91 19.52 -104.35
C UNK L 56 -18.68 19.65 -102.86
N UNK L 57 -19.48 19.06 -101.98
CA UNK L 57 -19.10 19.36 -100.64
C UNK L 57 -19.02 17.95 -100.01
N UNK L 58 -19.98 17.43 -99.23
CA UNK L 58 -21.18 18.10 -98.78
C UNK L 58 -20.46 18.84 -97.69
N UNK L 59 -20.14 20.08 -98.08
CA UNK L 59 -19.31 20.94 -97.23
C UNK L 59 -19.80 21.09 -95.79
N UNK L 60 -20.55 22.17 -95.56
CA UNK L 60 -21.12 22.57 -94.29
C UNK L 60 -21.32 24.09 -94.31
N UNK L 61 -22.22 24.61 -93.49
CA UNK L 61 -22.43 26.05 -93.48
C UNK L 61 -22.84 26.58 -92.13
N UNK L 62 -22.25 27.68 -91.73
CA UNK L 62 -22.56 28.26 -90.43
C UNK L 62 -23.42 29.44 -90.75
N UNK L 63 -24.28 29.86 -89.81
CA UNK L 63 -25.12 31.01 -90.11
C UNK L 63 -24.16 32.16 -90.39
N UNK L 64 -24.37 32.82 -91.52
CA UNK L 64 -23.48 33.92 -91.90
C UNK L 64 -22.67 33.45 -93.11
N UNK L 65 -22.48 32.14 -93.22
CA UNK L 65 -21.73 31.66 -94.36
C UNK L 65 -21.97 30.20 -94.69
N UNK L 66 -21.68 29.88 -95.94
CA UNK L 66 -21.76 28.53 -96.46
C UNK L 66 -20.35 28.34 -96.98
N UNK L 67 -19.70 27.25 -96.58
CA UNK L 67 -18.34 26.95 -97.05
C UNK L 67 -18.24 25.52 -97.58
N UNK L 68 -17.85 25.35 -98.84
CA UNK L 68 -17.74 24.01 -99.41
C UNK L 68 -16.54 23.77 -100.32
N UNK L 69 -15.80 22.70 -100.05
CA UNK L 69 -14.64 22.33 -100.87
C UNK L 69 -14.78 20.84 -101.22
N UNK L 70 -14.77 20.48 -102.51
CA UNK L 70 -14.64 21.37 -103.67
C UNK L 70 -13.22 21.75 -104.10
N UNK L 71 -12.97 21.60 -105.41
CA UNK L 71 -11.68 21.89 -106.01
C UNK L 71 -11.87 22.65 -107.33
N UNK L 72 -10.84 23.37 -107.77
CA UNK L 72 -10.91 24.14 -109.01
C UNK L 72 -9.53 24.28 -109.63
N UNK L 73 -9.46 24.58 -110.92
CA UNK L 73 -8.18 24.73 -111.57
C UNK L 73 -8.10 25.98 -112.43
N UNK L 74 -7.01 26.73 -112.31
CA UNK L 74 -6.88 27.93 -113.12
C UNK L 74 -5.79 27.84 -114.16
N UNK L 75 -6.17 28.05 -115.42
CA UNK L 75 -5.24 27.98 -116.54
C UNK L 75 -4.12 29.02 -116.54
N UNK L 76 -4.45 30.25 -116.18
CA UNK L 76 -3.44 31.31 -116.19
C UNK L 76 -2.32 31.04 -115.21
N UNK L 77 -2.67 30.56 -114.03
CA UNK L 77 -1.66 30.27 -113.02
C UNK L 77 -1.78 28.85 -112.50
N UNK L 78 -2.98 28.46 -112.12
CA UNK L 78 -3.21 27.14 -111.56
C UNK L 78 -2.95 25.97 -112.50
N UNK L 79 -3.37 26.11 -113.75
CA UNK L 79 -3.23 25.03 -114.71
C UNK L 79 -1.80 24.61 -115.01
N UNK L 80 -0.90 25.56 -115.14
CA UNK L 80 0.49 25.26 -115.46
C UNK L 80 1.33 24.63 -114.35
N UNK L 81 1.26 25.14 -113.12
CA UNK L 81 2.09 24.58 -112.07
C UNK L 81 1.97 23.06 -112.00
N UNK L 82 0.75 22.54 -112.16
CA UNK L 82 0.55 21.13 -111.96
C UNK L 82 1.38 20.33 -112.92
N UNK L 83 1.35 20.74 -114.18
CA UNK L 83 2.03 19.96 -115.19
C UNK L 83 3.53 19.93 -114.93
N UNK L 84 4.09 21.08 -114.64
CA UNK L 84 5.53 21.14 -114.48
C UNK L 84 5.85 20.26 -113.31
N UNK L 85 5.00 20.38 -112.31
CA UNK L 85 5.29 19.74 -111.05
C UNK L 85 5.40 18.25 -111.26
N UNK L 86 4.39 17.68 -111.91
CA UNK L 86 4.29 16.25 -111.97
C UNK L 86 5.52 15.78 -112.70
N UNK L 87 5.96 16.48 -113.73
CA UNK L 87 7.08 15.88 -114.44
C UNK L 87 8.24 15.71 -113.46
N UNK L 88 8.48 16.73 -112.65
CA UNK L 88 9.64 16.72 -111.79
C UNK L 88 9.45 15.53 -110.88
N UNK L 89 8.22 15.32 -110.47
CA UNK L 89 7.93 14.20 -109.61
C UNK L 89 8.30 12.97 -110.42
N UNK L 90 8.01 13.01 -111.71
CA UNK L 90 8.14 11.80 -112.48
C UNK L 90 9.58 11.37 -112.43
N UNK L 91 10.49 12.31 -112.63
CA UNK L 91 11.89 11.96 -112.59
C UNK L 91 12.40 11.55 -111.22
N UNK L 92 12.03 12.30 -110.20
CA UNK L 92 12.69 12.14 -108.93
C UNK L 92 12.53 10.73 -108.43
N UNK L 93 11.36 10.15 -108.62
CA UNK L 93 11.09 8.86 -108.04
C UNK L 93 12.09 7.86 -108.58
N UNK L 94 12.39 7.97 -109.86
CA UNK L 94 13.29 7.02 -110.47
C UNK L 94 14.64 7.09 -109.82
N UNK L 95 15.14 8.31 -109.61
CA UNK L 95 16.47 8.49 -109.04
C UNK L 95 16.47 7.92 -107.65
N UNK L 96 15.30 8.02 -107.06
CA UNK L 96 15.07 7.60 -105.72
C UNK L 96 15.32 6.12 -105.55
N UNK L 97 14.86 5.31 -106.48
CA UNK L 97 14.85 3.89 -106.19
C UNK L 97 16.29 3.47 -106.03
N UNK L 98 17.15 3.81 -106.97
CA UNK L 98 18.49 3.32 -106.76
C UNK L 98 19.12 3.85 -105.51
N UNK L 99 19.04 5.14 -105.25
CA UNK L 99 19.70 5.72 -104.08
C UNK L 99 19.22 5.20 -102.75
N UNK L 100 17.94 4.92 -102.75
CA UNK L 100 17.15 4.45 -101.65
C UNK L 100 17.10 2.95 -101.68
N UNK L 101 17.53 2.35 -102.80
CA UNK L 101 17.53 0.90 -102.92
C UNK L 101 18.35 0.43 -101.75
N UNK L 102 17.90 -0.65 -101.15
CA UNK L 102 18.50 -1.19 -99.95
C UNK L 102 17.87 -0.46 -98.79
N UNK L 103 16.99 0.51 -99.04
CA UNK L 103 16.37 1.14 -97.87
C UNK L 103 15.50 0.09 -97.17
N UNK L 104 15.85 -0.26 -95.94
CA UNK L 104 15.14 -1.33 -95.28
C UNK L 104 13.67 -1.04 -95.23
N UNK L 105 13.32 0.19 -94.98
CA UNK L 105 11.92 0.53 -94.96
C UNK L 105 11.58 1.15 -96.30
N UNK L 106 12.40 0.89 -97.30
CA UNK L 106 12.20 1.57 -98.57
C UNK L 106 10.83 1.42 -99.16
N UNK L 107 10.29 0.21 -99.16
CA UNK L 107 8.97 0.04 -99.72
C UNK L 107 8.06 0.99 -99.00
N UNK L 108 8.16 1.01 -97.69
CA UNK L 108 7.32 1.86 -96.89
C UNK L 108 7.62 3.26 -97.28
N UNK L 109 8.87 3.53 -97.47
CA UNK L 109 9.17 4.92 -97.72
C UNK L 109 8.24 5.53 -98.74
N UNK L 110 8.06 4.88 -99.86
CA UNK L 110 7.57 5.60 -100.99
C UNK L 110 6.26 6.23 -100.57
N UNK L 111 5.49 5.51 -99.76
CA UNK L 111 4.14 5.95 -99.50
C UNK L 111 4.16 7.35 -98.93
N UNK L 112 5.07 7.62 -98.00
CA UNK L 112 5.06 8.93 -97.38
C UNK L 112 5.31 9.97 -98.47
N UNK L 113 6.24 9.68 -99.38
CA UNK L 113 6.58 10.63 -100.43
C UNK L 113 5.42 10.91 -101.36
N UNK L 114 4.72 9.86 -101.73
CA UNK L 114 3.60 10.04 -102.63
C UNK L 114 2.58 10.90 -101.94
N UNK L 115 2.38 10.65 -100.67
CA UNK L 115 1.38 11.42 -99.96
C UNK L 115 1.79 12.88 -99.95
N UNK L 116 3.06 13.14 -99.69
CA UNK L 116 3.51 14.51 -99.56
C UNK L 116 3.24 15.18 -100.88
N UNK L 117 3.37 14.48 -101.99
CA UNK L 117 3.04 15.16 -103.23
C UNK L 117 1.59 15.61 -103.20
N UNK L 118 0.72 14.76 -102.64
CA UNK L 118 -0.71 15.02 -102.68
C UNK L 118 -1.00 16.31 -101.97
N UNK L 119 -0.35 16.52 -100.87
CA UNK L 119 -0.60 17.72 -100.10
C UNK L 119 -0.37 18.94 -100.95
N UNK L 120 0.82 19.02 -101.53
CA UNK L 120 1.18 20.21 -102.26
C UNK L 120 0.16 20.39 -103.35
N UNK L 121 -0.19 19.30 -104.02
CA UNK L 121 -1.08 19.45 -105.15
C UNK L 121 -2.31 20.08 -104.58
N UNK L 122 -2.70 19.60 -103.39
CA UNK L 122 -3.82 20.18 -102.69
C UNK L 122 -3.41 21.60 -102.43
N UNK L 123 -2.15 21.80 -102.11
CA UNK L 123 -1.69 23.11 -101.73
C UNK L 123 -1.91 24.07 -102.88
N UNK L 124 -1.53 23.65 -104.08
CA UNK L 124 -1.69 24.48 -105.26
C UNK L 124 -3.14 24.77 -105.60
N UNK L 125 -3.96 23.73 -105.49
CA UNK L 125 -5.29 23.75 -106.07
C UNK L 125 -6.28 24.78 -105.54
N UNK L 126 -6.26 25.03 -104.23
CA UNK L 126 -7.48 25.35 -103.48
C UNK L 126 -8.30 26.60 -103.85
N UNK L 127 -9.59 26.36 -104.02
CA UNK L 127 -10.59 27.40 -104.25
C UNK L 127 -10.89 28.31 -103.06
N UNK L 128 -11.00 27.72 -101.88
CA UNK L 128 -11.44 28.45 -100.70
C UNK L 128 -10.38 28.33 -99.63
N UNK L 129 -10.22 29.37 -98.84
CA UNK L 129 -8.98 29.59 -98.13
C UNK L 129 -8.74 28.40 -97.26
N UNK L 130 -9.80 27.91 -96.65
CA UNK L 130 -9.69 26.87 -95.64
C UNK L 130 -9.04 25.72 -96.33
N UNK L 131 -9.45 25.50 -97.57
CA UNK L 131 -8.86 24.42 -98.33
C UNK L 131 -7.40 24.75 -98.41
N UNK L 132 -7.11 26.03 -98.57
CA UNK L 132 -5.73 26.43 -98.65
C UNK L 132 -5.06 26.07 -97.37
N UNK L 133 -5.73 26.31 -96.26
CA UNK L 133 -5.07 26.17 -94.99
C UNK L 133 -4.67 24.72 -94.88
N UNK L 134 -5.59 23.85 -95.28
CA UNK L 134 -5.34 22.43 -95.27
C UNK L 134 -4.03 22.25 -95.99
N UNK L 135 -3.86 23.01 -97.06
CA UNK L 135 -2.62 22.93 -97.82
C UNK L 135 -1.32 23.41 -97.17
N UNK L 136 -1.31 24.59 -96.55
CA UNK L 136 -0.06 25.09 -95.98
C UNK L 136 0.46 24.24 -94.85
N UNK L 137 -0.42 23.87 -93.93
CA UNK L 137 -0.02 23.03 -92.82
C UNK L 137 0.38 21.65 -93.29
N UNK L 138 -0.38 21.16 -94.26
CA UNK L 138 -0.17 19.82 -94.78
C UNK L 138 1.17 19.55 -95.43
N UNK L 139 1.64 20.47 -96.24
CA UNK L 139 2.90 20.23 -96.92
C UNK L 139 4.02 20.07 -95.92
N UNK L 140 4.05 20.95 -94.94
CA UNK L 140 5.09 20.92 -93.93
C UNK L 140 5.14 19.71 -93.01
N UNK L 141 3.99 19.23 -92.57
CA UNK L 141 3.98 18.13 -91.63
C UNK L 141 4.71 16.95 -92.21
N UNK L 142 4.45 16.68 -93.47
CA UNK L 142 5.14 15.58 -94.10
C UNK L 142 6.63 15.83 -93.99
N UNK L 143 6.98 17.11 -94.04
CA UNK L 143 8.37 17.48 -93.97
C UNK L 143 8.96 17.04 -92.64
N UNK L 144 8.22 17.28 -91.58
CA UNK L 144 8.69 16.99 -90.26
C UNK L 144 8.91 15.53 -90.19
N UNK L 145 8.00 14.75 -90.76
CA UNK L 145 8.22 13.32 -90.76
C UNK L 145 9.45 12.85 -91.55
N UNK L 146 9.42 13.19 -92.82
CA UNK L 146 10.43 12.86 -93.78
C UNK L 146 11.68 13.55 -93.34
N UNK L 147 11.50 14.74 -92.80
CA UNK L 147 12.57 15.71 -92.66
C UNK L 147 13.65 15.01 -91.89
N UNK L 148 13.24 14.19 -90.94
CA UNK L 148 14.18 13.32 -90.30
C UNK L 148 14.13 11.98 -91.03
N UNK L 149 13.67 10.97 -90.30
CA UNK L 149 13.73 9.57 -90.71
C UNK L 149 15.05 9.26 -89.99
N UNK L 150 15.55 8.03 -90.01
CA UNK L 150 16.83 7.77 -89.31
C UNK L 150 16.72 8.17 -87.84
N UNK L 151 16.06 7.38 -87.00
CA UNK L 151 15.85 7.86 -85.65
C UNK L 151 17.13 8.36 -84.99
N UNK L 152 18.24 7.72 -85.30
CA UNK L 152 19.52 8.11 -84.73
C UNK L 152 20.01 9.44 -85.30
N UNK L 153 20.85 10.11 -84.53
CA UNK L 153 21.44 11.37 -84.94
C UNK L 153 22.62 11.12 -85.88
N UNK L 154 23.02 12.19 -86.56
CA UNK L 154 22.30 13.42 -86.31
C UNK L 154 20.89 13.05 -86.59
N UNK L 155 20.04 13.28 -85.61
CA UNK L 155 18.66 12.91 -85.77
C UNK L 155 18.12 13.57 -87.02
N UNK L 156 18.51 14.82 -87.24
CA UNK L 156 18.05 15.64 -88.35
C UNK L 156 16.56 15.69 -88.09
N UNK L 157 16.26 15.49 -86.82
CA UNK L 157 14.90 15.41 -86.29
C UNK L 157 14.78 16.66 -85.44
N UNK L 158 15.80 16.87 -84.62
CA UNK L 158 15.77 18.06 -83.78
C UNK L 158 15.71 19.21 -84.77
N UNK L 159 16.52 19.08 -85.82
CA UNK L 159 16.52 20.06 -86.88
C UNK L 159 15.12 19.99 -87.45
N UNK L 160 14.62 18.79 -87.56
CA UNK L 160 13.29 18.61 -88.08
C UNK L 160 12.36 19.37 -87.17
N UNK L 161 12.50 19.15 -85.87
CA UNK L 161 11.62 19.83 -84.95
C UNK L 161 11.79 21.30 -85.21
N UNK L 162 13.04 21.64 -85.51
CA UNK L 162 13.38 23.00 -85.81
C UNK L 162 12.57 23.40 -87.01
N UNK L 163 12.50 22.55 -88.02
CA UNK L 163 11.77 22.92 -89.22
C UNK L 163 10.33 23.14 -88.85
N UNK L 164 9.79 22.23 -88.07
CA UNK L 164 8.42 22.35 -87.68
C UNK L 164 8.33 23.64 -86.90
N UNK L 165 9.35 23.90 -86.09
CA UNK L 165 9.29 25.05 -85.22
C UNK L 165 9.18 26.36 -85.99
N UNK L 166 9.97 26.52 -87.05
CA UNK L 166 9.84 27.72 -87.84
C UNK L 166 8.51 27.73 -88.56
N UNK L 167 8.14 26.62 -89.17
CA UNK L 167 7.03 26.63 -90.09
C UNK L 167 5.79 27.07 -89.34
N UNK L 168 5.60 26.58 -88.15
CA UNK L 168 4.41 26.94 -87.39
C UNK L 168 4.39 28.42 -87.07
N UNK L 169 5.54 28.98 -86.76
CA UNK L 169 5.59 30.39 -86.36
C UNK L 169 5.15 31.28 -87.49
N UNK L 170 5.67 31.01 -88.68
CA UNK L 170 5.28 31.76 -89.87
C UNK L 170 3.82 31.50 -90.11
N UNK L 171 3.43 30.33 -89.64
CA UNK L 171 2.08 29.83 -89.75
C UNK L 171 1.13 30.78 -89.07
N UNK L 172 1.54 31.30 -87.92
CA UNK L 172 0.61 32.00 -87.06
C UNK L 172 0.03 33.14 -87.84
N UNK L 173 0.84 33.90 -88.53
CA UNK L 173 0.19 34.99 -89.23
C UNK L 173 -0.95 34.34 -89.97
N UNK L 174 -0.55 33.40 -90.79
CA UNK L 174 -1.46 32.91 -91.79
C UNK L 174 -2.79 32.83 -91.12
N UNK L 175 -2.80 32.36 -89.88
CA UNK L 175 -4.04 32.28 -89.12
C UNK L 175 -4.69 33.65 -89.18
N UNK L 176 -3.88 34.71 -89.05
CA UNK L 176 -4.43 36.05 -89.10
C UNK L 176 -5.03 36.19 -90.46
N UNK L 177 -4.30 35.68 -91.43
CA UNK L 177 -4.76 35.70 -92.79
C UNK L 177 -6.01 34.83 -92.77
N UNK L 178 -5.95 33.76 -92.00
CA UNK L 178 -7.06 32.84 -91.93
C UNK L 178 -8.29 33.58 -91.45
N UNK L 179 -8.10 34.45 -90.47
CA UNK L 179 -9.22 35.23 -89.96
C UNK L 179 -9.35 36.53 -90.75
N UNK L 180 -8.45 36.71 -91.69
CA UNK L 180 -8.44 37.92 -92.48
C UNK L 180 -9.73 38.10 -93.23
N UNK L 181 -10.21 37.03 -93.85
CA UNK L 181 -11.44 37.14 -94.61
C UNK L 181 -12.61 37.46 -93.71
N UNK L 182 -12.69 36.82 -92.56
CA UNK L 182 -13.79 37.06 -91.67
C UNK L 182 -13.79 38.51 -91.29
N UNK L 183 -12.59 39.03 -91.05
CA UNK L 183 -12.44 40.44 -90.71
C UNK L 183 -12.96 41.21 -91.90
N UNK L 184 -13.97 42.05 -91.71
CA UNK L 184 -14.50 42.80 -92.84
C UNK L 184 -15.27 41.80 -93.70
N UNK L 185 -14.85 41.63 -94.96
CA UNK L 185 -15.46 40.69 -95.90
C UNK L 185 -16.08 39.45 -95.26
N UNK L 186 -15.30 38.56 -94.60
CA UNK L 186 -15.97 37.42 -94.01
C UNK L 186 -16.76 36.71 -95.08
N UNK L 187 -16.17 36.49 -96.25
CA UNK L 187 -16.86 35.78 -97.30
C UNK L 187 -16.20 34.42 -97.40
N UNK L 188 -14.88 34.42 -97.24
CA UNK L 188 -14.09 33.21 -97.28
C UNK L 188 -14.04 32.68 -98.70
N UNK L 189 -14.42 33.53 -99.64
CA UNK L 189 -14.42 33.13 -101.04
C UNK L 189 -13.37 33.89 -101.82
N UNK L 190 -12.44 33.16 -102.44
CA UNK L 190 -11.40 33.79 -103.22
C UNK L 190 -12.07 34.52 -104.36
N UNK L 191 -13.01 33.87 -105.01
CA UNK L 191 -13.71 34.51 -106.10
C UNK L 191 -14.45 35.68 -105.51
N UNK L 192 -15.14 35.42 -104.41
CA UNK L 192 -15.89 36.46 -103.72
C UNK L 192 -14.98 37.52 -103.16
N UNK L 193 -13.87 37.06 -102.60
CA UNK L 193 -12.90 37.96 -101.98
C UNK L 193 -12.38 38.91 -103.02
N UNK L 194 -12.39 38.52 -104.27
CA UNK L 194 -11.82 39.40 -105.29
C UNK L 194 -12.12 40.92 -105.18
N UNK L 195 -13.35 41.35 -104.88
CA UNK L 195 -13.57 42.79 -104.80
C UNK L 195 -14.24 43.24 -103.51
N UNK L 196 -13.64 44.16 -102.74
CA UNK L 196 -12.32 44.75 -102.95
C UNK L 196 -11.72 44.91 -101.54
N UNK L 197 -10.41 44.90 -101.37
CA UNK L 197 -9.90 44.99 -100.01
C UNK L 197 -9.87 46.39 -99.41
N UNK L 198 -9.42 47.37 -100.16
CA UNK L 198 -9.21 48.71 -99.62
C UNK L 198 -8.27 48.70 -98.41
N UNK L 199 -7.31 47.78 -98.49
CA UNK L 199 -6.31 47.52 -97.50
C UNK L 199 -5.31 48.64 -97.21
N UNK L 200 -4.91 48.84 -95.96
CA UNK L 200 -5.36 48.05 -94.81
C UNK L 200 -5.03 46.62 -95.14
N UNK L 201 -3.88 46.45 -95.78
CA UNK L 201 -3.47 45.16 -96.25
C UNK L 201 -3.44 44.17 -95.11
N UNK L 202 -3.03 44.71 -93.95
CA UNK L 202 -2.88 44.02 -92.67
C UNK L 202 -3.01 42.53 -92.81
N UNK L 203 -4.24 42.02 -92.72
CA UNK L 203 -4.38 40.60 -92.91
C UNK L 203 -3.56 40.28 -94.16
N UNK L 204 -3.67 41.14 -95.17
CA UNK L 204 -2.93 40.98 -96.42
C UNK L 204 -1.45 41.09 -96.12
N UNK L 205 -1.10 42.08 -95.27
CA UNK L 205 0.27 42.26 -94.83
C UNK L 205 0.55 40.98 -94.08
N UNK L 206 -0.48 40.57 -93.34
CA UNK L 206 -0.47 39.32 -92.61
C UNK L 206 -0.11 38.11 -93.44
N UNK L 207 -0.64 38.05 -94.65
CA UNK L 207 -0.39 36.89 -95.48
C UNK L 207 1.10 36.79 -95.68
N UNK L 208 1.65 37.97 -95.80
CA UNK L 208 3.03 38.20 -96.06
C UNK L 208 3.94 37.60 -95.03
N UNK L 209 3.56 37.53 -93.76
CA UNK L 209 4.50 36.94 -92.79
C UNK L 209 4.81 35.46 -93.06
N UNK L 210 3.78 34.65 -93.22
CA UNK L 210 3.97 33.21 -93.48
C UNK L 210 4.58 32.95 -94.84
N UNK L 211 4.07 33.69 -95.81
CA UNK L 211 4.49 33.59 -97.20
C UNK L 211 5.96 33.96 -97.26
N UNK L 212 6.34 34.98 -96.51
CA UNK L 212 7.73 35.41 -96.47
C UNK L 212 8.53 34.25 -95.91
N UNK L 213 8.00 33.59 -94.89
CA UNK L 213 8.68 32.46 -94.26
C UNK L 213 8.85 31.30 -95.24
N UNK L 214 7.82 31.04 -96.04
CA UNK L 214 7.87 29.96 -97.02
C UNK L 214 8.93 30.30 -98.06
N UNK L 215 8.97 31.56 -98.45
CA UNK L 215 9.92 32.07 -99.44
C UNK L 215 11.34 31.91 -98.91
N UNK L 216 11.48 32.11 -97.61
CA UNK L 216 12.76 32.05 -96.91
C UNK L 216 13.44 33.40 -97.02
N UNK L 217 12.71 34.37 -97.57
CA UNK L 217 13.23 35.72 -97.72
C UNK L 217 13.33 36.32 -96.33
N UNK L 218 14.34 37.15 -96.10
CA UNK L 218 14.49 37.76 -94.79
C UNK L 218 14.65 36.70 -93.69
N UNK L 219 13.84 36.82 -92.66
CA UNK L 219 13.88 35.90 -91.52
C UNK L 219 13.30 34.51 -91.80
N UNK L 220 14.00 33.75 -92.66
CA UNK L 220 13.66 32.35 -93.03
C UNK L 220 14.83 31.28 -93.07
N UNK L 221 15.99 31.62 -92.51
CA UNK L 221 17.17 30.73 -92.56
C UNK L 221 17.04 29.34 -91.92
N UNK L 222 16.37 29.28 -90.78
CA UNK L 222 16.22 28.00 -90.13
C UNK L 222 15.41 27.08 -91.02
N UNK L 223 14.35 27.62 -91.63
CA UNK L 223 13.48 26.85 -92.49
C UNK L 223 14.31 26.32 -93.62
N UNK L 224 15.21 27.16 -94.11
CA UNK L 224 16.10 26.70 -95.18
C UNK L 224 17.07 25.55 -94.85
N UNK L 225 17.72 25.55 -93.68
CA UNK L 225 18.71 24.46 -93.40
C UNK L 225 18.41 22.91 -93.25
N UNK L 226 17.37 22.57 -92.49
CA UNK L 226 16.87 21.26 -92.11
C UNK L 226 16.52 20.54 -93.40
N UNK L 227 16.16 21.31 -94.41
CA UNK L 227 15.83 20.72 -95.70
C UNK L 227 17.08 20.06 -96.23
N UNK L 228 18.22 20.72 -96.03
CA UNK L 228 19.48 20.19 -96.53
C UNK L 228 19.73 18.86 -95.89
N UNK L 229 19.39 18.78 -94.61
CA UNK L 229 19.61 17.54 -93.88
C UNK L 229 18.92 16.18 -94.21
N UNK L 230 17.64 16.10 -94.60
CA UNK L 230 17.05 14.63 -94.80
C UNK L 230 17.45 13.52 -95.94
N UNK L 231 17.32 12.14 -95.83
CA UNK L 231 17.78 11.46 -97.03
C UNK L 231 17.63 12.36 -98.26
N UNK L 232 18.62 12.29 -99.14
CA UNK L 232 18.92 13.36 -100.09
C UNK L 232 17.82 13.72 -101.08
N UNK L 233 17.21 12.71 -101.66
CA UNK L 233 16.22 12.94 -102.68
C UNK L 233 15.16 13.79 -102.02
N UNK L 234 14.85 13.46 -100.78
CA UNK L 234 13.82 14.19 -100.05
C UNK L 234 14.28 15.63 -100.02
N UNK L 235 15.59 15.79 -99.89
CA UNK L 235 16.17 17.11 -99.91
C UNK L 235 15.81 17.69 -101.25
N UNK L 236 15.83 16.85 -102.28
CA UNK L 236 15.58 17.36 -103.61
C UNK L 236 14.20 17.96 -103.68
N UNK L 237 13.22 17.24 -103.14
CA UNK L 237 11.86 17.73 -103.20
C UNK L 237 11.77 19.03 -102.44
N UNK L 238 12.17 18.97 -101.17
CA UNK L 238 11.93 20.08 -100.27
C UNK L 238 12.71 21.27 -100.76
N UNK L 239 13.95 21.00 -101.13
CA UNK L 239 14.82 22.04 -101.61
C UNK L 239 14.36 22.66 -102.91
N UNK L 240 13.97 21.82 -103.85
CA UNK L 240 13.70 22.31 -105.20
C UNK L 240 12.22 22.45 -105.43
N UNK L 241 11.52 21.55 -104.75
CA UNK L 241 10.10 21.41 -104.87
C UNK L 241 9.40 21.85 -103.61
N UNK L 242 9.83 21.37 -102.46
CA UNK L 242 9.18 21.82 -101.22
C UNK L 242 9.49 23.30 -100.96
N UNK L 243 10.77 23.64 -101.05
CA UNK L 243 11.20 25.02 -100.81
C UNK L 243 10.65 25.99 -101.83
N UNK L 244 10.82 25.70 -103.11
CA UNK L 244 10.30 26.60 -104.15
C UNK L 244 8.78 26.65 -104.32
N UNK L 245 8.17 25.46 -104.36
CA UNK L 245 6.73 25.34 -104.56
C UNK L 245 5.89 25.97 -103.45
N UNK L 246 6.22 25.86 -102.18
CA UNK L 246 5.24 26.50 -101.28
C UNK L 246 5.03 28.04 -101.17
N UNK L 247 6.09 28.80 -100.95
CA UNK L 247 5.93 30.24 -100.73
C UNK L 247 5.50 31.25 -101.79
N UNK L 248 6.13 31.23 -102.96
CA UNK L 248 5.76 32.18 -103.98
C UNK L 248 4.36 31.90 -104.43
N UNK L 249 4.08 30.62 -104.60
CA UNK L 249 2.78 30.18 -105.05
C UNK L 249 1.74 30.61 -104.04
N UNK L 250 2.02 30.43 -102.75
CA UNK L 250 1.02 30.83 -101.77
C UNK L 250 0.77 32.32 -101.88
N UNK L 251 1.86 33.07 -101.92
CA UNK L 251 1.81 34.52 -102.02
C UNK L 251 1.33 35.09 -103.34
N UNK L 252 1.80 34.48 -104.42
CA UNK L 252 1.51 34.95 -105.76
C UNK L 252 0.02 34.89 -105.98
N UNK L 253 -0.62 33.93 -105.34
CA UNK L 253 -2.01 33.64 -105.65
C UNK L 253 -2.84 34.87 -105.40
N UNK L 254 -2.54 35.60 -104.34
CA UNK L 254 -3.29 36.81 -104.05
C UNK L 254 -3.15 37.83 -105.17
N UNK L 255 -1.96 37.89 -105.75
CA UNK L 255 -1.67 38.74 -106.90
C UNK L 255 -2.63 39.90 -107.16
N UNK L 256 -3.91 39.59 -107.27
CA UNK L 256 -4.88 40.62 -107.55
C UNK L 256 -4.94 41.67 -106.46
N UNK L 257 -4.85 41.23 -105.22
CA UNK L 257 -4.95 42.13 -104.09
C UNK L 257 -3.71 42.99 -104.07
N UNK L 258 -2.59 42.38 -104.40
CA UNK L 258 -1.30 42.98 -104.16
C UNK L 258 -1.12 44.27 -104.90
N UNK L 259 -1.62 44.34 -106.12
CA UNK L 259 -1.24 45.42 -106.99
C UNK L 259 -1.63 46.72 -106.32
N UNK L 260 -2.82 46.78 -105.76
CA UNK L 260 -3.23 47.95 -105.02
C UNK L 260 -2.48 47.94 -103.70
N UNK L 261 -2.51 49.06 -102.97
CA UNK L 261 -1.83 49.15 -101.68
C UNK L 261 -0.36 48.84 -101.77
N UNK L 262 0.30 49.48 -102.71
CA UNK L 262 1.64 49.12 -103.11
C UNK L 262 2.61 49.17 -101.94
N UNK L 263 2.37 50.09 -101.01
CA UNK L 263 3.40 50.44 -100.05
C UNK L 263 3.75 49.18 -99.31
N UNK L 264 2.74 48.40 -99.00
CA UNK L 264 2.97 47.15 -98.30
C UNK L 264 3.88 46.30 -99.16
N UNK L 265 3.67 46.36 -100.47
CA UNK L 265 4.43 45.53 -101.38
C UNK L 265 5.87 45.96 -101.28
N UNK L 266 6.13 47.24 -101.06
CA UNK L 266 7.53 47.64 -100.94
C UNK L 266 8.18 46.88 -99.79
N UNK L 267 7.43 46.77 -98.70
CA UNK L 267 7.97 46.21 -97.49
C UNK L 267 8.42 44.82 -97.83
N UNK L 268 7.59 44.13 -98.59
CA UNK L 268 7.93 42.80 -98.98
C UNK L 268 9.20 42.89 -99.76
N UNK L 269 9.27 43.93 -100.58
CA UNK L 269 10.28 44.00 -101.59
C UNK L 269 11.62 43.93 -100.91
N UNK L 270 11.79 44.66 -99.82
CA UNK L 270 13.08 44.68 -99.15
C UNK L 270 13.38 43.28 -98.68
N UNK L 271 12.33 42.66 -98.15
CA UNK L 271 12.38 41.33 -97.58
C UNK L 271 13.18 40.44 -98.50
N UNK L 272 12.84 40.52 -99.77
CA UNK L 272 13.52 39.73 -100.77
C UNK L 272 14.97 40.13 -100.77
N UNK L 273 15.26 41.41 -100.60
CA UNK L 273 16.66 41.85 -100.65
C UNK L 273 17.60 41.24 -99.60
N UNK L 274 17.15 41.16 -98.35
CA UNK L 274 18.00 40.61 -97.29
C UNK L 274 18.35 39.13 -97.50
N UNK L 275 17.34 38.35 -97.89
CA UNK L 275 17.57 36.94 -98.12
C UNK L 275 18.57 36.77 -99.26
N UNK L 276 18.36 37.51 -100.33
CA UNK L 276 19.22 37.41 -101.49
C UNK L 276 20.64 37.74 -101.09
N UNK L 277 20.80 38.75 -100.25
CA UNK L 277 22.12 39.14 -99.77
C UNK L 277 22.79 38.04 -98.96
N UNK L 278 22.01 37.41 -98.08
CA UNK L 278 22.53 36.34 -97.20
C UNK L 278 23.03 35.05 -97.87
N UNK L 279 22.32 34.59 -98.89
CA UNK L 279 22.61 33.37 -99.58
C UNK L 279 24.00 33.53 -100.13
N UNK L 280 24.33 34.74 -100.53
CA UNK L 280 25.65 34.99 -101.03
C UNK L 280 26.62 34.63 -99.92
N UNK L 281 26.27 35.01 -98.71
CA UNK L 281 27.20 34.85 -97.62
C UNK L 281 27.53 33.39 -97.47
N UNK L 282 26.53 32.54 -97.64
CA UNK L 282 26.75 31.11 -97.53
C UNK L 282 27.44 30.50 -98.75
N UNK L 283 27.58 31.25 -99.83
CA UNK L 283 28.18 30.69 -101.03
C UNK L 283 29.62 30.22 -100.84
N UNK L 284 30.43 31.04 -100.22
CA UNK L 284 31.83 30.69 -99.99
C UNK L 284 32.05 29.57 -98.99
N UNK L 285 31.24 29.57 -97.96
CA UNK L 285 31.36 28.66 -96.81
C UNK L 285 31.31 27.14 -96.96
N UNK L 286 30.44 26.60 -97.81
CA UNK L 286 30.35 25.15 -97.90
C UNK L 286 31.71 24.54 -98.25
N UNK L 287 32.10 23.52 -97.51
CA UNK L 287 33.37 22.82 -97.74
C UNK L 287 33.12 21.37 -98.12
N UNK L 288 31.86 20.96 -98.05
CA UNK L 288 31.42 19.62 -98.40
C UNK L 288 30.46 19.94 -99.52
N UNK L 289 29.69 18.97 -100.03
CA UNK L 289 28.78 19.34 -101.11
C UNK L 289 27.32 19.58 -100.74
N UNK L 290 26.73 18.71 -99.95
CA UNK L 290 25.29 18.67 -99.92
C UNK L 290 24.74 19.98 -99.48
N UNK L 291 25.29 20.52 -98.41
CA UNK L 291 24.84 21.80 -97.94
C UNK L 291 25.13 22.77 -99.05
N UNK L 292 26.35 22.62 -99.59
CA UNK L 292 26.87 23.50 -100.64
C UNK L 292 25.81 23.85 -101.63
N UNK L 293 25.13 22.84 -102.16
CA UNK L 293 24.04 23.16 -103.09
C UNK L 293 22.88 23.91 -102.45
N UNK L 294 22.48 23.46 -101.27
CA UNK L 294 21.23 23.90 -100.69
C UNK L 294 21.28 25.39 -100.44
N UNK L 295 22.45 25.83 -100.01
CA UNK L 295 22.62 27.23 -99.73
C UNK L 295 22.40 27.93 -101.05
N UNK L 296 22.86 27.31 -102.12
CA UNK L 296 22.74 27.93 -103.42
C UNK L 296 21.29 28.13 -103.77
N UNK L 297 20.51 27.10 -103.54
CA UNK L 297 19.12 27.15 -103.90
C UNK L 297 18.50 28.29 -103.15
N UNK L 298 18.82 28.45 -101.89
CA UNK L 298 18.05 29.39 -101.10
C UNK L 298 18.20 30.72 -101.76
N UNK L 299 19.40 31.02 -102.20
CA UNK L 299 19.67 32.34 -102.69
C UNK L 299 18.75 32.57 -103.87
N UNK L 300 18.58 31.54 -104.68
CA UNK L 300 17.73 31.69 -105.83
C UNK L 300 16.32 31.99 -105.37
N UNK L 301 15.91 31.29 -104.32
CA UNK L 301 14.52 31.39 -103.92
C UNK L 301 14.28 32.82 -103.56
N UNK L 302 15.28 33.38 -102.89
CA UNK L 302 15.20 34.74 -102.44
C UNK L 302 15.08 35.54 -103.71
N UNK L 303 15.84 35.14 -104.71
CA UNK L 303 15.79 35.81 -106.00
C UNK L 303 14.35 35.66 -106.46
N UNK L 304 13.79 34.51 -106.18
CA UNK L 304 12.42 34.28 -106.53
C UNK L 304 11.60 35.32 -105.79
N UNK L 305 11.96 35.58 -104.55
CA UNK L 305 11.15 36.45 -103.74
C UNK L 305 11.10 37.82 -104.38
N UNK L 306 12.27 38.36 -104.73
CA UNK L 306 12.37 39.78 -105.00
C UNK L 306 11.49 40.19 -106.16
N UNK L 307 11.44 39.34 -107.17
CA UNK L 307 10.58 39.59 -108.33
C UNK L 307 9.17 39.63 -107.81
N UNK L 308 8.95 38.94 -106.71
CA UNK L 308 7.63 38.86 -106.13
C UNK L 308 7.24 40.29 -105.87
N UNK L 309 8.20 41.06 -105.42
CA UNK L 309 8.01 42.48 -105.26
C UNK L 309 7.72 43.00 -106.65
N UNK L 310 8.37 42.42 -107.64
CA UNK L 310 8.26 42.95 -108.98
C UNK L 310 6.81 42.95 -109.42
N UNK L 311 6.05 41.87 -109.28
CA UNK L 311 4.65 41.97 -109.75
C UNK L 311 4.17 41.32 -111.07
N UNK L 312 4.99 40.53 -111.75
CA UNK L 312 4.53 39.85 -112.97
C UNK L 312 4.10 38.44 -112.58
N UNK L 313 2.80 38.24 -112.45
CA UNK L 313 2.23 36.98 -112.02
C UNK L 313 2.63 35.83 -112.93
N UNK L 314 2.52 36.15 -114.21
CA UNK L 314 3.21 35.38 -115.18
C UNK L 314 4.67 35.51 -114.76
N UNK L 315 5.06 36.70 -114.31
CA UNK L 315 6.46 36.89 -113.99
C UNK L 315 6.85 35.89 -112.91
N UNK L 316 6.01 35.79 -111.91
CA UNK L 316 6.34 34.94 -110.79
C UNK L 316 6.44 33.47 -111.19
N UNK L 317 5.48 33.01 -111.98
CA UNK L 317 5.47 31.62 -112.35
C UNK L 317 6.71 31.33 -113.17
N UNK L 318 7.07 32.26 -114.04
CA UNK L 318 8.21 32.06 -114.91
C UNK L 318 9.47 31.92 -114.08
N UNK L 319 9.67 32.80 -113.11
CA UNK L 319 10.87 32.66 -112.29
C UNK L 319 10.81 31.35 -111.52
N UNK L 320 9.65 31.12 -110.93
CA UNK L 320 9.45 29.92 -110.16
C UNK L 320 9.56 28.74 -111.08
N UNK L 321 8.96 28.84 -112.25
CA UNK L 321 8.86 27.69 -113.11
C UNK L 321 10.23 27.23 -113.47
N UNK L 322 11.09 28.17 -113.82
CA UNK L 322 12.46 27.81 -114.12
C UNK L 322 13.28 27.31 -112.94
N UNK L 323 13.18 28.00 -111.81
CA UNK L 323 14.12 27.80 -110.71
C UNK L 323 14.07 26.37 -110.24
N UNK L 324 12.88 25.80 -110.19
CA UNK L 324 12.75 24.45 -109.71
C UNK L 324 13.53 23.52 -110.62
N UNK L 325 13.44 23.75 -111.92
CA UNK L 325 14.09 22.82 -112.84
C UNK L 325 15.57 22.82 -112.56
N UNK L 326 16.24 23.97 -112.56
CA UNK L 326 17.69 23.85 -112.53
C UNK L 326 18.18 23.21 -111.25
N UNK L 327 17.68 23.73 -110.15
CA UNK L 327 18.15 23.29 -108.85
C UNK L 327 17.81 21.84 -108.71
N UNK L 328 16.62 21.49 -109.16
CA UNK L 328 16.15 20.14 -108.96
C UNK L 328 17.08 19.22 -109.70
N UNK L 329 17.43 19.57 -110.92
CA UNK L 329 18.26 18.67 -111.70
C UNK L 329 19.61 18.49 -111.02
N UNK L 330 20.28 19.58 -110.66
CA UNK L 330 21.63 19.44 -110.18
C UNK L 330 21.63 18.59 -108.95
N UNK L 331 20.71 18.92 -108.05
CA UNK L 331 20.57 18.22 -106.79
C UNK L 331 20.59 16.75 -107.06
N UNK L 332 19.88 16.34 -108.10
CA UNK L 332 19.85 14.94 -108.43
C UNK L 332 21.26 14.49 -108.76
N UNK L 333 21.99 15.34 -109.48
CA UNK L 333 23.36 15.03 -109.87
C UNK L 333 24.34 14.88 -108.72
N UNK L 334 24.20 15.74 -107.71
CA UNK L 334 25.12 15.73 -106.58
C UNK L 334 25.10 14.40 -105.86
N UNK L 335 23.86 13.94 -105.69
CA UNK L 335 23.50 12.69 -105.05
C UNK L 335 24.06 11.58 -105.89
N UNK L 336 24.03 11.73 -107.21
CA UNK L 336 24.59 10.72 -108.07
C UNK L 336 26.09 10.71 -107.78
N UNK L 337 26.66 11.92 -107.68
CA UNK L 337 28.09 12.09 -107.39
C UNK L 337 28.47 11.59 -106.01
N UNK L 338 27.62 11.88 -105.02
CA UNK L 338 27.87 11.45 -103.65
C UNK L 338 27.83 9.93 -103.68
N UNK L 339 26.91 9.41 -104.48
CA UNK L 339 26.72 7.99 -104.65
C UNK L 339 28.02 7.54 -105.25
N UNK L 340 28.57 8.33 -106.18
CA UNK L 340 29.86 7.90 -106.71
C UNK L 340 31.01 8.15 -105.76
N UNK L 341 30.67 8.29 -104.48
CA UNK L 341 31.60 8.50 -103.39
C UNK L 341 31.48 7.48 -102.26
N UNK L 342 30.39 6.71 -102.24
CA UNK L 342 30.16 5.68 -101.21
C UNK L 342 30.23 6.09 -99.72
N UNK L 343 29.56 7.19 -99.36
CA UNK L 343 29.56 7.75 -98.01
C UNK L 343 30.53 8.89 -97.63
N UNK L 344 30.81 9.82 -98.54
CA UNK L 344 31.76 10.87 -98.21
C UNK L 344 31.17 12.27 -98.09
N UNK L 345 30.63 12.79 -99.18
CA UNK L 345 30.00 14.11 -99.16
C UNK L 345 30.87 15.30 -98.69
N UNK L 346 32.08 15.42 -99.16
CA UNK L 346 32.82 16.63 -98.84
C UNK L 346 33.38 17.32 -100.07
N UNK L 347 33.32 18.65 -100.09
CA UNK L 347 33.89 19.36 -101.22
C UNK L 347 35.37 19.02 -101.15
N UNK L 348 35.91 18.95 -99.93
CA UNK L 348 37.32 18.63 -99.77
C UNK L 348 37.57 17.27 -100.40
N UNK L 349 36.66 16.34 -100.21
CA UNK L 349 36.81 15.04 -100.82
C UNK L 349 35.74 14.84 -101.88
N UNK L 350 36.41 13.07 -110.60
CA UNK L 350 36.43 14.33 -111.31
C UNK L 350 35.74 14.22 -112.65
N UNK L 351 36.51 14.01 -113.71
CA UNK L 351 35.98 13.93 -115.06
C UNK L 351 35.24 12.62 -115.32
N UNK L 352 35.37 11.67 -114.40
CA UNK L 352 34.89 10.32 -114.61
C UNK L 352 33.39 10.15 -114.85
N UNK L 353 32.57 10.75 -114.00
CA UNK L 353 31.15 10.39 -113.98
C UNK L 353 30.45 11.15 -115.06
N UNK L 354 30.74 10.78 -116.29
CA UNK L 354 30.73 11.68 -117.40
C UNK L 354 29.37 12.31 -117.52
N UNK L 355 28.32 11.52 -117.31
CA UNK L 355 26.99 12.09 -117.39
C UNK L 355 26.89 13.14 -116.32
N UNK L 356 27.40 12.83 -115.13
CA UNK L 356 27.28 13.76 -114.03
C UNK L 356 28.04 15.02 -114.36
N UNK L 357 29.22 14.81 -114.93
CA UNK L 357 30.17 15.88 -115.17
C UNK L 357 29.48 16.81 -116.10
N UNK L 358 28.90 16.22 -117.13
CA UNK L 358 28.11 16.98 -118.05
C UNK L 358 26.95 17.48 -117.23
N UNK L 359 26.44 16.60 -116.38
CA UNK L 359 25.21 16.91 -115.70
C UNK L 359 25.46 18.15 -114.88
N UNK L 360 26.58 18.17 -114.19
CA UNK L 360 26.91 19.32 -113.39
C UNK L 360 27.04 20.47 -114.35
N UNK L 361 27.59 20.19 -115.51
CA UNK L 361 28.00 21.23 -116.41
C UNK L 361 26.79 22.04 -116.77
N UNK L 362 25.67 21.34 -116.97
CA UNK L 362 24.48 22.01 -117.43
C UNK L 362 24.05 23.03 -116.40
N UNK L 363 24.11 22.61 -115.17
CA UNK L 363 23.69 23.51 -114.15
C UNK L 363 24.40 24.76 -114.50
N UNK L 364 25.70 24.69 -114.32
CA UNK L 364 26.53 25.86 -114.26
C UNK L 364 26.03 26.79 -115.33
N UNK L 365 25.58 26.21 -116.43
CA UNK L 365 24.85 27.00 -117.39
C UNK L 365 23.62 27.52 -116.68
N UNK L 366 23.00 26.67 -115.88
CA UNK L 366 21.71 27.01 -115.30
C UNK L 366 21.78 28.22 -114.39
N UNK L 367 22.78 28.26 -113.52
CA UNK L 367 22.96 29.41 -112.66
C UNK L 367 23.25 30.57 -113.58
N UNK L 368 23.94 30.26 -114.67
CA UNK L 368 24.23 31.25 -115.69
C UNK L 368 22.97 31.53 -116.48
N UNK L 369 23.00 32.56 -117.33
CA UNK L 369 21.85 32.89 -118.14
C UNK L 369 22.13 33.03 -119.64
N UNK L 370 21.39 32.29 -120.46
CA UNK L 370 21.52 32.36 -121.90
C UNK L 370 20.11 32.54 -122.36
N UNK L 371 19.89 33.24 -123.47
CA UNK L 371 18.53 33.46 -123.91
C UNK L 371 17.89 32.11 -124.16
N UNK L 372 18.62 31.24 -124.86
CA UNK L 372 18.15 29.89 -125.19
C UNK L 372 17.93 28.94 -124.00
N UNK L 373 18.81 29.02 -123.01
CA UNK L 373 18.80 28.14 -121.83
C UNK L 373 17.57 28.13 -120.89
N UNK L 374 16.97 29.30 -120.68
CA UNK L 374 15.80 29.52 -119.81
C UNK L 374 16.16 30.04 -118.41
N UNK L 375 17.42 29.94 -118.01
CA UNK L 375 17.87 30.50 -116.77
C UNK L 375 18.06 31.98 -117.07
N UNK L 376 18.35 32.30 -118.32
CA UNK L 376 18.43 33.69 -118.72
C UNK L 376 16.99 34.20 -118.89
N UNK L 377 16.04 33.28 -119.02
CA UNK L 377 14.65 33.68 -119.17
C UNK L 377 14.19 34.17 -117.82
N UNK L 378 14.78 33.64 -116.74
CA UNK L 378 14.38 34.10 -115.43
C UNK L 378 15.16 35.31 -114.95
N UNK L 379 16.48 35.25 -115.04
CA UNK L 379 17.30 36.32 -114.50
C UNK L 379 17.11 37.62 -115.25
N UNK L 380 17.06 37.49 -116.58
CA UNK L 380 16.90 38.63 -117.46
C UNK L 380 15.55 39.32 -117.29
N UNK L 381 14.51 38.50 -117.17
CA UNK L 381 13.19 39.05 -116.99
C UNK L 381 13.26 39.79 -115.67
N UNK L 382 13.94 39.18 -114.72
CA UNK L 382 14.04 39.73 -113.38
C UNK L 382 14.70 41.10 -113.41
N UNK L 383 15.87 41.08 -114.02
CA UNK L 383 16.73 42.22 -114.10
C UNK L 383 15.98 43.23 -114.90
N UNK L 384 15.26 42.75 -115.90
CA UNK L 384 14.59 43.64 -116.82
C UNK L 384 13.67 44.48 -115.98
N UNK L 385 13.02 43.85 -115.03
CA UNK L 385 12.17 44.58 -114.12
C UNK L 385 13.03 45.55 -113.36
N UNK L 386 14.24 45.13 -113.01
CA UNK L 386 15.06 45.94 -112.14
C UNK L 386 15.25 47.26 -112.85
N UNK L 387 15.52 47.19 -114.14
CA UNK L 387 15.53 48.37 -114.96
C UNK L 387 14.13 48.94 -115.03
N UNK L 388 18.41 48.75 -101.30
CA UNK L 388 17.56 49.20 -102.39
C UNK L 388 17.83 48.42 -103.67
N UNK L 389 17.55 49.04 -104.81
CA UNK L 389 17.77 48.40 -106.10
C UNK L 389 19.24 48.07 -106.32
N UNK L 390 20.11 49.00 -105.92
CA UNK L 390 21.55 48.82 -106.08
C UNK L 390 22.05 47.63 -105.26
N UNK L 391 21.51 47.48 -104.04
CA UNK L 391 21.90 46.39 -103.16
C UNK L 391 21.46 45.04 -103.73
N UNK L 392 20.35 45.04 -104.46
CA UNK L 392 19.84 43.83 -105.06
C UNK L 392 20.74 43.19 -106.12
N UNK L 393 21.34 44.00 -106.98
CA UNK L 393 22.20 43.45 -108.04
C UNK L 393 23.48 42.71 -107.63
N UNK L 394 24.18 43.23 -106.63
CA UNK L 394 25.44 42.74 -106.17
C UNK L 394 25.24 41.27 -105.92
N UNK L 395 24.07 40.93 -105.40
CA UNK L 395 23.74 39.55 -105.14
C UNK L 395 23.74 38.73 -106.41
N UNK L 396 23.22 39.31 -107.49
CA UNK L 396 23.13 38.55 -108.71
C UNK L 396 24.54 38.21 -109.10
N UNK L 397 25.41 39.19 -109.13
CA UNK L 397 26.79 38.92 -109.50
C UNK L 397 27.44 37.89 -108.57
N UNK L 398 27.14 38.00 -107.29
CA UNK L 398 27.76 37.18 -106.27
C UNK L 398 27.41 35.74 -106.52
N UNK L 399 26.19 35.50 -106.98
CA UNK L 399 25.65 34.16 -107.08
C UNK L 399 26.47 33.32 -108.03
N UNK L 400 26.89 33.91 -109.14
CA UNK L 400 27.65 33.18 -110.12
C UNK L 400 28.89 32.68 -109.40
N UNK L 401 29.39 33.52 -108.52
CA UNK L 401 30.52 33.16 -107.71
C UNK L 401 30.07 31.97 -106.92
N UNK L 402 28.79 31.97 -106.55
CA UNK L 402 28.20 30.81 -105.90
C UNK L 402 28.35 29.71 -106.92
N UNK L 403 28.02 29.97 -108.17
CA UNK L 403 28.24 28.90 -109.13
C UNK L 403 29.73 28.57 -109.20
N UNK L 404 30.54 29.64 -109.20
CA UNK L 404 31.97 29.51 -109.42
C UNK L 404 32.69 28.69 -108.36
N UNK L 405 32.36 28.93 -107.10
CA UNK L 405 33.06 28.24 -106.02
C UNK L 405 32.80 26.74 -106.13
N UNK L 406 31.54 26.39 -106.37
CA UNK L 406 31.19 25.00 -106.44
C UNK L 406 31.95 24.40 -107.60
N UNK L 407 31.97 25.10 -108.71
CA UNK L 407 32.60 24.54 -109.89
C UNK L 407 34.08 24.27 -109.62
N UNK L 408 34.75 25.22 -108.98
CA UNK L 408 36.17 25.05 -108.68
C UNK L 408 36.48 23.91 -107.71
N UNK L 409 35.68 23.81 -106.66
CA UNK L 409 35.95 22.84 -105.60
C UNK L 409 35.86 21.42 -106.09
N UNK L 410 34.90 21.23 -106.97
CA UNK L 410 34.16 20.02 -107.24
C UNK L 410 34.66 19.21 -108.42
N UNK L 411 34.94 19.88 -109.52
CA UNK L 411 35.29 19.16 -110.73
C UNK L 411 36.66 19.49 -111.31
N UNK L 412 37.37 18.42 -111.66
CA UNK L 412 38.66 18.49 -112.33
C UNK L 412 39.88 18.57 -111.43
N UNK L 413 41.01 18.11 -111.97
CA UNK L 413 42.30 18.19 -111.28
C UNK L 413 42.54 17.29 -110.08
N UNK L 414 41.70 17.43 -109.05
CA UNK L 414 41.94 16.67 -107.84
C UNK L 414 41.65 15.20 -108.03
N UNK L 415 42.27 14.40 -107.20
CA UNK L 415 41.91 13.02 -107.06
C UNK L 415 41.84 12.68 -105.57
N UNK L 416 40.77 13.09 -104.90
CA UNK L 416 40.63 12.75 -103.50
C UNK L 416 39.64 11.60 -103.34
N UNK L 417 40.12 10.48 -102.82
CA UNK L 417 39.26 9.40 -102.36
C UNK L 417 40.09 8.50 -101.50
N UNK L 418 39.46 7.68 -100.68
CA UNK L 418 40.07 6.47 -100.17
C UNK L 418 39.93 5.53 -101.35
N UNK L 419 40.59 4.37 -101.36
CA UNK L 419 40.53 3.54 -102.55
C UNK L 419 39.07 3.23 -102.84
N UNK L 420 38.64 3.52 -104.07
CA UNK L 420 37.22 3.53 -104.38
C UNK L 420 36.86 2.83 -105.68
N UNK L 421 35.84 1.98 -105.61
CA UNK L 421 35.37 1.25 -106.78
C UNK L 421 33.99 1.69 -107.29
N UNK L 422 33.47 2.84 -106.87
CA UNK L 422 32.12 3.23 -107.30
C UNK L 422 31.99 3.60 -108.79
N UNK L 423 30.92 3.11 -109.43
CA UNK L 423 30.72 3.39 -110.85
C UNK L 423 29.27 3.34 -111.31
N UNK L 424 29.00 3.97 -112.44
CA UNK L 424 27.65 4.15 -112.99
C UNK L 424 26.95 2.89 -113.49
N UNK L 425 25.63 2.85 -113.28
CA UNK L 425 24.78 1.73 -113.66
C UNK L 425 23.65 2.19 -114.58
N UNK L 426 22.59 1.39 -114.63
CA UNK L 426 21.41 1.69 -115.44
C UNK L 426 20.62 2.95 -115.05
N UNK L 427 20.62 3.30 -113.79
CA UNK L 427 19.45 3.60 -113.05
C UNK L 427 18.60 4.69 -113.70
N UNK L 428 19.22 5.75 -114.18
CA UNK L 428 18.44 6.95 -114.49
C UNK L 428 18.56 7.63 -115.87
N UNK L 429 17.96 7.01 -116.86
CA UNK L 429 17.69 7.65 -118.14
C UNK L 429 16.78 8.84 -117.84
N UNK L 430 15.96 8.65 -116.82
CA UNK L 430 15.16 9.72 -116.25
C UNK L 430 16.07 10.79 -115.68
N UNK L 431 17.19 10.39 -115.11
CA UNK L 431 18.12 11.37 -114.56
C UNK L 431 18.54 12.22 -115.73
N UNK L 432 18.74 11.56 -116.84
CA UNK L 432 19.11 12.23 -118.06
C UNK L 432 18.06 13.22 -118.58
N UNK L 433 16.80 12.88 -118.37
CA UNK L 433 15.68 13.61 -118.95
C UNK L 433 15.67 15.05 -118.49
N UNK L 434 16.03 15.28 -117.24
CA UNK L 434 15.97 16.62 -116.70
C UNK L 434 16.83 17.50 -117.57
N UNK L 435 17.87 16.89 -118.13
CA UNK L 435 18.66 17.57 -119.12
C UNK L 435 17.72 17.90 -120.27
N UNK L 436 16.81 16.99 -120.57
CA UNK L 436 15.94 17.22 -121.71
C UNK L 436 15.13 18.47 -121.45
N UNK L 437 14.65 18.62 -120.23
CA UNK L 437 13.89 19.82 -119.84
C UNK L 437 14.71 21.10 -119.89
N UNK L 438 15.93 21.03 -119.38
CA UNK L 438 16.76 22.21 -119.43
C UNK L 438 16.68 22.60 -120.88
N UNK L 439 16.92 21.60 -121.71
CA UNK L 439 16.94 21.75 -123.15
C UNK L 439 15.71 22.47 -123.66
N UNK L 440 14.57 22.20 -123.02
CA UNK L 440 13.30 22.71 -123.50
C UNK L 440 12.74 23.87 -122.68
N UNK L 441 12.24 24.87 -123.41
CA UNK L 441 11.65 26.09 -122.84
C UNK L 441 10.16 26.28 -123.15
N UNK L 442 9.34 26.01 -122.14
CA UNK L 442 7.88 26.14 -122.23
C UNK L 442 7.45 27.56 -122.47
N UNK L 443 8.17 28.49 -121.86
CA UNK L 443 7.85 29.90 -121.97
C UNK L 443 7.89 30.22 -123.44
N UNK L 444 8.79 29.56 -124.14
CA UNK L 444 8.91 29.78 -125.57
C UNK L 444 7.55 29.45 -126.15
N UNK L 445 6.94 28.40 -125.62
CA UNK L 445 5.63 27.99 -126.09
C UNK L 445 4.60 29.09 -125.85
N UNK L 446 4.69 29.75 -124.70
CA UNK L 446 3.74 30.81 -124.38
C UNK L 446 3.88 31.26 -122.94
N UNK L 447 14.95 52.09 -123.56
CA UNK L 447 15.26 50.98 -122.67
C UNK L 447 16.73 50.66 -122.78
N UNK L 448 17.35 51.13 -123.85
CA UNK L 448 18.60 50.56 -124.33
C UNK L 448 19.80 50.63 -123.40
N UNK L 449 20.18 51.77 -122.86
CA UNK L 449 21.46 51.66 -122.17
C UNK L 449 21.32 50.63 -121.04
N UNK L 450 20.25 50.78 -120.28
CA UNK L 450 20.08 50.03 -119.05
C UNK L 450 19.91 48.54 -119.20
N UNK L 451 19.09 48.10 -120.15
CA UNK L 451 18.79 46.68 -120.28
C UNK L 451 20.03 45.89 -120.68
N UNK L 452 20.69 46.32 -121.74
CA UNK L 452 21.75 45.48 -122.24
C UNK L 452 22.80 45.38 -121.16
N UNK L 453 23.07 46.52 -120.54
CA UNK L 453 24.15 46.60 -119.60
C UNK L 453 23.85 45.64 -118.47
N UNK L 454 22.60 45.62 -118.04
CA UNK L 454 22.27 44.80 -116.89
C UNK L 454 22.50 43.31 -117.18
N UNK L 455 22.05 42.85 -118.33
CA UNK L 455 22.21 41.44 -118.64
C UNK L 455 23.69 41.15 -118.73
N UNK L 456 24.41 41.96 -119.49
CA UNK L 456 25.81 41.66 -119.74
C UNK L 456 26.56 41.67 -118.42
N UNK L 457 26.20 42.61 -117.56
CA UNK L 457 26.84 42.76 -116.24
C UNK L 457 27.17 41.42 -115.58
N UNK L 458 26.19 40.52 -115.58
CA UNK L 458 26.34 39.19 -115.01
C UNK L 458 27.38 38.38 -115.77
N UNK L 459 27.37 38.50 -117.09
CA UNK L 459 28.31 37.76 -117.92
C UNK L 459 29.72 38.21 -117.59
N UNK L 460 29.88 39.51 -117.40
CA UNK L 460 31.17 40.08 -117.04
C UNK L 460 31.57 39.52 -115.69
N UNK L 461 30.56 39.37 -114.83
CA UNK L 461 30.73 38.86 -113.47
C UNK L 461 31.28 37.44 -113.41
N UNK L 462 30.88 36.61 -114.36
CA UNK L 462 31.34 35.23 -114.39
C UNK L 462 32.86 35.22 -114.50
N UNK L 463 33.41 36.14 -115.30
CA UNK L 463 34.86 36.22 -115.46
C UNK L 463 35.50 36.55 -114.11
N UNK L 464 34.88 37.47 -113.37
CA UNK L 464 35.38 37.86 -112.05
C UNK L 464 35.32 36.65 -111.13
N UNK L 465 34.22 35.92 -111.23
CA UNK L 465 33.99 34.72 -110.45
C UNK L 465 34.98 33.71 -110.99
N UNK L 466 35.14 33.72 -112.31
CA UNK L 466 36.09 32.83 -112.94
C UNK L 466 37.50 33.27 -112.57
N UNK L 467 37.71 34.59 -112.54
CA UNK L 467 38.99 35.17 -112.15
C UNK L 467 39.32 34.80 -110.71
N UNK L 468 38.32 34.84 -109.84
CA UNK L 468 38.48 34.43 -108.45
C UNK L 468 38.85 32.96 -108.34
N UNK L 469 38.25 32.15 -109.20
CA UNK L 469 38.56 30.73 -109.26
C UNK L 469 40.02 30.54 -109.65
N UNK L 470 40.47 31.34 -110.61
CA UNK L 470 41.87 31.30 -111.05
C UNK L 470 42.78 31.70 -109.90
N UNK L 471 42.34 32.69 -109.14
CA UNK L 471 43.08 33.22 -107.99
C UNK L 471 43.24 32.12 -106.95
N UNK L 472 42.22 31.29 -106.78
CA UNK L 472 42.31 30.20 -105.82
C UNK L 472 43.47 29.30 -106.22
N UNK L 473 43.59 29.06 -107.53
CA UNK L 473 44.74 28.35 -108.09
C UNK L 473 45.96 28.46 -107.20
N UNK L 474 40.50 38.28 -93.89
CA UNK L 474 40.59 36.83 -93.74
C UNK L 474 39.50 36.30 -92.82
N UNK L 475 39.86 36.04 -91.57
CA UNK L 475 38.89 35.50 -90.64
C UNK L 475 37.76 36.49 -90.49
N UNK L 476 38.10 37.78 -90.50
CA UNK L 476 37.09 38.83 -90.39
C UNK L 476 35.97 38.58 -91.37
N UNK L 477 36.28 38.70 -92.65
CA UNK L 477 35.30 38.49 -93.71
C UNK L 477 34.76 37.07 -93.66
N UNK L 478 35.65 36.15 -93.33
CA UNK L 478 35.29 34.75 -93.25
C UNK L 478 34.21 34.54 -92.18
N UNK L 479 34.23 35.35 -91.13
CA UNK L 479 33.23 35.18 -90.07
C UNK L 479 31.88 35.33 -90.75
N UNK L 480 31.78 36.33 -91.62
CA UNK L 480 30.56 36.55 -92.38
C UNK L 480 30.43 35.32 -93.26
N UNK L 481 31.56 34.80 -93.71
CA UNK L 481 31.60 33.64 -94.57
C UNK L 481 30.93 32.48 -93.87
N UNK L 482 30.99 32.46 -92.54
CA UNK L 482 30.35 31.41 -91.78
C UNK L 482 28.87 31.51 -92.15
N UNK L 483 28.40 32.75 -92.26
CA UNK L 483 27.04 33.03 -92.69
C UNK L 483 25.99 32.26 -91.93
N UNK L 484 26.14 32.19 -90.62
CA UNK L 484 25.18 31.46 -89.81
C UNK L 484 25.13 32.09 -88.42
N UNK L 485 26.00 33.06 -88.21
CA UNK L 485 26.10 33.76 -86.93
C UNK L 485 24.71 34.22 -86.74
N UNK L 486 24.15 34.62 -87.86
CA UNK L 486 22.77 34.98 -87.72
C UNK L 486 22.11 33.76 -87.18
N UNK L 487 22.31 32.63 -87.85
CA UNK L 487 21.63 31.44 -87.44
C UNK L 487 22.00 30.98 -86.06
N UNK L 488 23.29 30.84 -85.83
CA UNK L 488 23.68 30.33 -84.54
C UNK L 488 23.25 31.30 -83.50
N UNK L 489 23.46 32.58 -83.74
CA UNK L 489 23.15 33.52 -82.69
C UNK L 489 21.71 33.49 -82.35
N UNK L 490 20.88 33.51 -83.37
CA UNK L 490 19.47 33.57 -83.13
C UNK L 490 19.03 32.35 -82.39
N UNK L 491 19.47 31.18 -82.83
CA UNK L 491 19.02 29.98 -82.18
C UNK L 491 19.45 29.95 -80.73
N UNK L 492 20.70 30.31 -80.47
CA UNK L 492 21.17 30.23 -79.12
C UNK L 492 20.34 31.15 -78.29
N UNK L 493 20.15 32.33 -78.81
CA UNK L 493 19.44 33.32 -78.07
C UNK L 493 18.05 32.87 -77.73
N UNK L 494 17.36 32.37 -78.72
CA UNK L 494 16.00 31.97 -78.50
C UNK L 494 15.91 30.86 -77.51
N UNK L 495 16.79 29.88 -77.65
CA UNK L 495 16.71 28.75 -76.77
C UNK L 495 16.88 29.24 -75.37
N UNK L 496 17.86 30.11 -75.17
CA UNK L 496 18.10 30.58 -73.82
C UNK L 496 16.94 31.36 -73.26
N UNK L 497 16.32 32.21 -74.06
CA UNK L 497 15.22 32.98 -73.55
C UNK L 497 14.16 32.00 -73.14
N UNK L 498 13.88 31.08 -74.01
CA UNK L 498 12.87 30.10 -73.74
C UNK L 498 13.17 29.05 -72.71
N UNK L 499 14.35 28.46 -72.77
CA UNK L 499 14.51 27.39 -71.81
C UNK L 499 14.42 28.03 -70.46
N UNK L 500 15.00 29.22 -70.35
CA UNK L 500 15.11 29.90 -69.09
C UNK L 500 13.69 30.08 -68.65
N UNK L 501 12.78 30.04 -69.59
CA UNK L 501 11.38 30.18 -69.20
C UNK L 501 11.04 29.13 -68.13
N UNK L 502 11.73 27.99 -68.23
CA UNK L 502 11.55 26.89 -67.31
C UNK L 502 11.80 27.42 -65.95
N UNK L 503 12.78 28.30 -65.87
CA UNK L 503 13.09 28.94 -64.60
C UNK L 503 11.85 29.72 -64.26
N UNK L 504 11.24 30.31 -65.27
CA UNK L 504 10.06 31.10 -65.06
C UNK L 504 8.89 30.29 -64.52
N UNK L 505 8.68 29.11 -65.07
CA UNK L 505 7.56 28.27 -64.61
C UNK L 505 7.66 27.75 -63.18
N UNK L 506 8.83 27.23 -62.85
CA UNK L 506 9.04 26.49 -61.61
C UNK L 506 8.75 27.20 -60.29
N UNK L 507 9.15 28.45 -60.18
CA UNK L 507 8.91 29.18 -58.94
C UNK L 507 7.43 29.23 -58.71
N UNK L 508 6.71 29.36 -59.82
CA UNK L 508 5.26 29.58 -59.91
C UNK L 508 4.29 28.56 -59.31
N UNK L 509 4.60 27.27 -59.40
CA UNK L 509 3.68 26.28 -58.85
C UNK L 509 3.48 26.57 -57.37
N UNK L 510 4.56 26.96 -56.70
CA UNK L 510 4.53 27.28 -55.28
C UNK L 510 3.67 28.49 -54.87
N UNK L 511 3.70 29.57 -55.65
CA UNK L 511 2.95 30.77 -55.28
C UNK L 511 1.42 30.61 -55.20
N UNK L 512 0.82 30.09 -56.26
CA UNK L 512 -0.62 29.85 -56.29
C UNK L 512 -0.93 28.75 -55.28
N UNK L 513 -0.07 27.73 -55.29
CA UNK L 513 -0.19 26.58 -54.42
C UNK L 513 0.01 26.93 -52.95
N UNK L 514 0.94 27.83 -52.69
CA UNK L 514 1.24 28.25 -51.32
C UNK L 514 0.03 28.89 -50.67
N UNK L 515 -0.69 29.71 -51.42
CA UNK L 515 -1.87 30.36 -50.86
C UNK L 515 -2.90 29.30 -50.50
N UNK L 516 -3.09 28.32 -51.38
CA UNK L 516 -4.03 27.24 -51.13
C UNK L 516 -3.56 26.40 -49.94
N UNK L 517 -2.26 26.11 -49.94
CA UNK L 517 -1.65 25.33 -48.86
C UNK L 517 -1.73 26.10 -47.56
N UNK L 518 -1.49 27.40 -47.65
CA UNK L 518 -1.52 28.29 -46.50
C UNK L 518 -2.77 28.37 -45.63
N UNK L 519 -3.93 28.56 -46.23
CA UNK L 519 -5.13 28.73 -45.43
C UNK L 519 -5.28 27.52 -44.55
N UNK L 520 -4.97 26.36 -45.09
CA UNK L 520 -5.09 25.16 -44.29
C UNK L 520 -4.16 25.31 -43.11
N UNK L 521 -2.99 25.89 -43.35
CA UNK L 521 -2.03 26.04 -42.27
C UNK L 521 -2.70 26.86 -41.18
N UNK L 522 -3.46 27.87 -41.59
CA UNK L 522 -4.14 28.72 -40.63
C UNK L 522 -5.14 27.90 -39.83
N UNK L 523 -5.82 27.00 -40.52
CA UNK L 523 -6.84 26.20 -39.87
C UNK L 523 -6.27 25.36 -38.73
N UNK L 524 -5.05 24.86 -38.90
CA UNK L 524 -4.47 24.01 -37.87
C UNK L 524 -4.36 24.68 -36.52
N UNK L 525 -3.96 25.94 -36.50
CA UNK L 525 -3.82 26.66 -35.24
C UNK L 525 -5.05 26.48 -34.36
N UNK L 526 -6.22 26.46 -34.99
CA UNK L 526 -7.48 26.29 -34.29
C UNK L 526 -7.32 25.12 -33.34
N UNK L 527 -6.46 24.19 -33.73
CA UNK L 527 -6.22 23.02 -32.91
C UNK L 527 -5.74 23.55 -31.58
N UNK L 528 -4.94 24.59 -31.62
CA UNK L 528 -4.43 25.18 -30.40
C UNK L 528 -5.57 25.42 -29.41
N UNK L 529 -6.70 25.91 -29.91
CA UNK L 529 -7.86 26.23 -29.08
C UNK L 529 -8.59 24.99 -28.57
N UNK L 530 -9.24 24.29 -29.48
CA UNK L 530 -10.00 23.10 -29.17
C UNK L 530 -9.45 22.23 -28.06
N UNK L 531 -8.14 22.07 -28.00
CA UNK L 531 -7.51 21.20 -27.00
C UNK L 531 -7.05 21.86 -25.70
N UNK L 532 -7.40 23.11 -25.50
CA UNK L 532 -6.98 23.81 -24.29
C UNK L 532 -7.48 23.20 -22.98
N UNK L 533 -8.70 22.76 -22.88
CA UNK L 533 -9.09 22.32 -21.56
C UNK L 533 -7.94 21.46 -21.05
N UNK L 534 -7.40 21.86 -19.91
CA UNK L 534 -6.29 21.15 -19.31
C UNK L 534 -6.69 19.75 -18.89
N UNK L 535 -7.86 19.64 -18.27
CA UNK L 535 -8.66 20.81 -18.00
C UNK L 535 -9.18 20.66 -16.58
N UNK L 536 -9.66 21.74 -16.01
CA UNK L 536 -10.19 21.68 -14.67
C UNK L 536 -11.67 21.86 -14.83
N UNK L 537 -12.42 20.91 -14.28
CA UNK L 537 -13.88 20.93 -14.33
C UNK L 537 -14.37 22.16 -13.59
N UNK L 538 -13.75 22.45 -12.44
CA UNK L 538 -14.10 23.63 -11.67
C UNK L 538 -13.77 24.83 -12.54
N UNK L 539 -12.63 24.74 -13.20
CA UNK L 539 -12.17 25.79 -14.10
C UNK L 539 -13.13 25.96 -15.25
N UNK L 540 -13.64 24.83 -15.77
CA UNK L 540 -14.59 24.85 -16.86
C UNK L 540 -15.87 25.56 -16.43
N UNK L 541 -16.28 25.28 -15.20
CA UNK L 541 -17.48 25.89 -14.62
C UNK L 541 -17.28 27.39 -14.50
N UNK L 542 -16.08 27.80 -14.07
CA UNK L 542 -15.79 29.21 -13.93
C UNK L 542 -15.89 29.85 -15.32
N UNK L 543 -15.34 29.14 -16.30
CA UNK L 543 -15.38 29.59 -17.68
C UNK L 543 -16.84 29.62 -18.13
N UNK L 544 -17.59 28.61 -17.72
CA UNK L 544 -19.00 28.55 -18.05
C UNK L 544 -19.72 29.65 -17.30
N UNK L 545 -19.43 29.83 -16.03
CA UNK L 545 -20.08 30.91 -15.29
C UNK L 545 -19.68 32.27 -15.83
N UNK L 546 -18.39 32.42 -16.09
CA UNK L 546 -17.90 33.71 -16.48
C UNK L 546 -18.57 34.09 -17.77
N UNK L 547 -18.64 33.14 -18.68
CA UNK L 547 -19.17 33.44 -19.99
C UNK L 547 -20.60 33.89 -19.81
N UNK L 548 -21.36 33.30 -18.91
CA UNK L 548 -22.74 33.76 -18.84
C UNK L 548 -22.69 35.25 -18.53
N UNK L 549 -21.78 35.61 -17.63
CA UNK L 549 -21.68 36.99 -17.15
C UNK L 549 -21.37 37.91 -18.31
N UNK L 550 -20.54 37.44 -19.22
CA UNK L 550 -20.18 38.25 -20.36
C UNK L 550 -21.48 38.50 -21.09
N UNK L 551 -22.30 37.49 -21.15
CA UNK L 551 -23.58 37.56 -21.84
C UNK L 551 -24.54 38.68 -21.42
N UNK L 552 -24.72 38.89 -20.13
CA UNK L 552 -25.68 39.87 -19.68
C UNK L 552 -25.15 41.27 -19.93
N UNK L 553 -23.94 41.54 -19.50
CA UNK L 553 -23.35 42.88 -19.65
C UNK L 553 -23.58 43.60 -20.98
N UNK L 554 -22.58 43.53 -21.86
CA UNK L 554 -22.67 44.17 -23.17
C UNK L 554 -23.59 43.42 -24.13
N UNK L 555 -24.12 44.16 -25.09
CA UNK L 555 -25.00 43.65 -26.15
C UNK L 555 -26.47 43.72 -25.77
N UNK L 556 -26.75 43.89 -24.49
CA UNK L 556 -28.13 44.04 -24.05
C UNK L 556 -29.02 42.94 -24.60
N UNK L 557 -28.51 41.72 -24.68
CA UNK L 557 -29.32 40.63 -25.21
C UNK L 557 -30.40 40.29 -24.21
N UNK L 558 -30.95 41.32 -23.58
CA UNK L 558 -31.98 41.23 -22.55
C UNK L 558 -31.37 40.96 -21.18
N UNK M 1 -35.77 5.57 -70.09
CA UNK M 1 -34.85 5.99 -71.14
C UNK M 1 -33.69 5.01 -71.23
N UNK M 2 -32.68 5.35 -72.02
CA UNK M 2 -31.53 4.49 -72.17
C UNK M 2 -30.92 4.38 -70.79
N UNK M 3 -30.97 5.48 -70.07
CA UNK M 3 -30.44 5.53 -68.73
C UNK M 3 -31.22 4.54 -67.91
N UNK M 4 -32.51 4.48 -68.19
CA UNK M 4 -33.36 3.57 -67.45
C UNK M 4 -32.81 2.17 -67.67
N UNK M 5 -32.37 1.91 -68.89
CA UNK M 5 -31.82 0.60 -69.20
C UNK M 5 -30.43 0.41 -68.66
N UNK M 6 -29.62 1.48 -68.64
CA UNK M 6 -28.26 1.35 -68.17
C UNK M 6 -28.26 0.67 -66.82
N UNK M 7 -29.22 1.02 -66.00
CA UNK M 7 -29.17 0.67 -64.60
C UNK M 7 -29.09 -0.82 -64.49
N UNK M 8 -29.83 -1.49 -65.36
CA UNK M 8 -29.93 -2.92 -65.31
C UNK M 8 -28.54 -3.47 -65.50
N UNK M 9 -27.66 -2.69 -66.10
CA UNK M 9 -26.33 -3.16 -66.39
C UNK M 9 -25.71 -3.56 -65.06
N UNK M 10 -26.00 -2.81 -64.00
CA UNK M 10 -25.36 -3.10 -62.73
C UNK M 10 -25.68 -4.50 -62.26
N UNK M 11 -26.93 -4.92 -62.36
CA UNK M 11 -27.23 -6.23 -61.85
C UNK M 11 -26.41 -7.22 -62.64
N UNK M 12 -26.36 -7.00 -63.94
CA UNK M 12 -25.78 -8.00 -64.82
C UNK M 12 -24.32 -8.24 -64.52
N UNK M 13 -23.56 -7.19 -64.36
CA UNK M 13 -22.19 -7.45 -64.10
C UNK M 13 -22.14 -8.28 -62.84
N UNK M 14 -22.84 -7.82 -61.83
CA UNK M 14 -22.76 -8.49 -60.55
C UNK M 14 -23.13 -9.96 -60.63
N UNK M 15 -24.24 -10.21 -61.30
CA UNK M 15 -24.94 -11.48 -61.29
C UNK M 15 -24.22 -12.69 -61.87
N UNK M 16 -23.44 -12.52 -62.93
CA UNK M 16 -22.99 -13.69 -63.68
C UNK M 16 -22.16 -14.71 -62.91
N UNK M 17 -21.20 -14.24 -62.14
CA UNK M 17 -20.39 -15.08 -61.25
C UNK M 17 -19.44 -16.04 -61.99
N UNK M 18 -20.02 -16.91 -62.78
CA UNK M 18 -19.26 -17.79 -63.65
C UNK M 18 -19.19 -16.95 -64.91
N UNK M 19 -18.53 -17.43 -65.95
CA UNK M 19 -18.41 -16.71 -67.22
C UNK M 19 -17.33 -15.66 -67.10
N UNK M 20 -16.68 -15.71 -65.97
CA UNK M 20 -15.59 -14.82 -65.62
C UNK M 20 -14.98 -14.38 -66.93
N UNK M 21 -14.89 -13.07 -67.08
CA UNK M 21 -15.36 -12.18 -66.02
C UNK M 21 -15.48 -10.77 -66.56
N UNK M 22 -16.45 -10.02 -66.07
CA UNK M 22 -16.51 -8.63 -66.45
C UNK M 22 -16.87 -8.57 -67.92
N UNK M 23 -16.04 -9.20 -68.73
CA UNK M 23 -16.04 -8.88 -70.15
C UNK M 23 -17.39 -9.13 -70.76
N UNK M 24 -18.01 -10.25 -70.43
CA UNK M 24 -19.28 -10.55 -71.04
C UNK M 24 -20.13 -9.34 -70.71
N UNK M 25 -19.97 -8.85 -69.51
CA UNK M 25 -20.59 -7.61 -69.28
C UNK M 25 -20.05 -6.80 -70.43
N UNK M 26 -18.77 -6.55 -70.33
CA UNK M 26 -18.17 -5.46 -71.07
C UNK M 26 -18.69 -5.36 -72.49
N UNK M 27 -18.70 -6.48 -73.19
CA UNK M 27 -19.20 -6.46 -74.55
C UNK M 27 -20.65 -6.10 -74.48
N UNK M 28 -21.41 -6.59 -73.50
CA UNK M 28 -22.84 -6.29 -73.53
C UNK M 28 -23.07 -4.79 -73.44
N UNK M 29 -22.32 -4.13 -72.58
CA UNK M 29 -22.52 -2.71 -72.35
C UNK M 29 -22.27 -1.97 -73.64
N UNK M 30 -21.32 -2.45 -74.41
CA UNK M 30 -21.18 -1.80 -75.65
C UNK M 30 -22.60 -1.97 -76.07
N UNK M 31 -22.95 -3.22 -76.29
CA UNK M 31 -24.13 -3.53 -77.06
C UNK M 31 -25.18 -2.49 -76.81
N UNK M 32 -25.33 -2.10 -75.55
CA UNK M 32 -26.28 -1.05 -75.21
C UNK M 32 -25.95 0.31 -75.80
N UNK M 33 -24.70 0.72 -75.70
CA UNK M 33 -24.41 2.09 -76.05
C UNK M 33 -24.76 2.33 -77.51
N UNK M 34 -24.40 1.41 -78.37
CA UNK M 34 -24.40 1.72 -79.78
C UNK M 34 -25.80 2.09 -80.20
N UNK M 35 -26.77 1.34 -79.72
CA UNK M 35 -28.13 1.65 -80.08
C UNK M 35 -28.46 3.02 -79.54
N UNK M 36 -28.20 3.30 -78.28
CA UNK M 36 -28.80 4.52 -77.74
C UNK M 36 -28.32 5.81 -78.38
N UNK M 37 -27.00 5.88 -78.52
CA UNK M 37 -26.38 7.14 -78.80
C UNK M 37 -26.93 7.62 -80.11
N UNK M 38 -27.05 6.69 -81.04
CA UNK M 38 -27.56 7.06 -82.34
C UNK M 38 -28.96 7.57 -82.10
N UNK M 39 -29.65 6.93 -81.18
CA UNK M 39 -31.06 7.19 -81.03
C UNK M 39 -31.25 8.65 -80.72
N UNK M 40 -30.42 9.21 -79.84
CA UNK M 40 -30.61 10.63 -79.49
C UNK M 40 -30.42 11.60 -80.66
N UNK M 41 -29.50 11.33 -81.56
CA UNK M 41 -29.03 12.38 -82.43
C UNK M 41 -30.23 12.99 -83.15
N UNK M 42 -31.31 12.22 -83.20
CA UNK M 42 -32.44 12.51 -84.08
C UNK M 42 -33.08 13.85 -83.87
N UNK M 43 -33.15 14.32 -82.64
CA UNK M 43 -34.00 15.46 -82.38
C UNK M 43 -33.61 16.64 -83.24
N UNK M 44 -34.62 17.15 -83.93
CA UNK M 44 -34.49 18.24 -84.86
C UNK M 44 -34.67 19.58 -84.15
N UNK M 45 -35.31 20.50 -84.87
CA UNK M 45 -35.55 21.88 -84.46
C UNK M 45 -36.61 22.09 -83.39
N UNK M 46 -36.43 23.17 -82.63
CA UNK M 46 -37.36 23.52 -81.59
C UNK M 46 -37.33 22.43 -80.54
N UNK M 47 -36.22 21.70 -80.47
CA UNK M 47 -36.13 20.64 -79.49
C UNK M 47 -35.42 21.20 -78.29
N UNK M 48 -35.84 20.83 -77.08
CA UNK M 48 -36.99 19.95 -76.78
C UNK M 48 -36.67 18.47 -76.86
N UNK M 49 -37.51 17.66 -76.22
CA UNK M 49 -37.34 16.22 -76.19
C UNK M 49 -38.25 15.60 -75.14
N UNK M 50 -38.09 14.30 -74.92
CA UNK M 50 -38.88 13.57 -73.94
C UNK M 50 -37.94 12.69 -73.12
N UNK M 51 -38.25 12.51 -71.84
CA UNK M 51 -39.40 13.09 -71.19
C UNK M 51 -39.07 14.17 -70.18
N UNK M 52 -40.14 14.77 -69.65
CA UNK M 52 -40.05 15.83 -68.67
C UNK M 52 -40.80 15.57 -67.37
N UNK M 53 -40.19 15.82 -66.24
CA UNK M 53 -38.83 16.27 -66.21
C UNK M 53 -37.94 15.10 -65.89
N UNK M 54 -36.66 15.20 -66.22
CA UNK M 54 -36.11 16.32 -66.96
C UNK M 54 -35.24 15.70 -68.02
N UNK M 55 -35.45 16.13 -69.27
CA UNK M 55 -34.68 15.58 -70.36
C UNK M 55 -34.67 16.54 -71.53
N UNK M 56 -33.77 16.31 -72.47
CA UNK M 56 -33.68 17.14 -73.65
C UNK M 56 -32.97 18.40 -73.27
N UNK M 57 -31.83 18.63 -73.89
CA UNK M 57 -31.25 17.66 -74.81
C UNK M 57 -31.89 17.86 -76.18
N UNK M 58 -31.17 17.54 -77.27
CA UNK M 58 -29.79 17.10 -77.19
C UNK M 58 -28.95 18.31 -77.55
N UNK M 59 -28.25 18.79 -76.54
CA UNK M 59 -27.39 19.97 -76.62
C UNK M 59 -26.20 19.55 -75.77
N UNK M 60 -25.23 18.86 -76.35
CA UNK M 60 -25.16 18.63 -77.78
C UNK M 60 -26.38 17.93 -78.33
N UNK M 61 -26.83 16.87 -77.70
CA UNK M 61 -26.23 16.28 -76.52
C UNK M 61 -25.31 15.17 -76.99
N UNK M 62 -24.91 15.25 -78.26
CA UNK M 62 -24.03 14.27 -78.86
C UNK M 62 -22.81 14.29 -77.98
N UNK M 63 -22.45 15.46 -77.48
CA UNK M 63 -21.30 15.57 -76.60
C UNK M 63 -21.64 14.66 -75.43
N UNK M 64 -22.88 14.72 -74.99
CA UNK M 64 -23.32 13.85 -73.92
C UNK M 64 -23.22 12.44 -74.47
N UNK M 65 -23.66 12.28 -75.71
CA UNK M 65 -23.65 10.99 -76.38
C UNK M 65 -22.33 10.29 -76.15
N UNK M 66 -21.24 11.00 -76.37
CA UNK M 66 -19.93 10.39 -76.16
C UNK M 66 -19.82 9.67 -74.83
N UNK M 67 -20.24 10.30 -73.75
CA UNK M 67 -20.12 9.62 -72.51
C UNK M 67 -20.26 8.16 -72.79
N UNK M 68 -21.25 7.80 -73.60
CA UNK M 68 -21.52 6.40 -73.78
C UNK M 68 -20.35 5.74 -74.46
N UNK M 69 -19.82 6.35 -75.52
CA UNK M 69 -18.76 5.71 -76.26
C UNK M 69 -17.61 5.49 -75.32
N UNK M 70 -17.31 6.46 -74.49
CA UNK M 70 -16.21 6.25 -73.59
C UNK M 70 -16.43 5.06 -72.67
N UNK M 71 -17.65 4.88 -72.21
CA UNK M 71 -17.88 3.92 -71.13
C UNK M 71 -17.55 2.50 -71.48
N UNK M 72 -17.97 2.02 -72.64
CA UNK M 72 -17.66 0.65 -72.99
C UNK M 72 -16.17 0.49 -73.15
N UNK M 73 -15.46 1.39 -73.82
CA UNK M 73 -14.01 1.17 -73.95
C UNK M 73 -13.16 1.18 -72.66
N UNK M 74 -13.48 2.12 -71.79
CA UNK M 74 -12.64 2.41 -70.65
C UNK M 74 -12.56 1.13 -69.87
N UNK M 75 -13.69 0.44 -69.81
CA UNK M 75 -13.73 -0.84 -69.13
C UNK M 75 -12.73 -1.72 -69.84
N UNK M 76 -12.68 -1.59 -71.16
CA UNK M 76 -11.94 -2.54 -71.95
C UNK M 76 -10.52 -2.51 -71.47
N UNK M 77 -9.94 -1.34 -71.33
CA UNK M 77 -8.56 -1.28 -70.94
C UNK M 77 -8.40 -1.88 -69.56
N UNK M 78 -9.36 -1.63 -68.71
CA UNK M 78 -9.21 -1.98 -67.31
C UNK M 78 -9.04 -3.49 -67.05
N UNK M 79 -9.62 -4.36 -67.86
CA UNK M 79 -9.60 -5.75 -67.44
C UNK M 79 -8.16 -6.19 -67.19
N UNK M 80 -7.23 -5.80 -68.04
CA UNK M 80 -5.83 -6.15 -67.79
C UNK M 80 -5.16 -5.53 -66.56
N UNK M 81 -5.37 -4.25 -66.32
CA UNK M 81 -4.64 -3.53 -65.28
C UNK M 81 -4.91 -4.00 -63.86
N UNK M 82 -6.16 -4.35 -63.58
CA UNK M 82 -6.56 -4.77 -62.26
C UNK M 82 -5.80 -6.04 -61.85
N UNK M 83 -5.54 -6.90 -62.82
CA UNK M 83 -4.81 -8.14 -62.57
C UNK M 83 -5.72 -9.21 -61.96
N UNK M 84 -5.17 -10.40 -61.75
CA UNK M 84 -5.91 -11.50 -61.15
C UNK M 84 -6.31 -11.15 -59.72
N UNK M 85 -5.41 -10.47 -59.04
CA UNK M 85 -5.69 -10.05 -57.69
C UNK M 85 -4.98 -8.73 -57.44
N UNK M 86 -5.32 -8.09 -56.35
CA UNK M 86 -6.27 -8.65 -55.42
C UNK M 86 -7.66 -8.02 -55.43
N UNK M 87 -8.70 -8.85 -55.47
CA UNK M 87 -8.58 -10.29 -55.57
C UNK M 87 -9.95 -10.69 -56.00
N UNK M 88 -10.84 -10.74 -55.02
CA UNK M 88 -12.24 -11.08 -55.30
C UNK M 88 -13.17 -9.92 -55.70
N UNK M 89 -12.82 -8.78 -55.10
CA UNK M 89 -13.46 -7.49 -55.16
C UNK M 89 -13.36 -6.80 -56.49
N UNK M 90 -12.54 -7.37 -57.36
CA UNK M 90 -12.30 -6.84 -58.70
C UNK M 90 -13.64 -6.74 -59.38
N UNK M 91 -14.51 -7.71 -59.06
CA UNK M 91 -15.85 -7.70 -59.61
C UNK M 91 -16.45 -6.39 -59.12
N UNK M 92 -16.13 -6.01 -57.89
CA UNK M 92 -16.62 -4.77 -57.36
C UNK M 92 -15.99 -3.66 -58.13
N UNK M 93 -14.74 -3.86 -58.46
CA UNK M 93 -14.16 -2.70 -59.12
C UNK M 93 -14.99 -2.42 -60.33
N UNK M 94 -15.46 -3.48 -60.96
CA UNK M 94 -16.29 -3.29 -62.12
C UNK M 94 -17.49 -2.52 -61.67
N UNK M 95 -17.92 -2.82 -60.45
CA UNK M 95 -19.09 -2.16 -59.95
C UNK M 95 -18.95 -0.69 -59.85
N UNK M 96 -17.82 -0.25 -59.36
CA UNK M 96 -17.62 1.16 -59.13
C UNK M 96 -17.70 2.15 -60.29
N UNK M 97 -17.37 1.63 -61.48
CA UNK M 97 -17.41 2.33 -62.75
C UNK M 97 -18.85 2.60 -63.21
N UNK M 98 -19.71 1.62 -62.97
CA UNK M 98 -21.12 1.68 -63.37
C UNK M 98 -21.85 2.85 -62.73
N UNK M 99 -21.53 3.12 -61.48
CA UNK M 99 -22.14 4.23 -60.77
C UNK M 99 -21.77 5.48 -61.55
N UNK M 100 -20.55 5.48 -62.09
CA UNK M 100 -20.04 6.60 -62.86
C UNK M 100 -20.84 6.92 -64.12
N UNK M 101 -21.29 5.92 -64.87
CA UNK M 101 -22.04 6.23 -66.06
C UNK M 101 -23.45 6.59 -65.68
N UNK M 102 -24.00 5.88 -64.71
CA UNK M 102 -25.38 6.15 -64.33
C UNK M 102 -25.49 7.58 -63.85
N UNK M 103 -24.60 8.00 -62.96
CA UNK M 103 -24.64 9.37 -62.51
C UNK M 103 -24.31 10.18 -63.77
N UNK M 104 -23.35 9.66 -64.51
CA UNK M 104 -22.90 10.27 -65.74
C UNK M 104 -24.01 10.32 -66.77
N UNK M 105 -24.83 9.27 -66.83
CA UNK M 105 -25.89 9.23 -67.82
C UNK M 105 -26.73 10.44 -67.61
N UNK M 106 -26.92 10.79 -66.35
CA UNK M 106 -27.67 11.97 -66.01
C UNK M 106 -26.72 13.14 -65.90
N UNK M 107 -25.44 12.92 -66.18
CA UNK M 107 -24.47 13.99 -66.05
C UNK M 107 -24.78 15.17 -66.95
N UNK M 108 -25.21 14.89 -68.17
CA UNK M 108 -25.66 15.94 -69.07
C UNK M 108 -27.15 15.64 -69.26
N UNK M 109 -27.77 15.12 -68.21
CA UNK M 109 -29.14 14.68 -68.23
C UNK M 109 -30.23 15.70 -68.49
N UNK M 110 -30.12 16.88 -67.88
CA UNK M 110 -31.04 18.06 -68.03
C UNK M 110 -31.32 18.88 -66.78
N UNK M 111 -31.27 20.20 -66.94
CA UNK M 111 -31.55 21.10 -65.84
C UNK M 111 -32.73 22.04 -66.16
N UNK M 112 -33.72 22.11 -65.27
CA UNK M 112 -33.73 21.36 -64.03
C UNK M 112 -32.50 21.76 -63.23
N UNK M 113 -32.19 23.04 -63.25
CA UNK M 113 -31.04 23.53 -62.52
C UNK M 113 -31.32 23.21 -61.05
N UNK M 114 -30.27 22.78 -60.37
CA UNK M 114 -30.24 22.35 -58.96
C UNK M 114 -30.38 20.85 -58.98
N UNK M 115 -31.04 20.33 -60.00
CA UNK M 115 -31.12 18.89 -60.16
C UNK M 115 -29.68 18.51 -60.46
N UNK M 116 -29.03 19.33 -61.29
CA UNK M 116 -27.65 19.13 -61.67
C UNK M 116 -26.76 19.29 -60.46
N UNK M 117 -26.88 20.42 -59.75
CA UNK M 117 -26.00 20.59 -58.58
C UNK M 117 -25.98 19.39 -57.66
N UNK M 118 -27.16 18.87 -57.36
CA UNK M 118 -27.21 17.65 -56.58
C UNK M 118 -26.57 16.59 -57.44
N UNK M 119 -26.92 16.62 -58.71
CA UNK M 119 -26.35 15.66 -59.62
C UNK M 119 -24.84 15.75 -59.71
N UNK M 120 -24.38 16.99 -59.87
CA UNK M 120 -23.00 17.29 -60.19
C UNK M 120 -22.06 16.96 -59.07
N UNK M 121 -22.57 17.08 -57.86
CA UNK M 121 -21.76 16.74 -56.71
C UNK M 121 -21.51 15.28 -56.94
N UNK M 122 -22.52 14.61 -57.47
CA UNK M 122 -22.59 13.16 -57.48
C UNK M 122 -21.38 12.62 -58.17
N UNK M 123 -20.83 13.37 -59.11
CA UNK M 123 -19.65 12.92 -59.77
C UNK M 123 -18.64 12.72 -58.67
N UNK M 124 -18.67 13.60 -57.69
CA UNK M 124 -17.63 13.59 -56.70
C UNK M 124 -17.53 12.25 -55.96
N UNK M 125 -18.66 11.67 -55.57
CA UNK M 125 -18.59 10.43 -54.80
C UNK M 125 -17.97 9.32 -55.62
N UNK M 126 -18.48 9.04 -56.80
CA UNK M 126 -17.96 7.88 -57.45
C UNK M 126 -16.51 8.21 -57.66
N UNK M 127 -16.25 9.44 -58.07
CA UNK M 127 -14.92 9.78 -58.48
C UNK M 127 -13.99 9.59 -57.32
N UNK M 128 -14.40 10.02 -56.15
CA UNK M 128 -13.50 9.94 -55.01
C UNK M 128 -13.21 8.50 -54.78
N UNK M 129 -14.23 7.66 -54.77
CA UNK M 129 -13.95 6.30 -54.36
C UNK M 129 -12.97 5.62 -55.31
N UNK M 130 -13.18 5.72 -56.61
CA UNK M 130 -12.44 4.81 -57.45
C UNK M 130 -10.95 5.02 -57.28
N UNK M 131 -10.55 6.29 -57.24
CA UNK M 131 -9.14 6.67 -57.07
C UNK M 131 -8.38 5.92 -55.97
N UNK M 132 -8.79 6.07 -54.72
CA UNK M 132 -8.06 5.43 -53.63
C UNK M 132 -7.97 3.91 -53.74
N UNK M 133 -9.03 3.24 -54.15
CA UNK M 133 -8.97 1.79 -54.27
C UNK M 133 -7.93 1.38 -55.30
N UNK M 134 -7.88 2.09 -56.41
CA UNK M 134 -6.93 1.78 -57.47
C UNK M 134 -5.52 1.94 -56.92
N UNK M 135 -5.33 2.98 -56.13
CA UNK M 135 -4.04 3.25 -55.51
C UNK M 135 -2.89 3.40 -56.50
N UNK M 136 -1.86 2.60 -56.28
CA UNK M 136 -0.67 2.59 -57.11
C UNK M 136 0.30 3.52 -56.40
N UNK M 137 1.59 3.39 -56.68
CA UNK M 137 2.53 4.26 -56.02
C UNK M 137 2.28 5.65 -56.58
N UNK M 138 2.04 6.61 -55.70
CA UNK M 138 1.98 6.35 -54.28
C UNK M 138 1.44 7.61 -53.64
N UNK M 139 1.09 7.53 -52.37
CA UNK M 139 0.66 8.71 -51.68
C UNK M 139 -0.54 9.24 -52.41
N UNK M 140 -1.15 8.38 -53.20
CA UNK M 140 -2.21 8.84 -54.05
C UNK M 140 -3.32 9.30 -53.16
N UNK M 141 -3.58 8.49 -52.14
CA UNK M 141 -4.74 8.72 -51.32
C UNK M 141 -4.60 10.08 -50.67
N UNK M 142 -3.40 10.38 -50.21
CA UNK M 142 -3.21 11.64 -49.52
C UNK M 142 -3.54 12.73 -50.49
N UNK M 143 -3.07 12.57 -51.73
CA UNK M 143 -3.27 13.62 -52.68
C UNK M 143 -4.73 13.84 -52.98
N UNK M 144 -5.51 12.78 -53.02
CA UNK M 144 -6.89 12.91 -53.46
C UNK M 144 -7.66 13.87 -52.59
N UNK M 145 -7.26 13.95 -51.33
CA UNK M 145 -8.00 14.73 -50.37
C UNK M 145 -8.05 16.14 -50.93
N UNK M 146 -7.07 16.51 -51.73
CA UNK M 146 -7.16 17.76 -52.44
C UNK M 146 -8.39 17.65 -53.32
N UNK M 147 -8.64 16.48 -53.89
CA UNK M 147 -9.81 16.34 -54.76
C UNK M 147 -11.08 16.59 -53.99
N UNK M 148 -11.26 15.95 -52.86
CA UNK M 148 -12.56 16.10 -52.21
C UNK M 148 -12.86 17.51 -51.75
N UNK M 149 -11.91 18.14 -51.08
CA UNK M 149 -12.16 19.47 -50.57
C UNK M 149 -12.38 20.53 -51.65
N UNK M 150 -11.48 20.61 -52.62
CA UNK M 150 -11.56 21.71 -53.55
C UNK M 150 -12.86 21.63 -54.31
N UNK M 151 -13.19 20.43 -54.76
CA UNK M 151 -14.38 20.29 -55.57
C UNK M 151 -15.58 20.67 -54.74
N UNK M 152 -15.69 20.02 -53.58
CA UNK M 152 -16.90 20.14 -52.78
C UNK M 152 -17.10 21.56 -52.29
N UNK M 153 -16.02 22.19 -51.87
CA UNK M 153 -16.11 23.53 -51.33
C UNK M 153 -16.65 24.39 -52.43
N UNK M 154 -16.23 24.09 -53.64
CA UNK M 154 -16.57 24.94 -54.75
C UNK M 154 -18.08 25.02 -54.82
N UNK M 155 -18.72 23.86 -54.74
CA UNK M 155 -20.14 23.76 -54.96
C UNK M 155 -20.83 24.56 -53.90
N UNK M 156 -20.19 24.65 -52.75
CA UNK M 156 -20.85 25.08 -51.53
C UNK M 156 -21.40 26.44 -51.83
N UNK M 157 -20.64 27.24 -52.55
CA UNK M 157 -21.18 28.51 -52.96
C UNK M 157 -22.38 28.27 -53.87
N UNK M 158 -22.20 27.47 -54.89
CA UNK M 158 -23.23 27.45 -55.90
C UNK M 158 -24.50 27.03 -55.25
N UNK M 159 -24.40 26.06 -54.36
CA UNK M 159 -25.58 25.40 -53.85
C UNK M 159 -26.41 26.46 -53.21
N UNK M 160 -25.76 27.38 -52.52
CA UNK M 160 -26.51 28.46 -51.94
C UNK M 160 -27.14 29.27 -53.04
N UNK M 161 -26.30 29.73 -53.94
CA UNK M 161 -26.68 30.82 -54.77
C UNK M 161 -27.87 30.42 -55.58
N UNK M 162 -27.84 29.21 -56.11
CA UNK M 162 -28.85 28.82 -57.05
C UNK M 162 -30.16 28.92 -56.32
N UNK M 163 -30.15 28.49 -55.07
CA UNK M 163 -31.39 28.45 -54.35
C UNK M 163 -31.97 29.84 -54.29
N UNK M 164 -31.14 30.82 -53.97
CA UNK M 164 -31.64 32.18 -53.92
C UNK M 164 -32.23 32.47 -55.27
N UNK M 165 -31.62 31.89 -56.29
CA UNK M 165 -32.11 32.13 -57.62
C UNK M 165 -33.52 31.61 -57.81
N UNK M 166 -33.82 30.44 -57.29
CA UNK M 166 -35.15 29.90 -57.51
C UNK M 166 -36.25 30.78 -56.95
N UNK M 167 -36.09 31.22 -55.70
CA UNK M 167 -37.10 32.09 -55.14
C UNK M 167 -37.02 33.43 -55.85
N UNK M 168 -35.79 33.89 -56.03
CA UNK M 168 -35.49 35.16 -56.69
C UNK M 168 -35.85 35.23 -58.16
N UNK M 169 -35.58 34.13 -58.87
CA UNK M 169 -35.83 34.05 -60.30
C UNK M 169 -37.31 33.98 -60.57
N UNK M 170 -38.08 33.89 -59.51
CA UNK M 170 -39.51 33.77 -59.69
C UNK M 170 -39.71 32.46 -60.42
N UNK M 171 -38.88 31.49 -60.05
CA UNK M 171 -38.88 30.16 -60.60
C UNK M 171 -37.52 29.53 -60.34
N UNK M 172 -37.56 28.32 -59.79
CA UNK M 172 -36.38 27.52 -59.52
C UNK M 172 -36.21 26.93 -60.91
N UNK M 173 -35.46 25.83 -61.03
CA UNK M 173 -35.31 25.16 -62.32
C UNK M 173 -36.73 24.91 -62.81
N UNK M 174 -36.97 25.34 -64.04
CA UNK M 174 -38.28 25.32 -64.71
C UNK M 174 -39.13 24.06 -64.88
N UNK M 175 -38.48 22.98 -65.31
CA UNK M 175 -37.04 23.03 -65.56
C UNK M 175 -36.67 23.42 -66.99
N UNK M 176 -35.67 24.27 -67.13
CA UNK M 176 -35.23 24.70 -68.45
C UNK M 176 -36.19 25.66 -69.11
N UNK M 177 -37.42 25.76 -68.63
CA UNK M 177 -38.30 26.62 -69.38
C UNK M 177 -37.81 28.04 -69.60
N UNK M 178 -37.40 28.80 -68.57
CA UNK M 178 -36.87 30.17 -68.77
C UNK M 178 -37.83 30.88 -69.71
N UNK M 179 -37.28 31.42 -70.78
CA UNK M 179 -38.12 31.96 -71.90
C UNK M 179 -39.22 32.68 -71.15
N UNK M 180 -38.70 33.35 -70.14
CA UNK M 180 -39.33 33.90 -68.92
C UNK M 180 -38.23 34.64 -68.15
N UNK M 181 -36.97 34.27 -68.35
CA UNK M 181 -35.86 34.93 -67.66
C UNK M 181 -35.77 36.42 -67.90
N UNK M 182 -35.42 37.18 -66.88
CA UNK M 182 -35.33 38.63 -67.02
C UNK M 182 -33.94 39.17 -66.70
N UNK M 183 -33.52 40.19 -67.46
CA UNK M 183 -32.21 40.80 -67.27
C UNK M 183 -32.11 41.48 -65.90
N UNK M 184 -30.94 41.41 -65.28
CA UNK M 184 -30.73 42.02 -63.97
C UNK M 184 -29.62 43.06 -64.05
N UNK M 185 -29.86 44.30 -63.61
CA UNK M 185 -28.82 45.32 -63.72
C UNK M 185 -28.19 45.84 -62.43
N UNK M 186 -26.87 45.69 -62.33
CA UNK M 186 -26.11 46.18 -61.18
C UNK M 186 -26.46 45.33 -59.97
N UNK M 187 -25.94 45.65 -58.78
CA UNK M 187 -24.96 46.71 -58.54
C UNK M 187 -24.07 46.27 -57.39
N UNK M 188 -23.71 44.98 -57.39
CA UNK M 188 -22.89 44.48 -56.31
C UNK M 188 -23.61 44.76 -55.01
N UNK M 189 -24.76 44.12 -54.79
CA UNK M 189 -25.33 43.10 -55.68
C UNK M 189 -26.05 43.66 -56.89
N UNK M 190 -26.35 42.77 -57.83
CA UNK M 190 -26.03 41.37 -57.68
C UNK M 190 -24.71 41.05 -58.35
N UNK M 191 -23.77 41.97 -58.25
CA UNK M 191 -22.49 41.78 -58.90
C UNK M 191 -21.80 40.55 -58.36
N UNK M 192 -21.85 40.41 -57.04
CA UNK M 192 -21.22 39.29 -56.39
C UNK M 192 -21.90 38.01 -56.82
N UNK M 193 -23.22 38.04 -56.97
CA UNK M 193 -23.93 36.83 -57.30
C UNK M 193 -23.54 36.21 -58.64
N UNK M 194 -23.44 37.02 -59.68
CA UNK M 194 -23.09 36.45 -60.97
C UNK M 194 -21.69 35.88 -60.96
N UNK M 195 -20.78 36.63 -60.36
CA UNK M 195 -19.42 36.18 -60.33
C UNK M 195 -19.39 34.88 -59.57
N UNK M 196 -20.13 34.82 -58.49
CA UNK M 196 -20.12 33.62 -57.69
C UNK M 196 -20.65 32.43 -58.45
N UNK M 197 -21.74 32.62 -59.15
CA UNK M 197 -22.33 31.52 -59.88
C UNK M 197 -21.31 31.02 -60.87
N UNK M 198 -20.64 31.94 -61.55
CA UNK M 198 -19.66 31.52 -62.53
C UNK M 198 -18.42 30.83 -61.94
N UNK M 199 -17.91 31.35 -60.83
CA UNK M 199 -16.69 30.85 -60.23
C UNK M 199 -16.68 29.42 -59.75
N UNK M 200 -17.70 29.00 -59.01
CA UNK M 200 -17.69 27.63 -58.56
C UNK M 200 -17.62 26.66 -59.72
N UNK M 201 -18.50 26.82 -60.69
CA UNK M 201 -18.56 25.86 -61.75
C UNK M 201 -17.21 25.90 -62.40
N UNK M 202 -16.65 27.09 -62.49
CA UNK M 202 -15.40 27.27 -63.19
C UNK M 202 -14.36 26.42 -62.51
N UNK M 203 -14.46 26.31 -61.19
CA UNK M 203 -13.36 25.81 -60.41
C UNK M 203 -12.96 24.45 -60.90
N UNK M 204 -13.92 23.61 -61.27
CA UNK M 204 -13.56 22.31 -61.78
C UNK M 204 -12.77 22.43 -63.08
N UNK M 205 -13.25 23.29 -63.97
CA UNK M 205 -12.70 23.45 -65.31
C UNK M 205 -11.21 23.71 -65.38
N UNK M 206 -10.72 24.61 -64.56
CA UNK M 206 -9.31 24.92 -64.59
C UNK M 206 -9.20 26.17 -65.43
N UNK M 207 -9.06 27.31 -64.78
CA UNK M 207 -8.96 28.57 -65.49
C UNK M 207 -7.82 29.40 -64.96
N UNK M 208 -7.08 30.04 -65.86
CA UNK M 208 -5.93 30.87 -65.51
C UNK M 208 -5.10 30.20 -64.42
N UNK M 209 -4.99 28.89 -64.54
CA UNK M 209 -4.32 28.08 -63.55
C UNK M 209 -5.27 28.10 -62.36
N UNK M 210 -4.76 28.32 -61.15
CA UNK M 210 -5.63 28.37 -60.00
C UNK M 210 -6.44 27.08 -59.96
N UNK M 211 -5.80 25.97 -60.28
CA UNK M 211 -6.46 24.68 -60.28
C UNK M 211 -5.42 23.58 -60.29
N UNK M 212 -4.22 23.93 -59.87
CA UNK M 212 -3.10 23.04 -59.82
C UNK M 212 -3.55 21.74 -59.21
N UNK M 213 -4.43 21.83 -58.22
CA UNK M 213 -4.77 20.64 -57.47
C UNK M 213 -5.39 19.53 -58.31
N UNK M 214 -6.49 19.82 -59.00
CA UNK M 214 -7.18 18.75 -59.68
C UNK M 214 -6.26 18.16 -60.75
N UNK M 215 -5.60 19.02 -61.52
CA UNK M 215 -4.74 18.50 -62.58
C UNK M 215 -3.64 17.71 -61.93
N UNK M 216 -3.12 18.24 -60.84
CA UNK M 216 -2.02 17.60 -60.16
C UNK M 216 -2.43 16.21 -59.67
N UNK M 217 -3.64 16.09 -59.15
CA UNK M 217 -4.15 14.79 -58.68
C UNK M 217 -4.27 13.74 -59.77
N UNK M 218 -4.73 14.15 -60.93
CA UNK M 218 -4.90 13.22 -62.04
C UNK M 218 -3.53 12.66 -62.32
N UNK M 219 -2.53 13.51 -62.15
CA UNK M 219 -1.16 13.17 -62.45
C UNK M 219 -0.86 11.97 -61.60
N UNK M 220 -1.30 12.01 -60.34
CA UNK M 220 -1.09 10.90 -59.42
C UNK M 220 -1.91 9.70 -59.87
N UNK M 221 -3.01 10.05 -60.52
CA UNK M 221 -3.89 9.11 -61.18
C UNK M 221 -4.04 7.86 -60.40
N UNK M 222 -4.97 7.91 -59.47
CA UNK M 222 -5.26 6.79 -58.62
C UNK M 222 -5.65 5.68 -59.56
N UNK M 223 -6.41 6.05 -60.57
CA UNK M 223 -6.85 5.13 -61.58
C UNK M 223 -6.31 5.57 -62.91
N UNK M 224 -5.08 5.19 -63.21
CA UNK M 224 -4.53 5.55 -64.50
C UNK M 224 -5.26 4.76 -65.59
N UNK M 225 -6.04 3.78 -65.17
CA UNK M 225 -6.73 2.88 -66.08
C UNK M 225 -7.74 3.35 -67.14
N UNK M 226 -8.74 4.21 -66.90
CA UNK M 226 -9.15 4.89 -65.68
C UNK M 226 -8.69 6.33 -65.72
N UNK M 227 -7.71 6.61 -66.55
CA UNK M 227 -7.23 7.97 -66.70
C UNK M 227 -8.27 8.87 -67.35
N UNK M 228 -8.96 8.32 -68.34
CA UNK M 228 -9.93 9.05 -69.16
C UNK M 228 -11.15 9.67 -68.48
N UNK M 229 -11.73 8.97 -67.52
CA UNK M 229 -12.92 9.51 -66.88
C UNK M 229 -12.51 10.82 -66.26
N UNK M 230 -11.32 10.84 -65.69
CA UNK M 230 -10.81 12.06 -65.08
C UNK M 230 -10.88 13.16 -66.11
N UNK M 231 -10.74 12.80 -67.39
CA UNK M 231 -10.80 13.82 -68.42
C UNK M 231 -12.23 14.04 -68.89
N UNK M 232 -12.91 12.93 -69.16
CA UNK M 232 -14.27 13.10 -69.64
C UNK M 232 -15.13 13.83 -68.59
N UNK M 233 -14.94 13.56 -67.32
CA UNK M 233 -15.73 14.28 -66.33
C UNK M 233 -15.49 15.77 -66.39
N UNK M 234 -14.25 16.15 -66.56
CA UNK M 234 -13.91 17.55 -66.58
C UNK M 234 -14.69 18.20 -67.68
N UNK M 235 -14.82 17.52 -68.80
CA UNK M 235 -15.55 18.10 -69.90
C UNK M 235 -16.96 18.37 -69.39
N UNK M 236 -17.40 17.43 -68.59
CA UNK M 236 -18.74 17.50 -68.09
C UNK M 236 -18.98 18.73 -67.29
N UNK M 237 -18.06 18.98 -66.42
CA UNK M 237 -18.20 20.12 -65.58
C UNK M 237 -18.21 21.34 -66.45
N UNK M 238 -17.35 21.34 -67.42
CA UNK M 238 -17.23 22.49 -68.26
C UNK M 238 -18.54 22.90 -68.86
N UNK M 239 -19.35 21.95 -69.32
CA UNK M 239 -20.60 22.43 -69.94
C UNK M 239 -21.38 23.30 -69.00
N UNK M 240 -21.53 22.84 -67.76
CA UNK M 240 -22.32 23.59 -66.84
C UNK M 240 -22.10 25.05 -67.11
N UNK M 241 -20.86 25.42 -67.41
CA UNK M 241 -20.58 26.82 -67.58
C UNK M 241 -21.43 27.27 -68.73
N UNK M 242 -21.43 26.47 -69.78
CA UNK M 242 -22.06 26.93 -70.98
C UNK M 242 -23.52 27.16 -70.70
N UNK M 243 -24.21 26.19 -70.13
CA UNK M 243 -25.63 26.40 -69.94
C UNK M 243 -25.86 27.56 -69.01
N UNK M 244 -25.08 27.61 -67.95
CA UNK M 244 -25.36 28.54 -66.88
C UNK M 244 -25.29 29.99 -67.34
N UNK M 245 -24.34 30.29 -68.20
CA UNK M 245 -24.00 31.67 -68.42
C UNK M 245 -25.20 32.42 -68.92
N UNK M 246 -25.99 31.85 -69.81
CA UNK M 246 -27.07 32.63 -70.37
C UNK M 246 -28.05 33.08 -69.29
N UNK M 247 -28.41 32.17 -68.40
CA UNK M 247 -29.24 32.50 -67.25
C UNK M 247 -28.55 33.43 -66.27
N UNK M 248 -27.24 33.22 -66.12
CA UNK M 248 -26.46 33.68 -64.98
C UNK M 248 -26.53 35.18 -64.86
N UNK M 249 -26.52 35.80 -66.02
CA UNK M 249 -26.62 37.23 -66.12
C UNK M 249 -26.90 37.66 -67.56
N UNK M 250 -25.83 38.06 -68.24
CA UNK M 250 -25.87 38.65 -69.57
C UNK M 250 -26.08 40.14 -69.43
N UNK M 251 -26.26 40.54 -68.20
CA UNK M 251 -26.34 41.94 -67.92
C UNK M 251 -24.95 42.35 -67.40
N UNK M 252 -24.05 41.38 -67.21
CA UNK M 252 -22.71 41.71 -66.73
C UNK M 252 -21.53 41.02 -67.41
N UNK M 253 -20.67 41.82 -68.00
CA UNK M 253 -19.50 41.27 -68.64
C UNK M 253 -18.27 41.68 -67.86
N UNK M 254 -18.44 42.57 -66.89
CA UNK M 254 -17.28 43.16 -66.26
C UNK M 254 -16.44 42.12 -65.55
N UNK M 255 -17.06 41.19 -64.85
CA UNK M 255 -16.26 40.19 -64.20
C UNK M 255 -15.43 39.55 -65.30
N UNK M 256 -16.02 39.46 -66.47
CA UNK M 256 -15.46 38.67 -67.53
C UNK M 256 -14.07 39.17 -67.85
N UNK M 257 -13.88 40.48 -67.83
CA UNK M 257 -12.59 40.99 -68.25
C UNK M 257 -11.57 40.43 -67.29
N UNK M 258 -11.87 40.50 -66.01
CA UNK M 258 -10.97 39.96 -65.04
C UNK M 258 -10.74 38.50 -65.41
N UNK M 259 -11.79 37.70 -65.31
CA UNK M 259 -11.66 36.27 -65.61
C UNK M 259 -11.24 35.97 -67.05
N UNK M 260 -11.84 36.64 -68.02
CA UNK M 260 -11.48 36.37 -69.41
C UNK M 260 -10.04 36.72 -69.65
N UNK M 261 -9.63 37.85 -69.12
CA UNK M 261 -8.26 38.26 -69.30
C UNK M 261 -7.38 37.23 -68.65
N UNK M 262 -7.81 36.74 -67.50
CA UNK M 262 -7.01 35.77 -66.75
C UNK M 262 -6.76 34.51 -67.53
N UNK M 263 -7.75 34.04 -68.26
CA UNK M 263 -7.59 32.81 -69.02
C UNK M 263 -6.52 32.86 -70.11
N UNK M 264 -6.47 33.94 -70.86
CA UNK M 264 -5.49 34.04 -71.92
C UNK M 264 -4.09 34.00 -71.37
N UNK M 265 -3.85 34.69 -70.27
CA UNK M 265 -2.53 34.75 -69.68
C UNK M 265 -2.02 33.40 -69.24
N UNK M 266 -2.89 32.58 -68.66
CA UNK M 266 -2.49 31.26 -68.20
C UNK M 266 -2.09 30.33 -69.34
N UNK M 267 -2.78 30.44 -70.47
CA UNK M 267 -2.48 29.61 -71.62
C UNK M 267 -1.02 29.80 -71.88
N UNK M 268 -0.57 31.05 -71.77
CA UNK M 268 0.78 31.33 -72.15
C UNK M 268 1.72 30.54 -71.28
N UNK M 269 1.48 30.52 -69.97
CA UNK M 269 2.35 29.70 -69.13
C UNK M 269 2.15 28.21 -69.41
N UNK M 270 0.91 27.81 -69.56
CA UNK M 270 0.59 26.44 -69.34
C UNK M 270 1.52 25.71 -70.26
N UNK M 271 1.68 26.21 -71.46
CA UNK M 271 2.47 25.49 -72.43
C UNK M 271 3.86 25.37 -71.87
N UNK M 272 4.34 26.43 -71.23
CA UNK M 272 5.72 26.43 -70.80
C UNK M 272 5.86 25.29 -69.84
N UNK M 273 4.87 25.09 -68.98
CA UNK M 273 4.97 23.92 -68.14
C UNK M 273 4.95 22.73 -69.07
N UNK M 274 4.07 22.77 -70.07
CA UNK M 274 3.87 21.61 -70.94
C UNK M 274 5.05 21.22 -71.83
N UNK M 275 5.67 22.21 -72.46
CA UNK M 275 6.96 22.02 -73.13
C UNK M 275 8.01 21.80 -72.08
N UNK M 276 7.64 22.18 -70.87
CA UNK M 276 8.55 22.20 -69.72
C UNK M 276 9.14 20.85 -69.32
N UNK M 277 8.29 19.84 -69.22
CA UNK M 277 8.69 18.53 -68.73
C UNK M 277 8.21 18.46 -67.27
N UNK M 278 8.56 17.41 -66.53
CA UNK M 278 9.36 16.30 -67.03
C UNK M 278 8.72 14.92 -66.94
N UNK M 279 7.46 14.82 -66.52
CA UNK M 279 6.84 13.47 -66.41
C UNK M 279 5.66 13.19 -67.36
N UNK M 280 5.74 12.04 -68.02
CA UNK M 280 4.89 11.72 -69.16
C UNK M 280 3.43 11.72 -68.79
N UNK M 281 3.09 11.16 -67.64
CA UNK M 281 1.73 11.32 -67.14
C UNK M 281 1.60 12.81 -66.91
N UNK M 282 2.67 13.40 -66.41
CA UNK M 282 2.70 14.82 -66.22
C UNK M 282 2.50 15.42 -67.58
N UNK M 283 3.13 14.81 -68.56
CA UNK M 283 3.14 15.42 -69.87
C UNK M 283 1.73 15.55 -70.38
N UNK M 284 1.02 14.44 -70.45
CA UNK M 284 -0.24 14.54 -71.10
C UNK M 284 -1.08 15.47 -70.25
N UNK M 285 -1.06 15.24 -68.96
CA UNK M 285 -2.09 15.80 -68.15
C UNK M 285 -2.04 17.30 -68.21
N UNK M 286 -0.89 17.89 -67.99
CA UNK M 286 -0.89 19.31 -67.87
C UNK M 286 -1.45 19.83 -69.16
N UNK M 287 -1.08 19.16 -70.25
CA UNK M 287 -1.39 19.65 -71.56
C UNK M 287 -2.88 19.76 -71.63
N UNK M 288 -3.57 18.78 -71.08
CA UNK M 288 -5.02 18.81 -71.15
C UNK M 288 -5.49 20.06 -70.44
N UNK M 289 -4.88 20.35 -69.31
CA UNK M 289 -5.37 21.45 -68.51
C UNK M 289 -5.27 22.69 -69.35
N UNK M 290 -4.13 22.87 -70.00
CA UNK M 290 -3.98 24.09 -70.78
C UNK M 290 -4.95 24.16 -71.95
N UNK M 291 -5.05 23.09 -72.74
CA UNK M 291 -5.83 23.23 -73.96
C UNK M 291 -7.25 23.47 -73.54
N UNK M 292 -7.70 22.75 -72.53
CA UNK M 292 -9.09 22.89 -72.16
C UNK M 292 -9.30 24.35 -71.89
N UNK M 293 -8.26 25.01 -71.39
CA UNK M 293 -8.37 26.36 -70.93
C UNK M 293 -8.83 27.34 -72.01
N UNK M 294 -8.33 27.16 -73.24
CA UNK M 294 -8.61 28.14 -74.27
C UNK M 294 -10.11 28.20 -74.42
N UNK M 295 -10.76 27.07 -74.19
CA UNK M 295 -12.19 26.97 -74.32
C UNK M 295 -12.80 27.94 -73.34
N UNK M 296 -12.17 28.03 -72.18
CA UNK M 296 -12.65 28.88 -71.12
C UNK M 296 -12.78 30.31 -71.58
N UNK M 297 -11.84 30.75 -72.39
CA UNK M 297 -11.89 32.12 -72.86
C UNK M 297 -13.05 32.33 -73.80
N UNK M 298 -13.26 31.38 -74.69
CA UNK M 298 -14.31 31.56 -75.67
C UNK M 298 -15.60 31.61 -74.90
N UNK M 299 -15.78 30.70 -73.96
CA UNK M 299 -17.07 30.60 -73.30
C UNK M 299 -17.40 31.89 -72.61
N UNK M 300 -16.41 32.51 -71.99
CA UNK M 300 -16.65 33.76 -71.31
C UNK M 300 -17.09 34.85 -72.27
N UNK M 301 -16.44 34.91 -73.43
CA UNK M 301 -16.70 35.92 -74.45
C UNK M 301 -18.15 36.10 -74.86
N UNK M 302 -18.85 34.98 -75.03
CA UNK M 302 -20.26 35.01 -75.41
C UNK M 302 -20.46 35.27 -76.90
N UNK M 303 -19.40 35.24 -77.70
CA UNK M 303 -19.57 35.48 -79.12
C UNK M 303 -20.47 34.40 -79.68
N UNK M 304 -21.49 34.79 -80.42
CA UNK M 304 -22.43 33.81 -80.96
C UNK M 304 -21.76 32.82 -81.90
N UNK M 305 -20.95 33.31 -82.81
CA UNK M 305 -20.28 32.43 -83.73
C UNK M 305 -19.33 31.58 -82.93
N UNK M 306 -18.71 32.22 -81.95
CA UNK M 306 -17.71 31.58 -81.11
C UNK M 306 -18.12 30.39 -80.26
N UNK M 307 -19.26 30.49 -79.58
CA UNK M 307 -19.69 29.41 -78.71
C UNK M 307 -19.60 28.05 -79.34
N UNK M 308 -20.10 27.98 -80.56
CA UNK M 308 -20.17 26.75 -81.32
C UNK M 308 -18.80 26.14 -81.28
N UNK M 309 -17.81 27.01 -81.33
CA UNK M 309 -16.45 26.57 -81.33
C UNK M 309 -16.23 25.83 -80.03
N UNK M 310 -16.77 26.39 -78.96
CA UNK M 310 -16.47 25.83 -77.68
C UNK M 310 -17.00 24.43 -77.66
N UNK M 311 -18.22 24.28 -78.14
CA UNK M 311 -18.84 22.99 -78.04
C UNK M 311 -17.99 22.01 -78.79
N UNK M 312 -17.55 22.36 -79.99
CA UNK M 312 -16.77 21.41 -80.73
C UNK M 312 -15.49 21.08 -80.00
N UNK M 313 -14.83 22.12 -79.48
CA UNK M 313 -13.50 21.90 -78.97
C UNK M 313 -13.60 20.91 -77.86
N UNK M 314 -14.61 21.05 -77.03
CA UNK M 314 -14.62 20.19 -75.87
C UNK M 314 -14.62 18.74 -76.26
N UNK M 315 -15.50 18.37 -77.19
CA UNK M 315 -15.64 16.95 -77.47
C UNK M 315 -14.32 16.46 -77.97
N UNK M 316 -13.76 17.20 -78.91
CA UNK M 316 -12.54 16.73 -79.53
C UNK M 316 -11.41 16.66 -78.53
N UNK M 317 -11.28 17.68 -77.69
CA UNK M 317 -10.11 17.73 -76.83
C UNK M 317 -10.20 16.54 -75.94
N UNK M 318 -11.39 16.30 -75.42
CA UNK M 318 -11.51 15.22 -74.48
C UNK M 318 -11.21 13.90 -75.16
N UNK M 319 -11.82 13.66 -76.31
CA UNK M 319 -11.71 12.37 -76.94
C UNK M 319 -10.25 12.21 -77.21
N UNK M 320 -9.64 13.27 -77.68
CA UNK M 320 -8.25 13.18 -78.07
C UNK M 320 -7.48 12.80 -76.85
N UNK M 321 -7.91 13.31 -75.71
CA UNK M 321 -7.12 13.07 -74.53
C UNK M 321 -7.02 11.59 -74.26
N UNK M 322 -8.10 10.86 -74.46
CA UNK M 322 -8.12 9.50 -73.97
C UNK M 322 -7.01 8.72 -74.62
N UNK M 323 -6.85 8.86 -75.92
CA UNK M 323 -5.89 8.03 -76.60
C UNK M 323 -4.55 8.33 -76.01
N UNK M 324 -4.25 9.61 -75.86
CA UNK M 324 -2.89 9.96 -75.49
C UNK M 324 -2.64 9.36 -74.13
N UNK M 325 -3.40 9.79 -73.15
CA UNK M 325 -3.04 9.38 -71.82
C UNK M 325 -3.14 7.88 -71.88
N UNK M 326 -4.23 7.42 -72.48
CA UNK M 326 -4.51 6.01 -72.39
C UNK M 326 -3.38 5.29 -73.05
N UNK M 327 -2.88 5.76 -74.16
CA UNK M 327 -1.78 5.00 -74.73
C UNK M 327 -0.69 4.96 -73.66
N UNK M 328 -0.58 6.08 -72.98
CA UNK M 328 0.51 6.27 -72.05
C UNK M 328 0.45 5.17 -71.03
N UNK M 329 -0.75 4.80 -70.64
CA UNK M 329 -0.89 3.76 -69.64
C UNK M 329 -0.29 2.46 -70.16
N UNK M 330 -0.51 2.16 -71.43
CA UNK M 330 0.03 0.93 -71.96
C UNK M 330 1.54 0.99 -71.88
N UNK M 331 2.09 2.14 -72.24
CA UNK M 331 3.54 2.24 -72.24
C UNK M 331 4.01 1.99 -70.83
N UNK M 332 3.34 2.59 -69.85
CA UNK M 332 3.76 2.45 -68.46
C UNK M 332 3.67 1.03 -67.94
N UNK M 333 2.59 0.33 -68.28
CA UNK M 333 2.41 -1.01 -67.78
C UNK M 333 3.53 -1.84 -68.34
N UNK M 334 3.87 -1.59 -69.59
CA UNK M 334 4.92 -2.34 -70.24
C UNK M 334 6.28 -2.15 -69.59
N UNK M 335 6.59 -0.89 -69.28
CA UNK M 335 7.89 -0.50 -68.73
C UNK M 335 7.97 -0.31 -67.23
N UNK M 336 6.83 -0.48 -66.57
CA UNK M 336 6.74 -0.42 -65.11
C UNK M 336 6.96 0.93 -64.42
N UNK M 337 6.92 2.03 -65.16
CA UNK M 337 7.15 3.33 -64.51
C UNK M 337 6.71 4.58 -65.27
N UNK M 338 6.60 5.68 -64.54
CA UNK M 338 6.27 6.98 -65.09
C UNK M 338 7.47 7.57 -65.82
N UNK M 339 8.63 7.34 -65.25
CA UNK M 339 9.91 7.92 -65.65
C UNK M 339 10.14 8.27 -67.12
N UNK M 340 9.35 9.20 -67.63
CA UNK M 340 9.45 9.52 -69.03
C UNK M 340 10.88 9.95 -69.09
N UNK M 341 11.48 9.90 -70.26
CA UNK M 341 12.92 10.11 -70.33
C UNK M 341 13.62 8.79 -70.06
N UNK M 342 12.86 7.74 -69.84
CA UNK M 342 13.48 6.45 -69.66
C UNK M 342 13.62 5.98 -71.10
N UNK M 343 14.18 6.89 -71.90
CA UNK M 343 14.53 6.72 -73.31
C UNK M 343 13.40 6.32 -74.27
N UNK M 344 13.65 5.26 -75.04
CA UNK M 344 12.75 4.70 -76.04
C UNK M 344 13.05 5.19 -77.43
N UNK M 345 12.68 4.35 -78.38
CA UNK M 345 12.85 4.53 -79.80
C UNK M 345 11.79 3.73 -80.52
N UNK M 346 10.82 4.44 -81.10
CA UNK M 346 9.71 3.76 -81.74
C UNK M 346 10.08 2.86 -82.90
N UNK M 347 10.90 3.33 -83.83
CA UNK M 347 11.28 2.49 -84.95
C UNK M 347 12.01 1.34 -84.31
N UNK M 348 12.91 1.70 -83.42
CA UNK M 348 13.65 0.74 -82.66
C UNK M 348 12.64 0.08 -81.74
N UNK M 349 11.71 0.89 -81.27
CA UNK M 349 10.72 0.44 -80.30
C UNK M 349 9.81 -0.70 -80.72
N UNK M 350 9.39 -0.65 -81.98
CA UNK M 350 8.52 -1.63 -82.60
C UNK M 350 7.73 -0.80 -83.59
N UNK M 351 7.53 -1.30 -84.80
CA UNK M 351 6.85 -0.54 -85.85
C UNK M 351 5.38 -0.16 -85.71
N UNK M 352 4.55 -1.10 -85.29
CA UNK M 352 3.12 -0.86 -85.20
C UNK M 352 2.69 0.20 -84.20
N UNK M 353 3.30 0.20 -83.03
CA UNK M 353 2.93 1.14 -81.99
C UNK M 353 3.16 2.61 -82.29
N UNK M 354 4.27 2.94 -82.93
CA UNK M 354 4.58 4.34 -83.18
C UNK M 354 3.60 5.10 -84.06
N UNK M 355 3.16 4.49 -85.16
CA UNK M 355 2.25 5.20 -86.03
C UNK M 355 0.99 5.49 -85.26
N UNK M 356 0.52 4.52 -84.49
CA UNK M 356 -0.67 4.74 -83.70
C UNK M 356 -0.30 5.86 -82.75
N UNK M 357 0.89 5.81 -82.17
CA UNK M 357 1.31 6.87 -81.25
C UNK M 357 1.26 8.13 -82.08
N UNK M 358 2.15 8.21 -83.05
CA UNK M 358 2.13 9.35 -83.94
C UNK M 358 0.87 9.97 -84.48
N UNK M 359 -0.06 9.15 -84.92
CA UNK M 359 -1.26 9.71 -85.54
C UNK M 359 -1.92 10.54 -84.49
N UNK M 360 -2.01 9.99 -83.29
CA UNK M 360 -2.70 10.67 -82.24
C UNK M 360 -1.96 11.93 -81.98
N UNK M 361 -0.64 11.80 -81.98
CA UNK M 361 0.18 12.87 -81.48
C UNK M 361 -0.10 14.06 -82.34
N UNK M 362 -0.29 13.83 -83.62
CA UNK M 362 -0.61 14.92 -84.52
C UNK M 362 -1.91 15.52 -84.04
N UNK M 363 -2.81 14.68 -83.57
CA UNK M 363 -4.11 15.16 -83.19
C UNK M 363 -3.90 16.17 -82.09
N UNK M 364 -2.97 15.88 -81.19
CA UNK M 364 -2.65 16.85 -80.16
C UNK M 364 -2.11 18.06 -80.90
N UNK M 365 -1.41 17.78 -81.98
CA UNK M 365 -0.64 18.78 -82.72
C UNK M 365 -1.56 19.84 -83.24
N UNK M 366 -2.74 19.42 -83.68
CA UNK M 366 -3.70 20.31 -84.30
C UNK M 366 -3.21 20.55 -85.72
N UNK M 367 -3.90 19.94 -86.68
CA UNK M 367 -3.57 20.02 -88.11
C UNK M 367 -4.81 20.19 -88.98
N UNK M 368 -4.63 20.55 -90.24
CA UNK M 368 -5.78 20.71 -91.11
C UNK M 368 -6.64 19.45 -91.04
N UNK M 369 -7.87 19.53 -91.52
CA UNK M 369 -8.77 18.40 -91.53
C UNK M 369 -8.76 17.84 -90.13
N UNK M 370 -8.59 18.68 -89.11
CA UNK M 370 -8.65 18.16 -87.74
C UNK M 370 -9.95 18.58 -87.09
N UNK M 371 -10.71 17.60 -86.62
CA UNK M 371 -11.96 17.92 -85.99
C UNK M 371 -11.62 18.75 -84.79
N UNK M 372 -10.61 18.32 -84.05
CA UNK M 372 -10.21 19.09 -82.89
C UNK M 372 -9.67 20.43 -83.39
N UNK M 373 -8.85 20.38 -84.42
CA UNK M 373 -8.29 21.60 -85.00
C UNK M 373 -9.32 22.49 -85.67
N UNK M 374 -10.26 21.88 -86.39
CA UNK M 374 -11.22 22.67 -87.12
C UNK M 374 -12.02 23.56 -86.21
N UNK M 375 -12.49 23.01 -85.10
CA UNK M 375 -13.24 23.83 -84.17
C UNK M 375 -12.25 24.85 -83.65
N UNK M 376 -11.05 24.37 -83.37
CA UNK M 376 -10.01 25.21 -82.82
C UNK M 376 -9.67 26.30 -83.80
N UNK M 377 -9.56 25.95 -85.07
CA UNK M 377 -9.24 26.95 -86.07
C UNK M 377 -10.47 27.80 -86.27
N UNK M 378 -11.41 27.72 -85.34
CA UNK M 378 -12.62 28.48 -85.50
C UNK M 378 -12.84 29.39 -84.32
N UNK M 379 -12.65 28.85 -83.14
CA UNK M 379 -12.86 29.64 -81.97
C UNK M 379 -11.94 30.82 -82.06
N UNK M 380 -10.76 30.62 -82.57
CA UNK M 380 -9.90 31.78 -82.63
C UNK M 380 -10.50 32.89 -83.46
N UNK M 381 -11.12 32.53 -84.57
CA UNK M 381 -11.65 33.51 -85.50
C UNK M 381 -12.53 34.42 -84.73
N UNK M 382 -13.24 33.84 -83.79
CA UNK M 382 -14.07 34.62 -82.93
C UNK M 382 -13.18 35.49 -82.09
N UNK M 383 -12.08 34.91 -81.69
CA UNK M 383 -11.19 35.61 -80.80
C UNK M 383 -10.80 36.90 -81.44
N UNK M 384 -11.03 37.03 -82.73
CA UNK M 384 -10.74 38.28 -83.45
C UNK M 384 -11.81 39.40 -83.36
N UNK M 385 -12.88 39.23 -82.59
CA UNK M 385 -13.88 40.29 -82.50
C UNK M 385 -14.14 40.94 -81.15
N UNK M 386 -13.63 40.40 -80.06
CA UNK M 386 -13.89 40.97 -78.73
C UNK M 386 -12.92 41.96 -78.10
N UNK M 387 -11.97 42.53 -78.86
CA UNK M 387 -11.85 42.41 -80.31
C UNK M 387 -10.60 41.80 -80.96
N UNK M 388 -10.42 42.07 -82.24
CA UNK M 388 -9.34 41.49 -83.00
C UNK M 388 -7.94 41.74 -82.49
N UNK M 389 -7.65 42.92 -81.98
CA UNK M 389 -6.29 43.19 -81.56
C UNK M 389 -5.83 42.13 -80.58
N UNK M 390 -4.57 41.73 -80.70
CA UNK M 390 -3.99 40.70 -79.88
C UNK M 390 -4.16 39.27 -80.33
N UNK M 391 -4.46 39.02 -81.59
CA UNK M 391 -4.60 37.64 -82.07
C UNK M 391 -3.26 37.08 -81.78
N UNK M 392 -2.35 38.02 -81.83
CA UNK M 392 -0.96 37.72 -81.57
C UNK M 392 -0.92 36.78 -80.38
N UNK M 393 -1.80 37.00 -79.41
CA UNK M 393 -1.67 36.25 -78.17
C UNK M 393 -1.80 34.74 -78.30
N UNK M 394 -2.82 34.22 -78.95
CA UNK M 394 -3.04 32.76 -78.96
C UNK M 394 -1.95 31.94 -79.65
N UNK M 395 -1.50 32.46 -80.78
CA UNK M 395 -0.61 31.72 -81.67
C UNK M 395 0.68 31.41 -80.97
N UNK M 396 1.04 32.22 -79.98
CA UNK M 396 2.20 31.91 -79.18
C UNK M 396 1.88 30.58 -78.53
N UNK M 397 0.63 30.43 -78.11
CA UNK M 397 0.19 29.20 -77.49
C UNK M 397 0.30 28.06 -78.51
N UNK M 398 -0.19 28.30 -79.72
CA UNK M 398 -0.20 27.24 -80.71
C UNK M 398 1.21 26.83 -81.06
N UNK M 399 2.06 27.81 -81.29
CA UNK M 399 3.41 27.50 -81.68
C UNK M 399 4.03 26.77 -80.52
N UNK M 400 3.80 27.29 -79.33
CA UNK M 400 4.40 26.69 -78.17
C UNK M 400 3.85 25.29 -78.10
N UNK M 401 2.55 25.18 -78.35
CA UNK M 401 1.84 23.96 -78.06
C UNK M 401 2.49 22.89 -78.87
N UNK M 402 2.82 23.23 -80.10
CA UNK M 402 3.34 22.28 -81.05
C UNK M 402 4.61 21.75 -80.47
N UNK M 403 5.34 22.64 -79.83
CA UNK M 403 6.63 22.27 -79.32
C UNK M 403 6.42 21.10 -78.39
N UNK M 404 5.33 21.13 -77.64
CA UNK M 404 5.08 20.07 -76.69
C UNK M 404 5.02 18.79 -77.49
N UNK M 405 4.21 18.79 -78.54
CA UNK M 405 3.90 17.53 -79.17
C UNK M 405 5.21 16.97 -79.62
N UNK M 406 6.07 17.83 -80.12
CA UNK M 406 7.31 17.35 -80.68
C UNK M 406 8.09 16.66 -79.58
N UNK M 407 8.12 17.28 -78.41
CA UNK M 407 9.03 16.87 -77.39
C UNK M 407 8.73 15.44 -77.02
N UNK M 408 7.46 15.13 -76.84
CA UNK M 408 7.14 13.76 -76.47
C UNK M 408 7.54 12.85 -77.62
N UNK M 409 7.12 13.23 -78.81
CA UNK M 409 7.29 12.32 -79.91
C UNK M 409 8.77 12.13 -80.11
N UNK M 410 9.52 13.22 -80.12
CA UNK M 410 10.93 13.10 -80.42
C UNK M 410 11.62 12.29 -79.35
N UNK M 411 11.33 12.59 -78.10
CA UNK M 411 11.90 11.81 -77.02
C UNK M 411 11.28 10.42 -77.12
N UNK M 412 10.09 10.35 -77.72
CA UNK M 412 9.37 9.10 -77.89
C UNK M 412 10.14 8.13 -78.80
N UNK M 413 10.77 8.69 -79.83
CA UNK M 413 11.52 7.87 -80.78
C UNK M 413 12.47 8.73 -81.62
N UNK M 414 -0.77 -8.17 -76.55
CA UNK M 414 -0.73 -6.79 -77.00
C UNK M 414 -1.88 -6.50 -77.94
N UNK M 415 -2.57 -7.55 -78.37
CA UNK M 415 -3.58 -7.37 -79.40
C UNK M 415 -4.64 -6.39 -78.90
N UNK M 416 -5.03 -6.56 -77.64
CA UNK M 416 -6.07 -5.71 -77.10
C UNK M 416 -5.59 -4.27 -77.12
N UNK M 417 -4.32 -4.07 -76.78
CA UNK M 417 -3.80 -2.72 -76.73
C UNK M 417 -3.84 -2.09 -78.09
N UNK M 418 -3.63 -2.85 -79.16
CA UNK M 418 -3.84 -2.24 -80.46
C UNK M 418 -5.29 -1.79 -80.51
N UNK M 419 -6.14 -2.51 -79.78
CA UNK M 419 -7.57 -2.30 -79.86
C UNK M 419 -7.96 -0.89 -79.47
N UNK M 420 -7.33 -0.35 -78.43
CA UNK M 420 -7.70 0.96 -77.98
C UNK M 420 -7.44 1.89 -79.13
N UNK M 421 -6.31 1.70 -79.76
CA UNK M 421 -5.92 2.60 -80.83
C UNK M 421 -6.89 2.56 -81.98
N UNK M 422 -7.32 1.38 -82.38
CA UNK M 422 -8.21 1.39 -83.50
C UNK M 422 -9.47 2.13 -83.12
N UNK M 423 -10.02 1.80 -81.95
CA UNK M 423 -11.32 2.36 -81.63
C UNK M 423 -11.24 3.87 -81.49
N UNK M 424 -10.27 4.35 -80.74
CA UNK M 424 -10.22 5.77 -80.47
C UNK M 424 -9.95 6.56 -81.74
N UNK M 425 -9.04 6.07 -82.57
CA UNK M 425 -8.74 6.77 -83.81
C UNK M 425 -9.93 6.78 -84.73
N UNK M 426 -10.60 5.65 -84.82
CA UNK M 426 -11.65 5.49 -85.81
C UNK M 426 -12.81 6.43 -85.58
N UNK M 427 -13.26 6.54 -84.34
CA UNK M 427 -14.30 7.49 -84.06
C UNK M 427 -13.72 8.86 -84.32
N UNK M 428 -12.48 9.05 -83.89
CA UNK M 428 -11.85 10.34 -84.03
C UNK M 428 -11.72 10.66 -85.49
N UNK M 429 -11.22 9.70 -86.24
CA UNK M 429 -11.00 9.90 -87.66
C UNK M 429 -12.33 10.09 -88.38
N UNK M 430 -13.32 9.31 -87.99
CA UNK M 430 -14.54 9.23 -88.74
C UNK M 430 -15.13 10.61 -88.79
N UNK M 431 -15.03 11.29 -87.66
CA UNK M 431 -15.76 12.52 -87.39
C UNK M 431 -15.35 13.54 -88.41
N UNK M 432 -14.09 13.50 -88.77
CA UNK M 432 -13.57 14.45 -89.72
C UNK M 432 -14.38 14.25 -90.98
N UNK M 433 -14.85 13.05 -91.19
CA UNK M 433 -15.59 12.80 -92.42
C UNK M 433 -16.77 13.76 -92.44
N UNK M 434 -17.46 13.90 -91.32
CA UNK M 434 -18.54 14.86 -91.22
C UNK M 434 -18.32 15.73 -90.02
N UNK M 435 -18.63 17.01 -90.13
CA UNK M 435 -18.57 17.84 -88.95
C UNK M 435 -19.95 18.03 -88.36
N UNK M 436 -20.96 17.55 -89.06
CA UNK M 436 -22.28 18.04 -88.77
C UNK M 436 -22.76 17.78 -87.35
N UNK M 437 -22.60 16.56 -86.88
CA UNK M 437 -23.11 16.24 -85.56
C UNK M 437 -22.38 17.05 -84.53
N UNK M 438 -21.07 17.14 -84.70
CA UNK M 438 -20.22 17.79 -83.72
C UNK M 438 -20.60 19.23 -83.60
N UNK M 439 -20.91 19.85 -84.73
CA UNK M 439 -21.20 21.27 -84.72
C UNK M 439 -22.18 21.64 -83.62
N UNK N 1 -28.24 -6.12 -12.98
CA UNK N 1 -29.09 -7.28 -13.26
C UNK N 1 -30.18 -6.97 -14.29
N UNK N 2 -30.65 -8.01 -14.95
CA UNK N 2 -31.64 -7.84 -16.00
C UNK N 2 -32.90 -7.23 -15.45
N UNK N 3 -33.31 -7.68 -14.28
CA UNK N 3 -34.55 -7.17 -13.72
C UNK N 3 -34.40 -5.68 -13.44
N UNK N 4 -33.25 -5.30 -12.90
CA UNK N 4 -33.05 -3.89 -12.59
C UNK N 4 -33.10 -3.10 -13.87
N UNK N 5 -32.46 -3.65 -14.89
CA UNK N 5 -32.22 -2.91 -16.11
C UNK N 5 -33.48 -2.51 -16.86
N UNK N 6 -34.44 -3.42 -16.97
CA UNK N 6 -35.63 -3.07 -17.73
C UNK N 6 -36.30 -1.89 -17.04
N UNK N 7 -36.42 -1.98 -15.73
CA UNK N 7 -37.14 -0.94 -15.02
C UNK N 7 -36.39 0.37 -15.18
N UNK N 8 -35.08 0.33 -15.05
CA UNK N 8 -34.33 1.56 -15.10
C UNK N 8 -34.49 2.20 -16.46
N UNK N 9 -34.34 1.42 -17.52
CA UNK N 9 -34.39 2.01 -18.84
C UNK N 9 -35.76 2.62 -19.05
N UNK N 10 -36.77 1.89 -18.60
CA UNK N 10 -38.13 2.25 -18.90
C UNK N 10 -38.33 3.64 -18.36
N UNK N 11 -37.68 3.92 -17.23
CA UNK N 11 -37.85 5.20 -16.56
C UNK N 11 -37.46 6.24 -17.58
N UNK N 12 -36.35 5.97 -18.26
CA UNK N 12 -35.72 6.94 -19.09
C UNK N 12 -36.68 7.28 -20.18
N UNK N 13 -37.28 6.24 -20.74
CA UNK N 13 -38.30 6.45 -21.74
C UNK N 13 -39.42 7.18 -21.02
N UNK N 14 -39.64 6.78 -19.77
CA UNK N 14 -40.75 7.28 -19.02
C UNK N 14 -40.57 8.77 -18.99
N UNK N 15 -39.34 9.19 -18.77
CA UNK N 15 -39.08 10.59 -18.68
C UNK N 15 -39.43 11.23 -20.00
N UNK N 16 -39.00 10.57 -21.07
CA UNK N 16 -39.04 11.20 -22.36
C UNK N 16 -40.48 11.51 -22.64
N UNK N 17 -41.35 10.56 -22.32
CA UNK N 17 -42.75 10.78 -22.53
C UNK N 17 -43.12 11.96 -21.66
N UNK N 18 -42.53 12.01 -20.48
CA UNK N 18 -42.98 12.97 -19.50
C UNK N 18 -42.82 14.33 -20.10
N UNK N 19 -41.75 14.54 -20.86
CA UNK N 19 -41.57 15.84 -21.48
C UNK N 19 -42.75 16.11 -22.40
N UNK N 20 -43.24 15.07 -23.04
CA UNK N 20 -44.20 15.22 -24.13
C UNK N 20 -45.48 15.93 -23.72
N UNK N 21 -46.04 15.59 -22.57
CA UNK N 21 -47.23 16.28 -22.10
C UNK N 21 -46.79 17.66 -21.67
N UNK N 22 -47.72 18.61 -21.56
CA UNK N 22 -47.29 19.99 -21.30
C UNK N 22 -47.99 20.71 -20.16
N UNK N 23 -47.67 20.31 -18.94
CA UNK N 23 -48.21 21.00 -17.76
C UNK N 23 -47.23 22.03 -17.20
N UNK N 24 -47.72 22.83 -16.28
CA UNK N 24 -47.02 24.00 -15.81
C UNK N 24 -45.70 23.70 -15.10
N UNK N 25 -44.72 24.58 -15.30
CA UNK N 25 -44.65 25.46 -16.47
C UNK N 25 -44.35 24.76 -17.78
N UNK N 26 -43.42 23.80 -17.79
CA UNK N 26 -42.66 23.33 -16.62
C UNK N 26 -43.29 22.30 -15.69
N UNK N 27 -44.30 21.61 -16.16
CA UNK N 27 -44.61 20.32 -15.58
C UNK N 27 -43.37 19.45 -15.84
N UNK N 28 -42.76 19.80 -16.97
CA UNK N 28 -41.63 19.12 -17.54
C UNK N 28 -40.47 19.20 -16.61
N UNK N 29 -40.28 20.33 -15.96
CA UNK N 29 -39.11 20.52 -15.12
C UNK N 29 -39.20 19.43 -14.07
N UNK N 30 -40.41 19.16 -13.64
CA UNK N 30 -40.61 18.13 -12.66
C UNK N 30 -40.09 16.86 -13.27
N UNK N 31 -40.40 16.64 -14.54
CA UNK N 31 -39.95 15.42 -15.18
C UNK N 31 -38.45 15.28 -15.32
N UNK N 32 -37.79 16.35 -15.73
CA UNK N 32 -36.46 16.25 -16.24
C UNK N 32 -35.63 15.73 -15.11
N UNK N 33 -35.87 16.29 -13.94
CA UNK N 33 -35.09 15.82 -12.83
C UNK N 33 -35.08 14.31 -12.98
N UNK N 34 -36.20 13.76 -13.41
CA UNK N 34 -36.27 12.32 -13.58
C UNK N 34 -35.18 11.96 -14.58
N UNK N 35 -35.04 12.80 -15.61
CA UNK N 35 -34.05 12.52 -16.62
C UNK N 35 -32.65 12.53 -16.07
N UNK N 36 -32.31 13.51 -15.25
CA UNK N 36 -30.96 13.60 -14.73
C UNK N 36 -30.74 12.35 -13.92
N UNK N 37 -31.75 11.94 -13.18
CA UNK N 37 -31.62 10.77 -12.33
C UNK N 37 -31.38 9.50 -13.10
N UNK N 38 -32.06 9.23 -14.20
CA UNK N 38 -31.79 7.94 -14.85
C UNK N 38 -30.36 7.75 -15.40
N UNK N 39 -29.88 8.78 -16.08
CA UNK N 39 -28.60 8.70 -16.78
C UNK N 39 -27.49 8.46 -15.79
N UNK N 40 -27.62 8.83 -14.53
CA UNK N 40 -26.51 8.42 -13.68
C UNK N 40 -26.42 6.90 -13.63
N UNK N 41 -27.57 6.25 -13.44
CA UNK N 41 -27.55 4.82 -13.21
C UNK N 41 -27.01 4.02 -14.38
N UNK N 42 -27.44 4.36 -15.58
CA UNK N 42 -26.98 3.67 -16.77
C UNK N 42 -25.52 3.93 -16.96
N UNK N 43 -25.12 5.16 -16.75
CA UNK N 43 -23.76 5.54 -17.01
C UNK N 43 -22.89 4.68 -16.15
N UNK N 44 -23.41 4.27 -14.99
CA UNK N 44 -22.65 3.38 -14.15
C UNK N 44 -22.32 2.04 -14.83
N UNK N 45 -23.14 1.50 -15.72
CA UNK N 45 -23.14 0.05 -15.86
C UNK N 45 -21.72 -0.49 -15.97
N UNK N 46 -20.81 0.24 -16.61
CA UNK N 46 -19.40 -0.15 -16.72
C UNK N 46 -18.65 -0.30 -15.39
N UNK N 47 -18.94 0.58 -14.44
CA UNK N 47 -18.34 0.48 -13.11
C UNK N 47 -16.82 0.46 -13.12
N UNK N 48 -16.25 1.22 -14.03
CA UNK N 48 -14.83 1.43 -14.08
C UNK N 48 -14.46 2.46 -13.07
N UNK N 49 -13.26 2.34 -12.54
CA UNK N 49 -12.74 3.41 -11.72
C UNK N 49 -12.69 4.65 -12.59
N UNK N 50 -12.62 4.44 -13.90
CA UNK N 50 -12.51 5.51 -14.87
C UNK N 50 -13.70 6.42 -14.71
N UNK N 51 -14.80 5.73 -14.40
CA UNK N 51 -16.14 6.25 -14.48
C UNK N 51 -16.40 7.40 -13.54
N UNK N 52 -15.84 7.32 -12.35
CA UNK N 52 -16.30 8.14 -11.27
C UNK N 52 -16.14 9.58 -11.71
N UNK N 53 -15.05 9.86 -12.39
CA UNK N 53 -14.90 11.20 -12.93
C UNK N 53 -16.06 11.41 -13.87
N UNK N 54 -16.40 10.36 -14.60
CA UNK N 54 -17.40 10.53 -15.63
C UNK N 54 -18.71 10.98 -15.03
N UNK N 55 -19.17 10.23 -14.05
CA UNK N 55 -20.46 10.48 -13.49
C UNK N 55 -20.38 11.86 -12.87
N UNK N 56 -19.27 12.13 -12.23
CA UNK N 56 -19.20 13.27 -11.36
C UNK N 56 -19.47 14.51 -12.16
N UNK N 57 -18.98 14.57 -13.39
CA UNK N 57 -19.15 15.79 -14.18
C UNK N 57 -20.60 16.18 -14.47
N UNK N 58 -21.42 15.16 -14.66
CA UNK N 58 -22.75 15.32 -15.18
C UNK N 58 -23.51 16.22 -14.26
N UNK N 59 -23.17 16.15 -12.99
CA UNK N 59 -23.95 16.80 -11.95
C UNK N 59 -24.00 18.29 -12.29
N UNK N 60 -23.00 18.75 -13.05
CA UNK N 60 -23.01 20.14 -13.45
C UNK N 60 -24.26 20.32 -14.27
N UNK N 61 -24.57 19.31 -15.07
CA UNK N 61 -25.76 19.41 -15.89
C UNK N 61 -26.88 19.65 -14.91
N UNK N 62 -26.79 19.00 -13.78
CA UNK N 62 -27.77 19.22 -12.75
C UNK N 62 -27.69 20.69 -12.39
N UNK N 63 -26.49 21.24 -12.39
CA UNK N 63 -26.34 22.62 -11.94
C UNK N 63 -27.12 23.56 -12.81
N UNK N 64 -26.98 23.40 -14.12
CA UNK N 64 -27.66 24.30 -15.02
C UNK N 64 -29.14 24.08 -14.85
N UNK N 65 -29.49 22.82 -14.68
CA UNK N 65 -30.88 22.43 -14.66
C UNK N 65 -31.52 23.20 -13.54
N UNK N 66 -30.85 23.37 -12.41
CA UNK N 66 -31.55 24.07 -11.35
C UNK N 66 -31.92 25.42 -11.92
N UNK N 67 -31.05 25.93 -12.77
CA UNK N 67 -31.23 27.28 -13.27
C UNK N 67 -32.55 27.40 -13.99
N UNK N 68 -32.95 26.37 -14.73
CA UNK N 68 -34.16 26.50 -15.52
C UNK N 68 -35.36 26.73 -14.62
N UNK N 69 -35.48 25.92 -13.58
CA UNK N 69 -36.64 26.05 -12.73
C UNK N 69 -36.55 27.42 -12.13
N UNK N 70 -35.35 27.88 -11.86
CA UNK N 70 -35.27 29.20 -11.26
C UNK N 70 -35.96 30.13 -12.23
N UNK N 71 -35.70 29.92 -13.51
CA UNK N 71 -36.30 30.78 -14.50
C UNK N 71 -37.81 30.68 -14.52
N UNK N 72 -38.32 29.45 -14.43
CA UNK N 72 -39.74 29.27 -14.59
C UNK N 72 -40.38 30.03 -13.47
N UNK N 73 -39.97 29.77 -12.27
CA UNK N 73 -40.69 30.52 -11.30
C UNK N 73 -40.48 31.95 -11.76
N UNK N 74 -39.29 32.23 -12.32
CA UNK N 74 -38.93 33.54 -12.75
C UNK N 74 -40.01 33.99 -13.66
N UNK N 75 -40.45 33.08 -14.48
CA UNK N 75 -41.52 33.41 -15.37
C UNK N 75 -42.80 33.73 -14.65
N UNK N 76 -43.15 32.93 -13.65
CA UNK N 76 -44.43 33.14 -13.02
C UNK N 76 -44.61 34.47 -12.40
N UNK N 77 -43.58 34.96 -11.75
CA UNK N 77 -43.79 36.23 -11.17
C UNK N 77 -44.26 37.15 -12.24
N UNK N 78 -43.58 37.21 -13.39
CA UNK N 78 -44.09 38.12 -14.40
C UNK N 78 -45.41 37.55 -14.83
N UNK N 79 -45.40 36.31 -15.32
CA UNK N 79 -46.62 35.69 -15.82
C UNK N 79 -47.70 35.42 -14.77
N UNK N 80 -48.92 35.82 -15.08
CA UNK N 80 -50.07 35.60 -14.21
C UNK N 80 -50.37 34.11 -14.08
N UNK N 81 -50.26 33.41 -15.21
CA UNK N 81 -50.53 31.98 -15.28
C UNK N 81 -49.29 31.20 -15.67
N UNK N 82 -49.01 30.14 -14.92
CA UNK N 82 -47.84 29.30 -15.16
C UNK N 82 -47.83 28.61 -16.52
N UNK N 83 -48.98 28.28 -17.09
CA UNK N 83 -49.00 27.52 -18.36
C UNK N 83 -48.08 28.01 -19.51
N UNK N 84 -47.51 27.02 -20.21
CA UNK N 84 -46.50 27.16 -21.28
C UNK N 84 -46.84 27.95 -22.55
N UNK N 85 -45.80 28.59 -23.09
CA UNK N 85 -45.91 29.48 -24.24
C UNK N 85 -45.98 30.97 -23.82
N UNK N 86 -45.70 31.22 -22.53
CA UNK N 86 -45.74 32.57 -21.93
C UNK N 86 -44.68 33.62 -22.33
N UNK N 87 -45.05 34.90 -22.13
CA UNK N 87 -44.24 36.10 -22.43
C UNK N 87 -42.83 36.33 -21.83
N UNK N 88 -42.61 36.02 -20.56
CA UNK N 88 -41.32 36.22 -19.92
C UNK N 88 -40.86 37.68 -20.05
N UNK N 89 -39.81 38.04 -19.32
CA UNK N 89 -39.27 39.40 -19.33
C UNK N 89 -37.79 39.45 -19.74
N UNK N 90 -37.54 39.06 -20.98
CA UNK N 90 -38.62 38.58 -21.83
C UNK N 90 -38.19 37.56 -22.89
N UNK N 91 -37.31 37.94 -23.82
CA UNK N 91 -36.22 38.90 -23.65
C UNK N 91 -35.25 38.32 -22.62
N UNK N 92 -34.99 39.05 -21.53
CA UNK N 92 -34.06 38.53 -20.54
C UNK N 92 -34.57 37.20 -19.97
N UNK N 93 -35.84 37.14 -19.61
CA UNK N 93 -36.31 35.95 -18.92
C UNK N 93 -36.11 34.81 -19.88
N UNK N 94 -36.44 35.11 -21.13
CA UNK N 94 -36.27 34.15 -22.18
C UNK N 94 -34.81 33.86 -22.24
N UNK N 95 -33.98 34.87 -22.02
CA UNK N 95 -32.56 34.66 -22.15
C UNK N 95 -32.14 33.60 -21.14
N UNK N 96 -32.60 33.74 -19.91
CA UNK N 96 -32.13 32.83 -18.89
C UNK N 96 -32.56 31.45 -19.32
N UNK N 97 -33.82 31.33 -19.74
CA UNK N 97 -34.33 29.99 -20.03
C UNK N 97 -33.57 29.33 -21.16
N UNK N 98 -33.41 30.07 -22.25
CA UNK N 98 -32.77 29.52 -23.41
C UNK N 98 -31.45 28.83 -23.13
N UNK N 99 -30.52 29.54 -22.50
CA UNK N 99 -29.20 29.00 -22.25
C UNK N 99 -29.16 27.74 -21.40
N UNK N 100 -29.94 27.69 -20.32
CA UNK N 100 -29.92 26.50 -19.48
C UNK N 100 -30.41 25.39 -20.38
N UNK N 101 -31.45 25.71 -21.13
CA UNK N 101 -31.99 24.76 -22.07
C UNK N 101 -30.86 24.52 -23.05
N UNK N 102 -30.21 25.63 -23.40
CA UNK N 102 -29.09 25.56 -24.30
C UNK N 102 -28.01 24.76 -23.61
N UNK N 103 -27.86 24.98 -22.30
CA UNK N 103 -26.81 24.28 -21.59
C UNK N 103 -27.03 22.79 -21.72
N UNK N 104 -28.26 22.34 -21.52
CA UNK N 104 -28.52 20.91 -21.69
C UNK N 104 -28.27 20.65 -23.15
N UNK N 105 -28.68 21.61 -23.97
CA UNK N 105 -28.47 21.53 -25.40
C UNK N 105 -26.98 21.64 -25.72
N UNK N 106 -26.44 22.78 -25.31
CA UNK N 106 -25.03 23.09 -25.49
C UNK N 106 -24.69 23.66 -26.86
N UNK N 107 -23.41 23.96 -27.10
CA UNK N 107 -22.36 23.84 -26.08
C UNK N 107 -21.48 25.07 -25.93
N UNK N 108 -21.72 26.11 -26.72
CA UNK N 108 -20.80 27.23 -26.62
C UNK N 108 -20.57 27.47 -25.13
N UNK N 109 -21.64 27.41 -24.35
CA UNK N 109 -21.53 27.57 -22.91
C UNK N 109 -21.48 26.20 -22.24
N UNK N 110 -21.76 25.16 -23.04
CA UNK N 110 -21.78 23.78 -22.57
C UNK N 110 -20.78 22.87 -23.29
N UNK N 111 -19.69 23.44 -23.79
CA UNK N 111 -18.70 22.67 -24.53
C UNK N 111 -18.02 21.54 -23.75
N UNK N 112 -17.69 21.76 -22.48
CA UNK N 112 -17.04 20.72 -21.70
C UNK N 112 -17.81 19.42 -21.46
N UNK N 113 -19.11 19.55 -21.25
CA UNK N 113 -19.95 18.43 -20.90
C UNK N 113 -19.91 17.30 -21.89
N UNK N 114 -19.79 17.65 -23.14
CA UNK N 114 -19.85 16.72 -24.23
C UNK N 114 -18.62 15.89 -24.20
N UNK N 115 -17.50 16.60 -24.11
CA UNK N 115 -16.27 15.83 -24.30
C UNK N 115 -16.15 14.75 -23.24
N UNK N 116 -16.29 15.17 -22.01
CA UNK N 116 -15.91 14.25 -20.96
C UNK N 116 -16.85 13.08 -20.95
N UNK N 117 -18.12 13.41 -21.10
CA UNK N 117 -19.14 12.38 -21.04
C UNK N 117 -18.86 11.28 -22.02
N UNK N 118 -18.48 11.66 -23.22
CA UNK N 118 -18.23 10.68 -24.23
C UNK N 118 -17.12 9.71 -23.91
N UNK N 119 -16.02 10.22 -23.36
CA UNK N 119 -14.90 9.33 -23.09
C UNK N 119 -15.15 8.21 -22.09
N UNK N 120 -15.73 8.56 -20.96
CA UNK N 120 -15.98 7.58 -19.90
C UNK N 120 -17.03 6.46 -19.96
N UNK N 121 -18.21 6.74 -20.50
CA UNK N 121 -19.26 5.73 -20.48
C UNK N 121 -19.16 4.68 -21.56
N UNK N 122 -18.22 3.76 -21.38
CA UNK N 122 -18.05 2.71 -22.35
C UNK N 122 -19.07 1.63 -22.04
N UNK N 123 -20.04 1.43 -22.93
CA UNK N 123 -20.18 2.22 -24.16
C UNK N 123 -21.42 1.98 -24.97
N UNK N 124 -22.00 0.78 -24.92
CA UNK N 124 -23.17 0.54 -25.74
C UNK N 124 -24.19 1.57 -25.38
N UNK N 125 -24.08 2.08 -24.17
CA UNK N 125 -24.89 3.16 -23.78
C UNK N 125 -24.61 4.31 -24.71
N UNK N 126 -23.34 4.53 -25.02
CA UNK N 126 -22.89 5.69 -25.81
C UNK N 126 -23.89 6.31 -26.76
N UNK N 127 -24.34 5.50 -27.69
CA UNK N 127 -25.28 5.93 -28.72
C UNK N 127 -26.65 6.22 -28.12
N UNK N 128 -27.10 5.33 -27.23
CA UNK N 128 -28.41 5.49 -26.62
C UNK N 128 -28.47 6.77 -25.80
N UNK N 129 -27.41 7.01 -25.03
CA UNK N 129 -27.38 8.19 -24.19
C UNK N 129 -27.46 9.42 -25.08
N UNK N 130 -26.53 9.57 -26.01
CA UNK N 130 -26.48 10.87 -26.66
C UNK N 130 -27.78 11.14 -27.40
N UNK N 131 -28.21 10.14 -28.15
CA UNK N 131 -29.38 10.35 -28.98
C UNK N 131 -30.66 10.61 -28.20
N UNK N 132 -30.92 9.81 -27.18
CA UNK N 132 -32.18 9.96 -26.46
C UNK N 132 -32.24 11.26 -25.71
N UNK N 133 -31.15 11.58 -25.06
CA UNK N 133 -31.10 12.77 -24.24
C UNK N 133 -31.33 13.90 -25.18
N UNK N 134 -30.80 13.80 -26.40
CA UNK N 134 -31.05 14.87 -27.34
C UNK N 134 -32.57 14.98 -27.53
N UNK N 135 -33.26 13.85 -27.74
CA UNK N 135 -34.72 13.92 -27.62
C UNK N 135 -35.14 14.93 -26.56
N UNK N 136 -34.40 14.95 -25.45
CA UNK N 136 -34.70 15.88 -24.38
C UNK N 136 -34.53 17.31 -24.88
N UNK N 137 -33.49 17.64 -25.60
CA UNK N 137 -33.49 19.07 -25.87
C UNK N 137 -34.69 19.48 -26.71
N UNK N 138 -34.94 18.71 -27.74
CA UNK N 138 -35.69 19.24 -28.84
C UNK N 138 -37.07 19.64 -28.42
N UNK N 139 -37.68 18.91 -27.51
CA UNK N 139 -39.05 19.26 -27.17
C UNK N 139 -39.13 20.67 -26.62
N UNK N 140 -38.14 21.07 -25.82
CA UNK N 140 -38.19 22.39 -25.22
C UNK N 140 -38.15 23.57 -26.18
N UNK N 141 -37.28 23.54 -27.18
CA UNK N 141 -37.24 24.65 -28.12
C UNK N 141 -38.53 24.73 -28.94
N UNK N 142 -39.01 23.59 -29.43
CA UNK N 142 -40.26 23.59 -30.21
C UNK N 142 -41.31 24.14 -29.28
N UNK N 143 -41.16 23.79 -28.02
CA UNK N 143 -41.90 24.42 -26.97
C UNK N 143 -41.53 25.89 -27.02
N UNK N 144 -40.27 26.27 -27.17
CA UNK N 144 -40.13 27.59 -27.75
C UNK N 144 -41.16 27.80 -28.85
N UNK N 145 -41.74 28.99 -28.88
CA UNK N 145 -42.65 29.40 -29.95
C UNK N 145 -42.02 29.48 -31.36
N UNK N 146 -40.80 30.01 -31.49
CA UNK N 146 -40.03 30.52 -30.36
C UNK N 146 -39.89 32.02 -30.36
N UNK N 147 -40.30 32.64 -29.26
CA UNK N 147 -40.00 34.04 -29.03
C UNK N 147 -38.62 34.02 -28.43
N UNK N 148 -37.65 33.66 -29.25
CA UNK N 148 -36.29 33.44 -28.78
C UNK N 148 -35.36 34.55 -29.26
N UNK N 149 -34.60 35.15 -28.36
CA UNK N 149 -33.86 36.34 -28.77
C UNK N 149 -32.99 35.92 -29.95
N UNK N 150 -33.06 36.70 -31.02
CA UNK N 150 -32.38 36.33 -32.25
C UNK N 150 -30.87 36.31 -32.06
N UNK N 151 -30.34 37.32 -31.40
CA UNK N 151 -28.91 37.38 -31.16
C UNK N 151 -28.46 36.23 -30.28
N UNK N 152 -29.21 35.97 -29.22
CA UNK N 152 -28.86 34.88 -28.32
C UNK N 152 -28.96 33.52 -29.00
N UNK N 153 -30.04 33.32 -29.74
CA UNK N 153 -30.24 32.05 -30.43
C UNK N 153 -29.20 31.81 -31.51
N UNK N 154 -28.91 32.86 -32.29
CA UNK N 154 -27.97 32.75 -33.39
C UNK N 154 -26.55 32.44 -32.91
N UNK N 155 -26.08 33.09 -31.86
CA UNK N 155 -24.64 32.96 -31.55
C UNK N 155 -24.21 31.52 -31.22
N UNK N 156 -25.04 30.83 -30.46
CA UNK N 156 -24.66 29.53 -29.94
C UNK N 156 -24.41 28.50 -31.04
N UNK N 157 -25.24 28.48 -32.07
CA UNK N 157 -24.99 27.51 -33.10
C UNK N 157 -23.59 27.75 -33.56
N UNK N 158 -23.47 28.89 -34.21
CA UNK N 158 -22.41 29.17 -35.13
C UNK N 158 -21.15 29.05 -34.35
N UNK N 159 -21.12 29.65 -33.17
CA UNK N 159 -19.96 29.49 -32.31
C UNK N 159 -19.88 28.01 -32.03
N UNK N 160 -21.04 27.40 -31.86
CA UNK N 160 -21.08 25.99 -31.65
C UNK N 160 -20.49 25.34 -32.88
N UNK N 161 -20.83 25.87 -34.05
CA UNK N 161 -20.42 25.18 -35.25
C UNK N 161 -18.92 25.11 -35.28
N UNK N 162 -18.25 26.22 -34.96
CA UNK N 162 -16.80 26.23 -35.03
C UNK N 162 -16.12 25.28 -34.06
N UNK N 163 -16.61 25.25 -32.83
CA UNK N 163 -15.96 24.47 -31.78
C UNK N 163 -15.81 23.09 -32.36
N UNK N 164 -16.81 22.67 -33.10
CA UNK N 164 -16.74 21.39 -33.77
C UNK N 164 -15.56 21.45 -34.68
N UNK N 165 -15.36 22.62 -35.27
CA UNK N 165 -14.35 22.76 -36.29
C UNK N 165 -13.00 22.42 -35.74
N UNK N 166 -12.67 22.94 -34.58
CA UNK N 166 -11.38 22.57 -34.04
C UNK N 166 -11.35 21.08 -33.70
N UNK N 167 -12.44 20.58 -33.13
CA UNK N 167 -12.47 19.19 -32.66
C UNK N 167 -12.31 18.05 -33.68
N UNK N 168 -13.01 18.08 -34.81
CA UNK N 168 -12.83 16.99 -35.76
C UNK N 168 -11.36 16.78 -36.01
N UNK N 169 -10.62 17.85 -36.13
CA UNK N 169 -9.20 17.72 -36.33
C UNK N 169 -8.54 17.07 -35.12
N UNK N 170 -8.94 17.51 -33.92
CA UNK N 170 -8.27 17.00 -32.72
C UNK N 170 -8.34 15.52 -32.27
N UNK N 171 -9.50 14.89 -32.30
CA UNK N 171 -9.68 13.65 -31.61
C UNK N 171 -8.74 12.59 -32.12
N UNK N 172 -8.51 11.55 -31.32
CA UNK N 172 -7.67 10.45 -31.75
C UNK N 172 -8.40 9.11 -31.79
N UNK N 173 -8.88 8.70 -30.61
CA UNK N 173 -9.62 7.46 -30.38
C UNK N 173 -11.05 7.52 -30.92
N UNK N 174 -11.71 6.37 -31.08
CA UNK N 174 -13.05 6.39 -31.66
C UNK N 174 -14.14 7.18 -30.92
N UNK N 175 -14.35 7.01 -29.62
CA UNK N 175 -15.37 7.85 -29.02
C UNK N 175 -15.10 9.34 -29.00
N UNK N 176 -13.87 9.73 -28.74
CA UNK N 176 -13.59 11.14 -28.67
C UNK N 176 -13.94 11.78 -30.00
N UNK N 177 -13.59 11.12 -31.11
CA UNK N 177 -13.87 11.72 -32.42
C UNK N 177 -15.32 11.96 -32.81
N UNK N 178 -16.20 11.00 -32.61
CA UNK N 178 -17.59 11.20 -32.99
C UNK N 178 -18.26 12.27 -32.16
N UNK N 179 -18.00 12.23 -30.87
CA UNK N 179 -18.64 13.15 -29.95
C UNK N 179 -18.38 14.62 -30.16
N UNK N 180 -17.13 14.99 -30.42
CA UNK N 180 -16.83 16.40 -30.59
C UNK N 180 -17.66 16.87 -31.76
N UNK N 181 -17.78 16.01 -32.74
CA UNK N 181 -18.56 16.34 -33.92
C UNK N 181 -19.99 16.60 -33.53
N UNK N 182 -20.49 15.75 -32.65
CA UNK N 182 -21.87 15.83 -32.19
C UNK N 182 -22.39 17.24 -32.03
N UNK N 183 -21.63 18.06 -31.32
CA UNK N 183 -22.02 19.42 -31.08
C UNK N 183 -22.38 20.04 -32.38
N UNK N 184 -21.46 19.84 -33.30
CA UNK N 184 -21.59 20.57 -34.52
C UNK N 184 -22.82 20.10 -35.20
N UNK N 185 -23.05 18.80 -35.37
CA UNK N 185 -24.28 18.45 -36.09
C UNK N 185 -25.55 18.97 -35.39
N UNK N 186 -25.62 18.79 -34.08
CA UNK N 186 -26.77 19.25 -33.32
C UNK N 186 -26.84 20.76 -33.44
N UNK N 187 -25.67 21.39 -33.36
CA UNK N 187 -25.56 22.83 -33.46
C UNK N 187 -26.03 23.26 -34.84
N UNK N 188 -25.69 22.48 -35.86
CA UNK N 188 -26.09 22.81 -37.22
C UNK N 188 -27.61 22.83 -37.34
N UNK N 189 -28.28 21.82 -36.77
CA UNK N 189 -29.75 21.80 -36.83
C UNK N 189 -30.34 22.98 -36.03
N UNK N 190 -29.70 23.21 -34.90
CA UNK N 190 -29.96 24.18 -33.87
C UNK N 190 -30.36 25.52 -34.41
N UNK N 191 -29.70 25.95 -35.48
CA UNK N 191 -29.76 27.33 -35.91
C UNK N 191 -30.86 27.66 -36.92
N UNK N 192 -31.69 26.69 -37.21
CA UNK N 192 -32.71 26.87 -38.22
C UNK N 192 -34.00 27.33 -37.57
N UNK N 193 -33.90 27.72 -36.31
CA UNK N 193 -35.08 27.90 -35.51
C UNK N 193 -35.97 28.90 -36.20
N UNK N 194 -35.40 29.90 -36.84
CA UNK N 194 -36.27 30.93 -37.37
C UNK N 194 -37.29 30.25 -38.26
N UNK N 195 -36.80 29.33 -39.09
CA UNK N 195 -37.60 28.67 -40.12
C UNK N 195 -38.80 27.79 -39.80
N UNK N 196 -39.44 28.02 -38.67
CA UNK N 196 -40.61 27.21 -38.35
C UNK N 196 -40.22 25.78 -38.05
N UNK N 197 -41.20 24.90 -38.20
CA UNK N 197 -40.96 23.50 -37.91
C UNK N 197 -40.33 22.72 -39.05
N UNK N 198 -39.13 23.12 -39.41
CA UNK N 198 -38.40 22.40 -40.43
C UNK N 198 -37.11 21.87 -39.81
N UNK N 199 -36.73 22.45 -38.68
CA UNK N 199 -35.52 22.08 -37.97
C UNK N 199 -35.69 20.77 -37.25
N UNK N 200 -36.61 20.78 -36.28
CA UNK N 200 -36.95 19.61 -35.47
C UNK N 200 -37.03 18.51 -36.41
N UNK N 201 -38.01 18.44 -37.27
CA UNK N 201 -38.14 17.17 -37.92
C UNK N 201 -36.88 16.79 -38.69
N UNK N 202 -36.31 17.70 -39.46
CA UNK N 202 -35.20 17.32 -40.32
C UNK N 202 -33.94 16.85 -39.58
N UNK N 203 -33.54 17.61 -38.56
CA UNK N 203 -32.34 17.37 -37.83
C UNK N 203 -32.57 16.13 -37.06
N UNK N 204 -33.72 16.12 -36.40
CA UNK N 204 -33.93 15.10 -35.43
C UNK N 204 -34.03 13.84 -36.20
N UNK N 205 -34.91 13.77 -37.19
CA UNK N 205 -35.06 12.49 -37.85
C UNK N 205 -33.76 12.06 -38.52
N UNK N 206 -33.15 13.00 -39.24
CA UNK N 206 -31.86 12.73 -39.87
C UNK N 206 -30.77 12.52 -38.83
N UNK N 207 -30.76 13.39 -37.82
CA UNK N 207 -29.74 13.33 -36.78
C UNK N 207 -29.87 12.03 -36.00
N UNK N 208 -31.10 11.68 -35.63
CA UNK N 208 -31.33 10.50 -34.81
C UNK N 208 -30.86 9.22 -35.50
N UNK N 209 -31.44 8.92 -36.65
CA UNK N 209 -31.19 7.67 -37.34
C UNK N 209 -29.73 7.51 -37.75
N UNK N 210 -29.14 8.58 -38.27
CA UNK N 210 -27.75 8.53 -38.68
C UNK N 210 -26.84 8.24 -37.49
N UNK N 211 -27.13 8.89 -36.38
CA UNK N 211 -26.35 8.68 -35.16
C UNK N 211 -26.48 7.24 -34.70
N UNK N 212 -27.69 6.70 -34.80
CA UNK N 212 -27.94 5.32 -34.39
C UNK N 212 -27.14 4.37 -35.27
N UNK N 213 -27.10 4.66 -36.57
CA UNK N 213 -26.36 3.83 -37.49
C UNK N 213 -24.88 3.87 -37.16
N UNK N 214 -24.39 5.06 -36.82
CA UNK N 214 -22.98 5.22 -36.47
C UNK N 214 -22.67 4.40 -35.22
N UNK N 215 -23.58 4.43 -34.25
CA UNK N 215 -23.40 3.67 -33.02
C UNK N 215 -23.36 2.18 -33.32
N UNK N 216 -24.23 1.74 -34.22
CA UNK N 216 -24.26 0.34 -34.60
C UNK N 216 -22.95 -0.07 -35.26
N UNK N 217 -22.43 0.81 -36.10
CA UNK N 217 -21.16 0.56 -36.77
C UNK N 217 -20.04 0.45 -35.76
N UNK N 218 -20.07 1.32 -34.75
CA UNK N 218 -19.08 1.30 -33.68
C UNK N 218 -19.14 -0.02 -32.92
N UNK N 219 -20.35 -0.44 -32.57
CA UNK N 219 -20.48 -1.61 -31.73
C UNK N 219 -20.34 -2.90 -32.50
N UNK N 220 -19.33 -3.66 -32.13
CA UNK N 220 -19.01 -4.94 -32.73
C UNK N 220 -17.55 -5.20 -32.44
N UNK N 221 -16.74 -4.32 -33.01
CA UNK N 221 -15.35 -4.38 -32.89
C UNK N 221 -15.28 -3.17 -32.01
N UNK N 222 -14.47 -3.26 -30.98
CA UNK N 222 -14.35 -2.18 -30.05
C UNK N 222 -12.87 -1.95 -29.85
N UNK N 223 -12.52 -0.79 -29.30
CA UNK N 223 -13.52 0.19 -28.90
C UNK N 223 -14.39 0.75 -30.03
N UNK N 224 -13.80 1.07 -31.17
CA UNK N 224 -12.37 0.96 -31.39
C UNK N 224 -11.81 2.25 -31.96
N UNK N 225 -10.54 2.51 -31.67
CA UNK N 225 -9.88 3.72 -32.16
C UNK N 225 -9.76 3.58 -33.66
N UNK N 226 -9.66 4.69 -34.37
CA UNK N 226 -9.56 4.62 -35.82
C UNK N 226 -8.31 3.81 -36.14
N UNK N 227 -7.20 3.77 -35.46
CA UNK N 227 -6.28 2.76 -36.05
C UNK N 227 -6.91 1.30 -36.06
N UNK N 228 -7.58 1.03 -34.95
CA UNK N 228 -8.23 -0.26 -34.72
C UNK N 228 -9.28 -0.59 -35.77
N UNK N 229 -10.01 0.40 -36.25
CA UNK N 229 -11.04 0.14 -37.24
C UNK N 229 -10.48 -0.48 -38.53
N UNK N 230 -9.38 0.05 -39.05
CA UNK N 230 -8.77 -0.49 -40.27
C UNK N 230 -8.29 -1.91 -39.99
N UNK N 231 -7.73 -2.07 -38.79
CA UNK N 231 -7.26 -3.42 -38.49
C UNK N 231 -8.44 -4.42 -38.53
N UNK N 232 -9.55 -4.04 -37.91
CA UNK N 232 -10.76 -4.88 -37.84
C UNK N 232 -11.30 -5.13 -39.24
N UNK N 233 -11.11 -4.12 -40.07
CA UNK N 233 -11.53 -4.06 -41.45
C UNK N 233 -10.93 -5.15 -42.34
N UNK N 234 -9.65 -5.53 -42.17
CA UNK N 234 -9.17 -6.63 -43.11
C UNK N 234 -10.06 -7.92 -42.96
N UNK N 235 -10.26 -8.19 -41.68
CA UNK N 235 -11.09 -8.96 -40.77
C UNK N 235 -12.51 -9.13 -41.30
N UNK N 236 -13.08 -8.04 -41.82
CA UNK N 236 -14.41 -8.09 -42.43
C UNK N 236 -14.52 -7.08 -43.57
N UNK N 237 -15.33 -7.40 -44.58
CA UNK N 237 -15.51 -6.48 -45.71
C UNK N 237 -16.82 -5.68 -45.69
N UNK N 238 -17.93 -6.36 -45.45
CA UNK N 238 -19.26 -5.76 -45.58
C UNK N 238 -19.55 -4.61 -44.62
N UNK N 239 -19.14 -4.78 -43.37
CA UNK N 239 -19.45 -3.85 -42.30
C UNK N 239 -18.57 -2.63 -42.43
N UNK N 240 -17.30 -2.83 -42.75
CA UNK N 240 -16.38 -1.73 -42.89
C UNK N 240 -16.82 -0.80 -44.03
N UNK N 241 -17.26 -1.40 -45.13
CA UNK N 241 -17.72 -0.62 -46.26
C UNK N 241 -18.95 0.19 -45.89
N UNK N 242 -19.85 -0.43 -45.12
CA UNK N 242 -21.06 0.24 -44.69
C UNK N 242 -20.69 1.43 -43.81
N UNK N 243 -19.72 1.23 -42.93
CA UNK N 243 -19.27 2.27 -42.03
C UNK N 243 -18.69 3.43 -42.83
N UNK N 244 -17.93 3.10 -43.86
CA UNK N 244 -17.34 4.13 -44.71
C UNK N 244 -18.43 4.93 -45.39
N UNK N 245 -19.45 4.25 -45.89
CA UNK N 245 -20.55 4.94 -46.57
C UNK N 245 -21.26 5.87 -45.60
N UNK N 246 -21.47 5.41 -44.37
CA UNK N 246 -22.12 6.22 -43.35
C UNK N 246 -21.27 7.45 -43.05
N UNK N 247 -19.96 7.25 -42.98
CA UNK N 247 -19.03 8.35 -42.72
C UNK N 247 -19.10 9.36 -43.86
N UNK N 248 -19.19 8.85 -45.08
CA UNK N 248 -19.26 9.69 -46.26
C UNK N 248 -20.53 10.53 -46.22
N UNK N 249 -21.61 9.92 -45.76
CA UNK N 249 -22.89 10.62 -45.67
C UNK N 249 -22.81 11.79 -44.71
N UNK N 250 -22.15 11.56 -43.58
CA UNK N 250 -22.00 12.58 -42.56
C UNK N 250 -21.46 13.86 -43.19
N UNK N 251 -20.57 13.69 -44.16
CA UNK N 251 -19.99 14.83 -44.86
C UNK N 251 -21.13 15.60 -45.53
N UNK N 252 -22.10 14.85 -46.05
CA UNK N 252 -23.27 15.42 -46.70
C UNK N 252 -23.07 15.78 -48.17
N UNK N 253 -21.93 15.42 -48.74
CA UNK N 253 -21.67 15.70 -50.14
C UNK N 253 -22.69 14.94 -50.98
N UNK N 254 -23.21 15.58 -52.02
CA UNK N 254 -24.20 14.93 -52.87
C UNK N 254 -23.61 13.72 -53.61
N UNK N 255 -24.37 12.62 -53.67
CA UNK N 255 -25.70 12.52 -53.07
C UNK N 255 -25.66 11.53 -51.91
N UNK N 256 -25.98 12.01 -50.70
CA UNK N 256 -25.91 11.14 -49.51
C UNK N 256 -26.65 11.62 -48.24
N UNK N 257 -27.68 10.88 -47.82
CA UNK N 257 -28.46 11.15 -46.60
C UNK N 257 -28.38 12.56 -45.98
N UNK N 258 -27.16 13.02 -45.71
CA UNK N 258 -26.93 14.33 -45.14
C UNK N 258 -27.46 15.37 -46.11
N UNK N 259 -27.27 15.10 -47.39
CA UNK N 259 -27.70 16.02 -48.43
C UNK N 259 -29.19 16.22 -48.27
N UNK N 260 -29.89 15.16 -47.91
CA UNK N 260 -31.32 15.28 -47.76
C UNK N 260 -31.61 16.35 -46.73
N UNK N 261 -30.83 16.40 -45.66
CA UNK N 261 -31.05 17.41 -44.64
C UNK N 261 -30.68 18.76 -45.19
N UNK N 262 -29.38 18.93 -45.33
CA UNK N 262 -28.74 20.14 -45.82
C UNK N 262 -29.58 20.85 -46.88
N UNK N 263 -30.13 20.08 -47.81
CA UNK N 263 -30.96 20.65 -48.86
C UNK N 263 -32.18 21.27 -48.21
N UNK N 264 -32.71 20.55 -47.23
CA UNK N 264 -33.90 20.98 -46.49
C UNK N 264 -33.60 22.25 -45.72
N UNK N 265 -32.40 22.33 -45.15
CA UNK N 265 -32.02 23.49 -44.36
C UNK N 265 -31.70 24.70 -45.23
N UNK N 266 -30.98 24.47 -46.32
CA UNK N 266 -30.63 25.52 -47.25
C UNK N 266 -31.91 26.06 -47.85
N UNK N 267 -32.81 25.13 -48.14
CA UNK N 267 -34.11 25.45 -48.72
C UNK N 267 -34.87 26.30 -47.75
N UNK N 268 -34.78 25.97 -46.46
CA UNK N 268 -35.50 26.78 -45.48
C UNK N 268 -34.75 28.08 -45.27
N UNK N 269 -33.42 27.99 -45.24
CA UNK N 269 -32.58 29.15 -45.08
C UNK N 269 -32.79 30.08 -46.26
N UNK N 270 -32.90 29.49 -47.44
CA UNK N 270 -33.16 30.24 -48.68
C UNK N 270 -34.51 30.93 -48.65
N UNK N 271 -35.52 30.27 -48.10
CA UNK N 271 -36.83 30.88 -47.92
C UNK N 271 -36.76 32.05 -46.96
N UNK N 272 -35.99 31.86 -45.89
CA UNK N 272 -35.79 32.90 -44.88
C UNK N 272 -35.13 34.07 -45.57
N UNK N 273 -34.27 33.72 -46.52
CA UNK N 273 -33.48 34.65 -47.29
C UNK N 273 -32.16 35.03 -46.64
N UNK N 274 -31.71 34.35 -45.58
CA UNK N 274 -30.50 34.90 -45.01
C UNK N 274 -29.28 34.16 -45.54
N UNK N 275 -28.43 34.84 -46.28
CA UNK N 275 -27.20 34.22 -46.77
C UNK N 275 -26.24 33.82 -45.63
N UNK N 276 -25.90 34.81 -44.85
CA UNK N 276 -24.58 34.86 -44.28
C UNK N 276 -24.40 33.56 -43.57
N UNK N 277 -25.50 33.10 -42.97
CA UNK N 277 -25.54 31.84 -42.31
C UNK N 277 -25.11 30.84 -43.36
N UNK N 278 -25.51 31.07 -44.60
CA UNK N 278 -25.20 30.10 -45.60
C UNK N 278 -23.73 29.92 -45.69
N UNK N 279 -23.02 31.03 -45.79
CA UNK N 279 -21.59 30.90 -46.04
C UNK N 279 -20.93 30.21 -44.88
N UNK N 280 -21.27 30.68 -43.67
CA UNK N 280 -20.49 30.20 -42.55
C UNK N 280 -20.74 28.72 -42.45
N UNK N 281 -22.01 28.36 -42.61
CA UNK N 281 -22.39 26.99 -42.40
C UNK N 281 -21.73 26.07 -43.41
N UNK N 282 -21.69 26.47 -44.66
CA UNK N 282 -21.15 25.57 -45.66
C UNK N 282 -19.73 25.30 -45.28
N UNK N 283 -18.99 26.34 -44.94
CA UNK N 283 -17.57 26.12 -44.67
C UNK N 283 -17.35 25.20 -43.48
N UNK N 284 -18.14 25.47 -42.46
CA UNK N 284 -17.94 24.77 -41.23
C UNK N 284 -18.20 23.31 -41.52
N UNK N 285 -19.17 23.07 -42.39
CA UNK N 285 -19.55 21.71 -42.74
C UNK N 285 -18.40 21.00 -43.42
N UNK N 286 -17.70 21.72 -44.28
CA UNK N 286 -16.62 21.11 -45.02
C UNK N 286 -15.64 20.61 -43.96
N UNK N 287 -15.52 21.37 -42.89
CA UNK N 287 -14.62 21.01 -41.82
C UNK N 287 -15.03 19.69 -41.21
N UNK N 288 -16.33 19.51 -41.00
CA UNK N 288 -16.79 18.26 -40.43
C UNK N 288 -16.46 17.14 -41.39
N UNK N 289 -16.66 17.40 -42.67
CA UNK N 289 -16.48 16.40 -43.70
C UNK N 289 -15.05 15.96 -43.69
N UNK N 290 -14.16 16.91 -43.43
CA UNK N 290 -12.75 16.60 -43.50
C UNK N 290 -12.49 15.52 -42.49
N UNK N 291 -13.07 15.64 -41.30
CA UNK N 291 -12.70 14.74 -40.24
C UNK N 291 -13.01 13.34 -40.73
N UNK N 292 -14.19 13.17 -41.31
CA UNK N 292 -14.47 11.89 -41.93
C UNK N 292 -13.58 11.67 -43.12
N UNK N 293 -13.34 12.68 -43.92
CA UNK N 293 -12.47 12.32 -44.99
C UNK N 293 -11.37 11.60 -44.22
N UNK N 294 -10.98 12.08 -43.04
CA UNK N 294 -9.92 11.42 -42.32
C UNK N 294 -10.36 10.00 -42.08
N UNK N 295 -11.56 9.79 -41.56
CA UNK N 295 -11.88 8.45 -41.05
C UNK N 295 -11.92 7.38 -42.13
N UNK N 296 -12.62 7.73 -43.20
CA UNK N 296 -12.87 6.90 -44.36
C UNK N 296 -11.58 6.56 -45.05
N UNK N 297 -10.55 7.32 -44.70
CA UNK N 297 -9.24 7.11 -45.28
C UNK N 297 -8.87 5.69 -44.89
N UNK N 298 -9.57 5.15 -43.88
CA UNK N 298 -9.27 3.82 -43.42
C UNK N 298 -9.67 2.90 -44.57
N UNK N 299 -8.87 2.92 -45.64
CA UNK N 299 -9.11 2.12 -46.82
C UNK N 299 -7.84 2.01 -47.68
N UNK N 300 -28.49 -4.64 -32.36
CA UNK N 300 -28.09 -5.27 -33.61
C UNK N 300 -29.27 -5.40 -34.56
N UNK N 301 -30.49 -5.75 -34.17
CA UNK N 301 -31.51 -5.75 -35.26
C UNK N 301 -31.65 -4.34 -35.85
N UNK N 302 -31.62 -3.41 -34.91
CA UNK N 302 -31.75 -2.03 -35.23
C UNK N 302 -30.59 -1.70 -36.15
N UNK N 303 -29.49 -2.43 -36.03
CA UNK N 303 -28.33 -2.15 -36.88
C UNK N 303 -28.63 -2.32 -38.36
N UNK N 304 -29.29 -3.41 -38.71
CA UNK N 304 -29.61 -3.63 -40.11
C UNK N 304 -30.52 -2.51 -40.53
N UNK N 305 -31.49 -2.21 -39.66
CA UNK N 305 -32.47 -1.21 -40.09
C UNK N 305 -31.79 0.12 -40.39
N UNK N 306 -30.83 0.47 -39.54
CA UNK N 306 -30.12 1.74 -39.62
C UNK N 306 -29.31 2.18 -40.86
N UNK N 307 -28.20 1.51 -41.15
CA UNK N 307 -27.34 1.95 -42.23
C UNK N 307 -27.99 2.02 -43.60
N UNK N 308 -28.78 1.03 -43.93
CA UNK N 308 -29.41 1.02 -45.23
C UNK N 308 -30.31 2.23 -45.40
N UNK N 309 -31.05 2.54 -44.35
CA UNK N 309 -31.99 3.63 -44.39
C UNK N 309 -31.42 5.02 -44.62
N UNK N 310 -30.29 5.35 -44.00
CA UNK N 310 -29.73 6.69 -44.17
C UNK N 310 -29.24 7.16 -45.55
N UNK N 311 -28.44 6.35 -46.23
CA UNK N 311 -27.92 6.77 -47.54
C UNK N 311 -28.90 6.88 -48.71
N UNK N 312 -29.77 5.88 -48.81
CA UNK N 312 -30.76 5.74 -49.87
C UNK N 312 -32.00 6.64 -49.85
N UNK N 313 -32.52 6.90 -48.65
CA UNK N 313 -33.74 7.68 -48.51
C UNK N 313 -33.51 9.00 -49.17
N UNK N 314 -32.30 9.49 -49.01
CA UNK N 314 -31.89 10.74 -49.60
C UNK N 314 -32.39 10.86 -51.02
N UNK N 315 -32.21 9.80 -51.82
CA UNK N 315 -32.67 9.91 -53.19
C UNK N 315 -34.18 10.22 -53.28
N UNK N 316 -34.97 9.63 -52.40
CA UNK N 316 -36.42 9.80 -52.36
C UNK N 316 -36.89 10.80 -51.29
N UNK N 317 -35.95 11.57 -50.75
CA UNK N 317 -36.20 12.54 -49.69
C UNK N 317 -37.18 13.70 -49.96
N UNK N 318 -37.19 14.24 -51.18
CA UNK N 318 -38.05 15.39 -51.48
C UNK N 318 -39.57 15.16 -51.31
N UNK N 319 -40.07 14.02 -51.75
CA UNK N 319 -41.50 13.71 -51.61
C UNK N 319 -41.65 12.92 -50.32
N UNK N 320 -40.54 12.74 -49.63
CA UNK N 320 -40.54 12.01 -48.37
C UNK N 320 -40.43 12.95 -47.17
N UNK N 321 -39.79 14.10 -47.39
CA UNK N 321 -39.62 15.08 -46.33
C UNK N 321 -40.97 15.60 -45.86
N UNK N 322 -41.88 15.84 -46.81
CA UNK N 322 -43.20 16.34 -46.48
C UNK N 322 -43.94 15.29 -45.65
N UNK N 323 -43.79 14.03 -46.02
CA UNK N 323 -44.43 12.94 -45.29
C UNK N 323 -43.90 12.88 -43.87
N UNK N 324 -42.59 13.07 -43.73
CA UNK N 324 -41.95 13.05 -42.41
C UNK N 324 -42.50 14.18 -41.57
N UNK N 325 -42.67 15.34 -42.19
CA UNK N 325 -43.20 16.51 -41.50
C UNK N 325 -44.62 16.25 -41.02
N UNK N 326 -45.40 15.59 -41.87
CA UNK N 326 -46.79 15.27 -41.55
C UNK N 326 -47.65 16.53 -41.47
N UNK O 1 -17.74 -25.76 -7.88
CA UNK O 1 -16.33 -25.55 -8.12
C UNK O 1 -15.55 -26.86 -8.07
N UNK O 2 -14.25 -26.82 -8.40
CA UNK O 2 -13.56 -25.60 -8.82
C UNK O 2 -12.62 -25.86 -9.99
N UNK O 3 -11.36 -25.49 -9.81
CA UNK O 3 -10.35 -25.68 -10.87
C UNK O 3 -8.93 -25.95 -10.34
N UNK O 4 -8.11 -26.56 -11.20
CA UNK O 4 -6.72 -26.88 -10.89
C UNK O 4 -5.92 -27.24 -12.15
N UNK O 5 -4.59 -27.17 -12.08
CA UNK O 5 -3.75 -27.55 -13.21
C UNK O 5 -2.32 -27.93 -12.81
N UNK O 6 -1.65 -28.68 -13.66
CA UNK O 6 -0.27 -29.09 -13.41
C UNK O 6 0.70 -27.96 -13.75
N UNK O 7 1.69 -27.71 -12.90
CA UNK O 7 2.61 -26.60 -13.17
C UNK O 7 4.10 -26.77 -12.86
N UNK O 8 4.83 -27.45 -13.74
CA UNK O 8 6.26 -27.76 -13.58
C UNK O 8 7.13 -27.45 -14.80
N UNK O 9 8.45 -27.60 -14.64
CA UNK O 9 9.41 -27.33 -15.71
C UNK O 9 9.06 -28.20 -16.92
N UNK O 10 9.26 -27.66 -18.12
CA UNK O 10 8.84 -28.36 -19.34
C UNK O 10 9.27 -29.84 -19.38
N UNK O 11 8.43 -30.68 -19.97
CA UNK O 11 8.70 -32.10 -20.01
C UNK O 11 8.67 -32.71 -18.62
N UNK O 12 7.80 -32.11 -17.84
CA UNK O 12 7.19 -32.75 -16.72
C UNK O 12 6.11 -33.42 -17.53
N UNK O 13 6.57 -34.33 -18.37
CA UNK O 13 5.67 -35.22 -19.08
C UNK O 13 4.93 -35.97 -17.98
N UNK O 14 5.62 -36.20 -16.87
CA UNK O 14 5.03 -36.66 -15.64
C UNK O 14 4.02 -35.63 -15.16
N UNK O 15 4.24 -34.35 -15.41
CA UNK O 15 3.23 -33.34 -15.05
C UNK O 15 1.95 -33.58 -15.85
N UNK O 16 2.14 -33.86 -17.12
CA UNK O 16 1.03 -34.16 -18.00
C UNK O 16 0.37 -35.42 -17.47
N UNK O 17 1.20 -36.28 -16.88
CA UNK O 17 0.73 -37.52 -16.29
C UNK O 17 -0.22 -37.19 -15.15
N UNK O 18 0.11 -36.14 -14.42
CA UNK O 18 -0.65 -35.77 -13.23
C UNK O 18 -2.09 -35.50 -13.61
N UNK O 19 -2.30 -35.03 -14.83
CA UNK O 19 -3.64 -34.88 -15.39
C UNK O 19 -4.30 -36.25 -15.49
N UNK O 20 -3.49 -37.23 -15.85
CA UNK O 20 -3.90 -38.61 -15.92
C UNK O 20 -4.30 -39.09 -14.52
N UNK O 21 -3.59 -38.59 -13.52
CA UNK O 21 -3.90 -38.79 -12.12
C UNK O 21 -5.24 -38.17 -11.73
N UNK O 22 -5.49 -36.97 -12.25
CA UNK O 22 -6.75 -36.29 -12.06
C UNK O 22 -7.79 -37.22 -12.65
N UNK O 23 -7.33 -38.07 -13.53
CA UNK O 23 -8.22 -38.91 -14.28
C UNK O 23 -9.00 -39.72 -13.26
N UNK O 24 -8.55 -39.68 -12.01
CA UNK O 24 -9.27 -40.34 -10.94
C UNK O 24 -10.65 -39.70 -10.83
N UNK O 25 -10.61 -38.37 -10.88
CA UNK O 25 -11.76 -37.48 -10.76
C UNK O 25 -12.61 -37.32 -12.01
N UNK O 26 -13.78 -36.72 -11.80
CA UNK O 26 -14.79 -36.49 -12.82
C UNK O 26 -14.58 -35.56 -14.03
N UNK O 27 -14.00 -34.38 -13.87
CA UNK O 27 -13.89 -33.47 -15.03
C UNK O 27 -12.57 -33.25 -15.75
N UNK O 28 -12.50 -33.72 -16.98
CA UNK O 28 -11.29 -33.60 -17.77
C UNK O 28 -11.49 -32.84 -19.06
N UNK O 29 -10.64 -31.87 -19.37
CA UNK O 29 -9.46 -31.43 -18.61
C UNK O 29 -8.20 -32.16 -18.99
N UNK O 30 -7.58 -31.69 -20.07
CA UNK O 30 -6.36 -32.28 -20.57
C UNK O 30 -5.90 -31.84 -21.94
N UNK O 31 -5.79 -30.55 -22.16
CA UNK O 31 -5.32 -30.07 -23.44
C UNK O 31 -4.05 -29.28 -23.17
N UNK O 32 -3.01 -29.58 -23.93
CA UNK O 32 -1.75 -28.87 -23.72
C UNK O 32 -1.48 -27.91 -24.85
N UNK O 33 -1.26 -26.66 -24.47
CA UNK O 33 -0.98 -25.61 -25.44
C UNK O 33 0.51 -25.44 -25.58
N UNK O 34 8.91 -25.55 -35.00
CA UNK O 34 8.37 -25.43 -33.65
C UNK O 34 9.50 -25.41 -32.65
N UNK O 35 9.94 -26.53 -32.10
CA UNK O 35 11.00 -26.43 -31.09
C UNK O 35 12.30 -25.75 -31.57
N UNK O 36 12.71 -26.06 -32.79
CA UNK O 36 13.99 -25.57 -33.32
C UNK O 36 13.99 -24.06 -33.41
N UNK O 37 12.79 -23.50 -33.47
CA UNK O 37 12.66 -22.07 -33.39
C UNK O 37 13.22 -21.67 -32.05
N UNK O 38 12.85 -22.44 -31.03
CA UNK O 38 13.28 -22.14 -29.68
C UNK O 38 14.79 -22.25 -29.70
N UNK O 39 15.25 -23.22 -30.45
CA UNK O 39 16.66 -23.51 -30.56
C UNK O 39 17.48 -22.35 -31.10
N UNK O 40 16.93 -21.64 -32.08
CA UNK O 40 17.68 -20.58 -32.69
C UNK O 40 18.04 -19.77 -31.48
N UNK O 41 19.26 -19.25 -31.44
CA UNK O 41 19.65 -18.49 -30.28
C UNK O 41 18.64 -17.39 -30.05
N UNK O 42 18.21 -16.71 -31.10
CA UNK O 42 17.18 -15.69 -30.90
C UNK O 42 16.00 -15.94 -31.85
N UNK O 43 16.21 -15.67 -33.14
CA UNK O 43 17.45 -15.04 -33.56
C UNK O 43 17.28 -14.36 -34.91
N UNK O 44 17.85 -13.17 -35.06
CA UNK O 44 17.76 -12.45 -36.32
C UNK O 44 16.30 -12.35 -36.70
N UNK O 45 15.45 -12.18 -35.69
CA UNK O 45 14.03 -12.07 -35.94
C UNK O 45 13.48 -13.43 -36.33
N UNK O 46 12.19 -13.47 -36.61
CA UNK O 46 11.52 -14.69 -37.04
C UNK O 46 10.96 -15.67 -36.00
N UNK O 47 11.18 -15.46 -34.70
CA UNK O 47 10.55 -16.39 -33.78
C UNK O 47 9.88 -15.73 -32.55
N UNK O 48 10.69 -15.21 -31.64
CA UNK O 48 10.36 -15.26 -30.22
C UNK O 48 9.11 -14.57 -29.64
N UNK O 49 8.86 -13.30 -29.95
CA UNK O 49 7.69 -12.64 -29.36
C UNK O 49 6.44 -13.28 -29.91
N UNK O 50 6.50 -13.56 -31.20
CA UNK O 50 5.37 -14.09 -31.90
C UNK O 50 5.09 -15.42 -31.25
N UNK O 51 6.16 -16.14 -30.99
CA UNK O 51 6.02 -17.48 -30.43
C UNK O 51 5.39 -17.43 -29.06
N UNK O 52 5.78 -16.47 -28.26
CA UNK O 52 5.21 -16.36 -26.94
C UNK O 52 3.71 -16.13 -27.06
N UNK O 53 3.37 -15.11 -27.83
CA UNK O 53 2.09 -14.43 -27.73
C UNK O 53 0.91 -15.30 -28.07
N UNK O 54 1.02 -16.04 -29.15
CA UNK O 54 -0.08 -16.88 -29.58
C UNK O 54 -0.36 -17.81 -28.43
N UNK O 55 0.71 -18.19 -27.75
CA UNK O 55 0.63 -19.13 -26.65
C UNK O 55 -0.35 -18.53 -25.67
N UNK O 56 -0.34 -17.21 -25.58
CA UNK O 56 -1.24 -16.47 -24.71
C UNK O 56 -2.69 -16.60 -25.16
N UNK O 57 -2.92 -16.52 -26.46
CA UNK O 57 -4.27 -16.63 -27.00
C UNK O 57 -4.81 -18.02 -26.71
N UNK O 58 -3.98 -19.03 -26.91
CA UNK O 58 -4.35 -20.40 -26.63
C UNK O 58 -4.56 -20.46 -25.13
N UNK O 59 -3.67 -19.75 -24.43
CA UNK O 59 -3.70 -19.68 -22.98
C UNK O 59 -4.97 -19.02 -22.44
N UNK O 60 -5.43 -17.95 -23.09
CA UNK O 60 -6.61 -17.29 -22.59
C UNK O 60 -7.82 -17.88 -23.30
N UNK O 61 -7.67 -18.06 -24.60
CA UNK O 61 -8.80 -18.49 -25.38
C UNK O 61 -9.19 -19.84 -24.84
N UNK O 62 -8.20 -20.67 -24.54
CA UNK O 62 -8.49 -21.97 -23.98
C UNK O 62 -9.17 -21.69 -22.67
N UNK O 63 -8.71 -20.63 -22.00
CA UNK O 63 -9.14 -20.40 -20.62
C UNK O 63 -10.63 -20.31 -20.62
N UNK O 64 -11.13 -19.50 -21.53
CA UNK O 64 -12.48 -19.01 -21.43
C UNK O 64 -13.36 -20.22 -21.53
N UNK O 65 -12.96 -21.10 -22.41
CA UNK O 65 -13.79 -22.23 -22.77
C UNK O 65 -14.05 -22.98 -21.48
N UNK O 66 -13.08 -22.93 -20.57
CA UNK O 66 -13.28 -23.52 -19.29
C UNK O 66 -14.44 -22.82 -18.60
N UNK O 67 -14.52 -21.51 -18.68
CA UNK O 67 -15.59 -20.79 -17.99
C UNK O 67 -16.92 -21.23 -18.55
N UNK O 68 -16.93 -21.42 -19.86
CA UNK O 68 -18.12 -21.85 -20.57
C UNK O 68 -18.59 -23.25 -20.18
N UNK O 69 -17.66 -24.18 -19.99
CA UNK O 69 -17.99 -25.52 -19.48
C UNK O 69 -18.54 -25.34 -18.09
N UNK O 70 -17.91 -24.39 -17.41
CA UNK O 70 -18.15 -23.99 -16.04
C UNK O 70 -19.59 -23.56 -15.92
N UNK O 71 -20.20 -23.24 -17.05
CA UNK O 71 -21.62 -22.94 -17.08
C UNK O 71 -22.35 -24.19 -16.61
N UNK O 72 -21.85 -25.32 -17.08
CA UNK O 72 -22.46 -26.60 -16.86
C UNK O 72 -21.59 -27.29 -15.84
N UNK O 73 -22.22 -27.73 -14.77
CA UNK O 73 -21.48 -28.16 -13.59
C UNK O 73 -20.57 -29.36 -13.78
N UNK O 74 -19.47 -29.29 -13.06
CA UNK O 74 -18.45 -30.32 -12.88
C UNK O 74 -18.00 -29.94 -11.47
N UNK O 75 -18.06 -30.86 -10.52
CA UNK O 75 -17.65 -30.54 -9.14
C UNK O 75 -16.27 -29.89 -9.16
N UNK O 76 -15.55 -30.08 -10.26
CA UNK O 76 -14.25 -29.48 -10.46
C UNK O 76 -13.79 -29.60 -11.91
N UNK O 77 -12.84 -28.78 -12.32
CA UNK O 77 -12.26 -28.86 -13.65
C UNK O 77 -10.77 -28.62 -13.48
N UNK O 78 -9.91 -29.46 -14.04
CA UNK O 78 -8.47 -29.23 -13.90
C UNK O 78 -7.76 -29.26 -15.23
N UNK O 79 -6.99 -28.23 -15.52
CA UNK O 79 -6.29 -28.20 -16.80
C UNK O 79 -4.80 -28.43 -16.68
N UNK O 80 -4.13 -28.39 -17.82
CA UNK O 80 -2.68 -28.50 -17.94
C UNK O 80 -2.29 -27.04 -18.29
N UNK O 81 -1.35 -26.42 -17.56
CA UNK O 81 -0.90 -25.03 -17.85
C UNK O 81 -1.62 -23.87 -17.11
N UNK O 82 -1.02 -22.67 -17.08
CA UNK O 82 -1.59 -21.48 -16.38
C UNK O 82 -1.37 -20.08 -17.02
N UNK O 83 -2.22 -19.12 -16.68
CA UNK O 83 -2.16 -17.77 -17.22
C UNK O 83 -0.96 -17.10 -16.64
N UNK O 84 -0.79 -17.27 -15.35
CA UNK O 84 0.38 -16.70 -14.74
C UNK O 84 1.57 -17.41 -15.37
N UNK O 85 1.45 -18.72 -15.49
CA UNK O 85 2.61 -19.54 -15.85
C UNK O 85 3.19 -19.27 -17.24
N UNK O 86 2.35 -19.24 -18.26
CA UNK O 86 2.79 -18.65 -19.50
C UNK O 86 3.73 -17.54 -19.09
N UNK O 87 3.33 -16.82 -18.06
CA UNK O 87 4.12 -15.68 -17.62
C UNK O 87 5.50 -16.16 -17.23
N UNK O 88 5.56 -17.27 -16.52
CA UNK O 88 6.85 -17.84 -16.14
C UNK O 88 7.73 -18.29 -17.29
N UNK O 89 7.14 -18.95 -18.29
CA UNK O 89 7.95 -19.40 -19.42
C UNK O 89 8.54 -18.14 -20.06
N UNK O 90 7.68 -17.11 -20.12
CA UNK O 90 8.05 -15.85 -20.73
C UNK O 90 9.18 -15.16 -19.98
N UNK O 91 9.11 -15.22 -18.67
CA UNK O 91 10.13 -14.64 -17.79
C UNK O 91 11.42 -15.36 -18.03
N UNK O 92 11.29 -16.66 -18.28
CA UNK O 92 12.43 -17.52 -18.51
C UNK O 92 13.13 -17.02 -19.76
N UNK O 93 12.34 -16.72 -20.76
CA UNK O 93 12.93 -16.17 -21.96
C UNK O 93 13.55 -14.79 -21.70
N UNK O 94 12.80 -13.94 -21.02
CA UNK O 94 13.12 -12.52 -20.92
C UNK O 94 14.41 -12.21 -20.18
N UNK O 95 14.65 -12.96 -19.12
CA UNK O 95 15.96 -13.06 -18.52
C UNK O 95 16.92 -13.74 -19.51
N UNK O 96 16.43 -14.71 -20.24
CA UNK O 96 17.33 -15.55 -21.01
C UNK O 96 18.09 -14.67 -21.98
N UNK O 97 17.50 -13.54 -22.29
CA UNK O 97 18.13 -12.59 -23.16
C UNK O 97 17.92 -13.01 -24.59
N UNK O 98 17.24 -14.13 -24.78
CA UNK O 98 16.85 -14.44 -26.12
C UNK O 98 15.91 -13.31 -26.55
N UNK O 99 14.97 -12.96 -25.68
CA UNK O 99 13.99 -11.93 -25.98
C UNK O 99 14.52 -10.51 -25.96
N UNK O 100 14.02 -9.67 -26.86
CA UNK O 100 14.25 -8.25 -26.79
C UNK O 100 13.41 -7.65 -25.67
N UNK O 101 13.84 -6.50 -25.14
CA UNK O 101 13.10 -5.80 -24.08
C UNK O 101 11.73 -5.31 -24.55
N UNK O 102 11.67 -4.82 -25.79
CA UNK O 102 10.38 -4.39 -26.26
C UNK O 102 9.44 -5.57 -26.25
N UNK O 103 9.92 -6.74 -26.68
CA UNK O 103 9.05 -7.90 -26.76
C UNK O 103 8.55 -8.31 -25.38
N UNK O 104 9.44 -8.28 -24.40
CA UNK O 104 9.05 -8.67 -23.04
C UNK O 104 8.01 -7.69 -22.54
N UNK O 105 8.25 -6.42 -22.82
CA UNK O 105 7.35 -5.41 -22.32
C UNK O 105 5.99 -5.66 -22.91
N UNK O 106 5.96 -5.96 -24.20
CA UNK O 106 4.70 -6.15 -24.88
C UNK O 106 3.96 -7.32 -24.28
N UNK O 107 4.67 -8.41 -24.04
CA UNK O 107 4.00 -9.60 -23.55
C UNK O 107 3.40 -9.25 -22.21
N UNK O 108 4.18 -8.57 -21.38
CA UNK O 108 3.71 -8.29 -20.05
C UNK O 108 2.46 -7.43 -20.13
N UNK O 109 2.51 -6.41 -20.98
CA UNK O 109 1.40 -5.49 -21.02
C UNK O 109 0.14 -6.22 -21.46
N UNK O 110 0.26 -7.04 -22.49
CA UNK O 110 -0.93 -7.65 -23.05
C UNK O 110 -1.54 -8.52 -21.97
N UNK O 111 -0.66 -9.27 -21.31
CA UNK O 111 -1.16 -10.23 -20.35
C UNK O 111 -1.85 -9.51 -19.21
N UNK O 112 -1.25 -8.42 -18.75
CA UNK O 112 -1.81 -7.72 -17.61
C UNK O 112 -3.17 -7.19 -18.00
N UNK O 113 -3.23 -6.62 -19.19
CA UNK O 113 -4.47 -5.96 -19.58
C UNK O 113 -5.54 -7.01 -19.58
N UNK O 114 -5.29 -8.11 -20.28
CA UNK O 114 -6.29 -9.17 -20.43
C UNK O 114 -6.63 -9.99 -19.19
N UNK O 115 -5.60 -10.41 -18.47
CA UNK O 115 -5.76 -11.40 -17.41
C UNK O 115 -6.62 -10.98 -16.22
N UNK O 116 -6.41 -9.75 -15.78
CA UNK O 116 -6.94 -9.27 -14.52
C UNK O 116 -8.43 -9.37 -14.62
N UNK O 117 -8.93 -9.29 -15.83
CA UNK O 117 -10.34 -9.54 -16.07
C UNK O 117 -10.66 -10.98 -15.66
N UNK O 118 -9.78 -11.91 -15.98
CA UNK O 118 -10.00 -13.32 -15.65
C UNK O 118 -9.95 -13.61 -14.14
N UNK O 119 -10.76 -14.55 -13.65
CA UNK O 119 -10.78 -14.84 -12.20
C UNK O 119 -10.35 -16.24 -11.78
N UNK O 120 -9.24 -16.73 -12.33
CA UNK O 120 -8.73 -18.08 -12.04
C UNK O 120 -8.32 -18.31 -10.59
N UNK O 121 -8.63 -19.50 -10.08
CA UNK O 121 -8.31 -19.82 -8.70
C UNK O 121 -8.28 -21.31 -8.38
N UNK O 122 -7.71 -21.65 -7.23
CA UNK O 122 -7.64 -23.03 -6.77
C UNK O 122 -6.52 -23.80 -7.45
N UNK O 123 4.18 -26.65 -7.29
CA UNK O 123 5.02 -26.94 -8.44
C UNK O 123 6.49 -27.10 -8.03
N UNK O 124 7.00 -28.31 -8.21
CA UNK O 124 8.26 -28.67 -7.60
C UNK O 124 9.17 -29.22 -8.65
N UNK O 125 10.45 -28.93 -8.54
CA UNK O 125 11.38 -29.32 -9.57
C UNK O 125 12.52 -30.17 -9.07
N UNK O 126 12.94 -31.13 -9.87
CA UNK O 126 14.17 -31.84 -9.56
C UNK O 126 14.93 -31.17 -10.71
N UNK O 127 15.96 -30.36 -10.46
CA UNK O 127 16.64 -29.69 -11.61
C UNK O 127 17.57 -30.50 -12.53
N UNK O 128 18.56 -31.14 -11.95
CA UNK O 128 19.49 -31.96 -12.73
C UNK O 128 18.71 -33.14 -13.21
N UNK O 129 17.86 -33.63 -12.32
CA UNK O 129 17.03 -34.77 -12.58
C UNK O 129 16.14 -34.40 -13.73
N UNK O 130 15.73 -33.14 -13.79
CA UNK O 130 14.88 -32.68 -14.86
C UNK O 130 15.56 -32.87 -16.22
N UNK O 131 16.85 -32.57 -16.32
CA UNK O 131 17.53 -32.72 -17.60
C UNK O 131 17.52 -34.16 -18.09
N UNK O 132 17.73 -35.09 -17.18
CA UNK O 132 17.75 -36.51 -17.53
C UNK O 132 16.38 -36.98 -18.01
N UNK O 133 15.34 -36.54 -17.33
CA UNK O 133 13.99 -36.90 -17.70
C UNK O 133 13.73 -36.33 -19.09
N UNK O 134 14.23 -35.13 -19.31
CA UNK O 134 14.06 -34.48 -20.60
C UNK O 134 14.72 -35.28 -21.70
N UNK O 135 15.93 -35.77 -21.43
CA UNK O 135 16.64 -36.56 -22.41
C UNK O 135 15.84 -37.81 -22.72
N UNK O 136 15.25 -38.40 -21.67
CA UNK O 136 14.44 -39.60 -21.85
C UNK O 136 13.23 -39.33 -22.74
N UNK O 137 12.53 -38.22 -22.53
CA UNK O 137 11.44 -37.95 -23.43
C UNK O 137 12.35 -37.85 -24.63
N UNK O 138 11.97 -38.40 -25.77
CA UNK O 138 12.89 -38.38 -26.91
C UNK O 138 13.23 -36.97 -27.36
N UNK O 139 12.22 -36.13 -27.54
CA UNK O 139 12.47 -34.74 -27.91
C UNK O 139 13.48 -34.61 -29.03
N UNK O 140 13.33 -35.38 -30.11
CA UNK O 140 14.32 -35.30 -31.17
C UNK O 140 14.36 -33.86 -31.64
N UNK O 141 13.20 -33.28 -31.90
CA UNK O 141 13.17 -31.90 -32.31
C UNK O 141 13.69 -31.11 -31.12
N UNK O 142 13.21 -31.51 -29.94
CA UNK O 142 13.56 -30.88 -28.67
C UNK O 142 14.97 -31.24 -28.29
N UNK O 143 15.56 -32.19 -29.00
CA UNK O 143 16.91 -32.53 -28.64
C UNK O 143 17.73 -31.26 -28.72
N UNK O 144 18.67 -31.10 -27.79
CA UNK O 144 19.56 -29.94 -27.73
C UNK O 144 19.09 -28.72 -26.95
N UNK O 145 18.00 -28.83 -26.19
CA UNK O 145 17.53 -27.67 -25.43
C UNK O 145 18.62 -27.25 -24.45
N UNK O 146 18.87 -25.96 -24.34
CA UNK O 146 19.90 -25.48 -23.44
C UNK O 146 19.57 -25.73 -21.99
N UNK O 147 20.53 -26.23 -21.23
CA UNK O 147 20.36 -26.53 -19.82
C UNK O 147 20.16 -25.32 -18.90
N UNK O 148 20.88 -24.23 -19.09
CA UNK O 148 20.70 -23.10 -18.16
C UNK O 148 19.30 -22.46 -18.08
N UNK O 149 18.65 -22.32 -19.23
CA UNK O 149 17.34 -21.69 -19.25
C UNK O 149 16.34 -22.42 -18.40
N UNK O 150 16.40 -23.75 -18.41
CA UNK O 150 15.46 -24.51 -17.62
C UNK O 150 15.65 -24.16 -16.16
N UNK O 151 16.90 -24.05 -15.73
CA UNK O 151 17.16 -23.71 -14.33
C UNK O 151 16.63 -22.34 -13.97
N UNK O 152 16.83 -21.41 -14.88
CA UNK O 152 16.36 -20.06 -14.61
C UNK O 152 14.85 -20.09 -14.45
N UNK O 153 14.19 -20.85 -15.33
CA UNK O 153 12.75 -20.95 -15.31
C UNK O 153 12.27 -21.56 -14.00
N UNK O 154 13.00 -22.57 -13.55
CA UNK O 154 12.65 -23.24 -12.32
C UNK O 154 12.71 -22.28 -11.14
N UNK O 155 13.74 -21.45 -11.09
CA UNK O 155 13.86 -20.46 -10.01
C UNK O 155 12.70 -19.46 -10.09
N UNK O 156 12.35 -19.09 -11.32
CA UNK O 156 11.28 -18.13 -11.58
C UNK O 156 9.92 -18.61 -11.10
N UNK O 157 9.63 -19.90 -11.29
CA UNK O 157 8.35 -20.44 -10.85
C UNK O 157 8.25 -20.34 -9.33
N UNK O 158 9.33 -20.66 -8.64
CA UNK O 158 9.37 -20.60 -7.18
C UNK O 158 9.17 -19.15 -6.76
N UNK O 159 9.80 -18.26 -7.50
CA UNK O 159 9.71 -16.83 -7.24
C UNK O 159 8.28 -16.29 -7.37
N UNK O 160 7.53 -16.82 -8.35
CA UNK O 160 6.17 -16.36 -8.60
C UNK O 160 5.23 -16.58 -7.41
N UNK O 161 5.34 -17.73 -6.76
CA UNK O 161 4.50 -18.05 -5.60
C UNK O 161 3.05 -17.69 -5.96
N UNK O 162 1.36 -28.20 -3.47
CA UNK O 162 2.74 -28.65 -3.46
C UNK O 162 2.83 -30.14 -3.15
N UNK O 163 2.94 -30.97 -4.18
CA UNK O 163 3.18 -32.40 -4.00
C UNK O 163 4.47 -32.78 -4.74
N UNK O 164 5.41 -33.38 -4.03
CA UNK O 164 6.64 -33.84 -4.64
C UNK O 164 6.57 -35.33 -4.53
N UNK O 165 6.49 -35.99 -5.67
CA UNK O 165 6.34 -37.43 -5.64
C UNK O 165 7.73 -38.00 -5.85
N UNK O 166 8.45 -38.15 -4.75
CA UNK O 166 9.80 -38.65 -4.84
C UNK O 166 9.63 -40.04 -5.39
N UNK O 167 8.63 -40.74 -4.88
CA UNK O 167 8.11 -41.88 -5.57
C UNK O 167 7.45 -41.22 -6.76
N UNK O 168 7.67 -41.76 -7.95
CA UNK O 168 7.16 -41.10 -9.15
C UNK O 168 5.74 -41.55 -9.32
N UNK O 169 4.87 -41.02 -8.49
CA UNK O 169 3.49 -41.36 -8.65
C UNK O 169 3.01 -40.75 -9.94
N UNK O 170 2.14 -41.51 -10.57
CA UNK O 170 0.97 -40.89 -11.10
C UNK O 170 0.45 -40.16 -9.83
N UNK O 171 0.82 -40.65 -8.64
CA UNK O 171 0.50 -40.02 -7.35
C UNK O 171 -0.99 -39.85 -7.00
N UNK O 172 -1.77 -40.87 -7.33
CA UNK O 172 -3.21 -40.87 -7.13
C UNK O 172 -3.48 -40.75 -5.64
N UNK O 173 -2.51 -41.16 -4.84
CA UNK O 173 -2.60 -40.94 -3.41
C UNK O 173 -2.61 -39.45 -3.17
N UNK O 174 -1.78 -38.73 -3.91
CA UNK O 174 -1.69 -37.31 -3.75
C UNK O 174 -3.06 -36.79 -4.08
N UNK O 175 -3.66 -37.42 -5.08
CA UNK O 175 -4.96 -37.01 -5.58
C UNK O 175 -5.97 -37.13 -4.48
N UNK O 176 -5.84 -38.19 -3.70
CA UNK O 176 -6.69 -38.37 -2.55
C UNK O 176 -6.42 -37.18 -1.66
N UNK O 177 -5.22 -36.62 -1.82
CA UNK O 177 -4.88 -35.40 -1.10
C UNK O 177 -5.79 -34.26 -1.52
N UNK O 178 -6.07 -34.17 -2.82
CA UNK O 178 -6.77 -33.02 -3.34
C UNK O 178 -8.17 -32.86 -2.78
N UNK O 179 -8.91 -33.96 -2.74
CA UNK O 179 -10.25 -33.88 -2.19
C UNK O 179 -10.10 -33.51 -0.75
N UNK O 180 -9.13 -34.15 -0.11
CA UNK O 180 -8.97 -34.00 1.31
C UNK O 180 -8.68 -32.54 1.53
N UNK O 181 -7.78 -31.98 0.72
CA UNK O 181 -7.65 -30.55 0.81
C UNK O 181 -8.95 -29.91 0.48
N UNK P 1 22.20 16.35 53.90
CA UNK P 1 22.00 17.70 54.41
C UNK P 1 20.58 17.87 54.95
N UNK P 2 20.36 18.92 55.72
CA UNK P 2 19.04 19.18 56.28
C UNK P 2 18.40 20.27 55.46
N UNK P 3 17.21 20.02 54.94
CA UNK P 3 16.54 20.99 54.09
C UNK P 3 15.43 21.85 54.69
N UNK P 4 15.69 23.14 54.71
CA UNK P 4 14.76 24.12 55.19
C UNK P 4 14.59 25.01 53.99
N UNK P 5 13.40 24.97 53.42
CA UNK P 5 13.11 25.74 52.21
C UNK P 5 12.00 26.74 52.44
N UNK P 6 11.83 27.63 51.49
CA UNK P 6 10.79 28.65 51.55
C UNK P 6 10.19 28.77 50.16
N UNK P 7 8.93 29.19 50.09
CA UNK P 7 8.26 29.34 48.81
C UNK P 7 8.33 28.09 47.95
N UNK P 8 7.99 26.97 48.54
CA UNK P 8 8.00 25.71 47.81
C UNK P 8 7.04 25.75 46.62
N UNK P 9 5.91 26.43 46.79
CA UNK P 9 4.90 26.49 45.74
C UNK P 9 5.37 27.12 44.43
N UNK P 10 6.17 28.17 44.47
CA UNK P 10 6.58 28.85 43.23
C UNK P 10 7.42 28.02 42.24
N UNK P 11 7.42 28.46 41.00
CA UNK P 11 8.09 27.74 39.92
C UNK P 11 9.56 27.55 40.22
N UNK P 12 10.19 28.56 40.78
CA UNK P 12 11.60 28.46 41.08
C UNK P 12 11.76 27.35 42.12
N UNK P 13 10.76 27.21 42.97
CA UNK P 13 10.81 26.22 44.03
C UNK P 13 10.88 24.78 43.53
N UNK P 14 10.12 24.48 42.50
CA UNK P 14 10.08 23.15 41.92
C UNK P 14 11.48 22.58 41.81
N UNK P 15 12.39 23.37 41.26
CA UNK P 15 13.77 22.91 41.14
C UNK P 15 14.29 22.37 42.44
N UNK P 16 13.99 23.09 43.52
CA UNK P 16 14.45 22.70 44.84
C UNK P 16 13.89 21.35 45.21
N UNK P 17 12.64 21.13 44.81
CA UNK P 17 12.00 19.88 45.11
C UNK P 17 12.70 18.78 44.34
N UNK P 18 12.98 19.00 43.07
CA UNK P 18 13.63 17.97 42.27
C UNK P 18 15.02 17.62 42.79
N UNK P 19 15.80 18.61 43.18
CA UNK P 19 17.14 18.33 43.67
C UNK P 19 17.05 17.52 44.95
N UNK P 20 16.10 17.92 45.80
CA UNK P 20 15.95 17.28 47.07
C UNK P 20 15.54 15.83 46.86
N UNK P 21 14.66 15.61 45.90
CA UNK P 21 14.18 14.28 45.65
C UNK P 21 15.33 13.42 45.19
N UNK P 22 16.17 14.00 44.34
CA UNK P 22 17.27 13.23 43.80
C UNK P 22 18.15 12.81 44.96
N UNK P 23 18.39 13.75 45.86
CA UNK P 23 19.26 13.50 46.98
C UNK P 23 18.51 13.69 48.25
N UNK P 24 18.68 12.65 49.12
CA UNK P 24 18.02 12.53 50.40
C UNK P 24 19.24 12.75 51.32
N UNK P 25 19.21 14.06 51.42
CA UNK P 25 18.94 14.96 52.42
C UNK P 25 17.53 15.06 53.15
N UNK P 26 17.56 15.70 54.30
CA UNK P 26 16.38 15.92 55.12
C UNK P 26 15.87 17.28 54.69
N UNK P 27 14.61 17.33 54.31
CA UNK P 27 13.98 18.55 53.81
C UNK P 27 12.73 18.90 54.63
N UNK P 28 12.68 20.14 55.13
CA UNK P 28 11.49 20.70 55.78
C UNK P 28 11.11 21.97 55.00
N UNK P 29 9.85 22.12 54.66
CA UNK P 29 9.44 23.33 53.93
C UNK P 29 8.13 23.93 54.37
N UNK P 30 7.92 25.18 53.95
CA UNK P 30 6.69 25.92 54.27
C UNK P 30 6.17 26.63 53.01
N UNK P 31 4.86 26.68 52.84
CA UNK P 31 4.25 27.39 51.72
C UNK P 31 2.81 27.72 52.15
N UNK P 32 2.32 28.90 51.80
CA UNK P 32 1.01 29.38 52.25
C UNK P 32 -0.29 28.72 51.77
N UNK P 33 -1.35 28.94 52.56
CA UNK P 33 -2.68 28.43 52.25
C UNK P 33 -2.83 26.93 52.44
N UNK P 34 -2.05 26.37 53.36
CA UNK P 34 -2.09 24.95 53.65
C UNK P 34 -1.31 24.25 52.55
N UNK P 35 -1.50 22.95 52.40
CA UNK P 35 -0.76 22.26 51.37
C UNK P 35 -1.82 21.76 50.39
N UNK P 36 -2.88 21.17 50.96
CA UNK P 36 -4.01 20.69 50.19
C UNK P 36 -3.59 19.81 49.02
N UNK P 37 -4.34 19.91 47.92
CA UNK P 37 -4.06 19.18 46.69
C UNK P 37 -2.78 19.73 46.03
N UNK P 38 -2.64 21.04 46.08
CA UNK P 38 -1.51 21.74 45.47
C UNK P 38 -0.14 21.37 46.04
N UNK P 39 -0.08 21.27 47.37
CA UNK P 39 1.13 20.97 48.11
C UNK P 39 1.56 19.53 47.94
N UNK P 40 0.73 18.76 47.26
CA UNK P 40 0.95 17.33 47.05
C UNK P 40 2.23 16.94 46.29
N UNK P 41 2.78 17.80 45.44
CA UNK P 41 3.96 17.41 44.67
C UNK P 41 5.12 16.97 45.58
N UNK P 42 5.31 17.71 46.66
CA UNK P 42 6.32 17.49 47.67
C UNK P 42 6.16 16.08 48.25
N UNK P 43 4.92 15.66 48.47
CA UNK P 43 4.63 14.34 49.02
C UNK P 43 5.13 13.31 48.04
N UNK P 44 4.99 13.64 46.77
CA UNK P 44 5.40 12.81 45.66
C UNK P 44 6.87 12.51 45.68
N UNK P 45 7.72 13.49 46.00
CA UNK P 45 9.19 13.15 46.05
C UNK P 45 9.86 13.33 47.43
N UNK P 46 10.64 12.35 47.96
CA UNK P 46 10.97 11.06 47.37
C UNK P 46 9.88 9.98 47.43
N UNK P 47 9.13 9.96 48.53
CA UNK P 47 9.42 10.87 49.62
C UNK P 47 9.20 10.38 51.04
N UNK P 48 10.35 10.15 51.66
CA UNK P 48 10.54 9.79 53.04
C UNK P 48 11.57 10.88 53.36
N UNK P 49 11.40 11.56 54.49
CA UNK P 49 12.26 12.65 54.97
C UNK P 49 11.75 14.07 54.69
N UNK P 50 10.81 14.24 53.75
CA UNK P 50 10.25 15.56 53.58
C UNK P 50 9.12 15.81 54.60
N UNK P 51 9.21 16.94 55.27
CA UNK P 51 8.17 17.42 56.19
C UNK P 51 7.67 18.74 55.60
N UNK P 52 6.40 18.76 55.19
CA UNK P 52 5.80 19.95 54.66
C UNK P 52 4.80 20.55 55.66
N UNK P 53 4.82 21.87 55.85
CA UNK P 53 3.86 22.58 56.72
C UNK P 53 3.24 23.77 55.97
N UNK P 54 1.94 23.92 55.84
CA UNK P 54 1.62 25.10 55.06
C UNK P 54 2.43 26.14 55.80
N UNK P 55 3.17 26.96 55.05
CA UNK P 55 4.03 28.00 55.64
C UNK P 55 3.33 29.00 56.52
N UNK P 56 3.76 29.06 57.76
CA UNK P 56 3.26 30.01 58.74
C UNK P 56 4.29 31.13 58.85
N UNK P 57 5.13 31.23 57.83
CA UNK P 57 6.24 32.16 57.76
C UNK P 57 5.87 33.62 57.87
N UNK P 58 4.74 34.02 57.32
CA UNK P 58 4.39 35.44 57.37
C UNK P 58 4.33 36.05 58.78
N UNK P 59 5.04 37.17 58.91
CA UNK P 59 5.09 37.97 60.13
C UNK P 59 5.50 37.31 61.46
N UNK P 60 6.53 36.44 61.48
CA UNK P 60 6.90 35.84 62.77
C UNK P 60 8.12 34.94 62.99
N UNK P 61 8.26 34.62 64.28
CA UNK P 61 9.27 33.81 64.94
C UNK P 61 9.15 32.35 64.49
N UNK P 62 8.03 32.06 63.85
CA UNK P 62 7.75 30.71 63.38
C UNK P 62 8.85 30.36 62.40
N UNK P 63 9.31 31.35 61.64
CA UNK P 63 10.36 31.09 60.64
C UNK P 63 11.68 30.58 61.26
N UNK P 64 12.07 31.20 62.37
CA UNK P 64 13.30 30.82 63.04
C UNK P 64 13.16 29.37 63.49
N UNK P 65 11.99 28.93 63.90
CA UNK P 65 11.96 27.54 64.37
C UNK P 65 12.47 26.54 63.32
N UNK P 66 12.05 26.70 62.07
CA UNK P 66 12.54 25.81 61.03
C UNK P 66 14.05 26.01 60.91
N UNK P 67 14.45 27.28 60.96
CA UNK P 67 15.85 27.66 60.86
C UNK P 67 16.62 27.09 62.05
N UNK P 68 15.99 27.13 63.22
CA UNK P 68 16.60 26.63 64.44
C UNK P 68 16.90 25.14 64.32
N UNK P 69 16.00 24.39 63.71
CA UNK P 69 16.19 22.95 63.54
C UNK P 69 16.64 22.61 62.11
N UNK P 70 17.18 23.60 61.40
CA UNK P 70 17.60 23.36 60.02
C UNK P 70 19.11 23.22 59.75
N UNK P 71 19.45 23.01 58.49
CA UNK P 71 20.84 22.87 58.07
C UNK P 71 21.43 24.15 57.46
N UNK P 72 20.67 24.75 56.56
CA UNK P 72 21.06 25.97 55.87
C UNK P 72 19.70 26.36 55.35
N UNK P 73 19.44 27.63 54.98
CA UNK P 73 18.08 27.90 54.55
C UNK P 73 17.98 28.34 53.09
N UNK P 74 17.09 27.70 52.34
CA UNK P 74 16.93 28.10 50.96
C UNK P 74 15.64 28.88 50.94
N UNK P 75 15.75 30.19 50.73
CA UNK P 75 14.56 31.01 50.70
C UNK P 75 14.37 31.51 49.30
N UNK P 76 13.26 31.12 48.70
CA UNK P 76 12.95 31.52 47.37
C UNK P 76 11.74 32.42 47.56
N UNK P 77 10.74 32.27 46.71
CA UNK P 77 9.51 33.05 46.81
C UNK P 77 9.46 34.35 46.02
N UNK P 78 8.44 35.17 46.31
CA UNK P 78 8.21 36.47 45.68
C UNK P 78 7.15 36.40 44.55
N UNK P 79 6.41 37.50 44.37
CA UNK P 79 5.36 37.57 43.35
C UNK P 79 4.91 39.01 43.02
N UNK P 80 4.21 39.17 41.89
CA UNK P 80 3.69 40.47 41.49
C UNK P 80 2.31 40.69 42.09
N UNK P 81 2.26 40.97 43.39
CA UNK P 81 0.99 41.19 44.06
C UNK P 81 0.27 42.48 43.69
N UNK P 82 -0.97 42.32 43.26
CA UNK P 82 -1.84 43.42 42.86
C UNK P 82 -2.29 44.38 43.97
N UNK P 83 -2.69 43.84 45.13
CA UNK P 83 -3.12 44.69 46.24
C UNK P 83 -2.47 44.39 47.58
N UNK P 84 -1.93 45.44 48.21
CA UNK P 84 -1.29 45.33 49.51
C UNK P 84 0.11 44.74 49.36
N UNK P 85 0.48 44.44 48.12
CA UNK P 85 1.77 43.87 47.79
C UNK P 85 2.93 44.80 48.08
N UNK P 86 2.75 46.08 47.80
CA UNK P 86 3.83 47.04 47.98
C UNK P 86 4.42 46.70 49.34
N UNK P 87 3.51 46.49 50.29
CA UNK P 87 3.90 46.12 51.63
C UNK P 87 4.55 44.77 51.43
N UNK P 88 3.91 43.95 50.62
CA UNK P 88 4.45 42.65 50.31
C UNK P 88 5.76 42.89 49.58
N UNK P 89 5.76 43.88 48.69
CA UNK P 89 6.95 44.21 47.94
C UNK P 89 7.94 44.64 49.00
N UNK P 90 7.44 45.42 49.95
CA UNK P 90 8.27 45.84 51.05
C UNK P 90 8.44 44.57 51.84
N UNK P 91 7.35 43.80 51.93
CA UNK P 91 7.38 42.54 52.61
C UNK P 91 8.39 41.67 51.90
N UNK P 92 8.40 41.74 50.57
CA UNK P 92 9.35 40.94 49.83
C UNK P 92 10.71 41.44 50.27
N UNK P 93 10.86 42.76 50.32
CA UNK P 93 12.10 43.32 50.81
C UNK P 93 12.18 43.01 52.29
N UNK P 94 11.06 43.24 52.97
CA UNK P 94 10.95 42.99 54.41
C UNK P 94 11.05 41.53 54.84
N UNK P 95 10.39 40.65 54.11
CA UNK P 95 10.42 39.24 54.48
C UNK P 95 11.83 38.68 54.39
N UNK P 96 12.52 39.01 53.32
CA UNK P 96 13.87 38.55 53.17
C UNK P 96 14.63 39.20 54.30
N UNK P 97 14.32 40.47 54.52
CA UNK P 97 14.97 41.22 55.57
C UNK P 97 14.61 40.51 56.85
N UNK P 98 13.36 40.10 56.94
CA UNK P 98 12.90 39.38 58.11
C UNK P 98 13.72 38.11 58.11
N UNK P 99 13.90 37.56 56.93
CA UNK P 99 14.69 36.35 56.78
C UNK P 99 16.06 36.63 57.35
N UNK P 100 16.63 37.76 56.94
CA UNK P 100 17.96 38.13 57.39
C UNK P 100 18.03 38.02 58.90
N UNK P 101 16.99 38.48 59.57
CA UNK P 101 16.96 38.40 61.02
C UNK P 101 17.02 36.94 61.34
N UNK P 102 16.30 36.15 60.55
CA UNK P 102 16.27 34.73 60.77
C UNK P 102 17.68 34.19 60.66
N UNK P 103 18.43 34.65 59.66
CA UNK P 103 19.79 34.17 59.57
C UNK P 103 20.50 34.44 60.88
N UNK P 104 20.28 35.62 61.45
CA UNK P 104 20.93 35.92 62.72
C UNK P 104 20.45 34.97 63.83
N UNK P 105 19.15 34.73 63.87
CA UNK P 105 18.57 33.90 64.92
C UNK P 105 19.12 32.51 64.75
N UNK P 106 19.11 32.11 63.48
CA UNK P 106 19.40 30.76 63.01
C UNK P 106 20.80 30.21 63.21
N UNK P 107 21.80 31.03 62.90
CA UNK P 107 23.15 30.54 62.93
C UNK P 107 23.26 29.31 62.04
N UNK P 108 22.54 29.32 60.93
CA UNK P 108 22.65 28.26 59.94
C UNK P 108 23.96 28.39 59.18
N UNK P 109 24.56 27.29 58.75
CA UNK P 109 25.83 27.44 58.04
C UNK P 109 25.76 28.18 56.73
N UNK P 110 24.71 27.87 55.94
CA UNK P 110 24.52 28.42 54.59
C UNK P 110 23.10 28.96 54.30
N UNK P 111 23.02 30.13 53.68
CA UNK P 111 21.75 30.74 53.39
C UNK P 111 21.73 31.08 51.92
N UNK P 112 20.69 30.60 51.22
CA UNK P 112 20.57 30.83 49.76
C UNK P 112 19.34 31.67 49.48
N UNK P 113 19.57 32.85 48.92
CA UNK P 113 18.52 33.80 48.56
C UNK P 113 18.72 34.10 47.10
N UNK P 114 17.69 33.81 46.32
CA UNK P 114 17.76 34.06 44.91
C UNK P 114 17.83 35.52 45.09
N UNK P 115 18.67 36.17 44.29
CA UNK P 115 18.88 37.61 44.30
C UNK P 115 18.17 38.29 43.13
N UNK P 116 18.27 39.60 43.02
CA UNK P 116 17.58 40.25 41.93
C UNK P 116 18.19 39.71 40.65
N UNK P 117 17.35 39.40 39.66
CA UNK P 117 17.87 38.90 38.41
C UNK P 117 18.25 40.21 37.77
N UNK P 118 19.26 40.83 38.39
CA UNK P 118 19.73 42.12 37.96
C UNK P 118 19.30 42.51 36.54
N UNK P 119 18.67 43.67 36.37
CA UNK P 119 18.29 44.53 37.50
C UNK P 119 19.59 45.04 38.14
N UNK P 120 19.52 45.65 39.33
CA UNK P 120 18.27 45.95 40.04
C UNK P 120 17.45 46.95 39.25
N UNK P 121 18.14 47.93 38.69
CA UNK P 121 17.57 49.02 37.87
C UNK P 121 17.22 50.24 38.72
N UNK P 122 17.14 51.41 38.10
CA UNK P 122 17.35 51.64 36.68
C UNK P 122 16.25 51.10 35.78
N UNK P 123 15.02 51.49 36.07
CA UNK P 123 14.75 52.37 37.20
C UNK P 123 14.30 51.61 38.42
N UNK P 124 13.64 52.30 39.35
CA UNK P 124 13.14 51.63 40.52
C UNK P 124 11.82 50.99 40.18
N UNK P 125 11.71 49.73 40.54
CA UNK P 125 10.49 49.05 40.33
C UNK P 125 9.98 48.71 41.70
N UNK P 126 10.55 49.27 42.80
CA UNK P 126 10.12 48.87 44.12
C UNK P 126 10.70 47.48 44.27
N UNK P 127 10.58 46.64 43.23
CA UNK P 127 11.14 45.32 43.17
C UNK P 127 12.61 45.63 43.31
N UNK P 128 13.05 46.65 42.59
CA UNK P 128 14.42 47.11 42.66
C UNK P 128 14.66 47.34 44.14
N UNK P 129 13.76 48.07 44.78
CA UNK P 129 13.86 48.28 46.22
C UNK P 129 14.14 46.97 46.96
N UNK P 130 13.47 45.96 46.39
CA UNK P 130 13.54 44.56 46.69
C UNK P 130 14.95 44.20 46.30
N UNK P 131 15.50 44.81 45.25
CA UNK P 131 16.89 44.52 44.88
C UNK P 131 17.62 45.25 46.00
N UNK P 132 17.09 46.43 46.34
CA UNK P 132 17.63 47.22 47.44
C UNK P 132 17.55 46.32 48.66
N UNK P 133 16.47 45.53 48.70
CA UNK P 133 16.22 44.59 49.78
C UNK P 133 17.33 43.52 49.81
N UNK P 134 17.80 43.16 48.63
CA UNK P 134 18.84 42.17 48.49
C UNK P 134 20.09 42.82 49.01
N UNK P 135 20.33 44.05 48.58
CA UNK P 135 21.52 44.76 49.02
C UNK P 135 21.52 44.71 50.54
N UNK P 136 20.31 44.84 51.08
CA UNK P 136 20.05 44.80 52.52
C UNK P 136 20.38 43.42 53.06
N UNK P 137 20.08 42.40 52.26
CA UNK P 137 20.33 40.98 52.53
C UNK P 137 21.83 40.74 52.55
N UNK P 138 22.54 41.60 51.80
CA UNK P 138 23.98 41.52 51.69
C UNK P 138 24.45 41.61 53.12
N UNK P 139 23.77 42.46 53.88
CA UNK P 139 24.07 42.72 55.28
C UNK P 139 23.90 41.41 56.02
N UNK P 140 22.98 40.61 55.51
CA UNK P 140 22.71 39.32 56.08
C UNK P 140 24.03 38.57 56.02
N UNK P 141 24.78 38.76 54.92
CA UNK P 141 26.10 38.10 54.74
C UNK P 141 26.85 38.52 55.96
N UNK P 142 27.62 37.62 56.58
CA UNK P 142 28.22 37.90 57.87
C UNK P 142 27.00 38.23 58.76
N UNK P 143 26.01 37.33 58.79
CA UNK P 143 26.10 35.95 58.29
C UNK P 143 25.91 35.55 56.82
N UNK P 144 27.07 35.30 56.21
CA UNK P 144 27.28 34.83 54.87
C UNK P 144 26.07 34.08 54.34
N UNK P 145 25.97 34.12 53.02
CA UNK P 145 24.94 33.48 52.21
C UNK P 145 25.16 33.76 50.72
N UNK P 146 24.54 32.95 49.87
CA UNK P 146 24.65 33.20 48.44
C UNK P 146 23.34 33.81 47.98
N UNK P 147 23.45 34.86 47.17
CA UNK P 147 22.31 35.54 46.58
C UNK P 147 22.44 35.36 45.07
N UNK P 148 21.38 34.92 44.42
CA UNK P 148 21.42 34.68 42.97
C UNK P 148 20.55 35.67 42.18
N UNK P 149 21.11 36.25 41.13
CA UNK P 149 20.39 37.20 40.32
C UNK P 149 19.87 36.34 39.20
N UNK P 150 18.55 36.33 39.00
CA UNK P 150 17.99 35.48 37.97
C UNK P 150 17.74 36.17 36.64
N UNK P 151 18.14 35.55 35.54
CA UNK P 151 17.90 36.17 34.24
C UNK P 151 17.29 35.21 33.21
N UNK P 152 16.22 35.63 32.54
CA UNK P 152 15.62 34.77 31.51
C UNK P 152 15.36 33.33 31.97
N UNK P 153 14.58 33.12 33.03
CA UNK P 153 14.44 31.75 33.44
C UNK P 153 13.46 31.16 32.47
N UNK P 154 13.98 30.91 31.27
CA UNK P 154 13.24 30.34 30.15
C UNK P 154 13.11 28.85 30.34
N UNK P 155 12.06 28.48 31.05
CA UNK P 155 11.71 27.10 31.36
C UNK P 155 10.20 26.93 31.48
N UNK P 156 9.73 25.69 31.56
CA UNK P 156 8.31 25.46 31.67
C UNK P 156 7.90 26.12 32.97
N UNK P 157 6.65 26.55 33.06
CA UNK P 157 6.22 27.23 34.27
C UNK P 157 7.07 28.47 34.49
N UNK P 158 7.32 29.20 33.42
CA UNK P 158 8.11 30.43 33.49
C UNK P 158 7.24 31.58 33.04
N UNK P 159 7.16 32.62 33.86
CA UNK P 159 6.34 33.78 33.53
C UNK P 159 6.82 34.49 32.27
N UNK P 160 8.14 34.69 32.15
CA UNK P 160 8.67 35.36 30.98
C UNK P 160 8.46 34.57 29.68
N UNK P 161 8.75 33.28 29.72
CA UNK P 161 8.56 32.43 28.54
C UNK P 161 7.09 32.29 28.18
N UNK P 162 6.28 32.05 29.21
CA UNK P 162 4.84 31.90 29.05
C UNK P 162 4.17 33.17 28.60
N UNK P 163 4.62 34.30 29.15
CA UNK P 163 4.05 35.60 28.83
C UNK P 163 3.83 35.71 27.34
N UNK P 164 4.82 35.21 26.60
CA UNK P 164 4.75 35.25 25.14
C UNK P 164 3.58 34.44 24.64
N UNK P 165 3.37 33.25 25.20
CA UNK P 165 2.26 32.40 24.79
C UNK P 165 0.93 33.08 25.09
N UNK P 166 0.90 33.74 26.25
CA UNK P 166 -0.29 34.40 26.71
C UNK P 166 -0.69 35.48 25.73
N UNK P 167 0.32 36.20 25.23
CA UNK P 167 0.11 37.32 24.30
C UNK P 167 -1.13 37.23 23.39
N UNK P 168 19.73 36.65 27.24
CA UNK P 168 20.26 35.67 28.19
C UNK P 168 19.16 34.80 28.76
N UNK P 169 18.40 34.17 27.89
CA UNK P 169 17.33 33.30 28.33
C UNK P 169 17.94 32.16 29.10
N UNK P 170 17.25 31.73 30.16
CA UNK P 170 17.74 30.62 30.96
C UNK P 170 16.70 29.51 31.11
N UNK P 171 17.10 28.26 30.84
CA UNK P 171 16.20 27.13 30.99
C UNK P 171 16.41 26.60 32.39
N UNK P 172 15.36 26.65 33.20
CA UNK P 172 15.40 26.37 34.63
C UNK P 172 16.25 25.18 34.96
N UNK P 173 16.31 24.19 34.09
CA UNK P 173 17.12 23.03 34.39
C UNK P 173 18.54 23.52 34.63
N UNK P 174 18.99 24.50 33.86
CA UNK P 174 20.37 24.97 34.03
C UNK P 174 20.52 25.69 35.38
N UNK P 175 19.51 26.49 35.70
CA UNK P 175 19.54 27.28 36.94
C UNK P 175 19.53 26.39 38.18
N UNK P 176 18.62 25.43 38.19
CA UNK P 176 18.52 24.55 39.35
C UNK P 176 19.78 23.72 39.55
N UNK P 177 20.45 23.46 38.45
CA UNK P 177 21.70 22.75 38.53
C UNK P 177 22.53 23.65 39.43
N UNK P 178 22.44 24.95 39.18
CA UNK P 178 23.17 25.94 39.94
C UNK P 178 22.81 25.97 41.41
N UNK P 179 21.51 25.97 41.70
CA UNK P 179 21.09 26.03 43.10
C UNK P 179 21.59 24.80 43.85
N UNK P 180 21.46 23.63 43.22
CA UNK P 180 21.92 22.40 43.84
C UNK P 180 23.44 22.41 43.98
N UNK P 181 24.13 22.85 42.94
CA UNK P 181 25.59 22.88 42.95
C UNK P 181 26.14 23.82 44.01
N UNK P 182 25.55 25.01 44.12
CA UNK P 182 26.01 25.96 45.12
C UNK P 182 25.71 25.34 46.48
N UNK P 183 24.52 24.76 46.59
CA UNK P 183 24.07 24.10 47.80
C UNK P 183 24.90 22.87 48.11
N UNK P 184 25.24 22.13 47.06
CA UNK P 184 26.00 20.90 47.20
C UNK P 184 27.44 21.26 47.41
N UNK P 185 27.91 22.22 46.62
CA UNK P 185 29.29 22.67 46.74
C UNK P 185 29.29 23.67 47.86
N UNK P 186 29.23 23.17 49.08
CA UNK P 186 29.17 24.03 50.26
C UNK P 186 30.31 25.02 50.37
N UNK P 187 31.46 24.74 49.76
CA UNK P 187 32.57 25.66 49.89
C UNK P 187 32.58 26.94 49.02
N UNK P 188 32.52 28.06 49.74
CA UNK P 188 32.61 29.43 49.25
C UNK P 188 31.45 29.86 48.35
N UNK P 189 30.20 29.83 48.81
CA UNK P 189 29.80 30.15 50.14
C UNK P 189 29.66 31.69 50.25
N UNK P 190 29.89 32.39 49.13
CA UNK P 190 29.87 33.86 49.16
C UNK P 190 28.99 34.63 48.19
N UNK P 191 28.08 35.39 48.79
CA UNK P 191 27.60 36.74 48.48
C UNK P 191 26.72 36.77 47.24
N UNK P 192 26.56 37.96 46.66
CA UNK P 192 25.64 38.14 45.54
C UNK P 192 26.24 37.73 44.20
N UNK P 193 25.45 37.10 43.34
CA UNK P 193 25.95 36.65 42.04
C UNK P 193 24.84 36.55 40.99
N UNK P 194 25.11 37.09 39.80
CA UNK P 194 24.16 37.07 38.71
C UNK P 194 24.06 35.67 38.18
N UNK P 195 22.86 35.08 38.26
CA UNK P 195 22.60 33.81 37.61
C UNK P 195 21.91 34.09 36.28
N UNK P 196 22.75 34.22 35.25
CA UNK P 196 22.31 34.46 33.89
C UNK P 196 23.39 34.05 32.87
N UNK P 197 23.03 33.26 31.85
CA UNK P 197 24.06 32.83 30.89
C UNK P 197 23.71 32.51 29.42
N UNK P 198 22.58 32.97 28.90
CA UNK P 198 22.23 32.57 27.52
C UNK P 198 23.19 33.01 26.40
N UNK P 199 23.53 34.30 26.35
CA UNK P 199 22.91 35.31 27.19
C UNK P 199 22.30 36.45 26.36
N UNK P 200 22.18 36.24 25.05
CA UNK P 200 21.64 37.26 24.16
C UNK P 200 20.35 36.89 23.45
N UNK P 201 19.39 37.81 23.48
CA UNK P 201 18.08 37.61 22.86
C UNK P 201 17.68 38.84 22.03
N UNK P 202 17.08 39.82 22.67
CA UNK P 202 16.66 41.02 21.98
C UNK P 202 15.20 40.83 21.70
N UNK P 203 14.49 41.93 21.47
CA UNK P 203 13.07 41.82 21.22
C UNK P 203 12.92 40.97 19.99
N UNK P 204 13.80 41.17 19.01
CA UNK P 204 13.68 40.38 17.80
C UNK P 204 13.75 38.89 18.04
N UNK P 205 14.71 38.40 18.84
CA UNK P 205 14.76 36.96 19.04
C UNK P 205 13.47 36.54 19.71
N UNK P 206 13.03 37.33 20.69
CA UNK P 206 11.85 36.90 21.44
C UNK P 206 10.67 36.78 20.51
N UNK P 207 10.49 37.78 19.65
CA UNK P 207 9.34 37.81 18.78
C UNK P 207 9.39 36.63 17.84
N UNK P 208 10.57 36.35 17.31
CA UNK P 208 10.67 35.26 16.36
C UNK P 208 10.30 33.96 17.02
N UNK P 209 10.82 33.75 18.23
CA UNK P 209 10.58 32.49 18.90
C UNK P 209 9.09 32.35 19.13
N UNK P 210 8.47 33.45 19.57
CA UNK P 210 7.05 33.40 19.90
C UNK P 210 6.22 33.07 18.67
N UNK P 211 6.54 33.71 17.56
CA UNK P 211 5.76 33.50 16.36
C UNK P 211 5.90 32.05 15.91
N UNK P 212 7.12 31.53 16.01
CA UNK P 212 7.37 30.17 15.58
C UNK P 212 6.57 29.21 16.44
N UNK P 213 6.56 29.46 17.73
CA UNK P 213 5.83 28.59 18.64
C UNK P 213 4.36 28.63 18.28
N UNK P 214 3.88 29.83 17.99
CA UNK P 214 2.48 30.07 17.71
C UNK P 214 2.07 29.26 16.49
N UNK P 215 2.94 29.21 15.50
CA UNK P 215 2.69 28.36 14.34
C UNK P 215 2.65 26.86 14.69
N UNK P 216 0.71 45.31 33.60
CA UNK P 216 2.10 44.97 33.35
C UNK P 216 3.07 46.01 33.92
N UNK P 217 3.54 46.91 33.08
CA UNK P 217 4.47 47.94 33.54
C UNK P 217 5.62 47.22 34.18
N UNK P 218 6.12 46.17 33.54
CA UNK P 218 7.23 45.43 34.13
C UNK P 218 8.56 45.53 33.39
N UNK P 219 8.72 44.71 32.36
CA UNK P 219 10.03 44.43 31.79
C UNK P 219 10.77 45.58 31.13
N UNK P 220 12.09 45.61 31.35
CA UNK P 220 13.00 46.39 30.54
C UNK P 220 13.03 45.84 29.13
N UNK P 221 13.53 46.64 28.20
CA UNK P 221 13.40 46.30 26.77
C UNK P 221 14.61 45.63 26.14
N UNK P 222 15.79 46.04 26.56
CA UNK P 222 16.98 45.31 26.24
C UNK P 222 17.79 45.56 27.46
N UNK P 223 18.54 44.57 27.88
CA UNK P 223 19.35 44.73 29.05
C UNK P 223 20.42 43.71 28.94
N UNK P 224 21.48 43.92 29.69
CA UNK P 224 22.50 42.88 29.82
C UNK P 224 23.53 43.25 30.88
N UNK P 225 24.45 42.34 31.23
CA UNK P 225 25.45 42.65 32.25
C UNK P 225 26.86 42.09 32.01
N UNK P 226 27.83 42.66 32.70
CA UNK P 226 29.16 42.11 32.72
C UNK P 226 29.24 41.42 34.05
N UNK P 227 29.50 40.12 34.07
CA UNK P 227 29.52 39.40 35.36
C UNK P 227 30.71 38.53 35.74
N UNK P 228 31.88 39.15 35.90
CA UNK P 228 33.04 38.36 36.29
C UNK P 228 32.77 37.76 37.67
N UNK P 229 32.22 38.59 38.55
CA UNK P 229 31.92 38.17 39.92
C UNK P 229 30.86 37.07 40.06
N UNK P 230 29.80 37.15 39.26
CA UNK P 230 28.71 36.18 39.34
C UNK P 230 29.10 34.75 39.01
N UNK P 231 29.99 34.60 38.03
CA UNK P 231 30.41 33.27 37.60
C UNK P 231 31.92 33.05 37.70
N UNK P 232 32.34 31.77 37.71
CA UNK P 232 31.44 30.61 37.62
C UNK P 232 31.64 29.70 38.83
N UNK P 233 30.55 29.33 39.51
CA UNK P 233 29.18 29.72 39.18
C UNK P 233 28.77 28.96 37.94
N UNK P 234 29.71 28.20 37.42
CA UNK P 234 29.44 27.36 36.27
C UNK P 234 29.16 25.94 36.73
N UNK P 235 28.01 25.43 36.33
CA UNK P 235 27.64 24.05 36.58
C UNK P 235 28.01 23.20 35.37
N UNK P 236 28.62 23.84 34.37
CA UNK P 236 28.93 23.17 33.13
C UNK P 236 27.67 22.99 32.32
N UNK P 237 26.62 23.74 32.68
CA UNK P 237 25.38 23.60 31.96
C UNK P 237 25.42 24.22 30.58
N UNK P 238 24.97 23.46 29.60
CA UNK P 238 24.82 23.97 28.26
C UNK P 238 23.65 24.94 28.22
N UNK P 239 23.67 25.83 27.24
CA UNK P 239 22.59 26.75 27.07
C UNK P 239 21.84 26.16 25.92
N UNK P 240 20.60 25.83 26.17
CA UNK P 240 19.81 25.24 25.13
C UNK P 240 19.46 26.33 24.15
N UNK P 241 19.08 26.01 22.92
CA UNK P 241 18.55 27.08 22.12
C UNK P 241 17.31 27.48 22.87
N UNK P 242 16.39 26.50 22.73
CA UNK P 242 15.03 26.42 23.28
C UNK P 242 14.33 25.00 23.43
N UNK P 243 14.87 24.17 24.31
CA UNK P 243 14.09 23.03 24.79
C UNK P 243 12.82 23.65 25.42
N UNK P 244 12.97 24.89 25.87
CA UNK P 244 11.92 25.80 26.21
C UNK P 244 11.07 26.05 24.98
N UNK P 245 11.54 25.68 23.80
CA UNK P 245 10.69 25.79 22.63
C UNK P 245 9.48 24.89 22.96
N UNK P 246 9.76 23.80 23.67
CA UNK P 246 8.75 22.82 24.10
C UNK P 246 7.69 23.44 25.02
N UNK P 247 8.09 24.45 25.79
CA UNK P 247 7.17 25.14 26.66
C UNK P 247 6.14 25.85 25.78
N UNK P 248 6.64 26.43 24.68
CA UNK P 248 5.80 27.12 23.70
C UNK P 248 4.87 26.08 23.09
N UNK P 249 5.44 24.90 22.91
CA UNK P 249 4.75 23.73 22.35
C UNK P 249 3.55 23.31 23.20
N UNK P 250 3.68 23.41 24.52
CA UNK P 250 2.60 23.03 25.43
C UNK P 250 1.30 23.74 25.06
N UNK P 251 1.35 25.07 25.01
CA UNK P 251 0.19 25.87 24.67
C UNK P 251 -0.29 25.58 23.25
N UNK P 252 0.65 25.42 22.33
CA UNK P 252 0.33 25.13 20.95
C UNK P 252 -0.74 24.06 20.84
N UNK Q 1 32.68 -6.74 40.00
CA UNK Q 1 32.71 -7.42 41.28
C UNK Q 1 33.38 -8.77 41.17
N UNK Q 2 33.42 -9.54 42.26
CA UNK Q 2 34.06 -10.86 42.25
C UNK Q 2 33.14 -11.98 42.75
N UNK Q 3 33.41 -13.20 42.32
CA UNK Q 3 32.58 -14.36 42.72
C UNK Q 3 33.49 -15.35 43.46
N UNK Q 4 32.99 -15.82 44.60
CA UNK Q 4 33.75 -16.76 45.43
C UNK Q 4 33.05 -18.13 45.43
N UNK Q 5 33.84 -19.15 45.14
CA UNK Q 5 33.34 -20.53 45.11
C UNK Q 5 33.95 -21.26 46.30
N UNK Q 6 33.10 -21.61 47.25
CA UNK Q 6 33.54 -22.21 48.48
C UNK Q 6 32.35 -22.91 49.07
N UNK Q 7 32.60 -23.76 50.05
CA UNK Q 7 31.52 -24.48 50.67
C UNK Q 7 31.40 -24.05 52.10
N UNK Q 8 30.18 -24.05 52.61
CA UNK Q 8 29.96 -23.69 53.99
C UNK Q 8 30.70 -24.76 54.76
N UNK Q 9 31.33 -24.36 55.85
CA UNK Q 9 32.15 -25.29 56.63
C UNK Q 9 31.35 -26.49 57.11
N UNK Q 10 30.19 -26.25 57.70
CA UNK Q 10 29.99 -25.12 58.59
C UNK Q 10 29.91 -25.75 59.97
N UNK Q 11 30.90 -25.52 60.80
CA UNK Q 11 30.80 -26.17 62.09
C UNK Q 11 29.65 -25.66 62.93
N UNK Q 12 29.55 -24.33 63.08
CA UNK Q 12 28.48 -23.72 63.87
C UNK Q 12 28.51 -24.44 65.22
N UNK Q 13 29.72 -24.72 65.69
CA UNK Q 13 29.86 -25.51 66.90
C UNK Q 13 29.32 -26.90 66.60
N UNK Q 14 29.61 -27.40 65.40
CA UNK Q 14 29.44 -28.82 65.07
C UNK Q 14 28.05 -29.40 65.33
N UNK Q 15 27.01 -28.68 64.96
CA UNK Q 15 25.67 -29.20 65.17
C UNK Q 15 25.39 -30.48 64.39
N UNK Q 16 25.81 -30.55 63.12
CA UNK Q 16 25.56 -31.75 62.32
C UNK Q 16 26.54 -31.98 61.17
N UNK Q 17 26.61 -33.22 60.69
CA UNK Q 17 27.54 -33.61 59.64
C UNK Q 17 27.35 -32.96 58.28
N UNK Q 18 26.12 -32.88 57.80
CA UNK Q 18 25.89 -32.38 56.46
C UNK Q 18 26.31 -30.93 56.41
N UNK Q 19 27.04 -30.57 55.36
CA UNK Q 19 27.49 -29.19 55.21
C UNK Q 19 26.41 -28.12 55.03
N UNK Q 20 25.38 -28.36 54.22
CA UNK Q 20 25.22 -29.56 53.44
C UNK Q 20 26.33 -29.47 52.42
N UNK Q 21 26.74 -30.61 51.86
CA UNK Q 21 27.89 -30.62 50.98
C UNK Q 21 27.57 -30.17 49.56
N UNK Q 22 27.44 -28.86 49.39
CA UNK Q 22 27.33 -28.27 48.05
C UNK Q 22 28.24 -27.04 47.97
N UNK Q 23 28.74 -26.76 46.77
CA UNK Q 23 29.56 -25.56 46.55
C UNK Q 23 28.63 -24.34 46.49
N UNK Q 24 28.96 -23.32 47.26
CA UNK Q 24 28.17 -22.07 47.26
C UNK Q 24 28.96 -21.00 46.50
N UNK Q 25 28.23 -20.25 45.68
CA UNK Q 25 28.82 -19.20 44.85
C UNK Q 25 28.21 -17.85 45.22
N UNK Q 26 28.96 -17.09 46.00
CA UNK Q 26 28.51 -15.75 46.40
C UNK Q 26 29.31 -14.73 45.58
N UNK Q 27 28.60 -13.71 45.11
CA UNK Q 27 29.21 -12.64 44.34
C UNK Q 27 29.48 -11.46 45.25
N UNK Q 28 29.73 -10.30 44.65
CA UNK Q 28 30.00 -9.07 45.39
C UNK Q 28 30.40 -7.93 44.45
N UNK Q 29 20.84 -0.45 50.41
CA UNK Q 29 21.51 -1.60 49.81
C UNK Q 29 21.53 -1.46 48.30
N UNK Q 30 22.71 -1.16 47.76
CA UNK Q 30 22.86 -0.92 46.33
C UNK Q 30 22.61 -2.11 45.39
N UNK Q 31 23.07 -3.29 45.76
CA UNK Q 31 23.13 -4.39 44.79
C UNK Q 31 22.59 -5.72 45.27
N UNK Q 32 22.38 -6.61 44.30
CA UNK Q 32 21.79 -7.92 44.53
C UNK Q 32 22.59 -8.79 45.50
N UNK Q 33 21.88 -9.45 46.40
CA UNK Q 33 22.48 -10.21 47.50
C UNK Q 33 22.21 -11.73 47.53
N UNK Q 34 21.88 -12.37 46.41
CA UNK Q 34 21.54 -13.81 46.46
C UNK Q 34 22.56 -14.76 45.83
N UNK Q 35 23.07 -15.68 46.64
CA UNK Q 35 24.10 -16.66 46.25
C UNK Q 35 23.53 -17.86 45.50
N UNK Q 36 24.37 -18.63 44.79
CA UNK Q 36 23.82 -19.79 44.08
C UNK Q 36 24.46 -21.05 44.64
N UNK Q 37 23.85 -22.20 44.42
CA UNK Q 37 24.44 -23.47 44.83
C UNK Q 37 24.61 -24.36 43.59
N UNK Q 38 25.76 -24.93 43.45
CA UNK Q 38 26.19 -25.89 42.42
C UNK Q 38 26.92 -27.14 43.01
N UNK Q 39 26.84 -28.14 42.15
CA UNK Q 39 26.98 -29.49 42.50
C UNK Q 39 28.40 -29.99 42.20
N UNK Q 40 28.96 -29.81 41.00
CA UNK Q 40 30.39 -30.07 40.82
C UNK Q 40 31.15 -28.75 40.75
N UNK Q 41 32.20 -28.63 41.56
CA UNK Q 41 32.88 -27.36 41.75
C UNK Q 41 33.49 -26.80 40.46
N UNK Q 42 34.17 -27.67 39.73
CA UNK Q 42 34.83 -27.22 38.51
C UNK Q 42 33.74 -26.73 37.59
N UNK Q 43 32.64 -27.48 37.59
CA UNK Q 43 31.53 -27.13 36.75
C UNK Q 43 31.10 -25.74 37.16
N UNK Q 44 31.15 -25.49 38.46
CA UNK Q 44 30.77 -24.19 38.94
C UNK Q 44 31.69 -23.14 38.37
N UNK Q 45 32.98 -23.45 38.30
CA UNK Q 45 33.91 -22.47 37.77
C UNK Q 45 33.59 -22.13 36.33
N UNK Q 46 33.28 -23.16 35.55
CA UNK Q 46 32.96 -22.93 34.15
C UNK Q 46 31.69 -22.10 34.02
N UNK Q 47 30.71 -22.39 34.88
CA UNK Q 47 29.47 -21.65 34.84
C UNK Q 47 29.73 -20.18 35.16
N UNK Q 48 30.59 -19.94 36.13
CA UNK Q 48 30.91 -18.57 36.50
C UNK Q 48 31.55 -17.87 35.32
N UNK Q 49 32.42 -18.60 34.66
CA UNK Q 49 33.13 -18.07 33.51
C UNK Q 49 32.16 -17.65 32.42
N UNK Q 50 31.13 -18.45 32.20
CA UNK Q 50 30.17 -18.10 31.16
C UNK Q 50 29.55 -16.75 31.50
N UNK Q 51 29.32 -16.53 32.78
CA UNK Q 51 28.73 -15.29 33.28
C UNK Q 51 29.74 -14.43 34.04
N UNK Q 52 31.00 -14.83 33.99
CA UNK Q 52 32.06 -14.10 34.69
C UNK Q 52 32.22 -12.68 34.20
N UNK Q 53 32.39 -11.79 35.16
CA UNK Q 53 32.39 -12.13 36.59
C UNK Q 53 33.68 -12.81 37.04
N UNK Q 54 34.72 -12.03 37.28
CA UNK Q 54 36.00 -12.55 37.72
C UNK Q 54 35.74 -13.30 39.01
N UNK Q 55 36.49 -14.37 39.25
CA UNK Q 55 36.21 -15.21 40.43
C UNK Q 55 37.48 -15.65 41.16
N UNK Q 56 37.33 -15.83 42.47
CA UNK Q 56 38.36 -16.39 43.33
C UNK Q 56 37.80 -17.66 43.97
N UNK Q 57 38.55 -18.76 43.83
CA UNK Q 57 38.12 -20.04 44.41
C UNK Q 57 38.71 -20.23 45.81
N UNK Q 58 37.95 -20.85 46.70
CA UNK Q 58 38.55 -21.40 47.91
C UNK Q 58 38.43 -22.94 47.98
N UNK Q 59 39.52 -23.62 48.33
CA UNK Q 59 39.53 -25.08 48.41
C UNK Q 59 38.78 -25.72 49.61
N UNK Q 60 38.25 -26.93 49.40
CA UNK Q 60 37.51 -27.69 50.43
C UNK Q 60 38.40 -28.30 51.53
N UNK Q 61 37.85 -28.51 52.73
CA UNK Q 61 38.71 -29.06 53.80
C UNK Q 61 38.14 -30.18 54.69
N UNK Q 62 39.03 -31.10 55.06
CA UNK Q 62 38.69 -32.22 55.94
C UNK Q 62 38.60 -31.69 57.37
N UNK Q 63 37.86 -32.35 58.27
CA UNK Q 63 37.11 -33.58 58.04
C UNK Q 63 37.89 -34.89 58.15
N UNK Q 64 39.17 -34.81 58.51
CA UNK Q 64 39.99 -36.01 58.65
C UNK Q 64 40.67 -36.13 60.03
N UNK Q 65 40.39 -37.22 60.74
CA UNK Q 65 40.99 -37.47 62.06
C UNK Q 65 40.88 -38.94 62.46
N UNK Q 66 41.68 -39.37 63.43
CA UNK Q 66 41.60 -40.75 63.90
C UNK Q 66 41.78 -40.88 65.41
N UNK Q 67 41.40 -42.05 65.94
CA UNK Q 67 41.57 -42.35 67.37
C UNK Q 67 40.57 -43.37 67.90
N UNK Q 68 40.88 -43.97 69.05
CA UNK Q 68 39.94 -44.90 69.69
C UNK Q 68 40.15 -45.15 71.18
N UNK Q 69 39.13 -45.69 71.84
CA UNK Q 69 39.18 -45.99 73.27
C UNK Q 69 40.56 -46.32 73.80
N UNK R 1 4.56 -5.25 92.09
CA UNK R 1 5.59 -6.08 92.71
C UNK R 1 4.96 -7.04 93.69
N UNK R 2 4.68 -8.26 93.22
CA UNK R 2 4.13 -9.25 94.11
C UNK R 2 5.27 -10.06 94.69
N UNK R 3 5.47 -9.98 96.00
CA UNK R 3 6.56 -10.70 96.63
C UNK R 3 6.03 -12.03 97.13
N UNK R 4 6.60 -13.13 96.66
CA UNK R 4 6.06 -14.45 97.04
C UNK R 4 6.96 -15.25 97.85
N UNK R 5 6.63 -15.36 99.13
CA UNK R 5 7.46 -16.11 100.06
C UNK R 5 6.91 -17.52 100.25
N UNK R 6 7.71 -18.55 100.00
CA UNK R 6 7.15 -19.92 100.13
C UNK R 6 8.02 -21.07 100.65
N UNK R 7 7.35 -22.13 101.12
CA UNK R 7 8.01 -23.35 101.58
C UNK R 7 8.31 -24.22 100.36
N UNK R 8 9.25 -25.15 100.49
CA UNK R 8 9.62 -26.06 99.40
C UNK R 8 10.63 -25.47 98.41
N UNK R 9 11.05 -26.24 97.42
CA UNK R 9 12.09 -25.75 96.51
C UNK R 9 11.71 -25.65 95.03
N UNK R 10 11.20 -26.74 94.48
CA UNK R 10 10.84 -26.75 93.07
C UNK R 10 9.41 -26.27 92.92
N UNK R 11 9.23 -25.24 92.09
CA UNK R 11 7.88 -24.70 91.87
C UNK R 11 7.56 -24.75 90.36
N UNK R 12 6.26 -24.86 90.10
CA UNK R 12 5.73 -24.88 88.73
C UNK R 12 5.05 -23.56 88.42
N UNK R 13 5.80 -22.68 87.76
CA UNK R 13 5.32 -21.34 87.40
C UNK R 13 4.53 -21.39 86.10
N UNK R 14 3.43 -20.61 86.06
CA UNK R 14 2.50 -20.44 84.90
C UNK R 14 1.77 -19.18 85.00
N UNK R 15 2.26 -18.11 84.41
CA UNK R 15 1.53 -16.91 84.66
C UNK R 15 0.15 -17.40 84.35
N UNK R 16 -0.73 -17.22 85.33
CA UNK R 16 -2.09 -17.63 85.13
C UNK R 16 -2.30 -19.10 84.73
N UNK R 17 -3.03 -19.20 83.64
CA UNK R 17 -3.56 -20.40 82.98
C UNK R 17 -2.85 -20.92 81.73
N UNK R 18 -3.11 -22.15 81.35
CA UNK R 18 -2.48 -22.57 80.15
C UNK R 18 -2.64 -21.31 79.38
N UNK R 19 -3.89 -20.94 79.23
CA UNK R 19 -4.29 -20.16 78.07
C UNK R 19 -3.31 -19.02 77.91
N UNK R 20 -2.95 -18.36 78.98
CA UNK R 20 -1.89 -17.37 78.89
C UNK R 20 -0.78 -17.70 79.86
N UNK R 21 0.41 -18.01 79.34
CA UNK R 21 1.57 -18.28 80.18
C UNK R 21 2.85 -18.22 79.35
N UNK R 22 4.00 -18.08 80.00
CA UNK R 22 5.24 -18.14 79.26
C UNK R 22 5.30 -19.63 79.29
N UNK R 23 4.14 -20.14 79.63
CA UNK R 23 3.78 -21.56 79.82
C UNK R 23 4.34 -22.09 81.15
N UNK R 24 3.83 -23.25 81.56
CA UNK R 24 4.28 -23.94 82.77
C UNK R 24 5.77 -24.32 82.67
N UNK R 25 6.53 -23.77 83.61
CA UNK R 25 7.98 -24.06 83.73
C UNK R 25 8.24 -24.51 85.18
N UNK R 26 9.27 -25.32 85.35
CA UNK R 26 9.71 -25.76 86.68
C UNK R 26 11.01 -25.05 87.06
N UNK R 27 10.95 -24.34 88.17
CA UNK R 27 12.13 -23.62 88.68
C UNK R 27 12.57 -24.22 90.02
N UNK R 28 13.83 -24.00 90.32
CA UNK R 28 14.45 -24.46 91.56
C UNK R 28 14.98 -23.27 92.36
N UNK R 29 14.54 -23.18 93.59
CA UNK R 29 15.06 -22.19 94.46
C UNK R 29 16.41 -22.72 94.85
N UNK R 30 16.97 -22.07 95.86
CA UNK R 30 18.25 -22.39 96.44
C UNK R 30 18.97 -21.06 96.51
N UNK R 31 20.27 -21.08 96.75
CA UNK R 31 21.03 -19.84 96.78
C UNK R 31 20.78 -18.96 98.00
N UNK R 32 20.21 -19.51 99.06
CA UNK R 32 20.01 -18.68 100.28
C UNK R 32 20.13 -17.26 99.76
N UNK R 33 20.76 -16.35 100.49
CA UNK R 33 20.86 -15.01 99.92
C UNK R 33 19.48 -14.68 99.35
N UNK R 34 19.46 -14.24 98.10
CA UNK R 34 18.24 -13.85 97.37
C UNK R 34 17.35 -14.97 96.82
N UNK R 35 16.07 -14.63 96.63
CA UNK R 35 15.05 -15.55 96.09
C UNK R 35 15.13 -15.76 94.57
N UNK R 36 14.54 -16.86 94.10
CA UNK R 36 14.54 -17.22 92.69
C UNK R 36 13.48 -16.50 91.85
N UNK R 37 13.61 -16.66 90.54
CA UNK R 37 12.74 -15.98 89.56
C UNK R 37 12.36 -16.89 88.39
N UNK R 38 11.18 -16.63 87.86
CA UNK R 38 10.68 -17.29 86.68
C UNK R 38 10.63 -16.16 85.67
N UNK R 39 11.61 -16.08 84.78
CA UNK R 39 11.62 -15.00 83.81
C UNK R 39 10.38 -15.11 82.97
N UNK R 40 10.03 -16.33 82.61
CA UNK R 40 8.87 -16.56 81.79
C UNK R 40 7.66 -16.05 82.55
N UNK R 41 7.57 -16.36 83.83
CA UNK R 41 6.46 -15.88 84.62
C UNK R 41 7.02 -15.03 85.74
N UNK R 42 7.14 -13.74 85.45
CA UNK R 42 7.64 -12.71 86.35
C UNK R 42 7.34 -12.96 87.82
N UNK R 43 7.76 -14.10 88.33
CA UNK R 43 7.52 -14.39 89.73
C UNK R 43 8.84 -14.60 90.43
N UNK R 44 8.98 -13.91 91.54
CA UNK R 44 10.18 -13.97 92.37
C UNK R 44 9.78 -14.53 93.75
N UNK R 45 10.09 -15.80 93.93
CA UNK R 45 9.81 -16.50 95.19
C UNK R 45 10.95 -16.34 96.19
N UNK R 46 10.58 -15.80 97.35
CA UNK R 46 11.49 -15.62 98.49
C UNK R 46 11.21 -16.70 99.56
N UNK R 47 12.29 -17.21 100.14
CA UNK R 47 12.20 -18.26 101.16
C UNK R 47 11.74 -17.66 102.47
N UNK S 1 69.20 0.10 47.36
CA UNK S 1 68.32 -0.14 48.52
C UNK S 1 68.01 -1.61 48.76
N UNK S 2 67.87 -2.39 47.68
CA UNK S 2 67.58 -3.84 47.79
C UNK S 2 67.74 -4.63 46.48
N UNK S 3 68.20 -5.86 46.68
CA UNK S 3 68.16 -6.95 45.69
C UNK S 3 67.39 -8.10 46.32
N UNK S 4 66.37 -8.52 45.58
CA UNK S 4 65.54 -9.67 45.95
C UNK S 4 65.48 -10.65 44.76
N UNK S 5 66.36 -11.65 44.83
CA UNK S 5 66.34 -12.76 43.86
C UNK S 5 65.06 -13.55 44.04
N UNK S 6 64.28 -13.72 42.99
CA UNK S 6 63.19 -14.67 43.05
C UNK S 6 63.66 -15.89 42.29
N UNK S 7 63.88 -16.93 43.07
CA UNK S 7 64.28 -18.22 42.59
C UNK S 7 63.32 -19.13 43.27
N UNK S 8 62.59 -19.87 42.46
CA UNK S 8 61.53 -20.77 42.91
C UNK S 8 62.05 -22.02 43.60
N UNK S 9 61.33 -22.47 44.63
CA UNK S 9 61.76 -23.65 45.40
C UNK S 9 61.79 -24.86 44.50
N UNK S 10 60.80 -24.97 43.62
CA UNK S 10 60.83 -25.98 42.60
C UNK S 10 62.00 -25.62 41.71
N UNK S 11 62.68 -26.60 41.14
CA UNK S 11 63.96 -26.36 40.48
C UNK S 11 64.15 -26.87 39.04
N UNK S 12 65.12 -26.31 38.37
CA UNK S 12 65.40 -26.68 37.01
C UNK S 12 64.90 -25.43 36.38
N UNK S 13 65.82 -24.76 35.70
CA UNK S 13 65.54 -23.48 35.10
C UNK S 13 65.59 -22.63 36.35
N UNK S 14 65.93 -23.29 37.46
CA UNK S 14 66.06 -22.63 38.73
C UNK S 14 67.19 -23.30 39.50
N UNK S 15 67.54 -24.52 39.09
CA UNK S 15 68.60 -25.25 39.79
C UNK S 15 69.94 -24.53 39.69
N UNK S 16 70.27 -24.05 38.49
CA UNK S 16 71.53 -23.35 38.29
C UNK S 16 71.52 -22.06 39.10
N UNK S 17 70.40 -21.36 39.06
CA UNK S 17 70.24 -20.11 39.79
C UNK S 17 70.35 -20.38 41.28
N UNK S 18 69.75 -21.47 41.72
CA UNK S 18 69.79 -21.84 43.12
C UNK S 18 71.22 -22.09 43.56
N UNK S 19 71.95 -22.80 42.71
CA UNK S 19 73.32 -23.12 43.00
C UNK S 19 74.00 -21.81 43.31
N UNK S 20 73.84 -20.85 42.41
CA UNK S 20 74.45 -19.54 42.59
C UNK S 20 73.88 -19.01 43.86
N UNK S 21 72.61 -19.26 44.06
CA UNK S 21 71.97 -18.78 45.25
C UNK S 21 72.64 -19.38 46.47
N UNK S 22 72.91 -20.69 46.45
CA UNK S 22 73.54 -21.28 47.61
C UNK S 22 74.93 -20.75 47.86
N UNK S 23 75.76 -20.72 46.82
CA UNK S 23 77.12 -20.20 46.92
C UNK S 23 77.31 -18.68 47.00
N UNK S 24 76.62 -17.98 46.11
CA UNK S 24 76.73 -16.53 45.97
C UNK S 24 76.37 -15.61 47.13
N UNK S 25 75.18 -15.74 47.69
CA UNK S 25 74.77 -14.83 48.75
C UNK S 25 75.70 -14.86 49.94
N UNK S 26 76.10 -16.05 50.40
CA UNK S 26 77.01 -16.11 51.53
C UNK S 26 78.26 -15.42 51.04
N UNK S 27 78.62 -15.77 49.82
CA UNK S 27 79.73 -15.14 49.18
C UNK S 27 79.30 -13.70 49.01
N UNK S 28 78.03 -13.52 48.63
CA UNK S 28 77.48 -12.20 48.39
C UNK S 28 77.49 -11.30 49.62
N UNK S 29 77.08 -11.83 50.76
CA UNK S 29 77.07 -11.01 51.96
C UNK S 29 78.52 -10.67 52.19
N UNK S 30 79.37 -11.67 52.06
CA UNK S 30 80.78 -11.47 52.21
C UNK S 30 81.21 -10.57 51.07
N UNK S 31 80.71 -10.87 49.88
CA UNK S 31 81.03 -10.10 48.69
C UNK S 31 80.55 -8.66 48.76
N UNK S 32 79.33 -8.46 49.24
CA UNK S 32 78.76 -7.13 49.35
C UNK S 32 78.50 -6.90 50.82
N UNK S 33 79.25 -5.99 51.42
CA UNK S 33 79.11 -5.77 52.83
C UNK S 33 77.71 -5.21 53.05
N UNK S 34 77.33 -4.29 52.18
CA UNK S 34 76.02 -3.67 52.28
C UNK S 34 75.04 -3.92 51.14
N UNK S 35 75.36 -4.80 50.18
CA UNK S 35 74.41 -5.00 49.11
C UNK S 35 73.29 -5.90 49.60
N UNK S 36 72.04 -5.49 49.41
CA UNK S 36 70.94 -6.22 50.07
C UNK S 36 70.59 -7.46 49.25
N UNK S 37 70.63 -8.62 49.90
CA UNK S 37 70.44 -9.92 49.23
C UNK S 37 69.36 -10.74 49.94
N UNK S 38 68.21 -10.79 49.29
CA UNK S 38 67.07 -11.58 49.77
C UNK S 38 66.72 -12.62 48.73
N UNK S 39 66.28 -13.82 49.18
CA UNK S 39 65.61 -14.85 48.32
C UNK S 39 64.50 -15.80 48.94
N UNK S 40 63.68 -16.50 48.11
CA UNK S 40 62.64 -17.52 48.52
C UNK S 40 62.30 -18.64 47.46
N UNK S 41 61.58 -19.73 47.73
CA UNK S 41 61.10 -20.59 46.59
C UNK S 41 59.59 -21.02 46.49
N UNK S 42 58.95 -20.66 45.39
CA UNK S 42 57.50 -20.81 45.28
C UNK S 42 56.98 -21.26 43.92
N UNK S 43 57.22 -20.42 42.92
CA UNK S 43 56.63 -20.56 41.59
C UNK S 43 57.66 -20.74 40.49
N UNK S 44 57.21 -21.30 39.37
CA UNK S 44 58.07 -21.69 38.25
C UNK S 44 58.64 -20.52 37.46
N UNK S 45 59.70 -20.84 36.71
CA UNK S 45 60.46 -19.87 35.91
C UNK S 45 61.40 -19.05 36.77
N UNK S 46 60.88 -18.29 37.73
CA UNK S 46 61.74 -17.61 38.69
C UNK S 46 62.78 -16.78 37.97
N UNK S 47 64.03 -16.97 38.38
CA UNK S 47 65.18 -16.39 37.69
C UNK S 47 65.34 -14.89 37.86
N UNK S 48 64.49 -14.25 38.66
CA UNK S 48 64.41 -12.80 38.38
C UNK S 48 65.26 -12.06 39.41
N UNK S 49 65.81 -10.95 38.92
CA UNK S 49 66.70 -10.11 39.71
C UNK S 49 65.96 -8.83 40.08
N UNK S 50 65.25 -8.90 41.20
CA UNK S 50 64.66 -7.68 41.76
C UNK S 50 65.75 -6.80 42.38
N UNK S 51 65.80 -5.58 41.85
CA UNK S 51 66.63 -4.47 42.34
C UNK S 51 65.74 -3.24 42.46
N UNK S 52 65.83 -2.65 43.64
CA UNK S 52 65.26 -1.32 43.89
C UNK S 52 66.42 -0.46 44.38
N UNK S 53 67.06 0.15 43.38
CA UNK S 53 68.26 0.95 43.61
C UNK S 53 68.02 2.13 44.55
N UNK S 54 69.10 2.63 45.15
CA UNK S 54 69.10 3.92 45.86
C UNK S 54 69.02 5.09 44.86
N UNK S 55 69.15 4.71 43.61
CA UNK S 55 68.96 5.62 42.49
C UNK S 55 67.43 5.71 42.26
N UNK S 56 66.64 4.96 43.03
CA UNK S 56 65.18 4.95 42.93
C UNK S 56 64.63 4.27 41.68
N UNK S 57 65.32 3.26 41.18
CA UNK S 57 64.84 2.60 39.96
C UNK S 57 64.55 1.11 40.22
N UNK S 58 63.68 0.58 39.36
CA UNK S 58 63.27 -0.83 39.42
C UNK S 58 64.12 -1.71 38.49
N UNK S 59 64.15 -2.97 38.90
CA UNK S 59 64.79 -4.07 38.15
C UNK S 59 64.25 -5.37 38.70
N UNK S 60 63.57 -6.11 37.86
CA UNK S 60 62.99 -7.42 38.21
C UNK S 60 63.02 -8.34 36.99
N UNK S 61 64.17 -8.95 36.79
CA UNK S 61 64.38 -9.66 35.52
C UNK S 61 65.05 -11.03 35.67
N UNK S 62 64.44 -12.07 35.12
CA UNK S 62 65.02 -13.40 35.27
C UNK S 62 65.59 -13.98 33.98
N UNK S 63 66.68 -14.73 34.14
CA UNK S 63 67.34 -15.40 33.04
C UNK S 63 67.18 -16.86 33.39
N UNK S 64 66.93 -17.71 32.42
CA UNK S 64 66.75 -19.12 32.72
C UNK S 64 67.87 -20.02 32.21
N UNK S 65 68.41 -20.81 33.14
CA UNK S 65 69.47 -21.76 32.83
C UNK S 65 70.87 -21.15 32.75
N UNK S 66 71.00 -19.86 33.01
CA UNK S 66 72.31 -19.23 32.95
C UNK S 66 73.25 -19.72 34.07
N UNK S 67 74.54 -19.73 33.78
CA UNK S 67 75.53 -20.15 34.77
C UNK S 67 75.58 -19.14 35.91
N UNK S 68 75.73 -19.62 37.13
CA UNK S 68 75.76 -18.72 38.25
C UNK S 68 76.87 -17.74 37.97
N UNK S 69 78.00 -18.26 37.51
CA UNK S 69 79.10 -17.37 37.18
C UNK S 69 78.49 -16.41 36.17
N UNK S 70 77.67 -16.95 35.29
CA UNK S 70 76.95 -16.15 34.31
C UNK S 70 76.09 -15.27 35.19
N UNK S 71 75.64 -15.88 36.28
CA UNK S 71 74.82 -15.14 37.21
C UNK S 71 75.65 -14.05 37.85
N UNK S 72 76.88 -14.40 38.20
CA UNK S 72 77.77 -13.46 38.84
C UNK S 72 78.07 -12.29 37.92
N UNK S 73 78.26 -12.59 36.65
CA UNK S 73 78.54 -11.58 35.64
C UNK S 73 77.35 -10.65 35.49
N UNK S 74 76.16 -11.22 35.51
CA UNK S 74 74.96 -10.42 35.39
C UNK S 74 74.89 -9.49 36.58
N UNK S 75 75.25 -10.02 37.74
CA UNK S 75 75.24 -9.28 38.99
C UNK S 75 76.22 -8.12 38.92
N UNK S 76 77.39 -8.40 38.34
CA UNK S 76 78.43 -7.41 38.20
C UNK S 76 77.92 -6.31 37.30
N UNK S 77 77.21 -6.70 36.25
CA UNK S 77 76.64 -5.76 35.31
C UNK S 77 75.64 -4.86 36.02
N UNK S 78 74.83 -5.47 36.88
CA UNK S 78 73.85 -4.72 37.64
C UNK S 78 74.54 -3.72 38.55
N UNK S 79 75.56 -4.24 39.23
CA UNK S 79 76.33 -3.50 40.22
C UNK S 79 77.28 -2.47 39.63
N UNK S 80 78.07 -1.87 40.52
CA UNK S 80 79.05 -0.85 40.19
C UNK S 80 79.69 -1.05 38.81
N UNK T 1 31.19 10.11 -16.95
CA UNK T 1 30.06 10.20 -16.07
C UNK T 1 28.98 10.82 -16.90
N UNK T 2 27.59 9.95 -16.93
CA UNK T 2 26.53 10.83 -17.34
C UNK T 2 26.18 11.75 -16.13
N UNK T 3 27.10 12.65 -15.78
CA UNK T 3 26.82 13.69 -14.80
C UNK T 3 26.27 13.34 -13.43
N UNK T 4 26.81 12.27 -12.85
CA UNK T 4 26.31 11.78 -11.58
C UNK T 4 27.38 11.74 -10.51
N UNK T 5 28.64 11.66 -10.94
CA UNK T 5 29.75 11.58 -10.00
C UNK T 5 29.89 12.82 -9.13
N UNK T 6 29.74 14.00 -9.72
CA UNK T 6 29.84 15.23 -8.95
C UNK T 6 28.73 15.34 -7.91
N UNK T 7 27.51 15.04 -8.32
CA UNK T 7 26.35 15.10 -7.42
C UNK T 7 26.50 14.10 -6.29
N UNK T 8 26.96 12.90 -6.64
CA UNK T 8 27.15 11.86 -5.65
C UNK T 8 28.21 12.30 -4.65
N UNK T 9 29.27 12.92 -5.16
CA UNK T 9 30.34 13.38 -4.29
C UNK T 9 29.82 14.44 -3.34
N UNK T 10 28.99 15.33 -3.86
CA UNK T 10 28.41 16.39 -3.05
C UNK T 10 27.55 15.79 -1.94
N UNK T 11 26.77 14.77 -2.28
CA UNK T 11 25.93 14.14 -1.29
C UNK T 11 26.78 13.47 -0.21
N UNK T 12 27.85 12.81 -0.66
CA UNK T 12 28.75 12.12 0.26
C UNK T 12 29.40 13.10 1.23
N UNK T 13 29.94 14.19 0.70
CA UNK T 13 30.59 15.21 1.52
C UNK T 13 29.59 15.83 2.48
N UNK T 14 28.39 16.10 1.98
CA UNK T 14 27.34 16.69 2.80
C UNK T 14 26.98 15.74 3.93
N UNK T 15 26.91 14.46 3.61
CA UNK T 15 26.59 13.44 4.61
C UNK T 15 27.67 13.38 5.68
N UNK T 16 28.91 13.51 5.25
CA UNK T 16 30.05 13.47 6.18
C UNK T 16 30.67 14.86 6.33
N UNK T 17 36.24 16.48 -1.48
CA UNK T 17 37.53 17.09 -1.18
C UNK T 17 38.64 16.04 -1.14
N UNK T 18 38.96 15.57 0.05
CA UNK T 18 40.01 14.59 0.24
C UNK T 18 39.66 13.29 -0.50
N UNK T 19 38.38 12.94 -0.46
CA UNK T 19 37.90 11.72 -1.12
C UNK T 19 38.06 11.84 -2.63
N UNK T 20 38.34 10.70 -3.25
CA UNK T 20 38.56 10.63 -4.69
C UNK T 20 37.74 9.49 -5.25
N UNK T 21 37.49 9.52 -6.55
CA UNK T 21 36.67 8.48 -7.18
C UNK T 21 37.35 7.14 -6.97
N UNK T 22 38.67 7.13 -7.09
CA UNK T 22 39.47 5.94 -6.86
C UNK T 22 39.40 5.42 -5.41
N UNK T 23 39.42 6.34 -4.44
CA UNK T 23 39.55 5.99 -3.02
C UNK T 23 38.38 5.15 -2.48
N UNK T 24 38.73 4.15 -1.66
CA UNK T 24 37.75 3.30 -1.00
C UNK T 24 37.00 4.04 0.11
N UNK T 25 35.73 3.69 0.32
CA UNK T 25 34.97 4.32 1.35
C UNK T 25 35.58 4.07 2.69
N UNK T 26 35.79 2.79 3.05
CA UNK T 26 36.30 2.50 4.35
C UNK T 26 37.69 3.03 4.53
N UNK T 27 38.59 2.73 3.57
CA UNK T 27 39.96 3.08 3.77
C UNK T 27 40.20 4.56 3.72
N UNK T 28 39.91 5.18 2.56
CA UNK T 28 40.25 6.56 2.34
C UNK T 28 39.36 7.51 3.09
N UNK T 29 38.05 7.23 3.04
CA UNK T 29 37.01 8.10 3.53
C UNK T 29 36.94 8.17 5.02
N UNK T 30 37.51 7.19 5.68
CA UNK T 30 37.40 7.04 7.12
C UNK T 30 36.13 6.32 7.49
N UNK T 31 35.49 5.71 6.50
CA UNK T 31 34.18 5.12 6.66
C UNK T 31 34.12 4.00 7.69
N UNK T 32 33.10 3.98 8.54
CA UNK T 32 32.96 2.90 9.51
C UNK T 32 32.47 1.74 8.69
N UNK T 33 32.47 0.53 9.23
CA UNK T 33 31.72 -0.52 8.55
C UNK T 33 30.26 -0.07 8.61
N UNK T 34 29.85 0.31 9.82
CA UNK T 34 28.49 0.80 10.06
C UNK T 34 28.25 2.13 9.36
N UNK T 35 29.23 3.01 9.46
CA UNK T 35 29.11 4.32 8.86
C UNK T 35 29.00 4.12 7.36
N UNK T 36 29.76 3.17 6.86
CA UNK T 36 29.79 2.88 5.43
C UNK T 36 28.45 2.39 4.96
N UNK T 37 27.83 1.50 5.74
CA UNK T 37 26.52 1.00 5.37
C UNK T 37 25.53 2.15 5.35
N UNK T 38 25.63 3.04 6.35
CA UNK T 38 24.72 4.17 6.42
C UNK T 38 24.90 5.08 5.21
N UNK T 39 26.15 5.29 4.84
CA UNK T 39 26.51 6.15 3.74
C UNK T 39 25.93 5.57 2.46
N UNK T 40 26.03 4.25 2.34
CA UNK T 40 25.52 3.54 1.19
C UNK T 40 24.01 3.70 1.10
N UNK T 41 23.34 3.62 2.24
CA UNK T 41 21.90 3.80 2.28
C UNK T 41 21.54 5.20 1.83
N UNK T 42 22.31 6.18 2.31
CA UNK T 42 22.05 7.57 1.98
C UNK T 42 22.22 7.75 0.49
N UNK T 43 23.25 7.09 -0.04
CA UNK T 43 23.59 7.17 -1.44
C UNK T 43 22.45 6.59 -2.26
N UNK T 44 21.91 5.47 -1.82
CA UNK T 44 20.83 4.81 -2.54
C UNK T 44 19.63 5.73 -2.54
N UNK T 45 19.39 6.38 -1.40
CA UNK T 45 18.27 7.28 -1.27
C UNK T 45 18.39 8.46 -2.25
N UNK T 46 19.58 9.04 -2.36
CA UNK T 46 19.75 10.13 -3.30
C UNK T 46 19.55 9.60 -4.71
N UNK T 47 20.19 8.46 -4.96
CA UNK T 47 20.01 7.71 -6.20
C UNK T 47 18.58 7.22 -6.32
N UNK T 48 18.01 6.85 -5.17
CA UNK T 48 16.73 6.16 -5.10
C UNK T 48 16.94 4.67 -5.41
N UNK T 49 18.21 4.26 -5.45
CA UNK T 49 18.58 2.88 -5.71
C UNK T 49 19.27 2.25 -4.50
N UNK T 50 18.81 1.08 -4.10
CA UNK T 50 19.36 0.37 -2.96
C UNK T 50 19.90 -1.00 -3.36
N UNK T 51 21.09 -1.33 -2.88
CA UNK T 51 21.76 -2.58 -3.26
C UNK T 51 21.72 -3.59 -2.12
N UNK T 52 21.44 -4.84 -2.49
CA UNK T 52 21.28 -5.89 -1.53
C UNK T 52 22.59 -5.81 -0.84
N UNK T 53 22.68 -6.45 0.30
CA UNK T 53 23.91 -6.40 1.07
C UNK T 53 24.98 -6.88 0.13
N UNK T 54 24.64 -7.83 -0.71
CA UNK T 54 25.58 -8.35 -1.65
C UNK T 54 26.06 -7.22 -2.56
N UNK T 55 25.19 -6.25 -2.83
CA UNK T 55 25.55 -5.18 -3.72
C UNK T 55 26.35 -4.16 -2.97
N UNK T 56 26.05 -3.99 -1.66
CA UNK T 56 26.74 -3.03 -0.87
C UNK T 56 28.19 -3.40 -0.84
N UNK T 57 28.47 -4.70 -0.72
CA UNK T 57 29.84 -5.15 -0.62
C UNK T 57 30.57 -4.73 -1.85
N UNK T 58 29.89 -4.85 -3.01
CA UNK T 58 30.50 -4.62 -4.30
C UNK T 58 30.97 -3.21 -4.44
N UNK T 59 30.18 -2.21 -3.99
CA UNK T 59 30.58 -0.85 -4.23
C UNK T 59 31.59 -0.42 -3.21
N UNK T 60 32.84 -0.91 -3.33
CA UNK T 60 33.91 -0.56 -2.42
C UNK T 60 34.39 0.85 -2.57
N UNK T 61 34.43 1.38 -3.82
CA UNK T 61 35.04 2.67 -4.07
C UNK T 61 34.04 3.62 -4.70
N UNK T 62 34.29 4.91 -4.77
CA UNK T 62 33.32 5.83 -5.30
C UNK T 62 33.03 5.45 -6.72
N UNK T 63 34.01 4.88 -7.44
CA UNK T 63 33.83 4.50 -8.82
C UNK T 63 32.83 3.39 -8.87
N UNK T 64 32.85 2.52 -7.86
CA UNK T 64 31.95 1.42 -7.88
C UNK T 64 30.55 1.95 -7.83
N UNK T 65 30.31 2.95 -6.98
CA UNK T 65 28.97 3.45 -6.89
C UNK T 65 28.54 3.98 -8.22
N UNK T 66 29.40 4.81 -8.84
CA UNK T 66 29.04 5.47 -10.07
C UNK T 66 28.72 4.44 -11.11
N UNK T 67 29.54 3.38 -11.20
CA UNK T 67 29.32 2.34 -12.16
C UNK T 67 27.99 1.70 -11.88
N UNK T 68 27.69 1.49 -10.59
CA UNK T 68 26.51 0.82 -10.13
C UNK T 68 25.32 1.61 -10.57
N UNK T 69 25.42 2.95 -10.47
CA UNK T 69 24.33 3.83 -10.77
C UNK T 69 23.92 3.74 -12.21
N UNK T 70 24.84 3.61 -13.17
CA UNK T 70 24.38 3.62 -14.53
C UNK T 70 23.44 2.50 -14.76
N UNK T 71 22.17 2.84 -15.08
CA UNK T 71 21.13 1.87 -15.25
C UNK T 71 20.98 1.51 -16.68
N UNK U 5 39.03 -8.15 -95.20
CA UNK U 5 39.98 -9.18 -95.60
C UNK U 5 41.42 -8.67 -95.52
N UNK U 6 42.35 -9.63 -95.53
CA UNK U 6 43.76 -9.41 -95.24
C UNK U 6 44.40 -8.47 -96.27
N UNK U 7 43.76 -8.35 -97.41
CA UNK U 7 44.27 -7.52 -98.48
C UNK U 7 44.40 -6.12 -97.88
N UNK U 8 43.49 -5.79 -96.98
CA UNK U 8 43.57 -4.51 -96.31
C UNK U 8 44.91 -4.48 -95.60
N UNK U 9 45.28 -5.60 -94.97
CA UNK U 9 46.66 -5.72 -94.50
C UNK U 9 47.60 -5.27 -95.61
N UNK U 10 47.29 -5.69 -96.83
CA UNK U 10 48.09 -5.33 -97.98
C UNK U 10 48.11 -3.83 -98.20
N UNK U 11 46.95 -3.21 -98.04
CA UNK U 11 46.86 -1.77 -98.22
C UNK U 11 47.73 -1.07 -97.19
N UNK U 12 47.64 -1.55 -95.96
CA UNK U 12 48.37 -0.91 -94.89
C UNK U 12 49.84 -1.02 -95.25
N UNK U 13 50.22 -2.18 -95.75
CA UNK U 13 51.62 -2.45 -96.10
C UNK U 13 52.11 -1.51 -97.21
N UNK U 14 51.28 -1.30 -98.22
CA UNK U 14 51.68 -0.41 -99.30
C UNK U 14 51.90 0.98 -98.73
N UNK U 15 51.00 1.40 -97.85
CA UNK U 15 51.12 2.72 -97.26
C UNK U 15 52.40 2.87 -96.44
N UNK U 16 52.69 1.84 -95.67
CA UNK U 16 53.87 1.86 -94.81
C UNK U 16 55.11 1.95 -95.68
N UNK U 17 55.07 1.23 -96.80
CA UNK U 17 56.19 1.20 -97.70
C UNK U 17 56.43 2.60 -98.21
N UNK U 18 55.41 3.22 -98.78
CA UNK U 18 55.63 4.48 -99.47
C UNK U 18 56.17 5.58 -98.56
N UNK U 19 55.59 5.69 -97.36
CA UNK U 19 55.98 6.73 -96.43
C UNK U 19 57.43 6.63 -95.94
N UNK U 20 57.88 5.42 -95.63
CA UNK U 20 59.23 5.31 -95.15
C UNK U 20 59.15 5.80 -93.72
N UNK U 21 60.29 5.93 -93.05
CA UNK U 21 61.57 5.59 -93.64
C UNK U 21 61.82 4.11 -93.47
N UNK U 22 60.86 3.41 -92.88
CA UNK U 22 60.98 2.00 -92.61
C UNK U 22 61.26 1.16 -93.85
N UNK U 23 62.15 0.19 -93.66
CA UNK U 23 62.59 -0.72 -94.70
C UNK U 23 61.39 -1.19 -95.50
N UNK U 24 61.57 -1.35 -96.81
CA UNK U 24 60.49 -1.74 -97.68
C UNK U 24 59.79 -3.04 -97.28
N UNK U 25 60.56 -4.05 -96.88
CA UNK U 25 59.98 -5.34 -96.49
C UNK U 25 60.20 -5.59 -95.01
N UNK U 26 60.37 -4.50 -94.27
CA UNK U 26 60.67 -4.54 -92.85
C UNK U 26 59.74 -5.20 -91.81
N UNK U 27 58.43 -5.01 -91.92
CA UNK U 27 57.52 -5.58 -90.93
C UNK U 27 56.34 -6.26 -91.58
N UNK U 28 56.00 -7.46 -91.13
CA UNK U 28 54.86 -8.14 -91.72
C UNK U 28 53.96 -8.93 -90.75
N UNK U 29 53.28 -8.25 -89.82
CA UNK U 29 53.41 -6.82 -89.57
C UNK U 29 53.82 -6.66 -88.12
N UNK U 30 54.51 -7.68 -87.61
CA UNK U 30 54.96 -7.76 -86.22
C UNK U 30 55.93 -6.68 -85.76
N UNK U 31 56.64 -6.07 -86.70
CA UNK U 31 57.61 -5.06 -86.31
C UNK U 31 57.05 -3.84 -85.59
N UNK U 32 57.83 -3.45 -84.58
CA UNK U 32 57.66 -2.30 -83.70
C UNK U 32 57.45 -1.06 -84.54
N UNK U 33 56.49 -0.24 -84.15
CA UNK U 33 56.10 0.88 -84.92
C UNK U 33 57.06 1.95 -84.60
N UNK U 34 57.38 2.07 -83.34
CA UNK U 34 58.38 2.98 -82.94
C UNK U 34 59.60 2.21 -83.30
N UNK U 35 59.72 1.14 -82.54
CA UNK U 35 60.94 0.40 -82.37
C UNK U 35 61.56 -0.02 -83.68
N UNK U 36 60.82 -0.83 -84.39
CA UNK U 36 61.43 -1.54 -85.47
C UNK U 36 61.54 -0.74 -86.73
N UNK U 37 61.44 0.57 -86.64
CA UNK U 37 61.48 1.38 -87.84
C UNK U 37 61.98 2.76 -87.54
N UNK U 38 62.32 2.93 -86.29
CA UNK U 38 62.94 4.18 -85.95
C UNK U 38 61.91 5.27 -86.10
N UNK U 39 60.73 4.97 -85.61
CA UNK U 39 59.64 5.90 -85.69
C UNK U 39 59.87 7.11 -84.79
N UNK U 40 59.28 8.26 -85.13
CA UNK U 40 59.40 9.44 -84.29
C UNK U 40 58.06 9.56 -83.60
N UNK U 41 58.04 10.02 -82.35
CA UNK U 41 56.78 10.15 -81.66
C UNK U 41 55.94 11.10 -82.49
N UNK U 42 56.57 12.15 -82.95
CA UNK U 42 55.88 13.09 -83.81
C UNK U 42 55.54 12.29 -85.04
N UNK U 43 56.49 11.46 -85.45
CA UNK U 43 56.33 10.62 -86.62
C UNK U 43 55.18 9.64 -86.46
N UNK U 44 55.04 9.11 -85.26
CA UNK U 44 53.98 8.14 -85.03
C UNK U 44 52.67 8.80 -85.38
N UNK U 45 52.55 10.07 -85.00
CA UNK U 45 51.33 10.77 -85.27
C UNK U 45 51.08 10.79 -86.77
N UNK U 46 52.13 11.03 -87.54
CA UNK U 46 51.96 11.07 -88.98
C UNK U 46 51.46 9.71 -89.38
N UNK U 47 52.00 8.69 -88.74
CA UNK U 47 51.60 7.34 -89.08
C UNK U 47 50.13 7.25 -88.82
N UNK U 48 49.69 7.81 -87.71
CA UNK U 48 48.28 7.78 -87.41
C UNK U 48 47.61 8.56 -88.52
N UNK U 49 48.23 9.68 -88.87
CA UNK U 49 47.73 10.54 -89.93
C UNK U 49 47.57 9.65 -91.14
N UNK U 50 48.65 8.95 -91.47
CA UNK U 50 48.61 8.04 -92.61
C UNK U 50 47.50 7.00 -92.53
N UNK U 51 47.28 6.48 -91.33
CA UNK U 51 46.20 5.54 -91.12
C UNK U 51 44.91 6.30 -91.44
N UNK U 52 44.92 7.56 -91.05
CA UNK U 52 43.82 8.50 -91.32
C UNK U 52 43.58 8.76 -92.82
N UNK U 53 44.66 8.87 -93.58
CA UNK U 53 44.55 9.02 -95.02
C UNK U 53 43.89 7.76 -95.55
N UNK U 54 44.28 6.62 -95.01
CA UNK U 54 43.68 5.37 -95.46
C UNK U 54 42.20 5.41 -95.20
N UNK U 55 41.83 5.84 -94.00
CA UNK U 55 40.44 5.84 -93.61
C UNK U 55 39.99 7.11 -92.87
N UNK U 56 38.73 7.46 -93.08
CA UNK U 56 38.07 8.55 -92.37
C UNK U 56 37.93 8.26 -90.89
N UNK U 57 37.68 7.00 -90.57
CA UNK U 57 37.28 6.64 -89.21
C UNK U 57 38.35 7.00 -88.19
N UNK U 58 39.61 6.74 -88.50
CA UNK U 58 40.68 7.07 -87.57
C UNK U 58 40.44 6.42 -86.22
N UNK U 59 40.61 7.19 -85.17
CA UNK U 59 40.35 6.70 -83.85
C UNK U 59 40.13 7.88 -82.95
N UNK U 60 39.61 7.59 -81.77
CA UNK U 60 39.59 8.54 -80.71
C UNK U 60 41.06 8.60 -80.34
N UNK U 61 41.45 9.50 -79.45
CA UNK U 61 42.85 9.61 -79.10
C UNK U 61 43.33 8.28 -78.52
N UNK U 62 42.47 7.66 -77.74
CA UNK U 62 42.83 6.46 -77.01
C UNK U 62 43.25 5.35 -77.98
N UNK U 63 42.55 5.23 -79.09
CA UNK U 63 42.89 4.20 -80.06
C UNK U 63 44.30 4.41 -80.61
N UNK U 64 44.64 5.66 -80.89
CA UNK U 64 45.95 5.98 -81.41
C UNK U 64 47.00 5.61 -80.39
N UNK U 65 46.73 5.93 -79.13
CA UNK U 65 47.68 5.62 -78.06
C UNK U 65 47.88 4.10 -77.97
N UNK U 66 46.79 3.36 -78.12
CA UNK U 66 46.85 1.90 -78.08
C UNK U 66 47.68 1.31 -79.21
N UNK U 67 47.56 1.85 -80.42
CA UNK U 67 48.27 1.27 -81.57
C UNK U 67 49.80 1.33 -81.39
N UNK U 68 50.51 0.26 -81.79
CA UNK U 68 51.91 0.17 -81.53
C UNK U 68 52.47 -0.75 -82.59
N UNK U 69 51.57 -1.64 -83.04
CA UNK U 69 51.82 -2.67 -84.02
C UNK U 69 50.84 -2.59 -85.20
N UNK U 70 51.39 -2.72 -86.41
CA UNK U 70 50.61 -2.61 -87.63
C UNK U 70 49.54 -3.69 -87.70
N UNK U 71 49.86 -4.89 -87.27
CA UNK U 71 48.88 -5.96 -87.29
C UNK U 71 47.72 -5.55 -86.39
N UNK U 72 48.06 -4.94 -85.26
CA UNK U 72 47.06 -4.50 -84.30
C UNK U 72 46.14 -3.45 -84.91
N UNK U 73 46.72 -2.51 -85.64
CA UNK U 73 45.92 -1.47 -86.27
C UNK U 73 44.98 -2.10 -87.29
N UNK U 74 45.48 -3.08 -88.03
CA UNK U 74 44.65 -3.73 -89.03
C UNK U 74 43.48 -4.42 -88.35
N UNK U 75 43.75 -4.99 -87.18
CA UNK U 75 42.71 -5.61 -86.37
C UNK U 75 41.58 -4.63 -86.02
N UNK U 76 41.93 -3.61 -85.25
CA UNK U 76 40.95 -2.65 -84.76
C UNK U 76 40.28 -1.98 -85.93
N UNK U 77 41.06 -1.71 -86.96
CA UNK U 77 40.52 -1.16 -88.19
C UNK U 77 39.53 -2.19 -88.72
N UNK U 78 39.86 -3.46 -88.55
CA UNK U 78 39.02 -4.52 -89.07
C UNK U 78 37.66 -4.45 -88.41
N ALA U 79 37.65 -4.23 -87.10
CA ALA U 79 36.40 -4.08 -86.36
C ALA U 79 35.39 -5.16 -86.74
N UNK V 1 -21.97 -41.41 8.84
CA UNK V 1 -22.95 -42.43 8.51
C UNK V 1 -22.34 -43.51 7.64
N UNK V 2 -23.13 -44.46 7.17
CA UNK V 2 -22.52 -45.48 6.31
C UNK V 2 -21.24 -45.78 7.07
N UNK V 3 -21.37 -45.89 8.38
CA UNK V 3 -20.24 -46.14 9.26
C UNK V 3 -19.53 -47.47 9.01
N UNK V 4 -20.29 -48.53 8.76
CA UNK V 4 -19.70 -49.84 8.55
C UNK V 4 -18.77 -49.84 7.35
N UNK V 5 -19.19 -49.15 6.29
CA UNK V 5 -18.40 -49.09 5.07
C UNK V 5 -17.21 -48.14 5.18
N UNK V 6 -17.44 -46.97 5.75
CA UNK V 6 -16.37 -45.99 5.87
C UNK V 6 -15.27 -46.54 6.74
N UNK V 7 -15.60 -47.13 7.88
CA UNK V 7 -14.56 -47.59 8.80
C UNK V 7 -13.57 -48.63 8.27
N UNK V 8 -14.07 -49.65 7.57
CA UNK V 8 -13.18 -50.68 7.06
C UNK V 8 -12.18 -50.11 6.05
N UNK V 9 -12.66 -49.27 5.15
CA UNK V 9 -11.80 -48.69 4.14
C UNK V 9 -10.69 -47.85 4.77
N UNK V 10 -11.06 -47.06 5.77
CA UNK V 10 -10.07 -46.24 6.45
C UNK V 10 -9.03 -47.09 7.15
N UNK V 11 -9.55 -48.11 7.85
CA UNK V 11 -8.76 -49.08 8.57
C UNK V 11 -7.97 -49.88 7.56
N UNK V 12 -8.60 -50.22 6.45
CA UNK V 12 -7.94 -50.97 5.39
C UNK V 12 -6.81 -50.14 4.81
N UNK V 13 -7.10 -48.84 4.61
CA UNK V 13 -6.11 -47.91 4.08
C UNK V 13 -4.96 -47.79 5.07
N UNK V 14 -5.31 -47.75 6.35
CA UNK V 14 -4.32 -47.66 7.41
C UNK V 14 -3.42 -48.89 7.38
N UNK V 15 -4.02 -50.04 7.16
CA UNK V 15 -3.31 -51.31 7.09
C UNK V 15 -2.36 -51.30 5.90
N UNK V 16 -2.82 -50.74 4.79
CA UNK V 16 -2.00 -50.66 3.59
C UNK V 16 -0.80 -49.77 3.87
N UNK V 17 -1.04 -48.67 4.60
CA UNK V 17 0.03 -47.76 4.94
C UNK V 17 1.03 -48.47 5.86
N UNK V 18 0.48 -49.27 6.77
CA UNK V 18 1.27 -50.04 7.72
C UNK V 18 2.14 -51.03 6.97
N UNK V 19 1.63 -51.61 5.90
CA UNK V 19 2.40 -52.58 5.14
C UNK V 19 3.70 -51.99 4.60
N UNK V 20 3.67 -50.74 4.17
CA UNK V 20 4.85 -50.08 3.64
C UNK V 20 5.93 -50.00 4.73
N UNK V 21 5.50 -49.82 5.97
CA UNK V 21 6.41 -49.71 7.11
C UNK V 21 7.25 -50.96 7.30
N UNK V 22 8.56 -50.76 7.50
CA UNK V 22 9.54 -51.86 7.63
C UNK V 22 9.52 -52.79 8.86
N UNK V 23 9.57 -52.19 10.02
CA UNK V 23 9.62 -52.93 11.25
C UNK V 23 9.11 -51.97 12.29
N UNK V 24 8.51 -52.54 13.33
CA UNK V 24 7.95 -51.80 14.45
C UNK V 24 6.81 -52.61 15.04
N UNK V 25 6.19 -52.08 16.09
CA UNK V 25 5.09 -52.76 16.75
C UNK V 25 3.74 -52.18 16.36
N UNK V 26 3.72 -51.28 15.39
CA UNK V 26 2.46 -50.65 15.00
C UNK V 26 1.55 -51.72 14.40
N UNK V 27 2.18 -52.84 13.99
CA UNK V 27 1.45 -53.95 13.43
C UNK V 27 0.53 -54.47 14.52
N UNK V 28 1.04 -54.51 15.75
CA UNK V 28 0.26 -54.97 16.88
C UNK V 28 -0.90 -54.00 17.02
N UNK V 29 -0.61 -52.71 16.86
CA UNK V 29 -1.64 -51.70 16.94
C UNK V 29 -2.58 -51.99 15.79
N UNK V 30 -2.00 -52.31 14.65
CA UNK V 30 -2.76 -52.66 13.46
C UNK V 30 -3.53 -53.93 13.80
N UNK V 31 -2.85 -54.83 14.50
CA UNK V 31 -3.43 -56.08 14.94
C UNK V 31 -4.77 -55.73 15.55
N UNK V 32 -4.80 -54.61 16.27
CA UNK V 32 -6.02 -54.12 16.88
C UNK V 32 -7.02 -53.79 15.78
N UNK V 33 -6.52 -53.20 14.69
CA UNK V 33 -7.35 -52.84 13.55
C UNK V 33 -7.97 -54.10 12.96
N UNK V 34 -7.17 -55.16 12.91
CA UNK V 34 -7.58 -56.45 12.42
C UNK V 34 -8.68 -56.83 13.39
N UNK V 35 -8.45 -56.54 14.67
CA UNK V 35 -9.51 -56.81 15.63
C UNK V 35 -10.73 -55.95 15.37
N UNK V 36 -10.51 -54.67 15.15
CA UNK V 36 -11.63 -53.79 14.91
C UNK V 36 -12.37 -54.21 13.65
N UNK V 37 -11.64 -54.54 12.60
CA UNK V 37 -12.27 -54.94 11.36
C UNK V 37 -13.07 -56.18 11.65
N UNK V 38 -12.52 -57.07 12.46
CA UNK V 38 -13.24 -58.28 12.82
C UNK V 38 -14.51 -57.88 13.57
N UNK V 39 -14.37 -56.88 14.43
CA UNK V 39 -15.47 -56.34 15.22
C UNK V 39 -16.54 -55.68 14.35
N UNK V 40 -16.10 -55.17 13.21
CA UNK V 40 -16.95 -54.46 12.25
C UNK V 40 -18.08 -55.30 11.64
N UNK V 41 -17.91 -56.62 11.62
CA UNK V 41 -18.94 -57.49 11.04
C UNK V 41 -20.29 -57.33 11.73
N UNK V 42 -20.30 -57.22 13.05
CA UNK V 42 -21.55 -57.02 13.78
C UNK V 42 -22.52 -55.98 13.17
N UNK V 43 -21.99 -54.87 12.66
CA UNK V 43 -22.82 -53.82 12.04
C UNK V 43 -23.92 -53.16 12.89
N UNK V 44 -23.59 -52.84 14.15
CA UNK V 44 -24.52 -52.22 15.07
C UNK V 44 -23.77 -51.36 16.09
N UNK V 45 -24.50 -50.66 16.96
CA UNK V 45 -23.85 -49.82 17.96
C UNK V 45 -22.97 -50.78 18.75
N UNK V 46 -23.54 -51.94 19.02
CA UNK V 46 -22.79 -53.00 19.61
C UNK V 46 -21.42 -52.86 18.95
N UNK V 47 -21.43 -52.44 17.69
CA UNK V 47 -20.18 -52.25 16.98
C UNK V 47 -19.37 -51.18 17.69
N UNK V 48 -20.05 -50.14 18.13
CA UNK V 48 -19.39 -49.05 18.84
C UNK V 48 -18.77 -49.41 20.19
N UNK V 49 -19.48 -50.19 20.99
CA UNK V 49 -18.97 -50.53 22.30
C UNK V 49 -17.65 -51.29 22.25
N UNK V 50 -17.56 -52.27 21.38
CA UNK V 50 -16.34 -53.06 21.27
C UNK V 50 -15.13 -52.26 20.82
N UNK V 51 -15.34 -51.41 19.83
CA UNK V 51 -14.29 -50.57 19.25
C UNK V 51 -13.63 -49.56 20.19
N UNK V 52 -14.44 -48.96 21.06
CA UNK V 52 -14.09 -47.92 22.06
C UNK V 52 -15.09 -46.78 21.97
N UNK V 53 -15.89 -46.76 20.91
CA UNK V 53 -16.97 -45.75 20.79
C UNK V 53 -16.79 -44.42 20.03
N UNK V 54 -17.96 -43.85 19.69
CA UNK V 54 -18.10 -42.57 19.01
C UNK V 54 -17.37 -42.41 17.67
N UNK V 55 -16.60 -41.34 17.57
CA UNK V 55 -15.89 -40.99 16.34
C UNK V 55 -14.94 -42.07 15.90
N UNK V 56 -14.27 -42.71 16.86
CA UNK V 56 -13.28 -43.79 16.64
C UNK V 56 -12.67 -43.78 15.24
N UNK V 57 -13.54 -43.75 14.23
CA UNK V 57 -13.07 -43.70 12.86
C UNK V 57 -12.23 -42.46 12.69
N UNK V 58 -12.67 -41.37 13.32
CA UNK V 58 -11.96 -40.10 13.24
C UNK V 58 -10.60 -40.36 13.87
N UNK V 59 -10.61 -41.11 14.96
CA UNK V 59 -9.39 -41.50 15.65
C UNK V 59 -8.58 -42.40 14.72
N UNK V 60 -9.26 -43.27 14.02
CA UNK V 60 -8.62 -44.19 13.09
C UNK V 60 -7.94 -43.40 11.98
N UNK V 61 -8.61 -42.36 11.51
CA UNK V 61 -8.06 -41.50 10.46
C UNK V 61 -6.77 -40.84 10.97
N UNK V 62 -6.79 -40.41 12.22
CA UNK V 62 -5.63 -39.77 12.83
C UNK V 62 -4.48 -40.76 12.74
N UNK V 63 -4.79 -42.04 12.96
CA UNK V 63 -3.81 -43.10 12.90
C UNK V 63 -3.25 -43.16 11.48
N UNK V 64 -4.16 -42.98 10.51
CA UNK V 64 -3.78 -42.99 9.11
C UNK V 64 -2.81 -41.83 8.89
N UNK V 65 -3.13 -40.71 9.53
CA UNK V 65 -2.29 -39.53 9.43
C UNK V 65 -0.95 -39.88 10.05
N UNK V 66 -1.00 -40.63 11.14
CA UNK V 66 0.20 -41.07 11.84
C UNK V 66 1.01 -41.99 10.92
N UNK V 67 0.26 -42.79 10.19
CA UNK V 67 0.78 -43.81 9.30
C UNK V 67 1.71 -43.26 8.27
N UNK V 68 1.44 -42.03 7.85
CA UNK V 68 2.27 -41.32 6.89
C UNK V 68 3.52 -40.80 7.62
N UNK V 69 3.61 -41.09 8.92
CA UNK V 69 4.70 -40.67 9.77
C UNK V 69 6.06 -41.22 9.32
N UNK V 70 6.06 -42.30 8.55
CA UNK V 70 7.32 -42.87 8.10
C UNK V 70 8.08 -41.79 7.37
N UNK V 71 9.39 -41.76 7.61
CA UNK V 71 10.26 -40.76 7.00
C UNK V 71 10.01 -39.44 7.69
N UNK W 1 6.34 2.70 24.74
CA UNK W 1 4.99 3.21 24.99
C UNK W 1 3.95 2.41 24.22
N UNK W 2 3.84 1.13 24.52
CA UNK W 2 2.88 0.29 23.84
C UNK W 2 3.43 -0.36 22.60
N UNK W 3 2.64 -1.26 22.06
CA UNK W 3 3.01 -1.98 20.86
C UNK W 3 3.10 -0.99 19.72
N UNK W 4 2.43 0.14 19.88
CA UNK W 4 2.43 1.10 18.78
C UNK W 4 3.55 0.58 17.89
N UNK W 5 3.47 0.89 16.62
CA UNK W 5 4.39 0.34 15.64
C UNK W 5 5.88 0.58 15.82
N UNK W 6 6.31 1.58 16.57
CA UNK W 6 7.76 1.75 16.58
C UNK W 6 8.33 0.81 17.62
N UNK W 7 7.61 0.66 18.72
CA UNK W 7 8.03 -0.25 19.78
C UNK W 7 8.10 -1.67 19.26
N UNK W 8 7.13 -2.06 18.43
CA UNK W 8 7.11 -3.39 17.86
C UNK W 8 8.34 -3.59 17.00
N UNK W 9 8.69 -2.55 16.24
CA UNK W 9 9.86 -2.60 15.37
C UNK W 9 11.11 -2.76 16.24
N UNK W 10 11.13 -2.05 17.35
CA UNK W 10 12.24 -2.11 18.29
C UNK W 10 12.38 -3.51 18.84
N UNK W 11 11.23 -4.14 19.13
CA UNK W 11 11.22 -5.49 19.67
C UNK W 11 11.83 -6.45 18.65
N UNK W 12 11.51 -6.25 17.38
CA UNK W 12 12.04 -7.08 16.33
C UNK W 12 13.55 -6.90 16.26
N UNK W 13 13.96 -5.64 16.40
CA UNK W 13 15.38 -5.28 16.40
C UNK W 13 16.15 -5.94 17.55
N UNK W 14 15.53 -5.96 18.72
CA UNK W 14 16.13 -6.59 19.89
C UNK W 14 16.29 -8.07 19.61
N UNK W 15 15.29 -8.65 18.97
CA UNK W 15 15.33 -10.06 18.63
C UNK W 15 16.50 -10.32 17.70
N UNK W 16 16.71 -9.43 16.74
CA UNK W 16 17.87 -9.58 15.85
C UNK W 16 19.18 -9.49 16.62
N UNK W 17 19.30 -8.55 17.54
CA UNK W 17 20.52 -8.36 18.31
C UNK W 17 20.98 -9.58 19.12
N UNK W 18 20.03 -10.32 19.66
CA UNK W 18 20.30 -11.52 20.47
C UNK W 18 21.05 -12.65 19.76
N UNK W 19 20.80 -12.78 18.47
CA UNK W 19 21.37 -13.85 17.67
C UNK W 19 22.89 -13.93 17.57
N UNK W 20 23.56 -12.80 17.43
CA UNK W 20 25.00 -12.84 17.30
C UNK W 20 25.70 -13.43 18.51
N UNK W 21 26.63 -14.35 18.25
CA UNK W 21 27.37 -15.07 19.29
C UNK W 21 28.91 -14.93 19.38
N UNK W 22 29.51 -13.85 18.87
CA UNK W 22 30.97 -13.64 18.91
C UNK W 22 31.50 -12.19 18.82
N UNK W 23 32.79 -12.04 18.96
CA UNK W 23 33.36 -10.73 18.84
C UNK W 23 32.75 -9.66 19.75
N UNK W 24 33.01 -9.72 21.07
CA UNK W 24 32.52 -8.68 22.03
C UNK W 24 33.14 -7.46 21.41
N UNK W 25 32.48 -6.31 21.34
CA UNK W 25 33.18 -5.36 20.50
C UNK W 25 32.08 -4.97 19.55
N UNK W 26 31.71 -5.89 18.67
CA UNK W 26 30.70 -5.55 17.68
C UNK W 26 29.40 -5.19 18.37
N UNK W 27 29.01 -5.96 19.37
CA UNK W 27 27.76 -5.69 20.06
C UNK W 27 27.81 -4.34 20.74
N UNK W 28 28.93 -4.07 21.40
CA UNK W 28 29.02 -2.82 22.13
C UNK W 28 28.89 -1.66 21.14
N UNK W 29 29.56 -1.81 20.01
CA UNK W 29 29.59 -0.78 18.98
C UNK W 29 28.20 -0.54 18.40
N UNK W 30 27.46 -1.61 18.16
CA UNK W 30 26.13 -1.48 17.61
C UNK W 30 25.27 -0.71 18.59
N UNK W 31 25.40 -1.04 19.87
CA UNK W 31 24.58 -0.35 20.86
C UNK W 31 24.92 1.14 20.85
N UNK W 32 26.21 1.44 20.81
CA UNK W 32 26.62 2.82 20.86
C UNK W 32 26.07 3.57 19.65
N UNK W 33 26.13 2.92 18.49
CA UNK W 33 25.67 3.55 17.27
C UNK W 33 24.18 3.84 17.33
N UNK W 34 23.41 2.89 17.84
CA UNK W 34 21.99 3.09 17.88
C UNK W 34 21.71 4.26 18.80
N UNK W 35 22.42 4.30 19.92
CA UNK W 35 22.18 5.36 20.88
C UNK W 35 22.50 6.72 20.27
N UNK W 36 23.60 6.81 19.53
CA UNK W 36 24.00 8.05 18.91
C UNK W 36 22.97 8.51 17.88
N UNK W 37 22.45 7.56 17.12
CA UNK W 37 21.47 7.90 16.10
C UNK W 37 20.25 8.46 16.80
N UNK W 38 19.86 7.83 17.90
CA UNK W 38 18.68 8.27 18.62
C UNK W 38 18.90 9.68 19.15
N UNK W 39 20.11 9.91 19.63
CA UNK W 39 20.48 11.19 20.21
C UNK W 39 20.41 12.31 19.19
N UNK W 40 20.82 12.04 17.96
CA UNK W 40 20.94 13.15 17.01
C UNK W 40 19.62 13.87 16.71
N UNK W 41 18.56 13.11 16.50
CA UNK W 41 17.50 12.66 17.36
C UNK W 41 16.58 13.80 17.85
N UNK W 42 16.33 13.84 19.17
CA UNK W 42 15.50 14.91 19.77
C UNK W 42 14.40 14.39 20.71
N UNK W 43 13.47 15.25 21.12
CA UNK W 43 12.40 14.83 22.03
C UNK W 43 10.97 15.20 21.61
N UNK W 44 10.05 14.25 21.83
CA UNK W 44 8.61 14.38 21.54
C UNK W 44 8.01 13.00 21.27
N UNK W 45 6.71 12.93 20.99
CA UNK W 45 6.09 11.64 20.70
C UNK W 45 5.73 11.43 19.23
N UNK W 46 5.89 12.49 18.44
CA UNK W 46 5.58 12.45 17.01
C UNK W 46 6.44 11.47 16.25
N UNK W 47 7.71 11.42 16.63
CA UNK W 47 8.72 10.47 16.15
C UNK W 47 8.98 10.30 14.66
N UNK W 48 8.98 11.39 13.90
CA UNK W 48 9.23 11.27 12.47
C UNK W 48 10.61 10.68 12.24
N UNK W 49 11.57 11.15 13.04
CA UNK W 49 12.95 10.66 12.99
C UNK W 49 12.99 9.28 13.62
N UNK W 50 11.91 9.03 14.37
CA UNK W 50 11.66 7.75 14.99
C UNK W 50 11.48 6.88 13.75
N UNK W 51 10.72 7.40 12.78
CA UNK W 51 10.54 6.76 11.50
C UNK W 51 11.91 6.81 10.85
N UNK W 52 12.60 7.93 11.06
CA UNK W 52 13.93 8.14 10.52
C UNK W 52 14.87 7.09 11.11
N UNK W 53 14.72 6.85 12.40
CA UNK W 53 15.54 5.88 13.08
C UNK W 53 15.27 4.48 12.52
N UNK W 54 14.00 4.24 12.26
CA UNK W 54 13.50 2.98 11.76
C UNK W 54 14.21 2.72 10.46
N UNK W 55 14.35 3.77 9.66
CA UNK W 55 15.06 3.63 8.40
C UNK W 55 16.46 3.19 8.78
N UNK W 56 16.94 3.74 9.88
CA UNK W 56 18.28 3.43 10.34
C UNK W 56 18.40 1.97 10.78
N UNK W 57 17.34 1.53 11.45
CA UNK W 57 17.23 0.22 12.06
C UNK W 57 17.44 -0.82 11.01
N UNK W 58 17.01 -0.52 9.79
CA UNK W 58 17.20 -1.45 8.70
C UNK W 58 18.70 -1.63 8.61
N UNK W 59 19.43 -0.53 8.79
CA UNK W 59 20.88 -0.63 8.74
C UNK W 59 21.36 -1.76 9.63
N UNK W 60 20.75 -1.85 10.81
CA UNK W 60 21.11 -2.88 11.79
C UNK W 60 20.82 -4.28 11.26
N UNK W 61 19.69 -4.43 10.57
CA UNK W 61 19.34 -5.74 10.02
C UNK W 61 20.37 -6.18 8.99
N UNK W 62 20.80 -5.24 8.15
CA UNK W 62 21.80 -5.52 7.13
C UNK W 62 23.11 -5.94 7.78
N UNK W 63 23.47 -5.24 8.85
CA UNK W 63 24.70 -5.53 9.58
C UNK W 63 24.62 -6.94 10.16
N UNK W 64 23.44 -7.28 10.69
CA UNK W 64 23.22 -8.59 11.30
C UNK W 64 23.37 -9.70 10.27
N UNK W 65 22.86 -9.48 9.06
CA UNK W 65 22.94 -10.48 8.01
C UNK W 65 24.40 -10.73 7.66
N UNK W 66 25.19 -9.66 7.59
CA UNK W 66 26.61 -9.77 7.28
C UNK W 66 27.31 -10.58 8.37
N UNK W 67 26.94 -10.31 9.62
CA UNK W 67 27.53 -11.01 10.74
C UNK W 67 27.20 -12.50 10.66
N UNK W 68 25.97 -12.80 10.28
CA UNK W 68 25.52 -14.17 10.13
C UNK W 68 26.33 -14.87 9.04
N UNK W 69 26.56 -14.16 7.95
CA UNK W 69 27.34 -14.72 6.84
C UNK W 69 28.75 -15.01 7.33
N UNK W 70 29.30 -14.10 8.13
CA UNK W 70 30.64 -14.28 8.64
C UNK W 70 30.85 -15.50 9.53
N UNK W 71 29.94 -15.76 10.46
CA UNK W 71 30.11 -16.93 11.32
C UNK W 71 29.25 -18.10 10.91
N UNK W 72 27.98 -17.82 10.66
CA UNK W 72 27.00 -18.83 10.26
C UNK W 72 27.58 -19.95 9.41
N UNK X 1 -88.92 42.26 24.64
CA UNK X 1 -89.72 41.03 24.66
C UNK X 1 -88.97 39.90 25.37
N UNK X 2 -88.38 38.99 24.60
CA UNK X 2 -87.62 37.86 25.18
C UNK X 2 -86.44 38.41 25.95
N UNK X 3 -85.78 38.19 27.01
CA UNK X 3 -84.51 38.64 27.67
C UNK X 3 -83.46 37.66 28.29
N UNK X 4 -83.88 37.02 29.37
CA UNK X 4 -82.97 36.34 30.29
C UNK X 4 -82.21 35.25 29.59
N UNK X 5 -82.91 34.52 28.74
CA UNK X 5 -82.25 33.44 28.03
C UNK X 5 -81.15 34.07 27.21
N UNK X 6 -81.42 35.23 26.62
CA UNK X 6 -80.42 35.85 25.78
C UNK X 6 -79.18 36.19 26.56
N UNK X 7 -79.36 36.79 27.73
CA UNK X 7 -78.24 37.04 28.59
C UNK X 7 -77.49 35.73 28.75
N UNK X 8 -78.20 34.69 29.18
CA UNK X 8 -77.54 33.46 29.57
C UNK X 8 -76.77 32.92 28.39
N UNK X 9 -77.40 32.97 27.23
CA UNK X 9 -76.70 32.60 26.03
C UNK X 9 -75.58 33.59 25.87
N UNK X 10 -75.85 34.84 26.20
CA UNK X 10 -74.83 35.88 26.06
C UNK X 10 -73.67 35.48 26.96
N UNK X 11 -73.96 34.68 27.98
CA UNK X 11 -72.96 34.23 28.93
C UNK X 11 -71.82 33.40 28.34
N UNK X 12 -72.16 32.50 27.43
CA UNK X 12 -71.22 31.50 26.93
C UNK X 12 -69.97 32.07 26.27
N UNK X 13 -70.12 33.07 25.39
CA UNK X 13 -68.96 33.65 24.74
C UNK X 13 -67.91 34.05 25.76
N UNK X 14 -68.29 34.08 27.03
CA UNK X 14 -67.36 34.35 28.10
C UNK X 14 -66.32 33.23 28.16
N UNK X 15 -66.79 32.02 27.91
CA UNK X 15 -66.00 30.81 28.06
C UNK X 15 -64.78 30.77 27.14
N UNK X 16 -64.92 31.30 25.93
CA UNK X 16 -63.89 31.21 24.88
C UNK X 16 -64.02 29.93 24.09
N UNK X 17 -65.14 29.25 24.26
CA UNK X 17 -65.37 28.03 23.51
C UNK X 17 -66.28 28.17 22.26
N UNK X 18 -67.25 27.27 22.15
CA UNK X 18 -68.21 27.30 21.08
C UNK X 18 -69.50 26.66 21.56
N UNK X 19 -70.52 26.67 20.71
CA UNK X 19 -71.87 26.31 21.15
C UNK X 19 -71.95 24.93 21.76
N UNK X 20 -70.90 24.13 21.60
CA UNK X 20 -70.99 22.74 22.03
C UNK X 20 -71.17 22.55 23.53
N UNK X 21 -70.37 23.25 24.33
CA UNK X 21 -70.40 22.99 25.76
C UNK X 21 -71.76 23.34 26.31
N UNK X 22 -72.27 24.50 25.90
CA UNK X 22 -73.61 24.90 26.23
C UNK X 22 -74.45 23.99 25.35
N UNK X 23 -75.57 23.57 25.92
CA UNK X 23 -76.87 23.39 25.33
C UNK X 23 -77.90 24.15 26.16
N UNK X 24 -77.47 24.62 27.34
CA UNK X 24 -78.34 25.32 28.28
C UNK X 24 -78.89 26.65 27.78
N UNK X 25 -78.04 27.42 27.10
CA UNK X 25 -78.49 28.67 26.54
C UNK X 25 -79.55 28.27 25.54
N UNK X 26 -79.29 27.17 24.84
CA UNK X 26 -80.22 26.65 23.86
C UNK X 26 -81.48 26.31 24.63
N UNK X 27 -81.29 25.77 25.82
CA UNK X 27 -82.42 25.41 26.64
C UNK X 27 -83.18 26.70 26.92
N UNK X 28 -82.45 27.78 27.17
CA UNK X 28 -83.06 29.08 27.46
C UNK X 28 -83.89 29.66 26.31
N UNK X 29 -83.39 29.50 25.09
CA UNK X 29 -84.10 29.99 23.91
C UNK X 29 -85.36 29.17 23.77
N UNK X 30 -85.22 27.87 24.04
CA UNK X 30 -86.34 26.98 23.93
C UNK X 30 -87.37 27.47 24.92
N UNK X 31 -86.86 27.89 26.07
CA UNK X 31 -87.65 28.39 27.16
C UNK X 31 -88.44 29.63 26.78
N UNK X 32 -87.87 30.55 26.00
CA UNK X 32 -88.65 31.74 25.64
C UNK X 32 -89.93 31.40 24.86
N UNK X 33 -89.84 30.55 23.85
CA UNK X 33 -91.01 30.12 23.09
C UNK X 33 -91.90 31.23 22.49
N UNK X 34 -91.28 32.30 22.01
CA UNK X 34 -92.02 33.40 21.38
C UNK X 34 -91.85 33.23 19.87
N UNK X 35 -91.12 34.13 19.22
CA UNK X 35 -90.86 34.00 17.80
C UNK X 35 -90.01 32.75 17.74
N UNK X 36 -90.18 31.90 16.74
CA UNK X 36 -89.38 30.68 16.78
C UNK X 36 -87.91 31.10 16.93
N UNK X 37 -87.18 30.47 17.84
CA UNK X 37 -85.76 30.78 18.06
C UNK X 37 -84.88 30.44 16.87
N UNK X 38 -85.17 29.30 16.25
CA UNK X 38 -84.41 28.84 15.10
C UNK X 38 -83.05 28.30 15.52
N UNK X 39 -82.29 29.17 16.19
CA UNK X 39 -80.94 28.91 16.67
C UNK X 39 -80.21 30.13 16.15
N UNK X 40 -79.93 30.09 14.87
CA UNK X 40 -79.32 31.21 14.21
C UNK X 40 -80.37 32.29 14.29
N UNK X 41 -81.62 31.86 14.15
CA UNK X 41 -82.75 32.76 14.17
C UNK X 41 -82.50 33.68 12.99
N UNK X 42 -82.65 34.98 13.16
CA UNK X 42 -82.43 35.89 12.04
C UNK X 42 -83.33 35.41 10.91
N UNK X 43 -84.55 35.06 11.30
CA UNK X 43 -85.52 34.48 10.41
C UNK X 43 -85.76 35.37 9.24
N UNK X 44 -85.93 36.67 9.48
CA UNK X 44 -86.08 37.71 8.44
C UNK X 44 -85.26 37.31 7.24
N UNK X 45 -85.52 36.09 6.79
CA UNK X 45 -84.75 35.53 5.69
C UNK X 45 -84.81 36.26 4.35
N UNK X 46 -86.00 36.65 3.90
CA UNK X 46 -86.08 37.30 2.60
C UNK X 46 -85.12 38.48 2.37
N UNK X 47 -84.98 39.34 3.37
CA UNK X 47 -84.09 40.50 3.23
C UNK X 47 -82.63 40.07 3.05
N UNK X 48 -82.21 39.08 3.83
CA UNK X 48 -80.84 38.60 3.75
C UNK X 48 -80.58 38.01 2.37
N UNK X 49 -81.54 37.27 1.86
CA UNK X 49 -81.40 36.65 0.55
C UNK X 49 -81.28 37.73 -0.52
N UNK X 50 -82.10 38.78 -0.40
CA UNK X 50 -82.05 39.85 -1.37
C UNK X 50 -80.68 40.52 -1.34
N UNK X 51 -80.15 40.73 -0.14
CA UNK X 51 -78.85 41.36 0.01
C UNK X 51 -77.77 40.50 -0.64
N UNK X 52 -77.87 39.19 -0.42
CA UNK X 52 -76.90 38.26 -0.99
C UNK X 52 -76.95 38.32 -2.50
N UNK X 53 -78.15 38.40 -3.05
CA UNK X 53 -78.32 38.47 -4.50
C UNK X 53 -77.69 39.75 -5.06
N UNK X 54 -77.90 40.87 -4.36
CA UNK X 54 -77.37 42.15 -4.80
C UNK X 54 -75.84 42.26 -4.82
N UNK X 55 -75.19 41.64 -3.84
CA UNK X 55 -73.72 41.62 -3.75
C UNK X 55 -72.97 40.90 -4.87
N UNK X 56 -73.45 39.73 -5.29
CA UNK X 56 -72.80 39.02 -6.37
C UNK X 56 -72.93 39.94 -7.55
N UNK X 57 -74.12 40.54 -7.67
CA UNK X 57 -74.45 41.50 -8.72
C UNK X 57 -73.26 42.34 -9.16
N UNK X 58 -72.20 41.67 -9.59
CA UNK X 58 -71.01 42.35 -10.10
C UNK X 58 -70.02 42.94 -9.07
N UNK X 59 -70.16 42.60 -7.79
CA UNK X 59 -69.28 43.12 -6.74
C UNK X 59 -69.76 44.53 -6.47
N UNK X 60 -69.08 45.34 -5.66
CA UNK X 60 -67.84 45.11 -4.87
C UNK X 60 -66.68 46.07 -5.18
N UNK X 61 -66.43 46.43 -6.43
CA UNK X 61 -65.26 47.29 -6.63
C UNK X 61 -65.61 48.51 -5.79
N UNK X 62 -66.87 48.90 -5.92
CA UNK X 62 -67.56 49.92 -5.20
C UNK X 62 -68.84 49.13 -5.10
N UNK X 63 -69.67 49.37 -4.09
CA UNK X 63 -70.91 48.64 -4.02
C UNK X 63 -71.68 49.43 -5.03
N UNK X 64 -72.00 48.80 -6.14
CA UNK X 64 -72.71 49.54 -7.18
C UNK X 64 -74.03 49.98 -6.59
N UNK X 65 -74.69 49.08 -5.89
CA UNK X 65 -75.96 49.44 -5.28
C UNK X 65 -76.44 48.55 -4.14
N UNK X 66 -75.82 48.70 -2.97
CA UNK X 66 -76.07 47.89 -1.77
C UNK X 66 -77.04 48.45 -0.72
N UNK X 67 -77.94 49.33 -1.14
CA UNK X 67 -78.89 49.94 -0.22
C UNK X 67 -79.72 48.85 0.46
N UNK X 68 -80.08 47.80 -0.28
CA UNK X 68 -80.86 46.70 0.30
C UNK X 68 -80.05 46.01 1.41
N UNK X 69 -78.75 45.87 1.17
CA UNK X 69 -77.86 45.26 2.14
C UNK X 69 -77.80 46.10 3.40
N UNK X 70 -77.73 47.42 3.23
CA UNK X 70 -77.70 48.35 4.37
C UNK X 70 -79.00 48.19 5.14
N UNK X 71 -80.07 48.01 4.38
CA UNK X 71 -81.43 47.82 4.86
C UNK X 71 -81.60 46.58 5.72
N UNK X 72 -80.86 45.52 5.41
CA UNK X 72 -80.94 44.27 6.17
C UNK X 72 -80.54 44.40 7.64
N UNK X 73 -79.51 45.21 7.90
CA UNK X 73 -79.02 45.39 9.26
C UNK X 73 -80.07 45.99 10.21
N UNK X 74 -80.83 46.96 9.72
CA UNK X 74 -81.86 47.58 10.55
C UNK X 74 -82.91 46.55 10.95
N UNK X 75 -83.32 45.74 10.00
CA UNK X 75 -84.31 44.70 10.24
C UNK X 75 -83.75 43.71 11.26
N UNK X 76 -82.46 43.42 11.17
CA UNK X 76 -81.90 42.51 12.15
C UNK X 76 -81.96 43.20 13.52
N UNK X 77 -82.18 44.50 13.50
CA UNK X 77 -82.24 45.30 14.73
C UNK X 77 -83.35 44.84 15.65
N UNK X 78 -84.46 44.44 15.06
CA UNK X 78 -85.59 43.96 15.84
C UNK X 78 -85.06 43.00 16.87
N UNK X 79 -84.11 42.16 16.43
CA UNK X 79 -83.49 41.18 17.30
C UNK X 79 -82.07 41.62 17.62
N UNK Y 1 -17.86 63.33 -43.20
CA UNK Y 1 -17.60 62.30 -42.21
C UNK Y 1 -16.64 62.79 -41.14
N UNK Y 2 -16.92 63.98 -40.60
CA UNK Y 2 -16.08 64.63 -39.60
C UNK Y 2 -15.46 63.67 -38.60
N UNK Y 3 -14.13 63.57 -38.68
CA UNK Y 3 -13.27 62.59 -38.01
C UNK Y 3 -13.17 62.34 -36.51
N UNK Y 4 -13.23 63.36 -35.66
CA UNK Y 4 -13.08 63.09 -34.23
C UNK Y 4 -14.14 62.12 -33.72
N UNK Y 5 -15.39 62.34 -34.10
CA UNK Y 5 -16.48 61.47 -33.67
C UNK Y 5 -16.26 60.06 -34.17
N UNK Y 6 -15.81 59.96 -35.42
CA UNK Y 6 -15.54 58.67 -36.04
C UNK Y 6 -14.44 57.86 -35.36
N UNK Y 7 -13.39 58.55 -34.92
CA UNK Y 7 -12.26 57.91 -34.26
C UNK Y 7 -12.65 57.22 -32.96
N UNK Y 8 -13.53 57.87 -32.19
CA UNK Y 8 -13.98 57.31 -30.92
C UNK Y 8 -14.71 55.98 -31.12
N UNK Y 9 -15.58 55.90 -32.11
CA UNK Y 9 -16.32 54.68 -32.26
C UNK Y 9 -15.45 53.47 -32.54
N UNK Y 10 -14.49 53.63 -33.45
CA UNK Y 10 -13.63 52.51 -33.79
C UNK Y 10 -12.83 52.06 -32.59
N UNK Y 11 -12.29 53.02 -31.87
CA UNK Y 11 -11.48 52.69 -30.71
C UNK Y 11 -12.35 51.96 -29.70
N UNK Y 12 -13.58 52.41 -29.52
CA UNK Y 12 -14.48 51.78 -28.56
C UNK Y 12 -14.77 50.34 -28.95
N UNK Y 13 -15.01 50.11 -30.24
CA UNK Y 13 -15.31 48.77 -30.69
C UNK Y 13 -14.11 47.90 -30.43
N UNK Y 14 -12.93 48.42 -30.71
CA UNK Y 14 -11.72 47.64 -30.49
C UNK Y 14 -11.53 47.29 -29.03
N UNK Y 15 -11.81 48.26 -28.18
CA UNK Y 15 -11.67 48.09 -26.75
C UNK Y 15 -12.60 46.99 -26.28
N UNK Y 16 -13.80 46.96 -26.83
CA UNK Y 16 -14.73 45.93 -26.41
C UNK Y 16 -14.14 44.57 -26.74
N UNK Y 17 -13.57 44.46 -27.92
CA UNK Y 17 -12.98 43.21 -28.38
C UNK Y 17 -11.86 42.82 -27.43
N UNK Y 18 -11.07 43.80 -27.02
CA UNK Y 18 -9.95 43.52 -26.12
C UNK Y 18 -10.49 42.98 -24.80
N UNK Y 19 -11.58 43.58 -24.32
CA UNK Y 19 -12.20 43.16 -23.07
C UNK Y 19 -12.74 41.73 -23.17
N UNK Y 20 -13.30 41.36 -24.31
CA UNK Y 20 -13.78 39.99 -24.47
C UNK Y 20 -12.58 39.03 -24.40
N UNK Y 21 -11.46 39.48 -24.97
CA UNK Y 21 -10.25 38.69 -25.01
C UNK Y 21 -9.82 38.32 -23.61
N UNK Y 22 -10.02 39.23 -22.67
CA UNK Y 22 -9.63 38.93 -21.30
C UNK Y 22 -10.36 37.69 -20.83
N UNK Y 23 -11.61 37.56 -21.24
CA UNK Y 23 -12.39 36.39 -20.85
C UNK Y 23 -11.71 35.16 -21.39
N UNK Y 24 -11.20 35.26 -22.61
CA UNK Y 24 -10.50 34.15 -23.24
C UNK Y 24 -9.22 33.78 -22.48
N UNK Y 25 -8.51 34.83 -22.07
CA UNK Y 25 -7.27 34.71 -21.29
C UNK Y 25 -7.56 34.07 -19.94
N UNK Y 26 -8.75 34.30 -19.43
CA UNK Y 26 -9.16 33.76 -18.14
C UNK Y 26 -9.15 32.24 -18.08
N UNK Y 27 -9.54 31.57 -19.16
CA UNK Y 27 -9.61 30.11 -19.18
C UNK Y 27 -8.28 29.46 -18.87
N UNK Y 28 -7.22 30.01 -19.44
CA UNK Y 28 -5.87 29.50 -19.21
C UNK Y 28 -5.06 30.67 -18.69
N UNK Y 29 -4.28 30.44 -17.65
CA UNK Y 29 -3.49 31.53 -17.09
C UNK Y 29 -2.71 31.09 -15.87
N UNK Y 30 -2.99 31.73 -14.75
CA UNK Y 30 -2.31 31.42 -13.48
C UNK Y 30 -1.10 32.29 -13.23
N UNK Y 31 -0.83 33.20 -14.16
CA UNK Y 31 0.29 34.10 -13.98
C UNK Y 31 -0.12 35.28 -13.10
N UNK Y 32 0.78 35.73 -12.24
CA UNK Y 32 0.52 36.86 -11.37
C UNK Y 32 0.33 38.15 -12.18
N UNK Y 33 1.15 38.29 -13.22
CA UNK Y 33 1.10 39.48 -14.08
C UNK Y 33 -0.15 39.73 -14.90
N UNK Y 34 -0.63 38.74 -15.62
CA UNK Y 34 -1.78 39.00 -16.47
C UNK Y 34 -1.34 40.00 -17.55
N UNK Y 35 -0.02 40.17 -17.67
CA UNK Y 35 0.62 41.08 -18.62
C UNK Y 35 0.28 40.60 -20.01
N UNK Y 36 0.24 39.28 -20.18
CA UNK Y 36 -0.10 38.71 -21.46
C UNK Y 36 -1.51 39.17 -21.72
N UNK Y 37 -2.34 39.19 -20.68
CA UNK Y 37 -3.70 39.67 -20.82
C UNK Y 37 -3.56 41.15 -21.19
N UNK Y 38 -2.63 41.80 -20.49
CA UNK Y 38 -2.32 43.20 -20.70
C UNK Y 38 -1.79 43.40 -22.11
N UNK Y 39 -0.97 42.45 -22.55
CA UNK Y 39 -0.40 42.49 -23.89
C UNK Y 39 -1.52 42.40 -24.90
N UNK Y 40 -2.59 41.65 -24.69
CA UNK Y 40 -3.68 41.63 -25.69
C UNK Y 40 -4.41 42.99 -25.94
N UNK Y 41 -4.58 43.73 -24.85
CA UNK Y 41 -5.28 45.00 -24.84
C UNK Y 41 -4.68 46.05 -25.77
N UNK Y 42 -3.36 46.11 -25.88
CA UNK Y 42 -2.76 47.09 -26.76
C UNK Y 42 -3.20 46.89 -28.21
N UNK Y 43 -3.21 45.64 -28.67
CA UNK Y 43 -3.64 45.32 -30.03
C UNK Y 43 -5.11 45.68 -30.21
N UNK Y 44 -6.00 45.58 -29.25
CA UNK Y 44 -7.34 46.08 -29.65
C UNK Y 44 -7.32 47.61 -30.03
N UNK Y 45 -6.65 48.37 -29.17
CA UNK Y 45 -6.53 49.82 -29.33
C UNK Y 45 -5.79 50.15 -30.61
N UNK Y 46 -4.77 49.37 -30.91
CA UNK Y 46 -3.98 49.56 -32.12
C UNK Y 46 -4.95 49.34 -33.27
N UNK Y 47 -5.86 48.40 -33.08
CA UNK Y 47 -6.86 48.07 -34.09
C UNK Y 47 -7.78 49.23 -34.46
N UNK Y 48 -8.25 49.96 -33.46
CA UNK Y 48 -9.15 51.08 -33.72
C UNK Y 48 -8.47 52.18 -34.49
N UNK Y 49 -7.22 52.44 -34.16
CA UNK Y 49 -6.47 53.53 -34.76
C UNK Y 49 -6.29 53.45 -36.25
N UNK Y 50 -5.99 52.28 -36.77
CA UNK Y 50 -5.79 52.17 -38.20
C UNK Y 50 -7.09 52.53 -38.90
N UNK Y 51 -8.20 52.01 -38.39
CA UNK Y 51 -9.48 52.27 -39.00
C UNK Y 51 -9.77 53.75 -38.96
N UNK Y 52 -9.48 54.34 -37.81
CA UNK Y 52 -9.76 55.76 -37.63
C UNK Y 52 -8.95 56.58 -38.62
N UNK Y 53 -7.69 56.22 -38.79
CA UNK Y 53 -6.82 56.96 -39.69
C UNK Y 53 -7.35 56.85 -41.10
N UNK Y 54 -7.78 55.66 -41.48
CA UNK Y 54 -8.28 55.48 -42.83
C UNK Y 54 -9.51 56.37 -43.04
N UNK Y 55 -10.43 56.35 -42.09
CA UNK Y 55 -11.63 57.16 -42.25
C UNK Y 55 -11.27 58.63 -42.34
N UNK Y 56 -10.32 59.01 -41.49
CA UNK Y 56 -9.84 60.37 -41.33
C UNK Y 56 -9.22 60.92 -42.60
N UNK Y 57 -8.53 60.09 -43.34
CA UNK Y 57 -7.89 60.56 -44.55
C UNK Y 57 -9.02 60.55 -45.52
N UNK Y 58 -10.21 60.31 -44.99
CA UNK Y 58 -11.38 60.16 -45.85
C UNK Y 58 -11.63 61.36 -46.78
N UNK Y 59 -11.46 62.58 -46.30
CA UNK Y 59 -11.68 63.76 -47.15
C UNK Y 59 -10.93 63.69 -48.47
N UNK Y 60 -9.84 62.95 -48.50
CA UNK Y 60 -8.82 63.16 -49.49
C UNK Y 60 -9.51 63.09 -50.83
N UNK Y 61 -10.43 62.15 -50.98
CA UNK Y 61 -11.23 62.08 -52.18
C UNK Y 61 -12.49 61.25 -51.99
N UNK Y 62 -13.43 61.53 -52.89
CA UNK Y 62 -14.64 60.75 -53.17
C UNK Y 62 -15.76 60.74 -52.15
N UNK Y 63 -15.48 60.27 -50.95
CA UNK Y 63 -16.58 60.00 -50.02
C UNK Y 63 -17.36 58.81 -50.57
N UNK Y 64 -16.76 58.14 -51.55
CA UNK Y 64 -17.35 57.06 -52.31
C UNK Y 64 -17.42 55.89 -51.38
N UNK Y 65 -18.29 54.96 -51.69
CA UNK Y 65 -18.54 53.89 -50.74
C UNK Y 65 -17.54 52.72 -50.70
N UNK Y 66 -17.23 52.11 -51.84
CA UNK Y 66 -16.37 50.94 -51.81
C UNK Y 66 -14.94 51.28 -51.44
N UNK Y 67 -14.45 52.34 -52.06
CA UNK Y 67 -13.04 52.67 -51.98
C UNK Y 67 -12.57 52.97 -50.58
N UNK Y 68 -13.36 53.58 -49.70
CA UNK Y 68 -12.81 53.81 -48.35
C UNK Y 68 -12.42 52.51 -47.62
N UNK Y 69 -13.24 51.49 -47.82
CA UNK Y 69 -13.12 50.23 -47.09
C UNK Y 69 -11.79 49.55 -47.33
N UNK Y 70 -11.30 49.60 -48.56
CA UNK Y 70 -10.03 48.97 -48.88
C UNK Y 70 -8.89 49.60 -48.08
N UNK Y 71 -8.92 50.92 -47.96
CA UNK Y 71 -7.91 51.63 -47.20
C UNK Y 71 -7.99 51.20 -45.74
N UNK Y 72 -9.22 51.06 -45.26
CA UNK Y 72 -9.40 50.62 -43.87
C UNK Y 72 -8.81 49.22 -43.66
N UNK Y 73 -9.03 48.35 -44.62
CA UNK Y 73 -8.52 46.99 -44.56
C UNK Y 73 -6.99 47.01 -44.53
N UNK Y 74 -6.40 47.88 -45.33
CA UNK Y 74 -4.95 47.99 -45.37
C UNK Y 74 -4.42 48.42 -44.00
N UNK Y 75 -5.10 49.37 -43.39
CA UNK Y 75 -4.66 49.83 -42.08
C UNK Y 75 -4.73 48.70 -41.06
N UNK Y 76 -5.80 47.92 -41.11
CA UNK Y 76 -5.95 46.82 -40.18
C UNK Y 76 -4.82 45.80 -40.36
N UNK Y 77 -4.50 45.53 -41.63
CA UNK Y 77 -3.46 44.56 -41.92
C UNK Y 77 -2.16 45.05 -41.34
N UNK Y 78 -1.89 46.34 -41.51
CA UNK Y 78 -0.65 46.90 -41.00
C UNK Y 78 -0.55 46.74 -39.48
N UNK Y 79 -1.65 47.02 -38.78
CA UNK Y 79 -1.62 46.88 -37.31
C UNK Y 79 -1.36 45.43 -36.90
N UNK Y 80 -2.00 44.51 -37.61
CA UNK Y 80 -1.83 43.10 -37.29
C UNK Y 80 -0.36 42.72 -37.47
N UNK Y 81 0.22 43.20 -38.56
CA UNK Y 81 1.60 42.87 -38.89
C UNK Y 81 2.48 43.39 -37.79
N UNK Y 82 2.14 44.58 -37.30
CA UNK Y 82 2.87 45.22 -36.24
C UNK Y 82 2.89 44.47 -34.91
N UNK Y 83 1.77 43.89 -34.47
CA UNK Y 83 1.80 43.27 -33.11
C UNK Y 83 2.78 42.08 -32.94
N UNK Y 84 2.75 41.22 -33.94
CA UNK Y 84 3.60 40.08 -34.24
C UNK Y 84 4.66 40.43 -35.28
N UNK Y 85 5.53 39.46 -35.54
CA UNK Y 85 6.61 39.58 -36.49
C UNK Y 85 5.99 39.71 -37.86
N UNK Y 86 6.76 40.32 -38.76
CA UNK Y 86 6.28 40.92 -39.99
C UNK Y 86 5.62 39.94 -40.91
N UNK Y 87 6.01 38.68 -40.75
CA UNK Y 87 5.55 37.59 -41.59
C UNK Y 87 4.05 37.36 -41.48
N UNK Y 88 3.56 37.45 -40.25
CA UNK Y 88 2.23 37.05 -39.89
C UNK Y 88 1.03 37.63 -40.57
N UNK Y 89 0.98 38.91 -40.91
CA UNK Y 89 -0.29 39.34 -41.47
C UNK Y 89 -0.47 39.77 -42.92
N UNK Y 90 -1.29 39.00 -43.61
CA UNK Y 90 -1.67 39.31 -44.97
C UNK Y 90 -2.58 40.55 -44.88
N UNK Y 91 -3.44 40.53 -43.86
CA UNK Y 91 -4.41 41.58 -43.58
C UNK Y 91 -5.46 41.58 -44.71
N UNK Y 92 -5.31 40.64 -45.63
CA UNK Y 92 -6.19 40.48 -46.79
C UNK Y 92 -7.55 40.18 -46.25
N UNK Y 93 -7.56 39.43 -45.15
CA UNK Y 93 -8.78 39.04 -44.50
C UNK Y 93 -9.48 40.35 -44.16
N UNK Y 94 -8.69 41.35 -43.79
CA UNK Y 94 -9.25 42.66 -43.48
C UNK Y 94 -9.96 43.09 -44.75
N UNK Y 95 -9.29 42.83 -45.86
CA UNK Y 95 -9.86 43.13 -47.17
C UNK Y 95 -11.24 42.51 -47.24
N UNK Y 96 -11.38 41.32 -46.68
CA UNK Y 96 -12.68 40.65 -46.67
C UNK Y 96 -13.60 41.54 -45.86
N UNK Y 97 -13.02 42.14 -44.83
CA UNK Y 97 -13.77 42.99 -43.95
C UNK Y 97 -14.42 44.16 -44.66
N UNK Y 98 -13.75 44.76 -45.63
CA UNK Y 98 -14.39 45.91 -46.31
C UNK Y 98 -15.74 45.58 -46.97
N UNK Y 99 -15.81 44.49 -47.73
CA UNK Y 99 -17.02 43.99 -48.35
C UNK Y 99 -18.18 44.18 -47.40
N UNK Y 100 -17.91 43.89 -46.13
CA UNK Y 100 -18.95 44.03 -45.13
C UNK Y 100 -19.38 45.47 -45.03
N UNK Y 101 -18.42 46.36 -45.04
CA UNK Y 101 -18.74 47.76 -44.90
C UNK Y 101 -19.63 48.12 -46.06
N UNK Y 102 -19.26 47.62 -47.22
CA UNK Y 102 -19.95 47.98 -48.43
C UNK Y 102 -21.39 47.57 -48.39
N UNK Y 103 -21.67 46.37 -47.89
CA UNK Y 103 -23.04 45.88 -48.01
C UNK Y 103 -23.93 46.84 -47.27
N UNK Y 104 -23.52 47.26 -46.09
CA UNK Y 104 -24.16 48.39 -45.47
C UNK Y 104 -24.51 49.28 -46.64
N UNK Y 105 -23.60 49.35 -47.60
CA UNK Y 105 -23.90 50.10 -48.81
C UNK Y 105 -25.08 49.43 -49.47
N UNK Y 106 -25.05 48.11 -49.51
CA UNK Y 106 -26.10 47.31 -50.13
C UNK Y 106 -27.41 47.48 -49.40
N UNK Z 1 -52.89 -17.83 22.34
CA UNK Z 1 -53.82 -17.38 21.31
C UNK Z 1 -54.90 -16.52 21.93
N UNK Z 2 -55.26 -16.87 23.16
CA UNK Z 2 -56.35 -16.20 23.84
C UNK Z 2 -56.00 -14.74 24.01
N UNK Z 3 -54.75 -14.44 24.34
CA UNK Z 3 -54.33 -13.07 24.56
C UNK Z 3 -54.47 -12.25 23.28
N UNK Z 4 -54.07 -12.85 22.16
CA UNK Z 4 -54.16 -12.16 20.87
C UNK Z 4 -55.62 -11.89 20.55
N UNK Z 5 -56.47 -12.88 20.81
CA UNK Z 5 -57.88 -12.71 20.52
C UNK Z 5 -58.43 -11.55 21.34
N UNK Z 6 -58.03 -11.50 22.61
CA UNK Z 6 -58.50 -10.46 23.51
C UNK Z 6 -58.07 -9.09 23.01
N UNK Z 7 -56.83 -9.01 22.55
CA UNK Z 7 -56.33 -7.73 22.04
C UNK Z 7 -57.10 -7.30 20.81
N UNK Z 8 -57.42 -8.26 19.94
CA UNK Z 8 -58.18 -7.96 18.74
C UNK Z 8 -59.56 -7.45 19.11
N UNK Z 9 -60.16 -8.08 20.12
CA UNK Z 9 -61.47 -7.68 20.60
C UNK Z 9 -61.43 -6.27 21.16
N UNK Z 10 -60.36 -5.95 21.88
CA UNK Z 10 -60.17 -4.63 22.44
C UNK Z 10 -60.08 -3.60 21.32
N UNK Z 11 -59.37 -3.96 20.26
CA UNK Z 11 -59.24 -3.08 19.12
C UNK Z 11 -60.60 -2.83 18.49
N UNK Z 12 -61.40 -3.88 18.40
CA UNK Z 12 -62.74 -3.74 17.83
C UNK Z 12 -63.58 -2.81 18.69
N UNK Z 13 -63.47 -2.96 20.00
CA UNK Z 13 -64.22 -2.11 20.92
C UNK Z 13 -63.81 -0.66 20.74
N UNK Z 14 -62.51 -0.43 20.57
CA UNK Z 14 -62.00 0.91 20.38
C UNK Z 14 -62.56 1.51 19.09
N UNK Z 15 -62.61 0.69 18.05
CA UNK Z 15 -63.15 1.14 16.77
C UNK Z 15 -64.61 1.52 16.93
N UNK Z 16 -65.35 0.71 17.68
CA UNK Z 16 -66.76 0.97 17.89
C UNK Z 16 -66.93 2.29 18.63
N UNK Z 17 -66.07 2.52 19.61
CA UNK Z 17 -66.13 3.75 20.38
C UNK Z 17 -65.86 4.94 19.49
N UNK Z 18 -64.89 4.81 18.60
CA UNK Z 18 -64.56 5.88 17.68
C UNK Z 18 -65.72 6.18 16.75
N UNK Z 19 -66.38 5.13 16.30
CA UNK Z 19 -67.44 5.27 15.31
C UNK Z 19 -68.63 6.10 15.77
N UNK Z 20 -68.59 6.63 16.99
CA UNK Z 20 -69.72 7.37 17.49
C UNK Z 20 -69.42 8.81 17.85
N UNK Z 21 -68.38 9.05 18.65
CA UNK Z 21 -68.20 10.39 19.16
C UNK Z 21 -67.88 11.31 18.03
N UNK Z 22 -66.98 10.85 17.19
CA UNK Z 22 -66.51 11.69 16.14
C UNK Z 22 -67.66 11.99 15.24
N UNK Z 23 -68.47 10.99 14.98
CA UNK Z 23 -69.50 11.16 14.00
C UNK Z 23 -70.40 12.23 14.49
N UNK Z 24 -70.79 12.17 15.76
CA UNK Z 24 -71.78 13.14 16.22
C UNK Z 24 -71.13 14.47 16.08
N UNK Z 25 -69.86 14.46 16.40
CA UNK Z 25 -69.12 15.68 16.49
C UNK Z 25 -69.22 16.33 15.16
N UNK Z 26 -69.12 15.54 14.12
CA UNK Z 26 -69.20 16.09 12.77
C UNK Z 26 -70.53 16.75 12.69
N UNK Z 27 -71.50 16.15 13.35
CA UNK Z 27 -72.83 16.71 13.43
C UNK Z 27 -72.64 18.05 14.08
N UNK Z 28 -71.69 18.16 15.00
CA UNK Z 28 -71.45 19.47 15.59
C UNK Z 28 -70.97 20.49 14.56
N UNK Z 29 -70.08 20.04 13.71
CA UNK Z 29 -69.45 20.96 12.77
C UNK Z 29 -70.55 21.54 11.94
N UNK Z 30 -71.55 20.72 11.68
CA UNK Z 30 -72.65 21.15 10.86
C UNK Z 30 -73.25 22.31 11.57
N UNK Z 31 -73.36 22.16 12.87
CA UNK Z 31 -74.04 23.16 13.64
C UNK Z 31 -73.32 24.48 13.51
N UNK Z 32 -72.01 24.46 13.66
CA UNK Z 32 -71.27 25.71 13.63
C UNK Z 32 -71.33 26.39 12.28
N UNK Z 33 -71.25 25.57 11.25
CA UNK Z 33 -71.27 26.13 9.91
C UNK Z 33 -72.61 26.80 9.76
N UNK Z 34 -73.64 26.23 10.34
CA UNK Z 34 -74.90 26.90 10.14
C UNK Z 34 -74.84 28.35 10.64
N UNK Z 35 -74.25 28.57 11.81
CA UNK Z 35 -74.16 29.93 12.34
C UNK Z 35 -73.30 30.91 11.52
N UNK Z 36 -72.18 30.41 11.00
CA UNK Z 36 -71.23 31.22 10.23
C UNK Z 36 -71.75 31.87 8.95
N UNK Z 37 -72.53 31.14 8.15
CA UNK Z 37 -73.04 31.72 6.91
C UNK Z 37 -73.95 32.91 7.22
N UNK Z 38 -74.79 32.72 8.22
CA UNK Z 38 -75.71 33.77 8.64
C UNK Z 38 -74.93 34.97 9.14
N UNK Z 39 -73.88 34.69 9.92
CA UNK Z 39 -73.07 35.77 10.47
C UNK Z 39 -72.45 36.57 9.32
N UNK Z 40 -72.00 35.84 8.30
CA UNK Z 40 -71.39 36.43 7.11
C UNK Z 40 -72.34 37.30 6.30
N UNK Z 41 -73.59 36.88 6.16
CA UNK Z 41 -74.55 37.65 5.35
C UNK Z 41 -74.85 39.07 5.85
N UNK Z 42 -74.97 39.20 7.17
CA UNK Z 42 -75.27 40.42 7.86
C UNK Z 42 -73.96 41.05 8.16
N UNK Z 43 -73.03 40.22 8.56
CA UNK Z 43 -71.71 40.69 8.89
C UNK Z 43 -71.19 41.34 7.62
N UNK Z 44 -71.52 40.71 6.51
CA UNK Z 44 -70.82 40.99 5.28
C UNK Z 44 -70.98 42.43 4.99
N UNK Z 45 -72.18 42.95 5.09
CA UNK Z 45 -72.42 44.29 4.62
C UNK Z 45 -71.60 45.28 5.38
N UNK Z 46 -71.53 45.05 6.68
CA UNK Z 46 -70.90 46.00 7.57
C UNK Z 46 -69.48 46.17 7.06
N UNK Z 47 -68.96 45.07 6.55
CA UNK Z 47 -67.70 45.09 5.91
C UNK Z 47 -67.82 46.08 4.79
N UNK Z 48 -69.00 46.18 4.23
CA UNK Z 48 -69.10 47.10 3.15
C UNK Z 48 -68.72 48.47 3.65
N UNK Z 49 -69.24 48.82 4.80
CA UNK Z 49 -69.26 50.22 5.15
C UNK Z 49 -67.91 50.87 5.28
N UNK Z 50 -66.99 50.19 5.95
CA UNK Z 50 -65.71 50.82 6.21
C UNK Z 50 -65.09 51.06 4.87
N UNK Z 51 -65.22 50.04 4.04
CA UNK Z 51 -64.50 49.97 2.80
C UNK Z 51 -64.94 51.14 2.03
N UNK Z 52 -66.24 51.38 1.94
CA UNK Z 52 -66.53 52.56 1.20
C UNK Z 52 -65.89 53.68 2.00
N UNK Z 53 -66.16 53.66 3.30
CA UNK Z 53 -65.88 54.83 4.09
C UNK Z 53 -64.41 55.13 4.13
N UNK Z 54 -63.67 54.07 4.39
CA UNK Z 54 -62.29 54.26 4.65
C UNK Z 54 -61.68 54.82 3.41
N UNK Z 55 -62.05 54.24 2.28
CA UNK Z 55 -61.37 54.58 1.06
C UNK Z 55 -61.63 56.02 0.81
N UNK Z 56 -62.89 56.38 0.97
CA UNK Z 56 -63.32 57.69 0.57
C UNK Z 56 -62.43 58.62 1.34
N UNK Z 57 -62.09 58.23 2.56
CA UNK Z 57 -61.25 59.05 3.42
C UNK Z 57 -60.00 59.30 2.63
N UNK Z 58 -59.58 58.27 1.92
CA UNK Z 58 -58.45 58.43 1.05
C UNK Z 58 -58.81 59.51 0.05
N UNK Z 59 -60.08 59.61 -0.33
CA UNK Z 59 -60.38 60.64 -1.30
C UNK Z 59 -60.06 62.00 -0.71
N UNK Z 60 -60.50 62.21 0.51
CA UNK Z 60 -60.38 63.51 1.14
C UNK Z 60 -58.92 63.84 1.28
N UNK Z 61 -58.18 62.80 1.59
CA UNK Z 61 -56.76 62.94 1.73
C UNK Z 61 -56.26 63.38 0.38
N UNK Z 62 -56.87 62.83 -0.65
CA UNK Z 62 -56.41 63.14 -1.97
C UNK Z 62 -56.55 64.62 -2.23
N UNK Z 63 -57.70 65.18 -1.87
CA UNK Z 63 -57.90 66.59 -2.11
C UNK Z 63 -56.90 67.41 -1.32
N UNK Z 64 -56.68 67.01 -0.08
CA UNK Z 64 -55.80 67.76 0.80
C UNK Z 64 -54.41 67.80 0.23
N UNK Z 65 -54.00 66.68 -0.34
CA UNK Z 65 -52.66 66.54 -0.83
C UNK Z 65 -52.47 67.38 -2.06
N UNK AA 1 -62.31 38.70 31.62
CA UNK AA 1 -61.61 37.52 32.09
C UNK AA 1 -60.10 37.67 31.87
N UNK AA 2 -59.67 38.49 30.92
CA UNK AA 2 -58.26 38.40 30.53
C UNK AA 2 -57.03 38.48 31.46
N UNK AA 3 -56.88 39.49 32.33
CA UNK AA 3 -55.67 39.49 33.16
C UNK AA 3 -55.71 38.30 34.08
N UNK AA 4 -56.83 38.15 34.76
CA UNK AA 4 -57.02 37.06 35.69
C UNK AA 4 -57.00 35.76 34.94
N UNK AA 5 -57.58 35.78 33.75
CA UNK AA 5 -57.66 34.58 32.97
C UNK AA 5 -56.29 34.01 32.63
N UNK AA 6 -55.38 34.82 32.12
CA UNK AA 6 -54.08 34.33 31.71
C UNK AA 6 -53.32 33.77 32.89
N UNK AA 7 -53.48 34.43 34.02
CA UNK AA 7 -52.81 34.04 35.23
C UNK AA 7 -53.26 32.63 35.50
N UNK AA 8 -54.44 32.27 35.05
CA UNK AA 8 -54.90 30.90 35.27
C UNK AA 8 -53.99 29.83 34.64
N UNK AA 9 -53.54 30.05 33.41
CA UNK AA 9 -52.70 29.06 32.72
C UNK AA 9 -51.39 28.82 33.45
N UNK AA 10 -50.85 29.92 33.94
CA UNK AA 10 -49.62 29.86 34.67
C UNK AA 10 -49.89 29.02 35.90
N UNK AA 11 -51.08 29.05 36.48
CA UNK AA 11 -51.25 28.21 37.68
C UNK AA 11 -50.94 26.70 37.48
N UNK AA 12 -51.35 26.15 36.36
CA UNK AA 12 -51.08 24.74 36.12
C UNK AA 12 -49.59 24.43 36.18
N UNK AA 13 -48.82 25.13 35.37
CA UNK AA 13 -47.39 24.86 35.25
C UNK AA 13 -46.73 24.84 36.61
N UNK AA 14 -47.11 25.80 37.46
CA UNK AA 14 -46.58 25.90 38.81
C UNK AA 14 -46.98 24.64 39.53
N UNK AA 15 -48.20 24.20 39.26
CA UNK AA 15 -48.76 22.99 39.84
C UNK AA 15 -48.00 21.70 39.49
N UNK AA 16 -47.51 21.52 38.27
CA UNK AA 16 -46.78 20.29 37.94
C UNK AA 16 -45.39 20.12 38.60
N UNK AA 17 -44.60 21.18 38.56
CA UNK AA 17 -43.25 21.16 39.11
C UNK AA 17 -43.24 20.92 40.60
N UNK AA 18 -44.15 21.58 41.30
CA UNK AA 18 -44.27 21.42 42.73
C UNK AA 18 -44.66 19.97 42.94
N UNK AA 19 -45.49 19.49 42.03
CA UNK AA 19 -46.02 18.14 42.08
C UNK AA 19 -44.92 17.10 42.07
N UNK AA 20 -43.78 17.41 41.48
CA UNK AA 20 -42.67 16.45 41.47
C UNK AA 20 -42.29 16.06 42.92
N UNK AA 21 -42.47 16.97 43.86
CA UNK AA 21 -42.15 16.73 45.28
C UNK AA 21 -42.97 15.57 45.87
N UNK AA 22 -44.22 15.45 45.43
CA UNK AA 22 -45.09 14.38 45.89
C UNK AA 22 -44.51 13.04 45.44
N UNK AA 23 -44.02 13.00 44.20
CA UNK AA 23 -43.39 11.81 43.63
C UNK AA 23 -42.16 11.50 44.46
N UNK AA 24 -41.49 12.58 44.85
CA UNK AA 24 -40.28 12.55 45.66
C UNK AA 24 -40.51 11.90 47.02
N UNK AA 25 -41.68 12.12 47.62
CA UNK AA 25 -42.00 11.56 48.92
C UNK AA 25 -42.14 10.03 48.83
N UNK AA 26 -42.14 9.51 47.60
CA UNK AA 26 -42.26 8.08 47.39
C UNK AA 26 -41.09 7.34 48.02
N UNK AA 27 -39.90 7.90 47.88
CA UNK AA 27 -38.70 7.28 48.44
C UNK AA 27 -38.82 7.25 49.96
N UNK AA 28 -39.48 8.23 50.52
CA UNK AA 28 -39.73 8.19 51.95
C UNK AA 28 -40.32 6.80 52.25
N UNK AA 29 -41.21 6.34 51.39
CA UNK AA 29 -41.83 5.03 51.59
C UNK AA 29 -40.82 3.95 51.97
N UNK BA 1 -51.45 -28.86 0.84
CA UNK BA 1 -50.52 -27.76 0.69
C UNK BA 1 -51.11 -26.45 1.20
N UNK BA 2 -50.43 -25.35 0.91
CA UNK BA 2 -50.90 -24.03 1.33
C UNK BA 2 -50.64 -23.80 2.81
N UNK BA 3 -49.74 -24.60 3.39
CA UNK BA 3 -49.40 -24.49 4.79
C UNK BA 3 -48.68 -23.18 5.07
N UNK BA 4 -49.04 -22.50 6.16
CA UNK BA 4 -48.39 -21.23 6.45
C UNK BA 4 -46.91 -21.24 6.85
N UNK BA 5 -46.51 -22.05 7.84
CA UNK BA 5 -45.11 -22.11 8.28
C UNK BA 5 -44.65 -20.67 8.47
N UNK BA 6 -45.47 -19.86 9.16
CA UNK BA 6 -45.23 -18.43 9.24
C UNK BA 6 -43.82 -18.15 9.74
N UNK BA 7 -43.41 -18.85 10.78
CA UNK BA 7 -42.05 -18.68 11.27
C UNK BA 7 -41.79 -17.32 11.91
N UNK BA 8 -42.02 -16.26 11.13
CA UNK BA 8 -41.74 -14.91 11.61
C UNK BA 8 -42.92 -13.95 11.50
N UNK BA 9 -42.82 -12.82 12.20
CA UNK BA 9 -43.91 -11.86 12.21
C UNK BA 9 -44.26 -11.50 10.78
N UNK BA 10 -45.56 -11.49 10.50
CA UNK BA 10 -46.04 -11.21 9.15
C UNK BA 10 -47.07 -10.10 9.17
N UNK BA 11 -46.67 -8.85 9.34
CA UNK BA 11 -47.68 -7.77 9.33
C UNK BA 11 -48.47 -7.48 8.02
N UNK BA 12 -47.77 -7.64 6.89
CA UNK BA 12 -48.29 -7.28 5.57
C UNK BA 12 -49.59 -7.94 5.13
N UNK BA 13 -49.76 -9.22 5.41
CA UNK BA 13 -51.00 -9.87 5.00
C UNK BA 13 -52.16 -9.18 5.70
N UNK BA 14 -51.98 -8.90 6.98
CA UNK BA 14 -53.04 -8.27 7.74
C UNK BA 14 -53.36 -6.93 7.13
N UNK BA 15 -52.32 -6.16 6.81
CA UNK BA 15 -52.59 -4.85 6.23
C UNK BA 15 -53.37 -4.93 4.90
N UNK BA 16 -52.99 -5.88 4.05
CA UNK BA 16 -53.66 -6.02 2.76
C UNK BA 16 -55.12 -6.41 2.94
N UNK BA 17 -55.36 -7.29 3.90
CA UNK BA 17 -56.70 -7.76 4.17
C UNK BA 17 -57.53 -6.57 4.62
N UNK BA 18 -56.92 -5.73 5.45
CA UNK BA 18 -57.63 -4.57 5.94
C UNK BA 18 -58.02 -3.69 4.76
N UNK BA 19 -57.10 -3.49 3.81
CA UNK BA 19 -57.46 -2.66 2.67
C UNK BA 19 -58.65 -3.21 1.91
N UNK BA 20 -58.63 -4.51 1.63
CA UNK BA 20 -59.75 -5.08 0.88
C UNK BA 20 -61.08 -4.94 1.63
N UNK BA 21 -61.01 -5.19 2.94
CA UNK BA 21 -62.19 -5.10 3.76
C UNK BA 21 -62.76 -3.70 3.76
N UNK BA 22 -61.87 -2.72 3.85
CA UNK BA 22 -62.32 -1.34 3.89
C UNK BA 22 -63.02 -1.04 2.60
N UNK BA 23 -62.47 -1.51 1.50
CA UNK BA 23 -63.11 -1.24 0.22
C UNK BA 23 -64.52 -1.84 0.11
N UNK BA 24 -64.70 -3.07 0.58
CA UNK BA 24 -66.00 -3.79 0.48
C UNK BA 24 -67.31 -3.37 1.21
N UNK BA 25 -67.18 -3.01 2.48
CA UNK BA 25 -68.32 -2.66 3.35
C UNK BA 25 -69.08 -1.36 3.10
N UNK BA 26 -70.31 -1.36 3.60
CA UNK BA 26 -71.21 -0.23 3.46
C UNK BA 26 -70.82 0.99 4.27
N UNK BA 27 -71.49 2.10 4.00
CA UNK BA 27 -71.22 3.35 4.69
C UNK BA 27 -70.31 4.26 3.88
N UNK BA 28 -69.86 3.77 2.73
CA UNK BA 28 -69.02 4.55 1.85
C UNK BA 28 -69.88 5.74 1.42
N UNK BA 29 -71.15 5.45 1.17
CA UNK BA 29 -72.13 6.45 0.76
C UNK BA 29 -72.34 7.51 1.84
N UNK BA 30 -72.33 7.09 3.10
CA UNK BA 30 -72.52 8.01 4.20
C UNK BA 30 -71.40 9.04 4.18
N UNK BA 31 -70.18 8.57 3.91
CA UNK BA 31 -69.03 9.46 3.82
C UNK BA 31 -69.29 10.55 2.78
N UNK BA 32 -69.89 10.15 1.66
CA UNK BA 32 -70.21 11.11 0.60
C UNK BA 32 -71.21 12.15 1.12
N UNK BA 33 -72.18 11.68 1.90
CA UNK BA 33 -73.19 12.55 2.47
C UNK BA 33 -72.52 13.55 3.41
N UNK BA 34 -71.56 13.05 4.19
CA UNK BA 34 -70.84 13.90 5.13
C UNK BA 34 -70.07 14.95 4.38
N UNK BA 35 -69.47 14.56 3.25
CA UNK BA 35 -68.71 15.49 2.43
C UNK BA 35 -69.64 16.58 1.90
N UNK BA 36 -70.83 16.19 1.48
CA UNK BA 36 -71.80 17.15 0.98
C UNK BA 36 -72.19 18.09 2.12
N UNK BA 37 -72.21 17.54 3.32
CA UNK BA 37 -72.59 18.26 4.54
C UNK BA 37 -71.78 19.49 4.97
N UNK BA 38 -70.56 19.60 4.46
CA UNK BA 38 -69.64 20.67 4.85
C UNK BA 38 -70.11 22.10 4.60
N UNK BA 39 -70.78 22.34 3.48
CA UNK BA 39 -71.25 23.68 3.16
C UNK BA 39 -70.05 24.63 3.06
N UNK BA 40 -70.09 25.75 3.77
CA UNK BA 40 -69.02 26.74 3.77
C UNK BA 40 -69.10 27.74 2.61
N UNK BA 41 -70.17 27.62 1.82
CA UNK BA 41 -70.39 28.53 0.70
C UNK BA 41 -71.49 29.55 0.99
N UNK BA 42 -72.73 29.18 0.71
CA UNK BA 42 -73.88 30.04 0.98
C UNK BA 42 -73.57 31.50 0.63
N UNK CA 1 -63.78 4.80 -51.43
CA UNK CA 1 -63.73 3.63 -50.57
C UNK CA 1 -62.86 2.55 -51.18
N UNK CA 2 -62.55 2.73 -52.45
CA UNK CA 2 -61.79 1.73 -53.14
C UNK CA 2 -60.50 1.63 -52.36
N UNK CA 3 -60.03 2.76 -51.87
CA UNK CA 3 -58.76 2.78 -51.18
C UNK CA 3 -58.85 1.86 -49.99
N UNK CA 4 -60.00 1.89 -49.35
CA UNK CA 4 -60.20 1.08 -48.17
C UNK CA 4 -60.05 -0.36 -48.59
N UNK CA 5 -60.60 -0.69 -49.75
CA UNK CA 5 -60.50 -2.04 -50.26
C UNK CA 5 -59.04 -2.37 -50.47
N UNK CA 6 -58.28 -1.40 -50.93
CA UNK CA 6 -56.85 -1.59 -51.09
C UNK CA 6 -56.33 -1.85 -49.70
N UNK CA 7 -56.88 -1.12 -48.73
CA UNK CA 7 -56.34 -1.14 -47.39
C UNK CA 7 -56.41 -2.56 -46.94
N UNK CA 8 -57.52 -3.23 -47.27
CA UNK CA 8 -57.73 -4.61 -46.86
C UNK CA 8 -56.63 -5.54 -47.42
N UNK CA 9 -56.23 -5.30 -48.66
CA UNK CA 9 -55.19 -6.12 -49.28
C UNK CA 9 -53.89 -5.96 -48.50
N UNK CA 10 -53.60 -4.73 -48.09
CA UNK CA 10 -52.39 -4.44 -47.33
C UNK CA 10 -52.42 -5.17 -45.99
N UNK CA 11 -53.59 -5.18 -45.36
CA UNK CA 11 -53.77 -5.86 -44.08
C UNK CA 11 -53.53 -7.35 -44.27
N UNK CA 12 -54.02 -7.87 -45.38
CA UNK CA 12 -53.84 -9.28 -45.71
C UNK CA 12 -52.35 -9.58 -45.87
N UNK CA 13 -51.64 -8.63 -46.46
CA UNK CA 13 -50.21 -8.75 -46.69
C UNK CA 13 -49.48 -8.88 -45.36
N UNK CA 14 -49.93 -8.11 -44.36
CA UNK CA 14 -49.31 -8.16 -43.04
C UNK CA 14 -49.51 -9.55 -42.45
N UNK CA 15 -50.67 -10.15 -42.63
CA UNK CA 15 -50.88 -11.48 -42.10
C UNK CA 15 -49.94 -12.46 -42.77
N UNK CA 16 -49.77 -12.29 -44.08
CA UNK CA 16 -48.91 -13.16 -44.85
C UNK CA 16 -47.51 -13.03 -44.30
N UNK CA 17 -47.15 -11.81 -43.93
CA UNK CA 17 -45.84 -11.56 -43.38
C UNK CA 17 -45.71 -12.32 -42.08
N UNK CA 18 -46.79 -12.32 -41.30
CA UNK CA 18 -46.76 -13.00 -40.02
C UNK CA 18 -46.49 -14.48 -40.25
N UNK CA 19 -46.99 -14.99 -41.37
CA UNK CA 19 -46.78 -16.39 -41.72
C UNK CA 19 -45.29 -16.66 -41.82
N UNK CA 20 -44.56 -15.69 -42.37
CA UNK CA 20 -43.13 -15.83 -42.51
C UNK CA 20 -42.48 -16.00 -41.15
N UNK CA 21 -42.96 -15.25 -40.16
CA UNK CA 21 -42.39 -15.33 -38.82
C UNK CA 21 -42.59 -16.73 -38.27
N UNK CA 22 -43.74 -17.33 -38.59
CA UNK CA 22 -44.05 -18.68 -38.12
C UNK CA 22 -43.03 -19.70 -38.63
N UNK CA 23 -42.63 -19.53 -39.88
CA UNK CA 23 -41.64 -20.42 -40.48
C UNK CA 23 -40.36 -20.28 -39.70
N UNK CA 24 -40.12 -19.05 -39.24
CA UNK CA 24 -38.94 -18.70 -38.47
C UNK CA 24 -38.85 -19.42 -37.14
N UNK CA 25 -39.98 -19.65 -36.50
CA UNK CA 25 -39.95 -20.36 -35.23
C UNK CA 25 -39.37 -21.72 -35.56
N UNK CA 26 -39.78 -22.31 -36.68
CA UNK CA 26 -39.25 -23.62 -37.01
C UNK CA 26 -37.73 -23.53 -36.85
N UNK CA 27 -37.00 -24.33 -37.62
CA UNK CA 27 -35.53 -24.33 -37.55
C UNK CA 27 -34.97 -25.51 -38.32
N UNK DA 1 -57.47 32.98 -50.74
CA UNK DA 1 -56.99 31.96 -49.82
C UNK DA 1 -56.90 30.65 -50.56
N UNK DA 2 -56.25 30.61 -51.72
CA UNK DA 2 -56.05 29.31 -52.37
C UNK DA 2 -55.09 28.46 -51.49
N UNK DA 3 -54.07 29.03 -50.92
CA UNK DA 3 -53.16 28.11 -50.26
C UNK DA 3 -53.69 27.15 -49.22
N UNK DA 4 -54.82 27.43 -48.62
CA UNK DA 4 -55.36 26.55 -47.59
C UNK DA 4 -55.46 25.17 -48.17
N UNK DA 5 -55.63 25.12 -49.48
CA UNK DA 5 -55.73 23.87 -50.15
C UNK DA 5 -54.53 22.96 -50.03
N UNK DA 6 -53.32 23.51 -50.12
CA UNK DA 6 -52.07 22.75 -50.03
C UNK DA 6 -51.88 22.00 -48.72
N UNK DA 7 -52.45 22.52 -47.64
CA UNK DA 7 -52.34 21.89 -46.34
C UNK DA 7 -52.89 20.48 -46.45
N UNK DA 8 -53.95 20.34 -47.25
CA UNK DA 8 -54.56 19.03 -47.47
C UNK DA 8 -53.53 18.10 -48.12
N UNK DA 9 -52.76 18.65 -49.05
CA UNK DA 9 -51.72 17.87 -49.74
C UNK DA 9 -50.64 17.42 -48.76
N UNK DA 10 -50.45 18.00 -47.61
CA UNK DA 10 -49.50 17.28 -46.74
C UNK DA 10 -50.05 15.81 -46.60
N UNK DA 11 -51.37 15.70 -46.59
CA UNK DA 11 -52.07 14.42 -46.47
C UNK DA 11 -51.68 13.53 -47.66
N UNK DA 12 -51.36 14.17 -48.77
CA UNK DA 12 -50.90 13.47 -49.96
C UNK DA 12 -49.59 12.78 -49.56
N UNK DA 13 -48.81 13.50 -48.75
CA UNK DA 13 -47.55 13.00 -48.22
C UNK DA 13 -47.81 11.83 -47.25
N UNK DA 14 -48.90 11.97 -46.49
CA UNK DA 14 -49.31 11.00 -45.48
C UNK DA 14 -49.63 9.64 -46.11
N UNK DA 15 -50.18 9.67 -47.31
CA UNK DA 15 -50.54 8.44 -48.01
C UNK DA 15 -49.32 7.57 -48.23
N UNK DA 16 -48.17 8.20 -48.46
CA UNK DA 16 -46.93 7.47 -48.70
C UNK DA 16 -46.56 6.60 -47.50
N UNK DA 17 -46.73 7.13 -46.29
CA UNK DA 17 -46.41 6.40 -45.06
C UNK DA 17 -47.27 5.15 -44.92
N UNK DA 18 -48.55 5.27 -45.22
CA UNK DA 18 -49.46 4.14 -45.14
C UNK DA 18 -48.95 3.12 -46.14
N UNK DA 19 -48.53 3.63 -47.29
CA UNK DA 19 -47.98 2.83 -48.37
C UNK DA 19 -46.68 2.17 -47.90
N UNK DA 20 -46.04 2.84 -46.94
CA UNK DA 20 -44.77 2.47 -46.34
C UNK DA 20 -44.75 1.16 -45.54
N UNK DA 21 -45.94 0.63 -45.28
CA UNK DA 21 -46.11 -0.58 -44.49
C UNK DA 21 -45.40 -1.74 -45.18
N UNK DA 22 -45.22 -1.59 -46.48
CA UNK DA 22 -44.57 -2.62 -47.27
C UNK DA 22 -43.13 -2.94 -46.83
N UNK DA 23 -42.35 -1.94 -46.42
CA UNK DA 23 -40.98 -2.29 -46.04
C UNK DA 23 -41.03 -3.54 -45.17
N UNK DA 24 -41.99 -3.59 -44.25
CA UNK DA 24 -42.21 -4.76 -43.43
C UNK DA 24 -42.32 -5.94 -44.38
N UNK DA 25 -42.94 -5.71 -45.53
CA UNK DA 25 -43.10 -6.73 -46.55
C UNK DA 25 -41.72 -7.19 -47.01
N UNK DA 26 -40.79 -6.25 -47.13
CA UNK DA 26 -39.42 -6.58 -47.53
C UNK DA 26 -38.86 -7.52 -46.47
N UNK DA 27 -39.15 -7.20 -45.21
CA UNK DA 27 -38.72 -8.03 -44.10
C UNK DA 27 -39.09 -9.45 -44.45
N UNK DA 28 -40.17 -9.61 -45.20
CA UNK DA 28 -40.64 -10.94 -45.59
C UNK DA 28 -39.59 -11.74 -46.37
N UNK DA 29 -38.84 -11.05 -47.22
CA UNK DA 29 -37.81 -11.67 -48.03
C UNK DA 29 -36.69 -12.31 -47.20
N UNK DA 30 -36.42 -11.75 -46.03
CA UNK DA 30 -35.35 -12.23 -45.15
C UNK DA 30 -35.42 -13.68 -44.64
N UNK DA 31 -36.61 -14.18 -44.31
CA UNK DA 31 -36.72 -15.55 -43.82
C UNK DA 31 -36.21 -16.53 -44.88
N UNK DA 32 -36.58 -16.25 -46.12
CA UNK DA 32 -36.18 -17.04 -47.31
C UNK DA 32 -34.76 -17.62 -47.51
N UNK DA 33 -33.68 -16.97 -47.11
CA UNK DA 33 -32.39 -17.62 -47.35
C UNK DA 33 -32.23 -18.99 -46.65
N UNK DA 34 -32.60 -19.04 -45.38
CA UNK DA 34 -32.47 -20.25 -44.55
C UNK DA 34 -33.26 -21.47 -44.97
N UNK DA 35 -34.48 -21.27 -45.43
CA UNK DA 35 -35.29 -22.42 -45.79
C UNK DA 35 -34.61 -23.19 -46.89
N UNK DA 36 -34.08 -22.51 -47.89
CA UNK DA 36 -33.40 -23.21 -48.96
C UNK DA 36 -32.14 -23.91 -48.46
N UNK DA 37 -31.37 -23.22 -47.63
CA UNK DA 37 -30.11 -23.76 -47.10
C UNK DA 37 -30.12 -24.97 -46.15
N UNK DA 38 -31.02 -24.97 -45.17
CA UNK DA 38 -31.13 -26.03 -44.18
C UNK DA 38 -31.92 -27.27 -44.61
N UNK DA 39 -32.56 -27.21 -45.76
CA UNK DA 39 -33.33 -28.35 -46.24
C UNK DA 39 -34.55 -28.58 -45.35
N UNK EA 1 -23.61 -13.36 -42.93
CA UNK EA 1 -23.50 -12.58 -41.71
C UNK EA 1 -23.76 -11.10 -42.00
N UNK EA 2 -22.68 -10.37 -42.24
CA UNK EA 2 -22.79 -8.96 -42.52
C UNK EA 2 -23.62 -8.85 -43.77
N UNK EA 3 -23.46 -9.82 -44.68
CA UNK EA 3 -24.22 -9.87 -45.93
C UNK EA 3 -25.70 -10.05 -45.70
N UNK EA 4 -26.04 -10.89 -44.73
CA UNK EA 4 -27.43 -11.14 -44.43
C UNK EA 4 -27.96 -9.80 -43.99
N UNK EA 5 -27.18 -9.10 -43.19
CA UNK EA 5 -27.58 -7.79 -42.68
C UNK EA 5 -27.76 -6.79 -43.82
N UNK EA 6 -26.86 -6.85 -44.78
CA UNK EA 6 -26.84 -5.99 -45.95
C UNK EA 6 -28.11 -6.14 -46.72
N UNK EA 7 -28.71 -7.33 -46.68
CA UNK EA 7 -29.95 -7.64 -47.40
C UNK EA 7 -31.11 -6.73 -46.98
N UNK EA 8 -31.15 -6.36 -45.71
CA UNK EA 8 -32.21 -5.50 -45.19
C UNK EA 8 -32.17 -4.21 -46.00
N UNK EA 9 -30.98 -3.78 -46.36
CA UNK EA 9 -30.81 -2.58 -47.16
C UNK EA 9 -31.48 -2.79 -48.51
N UNK EA 10 -31.34 -3.99 -49.06
CA UNK EA 10 -31.95 -4.34 -50.34
C UNK EA 10 -33.47 -4.29 -50.25
N UNK EA 11 -33.96 -4.74 -49.11
CA UNK EA 11 -35.37 -4.73 -48.83
C UNK EA 11 -35.85 -3.34 -49.14
N UNK EA 12 -35.47 -2.41 -48.27
CA UNK EA 12 -35.83 -1.01 -48.38
C UNK EA 12 -35.82 -0.54 -49.82
N UNK EA 13 -34.78 -0.91 -50.55
CA UNK EA 13 -34.72 -0.53 -51.94
C UNK EA 13 -36.01 -0.89 -52.66
N UNK EA 14 -36.61 -2.03 -52.29
CA UNK EA 14 -37.85 -2.43 -52.92
C UNK EA 14 -38.94 -1.39 -52.64
N UNK EA 15 -39.00 -0.89 -51.41
CA UNK EA 15 -39.98 0.12 -51.03
C UNK EA 15 -39.74 1.41 -51.81
N UNK EA 16 -38.46 1.73 -51.98
CA UNK EA 16 -38.11 2.93 -52.74
C UNK EA 16 -38.61 2.79 -54.18
N UNK EA 17 -38.41 1.61 -54.76
CA UNK EA 17 -38.84 1.32 -56.13
C UNK EA 17 -40.35 1.43 -56.22
N UNK EA 18 -41.01 0.96 -55.17
CA UNK EA 18 -42.45 0.96 -55.02
C UNK EA 18 -43.03 2.37 -55.06
N UNK EA 19 -42.33 3.35 -54.48
CA UNK EA 19 -42.87 4.72 -54.52
C UNK EA 19 -43.06 5.18 -55.97
N UNK EA 20 -42.07 4.84 -56.79
CA UNK EA 20 -41.97 5.09 -58.23
C UNK EA 20 -43.30 4.81 -58.93
N UNK FA 1 -26.10 -23.44 -72.18
CA UNK FA 1 -27.28 -23.14 -71.40
C UNK FA 1 -26.92 -22.39 -70.12
N UNK FA 2 -25.70 -22.63 -69.64
CA UNK FA 2 -25.22 -21.98 -68.42
C UNK FA 2 -25.14 -20.47 -68.59
N UNK FA 3 -24.69 -20.03 -69.76
CA UNK FA 3 -24.58 -18.60 -70.03
C UNK FA 3 -25.85 -18.12 -70.72
N UNK FA 4 -26.64 -17.35 -69.98
CA UNK FA 4 -27.90 -16.89 -70.51
C UNK FA 4 -28.52 -15.77 -69.70
N UNK FA 5 -28.29 -15.79 -68.41
CA UNK FA 5 -28.90 -14.78 -67.56
C UNK FA 5 -28.50 -13.39 -68.02
N UNK FA 6 -27.25 -13.24 -68.42
CA UNK FA 6 -26.76 -11.94 -68.86
C UNK FA 6 -27.46 -11.47 -70.13
N UNK FA 7 -27.68 -12.40 -71.05
CA UNK FA 7 -28.28 -12.13 -72.35
C UNK FA 7 -29.71 -11.58 -72.27
N UNK FA 8 -30.53 -12.12 -71.37
CA UNK FA 8 -31.89 -11.64 -71.23
C UNK FA 8 -32.03 -10.29 -70.58
N UNK FA 9 -31.28 -10.06 -69.51
CA UNK FA 9 -31.41 -8.78 -68.83
C UNK FA 9 -31.02 -7.59 -69.69
N UNK FA 10 -29.90 -7.70 -70.41
CA UNK FA 10 -29.44 -6.57 -71.21
C UNK FA 10 -30.47 -6.21 -72.25
N UNK FA 11 -31.01 -7.20 -72.92
CA UNK FA 11 -32.02 -6.91 -73.92
C UNK FA 11 -33.30 -6.36 -73.31
N UNK FA 12 -33.70 -6.98 -72.21
CA UNK FA 12 -34.93 -6.66 -71.48
C UNK FA 12 -35.02 -5.24 -70.92
N UNK FA 13 -33.90 -4.69 -70.45
CA UNK FA 13 -33.92 -3.35 -69.89
C UNK FA 13 -34.40 -2.33 -70.92
N UNK FA 14 -33.96 -2.49 -72.16
CA UNK FA 14 -34.39 -1.58 -73.23
C UNK FA 14 -35.90 -1.69 -73.43
N UNK FA 15 -36.41 -2.90 -73.37
CA UNK FA 15 -37.85 -3.14 -73.53
C UNK FA 15 -38.62 -2.47 -72.40
N UNK FA 16 -38.08 -2.56 -71.19
CA UNK FA 16 -38.71 -1.95 -70.03
C UNK FA 16 -38.75 -0.44 -70.21
N UNK FA 17 -37.67 0.11 -70.75
CA UNK FA 17 -37.64 1.54 -70.97
C UNK FA 17 -38.74 1.89 -71.95
N UNK FA 18 -38.80 1.12 -73.01
CA UNK FA 18 -39.79 1.37 -74.06
C UNK FA 18 -41.19 1.36 -73.47
N UNK FA 19 -41.45 0.38 -72.62
CA UNK FA 19 -42.76 0.23 -72.00
C UNK FA 19 -43.01 1.46 -71.16
N UNK FA 20 -42.00 1.89 -70.42
CA UNK FA 20 -42.15 3.09 -69.62
C UNK FA 20 -42.28 4.28 -70.56
N UNK FA 21 -41.44 4.29 -71.60
CA UNK FA 21 -41.43 5.38 -72.57
C UNK FA 21 -42.71 5.49 -73.38
N UNK FA 22 -43.23 4.35 -73.86
CA UNK FA 22 -44.47 4.40 -74.62
C UNK FA 22 -45.50 4.85 -73.60
N UNK FA 23 -45.44 4.23 -72.43
CA UNK FA 23 -46.32 4.55 -71.31
C UNK FA 23 -46.06 5.96 -70.84
N UNK FA 24 -44.78 6.34 -70.83
CA UNK FA 24 -44.36 7.66 -70.41
C UNK FA 24 -45.00 8.68 -71.33
N UNK FA 25 -45.08 8.34 -72.61
CA UNK FA 25 -45.70 9.22 -73.59
C UNK FA 25 -47.17 9.41 -73.21
N UNK FA 26 -47.81 8.33 -72.78
CA UNK FA 26 -49.21 8.40 -72.39
C UNK FA 26 -49.37 9.33 -71.19
N UNK FA 27 -48.46 9.20 -70.23
CA UNK FA 27 -48.48 10.07 -69.06
C UNK FA 27 -48.23 11.47 -69.58
N UNK FA 28 -47.42 11.53 -70.63
CA UNK FA 28 -47.14 12.76 -71.35
C UNK FA 28 -48.39 13.13 -72.17
N UNK FA 29 -49.37 12.23 -72.19
CA UNK FA 29 -50.60 12.38 -72.96
C UNK FA 29 -51.39 13.65 -72.64
N UNK FA 30 -52.00 14.19 -73.69
CA UNK FA 30 -52.75 15.44 -73.59
C UNK FA 30 -52.12 16.56 -74.43
N UNK GA 1 -10.52 -15.70 -75.22
CA UNK GA 1 -10.91 -15.19 -76.53
C UNK GA 1 -12.00 -14.13 -76.42
N UNK GA 2 -11.86 -13.15 -75.55
CA UNK GA 2 -12.82 -12.05 -75.51
C UNK GA 2 -12.65 -11.22 -76.80
N UNK GA 3 -11.49 -11.40 -77.41
CA UNK GA 3 -11.08 -10.66 -78.60
C UNK GA 3 -12.06 -10.86 -79.73
N UNK GA 4 -12.57 -12.06 -79.88
CA UNK GA 4 -13.53 -12.30 -80.95
C UNK GA 4 -14.69 -11.37 -80.66
N UNK GA 5 -14.98 -11.23 -79.38
CA UNK GA 5 -16.07 -10.38 -78.93
C UNK GA 5 -15.89 -8.88 -79.22
N UNK GA 6 -14.70 -8.35 -79.00
CA UNK GA 6 -14.51 -6.91 -79.22
C UNK GA 6 -14.74 -6.41 -80.64
N UNK GA 7 -14.22 -7.13 -81.62
CA UNK GA 7 -14.34 -6.78 -83.04
C UNK GA 7 -15.75 -6.77 -83.63
N UNK GA 8 -16.58 -7.73 -83.25
CA UNK GA 8 -17.96 -7.79 -83.77
C UNK GA 8 -18.74 -6.58 -83.30
N UNK GA 9 -18.52 -6.21 -82.04
CA UNK GA 9 -19.15 -5.04 -81.43
C UNK GA 9 -18.63 -3.80 -82.16
N UNK GA 10 -17.34 -3.88 -82.50
CA UNK GA 10 -16.59 -2.85 -83.20
C UNK GA 10 -17.24 -2.56 -84.53
N UNK GA 11 -17.77 -3.60 -85.16
CA UNK GA 11 -18.43 -3.41 -86.45
C UNK GA 11 -19.54 -2.41 -86.21
N UNK GA 12 -20.25 -2.57 -85.09
CA UNK GA 12 -21.29 -1.61 -84.75
C UNK GA 12 -20.81 -0.24 -85.20
N UNK GA 13 -19.52 0.01 -85.03
CA UNK GA 13 -18.97 1.29 -85.43
C UNK GA 13 -19.14 1.53 -86.92
N UNK GA 14 -18.87 0.50 -87.72
CA UNK GA 14 -19.02 0.62 -89.17
C UNK GA 14 -20.48 0.83 -89.53
N UNK GA 15 -21.33 0.11 -88.82
CA UNK GA 15 -22.77 0.14 -89.02
C UNK GA 15 -23.29 1.53 -88.76
N UNK GA 16 -22.62 2.26 -87.88
CA UNK GA 16 -23.06 3.60 -87.55
C UNK GA 16 -23.13 4.49 -88.78
N UNK GA 17 -22.11 4.43 -89.63
CA UNK GA 17 -22.21 5.28 -90.81
C UNK GA 17 -23.62 5.14 -91.31
N UNK GA 18 -24.15 3.94 -91.19
CA UNK GA 18 -25.51 3.68 -91.62
C UNK GA 18 -26.43 4.56 -90.79
N UNK GA 19 -26.13 4.67 -89.50
CA UNK GA 19 -26.95 5.46 -88.60
C UNK GA 19 -26.95 6.93 -89.01
N UNK GA 20 -25.78 7.39 -89.43
CA UNK GA 20 -25.56 8.75 -89.85
C UNK GA 20 -26.32 9.18 -91.10
N UNK GA 21 -26.69 8.24 -91.97
CA UNK GA 21 -27.31 8.69 -93.22
C UNK GA 21 -28.74 9.20 -92.97
N UNK GA 22 -29.09 9.39 -91.70
CA UNK GA 22 -30.42 9.86 -91.31
C UNK GA 22 -30.96 10.93 -92.23
N UNK HA 1 -34.14 5.07 -106.56
CA UNK HA 1 -34.21 3.75 -107.19
C UNK HA 1 -34.20 2.65 -106.15
N UNK HA 2 -35.34 2.00 -105.98
CA UNK HA 2 -35.44 0.93 -105.01
C UNK HA 2 -34.42 -0.11 -105.45
N UNK HA 3 -34.29 -0.26 -106.76
CA UNK HA 3 -33.36 -1.20 -107.34
C UNK HA 3 -31.93 -0.85 -106.95
N UNK HA 4 -31.64 0.45 -106.89
CA UNK HA 4 -30.31 0.99 -106.56
C UNK HA 4 -29.79 0.80 -105.13
N UNK HA 5 -30.69 0.92 -104.16
CA UNK HA 5 -30.33 0.85 -102.75
C UNK HA 5 -29.70 -0.48 -102.32
N UNK HA 6 -30.23 -1.59 -102.82
CA UNK HA 6 -29.66 -2.88 -102.43
C UNK HA 6 -28.20 -2.92 -102.86
N UNK HA 7 -27.94 -2.43 -104.06
CA UNK HA 7 -26.57 -2.41 -104.57
C UNK HA 7 -25.66 -1.48 -103.77
N UNK HA 8 -26.17 -0.29 -103.43
CA UNK HA 8 -25.38 0.69 -102.66
C UNK HA 8 -25.01 0.26 -101.23
N UNK HA 9 -25.97 -0.36 -100.57
CA UNK HA 9 -25.87 -0.82 -99.19
C UNK HA 9 -25.58 -2.31 -99.13
N UNK HA 10 -26.14 -3.05 -100.08
CA UNK HA 10 -25.95 -4.49 -100.10
C UNK HA 10 -24.46 -4.73 -100.15
N UNK HA 11 -23.77 -3.83 -100.83
CA UNK HA 11 -22.34 -3.92 -100.94
C UNK HA 11 -21.81 -3.89 -99.51
N UNK HA 12 -22.63 -3.26 -98.67
CA UNK HA 12 -22.41 -3.05 -97.25
C UNK HA 12 -22.25 -4.32 -96.47
N UNK HA 13 -22.99 -5.35 -96.86
CA UNK HA 13 -22.90 -6.61 -96.15
C UNK HA 13 -21.45 -7.05 -96.22
N UNK HA 14 -20.83 -6.83 -97.37
CA UNK HA 14 -19.43 -7.20 -97.52
C UNK HA 14 -18.69 -6.38 -96.47
N UNK HA 15 -19.19 -5.17 -96.26
CA UNK HA 15 -18.59 -4.22 -95.32
C UNK HA 15 -18.52 -4.74 -93.88
N UNK HA 16 -19.54 -5.46 -93.44
CA UNK HA 16 -19.49 -6.00 -92.09
C UNK HA 16 -18.29 -6.93 -92.06
N UNK HA 17 -18.15 -7.72 -93.12
CA UNK HA 17 -17.02 -8.63 -93.26
C UNK HA 17 -15.73 -7.83 -93.41
N UNK HA 18 -15.83 -6.74 -94.17
CA UNK HA 18 -14.70 -5.85 -94.43
C UNK HA 18 -14.18 -5.20 -93.16
N UNK HA 19 -15.10 -4.80 -92.27
CA UNK HA 19 -14.73 -4.17 -91.02
C UNK HA 19 -13.88 -5.14 -90.22
N UNK HA 20 -14.28 -6.41 -90.24
CA UNK HA 20 -13.56 -7.46 -89.53
C UNK HA 20 -12.14 -7.59 -90.07
N UNK HA 21 -12.00 -7.50 -91.39
CA UNK HA 21 -10.69 -7.62 -92.03
C UNK HA 21 -9.63 -6.74 -91.34
N UNK HA 22 -10.03 -5.57 -90.89
CA UNK HA 22 -9.11 -4.64 -90.23
C UNK HA 22 -8.52 -5.32 -89.00
N UNK HA 23 -9.35 -6.08 -88.30
CA UNK HA 23 -8.92 -6.78 -87.10
C UNK HA 23 -7.91 -7.87 -87.44
N UNK HA 24 -8.12 -8.54 -88.57
CA UNK HA 24 -7.23 -9.61 -89.01
C UNK HA 24 -5.82 -9.08 -89.27
N UNK HA 25 -5.75 -7.88 -89.85
CA UNK HA 25 -4.48 -7.23 -90.18
C UNK HA 25 -3.61 -6.83 -88.99
N UNK HA 26 -4.23 -6.41 -87.90
CA UNK HA 26 -3.45 -6.01 -86.74
C UNK HA 26 -2.65 -7.22 -86.26
N UNK HA 27 -3.24 -8.39 -86.39
CA UNK HA 27 -2.64 -9.65 -85.96
C UNK HA 27 -1.34 -9.93 -86.68
N UNK HA 28 -1.16 -9.29 -87.82
CA UNK HA 28 0.04 -9.49 -88.61
C UNK HA 28 1.28 -9.12 -87.82
N UNK HA 29 1.09 -8.29 -86.80
CA UNK HA 29 2.20 -7.86 -85.96
C UNK HA 29 3.04 -9.04 -85.48
N UNK HA 30 2.40 -9.96 -84.75
CA UNK HA 30 3.09 -11.14 -84.23
C UNK HA 30 2.69 -12.40 -84.99
N UNK IA 1 10.27 -14.03 -126.54
CA UNK IA 1 11.26 -13.67 -127.56
C UNK IA 1 11.33 -12.19 -127.26
N UNK IA 2 10.97 -11.35 -128.22
CA UNK IA 2 10.78 -9.97 -127.87
C UNK IA 2 9.76 -10.11 -126.75
N UNK IA 3 9.87 -9.26 -125.72
CA UNK IA 3 9.18 -9.48 -124.46
C UNK IA 3 7.89 -8.67 -124.30
N UNK IA 4 7.42 -8.15 -125.42
CA UNK IA 4 6.27 -7.24 -125.52
C UNK IA 4 4.88 -7.64 -125.04
N UNK IA 5 4.46 -8.89 -125.26
CA UNK IA 5 3.11 -9.26 -124.85
C UNK IA 5 2.84 -9.11 -123.34
N UNK IA 6 3.76 -9.56 -122.51
CA UNK IA 6 3.58 -9.45 -121.07
C UNK IA 6 3.50 -7.99 -120.62
N UNK IA 7 4.38 -7.17 -121.20
CA UNK IA 7 4.41 -5.76 -120.87
C UNK IA 7 3.11 -5.10 -121.28
N UNK IA 8 2.59 -5.47 -122.45
CA UNK IA 8 1.35 -4.88 -122.94
C UNK IA 8 0.17 -5.19 -122.02
N UNK IA 9 0.11 -6.43 -121.55
CA UNK IA 9 -0.98 -6.84 -120.66
C UNK IA 9 -0.94 -6.06 -119.35
N UNK IA 10 0.26 -5.90 -118.80
CA UNK IA 10 0.41 -5.17 -117.54
C UNK IA 10 -0.02 -3.72 -117.70
N UNK IA 11 0.37 -3.13 -118.83
CA UNK IA 11 0.01 -1.74 -119.11
C UNK IA 11 -1.51 -1.63 -119.23
N UNK IA 12 -2.13 -2.60 -119.89
CA UNK IA 12 -3.56 -2.59 -120.05
C UNK IA 12 -4.24 -2.68 -118.68
N UNK IA 13 -3.69 -3.53 -117.82
CA UNK IA 13 -4.23 -3.69 -116.49
C UNK IA 13 -4.14 -2.39 -115.71
N UNK IA 14 -3.02 -1.70 -115.84
CA UNK IA 14 -2.84 -0.44 -115.14
C UNK IA 14 -3.87 0.57 -115.64
N UNK IA 15 -4.04 0.58 -116.96
CA UNK IA 15 -4.96 1.45 -117.70
C UNK IA 15 -6.44 1.17 -117.42
N UNK IA 16 -6.74 -0.03 -116.96
CA UNK IA 16 -8.12 -0.43 -116.67
C UNK IA 16 -8.71 0.52 -115.63
N UNK IA 17 -7.84 1.02 -114.76
CA UNK IA 17 -8.22 1.95 -113.69
C UNK IA 17 -8.78 3.23 -114.30
N UNK IA 18 -8.28 3.57 -115.49
CA UNK IA 18 -8.71 4.78 -116.18
C UNK IA 18 -10.22 4.70 -116.42
N UNK IA 19 -10.72 3.51 -116.74
CA UNK IA 19 -12.15 3.31 -116.95
C UNK IA 19 -12.90 3.63 -115.67
N UNK IA 20 -12.31 3.21 -114.54
CA UNK IA 20 -12.90 3.46 -113.23
C UNK IA 20 -12.97 4.96 -112.95
N UNK IA 21 -11.91 5.67 -113.32
CA UNK IA 21 -11.85 7.11 -113.15
C UNK IA 21 -12.92 7.77 -113.99
N UNK IA 22 -13.11 7.22 -115.19
CA UNK IA 22 -14.09 7.68 -116.15
C UNK IA 22 -15.50 7.53 -115.57
N UNK IA 23 -15.65 6.61 -114.64
CA UNK IA 23 -16.95 6.45 -113.99
C UNK IA 23 -17.34 7.85 -113.50
N UNK IA 24 -16.35 8.72 -113.28
CA UNK IA 24 -16.58 10.10 -112.87
C UNK IA 24 -17.38 10.79 -113.99
N UNK IA 25 -17.34 10.18 -115.16
CA UNK IA 25 -18.14 10.62 -116.29
C UNK IA 25 -19.58 10.36 -115.80
N UNK IA 26 -19.74 9.22 -115.13
CA UNK IA 26 -20.99 8.81 -114.50
C UNK IA 26 -21.26 9.83 -113.41
N UNK IA 27 -20.19 10.40 -112.86
CA UNK IA 27 -20.29 11.42 -111.83
C UNK IA 27 -21.08 12.53 -112.51
N UNK IA 28 -20.86 12.71 -113.79
CA UNK IA 28 -21.62 13.71 -114.51
C UNK IA 28 -22.97 13.09 -114.31
N UNK IA 29 -24.02 13.90 -114.43
CA UNK IA 29 -25.41 13.47 -114.20
C UNK IA 29 -25.80 13.67 -112.75
N UNK IA 30 -24.95 14.35 -111.98
CA UNK IA 30 -25.31 14.63 -110.59
C UNK IA 30 -24.27 15.52 -109.91
N UNK JA 1 30.68 2.02 -120.62
CA UNK JA 1 31.13 3.41 -120.71
C UNK JA 1 30.88 3.96 -122.11
N UNK JA 2 30.86 3.06 -123.09
CA UNK JA 2 30.66 3.46 -124.48
C UNK JA 2 29.30 4.13 -124.59
N UNK JA 3 28.30 3.70 -123.83
CA UNK JA 3 27.02 4.43 -123.83
C UNK JA 3 27.19 5.87 -123.30
N UNK JA 4 28.04 5.97 -122.30
CA UNK JA 4 28.28 7.22 -121.59
C UNK JA 4 28.78 8.24 -122.59
N UNK JA 5 29.56 7.77 -123.55
CA UNK JA 5 30.07 8.67 -124.57
C UNK JA 5 28.92 9.31 -125.36
N UNK JA 6 27.91 8.53 -125.71
CA UNK JA 6 26.75 9.06 -126.44
C UNK JA 6 26.01 10.09 -125.59
N UNK JA 7 25.90 9.77 -124.29
CA UNK JA 7 25.25 10.71 -123.40
C UNK JA 7 26.00 12.04 -123.35
N UNK JA 8 27.33 11.96 -123.27
CA UNK JA 8 28.17 13.15 -123.20
C UNK JA 8 27.98 13.92 -124.49
N UNK JA 9 27.84 13.14 -125.54
CA UNK JA 9 27.72 13.59 -126.90
C UNK JA 9 26.52 14.49 -127.09
N UNK JA 10 25.41 14.09 -126.52
CA UNK JA 10 24.17 14.82 -126.68
C UNK JA 10 24.39 16.19 -126.11
N UNK JA 11 25.23 16.24 -125.08
CA UNK JA 11 25.51 17.46 -124.38
C UNK JA 11 25.94 18.46 -125.42
N UNK JA 12 26.58 17.97 -126.45
CA UNK JA 12 27.02 18.84 -127.50
C UNK JA 12 25.80 19.55 -128.05
N UNK JA 13 24.68 18.85 -128.12
CA UNK JA 13 23.52 19.47 -128.70
C UNK JA 13 23.14 20.75 -128.01
N UNK JA 14 23.06 20.77 -126.69
CA UNK JA 14 22.71 22.07 -126.11
C UNK JA 14 23.34 23.21 -126.87
N UNK JA 15 24.62 23.08 -127.15
CA UNK JA 15 25.31 24.16 -127.82
C UNK JA 15 24.67 24.28 -129.17
N UNK JA 16 24.30 23.14 -129.71
CA UNK JA 16 23.63 23.12 -130.99
C UNK JA 16 22.38 23.95 -130.81
N UNK JA 17 21.82 23.88 -129.60
CA UNK JA 17 20.63 24.63 -129.26
C UNK JA 17 20.90 26.11 -129.43
N UNK JA 18 22.07 26.50 -128.93
CA UNK JA 18 22.46 27.90 -128.86
C UNK JA 18 22.67 28.51 -130.22
N UNK JA 19 23.36 27.79 -131.09
CA UNK JA 19 23.68 28.36 -132.38
C UNK JA 19 22.42 28.59 -133.20
N UNK JA 20 21.53 27.61 -133.19
CA UNK JA 20 20.30 27.76 -133.94
C UNK JA 20 19.58 28.91 -133.30
N UNK JA 21 19.70 28.97 -131.98
CA UNK JA 21 19.00 29.95 -131.18
C UNK JA 21 19.41 31.35 -131.55
N UNK JA 22 20.69 31.54 -131.84
CA UNK JA 22 21.18 32.86 -132.12
C UNK JA 22 20.41 33.35 -133.33
N UNK JA 23 20.13 32.44 -134.24
CA UNK JA 23 19.44 32.81 -135.47
C UNK JA 23 18.11 33.41 -135.10
N UNK JA 24 17.41 32.81 -134.14
CA UNK JA 24 16.32 33.52 -133.53
C UNK JA 24 16.73 34.89 -133.04
N UNK KA 1 41.04 21.76 -117.38
CA UNK KA 1 40.65 22.60 -118.51
C UNK KA 1 39.44 23.48 -118.19
N UNK KA 2 39.72 24.63 -117.59
CA UNK KA 2 38.73 25.59 -117.10
C UNK KA 2 37.85 26.17 -118.20
N UNK KA 3 38.14 25.76 -119.42
CA UNK KA 3 37.41 26.22 -120.60
C UNK KA 3 35.92 25.91 -120.55
N UNK KA 4 35.53 24.76 -119.99
CA UNK KA 4 34.12 24.44 -119.94
C UNK KA 4 33.64 24.44 -121.37
N UNK KA 5 34.46 23.83 -122.20
CA UNK KA 5 34.23 23.75 -123.63
C UNK KA 5 33.57 22.44 -124.00
N UNK KA 6 32.80 21.83 -123.10
CA UNK KA 6 32.30 20.47 -123.29
C UNK KA 6 31.79 20.01 -124.67
N UNK KA 7 30.97 20.77 -125.39
CA UNK KA 7 30.55 20.31 -126.71
C UNK KA 7 31.61 20.84 -127.68
N UNK KA 8 32.09 19.95 -128.53
CA UNK KA 8 33.08 20.27 -129.51
C UNK KA 8 32.25 20.82 -130.64
N UNK KA 9 32.93 20.94 -131.76
CA UNK KA 9 32.48 21.57 -132.98
C UNK KA 9 31.37 20.96 -133.81
N UNK KA 10 31.00 19.71 -133.58
CA UNK KA 10 29.98 19.10 -134.43
C UNK KA 10 28.75 19.98 -134.37
N UNK KA 11 28.43 20.44 -133.18
CA UNK KA 11 27.27 21.29 -133.03
C UNK KA 11 27.47 22.55 -133.86
N UNK KA 12 28.67 23.14 -133.78
CA UNK KA 12 28.95 24.36 -134.53
C UNK KA 12 28.91 24.13 -136.02
N UNK KA 13 29.52 23.04 -136.48
CA UNK KA 13 29.53 22.73 -137.91
C UNK KA 13 28.11 22.41 -138.36
N UNK KA 14 27.42 21.65 -137.53
CA UNK KA 14 26.04 21.26 -137.82
C UNK KA 14 25.17 22.50 -137.86
N UNK KA 15 25.38 23.41 -136.92
CA UNK KA 15 24.60 24.63 -136.87
C UNK KA 15 24.84 25.46 -138.12
N UNK KA 16 26.10 25.52 -138.55
CA UNK KA 16 26.44 26.27 -139.74
C UNK KA 16 25.75 25.69 -140.95
N UNK KA 17 25.74 24.35 -141.04
CA UNK KA 17 25.09 23.67 -142.15
C UNK KA 17 23.59 23.93 -142.14
N UNK KA 18 23.01 23.94 -140.94
CA UNK KA 18 21.60 24.19 -140.76
C UNK KA 18 21.32 25.60 -141.25
N UNK KA 19 22.20 26.53 -140.90
CA UNK KA 19 22.06 27.91 -141.34
C UNK KA 19 22.23 27.91 -142.86
N UNK KA 20 23.20 27.13 -143.32
CA UNK KA 20 23.50 27.00 -144.73
C UNK KA 20 22.31 26.36 -145.44
N UNK KA 21 21.71 25.41 -144.74
CA UNK KA 21 20.54 24.71 -145.22
C UNK KA 21 19.41 25.72 -145.33
N UNK KA 22 19.35 26.62 -144.36
CA UNK KA 22 18.31 27.63 -144.35
C UNK KA 22 18.47 28.52 -145.57
N UNK KA 23 19.70 28.88 -145.88
CA UNK KA 23 19.97 29.72 -147.03
C UNK KA 23 19.59 28.99 -148.32
N UNK KA 24 19.90 27.70 -148.36
CA UNK KA 24 19.61 26.90 -149.54
C UNK KA 24 18.11 26.91 -149.73
N UNK KA 25 17.39 26.82 -148.63
CA UNK KA 25 15.94 26.85 -148.69
C UNK KA 25 15.51 28.21 -149.23
N UNK KA 26 16.43 29.18 -149.18
CA UNK KA 26 16.17 30.54 -149.65
C UNK KA 26 15.90 30.60 -151.15
N UNK KA 27 16.63 29.81 -151.92
CA UNK KA 27 16.46 29.81 -153.38
C UNK KA 27 15.04 29.41 -153.76
N UNK KA 28 14.49 28.45 -153.04
CA UNK KA 28 13.13 27.98 -153.30
C UNK KA 28 12.14 28.56 -152.30
N UNK LA 1 30.16 41.28 -76.86
CA UNK LA 1 30.56 39.88 -76.83
C UNK LA 1 31.15 39.44 -78.16
N UNK LA 2 31.84 38.30 -78.16
CA UNK LA 2 32.45 37.80 -79.37
C UNK LA 2 31.31 37.59 -80.33
N UNK LA 3 30.24 37.02 -79.83
CA UNK LA 3 29.07 36.81 -80.66
C UNK LA 3 28.62 38.20 -81.04
N UNK LA 4 28.68 39.10 -80.06
CA UNK LA 4 28.28 40.48 -80.26
C UNK LA 4 29.20 40.98 -81.33
N UNK LA 5 30.47 40.61 -81.21
CA UNK LA 5 31.47 41.01 -82.19
C UNK LA 5 30.92 40.60 -83.55
N UNK LA 6 30.68 39.31 -83.70
CA UNK LA 6 30.13 38.82 -84.94
C UNK LA 6 28.80 39.50 -85.11
N UNK LA 7 28.08 39.59 -84.00
CA UNK LA 7 26.78 40.20 -84.01
C UNK LA 7 26.94 41.65 -84.40
N UNK LA 8 27.97 42.27 -83.86
CA UNK LA 8 28.19 43.67 -84.13
C UNK LA 8 28.14 43.82 -85.63
N UNK LA 9 28.72 42.85 -86.32
CA UNK LA 9 28.74 42.86 -87.77
C UNK LA 9 27.35 42.72 -88.43
N UNK LA 10 26.51 41.85 -87.88
CA UNK LA 10 25.20 41.63 -88.48
C UNK LA 10 24.28 42.86 -88.51
N UNK LA 11 24.20 43.55 -87.39
CA UNK LA 11 23.37 44.73 -87.31
C UNK LA 11 23.66 45.56 -88.54
N UNK LA 12 24.95 45.68 -88.87
CA UNK LA 12 25.41 46.59 -89.91
C UNK LA 12 24.63 46.35 -91.20
N UNK LA 13 24.27 45.11 -91.45
CA UNK LA 13 23.43 44.81 -92.58
C UNK LA 13 22.13 45.58 -92.33
N UNK LA 14 21.73 45.58 -91.07
CA UNK LA 14 20.50 46.28 -90.67
C UNK LA 14 20.59 47.78 -90.91
N UNK LA 15 21.76 48.35 -90.65
CA UNK LA 15 22.05 49.75 -90.89
C UNK LA 15 22.00 50.08 -92.38
N UNK LA 16 22.34 49.09 -93.19
CA UNK LA 16 22.08 49.17 -94.62
C UNK LA 16 20.56 49.28 -94.76
N UNK LA 17 19.89 48.56 -93.87
CA UNK LA 17 18.44 48.55 -93.83
C UNK LA 17 17.98 49.98 -93.61
N UNK LA 18 18.75 50.74 -92.83
CA UNK LA 18 18.48 52.16 -92.61
C UNK LA 18 18.56 52.93 -93.94
N UNK LA 19 19.53 52.55 -94.77
CA UNK LA 19 19.67 53.16 -96.08
C UNK LA 19 18.44 52.88 -96.92
N UNK LA 20 17.92 51.65 -96.83
CA UNK LA 20 16.68 51.28 -97.51
C UNK LA 20 15.51 52.09 -96.98
N UNK LA 21 15.59 52.39 -95.68
CA UNK LA 21 14.58 53.18 -94.97
C UNK LA 21 14.52 54.53 -95.62
N UNK LA 22 15.68 55.04 -96.00
CA UNK LA 22 15.70 56.30 -96.67
C UNK LA 22 15.65 55.85 -98.11
N UNK LA 23 14.59 56.21 -98.81
CA UNK LA 23 14.44 55.82 -100.20
C UNK LA 23 13.99 56.97 -101.09
N UNK LA 24 14.26 56.85 -102.38
CA UNK LA 24 13.87 57.90 -103.33
C UNK LA 24 14.22 59.28 -102.81
N UNK MA 1 12.61 34.21 -49.42
CA UNK MA 1 11.25 34.64 -49.66
C UNK MA 1 11.16 36.16 -49.65
N UNK MA 2 12.25 36.82 -49.29
CA UNK MA 2 12.31 38.27 -49.20
C UNK MA 2 12.05 38.95 -50.53
N UNK MA 3 12.67 38.42 -51.58
CA UNK MA 3 12.53 39.03 -52.89
C UNK MA 3 11.97 38.12 -53.96
N UNK MA 4 12.05 36.81 -53.76
CA UNK MA 4 11.56 35.91 -54.78
C UNK MA 4 10.08 36.16 -54.97
N UNK MA 5 9.38 36.35 -53.85
CA UNK MA 5 7.94 36.60 -53.90
C UNK MA 5 7.63 37.89 -54.67
N UNK MA 6 8.44 38.92 -54.43
CA UNK MA 6 8.25 40.19 -55.11
C UNK MA 6 8.44 40.00 -56.61
N UNK MA 7 9.44 39.22 -56.98
CA UNK MA 7 9.72 38.93 -58.38
C UNK MA 7 8.54 38.19 -58.99
N UNK MA 8 7.97 37.28 -58.22
CA UNK MA 8 6.83 36.49 -58.67
C UNK MA 8 5.63 37.40 -58.93
N UNK MA 9 5.37 38.38 -58.06
CA UNK MA 9 4.18 39.21 -58.22
C UNK MA 9 4.05 40.04 -59.51
N UNK MA 10 5.13 40.69 -59.91
CA UNK MA 10 5.07 41.53 -61.10
C UNK MA 10 4.77 40.71 -62.35
N UNK MA 11 5.42 39.56 -62.48
CA UNK MA 11 5.21 38.73 -63.65
C UNK MA 11 3.77 38.27 -63.77
N UNK MA 12 3.19 37.84 -62.65
CA UNK MA 12 1.79 37.41 -62.70
C UNK MA 12 0.90 38.58 -63.07
N UNK MA 13 1.14 39.68 -62.35
CA UNK MA 13 0.46 40.97 -62.49
C UNK MA 13 0.74 41.68 -63.82
N UNK MA 14 1.96 41.54 -64.31
CA UNK MA 14 2.39 42.20 -65.54
C UNK MA 14 1.50 41.78 -66.70
N UNK MA 15 1.04 40.54 -66.65
CA UNK MA 15 0.09 40.04 -67.62
C UNK MA 15 -1.16 40.92 -67.40
N UNK MA 16 -1.40 41.25 -66.15
CA UNK MA 16 -2.53 42.07 -65.77
C UNK MA 16 -2.39 43.36 -66.55
N UNK MA 17 -1.15 43.81 -66.72
CA UNK MA 17 -0.90 45.02 -67.47
C UNK MA 17 -1.37 44.85 -68.92
N UNK MA 18 -1.12 43.68 -69.49
CA UNK MA 18 -1.51 43.41 -70.86
C UNK MA 18 -3.02 43.50 -70.94
N UNK MA 19 -3.68 42.97 -69.91
CA UNK MA 19 -5.13 43.00 -69.85
C UNK MA 19 -5.66 44.42 -69.77
N UNK MA 20 -5.00 45.26 -68.99
CA UNK MA 20 -5.43 46.64 -68.85
C UNK MA 20 -5.32 47.26 -70.22
N UNK MA 21 -4.26 46.93 -70.92
CA UNK MA 21 -4.08 47.45 -72.26
C UNK MA 21 -5.25 46.94 -73.10
N UNK MA 22 -5.60 45.68 -72.89
CA UNK MA 22 -6.67 45.03 -73.62
C UNK MA 22 -7.97 45.78 -73.42
N UNK MA 23 -8.20 46.22 -72.18
CA UNK MA 23 -9.38 46.98 -71.82
C UNK MA 23 -9.39 48.31 -72.56
N UNK MA 24 -8.22 48.92 -72.66
CA UNK MA 24 -8.08 50.19 -73.36
C UNK MA 24 -8.43 49.99 -74.83
N UNK MA 25 -7.98 48.88 -75.40
CA UNK MA 25 -8.28 48.61 -76.79
C UNK MA 25 -9.79 48.52 -76.86
N UNK MA 26 -10.35 47.88 -75.84
CA UNK MA 26 -11.77 47.70 -75.78
C UNK MA 26 -12.40 49.06 -75.77
N UNK MA 27 -11.80 50.00 -75.05
CA UNK MA 27 -12.36 51.33 -74.98
C UNK MA 27 -12.42 52.04 -76.33
N UNK MA 28 -11.36 51.93 -77.12
CA UNK MA 28 -11.35 52.55 -78.44
C UNK MA 28 -12.41 51.91 -79.29
N UNK MA 29 -12.52 50.59 -79.15
CA UNK MA 29 -13.50 49.84 -79.91
C UNK MA 29 -14.92 50.25 -79.57
N UNK MA 30 -15.08 50.71 -78.33
CA UNK MA 30 -16.35 51.10 -77.74
C UNK MA 30 -17.14 52.14 -78.49
N UNK MA 31 -16.47 53.15 -79.06
CA UNK MA 31 -17.23 54.16 -79.77
C UNK MA 31 -17.58 53.54 -81.11
N UNK MA 32 -18.08 52.33 -81.05
CA UNK MA 32 -18.51 51.61 -82.23
C UNK MA 32 -19.68 52.37 -82.81
N UNK MA 33 -20.60 52.76 -81.93
CA UNK MA 33 -21.76 53.51 -82.37
C UNK MA 33 -21.32 54.92 -82.72
N UNK MA 34 -22.10 55.59 -83.54
CA UNK MA 34 -21.77 56.96 -83.94
C UNK MA 34 -20.62 56.97 -84.95
N UNK NA 1 34.60 20.88 -90.35
CA UNK NA 1 35.52 20.98 -91.48
C UNK NA 1 35.32 22.30 -92.20
N UNK NA 2 34.74 23.23 -91.46
CA UNK NA 2 34.71 24.63 -91.81
C UNK NA 2 35.64 25.39 -90.87
N UNK NA 3 36.53 24.67 -90.23
CA UNK NA 3 37.22 25.21 -89.09
C UNK NA 3 38.13 26.36 -89.45
N UNK NA 4 38.51 27.13 -88.43
CA UNK NA 4 39.51 28.19 -88.54
C UNK NA 4 40.54 28.15 -87.38
N UNK NA 5 41.73 28.67 -87.64
CA UNK NA 5 42.84 28.71 -86.67
C UNK NA 5 42.77 29.59 -85.42
N UNK NA 6 42.31 30.83 -85.55
CA UNK NA 6 42.62 31.75 -84.46
C UNK NA 6 42.33 31.14 -83.09
N UNK NA 7 41.21 30.44 -82.99
CA UNK NA 7 40.87 29.75 -81.76
C UNK NA 7 41.99 28.75 -81.50
N UNK NA 8 42.68 28.32 -82.55
CA UNK NA 8 43.92 27.50 -82.42
C UNK NA 8 45.23 28.07 -81.81
N UNK NA 9 45.58 29.30 -82.16
CA UNK NA 9 46.92 29.87 -81.91
C UNK NA 9 47.34 30.07 -80.44
N UNK NA 10 46.38 30.19 -79.55
CA UNK NA 10 46.70 30.22 -78.14
C UNK NA 10 47.40 28.90 -77.81
N UNK NA 11 47.10 27.89 -78.60
CA UNK NA 11 47.81 26.63 -78.45
C UNK NA 11 49.30 26.94 -78.58
N UNK NA 12 49.60 28.12 -79.08
CA UNK NA 12 50.95 28.65 -79.03
C UNK NA 12 51.30 28.79 -77.55
N UNK NA 13 50.31 29.20 -76.78
CA UNK NA 13 50.47 29.43 -75.35
C UNK NA 13 50.87 28.15 -74.65
N UNK NA 14 50.33 27.02 -75.11
CA UNK NA 14 50.68 25.73 -74.53
C UNK NA 14 52.17 25.44 -74.73
N UNK NA 15 52.66 25.74 -75.93
CA UNK NA 15 54.08 25.55 -76.24
C UNK NA 15 54.91 26.45 -75.34
N UNK NA 16 54.41 27.66 -75.13
CA UNK NA 16 55.05 28.64 -74.27
C UNK NA 16 55.15 28.18 -72.81
N UNK NA 17 54.20 27.38 -72.35
CA UNK NA 17 54.18 26.94 -70.95
C UNK NA 17 55.41 26.20 -70.40
N UNK NA 18 55.94 25.26 -71.19
CA UNK NA 18 57.05 24.42 -70.77
C UNK NA 18 58.43 25.07 -70.61
N UNK NA 19 59.10 24.68 -69.54
CA UNK NA 19 60.45 25.14 -69.23
C UNK NA 19 61.44 24.03 -69.59
N UNK NA 20 60.92 22.98 -70.20
CA UNK NA 20 61.70 21.83 -70.63
C UNK NA 20 62.54 22.20 -71.84
N UNK NA 21 63.49 21.33 -72.18
CA UNK NA 21 64.38 21.58 -73.30
C UNK NA 21 64.56 20.38 -74.22
N UNK NA 22 65.06 20.60 -75.42
CA UNK NA 22 65.28 19.52 -76.37
C UNK NA 22 64.17 19.21 -77.39
N UNK NA 23 63.03 19.88 -77.33
CA UNK NA 23 62.02 19.55 -78.33
C UNK NA 23 62.15 20.57 -79.45
N UNK NA 24 61.70 21.78 -79.17
CA UNK NA 24 61.81 22.90 -80.09
C UNK NA 24 61.28 22.81 -81.53
N UNK NA 25 62.15 23.27 -82.41
CA UNK NA 25 61.96 23.42 -83.85
C UNK NA 25 61.42 22.20 -84.58
N UNK NA 26 61.79 21.00 -84.18
CA UNK NA 26 61.31 19.85 -84.92
C UNK NA 26 59.81 20.00 -85.18
N UNK NA 27 59.06 20.54 -84.22
CA UNK NA 27 57.62 20.76 -84.44
C UNK NA 27 57.34 21.76 -85.58
N UNK NA 28 58.15 22.82 -85.66
CA UNK NA 28 58.00 23.87 -86.64
C UNK NA 28 58.38 23.31 -88.00
N UNK NA 29 59.44 22.51 -88.02
CA UNK NA 29 59.93 21.93 -89.27
C UNK NA 29 58.87 21.01 -89.87
N UNK NA 30 58.23 20.21 -89.03
CA UNK NA 30 57.21 19.29 -89.50
C UNK NA 30 56.06 20.10 -90.09
N UNK NA 31 55.65 21.14 -89.39
CA UNK NA 31 54.54 21.94 -89.85
C UNK NA 31 54.83 22.62 -91.17
N UNK NA 32 56.02 23.19 -91.29
CA UNK NA 32 56.40 23.86 -92.53
C UNK NA 32 56.47 22.85 -93.67
N UNK NA 33 57.07 21.70 -93.39
CA UNK NA 33 57.23 20.67 -94.41
C UNK NA 33 55.88 20.16 -94.85
N UNK NA 34 54.99 19.95 -93.89
CA UNK NA 34 53.67 19.44 -94.20
C UNK NA 34 52.95 20.46 -95.06
N UNK NA 35 53.08 21.73 -94.72
CA UNK NA 35 52.35 22.75 -95.47
C UNK NA 35 52.70 22.84 -96.94
N UNK NA 36 53.99 22.82 -97.23
CA UNK NA 36 54.43 22.92 -98.61
C UNK NA 36 53.96 21.71 -99.40
N UNK NA 37 54.01 20.55 -98.76
CA UNK NA 37 53.66 19.29 -99.40
C UNK NA 37 52.24 19.13 -99.91
N UNK NA 38 51.30 19.70 -99.14
CA UNK NA 38 49.89 19.67 -99.42
C UNK NA 38 49.55 20.38 -100.71
N UNK NA 39 48.66 19.77 -101.50
CA UNK NA 39 48.21 20.38 -102.74
C UNK NA 39 46.70 20.56 -102.76
N UNK NA 40 46.25 21.81 -102.71
CA UNK NA 40 44.83 22.18 -102.75
C UNK NA 40 44.09 21.95 -101.44
N UNK NA 41 42.85 22.40 -101.37
CA UNK NA 41 42.04 22.16 -100.19
C UNK NA 41 42.62 22.60 -98.84
N UNK NA 42 43.04 23.86 -98.72
CA UNK NA 42 43.65 24.29 -97.48
C UNK NA 42 42.64 24.08 -96.36
N UNK NA 43 43.16 23.61 -95.22
CA UNK NA 43 42.40 23.28 -94.01
C UNK NA 43 43.15 22.12 -93.42
N UNK NA 44 43.67 21.27 -94.30
CA UNK NA 44 44.43 20.13 -93.88
C UNK NA 44 45.23 20.70 -92.74
N UNK NA 45 45.68 21.95 -92.88
CA UNK NA 45 46.44 22.46 -91.77
C UNK NA 45 45.59 22.29 -90.54
N UNK NA 46 44.33 22.68 -90.65
CA UNK NA 46 43.49 22.71 -89.47
C UNK NA 46 43.37 21.29 -89.00
N UNK NA 47 43.12 20.41 -89.95
CA UNK NA 47 43.00 19.00 -89.63
C UNK NA 47 44.29 18.46 -89.11
N UNK NA 48 45.36 18.77 -89.83
CA UNK NA 48 46.64 18.24 -89.45
C UNK NA 48 46.91 18.79 -88.08
N UNK NA 49 46.60 20.07 -87.94
CA UNK NA 49 47.07 20.83 -86.85
C UNK NA 49 46.59 20.18 -85.61
N UNK NA 50 45.34 19.74 -85.61
CA UNK NA 50 44.78 19.24 -84.37
C UNK NA 50 45.61 18.06 -83.97
N UNK NA 51 45.89 17.26 -84.97
CA UNK NA 51 46.59 16.04 -84.75
C UNK NA 51 47.76 16.35 -83.85
N UNK NA 52 48.49 17.42 -84.19
CA UNK NA 52 49.66 17.76 -83.42
C UNK NA 52 49.33 18.17 -82.00
N UNK NA 53 48.36 19.05 -81.85
CA UNK NA 53 48.13 19.63 -80.54
C UNK NA 53 47.74 18.48 -79.67
N UNK NA 54 46.83 17.70 -80.21
CA UNK NA 54 46.49 16.44 -79.60
C UNK NA 54 47.79 15.80 -79.27
N UNK NA 55 48.71 15.85 -80.22
CA UNK NA 55 49.91 15.09 -80.03
C UNK NA 55 50.62 15.60 -78.80
N UNK NA 56 50.66 16.93 -78.70
CA UNK NA 56 51.36 17.64 -77.64
C UNK NA 56 50.89 17.25 -76.27
N UNK NA 57 49.63 16.89 -76.16
CA UNK NA 57 49.10 16.48 -74.86
C UNK NA 57 49.96 15.31 -74.42
N UNK NA 58 50.17 15.19 -73.12
CA UNK NA 58 51.02 14.16 -72.55
C UNK NA 58 52.46 14.64 -72.70
N UNK NA 59 52.94 14.87 -73.92
CA UNK NA 59 54.29 15.40 -74.00
C UNK NA 59 54.38 16.58 -74.98
N UNK OA 1 46.12 -7.06 -70.81
CA UNK OA 1 44.98 -6.40 -71.43
C UNK OA 1 44.90 -6.71 -72.92
N UNK OA 2 46.05 -6.68 -73.57
CA UNK OA 2 46.10 -6.94 -75.01
C UNK OA 2 45.64 -8.37 -75.28
N UNK OA 3 46.07 -9.30 -74.43
CA UNK OA 3 45.68 -10.70 -74.60
C UNK OA 3 44.18 -10.88 -74.45
N UNK OA 4 43.60 -10.21 -73.46
CA UNK OA 4 42.16 -10.28 -73.24
C UNK OA 4 41.43 -9.72 -74.45
N UNK OA 5 41.96 -8.64 -75.00
CA UNK OA 5 41.36 -8.01 -76.17
C UNK OA 5 41.39 -8.98 -77.34
N UNK OA 6 42.51 -9.67 -77.48
CA UNK OA 6 42.68 -10.64 -78.55
C UNK OA 6 41.65 -11.76 -78.42
N UNK OA 7 41.42 -12.22 -77.20
CA UNK OA 7 40.44 -13.27 -76.97
C UNK OA 7 39.06 -12.77 -77.36
N UNK OA 8 38.78 -11.52 -76.99
CA UNK OA 8 37.51 -10.89 -77.29
C UNK OA 8 37.35 -10.76 -78.80
N UNK OA 9 38.43 -10.40 -79.47
CA UNK OA 9 38.42 -10.26 -80.92
C UNK OA 9 38.12 -11.61 -81.56
N UNK OA 10 38.71 -12.66 -81.02
CA UNK OA 10 38.49 -14.01 -81.53
C UNK OA 10 37.04 -14.40 -81.36
N UNK OA 11 36.47 -14.04 -80.21
CA UNK OA 11 35.07 -14.34 -79.93
C UNK OA 11 34.19 -13.62 -80.94
N UNK OA 12 34.54 -12.37 -81.23
CA UNK OA 12 33.79 -11.56 -82.18
C UNK OA 12 33.86 -12.18 -83.58
N UNK OA 13 35.03 -12.71 -83.93
CA UNK OA 13 35.17 -13.31 -85.26
C UNK OA 13 34.23 -14.50 -85.42
N UNK OA 14 34.13 -15.32 -84.38
CA UNK OA 14 33.23 -16.47 -84.43
C UNK OA 14 31.80 -16.00 -84.56
N UNK OA 15 31.45 -14.95 -83.80
CA UNK OA 15 30.10 -14.41 -83.82
C UNK OA 15 29.77 -13.84 -85.19
N UNK OA 16 30.69 -13.12 -85.80
CA UNK OA 16 30.37 -12.56 -87.09
C UNK OA 16 30.10 -13.63 -88.15
N UNK OA 17 30.96 -14.64 -88.22
CA UNK OA 17 30.76 -15.68 -89.21
C UNK OA 17 29.46 -16.38 -88.90
N UNK OA 18 29.26 -16.65 -87.62
CA UNK OA 18 28.07 -17.31 -87.17
C UNK OA 18 26.85 -16.46 -87.45
N UNK OA 19 27.02 -15.16 -87.34
CA UNK OA 19 25.91 -14.24 -87.49
C UNK OA 19 25.18 -14.29 -88.83
N UNK OA 20 25.90 -14.39 -89.92
CA UNK OA 20 25.26 -14.47 -91.23
C UNK OA 20 25.14 -15.94 -91.61
N UNK OA 21 24.68 -16.18 -92.84
CA UNK OA 21 24.52 -17.54 -93.31
C UNK OA 21 23.51 -18.28 -92.44
N UNK PA 1 5.33 -17.59 -83.42
CA UNK PA 1 6.68 -18.12 -83.54
C UNK PA 1 6.92 -18.70 -84.93
N UNK PA 2 7.84 -18.10 -85.65
CA UNK PA 2 8.15 -18.51 -87.01
C UNK PA 2 9.57 -19.00 -87.05
N UNK PA 3 9.91 -19.87 -88.00
CA UNK PA 3 11.26 -20.41 -88.04
C UNK PA 3 12.05 -20.26 -89.34
N UNK PA 4 13.25 -19.72 -89.20
CA UNK PA 4 14.17 -19.51 -90.30
C UNK PA 4 15.23 -20.62 -90.29
N UNK PA 5 15.00 -21.64 -89.49
CA UNK PA 5 15.85 -22.84 -89.44
C UNK PA 5 17.13 -22.83 -88.62
N UNK PA 6 17.55 -21.65 -88.19
CA UNK PA 6 18.79 -21.54 -87.42
C UNK PA 6 18.68 -20.92 -86.03
N UNK PA 7 17.46 -20.60 -85.61
CA UNK PA 7 17.27 -19.95 -84.33
C UNK PA 7 17.79 -20.82 -83.22
N UNK PA 8 17.55 -22.12 -83.31
CA UNK PA 8 18.03 -23.02 -82.28
C UNK PA 8 19.53 -22.91 -82.32
N UNK PA 9 20.10 -22.74 -83.51
CA UNK PA 9 21.54 -22.68 -83.61
C UNK PA 9 22.07 -21.62 -82.67
N UNK PA 10 21.28 -20.57 -82.48
CA UNK PA 10 21.66 -19.50 -81.60
C UNK PA 10 21.84 -19.90 -80.12
N UNK PA 11 20.99 -20.79 -79.61
CA UNK PA 11 21.07 -21.12 -78.19
C UNK PA 11 22.40 -21.64 -77.69
N UNK PA 12 23.01 -22.58 -78.40
CA UNK PA 12 24.31 -23.03 -77.95
C UNK PA 12 25.08 -21.79 -77.58
N UNK PA 13 24.92 -20.76 -78.38
CA UNK PA 13 25.64 -19.52 -78.11
C UNK PA 13 25.22 -19.05 -76.75
N UNK PA 14 23.92 -19.16 -76.50
CA UNK PA 14 23.33 -18.77 -75.24
C UNK PA 14 23.84 -19.62 -74.10
N UNK PA 15 23.98 -20.92 -74.35
CA UNK PA 15 24.42 -21.82 -73.29
C UNK PA 15 25.80 -21.47 -72.78
N UNK PA 16 26.71 -21.14 -73.70
CA UNK PA 16 28.05 -20.79 -73.30
C UNK PA 16 28.01 -19.53 -72.47
N UNK PA 17 27.21 -18.58 -72.91
CA UNK PA 17 27.11 -17.32 -72.23
C UNK PA 17 26.63 -17.56 -70.83
N UNK PA 18 25.77 -18.51 -70.53
CA UNK PA 18 25.49 -18.61 -69.09
C UNK PA 18 26.72 -19.00 -68.20
N UNK PA 19 27.44 -20.01 -68.66
CA UNK PA 19 28.59 -20.55 -67.93
C UNK PA 19 29.71 -19.55 -67.74
N UNK PA 20 29.97 -18.76 -68.77
CA UNK PA 20 31.03 -17.75 -68.70
C UNK PA 20 30.67 -16.75 -67.64
N UNK PA 21 29.39 -16.41 -67.57
CA UNK PA 21 28.90 -15.44 -66.59
C UNK PA 21 29.12 -15.95 -65.18
N UNK PA 22 29.01 -17.25 -64.92
CA UNK PA 22 29.28 -17.75 -63.57
C UNK PA 22 30.77 -17.55 -63.20
N UNK PA 23 31.62 -17.88 -64.17
CA UNK PA 23 33.07 -17.77 -64.08
C UNK PA 23 33.42 -16.30 -63.92
N UNK PA 24 32.59 -15.48 -64.55
CA UNK PA 24 32.72 -14.05 -64.48
C UNK PA 24 32.48 -13.68 -63.02
N UNK PA 25 31.54 -14.39 -62.39
CA UNK PA 25 31.21 -14.14 -61.00
C UNK PA 25 32.45 -14.45 -60.18
N UNK PA 26 33.09 -15.55 -60.58
CA UNK PA 26 34.30 -16.05 -59.95
C UNK PA 26 35.43 -15.03 -60.04
N UNK PA 27 35.47 -14.28 -61.13
CA UNK PA 27 36.50 -13.28 -61.33
C UNK PA 27 36.37 -12.33 -60.16
N UNK PA 28 35.14 -12.09 -59.73
CA UNK PA 28 34.92 -11.23 -58.59
C UNK PA 28 35.02 -11.93 -57.23
N UNK QA 1 18.77 -14.25 -67.48
CA UNK QA 1 18.98 -13.48 -66.26
C UNK QA 1 20.47 -13.33 -66.01
N UNK QA 2 21.20 -14.42 -66.19
CA UNK QA 2 22.64 -14.38 -66.00
C UNK QA 2 23.18 -13.41 -67.03
N UNK QA 3 22.58 -13.46 -68.20
CA UNK QA 3 22.95 -12.57 -69.26
C UNK QA 3 22.64 -11.18 -68.73
N UNK QA 4 21.59 -11.08 -67.93
CA UNK QA 4 21.19 -9.80 -67.33
C UNK QA 4 22.23 -9.24 -66.39
N UNK QA 5 22.81 -10.08 -65.55
CA UNK QA 5 23.84 -9.67 -64.62
C UNK QA 5 24.94 -9.14 -65.50
N UNK QA 6 25.20 -9.88 -66.58
CA UNK QA 6 26.20 -9.52 -67.57
C UNK QA 6 26.08 -8.04 -67.86
N UNK QA 7 24.86 -7.52 -67.74
CA UNK QA 7 24.68 -6.09 -67.95
C UNK QA 7 24.50 -5.46 -66.59
N UNK QA 8 23.75 -6.17 -65.78
CA UNK QA 8 22.94 -5.64 -64.71
C UNK QA 8 23.75 -4.95 -63.65
N UNK QA 9 24.91 -5.51 -63.39
CA UNK QA 9 25.55 -5.32 -62.11
C UNK QA 9 26.99 -4.90 -62.39
N UNK QA 10 27.41 -5.14 -63.62
CA UNK QA 10 28.72 -4.72 -64.08
C UNK QA 10 28.71 -3.20 -64.04
N UNK QA 11 27.55 -2.66 -64.39
CA UNK QA 11 27.36 -1.23 -64.45
C UNK QA 11 27.65 -0.64 -63.09
N UNK QA 12 27.29 -1.36 -62.03
CA UNK QA 12 27.53 -0.86 -60.70
C UNK QA 12 29.04 -0.70 -60.54
N UNK QA 13 29.78 -1.68 -61.05
CA UNK QA 13 31.23 -1.65 -60.95
C UNK QA 13 31.79 -0.46 -61.71
N UNK QA 14 31.25 -0.21 -62.88
CA UNK QA 14 31.71 0.90 -63.69
C UNK QA 14 31.48 2.20 -62.93
N UNK QA 15 30.33 2.28 -62.27
CA UNK QA 15 29.97 3.46 -61.49
C UNK QA 15 30.94 3.67 -60.33
N UNK QA 16 31.27 2.58 -59.68
CA UNK QA 16 32.19 2.66 -58.56
C UNK QA 16 33.51 3.18 -59.09
N UNK QA 17 33.88 2.71 -60.27
CA UNK QA 17 35.13 3.12 -60.91
C UNK QA 17 35.14 4.61 -61.22
N UNK QA 18 34.02 5.10 -61.73
CA UNK QA 18 33.93 6.50 -62.08
C UNK QA 18 34.12 7.28 -60.79
N UNK QA 19 33.54 6.80 -59.70
CA UNK QA 19 33.70 7.50 -58.45
C UNK QA 19 35.18 7.53 -58.14
N UNK QA 20 35.85 6.42 -58.44
CA UNK QA 20 37.27 6.28 -58.21
C UNK QA 20 38.11 7.19 -59.06
N UNK QA 21 37.78 7.29 -60.34
CA UNK QA 21 38.57 8.13 -61.22
C UNK QA 21 38.57 9.60 -60.83
N UNK QA 22 37.41 10.12 -60.49
CA UNK QA 22 37.32 11.52 -60.12
C UNK QA 22 38.11 11.80 -58.86
N UNK QA 23 38.03 10.87 -57.91
CA UNK QA 23 38.74 11.05 -56.65
C UNK QA 23 40.22 11.12 -56.95
N UNK QA 24 40.66 10.25 -57.84
CA UNK QA 24 42.05 10.23 -58.21
C UNK QA 24 42.44 11.52 -58.89
N UNK QA 25 41.55 12.02 -59.75
CA UNK QA 25 41.89 13.24 -60.47
C UNK QA 25 42.42 14.33 -59.55
N UNK RA 1 -48.33 73.83 5.76
CA UNK RA 1 -47.83 72.65 6.43
C UNK RA 1 -46.31 72.51 6.36
N UNK RA 2 -45.70 72.24 7.50
CA UNK RA 2 -44.25 72.08 7.62
C UNK RA 2 -43.60 70.90 6.91
N UNK RA 3 -44.18 69.71 7.00
CA UNK RA 3 -43.56 68.54 6.41
C UNK RA 3 -44.15 68.33 5.03
N UNK RA 4 -44.78 69.37 4.55
CA UNK RA 4 -45.67 69.18 3.45
C UNK RA 4 -44.85 68.37 2.49
N UNK RA 5 -43.56 68.63 2.39
CA UNK RA 5 -42.76 67.90 1.43
C UNK RA 5 -42.87 66.43 1.80
N UNK RA 6 -42.80 66.13 3.08
CA UNK RA 6 -42.79 64.75 3.48
C UNK RA 6 -44.08 64.14 3.02
N UNK RA 7 -45.15 64.87 3.27
CA UNK RA 7 -46.42 64.31 2.93
C UNK RA 7 -46.52 64.06 1.44
N UNK RA 8 -46.10 65.02 0.63
CA UNK RA 8 -46.33 64.87 -0.80
C UNK RA 8 -45.60 63.64 -1.26
N UNK RA 9 -44.36 63.48 -0.82
CA UNK RA 9 -43.57 62.40 -1.36
C UNK RA 9 -44.22 61.11 -1.02
N UNK RA 10 -44.63 60.98 0.24
CA UNK RA 10 -45.26 59.76 0.69
C UNK RA 10 -46.48 59.62 -0.17
N UNK RA 11 -47.11 60.74 -0.43
CA UNK RA 11 -48.30 60.73 -1.23
C UNK RA 11 -47.92 60.16 -2.55
N UNK RA 12 -46.80 60.62 -3.09
CA UNK RA 12 -46.52 60.24 -4.43
C UNK RA 12 -46.35 58.74 -4.51
N UNK RA 13 -45.40 58.19 -3.78
CA UNK RA 13 -45.00 56.83 -4.06
C UNK RA 13 -46.08 55.85 -4.18
N UNK RA 14 -47.09 56.00 -3.36
CA UNK RA 14 -48.14 55.04 -3.38
C UNK RA 14 -48.72 54.94 -4.77
N UNK RA 15 -48.90 56.06 -5.45
CA UNK RA 15 -49.49 55.98 -6.78
C UNK RA 15 -48.60 55.18 -7.70
N UNK RA 16 -47.31 55.40 -7.59
CA UNK RA 16 -46.40 54.73 -8.48
C UNK RA 16 -46.51 53.26 -8.26
N UNK RA 17 -46.54 52.88 -7.01
CA UNK RA 17 -46.62 51.47 -6.67
C UNK RA 17 -47.93 50.87 -7.11
N UNK RA 18 -48.99 51.66 -7.02
CA UNK RA 18 -50.29 51.21 -7.38
C UNK RA 18 -50.17 50.83 -8.82
N UNK RA 19 -49.53 51.68 -9.56
CA UNK RA 19 -49.33 51.40 -10.96
C UNK RA 19 -48.49 50.14 -11.26
N UNK RA 20 -47.36 49.98 -10.59
CA UNK RA 20 -46.50 48.84 -10.85
C UNK RA 20 -46.94 47.41 -10.51
N UNK RA 21 -47.70 47.23 -9.44
CA UNK RA 21 -48.12 45.88 -9.06
C UNK RA 21 -49.51 45.42 -9.47
N UNK RA 22 -50.51 46.26 -9.22
CA UNK RA 22 -51.89 45.93 -9.56
C UNK RA 22 -52.02 45.80 -11.06
N UNK RA 23 -51.06 46.36 -11.76
CA UNK RA 23 -51.02 46.35 -13.22
C UNK RA 23 -50.93 44.92 -13.71
N UNK RA 24 -50.67 44.00 -12.79
CA UNK RA 24 -50.54 42.60 -13.13
C UNK RA 24 -51.83 42.22 -13.85
N UNK RA 25 -52.93 42.80 -13.42
CA UNK RA 25 -54.19 42.54 -14.09
C UNK RA 25 -54.19 43.01 -15.54
N UNK RA 26 -53.57 44.16 -15.81
CA UNK RA 26 -53.50 44.75 -17.15
C UNK RA 26 -53.44 43.75 -18.30
N UNK SA 1 -48.34 36.74 -41.94
CA UNK SA 1 -48.89 35.60 -42.66
C UNK SA 1 -48.99 35.90 -44.15
N UNK SA 2 -49.29 37.15 -44.44
CA UNK SA 2 -49.46 37.56 -45.80
C UNK SA 2 -48.14 37.32 -46.46
N UNK SA 3 -47.06 37.63 -45.76
CA UNK SA 3 -45.76 37.47 -46.37
C UNK SA 3 -45.59 36.02 -46.75
N UNK SA 4 -45.95 35.10 -45.85
CA UNK SA 4 -45.78 33.69 -46.17
C UNK SA 4 -46.65 33.21 -47.32
N UNK SA 5 -47.91 33.58 -47.29
CA UNK SA 5 -48.83 33.07 -48.28
C UNK SA 5 -48.39 33.51 -49.65
N UNK SA 6 -47.97 34.75 -49.75
CA UNK SA 6 -47.71 35.32 -51.05
C UNK SA 6 -46.62 34.52 -51.73
N UNK SA 7 -45.62 34.11 -50.97
CA UNK SA 7 -44.44 33.54 -51.59
C UNK SA 7 -44.88 32.34 -52.37
N UNK SA 8 -45.86 31.66 -51.79
CA UNK SA 8 -46.43 30.45 -52.34
C UNK SA 8 -47.06 30.68 -53.70
N UNK SA 9 -47.71 31.82 -53.89
CA UNK SA 9 -48.43 32.01 -55.14
C UNK SA 9 -47.41 31.94 -56.24
N UNK SA 10 -46.25 32.56 -56.04
CA UNK SA 10 -45.28 32.59 -57.10
C UNK SA 10 -44.91 31.15 -57.42
N UNK SA 11 -44.68 30.38 -56.38
CA UNK SA 11 -44.19 29.03 -56.58
C UNK SA 11 -45.20 28.20 -57.33
N UNK SA 12 -46.46 28.30 -56.94
CA UNK SA 12 -47.50 27.49 -57.55
C UNK SA 12 -47.63 27.88 -59.00
N UNK SA 13 -47.40 29.16 -59.22
CA UNK SA 13 -47.39 29.69 -60.57
C UNK SA 13 -46.33 28.86 -61.25
N UNK SA 14 -45.28 28.50 -60.55
CA UNK SA 14 -44.19 27.81 -61.19
C UNK SA 14 -44.70 26.53 -61.82
N UNK SA 15 -45.30 25.73 -60.94
CA UNK SA 15 -45.61 24.36 -61.23
C UNK SA 15 -46.59 24.42 -62.34
N UNK SA 16 -47.49 25.38 -62.29
CA UNK SA 16 -48.38 25.59 -63.40
C UNK SA 16 -47.48 25.95 -64.57
N UNK SA 17 -46.51 26.79 -64.27
CA UNK SA 17 -45.68 27.27 -65.34
C UNK SA 17 -45.00 26.10 -65.96
N UNK SA 18 -44.36 25.26 -65.16
CA UNK SA 18 -43.68 24.14 -65.77
C UNK SA 18 -44.63 23.15 -66.43
N UNK SA 19 -45.72 22.82 -65.75
CA UNK SA 19 -46.48 21.67 -66.19
C UNK SA 19 -46.98 21.94 -67.58
N UNK SA 20 -47.53 23.11 -67.80
CA UNK SA 20 -48.13 23.38 -69.08
C UNK SA 20 -47.07 23.34 -70.16
N UNK SA 21 -45.95 23.99 -69.91
CA UNK SA 21 -44.97 24.15 -70.98
C UNK SA 21 -44.51 22.78 -71.38
N UNK SA 22 -44.27 21.94 -70.39
CA UNK SA 22 -43.56 20.74 -70.70
C UNK SA 22 -44.40 20.03 -71.70
N UNK SA 23 -45.70 20.03 -71.46
CA UNK SA 23 -46.57 19.29 -72.33
C UNK SA 23 -46.50 19.84 -73.74
N UNK SA 24 -46.57 21.17 -73.85
CA UNK SA 24 -46.95 21.75 -75.11
C UNK SA 24 -45.97 21.35 -76.17
N UNK SA 25 -44.71 21.47 -75.78
CA UNK SA 25 -43.56 21.19 -76.63
C UNK SA 25 -43.62 19.73 -77.01
N UNK SA 26 -44.43 18.96 -76.31
CA UNK SA 26 -44.54 17.56 -76.59
C UNK SA 26 -44.91 17.44 -78.06
N UNK SA 27 -45.75 18.34 -78.59
CA UNK SA 27 -46.01 18.10 -80.02
C UNK SA 27 -44.86 17.45 -80.78
N UNK SA 28 -43.66 17.98 -80.64
CA UNK SA 28 -42.49 17.34 -81.21
C UNK SA 28 -42.02 16.34 -80.19
N UNK TA 1 -29.95 40.88 -85.95
CA UNK TA 1 -30.31 40.08 -87.11
C UNK TA 1 -30.76 40.97 -88.26
N UNK TA 2 -31.64 41.91 -87.98
CA UNK TA 2 -32.13 42.78 -89.03
C UNK TA 2 -30.98 43.39 -89.82
N UNK TA 3 -30.25 44.28 -89.16
CA UNK TA 3 -29.35 45.19 -89.84
C UNK TA 3 -28.63 44.41 -90.89
N UNK TA 4 -28.15 43.23 -90.48
CA UNK TA 4 -27.52 42.34 -91.43
C UNK TA 4 -28.48 42.16 -92.57
N UNK TA 5 -29.75 42.01 -92.22
CA UNK TA 5 -30.74 41.60 -93.19
C UNK TA 5 -30.71 42.64 -94.27
N UNK TA 6 -30.60 43.88 -93.85
CA UNK TA 6 -30.51 44.96 -94.81
C UNK TA 6 -29.27 44.72 -95.64
N UNK TA 7 -28.19 44.37 -94.97
CA UNK TA 7 -26.94 44.31 -95.67
C UNK TA 7 -27.18 43.55 -96.94
N UNK TA 8 -28.02 42.54 -96.86
CA UNK TA 8 -28.15 41.63 -97.97
C UNK TA 8 -28.57 42.41 -99.20
N UNK TA 9 -29.47 43.36 -99.02
CA UNK TA 9 -29.92 44.13 -100.15
C UNK TA 9 -28.71 44.83 -100.74
N UNK TA 10 -27.85 45.36 -99.88
CA UNK TA 10 -26.69 46.05 -100.41
C UNK TA 10 -26.00 45.05 -101.29
N UNK TA 11 -25.99 43.80 -100.86
CA UNK TA 11 -25.39 42.76 -101.65
C UNK TA 11 -26.14 42.75 -102.95
N UNK TA 12 -27.43 42.98 -102.87
CA UNK TA 12 -28.25 42.80 -104.04
C UNK TA 12 -27.77 43.72 -105.14
N UNK TA 13 -27.51 44.99 -104.82
CA UNK TA 13 -27.07 45.88 -105.93
C UNK TA 13 -25.69 45.62 -106.61
N UNK TA 14 -24.66 45.47 -105.78
CA UNK TA 14 -23.30 45.02 -106.05
C UNK TA 14 -23.38 43.88 -107.07
N UNK TA 15 -24.42 43.09 -106.92
CA UNK TA 15 -24.74 41.95 -107.76
C UNK TA 15 -24.90 42.38 -109.20
N UNK TA 16 -25.47 43.56 -109.45
CA UNK TA 16 -25.36 44.10 -110.83
C UNK TA 16 -23.85 44.25 -111.10
N UNK TA 17 -23.31 43.80 -112.22
CA UNK TA 17 -21.85 43.97 -112.27
C UNK TA 17 -21.04 44.04 -113.57
N UNK TA 18 -19.88 44.66 -113.43
CA UNK TA 18 -18.93 44.83 -114.51
C UNK TA 18 -17.66 44.23 -113.93
N UNK TA 19 -16.98 43.39 -114.69
CA UNK TA 19 -15.79 42.73 -114.20
C UNK TA 19 -15.36 41.67 -115.18
N UNK TA 20 -14.67 40.65 -114.70
CA UNK TA 20 -14.20 39.63 -115.64
C UNK TA 20 -15.45 39.10 -116.34
N UNK TA 21 -16.51 38.90 -115.56
CA UNK TA 21 -17.77 38.47 -116.10
C UNK TA 21 -17.91 36.99 -115.96
N UNK TA 22 -19.17 36.58 -116.00
CA UNK TA 22 -19.57 35.19 -115.92
C UNK TA 22 -18.79 34.20 -115.03
N UNK TA 23 -17.48 34.08 -115.25
CA UNK TA 23 -16.69 33.11 -114.50
C UNK TA 23 -16.73 33.41 -113.02
N UNK TA 24 -16.61 34.69 -112.69
CA UNK TA 24 -16.65 35.12 -111.30
C UNK TA 24 -18.05 35.65 -111.03
N UNK TA 25 -18.95 35.46 -112.00
CA UNK TA 25 -20.32 35.98 -111.83
C UNK TA 25 -21.17 35.07 -110.97
N UNK TA 26 -20.97 33.76 -111.15
CA UNK TA 26 -21.72 32.75 -110.43
C UNK TA 26 -21.49 32.90 -108.93
N UNK TA 27 -20.27 33.29 -108.56
CA UNK TA 27 -19.91 33.45 -107.15
C UNK TA 27 -20.78 34.47 -106.42
N UNK TA 28 -21.10 35.60 -107.05
CA UNK TA 28 -21.92 36.57 -106.35
C UNK TA 28 -23.29 35.93 -106.20
N UNK TA 29 -23.76 35.28 -107.25
CA UNK TA 29 -25.09 34.74 -107.22
C UNK TA 29 -25.16 33.78 -106.07
N UNK TA 30 -24.10 33.00 -105.88
CA UNK TA 30 -24.17 31.96 -104.89
C UNK TA 30 -24.41 32.61 -103.55
N UNK TA 31 -23.67 33.66 -103.25
CA UNK TA 31 -23.84 34.29 -101.96
C UNK TA 31 -25.25 34.78 -101.93
N UNK TA 32 -25.66 35.36 -103.05
CA UNK TA 32 -26.99 35.92 -103.13
C UNK TA 32 -28.00 34.90 -102.64
N UNK TA 33 -27.85 33.65 -103.05
CA UNK TA 33 -28.77 32.65 -102.56
C UNK TA 33 -28.58 32.56 -101.06
N UNK TA 34 -27.32 32.53 -100.63
CA UNK TA 34 -27.05 32.26 -99.23
C UNK TA 34 -27.64 33.34 -98.37
N UNK TA 35 -27.43 34.60 -98.73
CA UNK TA 35 -28.14 35.60 -97.94
C UNK TA 35 -29.55 35.10 -97.83
N UNK TA 36 -30.02 34.48 -98.89
CA UNK TA 36 -31.33 33.93 -98.83
C UNK TA 36 -31.31 32.89 -97.73
N UNK TA 37 -30.24 32.11 -97.62
CA UNK TA 37 -30.31 31.03 -96.64
C UNK TA 37 -30.49 31.50 -95.19
N UNK TA 38 -29.68 32.49 -94.83
CA UNK TA 38 -29.62 32.89 -93.45
C UNK TA 38 -30.95 33.41 -93.01
N UNK TA 39 -31.57 34.20 -93.86
CA UNK TA 39 -32.81 34.81 -93.48
C UNK TA 39 -33.78 33.70 -93.21
N UNK TA 40 -33.78 32.71 -94.09
CA UNK TA 40 -34.80 31.69 -93.97
C UNK TA 40 -34.63 31.03 -92.62
N UNK TA 41 -33.40 30.66 -92.28
CA UNK TA 41 -33.23 29.94 -91.03
C UNK TA 41 -33.62 30.77 -89.82
N UNK TA 42 -33.15 32.01 -89.81
CA UNK TA 42 -33.36 32.81 -88.62
C UNK TA 42 -34.84 32.98 -88.46
N UNK TA 43 -35.51 33.21 -89.58
CA UNK TA 43 -36.92 33.51 -89.57
C UNK TA 43 -37.71 32.34 -89.06
N UNK TA 44 -37.36 31.14 -89.52
CA UNK TA 44 -38.11 29.99 -89.12
C UNK TA 44 -37.99 29.91 -87.63
N UNK TA 45 -36.77 30.15 -87.15
CA UNK TA 45 -36.54 30.08 -85.73
C UNK TA 45 -37.34 31.09 -84.91
N UNK TA 46 -37.37 32.33 -85.34
CA UNK TA 46 -38.07 33.34 -84.57
C UNK TA 46 -39.52 32.92 -84.56
N UNK TA 47 -40.02 32.43 -85.68
CA UNK TA 47 -41.42 32.04 -85.74
C UNK TA 47 -41.77 30.89 -84.80
N UNK TA 48 -40.92 29.90 -84.74
CA UNK TA 48 -41.18 28.77 -83.86
C UNK TA 48 -41.18 29.28 -82.44
N UNK TA 49 -40.25 30.18 -82.17
CA UNK TA 49 -40.11 30.70 -80.84
C UNK TA 49 -41.40 31.40 -80.48
N UNK TA 50 -41.94 32.13 -81.44
CA UNK TA 50 -43.15 32.88 -81.21
C UNK TA 50 -44.32 31.96 -80.92
N UNK TA 51 -44.42 30.86 -81.65
CA UNK TA 51 -45.54 29.97 -81.40
C UNK TA 51 -45.40 29.44 -80.00
N UNK TA 52 -44.19 29.09 -79.62
CA UNK TA 52 -43.98 28.53 -78.30
C UNK TA 52 -44.35 29.53 -77.24
N UNK TA 53 -44.02 30.78 -77.47
CA UNK TA 53 -44.06 31.77 -76.42
C UNK TA 53 -45.45 31.87 -75.86
N UNK TA 54 -46.46 31.84 -76.72
CA UNK TA 54 -47.79 31.93 -76.16
C UNK TA 54 -48.02 31.04 -74.96
N UNK TA 55 -47.45 29.85 -74.97
CA UNK TA 55 -47.91 28.82 -74.04
C UNK TA 55 -47.78 29.31 -72.64
N UNK TA 56 -46.64 29.92 -72.30
CA UNK TA 56 -46.72 30.88 -71.19
C UNK TA 56 -46.66 32.31 -71.67
N UNK TA 57 -46.90 33.25 -70.75
CA UNK TA 57 -46.77 34.67 -71.03
C UNK TA 57 -45.93 35.41 -69.98
N UNK UA 1 -1.70 23.90 -132.45
CA UNK UA 1 -2.72 24.19 -133.45
C UNK UA 1 -2.60 25.62 -133.94
N UNK UA 2 -3.65 26.11 -134.61
CA UNK UA 2 -3.67 27.47 -135.13
C UNK UA 2 -4.04 28.44 -134.03
N UNK UA 3 -3.40 29.61 -133.99
CA UNK UA 3 -3.71 30.55 -132.94
C UNK UA 3 -4.99 31.25 -133.17
N UNK UA 4 -5.71 31.38 -132.08
CA UNK UA 4 -6.87 32.24 -132.03
C UNK UA 4 -6.29 33.65 -131.69
N UNK UA 5 -4.96 33.66 -131.75
CA UNK UA 5 -4.11 34.79 -131.50
C UNK UA 5 -4.47 35.84 -132.53
N UNK UA 6 -5.23 35.48 -133.56
CA UNK UA 6 -5.67 36.45 -134.55
C UNK UA 6 -6.45 37.50 -133.72
N UNK UA 7 -7.14 36.99 -132.71
CA UNK UA 7 -7.86 37.80 -131.77
C UNK UA 7 -6.79 38.64 -131.07
N UNK UA 8 -5.62 38.06 -130.86
CA UNK UA 8 -4.48 38.74 -130.22
C UNK UA 8 -3.98 39.94 -131.04
N UNK UA 9 -3.96 39.78 -132.35
CA UNK UA 9 -3.58 40.80 -133.31
C UNK UA 9 -4.62 41.88 -133.23
N UNK UA 10 -5.86 41.45 -133.09
CA UNK UA 10 -6.96 42.39 -132.99
C UNK UA 10 -6.69 43.21 -131.74
N UNK UA 11 -6.24 42.54 -130.69
CA UNK UA 11 -5.91 43.14 -129.40
C UNK UA 11 -4.77 44.15 -129.50
N UNK UA 12 -3.81 43.84 -130.35
CA UNK UA 12 -2.69 44.73 -130.55
C UNK UA 12 -3.28 45.99 -131.15
N UNK UA 13 -4.27 45.79 -132.00
CA UNK UA 13 -4.96 46.89 -132.66
C UNK UA 13 -5.61 47.74 -131.58
N UNK UA 14 -6.08 47.07 -130.54
CA UNK UA 14 -6.76 47.75 -129.45
C UNK UA 14 -5.90 48.80 -128.76
N UNK UA 15 -4.62 48.50 -128.55
CA UNK UA 15 -3.73 49.46 -127.90
C UNK UA 15 -4.35 50.10 -126.65
N UNK VA 1 13.46 80.90 -116.72
CA UNK VA 1 12.47 80.50 -115.73
C UNK VA 1 11.63 79.34 -116.24
N UNK VA 2 10.78 79.69 -117.20
CA UNK VA 2 9.75 78.84 -117.75
C UNK VA 2 10.37 77.65 -118.44
N UNK VA 3 11.67 77.72 -118.66
CA UNK VA 3 12.33 76.76 -119.48
C UNK VA 3 12.24 75.37 -118.91
N UNK VA 4 12.09 75.23 -117.61
CA UNK VA 4 11.86 73.86 -117.18
C UNK VA 4 10.82 73.23 -118.09
N UNK VA 5 10.04 74.10 -118.67
CA UNK VA 5 8.85 73.73 -119.36
C UNK VA 5 9.29 72.74 -120.40
N UNK VA 6 10.46 72.97 -121.00
CA UNK VA 6 10.93 72.02 -122.00
C UNK VA 6 11.25 70.61 -121.47
N UNK VA 7 11.98 70.51 -120.36
CA UNK VA 7 12.42 69.19 -119.94
C UNK VA 7 11.21 68.35 -119.59
N UNK VA 8 10.31 68.93 -118.80
CA UNK VA 8 9.10 68.23 -118.39
C UNK VA 8 8.23 67.96 -119.59
N UNK VA 9 8.11 68.95 -120.45
CA UNK VA 9 7.18 68.91 -121.56
C UNK VA 9 7.59 67.70 -122.37
N UNK VA 10 8.91 67.57 -122.41
CA UNK VA 10 9.62 66.54 -123.13
C UNK VA 10 9.34 65.17 -122.57
N UNK VA 11 9.24 65.06 -121.26
CA UNK VA 11 9.19 63.75 -120.66
C UNK VA 11 7.97 63.04 -121.22
N UNK VA 12 6.92 63.82 -121.43
CA UNK VA 12 5.71 63.27 -121.96
C UNK VA 12 6.10 62.69 -123.29
N UNK VA 13 6.99 63.38 -124.00
CA UNK VA 13 7.35 62.92 -125.32
C UNK VA 13 8.00 61.55 -125.30
N UNK VA 14 8.90 61.29 -124.35
CA UNK VA 14 9.59 60.01 -124.34
C UNK VA 14 8.56 58.92 -124.13
N UNK VA 15 7.63 59.22 -123.22
CA UNK VA 15 6.52 58.34 -122.87
C UNK VA 15 5.63 58.18 -124.09
N UNK VA 16 5.39 59.27 -124.81
CA UNK VA 16 4.61 59.18 -126.04
C UNK VA 16 5.42 58.26 -126.93
N UNK VA 17 6.73 58.46 -126.86
CA UNK VA 17 7.68 57.66 -127.59
C UNK VA 17 7.47 56.25 -127.07
N UNK VA 18 7.19 56.13 -125.79
CA UNK VA 18 6.99 54.82 -125.18
C UNK VA 18 5.80 54.07 -125.78
N UNK VA 19 4.71 54.79 -125.97
CA UNK VA 19 3.50 54.24 -126.54
C UNK VA 19 3.83 53.80 -127.94
N UNK VA 20 4.63 54.61 -128.62
CA UNK VA 20 5.01 54.27 -129.98
C UNK VA 20 5.82 52.98 -130.01
N UNK VA 21 6.75 52.85 -129.08
CA UNK VA 21 7.59 51.66 -129.03
C UNK VA 21 6.64 50.52 -128.82
N UNK VA 22 5.67 50.75 -127.95
CA UNK VA 22 4.65 49.76 -127.66
C UNK VA 22 3.95 49.57 -128.97
N UNK VA 23 3.71 50.66 -129.67
CA UNK VA 23 3.03 50.56 -130.94
C UNK VA 23 3.94 49.69 -131.77
N UNK VA 24 5.23 49.94 -131.65
CA UNK VA 24 6.19 49.15 -132.38
C UNK VA 24 6.05 47.72 -131.92
N UNK VA 25 5.85 47.54 -130.62
CA UNK VA 25 5.71 46.21 -130.06
C UNK VA 25 4.48 45.50 -130.61
N UNK VA 26 3.38 46.21 -130.69
CA UNK VA 26 2.16 45.61 -131.19
C UNK VA 26 2.38 45.20 -132.62
N UNK VA 27 3.11 46.02 -133.37
CA UNK VA 27 3.38 45.74 -134.78
C UNK VA 27 4.22 44.50 -134.97
N UNK VA 28 5.35 44.45 -134.28
CA UNK VA 28 6.26 43.32 -134.37
C UNK VA 28 5.47 42.12 -133.91
N UNK VA 29 4.59 42.34 -132.95
CA UNK VA 29 3.74 41.29 -132.43
C UNK VA 29 2.88 40.79 -133.59
N UNK VA 30 2.41 41.73 -134.40
CA UNK VA 30 1.56 41.39 -135.54
C UNK VA 30 2.33 40.53 -136.53
N UNK VA 31 3.59 40.89 -136.76
CA UNK VA 31 4.46 40.17 -137.67
C UNK VA 31 4.64 38.76 -137.16
N UNK VA 32 4.79 38.65 -135.85
CA UNK VA 32 4.95 37.36 -135.21
C UNK VA 32 3.58 36.76 -134.96
N UNK WA 1 -39.48 3.28 -112.89
CA UNK WA 1 -38.60 3.14 -111.75
C UNK WA 1 -37.17 2.84 -112.19
N UNK WA 2 -37.04 1.90 -113.11
CA UNK WA 2 -35.76 1.42 -113.60
C UNK WA 2 -35.11 2.34 -114.60
N UNK WA 3 -35.67 3.52 -114.78
CA UNK WA 3 -35.10 4.45 -115.74
C UNK WA 3 -33.66 4.69 -115.33
N UNK WA 4 -33.38 4.86 -114.04
CA UNK WA 4 -31.98 5.02 -113.67
C UNK WA 4 -31.08 4.02 -114.37
N UNK WA 5 -31.54 2.78 -114.51
CA UNK WA 5 -30.74 1.77 -115.16
C UNK WA 5 -30.50 2.30 -116.56
N UNK WA 6 -31.54 2.90 -117.11
CA UNK WA 6 -31.47 3.49 -118.44
C UNK WA 6 -30.35 4.50 -118.40
N UNK WA 7 -30.28 5.21 -117.27
CA UNK WA 7 -29.25 6.21 -117.11
C UNK WA 7 -27.89 5.57 -117.16
N UNK WA 8 -27.75 4.43 -116.51
CA UNK WA 8 -26.46 3.77 -116.50
C UNK WA 8 -26.07 3.42 -117.91
N UNK WA 9 -27.02 2.89 -118.66
CA UNK WA 9 -26.70 2.51 -120.02
C UNK WA 9 -26.28 3.71 -120.85
N UNK WA 10 -27.00 4.81 -120.76
CA UNK WA 10 -26.59 5.97 -121.54
C UNK WA 10 -25.21 6.47 -121.15
N UNK WA 11 -24.95 6.51 -119.85
CA UNK WA 11 -23.69 7.01 -119.32
C UNK WA 11 -22.49 6.20 -119.76
N UNK WA 12 -22.62 4.89 -119.76
CA UNK WA 12 -21.52 4.03 -120.17
C UNK WA 12 -21.17 4.27 -121.61
N UNK WA 13 -22.20 4.37 -122.43
CA UNK WA 13 -22.02 4.58 -123.84
C UNK WA 13 -21.29 5.90 -124.02
N UNK WA 14 -21.57 6.88 -123.18
CA UNK WA 14 -20.89 8.16 -123.31
C UNK WA 14 -19.36 8.07 -123.15
N UNK WA 15 -18.90 7.24 -122.22
CA UNK WA 15 -17.46 7.07 -121.91
C UNK WA 15 -16.38 7.31 -122.99
N UNK WA 16 -16.03 6.29 -123.76
CA UNK WA 16 -14.98 6.38 -124.77
C UNK WA 16 -15.31 7.12 -126.04
N UNK WA 17 -16.52 6.97 -126.56
CA UNK WA 17 -16.90 7.67 -127.78
C UNK WA 17 -16.74 9.16 -127.49
N UNK WA 18 -17.13 9.57 -126.29
CA UNK WA 18 -16.98 10.97 -125.88
C UNK WA 18 -15.48 11.25 -125.86
N UNK WA 19 -14.72 10.26 -125.40
CA UNK WA 19 -13.27 10.35 -125.33
C UNK WA 19 -12.70 10.48 -126.74
N UNK WA 20 -13.29 9.73 -127.67
CA UNK WA 20 -12.85 9.77 -129.07
C UNK WA 20 -13.09 11.17 -129.62
N UNK WA 21 -14.18 11.81 -129.20
CA UNK WA 21 -14.48 13.15 -129.66
C UNK WA 21 -13.36 14.11 -129.27
N UNK WA 22 -12.79 13.91 -128.09
CA UNK WA 22 -11.71 14.75 -127.59
C UNK WA 22 -10.48 14.66 -128.49
N UNK WA 23 -10.18 13.47 -128.99
CA UNK WA 23 -9.03 13.29 -129.87
C UNK WA 23 -9.19 14.10 -131.16
N UNK WA 24 -10.40 14.08 -131.72
CA UNK WA 24 -10.71 14.83 -132.94
C UNK WA 24 -10.58 16.32 -132.62
N UNK WA 25 -11.04 16.67 -131.43
CA UNK WA 25 -11.02 18.02 -130.91
C UNK WA 25 -9.60 18.57 -130.70
N UNK WA 26 -8.67 17.63 -130.71
CA UNK WA 26 -7.26 17.87 -130.47
C UNK WA 26 -6.53 18.45 -131.67
N UNK WA 27 -7.26 19.03 -132.60
CA UNK WA 27 -6.63 19.60 -133.77
C UNK WA 27 -5.56 20.52 -133.21
FE1 SF4 XA . -3.22 -6.29 47.62
FE2 SF4 XA . -5.78 -5.56 48.07
FE3 SF4 XA . -5.32 -7.97 46.97
FE4 SF4 XA . -4.53 -7.51 49.55
S1 SF4 XA . -6.68 -7.55 48.77
S2 SF4 XA . -3.34 -8.59 47.89
S3 SF4 XA . -4.00 -5.27 49.52
S4 SF4 XA . -4.82 -5.94 46.01
FE1 FES YA . 18.11 -53.72 104.74
FE2 FES YA . 19.40 -55.42 102.49
S1 FES YA . 19.99 -54.82 104.52
S2 FES YA . 17.40 -54.55 102.82
FE1 SF4 ZA . 24.19 -46.58 83.05
FE2 SF4 ZA . 22.58 -46.47 85.18
FE3 SF4 ZA . 24.19 -48.63 84.91
FE4 SF4 ZA . 25.14 -46.17 85.60
S1 SF4 ZA . 23.76 -47.50 86.87
S2 SF4 ZA . 26.03 -47.58 83.99
S3 SF4 ZA . 23.86 -44.72 84.36
S4 SF4 ZA . 22.47 -48.05 83.51
FE1 SF4 AB . 17.68 -26.81 72.68
FE2 SF4 AB . 15.10 -25.73 73.13
FE3 SF4 AB . 16.31 -27.06 75.05
FE4 SF4 AB . 17.29 -24.69 74.30
S1 SF4 AB . 15.24 -25.06 75.32
S2 SF4 AB . 18.55 -26.56 74.79
S3 SF4 AB . 16.89 -24.75 72.03
S4 SF4 AB . 15.69 -27.95 73.01
FE1 SF4 BB . 27.78 -31.05 78.01
FE2 SF4 BB . 26.53 -30.10 80.32
FE3 SF4 BB . 29.05 -29.39 79.82
FE4 SF4 BB . 27.05 -28.40 78.33
S1 SF4 BB . 27.39 -27.98 80.56
S2 SF4 BB . 29.05 -29.21 77.54
S3 SF4 BB . 25.62 -30.24 78.22
S4 SF4 BB . 28.32 -31.54 80.18
FE1 FES CB . 27.57 -39.74 73.80
FE2 FES CB . 27.46 -41.56 71.53
S1 FES CB . 27.37 -41.91 73.67
S2 FES CB . 26.93 -39.45 71.73
FE1 SF4 DB . 1.30 -11.64 58.40
FE2 SF4 DB . 1.63 -8.98 58.88
FE3 SF4 DB . 1.99 -10.87 60.83
FE4 SF4 DB . 3.80 -10.74 58.73
S1 SF4 DB . 3.42 -9.11 60.32
S2 SF4 DB . 2.91 -12.65 59.70
S3 SF4 DB . 2.38 -10.12 57.03
S4 SF4 DB . 0.02 -10.33 59.78
FE1 SF4 EB . 5.68 -13.20 70.44
FE2 SF4 EB . 7.20 -12.09 68.47
FE3 SF4 EB . 7.53 -11.38 71.13
FE4 SF4 EB . 8.22 -13.92 70.29
S1 SF4 EB . 9.21 -11.95 69.60
S2 SF4 EB . 7.11 -13.36 72.24
S3 SF4 EB . 6.64 -14.30 68.67
S4 SF4 EB . 5.70 -10.97 69.80
#